data_6KN7
#
_entry.id   6KN7
#
_cell.length_a   1.00
_cell.length_b   1.00
_cell.length_c   1.00
_cell.angle_alpha   90.00
_cell.angle_beta   90.00
_cell.angle_gamma   90.00
#
_symmetry.space_group_name_H-M   'P 1'
#
loop_
_entity.id
_entity.type
_entity.pdbx_description
1 polymer 'Actin, alpha skeletal muscle'
2 polymer 'Tropomyosin alpha-1 chain'
3 polymer 'Tropomyosin alpha-1 chain'
4 polymer 'Troponin T, cardiac muscle'
5 polymer 'Troponin I, cardiac muscle'
6 polymer 'Troponin C, slow skeletal and cardiac muscles'
7 non-polymer "ADENOSINE-5'-DIPHOSPHATE"
#
loop_
_entity_poly.entity_id
_entity_poly.type
_entity_poly.pdbx_seq_one_letter_code
_entity_poly.pdbx_strand_id
1 'polypeptide(L)'
;DEDETTALVCDNGSGLVKAGFAGDDAPRAVFPSIVGRPRHQGVMVGMGQKDSYVGDEAQSKRGILTLKYPIEHGIITNWD
DMEKIWHHTFYNELRVAPEEHPTLLTEAPLNPKANREKMTQIMFETFNVPAMYVAIQAVLSLYASGRTTGIVLDSGDGVT
HNVPIYEGYALPHAIMRLDLAGRDLTDYLMKILTERGYSFVTTAEREIVRDIKEKLCYVALDFENEMATAASSSSLEKSY
ELPDGQVITIGNERFRCPETLFQPSFIGMESAGIHETTYNSIMKCDIDIRKDLYANNVMSGGTTMYPGIADRMQKEITAL
APSTMKIKIIAPPERKYSVWIGGSILASLSTFQQMWITKQEYDEAGPSIVHRKCF
;
A,B,C,D,E,F,G,H,I,J,K,L,M,N,O
2 'polypeptide(L)'
;LKLDKENALDRAEQAEADKKAAEDRSKQLEDELVSLQKKLKGTEDELDKYSEALKDAQEKLELAEKKATDAEADVASLNR
RIQLVEEELDRAQERLATALQKLEEAEKAADESERGMKVIESRAQKDEEKMEIQEIQLKEAKHIAEDADRKYEEVARKLV
IIESDLERAEERAELSEGKCAELEEELKTVTNNLKSLEAQAEKYSQKEDRYEEEIKVLSDKLKEAETRAEFAERSVTKLE
KSIDDLEDELYAQKLKYKAISEELDHALNDMTSI
;
P,Q,W,X
3 'polypeptide(L)' ASMDAIKKKMQMLKLDKENALDRAEQAEADK R,S,Y,Z
4 'polypeptide(L)'
;FDDIHRKRMEKDLNELQALIEAHFENRKKEEEELVSLKDRIERRRAERAEQQRIRNEREKERQNRLAEERARREEEENRR
KAEDEARKKKALSNMMHFGGYIQKQAQTERKSGKRQTEREKKKKILAERRKVLAIDHLNEDQLREKAKELWQSIYNLEAE
KFDLQEKFKQQKYEINVLRNRINDNQ
;
T,a
5 'polypeptide(L)'
;ISASRKLQLKTLLLQIAKQELEREAEERRGEKGRALSTRCQPLELAGLGFAELQDLCRQLHARVDKVDEERYDIEAKVTK
NITEIADLTQKIFDLRGKFKRPTLRRVRISADAMMQALLGARAKESLDLRAHLKQVKKEDTEKENREVGDWRKNIDALSG
MEGRKKKFES
;
U,b
6 'polypeptide(L)'
;DDIYKAAVEQLTEEQKNEFKAAFDIFVLGAEDGCISTKELGKVMRMLGQNPTPEELQEMIDEVDEDGSGTVDFDEFLVMM
VRCMKDDSKGKSEEELSDLFRMFDKNADGYIDLDELKIMLQATGETITEDDIEELMKDGDKNNDGRIDYDEFLEFMKGVE
;
V,c
#
# COMPACT_ATOMS: atom_id res chain seq x y z
N ASP A 1 -47.97 -0.51 190.29
CA ASP A 1 -48.27 0.91 190.39
C ASP A 1 -48.23 1.55 189.01
N GLU A 2 -47.80 0.76 188.04
CA GLU A 2 -47.68 1.20 186.67
C GLU A 2 -49.05 1.15 185.97
N ASP A 3 -49.28 2.05 185.02
CA ASP A 3 -50.52 2.08 184.26
C ASP A 3 -50.43 1.49 182.85
N GLU A 4 -49.33 0.79 182.60
CA GLU A 4 -49.05 0.13 181.32
C GLU A 4 -48.18 -1.09 181.57
N THR A 5 -48.24 -2.06 180.68
CA THR A 5 -47.40 -3.27 180.84
C THR A 5 -45.99 -3.03 180.35
N THR A 6 -45.29 -2.11 181.03
CA THR A 6 -43.92 -1.78 180.69
C THR A 6 -43.04 -2.95 181.06
N ALA A 7 -41.97 -3.15 180.33
CA ALA A 7 -41.08 -4.24 180.68
C ALA A 7 -40.37 -3.93 181.97
N LEU A 8 -40.03 -4.96 182.70
CA LEU A 8 -39.21 -4.76 183.89
C LEU A 8 -37.80 -5.03 183.44
N VAL A 9 -36.83 -4.28 183.97
CA VAL A 9 -35.45 -4.48 183.53
C VAL A 9 -34.49 -4.75 184.67
N CYS A 10 -33.66 -5.79 184.49
CA CYS A 10 -32.68 -6.18 185.49
C CYS A 10 -31.30 -6.49 184.89
N ASP A 11 -30.32 -5.72 185.31
CA ASP A 11 -28.93 -5.85 184.90
C ASP A 11 -28.21 -6.62 185.99
N ASN A 12 -28.05 -7.92 185.81
CA ASN A 12 -27.54 -8.83 186.84
C ASN A 12 -26.07 -9.13 186.67
N GLY A 13 -25.20 -8.43 187.36
CA GLY A 13 -23.80 -8.71 187.15
C GLY A 13 -23.31 -9.72 188.16
N SER A 14 -22.01 -10.01 188.09
CA SER A 14 -21.40 -10.95 189.03
C SER A 14 -21.19 -10.30 190.39
N GLY A 15 -21.33 -8.99 190.43
CA GLY A 15 -21.16 -8.18 191.61
C GLY A 15 -22.52 -7.74 192.09
N LEU A 16 -22.95 -6.61 191.58
CA LEU A 16 -24.21 -6.00 191.91
C LEU A 16 -25.23 -6.14 190.80
N VAL A 17 -26.50 -6.08 191.20
CA VAL A 17 -27.64 -6.11 190.29
C VAL A 17 -28.51 -4.85 190.40
N LYS A 18 -28.79 -4.26 189.26
CA LYS A 18 -29.60 -3.07 189.22
C LYS A 18 -30.94 -3.34 188.61
N ALA A 19 -31.99 -2.78 189.20
CA ALA A 19 -33.33 -3.02 188.70
C ALA A 19 -34.27 -1.83 188.77
N GLY A 20 -35.20 -1.80 187.84
CA GLY A 20 -36.23 -0.78 187.76
C GLY A 20 -37.15 -1.14 186.62
N PHE A 21 -37.96 -0.21 186.16
CA PHE A 21 -38.89 -0.55 185.09
C PHE A 21 -38.45 0.17 183.81
N ALA A 22 -38.79 -0.41 182.67
CA ALA A 22 -38.46 0.23 181.41
C ALA A 22 -39.17 1.55 181.30
N GLY A 23 -38.43 2.53 180.82
CA GLY A 23 -38.92 3.87 180.65
C GLY A 23 -38.31 4.80 181.69
N ASP A 24 -37.70 4.25 182.76
CA ASP A 24 -37.06 5.17 183.69
C ASP A 24 -35.65 5.44 183.18
N ASP A 25 -34.90 6.29 183.88
CA ASP A 25 -33.52 6.63 183.50
C ASP A 25 -32.52 6.15 184.54
N ALA A 26 -33.01 5.36 185.46
CA ALA A 26 -32.23 4.82 186.55
C ALA A 26 -32.97 3.62 187.11
N PRO A 27 -32.30 2.67 187.76
CA PRO A 27 -32.92 1.58 188.45
C PRO A 27 -33.63 2.16 189.66
N ARG A 28 -34.69 1.49 190.12
CA ARG A 28 -35.41 1.92 191.30
C ARG A 28 -34.72 1.39 192.55
N ALA A 29 -34.05 0.24 192.40
CA ALA A 29 -33.38 -0.40 193.51
C ALA A 29 -32.10 -1.09 193.06
N VAL A 30 -31.12 -1.11 193.96
CA VAL A 30 -29.87 -1.80 193.73
C VAL A 30 -29.64 -2.80 194.83
N PHE A 31 -29.28 -4.00 194.44
CA PHE A 31 -29.03 -5.07 195.37
C PHE A 31 -27.70 -5.67 194.96
N PRO A 32 -26.96 -6.31 195.84
CA PRO A 32 -25.83 -7.10 195.48
C PRO A 32 -26.40 -8.37 194.87
N SER A 33 -25.68 -9.06 194.00
CA SER A 33 -26.16 -10.34 193.51
C SER A 33 -25.81 -11.41 194.54
N ILE A 34 -26.38 -11.32 195.73
CA ILE A 34 -26.05 -12.22 196.83
C ILE A 34 -27.19 -12.90 197.55
N VAL A 35 -26.99 -14.20 197.80
CA VAL A 35 -27.87 -14.91 198.72
C VAL A 35 -26.96 -15.37 199.86
N GLY A 36 -27.25 -14.87 201.05
CA GLY A 36 -26.42 -15.12 202.21
C GLY A 36 -26.95 -16.25 203.05
N ARG A 37 -26.04 -16.98 203.69
CA ARG A 37 -26.39 -18.09 204.57
C ARG A 37 -25.53 -18.06 205.84
N PRO A 38 -26.15 -18.28 207.01
CA PRO A 38 -25.41 -18.25 208.26
C PRO A 38 -24.47 -19.41 208.42
N ARG A 39 -23.32 -19.13 209.01
CA ARG A 39 -22.33 -20.14 209.36
C ARG A 39 -22.28 -20.31 210.88
N HIS A 40 -23.13 -19.56 211.57
CA HIS A 40 -23.21 -19.57 213.03
C HIS A 40 -24.66 -19.59 213.50
N GLN A 41 -24.87 -20.15 214.68
CA GLN A 41 -26.18 -20.14 215.34
C GLN A 41 -26.33 -18.91 216.21
N GLY A 42 -27.41 -18.16 216.01
CA GLY A 42 -27.64 -16.99 216.83
C GLY A 42 -28.02 -17.41 218.24
N VAL A 43 -27.62 -16.58 219.23
CA VAL A 43 -27.92 -16.86 220.63
C VAL A 43 -28.97 -15.92 221.23
N MET A 44 -28.84 -14.63 220.94
CA MET A 44 -29.71 -13.62 221.51
C MET A 44 -31.08 -13.57 220.84
N VAL A 45 -32.07 -13.16 221.63
CA VAL A 45 -33.44 -12.97 221.20
C VAL A 45 -33.60 -11.61 220.53
N GLY A 46 -34.32 -11.59 219.40
CA GLY A 46 -34.52 -10.32 218.69
C GLY A 46 -33.40 -10.02 217.69
N MET A 47 -32.72 -11.07 217.24
CA MET A 47 -31.59 -10.95 216.29
C MET A 47 -31.99 -11.38 214.89
N GLY A 48 -33.30 -11.43 214.60
CA GLY A 48 -33.70 -11.91 213.30
C GLY A 48 -33.37 -13.40 213.23
N GLN A 49 -32.46 -13.74 212.32
CA GLN A 49 -31.94 -15.08 212.02
C GLN A 49 -32.82 -15.80 211.01
N LYS A 50 -32.31 -15.87 209.78
CA LYS A 50 -33.01 -16.47 208.65
C LYS A 50 -32.22 -17.68 208.16
N ASP A 51 -32.87 -18.55 207.38
CA ASP A 51 -32.16 -19.69 206.79
C ASP A 51 -31.28 -19.18 205.66
N SER A 52 -31.81 -18.16 205.00
CA SER A 52 -31.17 -17.50 203.89
C SER A 52 -31.59 -16.03 203.84
N TYR A 53 -30.69 -15.22 203.30
CA TYR A 53 -30.90 -13.78 203.17
C TYR A 53 -30.75 -13.35 201.72
N VAL A 54 -31.58 -12.45 201.22
CA VAL A 54 -31.39 -12.06 199.81
C VAL A 54 -31.12 -10.57 199.56
N GLY A 55 -30.12 -10.31 198.73
CA GLY A 55 -29.80 -8.95 198.34
C GLY A 55 -29.31 -8.14 199.51
N ASP A 56 -30.00 -7.05 199.79
CA ASP A 56 -29.63 -6.17 200.88
C ASP A 56 -29.74 -6.87 202.22
N GLU A 57 -30.56 -7.92 202.32
CA GLU A 57 -30.64 -8.66 203.57
C GLU A 57 -29.31 -9.36 203.84
N ALA A 58 -28.66 -9.85 202.78
CA ALA A 58 -27.43 -10.59 202.94
C ALA A 58 -26.34 -9.65 203.41
N GLN A 59 -26.35 -8.42 202.91
CA GLN A 59 -25.37 -7.47 203.39
C GLN A 59 -25.64 -6.99 204.82
N SER A 60 -26.90 -6.76 205.18
CA SER A 60 -27.22 -6.25 206.51
C SER A 60 -26.82 -7.21 207.64
N LYS A 61 -26.95 -8.51 207.41
CA LYS A 61 -26.60 -9.52 208.41
C LYS A 61 -25.28 -10.25 208.12
N ARG A 62 -24.49 -9.72 207.16
CA ARG A 62 -23.29 -10.38 206.64
C ARG A 62 -22.23 -10.76 207.63
N GLY A 63 -22.20 -10.15 208.81
CA GLY A 63 -21.17 -10.45 209.77
C GLY A 63 -21.03 -11.96 210.05
N ILE A 64 -22.15 -12.72 209.99
CA ILE A 64 -22.09 -14.16 210.23
C ILE A 64 -22.52 -14.99 209.03
N LEU A 65 -22.60 -14.36 207.84
CA LEU A 65 -23.10 -15.11 206.68
C LEU A 65 -22.04 -15.39 205.66
N THR A 66 -22.18 -16.52 205.00
CA THR A 66 -21.40 -16.81 203.83
C THR A 66 -22.15 -16.09 202.74
N LEU A 67 -21.46 -15.32 201.93
CA LEU A 67 -22.15 -14.58 200.89
C LEU A 67 -21.86 -15.19 199.53
N LYS A 68 -22.87 -15.85 198.96
CA LYS A 68 -22.68 -16.49 197.69
C LYS A 68 -23.22 -15.65 196.55
N TYR A 69 -22.38 -15.46 195.57
CA TYR A 69 -22.76 -14.77 194.36
C TYR A 69 -23.07 -15.86 193.32
N PRO A 70 -24.34 -16.01 192.86
CA PRO A 70 -24.84 -17.04 191.95
C PRO A 70 -24.31 -16.92 190.53
N ILE A 71 -23.68 -15.77 190.25
CA ILE A 71 -23.11 -15.46 188.96
C ILE A 71 -21.58 -15.49 189.01
N GLU A 72 -21.00 -16.34 188.15
CA GLU A 72 -19.57 -16.60 188.09
C GLU A 72 -18.94 -16.14 186.78
N HIS A 73 -18.19 -15.05 186.82
CA HIS A 73 -17.54 -14.47 185.63
C HIS A 73 -18.51 -14.25 184.48
N GLY A 74 -19.68 -13.74 184.85
CA GLY A 74 -20.78 -13.41 183.96
C GLY A 74 -21.91 -14.45 183.81
N ILE A 75 -21.72 -15.70 184.27
CA ILE A 75 -22.80 -16.71 184.13
C ILE A 75 -23.49 -17.18 185.39
N ILE A 76 -24.82 -17.24 185.33
CA ILE A 76 -25.57 -17.76 186.46
C ILE A 76 -25.36 -19.27 186.52
N THR A 77 -24.86 -19.74 187.65
CA THR A 77 -24.67 -21.16 187.83
C THR A 77 -25.65 -21.63 188.89
N ASN A 78 -26.14 -20.69 189.70
CA ASN A 78 -27.11 -21.01 190.74
C ASN A 78 -28.44 -20.30 190.47
N TRP A 79 -29.34 -21.03 189.80
CA TRP A 79 -30.61 -20.49 189.38
C TRP A 79 -31.59 -20.29 190.53
N ASP A 80 -31.44 -21.05 191.62
CA ASP A 80 -32.36 -20.93 192.75
C ASP A 80 -32.12 -19.61 193.44
N ASP A 81 -30.85 -19.22 193.52
CA ASP A 81 -30.53 -17.97 194.15
C ASP A 81 -30.95 -16.82 193.26
N MET A 82 -30.90 -16.99 191.93
CA MET A 82 -31.40 -15.90 191.11
C MET A 82 -32.92 -15.77 191.23
N GLU A 83 -33.63 -16.87 191.47
CA GLU A 83 -35.07 -16.74 191.68
C GLU A 83 -35.33 -15.92 192.95
N LYS A 84 -34.53 -16.15 194.00
CA LYS A 84 -34.74 -15.37 195.23
C LYS A 84 -34.49 -13.89 194.98
N ILE A 85 -33.44 -13.59 194.21
CA ILE A 85 -33.07 -12.22 193.88
C ILE A 85 -34.14 -11.55 193.04
N TRP A 86 -34.64 -12.22 192.00
CA TRP A 86 -35.67 -11.66 191.15
C TRP A 86 -37.01 -11.57 191.83
N HIS A 87 -37.35 -12.50 192.71
CA HIS A 87 -38.63 -12.35 193.38
C HIS A 87 -38.56 -11.10 194.22
N HIS A 88 -37.53 -11.00 195.04
CA HIS A 88 -37.37 -9.85 195.91
C HIS A 88 -37.27 -8.56 195.11
N THR A 89 -36.43 -8.54 194.08
CA THR A 89 -36.26 -7.36 193.28
C THR A 89 -37.53 -6.89 192.61
N PHE A 90 -38.24 -7.79 191.93
CA PHE A 90 -39.40 -7.34 191.21
C PHE A 90 -40.60 -7.15 192.11
N TYR A 91 -40.88 -8.13 192.96
CA TYR A 91 -42.07 -8.13 193.78
C TYR A 91 -42.03 -7.19 194.97
N ASN A 92 -40.90 -7.09 195.69
CA ASN A 92 -40.90 -6.27 196.90
C ASN A 92 -40.43 -4.82 196.66
N GLU A 93 -39.38 -4.63 195.86
CA GLU A 93 -38.89 -3.25 195.71
C GLU A 93 -39.44 -2.50 194.50
N LEU A 94 -39.59 -3.18 193.36
CA LEU A 94 -40.16 -2.53 192.18
C LEU A 94 -41.68 -2.53 192.32
N ARG A 95 -42.14 -3.44 193.18
CA ARG A 95 -43.54 -3.69 193.52
C ARG A 95 -44.37 -4.18 192.34
N VAL A 96 -43.76 -4.97 191.46
CA VAL A 96 -44.45 -5.49 190.29
C VAL A 96 -44.29 -6.98 190.15
N ALA A 97 -45.39 -7.70 189.98
CA ALA A 97 -45.29 -9.12 189.74
C ALA A 97 -45.04 -9.33 188.24
N PRO A 98 -43.95 -10.02 187.80
CA PRO A 98 -43.56 -10.26 186.40
C PRO A 98 -44.66 -10.94 185.59
N GLU A 99 -45.59 -11.60 186.24
CA GLU A 99 -46.66 -12.29 185.55
C GLU A 99 -47.39 -11.34 184.58
N GLU A 100 -47.54 -10.07 184.94
CA GLU A 100 -48.25 -9.12 184.07
C GLU A 100 -47.34 -8.18 183.26
N HIS A 101 -46.02 -8.38 183.32
CA HIS A 101 -45.05 -7.51 182.65
C HIS A 101 -43.91 -8.27 181.97
N PRO A 102 -43.49 -7.92 180.76
CA PRO A 102 -42.37 -8.55 180.04
C PRO A 102 -41.08 -8.21 180.77
N THR A 103 -40.04 -9.06 180.67
CA THR A 103 -38.77 -8.76 181.35
C THR A 103 -37.51 -8.82 180.49
N LEU A 104 -36.64 -7.80 180.66
CA LEU A 104 -35.38 -7.75 179.94
C LEU A 104 -34.19 -7.94 180.89
N LEU A 105 -33.37 -8.92 180.55
CA LEU A 105 -32.16 -9.31 181.26
C LEU A 105 -30.97 -9.06 180.33
N THR A 106 -29.73 -9.00 180.83
CA THR A 106 -28.58 -8.67 179.97
C THR A 106 -27.44 -9.68 180.08
N GLU A 107 -26.63 -9.82 179.00
CA GLU A 107 -25.37 -10.60 179.06
C GLU A 107 -24.30 -10.07 178.06
N ALA A 108 -23.03 -10.34 178.33
CA ALA A 108 -21.93 -9.97 177.43
C ALA A 108 -22.03 -10.76 176.12
N PRO A 109 -21.56 -10.24 174.96
CA PRO A 109 -21.56 -10.93 173.67
C PRO A 109 -20.96 -12.35 173.66
N LEU A 110 -19.97 -12.65 174.52
CA LEU A 110 -19.38 -14.00 174.58
C LEU A 110 -19.72 -14.70 175.89
N ASN A 111 -20.75 -14.24 176.55
CA ASN A 111 -21.19 -14.84 177.79
C ASN A 111 -21.66 -16.26 177.44
N PRO A 112 -21.32 -17.30 178.21
CA PRO A 112 -21.75 -18.65 177.93
C PRO A 112 -23.27 -18.70 177.76
N LYS A 113 -23.70 -19.46 176.74
CA LYS A 113 -25.09 -19.60 176.30
C LYS A 113 -26.06 -20.06 177.37
N ALA A 114 -25.60 -20.89 178.28
CA ALA A 114 -26.47 -21.35 179.33
C ALA A 114 -27.01 -20.18 180.17
N ASN A 115 -26.30 -19.04 180.20
CA ASN A 115 -26.74 -17.89 180.98
C ASN A 115 -28.03 -17.35 180.37
N ARG A 116 -28.00 -17.01 179.10
CA ARG A 116 -29.19 -16.55 178.41
C ARG A 116 -30.35 -17.56 178.46
N GLU A 117 -30.04 -18.85 178.49
CA GLU A 117 -31.08 -19.88 178.54
C GLU A 117 -31.75 -19.93 179.90
N LYS A 118 -30.97 -19.80 180.98
CA LYS A 118 -31.55 -19.80 182.32
C LYS A 118 -32.21 -18.46 182.61
N MET A 119 -31.68 -17.36 182.11
CA MET A 119 -32.33 -16.11 182.42
C MET A 119 -33.75 -16.14 181.85
N THR A 120 -33.85 -16.65 180.61
CA THR A 120 -35.11 -16.73 179.90
C THR A 120 -36.04 -17.77 180.55
N GLN A 121 -35.49 -18.97 180.84
CA GLN A 121 -36.24 -20.05 181.44
C GLN A 121 -36.77 -19.73 182.82
N ILE A 122 -35.99 -19.08 183.65
CA ILE A 122 -36.45 -18.79 184.99
C ILE A 122 -37.62 -17.83 184.93
N MET A 123 -37.48 -16.75 184.16
CA MET A 123 -38.58 -15.83 184.15
C MET A 123 -39.85 -16.42 183.54
N PHE A 124 -39.74 -17.32 182.55
CA PHE A 124 -40.94 -17.95 181.99
C PHE A 124 -41.54 -19.07 182.83
N GLU A 125 -40.71 -19.91 183.45
CA GLU A 125 -41.26 -21.04 184.17
C GLU A 125 -41.51 -20.80 185.67
N THR A 126 -40.77 -19.87 186.30
CA THR A 126 -40.98 -19.62 187.72
C THR A 126 -41.80 -18.36 187.94
N PHE A 127 -41.59 -17.34 187.11
CA PHE A 127 -42.31 -16.09 187.32
C PHE A 127 -43.49 -15.86 186.35
N ASN A 128 -43.64 -16.75 185.38
CA ASN A 128 -44.67 -16.70 184.35
C ASN A 128 -44.71 -15.38 183.59
N VAL A 129 -43.55 -14.84 183.27
CA VAL A 129 -43.46 -13.57 182.57
C VAL A 129 -44.10 -13.74 181.19
N PRO A 130 -44.92 -12.82 180.68
CA PRO A 130 -45.55 -12.93 179.37
C PRO A 130 -44.55 -12.89 178.21
N ALA A 131 -43.36 -12.31 178.42
CA ALA A 131 -42.35 -12.27 177.37
C ALA A 131 -40.96 -12.03 177.94
N MET A 132 -39.95 -12.44 177.17
CA MET A 132 -38.54 -12.24 177.53
C MET A 132 -37.61 -11.78 176.46
N TYR A 133 -36.54 -11.10 176.87
CA TYR A 133 -35.50 -10.66 175.92
C TYR A 133 -34.13 -10.44 176.57
N VAL A 134 -33.13 -11.24 176.18
CA VAL A 134 -31.80 -11.12 176.73
C VAL A 134 -31.01 -10.18 175.83
N ALA A 135 -30.60 -9.09 176.42
CA ALA A 135 -29.92 -8.01 175.73
C ALA A 135 -28.43 -8.15 175.72
N ILE A 136 -27.83 -7.47 174.75
CA ILE A 136 -26.40 -7.44 174.60
C ILE A 136 -25.88 -6.25 175.40
N GLN A 137 -24.97 -6.49 176.33
CA GLN A 137 -24.47 -5.41 177.18
C GLN A 137 -23.78 -4.31 176.37
N ALA A 138 -23.15 -4.68 175.24
CA ALA A 138 -22.50 -3.71 174.36
C ALA A 138 -23.50 -2.70 173.78
N VAL A 139 -24.71 -3.17 173.50
CA VAL A 139 -25.75 -2.34 172.91
C VAL A 139 -26.25 -1.40 173.93
N LEU A 140 -26.46 -1.93 175.12
CA LEU A 140 -27.02 -1.15 176.16
C LEU A 140 -26.04 -0.06 176.59
N SER A 141 -24.75 -0.39 176.57
CA SER A 141 -23.71 0.57 176.94
C SER A 141 -23.71 1.73 175.96
N LEU A 142 -23.85 1.42 174.67
CA LEU A 142 -23.90 2.44 173.63
C LEU A 142 -25.19 3.26 173.68
N TYR A 143 -26.32 2.65 174.00
CA TYR A 143 -27.56 3.42 174.05
C TYR A 143 -27.66 4.39 175.24
N ALA A 144 -27.01 4.00 176.35
CA ALA A 144 -26.92 4.82 177.54
C ALA A 144 -25.91 5.94 177.37
N SER A 145 -24.85 5.66 176.61
CA SER A 145 -23.77 6.59 176.36
C SER A 145 -24.01 7.53 175.17
N GLY A 146 -25.11 7.36 174.43
CA GLY A 146 -25.36 8.20 173.27
C GLY A 146 -24.50 7.88 172.03
N ARG A 147 -24.12 6.61 171.82
CA ARG A 147 -23.27 6.24 170.70
C ARG A 147 -23.80 5.03 169.90
N THR A 148 -23.34 4.89 168.65
CA THR A 148 -23.68 3.74 167.81
C THR A 148 -22.39 3.10 167.39
N THR A 149 -21.37 3.92 167.54
CA THR A 149 -20.01 3.60 167.15
C THR A 149 -19.09 3.89 168.30
N GLY A 150 -18.22 2.93 168.62
CA GLY A 150 -17.24 3.12 169.66
C GLY A 150 -16.75 1.83 170.29
N ILE A 151 -15.89 1.98 171.27
CA ILE A 151 -15.34 0.82 171.98
C ILE A 151 -16.07 0.62 173.25
N VAL A 152 -16.61 -0.57 173.47
CA VAL A 152 -17.29 -0.75 174.72
C VAL A 152 -16.45 -1.47 175.74
N LEU A 153 -16.11 -0.73 176.78
CA LEU A 153 -15.38 -1.26 177.90
C LEU A 153 -16.37 -1.30 179.03
N ASP A 154 -16.96 -2.47 179.23
CA ASP A 154 -18.01 -2.64 180.20
C ASP A 154 -17.52 -3.07 181.55
N SER A 155 -16.20 -3.16 181.67
CA SER A 155 -15.45 -3.47 182.89
C SER A 155 -16.34 -3.95 184.03
N GLY A 156 -16.89 -5.15 183.96
CA GLY A 156 -17.83 -5.54 184.99
C GLY A 156 -17.09 -6.13 186.17
N ASP A 157 -17.84 -6.74 187.07
CA ASP A 157 -17.29 -7.35 188.26
C ASP A 157 -16.61 -8.69 187.92
N GLY A 158 -17.20 -9.46 187.01
CA GLY A 158 -16.66 -10.78 186.66
C GLY A 158 -15.75 -10.81 185.42
N VAL A 159 -15.98 -9.91 184.47
CA VAL A 159 -15.21 -9.88 183.22
C VAL A 159 -15.17 -8.48 182.60
N THR A 160 -14.08 -8.18 181.90
CA THR A 160 -14.04 -6.98 181.07
C THR A 160 -14.24 -7.52 179.66
N HIS A 161 -15.36 -7.19 179.01
CA HIS A 161 -15.61 -7.81 177.71
C HIS A 161 -14.77 -7.24 176.56
N ASN A 162 -14.75 -5.92 176.43
CA ASN A 162 -13.99 -5.24 175.37
C ASN A 162 -14.38 -5.50 173.90
N VAL A 163 -15.47 -4.87 173.45
CA VAL A 163 -15.87 -5.06 172.04
C VAL A 163 -16.07 -3.77 171.23
N PRO A 164 -15.38 -3.58 170.10
CA PRO A 164 -15.59 -2.48 169.18
C PRO A 164 -16.87 -2.70 168.40
N ILE A 165 -17.67 -1.63 168.27
CA ILE A 165 -18.92 -1.61 167.51
C ILE A 165 -18.87 -0.46 166.47
N TYR A 166 -19.28 -0.72 165.23
CA TYR A 166 -19.30 0.36 164.22
C TYR A 166 -20.63 0.48 163.50
N GLU A 167 -21.24 1.67 163.50
CA GLU A 167 -22.55 1.89 162.88
C GLU A 167 -23.59 0.90 163.35
N GLY A 168 -23.57 0.55 164.63
CA GLY A 168 -24.54 -0.38 165.14
C GLY A 168 -24.20 -1.86 164.91
N TYR A 169 -23.03 -2.16 164.32
CA TYR A 169 -22.58 -3.53 164.03
C TYR A 169 -21.44 -4.01 164.89
N ALA A 170 -21.45 -5.29 165.23
CA ALA A 170 -20.35 -5.81 166.00
C ALA A 170 -19.18 -6.05 165.07
N LEU A 171 -17.97 -5.90 165.61
CA LEU A 171 -16.78 -6.23 164.85
C LEU A 171 -16.07 -7.35 165.64
N PRO A 172 -16.61 -8.61 165.61
CA PRO A 172 -16.25 -9.73 166.47
C PRO A 172 -14.82 -10.23 166.36
N HIS A 173 -14.16 -9.93 165.24
CA HIS A 173 -12.80 -10.39 165.03
C HIS A 173 -11.84 -9.67 165.95
N ALA A 174 -12.31 -8.54 166.49
CA ALA A 174 -11.53 -7.71 167.35
C ALA A 174 -11.96 -7.78 168.83
N ILE A 175 -12.79 -8.77 169.21
CA ILE A 175 -13.15 -8.86 170.63
C ILE A 175 -12.03 -9.49 171.41
N MET A 176 -11.61 -8.83 172.48
CA MET A 176 -10.50 -9.35 173.27
C MET A 176 -10.97 -9.48 174.71
N ARG A 177 -11.68 -10.57 175.01
CA ARG A 177 -12.30 -10.76 176.32
C ARG A 177 -11.20 -10.92 177.35
N LEU A 178 -11.31 -10.20 178.46
CA LEU A 178 -10.28 -10.29 179.49
C LEU A 178 -10.78 -10.76 180.86
N ASP A 179 -10.13 -11.80 181.37
CA ASP A 179 -10.47 -12.33 182.68
C ASP A 179 -9.77 -11.58 183.80
N LEU A 180 -10.09 -10.30 183.88
CA LEU A 180 -9.61 -9.38 184.90
C LEU A 180 -10.77 -8.43 185.13
N ALA A 181 -11.25 -8.38 186.37
CA ALA A 181 -12.43 -7.58 186.63
C ALA A 181 -12.53 -7.01 188.05
N GLY A 182 -13.64 -6.30 188.33
CA GLY A 182 -13.86 -5.66 189.63
C GLY A 182 -13.75 -6.61 190.83
N ARG A 183 -14.13 -7.89 190.66
CA ARG A 183 -14.05 -8.88 191.70
C ARG A 183 -12.60 -9.20 192.09
N ASP A 184 -11.67 -9.08 191.13
CA ASP A 184 -10.28 -9.41 191.35
C ASP A 184 -9.66 -8.25 192.06
N LEU A 185 -10.16 -7.05 191.76
CA LEU A 185 -9.63 -5.87 192.40
C LEU A 185 -10.03 -5.91 193.89
N THR A 186 -11.25 -6.37 194.20
CA THR A 186 -11.66 -6.46 195.61
C THR A 186 -10.77 -7.49 196.34
N ASP A 187 -10.54 -8.65 195.70
CA ASP A 187 -9.72 -9.69 196.31
C ASP A 187 -8.28 -9.21 196.50
N TYR A 188 -7.76 -8.48 195.52
CA TYR A 188 -6.41 -7.99 195.60
C TYR A 188 -6.31 -6.97 196.73
N LEU A 189 -7.33 -6.10 196.86
CA LEU A 189 -7.29 -5.09 197.90
C LEU A 189 -7.31 -5.79 199.27
N MET A 190 -8.08 -6.88 199.45
CA MET A 190 -8.07 -7.57 200.75
C MET A 190 -6.62 -8.00 201.08
N LYS A 191 -5.91 -8.52 200.07
CA LYS A 191 -4.54 -8.98 200.24
C LYS A 191 -3.51 -7.83 200.48
N ILE A 192 -3.66 -6.71 199.78
CA ILE A 192 -2.71 -5.60 199.95
C ILE A 192 -2.94 -4.91 201.31
N LEU A 193 -4.20 -4.85 201.76
CA LEU A 193 -4.50 -4.25 203.04
C LEU A 193 -3.91 -5.14 204.14
N THR A 194 -3.89 -6.46 203.89
CA THR A 194 -3.30 -7.43 204.82
C THR A 194 -1.81 -7.12 204.98
N GLU A 195 -1.12 -6.77 203.88
CA GLU A 195 0.31 -6.43 203.95
C GLU A 195 0.55 -5.24 204.90
N ARG A 196 -0.41 -4.34 205.00
CA ARG A 196 -0.31 -3.17 205.86
C ARG A 196 -0.74 -3.42 207.32
N GLY A 197 -1.14 -4.65 207.64
CA GLY A 197 -1.57 -4.99 208.99
C GLY A 197 -3.08 -5.06 209.21
N TYR A 198 -3.86 -5.00 208.14
CA TYR A 198 -5.31 -5.08 208.24
C TYR A 198 -5.82 -6.23 207.44
N SER A 199 -5.89 -7.39 208.06
CA SER A 199 -6.27 -8.60 207.37
C SER A 199 -7.76 -8.71 207.15
N PHE A 200 -8.13 -9.02 205.91
CA PHE A 200 -9.52 -9.23 205.51
C PHE A 200 -9.60 -10.59 204.83
N VAL A 201 -10.24 -11.56 205.48
CA VAL A 201 -10.31 -12.91 204.91
C VAL A 201 -11.72 -13.50 204.79
N THR A 202 -12.72 -12.90 205.45
CA THR A 202 -14.07 -13.45 205.44
C THR A 202 -14.95 -12.74 204.42
N THR A 203 -16.16 -13.25 204.24
CA THR A 203 -17.14 -12.69 203.33
C THR A 203 -17.64 -11.32 203.81
N ALA A 204 -17.75 -11.16 205.13
CA ALA A 204 -18.18 -9.87 205.67
C ALA A 204 -17.10 -8.85 205.38
N GLU A 205 -15.86 -9.31 205.52
CA GLU A 205 -14.66 -8.52 205.30
C GLU A 205 -14.50 -8.17 203.84
N ARG A 206 -14.94 -9.08 202.97
CA ARG A 206 -14.88 -8.85 201.54
C ARG A 206 -15.77 -7.67 201.19
N GLU A 207 -16.96 -7.61 201.79
CA GLU A 207 -17.87 -6.50 201.54
C GLU A 207 -17.31 -5.20 202.12
N ILE A 208 -16.61 -5.28 203.26
CA ILE A 208 -16.01 -4.08 203.86
C ILE A 208 -14.96 -3.56 202.89
N VAL A 209 -14.13 -4.46 202.36
CA VAL A 209 -13.10 -4.07 201.42
C VAL A 209 -13.69 -3.53 200.15
N ARG A 210 -14.80 -4.10 199.71
CA ARG A 210 -15.47 -3.62 198.50
C ARG A 210 -15.87 -2.17 198.70
N ASP A 211 -16.36 -1.83 199.89
CA ASP A 211 -16.76 -0.46 200.19
C ASP A 211 -15.53 0.45 200.30
N ILE A 212 -14.42 -0.07 200.85
CA ILE A 212 -13.20 0.71 200.96
C ILE A 212 -12.69 1.05 199.58
N LYS A 213 -12.66 0.05 198.69
CA LYS A 213 -12.17 0.22 197.34
C LYS A 213 -12.91 1.32 196.61
N GLU A 214 -14.25 1.26 196.69
CA GLU A 214 -15.10 2.18 195.96
C GLU A 214 -14.91 3.63 196.38
N LYS A 215 -14.61 3.85 197.67
CA LYS A 215 -14.43 5.21 198.17
C LYS A 215 -12.97 5.72 198.24
N LEU A 216 -11.99 4.84 198.47
CA LEU A 216 -10.60 5.28 198.65
C LEU A 216 -9.63 5.07 197.49
N CYS A 217 -9.87 4.12 196.61
CA CYS A 217 -8.88 3.78 195.61
C CYS A 217 -8.98 4.52 194.27
N TYR A 218 -7.85 4.59 193.57
CA TYR A 218 -7.74 5.22 192.24
C TYR A 218 -6.63 4.56 191.44
N VAL A 219 -6.61 4.71 190.11
CA VAL A 219 -5.53 4.09 189.33
C VAL A 219 -4.21 4.87 189.26
N ALA A 220 -4.30 6.20 189.24
CA ALA A 220 -3.18 7.14 189.11
C ALA A 220 -2.84 7.30 187.64
N LEU A 221 -2.58 8.54 187.21
CA LEU A 221 -2.22 8.76 185.82
C LEU A 221 -0.76 8.40 185.53
N ASP A 222 0.05 8.34 186.58
CA ASP A 222 1.45 7.96 186.49
C ASP A 222 1.77 7.09 187.69
N PHE A 223 1.73 5.78 187.48
CA PHE A 223 1.86 4.85 188.58
C PHE A 223 3.16 4.97 189.35
N GLU A 224 4.27 5.02 188.64
CA GLU A 224 5.56 5.02 189.29
C GLU A 224 5.83 6.28 190.09
N ASN A 225 5.44 7.45 189.56
CA ASN A 225 5.67 8.67 190.30
C ASN A 225 4.71 8.80 191.48
N GLU A 226 3.48 8.27 191.30
CA GLU A 226 2.49 8.39 192.36
C GLU A 226 2.91 7.43 193.47
N MET A 227 3.41 6.25 193.09
CA MET A 227 3.90 5.22 194.00
C MET A 227 5.05 5.72 194.80
N ALA A 228 6.04 6.29 194.14
CA ALA A 228 7.21 6.78 194.86
C ALA A 228 6.81 7.84 195.87
N THR A 229 5.84 8.70 195.52
CA THR A 229 5.39 9.70 196.46
C THR A 229 4.61 9.08 197.62
N ALA A 230 3.66 8.19 197.31
CA ALA A 230 2.81 7.58 198.32
C ALA A 230 3.60 6.73 199.29
N ALA A 231 4.68 6.13 198.80
CA ALA A 231 5.55 5.31 199.62
C ALA A 231 6.50 6.15 200.48
N SER A 232 6.58 7.46 200.18
CA SER A 232 7.51 8.34 200.87
C SER A 232 6.82 9.33 201.81
N SER A 233 5.52 9.58 201.58
CA SER A 233 4.80 10.57 202.37
C SER A 233 3.33 10.27 202.63
N SER A 234 2.93 10.61 203.86
CA SER A 234 1.57 10.46 204.39
C SER A 234 0.57 11.34 203.65
N SER A 235 1.05 12.28 202.85
CA SER A 235 0.17 13.19 202.12
C SER A 235 -0.71 12.46 201.12
N LEU A 236 -0.33 11.24 200.69
CA LEU A 236 -1.23 10.52 199.78
C LEU A 236 -2.02 9.41 200.47
N GLU A 237 -2.00 9.36 201.82
CA GLU A 237 -2.79 8.35 202.51
C GLU A 237 -4.21 8.83 202.75
N LYS A 238 -5.13 7.90 202.75
CA LYS A 238 -6.53 8.22 203.07
C LYS A 238 -7.11 7.22 204.04
N SER A 239 -7.81 7.72 205.06
CA SER A 239 -8.45 6.88 206.05
C SER A 239 -9.87 6.43 205.73
N TYR A 240 -10.25 5.33 206.38
CA TYR A 240 -11.58 4.74 206.34
C TYR A 240 -11.95 4.16 207.70
N GLU A 241 -13.18 4.39 208.14
CA GLU A 241 -13.62 3.81 209.41
C GLU A 241 -14.29 2.47 209.19
N LEU A 242 -13.74 1.45 209.86
CA LEU A 242 -14.21 0.10 209.78
C LEU A 242 -15.41 -0.03 210.72
N PRO A 243 -16.35 -0.97 210.49
CA PRO A 243 -17.55 -1.22 211.30
C PRO A 243 -17.32 -1.42 212.81
N ASP A 244 -16.14 -1.89 213.23
CA ASP A 244 -15.89 -2.10 214.64
C ASP A 244 -15.21 -0.91 215.32
N GLY A 245 -15.09 0.20 214.60
CA GLY A 245 -14.48 1.41 215.12
C GLY A 245 -12.98 1.52 214.86
N GLN A 246 -12.38 0.53 214.19
CA GLN A 246 -10.96 0.63 213.89
C GLN A 246 -10.77 1.50 212.65
N VAL A 247 -9.62 2.13 212.54
CA VAL A 247 -9.35 2.95 211.36
C VAL A 247 -8.20 2.40 210.57
N ILE A 248 -8.46 2.28 209.27
CA ILE A 248 -7.54 1.77 208.27
C ILE A 248 -7.14 2.88 207.34
N THR A 249 -5.87 2.92 206.97
CA THR A 249 -5.43 3.90 206.00
C THR A 249 -4.80 3.16 204.86
N ILE A 250 -4.84 3.78 203.69
CA ILE A 250 -4.23 3.17 202.52
C ILE A 250 -3.22 4.15 201.91
N GLY A 251 -1.99 3.68 201.61
CA GLY A 251 -0.91 4.50 201.05
C GLY A 251 -0.73 4.25 199.57
N ASN A 252 0.39 3.62 199.16
CA ASN A 252 0.54 3.39 197.72
C ASN A 252 -0.34 2.23 197.30
N GLU A 253 -0.92 1.58 198.31
CA GLU A 253 -1.81 0.45 198.15
C GLU A 253 -3.10 0.91 197.52
N ARG A 254 -3.35 2.22 197.66
CA ARG A 254 -4.51 2.95 197.21
C ARG A 254 -4.62 2.91 195.71
N PHE A 255 -3.48 2.73 195.06
CA PHE A 255 -3.41 2.66 193.61
C PHE A 255 -2.77 1.35 193.14
N ARG A 256 -1.91 0.75 193.98
CA ARG A 256 -1.29 -0.51 193.57
C ARG A 256 -2.35 -1.56 193.33
N CYS A 257 -3.44 -1.53 194.09
CA CYS A 257 -4.50 -2.48 193.81
C CYS A 257 -5.19 -2.20 192.46
N PRO A 258 -5.81 -1.02 192.21
CA PRO A 258 -6.42 -0.58 190.95
C PRO A 258 -5.50 -0.74 189.75
N GLU A 259 -4.18 -0.63 189.98
CA GLU A 259 -3.16 -0.78 188.96
C GLU A 259 -3.23 -2.15 188.30
N THR A 260 -3.84 -3.13 188.97
CA THR A 260 -3.99 -4.50 188.48
C THR A 260 -4.75 -4.45 187.14
N LEU A 261 -5.59 -3.43 186.93
CA LEU A 261 -6.29 -3.32 185.66
C LEU A 261 -5.29 -3.14 184.53
N PHE A 262 -4.20 -2.39 184.80
CA PHE A 262 -3.16 -2.10 183.82
C PHE A 262 -2.08 -3.16 183.89
N GLN A 263 -1.98 -3.82 185.05
CA GLN A 263 -1.02 -4.90 185.28
C GLN A 263 -1.72 -6.08 185.96
N PRO A 264 -2.38 -6.93 185.17
CA PRO A 264 -3.16 -8.11 185.58
C PRO A 264 -2.33 -9.21 186.19
N SER A 265 -1.02 -9.15 185.97
CA SER A 265 -0.09 -10.12 186.52
C SER A 265 -0.10 -10.05 188.04
N PHE A 266 -0.60 -8.94 188.61
CA PHE A 266 -0.64 -8.78 190.05
C PHE A 266 -1.58 -9.82 190.68
N ILE A 267 -2.59 -10.30 189.93
CA ILE A 267 -3.54 -11.29 190.46
C ILE A 267 -3.23 -12.66 189.82
N GLY A 268 -2.13 -12.75 189.07
CA GLY A 268 -1.74 -13.97 188.38
C GLY A 268 -2.35 -14.17 186.99
N MET A 269 -2.84 -13.12 186.33
CA MET A 269 -3.43 -13.22 185.01
C MET A 269 -2.42 -12.93 183.91
N GLU A 270 -2.48 -13.66 182.79
CA GLU A 270 -1.62 -13.36 181.65
C GLU A 270 -2.33 -12.39 180.73
N SER A 271 -1.95 -11.14 180.82
CA SER A 271 -2.57 -10.09 180.06
C SER A 271 -1.68 -8.88 179.95
N ALA A 272 -1.86 -8.12 178.87
CA ALA A 272 -1.11 -6.89 178.64
C ALA A 272 -1.72 -5.70 179.37
N GLY A 273 -2.88 -5.89 180.00
CA GLY A 273 -3.54 -4.80 180.71
C GLY A 273 -4.71 -4.22 179.95
N ILE A 274 -5.58 -3.55 180.69
CA ILE A 274 -6.79 -2.96 180.19
C ILE A 274 -6.59 -1.97 179.05
N HIS A 275 -5.46 -1.24 179.03
CA HIS A 275 -5.26 -0.27 177.98
C HIS A 275 -4.72 -0.89 176.70
N GLU A 276 -4.11 -2.08 176.79
CA GLU A 276 -3.60 -2.67 175.58
C GLU A 276 -4.74 -3.47 175.03
N THR A 277 -5.55 -4.02 175.94
CA THR A 277 -6.72 -4.81 175.63
C THR A 277 -7.71 -3.91 174.87
N THR A 278 -7.90 -2.69 175.39
CA THR A 278 -8.75 -1.69 174.76
C THR A 278 -8.21 -1.31 173.38
N TYR A 279 -6.90 -1.06 173.30
CA TYR A 279 -6.19 -0.74 172.07
C TYR A 279 -6.26 -1.88 171.05
N ASN A 280 -6.17 -3.10 171.55
CA ASN A 280 -6.27 -4.26 170.68
C ASN A 280 -7.63 -4.24 169.99
N SER A 281 -8.61 -3.60 170.63
CA SER A 281 -9.96 -3.52 170.07
C SER A 281 -10.11 -2.41 169.02
N ILE A 282 -9.15 -1.49 168.97
CA ILE A 282 -9.28 -0.36 168.05
C ILE A 282 -8.39 -0.43 166.81
N MET A 283 -7.28 -1.14 166.91
CA MET A 283 -6.36 -1.24 165.78
C MET A 283 -6.67 -2.43 164.88
N LYS A 284 -7.20 -3.50 165.48
CA LYS A 284 -7.55 -4.71 164.73
C LYS A 284 -8.68 -4.45 163.75
N CYS A 285 -9.52 -3.49 164.06
CA CYS A 285 -10.63 -3.09 163.20
C CYS A 285 -10.10 -2.47 161.90
N ASP A 286 -10.92 -2.46 160.85
CA ASP A 286 -10.47 -1.97 159.55
C ASP A 286 -9.99 -0.53 159.50
N ILE A 287 -9.15 -0.29 158.51
CA ILE A 287 -8.51 0.99 158.27
C ILE A 287 -9.49 2.19 158.21
N ASP A 288 -10.72 1.99 157.71
CA ASP A 288 -11.70 3.09 157.68
C ASP A 288 -12.63 3.12 158.91
N ILE A 289 -12.39 2.24 159.87
CA ILE A 289 -13.13 2.12 161.12
C ILE A 289 -12.38 2.74 162.30
N ARG A 290 -11.09 2.41 162.38
CA ARG A 290 -10.21 2.84 163.46
C ARG A 290 -10.38 4.28 163.95
N LYS A 291 -10.50 5.21 163.01
CA LYS A 291 -10.61 6.62 163.39
C LYS A 291 -11.86 6.93 164.21
N ASP A 292 -12.94 6.18 163.98
CA ASP A 292 -14.18 6.48 164.64
C ASP A 292 -14.18 5.80 165.98
N LEU A 293 -13.50 4.67 166.07
CA LEU A 293 -13.46 4.00 167.35
C LEU A 293 -12.56 4.76 168.32
N TYR A 294 -11.45 5.32 167.82
CA TYR A 294 -10.52 6.06 168.70
C TYR A 294 -11.19 7.25 169.37
N ALA A 295 -12.02 7.95 168.59
CA ALA A 295 -12.71 9.14 169.03
C ALA A 295 -13.95 8.85 169.88
N ASN A 296 -14.31 7.57 170.02
CA ASN A 296 -15.50 7.17 170.75
C ASN A 296 -15.22 5.94 171.60
N ASN A 297 -14.35 6.10 172.58
CA ASN A 297 -14.01 5.02 173.50
C ASN A 297 -15.03 5.14 174.66
N VAL A 298 -15.93 4.17 174.80
CA VAL A 298 -17.06 4.26 175.72
C VAL A 298 -16.98 3.40 176.98
N MET A 299 -17.07 4.05 178.14
CA MET A 299 -17.07 3.32 179.39
C MET A 299 -18.47 3.06 179.92
N SER A 300 -18.68 1.86 180.44
CA SER A 300 -19.92 1.48 181.08
C SER A 300 -19.53 0.50 182.16
N GLY A 301 -20.43 0.23 183.08
CA GLY A 301 -20.10 -0.70 184.13
C GLY A 301 -19.33 0.07 185.19
N GLY A 302 -18.94 -0.62 186.26
CA GLY A 302 -18.18 -0.04 187.38
C GLY A 302 -16.67 -0.09 187.10
N THR A 303 -15.81 0.26 188.08
CA THR A 303 -14.32 0.38 187.98
C THR A 303 -13.92 1.61 187.11
N THR A 304 -14.86 2.07 186.30
CA THR A 304 -14.86 3.23 185.42
C THR A 304 -15.03 4.48 186.26
N MET A 305 -15.36 4.20 187.51
CA MET A 305 -15.60 5.12 188.58
C MET A 305 -14.35 5.40 189.41
N TYR A 306 -13.17 4.88 189.00
CA TYR A 306 -11.95 5.28 189.69
C TYR A 306 -11.71 6.73 189.26
N PRO A 307 -11.33 7.65 190.14
CA PRO A 307 -11.07 9.07 189.82
C PRO A 307 -10.17 9.37 188.61
N GLY A 308 -9.16 8.53 188.34
CA GLY A 308 -8.26 8.79 187.22
C GLY A 308 -8.37 7.81 186.05
N ILE A 309 -9.38 6.96 186.00
CA ILE A 309 -9.38 5.96 184.91
C ILE A 309 -9.74 6.53 183.55
N ALA A 310 -10.68 7.46 183.44
CA ALA A 310 -11.01 7.97 182.11
C ALA A 310 -9.81 8.69 181.51
N ASP A 311 -9.04 9.40 182.34
CA ASP A 311 -7.93 10.15 181.80
C ASP A 311 -6.72 9.28 181.58
N ARG A 312 -6.47 8.27 182.43
CA ARG A 312 -5.32 7.45 182.15
C ARG A 312 -5.58 6.60 180.93
N MET A 313 -6.80 6.07 180.78
CA MET A 313 -7.07 5.26 179.62
C MET A 313 -6.94 6.08 178.34
N GLN A 314 -7.41 7.33 178.35
CA GLN A 314 -7.32 8.12 177.15
C GLN A 314 -5.86 8.35 176.81
N LYS A 315 -5.03 8.60 177.84
CA LYS A 315 -3.59 8.80 177.67
C LYS A 315 -2.89 7.55 177.15
N GLU A 316 -3.20 6.37 177.71
CA GLU A 316 -2.53 5.15 177.28
C GLU A 316 -2.89 4.79 175.84
N ILE A 317 -4.16 4.98 175.46
CA ILE A 317 -4.53 4.65 174.11
C ILE A 317 -3.85 5.64 173.19
N THR A 318 -3.82 6.93 173.57
CA THR A 318 -3.18 7.96 172.76
C THR A 318 -1.71 7.61 172.53
N ALA A 319 -1.03 7.14 173.57
CA ALA A 319 0.37 6.73 173.46
C ALA A 319 0.59 5.56 172.49
N LEU A 320 -0.38 4.63 172.45
CA LEU A 320 -0.29 3.45 171.58
C LEU A 320 -0.79 3.77 170.15
N ALA A 321 -1.71 4.71 170.05
CA ALA A 321 -2.36 5.16 168.84
C ALA A 321 -1.41 5.90 167.91
N PRO A 322 -1.68 5.90 166.59
CA PRO A 322 -0.97 6.67 165.60
C PRO A 322 -1.35 8.13 165.80
N SER A 323 -0.54 9.02 165.26
CA SER A 323 -0.78 10.45 165.30
C SER A 323 -1.94 10.80 164.40
N THR A 324 -2.39 12.06 164.45
CA THR A 324 -3.53 12.58 163.67
C THR A 324 -4.88 12.20 164.29
N MET A 325 -5.04 10.95 164.66
CA MET A 325 -6.28 10.44 165.23
C MET A 325 -6.60 11.11 166.55
N LYS A 326 -7.89 11.37 166.76
CA LYS A 326 -8.39 11.94 168.00
C LYS A 326 -8.81 10.83 168.93
N ILE A 327 -8.26 10.82 170.13
CA ILE A 327 -8.62 9.82 171.10
C ILE A 327 -9.46 10.46 172.20
N LYS A 328 -10.63 9.91 172.44
CA LYS A 328 -11.54 10.43 173.46
C LYS A 328 -12.32 9.38 174.22
N ILE A 329 -12.34 9.50 175.56
CA ILE A 329 -13.16 8.62 176.38
C ILE A 329 -14.39 9.28 176.93
N ILE A 330 -15.51 8.60 176.71
CA ILE A 330 -16.80 8.99 177.17
C ILE A 330 -17.04 8.25 178.47
N ALA A 331 -17.11 9.01 179.56
CA ALA A 331 -17.26 8.43 180.89
C ALA A 331 -18.37 9.17 181.62
N PRO A 332 -19.64 8.88 181.30
CA PRO A 332 -20.84 9.57 181.72
C PRO A 332 -21.13 9.30 183.18
N PRO A 333 -21.95 10.13 183.87
CA PRO A 333 -22.40 9.94 185.23
C PRO A 333 -23.23 8.67 185.38
N GLU A 334 -23.76 8.19 184.26
CA GLU A 334 -24.51 6.94 184.25
C GLU A 334 -23.54 5.78 184.38
N ARG A 335 -22.30 6.05 184.79
CA ARG A 335 -21.27 5.04 184.97
C ARG A 335 -21.74 4.00 185.98
N LYS A 336 -21.45 2.73 185.69
CA LYS A 336 -21.85 1.54 186.46
C LYS A 336 -23.35 1.26 186.33
N TYR A 337 -24.15 2.33 186.22
CA TYR A 337 -25.59 2.17 186.00
C TYR A 337 -25.99 2.17 184.51
N SER A 338 -25.02 2.33 183.60
CA SER A 338 -25.31 2.50 182.16
C SER A 338 -25.94 1.31 181.49
N VAL A 339 -25.55 0.10 181.84
CA VAL A 339 -26.12 -1.05 181.17
C VAL A 339 -27.59 -1.16 181.55
N TRP A 340 -27.92 -0.93 182.82
CA TRP A 340 -29.32 -0.98 183.20
C TRP A 340 -30.12 0.05 182.40
N ILE A 341 -29.57 1.27 182.29
CA ILE A 341 -30.23 2.37 181.61
C ILE A 341 -30.43 2.01 180.15
N GLY A 342 -29.40 1.44 179.53
CA GLY A 342 -29.55 1.03 178.15
C GLY A 342 -30.66 0.00 178.02
N GLY A 343 -30.83 -0.89 179.04
CA GLY A 343 -31.85 -1.93 179.04
C GLY A 343 -33.25 -1.30 178.98
N SER A 344 -33.43 -0.22 179.74
CA SER A 344 -34.67 0.56 179.76
C SER A 344 -34.94 1.14 178.38
N ILE A 345 -33.89 1.68 177.77
CA ILE A 345 -34.00 2.27 176.45
C ILE A 345 -34.38 1.21 175.43
N LEU A 346 -33.70 0.06 175.46
CA LEU A 346 -33.98 -0.98 174.48
C LEU A 346 -35.37 -1.57 174.62
N ALA A 347 -35.79 -1.87 175.85
CA ALA A 347 -37.06 -2.54 176.11
C ALA A 347 -38.25 -1.77 175.54
N SER A 348 -38.15 -0.44 175.60
CA SER A 348 -39.19 0.47 175.14
C SER A 348 -39.07 0.99 173.69
N LEU A 349 -38.05 0.58 172.93
CA LEU A 349 -37.95 1.12 171.56
C LEU A 349 -39.03 0.51 170.70
N SER A 350 -39.64 1.30 169.81
CA SER A 350 -40.68 0.75 168.93
C SER A 350 -40.10 -0.31 167.98
N THR A 351 -38.82 -0.13 167.66
CA THR A 351 -38.05 -1.00 166.77
C THR A 351 -37.67 -2.31 167.44
N PHE A 352 -37.94 -2.39 168.74
CA PHE A 352 -37.62 -3.58 169.49
C PHE A 352 -38.87 -4.25 170.03
N GLN A 353 -40.06 -3.90 169.53
CA GLN A 353 -41.22 -4.59 170.10
C GLN A 353 -41.46 -5.95 169.48
N GLN A 354 -40.76 -6.22 168.38
CA GLN A 354 -40.87 -7.49 167.69
C GLN A 354 -39.75 -8.44 168.13
N MET A 355 -38.85 -7.96 169.00
CA MET A 355 -37.71 -8.78 169.44
C MET A 355 -37.98 -9.64 170.66
N TRP A 356 -39.13 -9.42 171.29
CA TRP A 356 -39.52 -10.12 172.50
C TRP A 356 -39.98 -11.55 172.24
N ILE A 357 -39.55 -12.49 173.09
CA ILE A 357 -39.98 -13.89 173.01
C ILE A 357 -41.28 -13.94 173.76
N THR A 358 -42.35 -14.44 173.19
CA THR A 358 -43.60 -14.45 173.96
C THR A 358 -43.72 -15.74 174.75
N LYS A 359 -44.61 -15.77 175.77
CA LYS A 359 -44.83 -17.02 176.48
C LYS A 359 -45.88 -17.85 175.76
N GLN A 360 -45.51 -18.22 174.56
CA GLN A 360 -46.20 -19.06 173.61
C GLN A 360 -45.10 -19.68 172.82
N GLU A 361 -44.28 -18.80 172.23
CA GLU A 361 -43.13 -19.25 171.45
C GLU A 361 -42.19 -20.02 172.37
N TYR A 362 -42.03 -19.51 173.60
CA TYR A 362 -41.18 -20.12 174.58
C TYR A 362 -41.60 -21.53 174.91
N ASP A 363 -42.88 -21.74 175.17
CA ASP A 363 -43.29 -23.07 175.59
C ASP A 363 -43.28 -24.04 174.42
N GLU A 364 -43.58 -23.57 173.22
CA GLU A 364 -43.55 -24.47 172.07
C GLU A 364 -42.12 -24.93 171.76
N ALA A 365 -41.14 -24.02 171.87
CA ALA A 365 -39.75 -24.31 171.57
C ALA A 365 -38.88 -24.84 172.72
N GLY A 366 -39.15 -24.42 173.96
CA GLY A 366 -38.30 -24.78 175.09
C GLY A 366 -37.24 -23.68 175.31
N PRO A 367 -36.38 -23.80 176.35
CA PRO A 367 -35.41 -22.82 176.81
C PRO A 367 -34.35 -22.40 175.80
N SER A 368 -34.06 -23.27 174.82
CA SER A 368 -33.07 -23.02 173.80
C SER A 368 -33.51 -21.91 172.84
N ILE A 369 -34.79 -21.54 172.88
CA ILE A 369 -35.35 -20.53 171.99
C ILE A 369 -34.63 -19.21 172.04
N VAL A 370 -34.05 -18.89 173.19
CA VAL A 370 -33.35 -17.63 173.36
C VAL A 370 -32.20 -17.48 172.36
N HIS A 371 -31.65 -18.61 171.91
CA HIS A 371 -30.55 -18.67 170.97
C HIS A 371 -30.92 -18.10 169.61
N ARG A 372 -32.16 -18.29 169.18
CA ARG A 372 -32.54 -17.81 167.86
C ARG A 372 -33.28 -16.49 167.92
N LYS A 373 -33.96 -16.24 169.05
CA LYS A 373 -34.76 -15.02 169.19
C LYS A 373 -34.04 -13.77 169.69
N CYS A 374 -32.98 -13.92 170.49
CA CYS A 374 -32.36 -12.71 171.05
C CYS A 374 -31.18 -12.14 170.26
N PHE A 375 -30.17 -12.96 169.96
CA PHE A 375 -28.97 -12.49 169.23
C PHE A 375 -27.92 -13.58 168.99
N ASP B 1 25.84 -34.43 165.77
CA ASP B 1 25.89 -35.87 165.85
C ASP B 1 25.86 -36.52 164.47
N GLU B 2 25.53 -35.73 163.46
CA GLU B 2 25.44 -36.24 162.09
C GLU B 2 26.73 -35.98 161.31
N ASP B 3 27.12 -36.90 160.43
CA ASP B 3 28.29 -36.76 159.60
C ASP B 3 28.02 -36.68 158.09
N GLU B 4 26.79 -36.39 157.71
CA GLU B 4 26.44 -36.29 156.30
C GLU B 4 26.60 -34.85 155.85
N THR B 5 27.45 -34.61 154.86
CA THR B 5 27.76 -33.28 154.39
C THR B 5 26.71 -32.75 153.42
N THR B 6 25.54 -32.50 153.98
CA THR B 6 24.36 -32.02 153.27
C THR B 6 23.85 -30.70 153.80
N ALA B 7 22.83 -30.18 153.13
CA ALA B 7 22.19 -28.92 153.51
C ALA B 7 21.23 -29.12 154.66
N LEU B 8 20.92 -28.06 155.37
CA LEU B 8 19.92 -28.14 156.44
C LEU B 8 18.67 -27.43 155.97
N VAL B 9 17.50 -27.90 156.44
CA VAL B 9 16.22 -27.30 156.04
C VAL B 9 15.27 -26.96 157.19
N CYS B 10 14.69 -25.73 157.16
CA CYS B 10 13.67 -25.34 158.16
C CYS B 10 12.48 -24.57 157.57
N ASP B 11 11.28 -24.95 158.02
CA ASP B 11 10.04 -24.28 157.66
C ASP B 11 9.61 -23.58 158.95
N ASN B 12 9.63 -22.25 158.93
CA ASN B 12 9.32 -21.47 160.14
C ASN B 12 8.04 -20.64 160.07
N GLY B 13 7.00 -21.00 160.83
CA GLY B 13 5.77 -20.21 160.80
C GLY B 13 5.42 -19.58 162.15
N SER B 14 4.20 -19.04 162.23
CA SER B 14 3.67 -18.38 163.43
C SER B 14 3.29 -19.35 164.55
N GLY B 15 3.27 -20.65 164.26
CA GLY B 15 2.96 -21.68 165.24
C GLY B 15 4.18 -22.56 165.46
N LEU B 16 4.46 -23.42 164.49
CA LEU B 16 5.53 -24.42 164.53
C LEU B 16 6.70 -24.20 163.54
N VAL B 17 7.84 -24.82 163.88
CA VAL B 17 9.03 -24.93 163.03
C VAL B 17 9.38 -26.39 162.73
N LYS B 18 9.39 -26.76 161.46
CA LYS B 18 9.79 -28.12 161.12
C LYS B 18 11.23 -28.09 160.71
N ALA B 19 12.04 -29.02 161.21
CA ALA B 19 13.43 -28.96 160.82
C ALA B 19 14.13 -30.33 160.79
N GLY B 20 15.20 -30.40 160.00
CA GLY B 20 16.03 -31.60 159.85
C GLY B 20 17.02 -31.34 158.75
N PHE B 21 17.66 -32.37 158.21
CA PHE B 21 18.62 -32.10 157.13
C PHE B 21 18.15 -32.58 155.76
N ALA B 22 18.66 -31.90 154.74
CA ALA B 22 18.31 -32.18 153.37
C ALA B 22 18.78 -33.53 152.92
N GLY B 23 17.94 -34.16 152.13
CA GLY B 23 18.20 -35.45 151.55
C GLY B 23 17.31 -36.49 152.22
N ASP B 24 16.74 -36.18 153.40
CA ASP B 24 15.85 -37.17 153.98
C ASP B 24 14.41 -36.85 153.53
N ASP B 25 13.45 -37.68 153.95
CA ASP B 25 12.04 -37.51 153.59
C ASP B 25 11.15 -37.02 154.74
N ALA B 26 11.76 -36.55 155.81
CA ALA B 26 11.00 -36.07 156.95
C ALA B 26 11.87 -35.17 157.82
N PRO B 27 11.28 -34.23 158.58
CA PRO B 27 11.99 -33.42 159.54
C PRO B 27 12.44 -34.37 160.64
N ARG B 28 13.50 -34.00 161.35
CA ARG B 28 13.99 -34.82 162.44
C ARG B 28 13.23 -34.49 163.71
N ALA B 29 12.80 -33.24 163.80
CA ALA B 29 12.07 -32.77 164.94
C ALA B 29 11.23 -31.58 164.55
N VAL B 30 10.17 -31.35 165.32
CA VAL B 30 9.34 -30.19 165.11
C VAL B 30 9.31 -29.43 166.42
N PHE B 31 9.58 -28.15 166.34
CA PHE B 31 9.64 -27.32 167.52
C PHE B 31 8.58 -26.26 167.41
N PRO B 32 7.98 -25.79 168.49
CA PRO B 32 7.16 -24.60 168.50
C PRO B 32 8.01 -23.37 168.18
N SER B 33 7.44 -22.38 167.50
CA SER B 33 8.15 -21.12 167.24
C SER B 33 7.97 -20.22 168.45
N ILE B 34 8.46 -20.68 169.60
CA ILE B 34 8.21 -19.97 170.84
C ILE B 34 9.40 -19.60 171.69
N VAL B 35 9.42 -18.35 172.14
CA VAL B 35 10.37 -18.00 173.19
C VAL B 35 9.48 -17.63 174.38
N GLY B 36 9.57 -18.45 175.42
CA GLY B 36 8.71 -18.31 176.58
C GLY B 36 9.42 -17.50 177.63
N ARG B 37 8.63 -16.75 178.38
CA ARG B 37 9.19 -15.96 179.46
C ARG B 37 8.30 -16.09 180.69
N PRO B 38 8.84 -16.10 181.90
CA PRO B 38 8.04 -16.21 183.11
C PRO B 38 7.13 -15.03 183.23
N ARG B 39 5.90 -15.27 183.69
CA ARG B 39 4.95 -14.19 183.90
C ARG B 39 4.66 -13.98 185.37
N HIS B 40 5.47 -14.60 186.22
CA HIS B 40 5.33 -14.54 187.68
C HIS B 40 6.66 -14.30 188.37
N GLN B 41 6.59 -13.66 189.52
CA GLN B 41 7.76 -13.50 190.39
C GLN B 41 7.87 -14.69 191.32
N GLY B 42 9.02 -15.36 191.31
CA GLY B 42 9.22 -16.49 192.19
C GLY B 42 9.39 -16.03 193.63
N VAL B 43 8.93 -16.85 194.57
CA VAL B 43 9.06 -16.53 195.99
C VAL B 43 10.01 -17.48 196.71
N MET B 44 9.83 -18.77 196.49
CA MET B 44 10.63 -19.79 197.16
C MET B 44 11.97 -20.01 196.48
N VAL B 45 12.95 -20.38 197.29
CA VAL B 45 14.29 -20.72 196.87
C VAL B 45 14.34 -22.18 196.41
N GLY B 46 15.01 -22.43 195.28
CA GLY B 46 15.11 -23.80 194.78
C GLY B 46 13.95 -24.21 193.87
N MET B 47 13.29 -23.22 193.25
CA MET B 47 12.14 -23.48 192.38
C MET B 47 12.53 -23.43 190.90
N GLY B 48 13.84 -23.44 190.62
CA GLY B 48 14.28 -23.31 189.25
C GLY B 48 13.88 -21.94 188.73
N GLN B 49 13.16 -21.94 187.61
CA GLN B 49 12.64 -20.76 186.90
C GLN B 49 13.72 -20.14 186.01
N LYS B 50 13.51 -20.24 184.70
CA LYS B 50 14.48 -19.72 183.74
C LYS B 50 14.11 -18.31 183.36
N ASP B 51 15.06 -17.56 182.80
CA ASP B 51 14.74 -16.22 182.32
C ASP B 51 13.98 -16.30 181.01
N SER B 52 14.26 -17.35 180.27
CA SER B 52 13.65 -17.63 178.99
C SER B 52 13.63 -19.13 178.74
N TYR B 53 12.63 -19.54 177.98
CA TYR B 53 12.43 -20.93 177.58
C TYR B 53 12.37 -20.99 176.07
N VAL B 54 12.92 -22.01 175.44
CA VAL B 54 12.82 -22.03 173.98
C VAL B 54 12.16 -23.27 173.38
N GLY B 55 11.23 -23.02 172.46
CA GLY B 55 10.54 -24.09 171.74
C GLY B 55 9.69 -24.93 172.65
N ASP B 56 10.02 -26.21 172.70
CA ASP B 56 9.29 -27.14 173.51
C ASP B 56 9.47 -26.87 175.00
N GLU B 57 10.53 -26.17 175.40
CA GLU B 57 10.66 -25.87 176.81
C GLU B 57 9.55 -24.89 177.21
N ALA B 58 9.32 -23.93 176.30
CA ALA B 58 8.35 -22.88 176.51
C ALA B 58 6.95 -23.42 176.48
N GLN B 59 6.71 -24.40 175.62
CA GLN B 59 5.38 -24.96 175.55
C GLN B 59 5.14 -25.85 176.77
N SER B 60 6.12 -26.68 177.17
CA SER B 60 5.95 -27.59 178.30
C SER B 60 5.72 -26.89 179.64
N LYS B 61 6.33 -25.71 179.81
CA LYS B 61 6.21 -24.94 181.04
C LYS B 61 5.18 -23.81 180.93
N ARG B 62 4.40 -23.78 179.84
CA ARG B 62 3.49 -22.70 179.53
C ARG B 62 2.49 -22.31 180.59
N GLY B 63 2.10 -23.20 181.48
CA GLY B 63 1.12 -22.83 182.49
C GLY B 63 1.52 -21.58 183.30
N ILE B 64 2.83 -21.33 183.45
CA ILE B 64 3.34 -20.18 184.21
C ILE B 64 4.15 -19.18 183.37
N LEU B 65 4.07 -19.33 182.04
CA LEU B 65 4.83 -18.48 181.11
C LEU B 65 3.93 -17.71 180.17
N THR B 66 4.47 -16.64 179.63
CA THR B 66 3.80 -15.96 178.54
C THR B 66 4.58 -16.44 177.31
N LEU B 67 3.89 -16.81 176.25
CA LEU B 67 4.56 -17.38 175.09
C LEU B 67 4.59 -16.42 173.92
N LYS B 68 5.79 -16.07 173.45
CA LYS B 68 5.88 -15.14 172.34
C LYS B 68 6.18 -15.88 171.05
N TYR B 69 5.47 -15.50 170.00
CA TYR B 69 5.64 -16.05 168.66
C TYR B 69 6.19 -14.94 167.74
N PRO B 70 7.43 -15.10 167.26
CA PRO B 70 8.20 -14.18 166.41
C PRO B 70 7.72 -13.91 164.98
N ILE B 71 6.84 -14.78 164.47
CA ILE B 71 6.34 -14.70 163.10
C ILE B 71 4.89 -14.25 162.98
N GLU B 72 4.71 -13.18 162.21
CA GLU B 72 3.43 -12.51 162.00
C GLU B 72 2.86 -12.78 160.61
N HIS B 73 1.91 -13.69 160.51
CA HIS B 73 1.27 -14.02 159.22
C HIS B 73 2.27 -14.30 158.10
N GLY B 74 3.31 -15.07 158.45
CA GLY B 74 4.38 -15.47 157.55
C GLY B 74 5.69 -14.67 157.64
N ILE B 75 5.73 -13.51 158.29
CA ILE B 75 7.01 -12.77 158.40
C ILE B 75 7.65 -12.71 159.76
N ILE B 76 8.95 -12.99 159.79
CA ILE B 76 9.69 -12.92 161.04
C ILE B 76 9.97 -11.47 161.32
N THR B 77 9.51 -11.00 162.47
CA THR B 77 9.78 -9.64 162.85
C THR B 77 10.67 -9.68 164.08
N ASN B 78 10.49 -10.70 164.91
CA ASN B 78 11.34 -10.80 166.08
C ASN B 78 12.49 -11.73 165.74
N TRP B 79 13.46 -11.19 165.01
CA TRP B 79 14.57 -12.03 164.56
C TRP B 79 15.36 -12.56 165.74
N ASP B 80 15.38 -11.83 166.87
CA ASP B 80 16.18 -12.25 168.02
C ASP B 80 15.57 -13.53 168.59
N ASP B 81 14.25 -13.59 168.65
CA ASP B 81 13.67 -14.80 169.15
C ASP B 81 13.83 -15.93 168.14
N MET B 82 13.79 -15.64 166.83
CA MET B 82 14.03 -16.75 165.92
C MET B 82 15.46 -17.26 166.02
N GLU B 83 16.44 -16.38 166.29
CA GLU B 83 17.81 -16.85 166.43
C GLU B 83 17.88 -17.84 167.60
N LYS B 84 17.15 -17.55 168.71
CA LYS B 84 17.13 -18.44 169.88
C LYS B 84 16.49 -19.79 169.53
N ILE B 85 15.40 -19.74 168.75
CA ILE B 85 14.66 -20.91 168.32
C ILE B 85 15.52 -21.77 167.43
N TRP B 86 16.21 -21.15 166.48
CA TRP B 86 17.12 -21.81 165.57
C TRP B 86 18.31 -22.39 166.29
N HIS B 87 18.86 -21.68 167.29
CA HIS B 87 19.98 -22.23 168.03
C HIS B 87 19.55 -23.52 168.70
N HIS B 88 18.41 -23.47 169.38
CA HIS B 88 17.92 -24.65 170.05
C HIS B 88 17.66 -25.74 169.03
N THR B 89 16.89 -25.42 167.99
CA THR B 89 16.57 -26.36 166.94
C THR B 89 17.82 -27.08 166.44
N PHE B 90 18.79 -26.32 165.95
CA PHE B 90 19.97 -26.90 165.36
C PHE B 90 21.00 -27.46 166.32
N TYR B 91 21.44 -26.63 167.25
CA TYR B 91 22.51 -26.99 168.14
C TYR B 91 22.10 -27.99 169.21
N ASN B 92 20.94 -27.78 169.85
CA ASN B 92 20.57 -28.65 170.96
C ASN B 92 19.80 -29.91 170.57
N GLU B 93 18.83 -29.78 169.67
CA GLU B 93 17.95 -30.91 169.39
C GLU B 93 18.10 -31.69 168.08
N LEU B 94 18.36 -31.01 166.95
CA LEU B 94 18.50 -31.75 165.68
C LEU B 94 19.89 -32.33 165.60
N ARG B 95 20.76 -31.78 166.43
CA ARG B 95 22.18 -32.08 166.57
C ARG B 95 22.96 -31.87 165.29
N VAL B 96 22.65 -30.79 164.59
CA VAL B 96 23.33 -30.41 163.38
C VAL B 96 23.15 -28.90 163.24
N ALA B 97 24.18 -28.17 162.83
CA ALA B 97 24.06 -26.71 162.68
C ALA B 97 24.64 -26.14 161.37
N PRO B 98 24.11 -24.98 160.94
CA PRO B 98 24.51 -24.26 159.74
C PRO B 98 25.98 -23.93 159.64
N GLU B 99 26.70 -23.79 160.74
CA GLU B 99 28.11 -23.46 160.60
C GLU B 99 28.84 -24.42 159.66
N GLU B 100 28.49 -25.71 159.70
CA GLU B 100 29.18 -26.68 158.85
C GLU B 100 28.35 -27.15 157.64
N HIS B 101 27.19 -26.52 157.40
CA HIS B 101 26.27 -26.97 156.36
C HIS B 101 25.56 -25.83 155.63
N PRO B 102 25.27 -25.90 154.32
CA PRO B 102 24.48 -24.91 153.60
C PRO B 102 23.06 -24.97 154.19
N THR B 103 22.33 -23.86 154.28
CA THR B 103 20.98 -23.91 154.88
C THR B 103 19.86 -23.28 154.05
N LEU B 104 18.74 -23.99 153.96
CA LEU B 104 17.58 -23.52 153.23
C LEU B 104 16.41 -23.23 154.16
N LEU B 105 15.90 -22.01 154.04
CA LEU B 105 14.76 -21.53 154.82
C LEU B 105 13.63 -21.22 153.86
N THR B 106 12.38 -21.34 154.29
CA THR B 106 11.26 -21.09 153.39
C THR B 106 10.41 -19.83 153.69
N GLU B 107 9.67 -19.35 152.66
CA GLU B 107 8.64 -18.30 152.80
C GLU B 107 7.54 -18.38 151.72
N ALA B 108 6.40 -17.74 151.98
CA ALA B 108 5.32 -17.63 150.99
C ALA B 108 5.78 -16.73 149.81
N PRO B 109 5.32 -16.96 148.56
CA PRO B 109 5.64 -16.16 147.37
C PRO B 109 5.48 -14.62 147.45
N LEU B 110 4.50 -14.10 148.23
CA LEU B 110 4.32 -12.64 148.33
C LEU B 110 4.69 -12.12 149.71
N ASN B 111 5.44 -12.91 150.47
CA ASN B 111 5.87 -12.56 151.81
C ASN B 111 6.71 -11.27 151.72
N PRO B 112 6.55 -10.28 152.61
CA PRO B 112 7.30 -9.05 152.56
C PRO B 112 8.80 -9.37 152.49
N LYS B 113 9.50 -8.56 151.69
CA LYS B 113 10.92 -8.71 151.33
C LYS B 113 11.86 -8.80 152.52
N ALA B 114 11.55 -8.10 153.58
CA ALA B 114 12.39 -8.12 154.75
C ALA B 114 12.54 -9.53 155.32
N ASN B 115 11.56 -10.42 155.14
CA ASN B 115 11.64 -11.75 155.71
C ASN B 115 12.80 -12.53 155.11
N ARG B 116 12.87 -12.60 153.78
CA ARG B 116 13.94 -13.35 153.14
C ARG B 116 15.30 -12.68 153.38
N GLU B 117 15.30 -11.35 153.53
CA GLU B 117 16.57 -10.66 153.78
C GLU B 117 17.12 -11.01 155.15
N LYS B 118 16.25 -11.09 156.17
CA LYS B 118 16.70 -11.43 157.51
C LYS B 118 16.99 -12.91 157.62
N MET B 119 16.23 -13.78 156.94
CA MET B 119 16.55 -15.18 157.07
C MET B 119 17.95 -15.46 156.52
N THR B 120 18.28 -14.81 155.40
CA THR B 120 19.57 -14.96 154.77
C THR B 120 20.65 -14.41 155.70
N GLN B 121 20.43 -13.20 156.24
CA GLN B 121 21.38 -12.55 157.12
C GLN B 121 21.66 -13.26 158.42
N ILE B 122 20.64 -13.80 159.07
CA ILE B 122 20.90 -14.43 160.35
C ILE B 122 21.69 -15.71 160.15
N MET B 123 21.34 -16.53 159.16
CA MET B 123 22.14 -17.71 159.01
C MET B 123 23.61 -17.37 158.67
N PHE B 124 23.86 -16.31 157.86
CA PHE B 124 25.25 -15.93 157.55
C PHE B 124 25.99 -15.22 158.66
N GLU B 125 25.32 -14.35 159.42
CA GLU B 125 26.02 -13.57 160.42
C GLU B 125 25.96 -14.11 161.86
N THR B 126 24.94 -14.87 162.27
CA THR B 126 24.96 -15.33 163.66
C THR B 126 25.29 -16.84 163.69
N PHE B 127 24.96 -17.55 162.61
CA PHE B 127 25.24 -19.01 162.55
C PHE B 127 26.43 -19.37 161.66
N ASN B 128 27.00 -18.39 160.97
CA ASN B 128 28.13 -18.56 160.07
C ASN B 128 27.95 -19.65 159.02
N VAL B 129 26.77 -19.73 158.41
CA VAL B 129 26.49 -20.75 157.43
C VAL B 129 27.37 -20.53 156.20
N PRO B 130 27.97 -21.56 155.57
CA PRO B 130 28.76 -21.42 154.36
C PRO B 130 27.93 -21.02 153.14
N ALA B 131 26.61 -21.26 153.17
CA ALA B 131 25.75 -20.88 152.06
C ALA B 131 24.26 -20.78 152.44
N MET B 132 23.51 -20.01 151.65
CA MET B 132 22.07 -19.85 151.84
C MET B 132 21.16 -19.88 150.66
N TYR B 133 19.90 -20.22 150.92
CA TYR B 133 18.87 -20.26 149.87
C TYR B 133 17.45 -20.13 150.44
N VAL B 134 16.75 -19.04 150.14
CA VAL B 134 15.40 -18.85 150.62
C VAL B 134 14.47 -19.38 149.56
N ALA B 135 13.65 -20.34 149.96
CA ALA B 135 12.76 -21.04 149.06
C ALA B 135 11.32 -20.61 149.14
N ILE B 136 10.64 -20.81 148.03
CA ILE B 136 9.22 -20.55 147.91
C ILE B 136 8.44 -21.79 148.37
N GLN B 137 7.51 -21.61 149.31
CA GLN B 137 6.75 -22.74 149.84
C GLN B 137 5.97 -23.48 148.75
N ALA B 138 5.50 -22.76 147.74
CA ALA B 138 4.77 -23.37 146.62
C ALA B 138 5.61 -24.37 145.85
N VAL B 139 6.90 -24.08 145.72
CA VAL B 139 7.83 -24.93 145.00
C VAL B 139 8.02 -26.21 145.76
N LEU B 140 8.15 -26.03 147.05
CA LEU B 140 8.44 -27.14 147.90
C LEU B 140 7.21 -28.02 148.04
N SER B 141 6.04 -27.40 148.07
CA SER B 141 4.81 -28.14 148.21
C SER B 141 4.58 -29.04 147.01
N LEU B 142 4.90 -28.56 145.80
CA LEU B 142 4.71 -29.48 144.69
C LEU B 142 5.84 -30.53 144.62
N TYR B 143 7.10 -30.20 144.97
CA TYR B 143 8.12 -31.26 144.87
C TYR B 143 7.77 -32.44 145.76
N ALA B 144 7.30 -32.13 146.95
CA ALA B 144 6.99 -33.12 147.97
C ALA B 144 5.75 -33.92 147.63
N SER B 145 4.99 -33.45 146.66
CA SER B 145 3.75 -34.04 146.24
C SER B 145 3.91 -34.77 144.92
N GLY B 146 5.13 -34.77 144.35
CA GLY B 146 5.34 -35.40 143.06
C GLY B 146 4.78 -34.61 141.90
N ARG B 147 4.75 -33.28 142.01
CA ARG B 147 4.20 -32.45 140.95
C ARG B 147 5.11 -31.32 140.49
N THR B 148 4.87 -30.85 139.24
CA THR B 148 5.56 -29.71 138.63
C THR B 148 4.48 -28.72 138.33
N THR B 149 3.29 -29.29 138.34
CA THR B 149 2.08 -28.58 138.00
C THR B 149 1.02 -28.84 139.04
N GLY B 150 0.40 -27.76 139.52
CA GLY B 150 -0.70 -27.88 140.45
C GLY B 150 -0.95 -26.64 141.29
N ILE B 151 -2.01 -26.71 142.08
CA ILE B 151 -2.38 -25.62 142.99
C ILE B 151 -1.87 -25.90 144.34
N VAL B 152 -1.12 -24.98 144.93
CA VAL B 152 -0.67 -25.25 146.26
C VAL B 152 -1.53 -24.58 147.32
N LEU B 153 -2.19 -25.41 148.12
CA LEU B 153 -3.01 -24.95 149.22
C LEU B 153 -2.23 -25.03 150.51
N ASP B 154 -1.31 -24.11 150.69
CA ASP B 154 -0.36 -24.09 151.79
C ASP B 154 -0.97 -23.47 153.02
N SER B 155 -1.80 -24.22 153.69
CA SER B 155 -2.50 -23.62 154.81
C SER B 155 -1.61 -23.72 156.02
N GLY B 156 -1.03 -22.61 156.46
CA GLY B 156 -0.08 -22.65 157.55
C GLY B 156 -0.69 -22.21 158.86
N ASP B 157 0.14 -21.58 159.69
CA ASP B 157 -0.30 -21.16 161.01
C ASP B 157 -0.85 -19.74 160.96
N GLY B 158 -0.27 -18.88 160.11
CA GLY B 158 -0.67 -17.47 160.07
C GLY B 158 -1.25 -17.00 158.73
N VAL B 159 -1.04 -17.77 157.67
CA VAL B 159 -1.50 -17.40 156.34
C VAL B 159 -1.72 -18.64 155.46
N THR B 160 -2.68 -18.55 154.53
CA THR B 160 -2.91 -19.55 153.47
C THR B 160 -2.57 -18.75 152.21
N HIS B 161 -1.69 -19.28 151.37
CA HIS B 161 -1.22 -18.54 150.20
C HIS B 161 -2.00 -18.71 148.91
N ASN B 162 -2.41 -19.96 148.64
CA ASN B 162 -3.17 -20.36 147.44
C ASN B 162 -2.46 -19.99 146.15
N VAL B 163 -1.42 -20.75 145.82
CA VAL B 163 -0.60 -20.40 144.66
C VAL B 163 -0.33 -21.48 143.61
N PRO B 164 -0.73 -21.27 142.34
CA PRO B 164 -0.51 -22.14 141.20
C PRO B 164 0.91 -22.07 140.63
N ILE B 165 1.38 -23.23 140.17
CA ILE B 165 2.61 -23.42 139.38
C ILE B 165 2.28 -24.32 138.16
N TYR B 166 2.77 -23.97 136.98
CA TYR B 166 2.53 -24.79 135.78
C TYR B 166 3.81 -25.14 135.08
N GLU B 167 4.11 -26.43 134.90
CA GLU B 167 5.39 -26.85 134.28
C GLU B 167 6.58 -26.21 134.96
N GLY B 168 6.52 -26.04 136.27
CA GLY B 168 7.60 -25.43 136.98
C GLY B 168 7.63 -23.89 136.95
N TYR B 169 6.65 -23.25 136.32
CA TYR B 169 6.66 -21.79 136.26
C TYR B 169 5.59 -21.18 137.16
N ALA B 170 5.87 -20.00 137.72
CA ALA B 170 4.87 -19.39 138.59
C ALA B 170 3.76 -18.77 137.76
N LEU B 171 2.53 -18.78 138.28
CA LEU B 171 1.40 -18.09 137.66
C LEU B 171 0.89 -17.04 138.68
N PRO B 172 1.71 -16.01 139.02
CA PRO B 172 1.55 -15.11 140.16
C PRO B 172 0.28 -14.26 140.21
N HIS B 173 -0.34 -14.01 139.07
CA HIS B 173 -1.53 -13.17 139.08
C HIS B 173 -2.73 -13.95 139.62
N ALA B 174 -2.57 -15.26 139.71
CA ALA B 174 -3.60 -16.17 140.14
C ALA B 174 -3.42 -16.54 141.62
N ILE B 175 -2.49 -15.88 142.31
CA ILE B 175 -2.30 -16.16 143.73
C ILE B 175 -3.37 -15.46 144.56
N MET B 176 -4.04 -16.20 145.42
CA MET B 176 -5.10 -15.61 146.23
C MET B 176 -4.69 -15.55 147.71
N ARG B 177 -3.89 -14.57 148.11
CA ARG B 177 -3.46 -14.49 149.50
C ARG B 177 -4.64 -14.42 150.48
N LEU B 178 -4.68 -15.32 151.47
CA LEU B 178 -5.78 -15.29 152.43
C LEU B 178 -5.37 -15.16 153.90
N ASP B 179 -5.97 -14.17 154.59
CA ASP B 179 -5.69 -13.97 156.01
C ASP B 179 -6.57 -14.85 156.90
N LEU B 180 -6.33 -16.15 156.78
CA LEU B 180 -6.95 -17.21 157.54
C LEU B 180 -6.11 -18.47 157.54
N ALA B 181 -5.71 -18.87 158.74
CA ALA B 181 -4.84 -20.03 158.96
C ALA B 181 -5.08 -20.69 160.33
N GLY B 182 -4.28 -21.72 160.66
CA GLY B 182 -4.48 -22.50 161.88
C GLY B 182 -4.57 -21.70 163.18
N ARG B 183 -3.83 -20.59 163.31
CA ARG B 183 -3.85 -19.76 164.51
C ARG B 183 -5.18 -19.02 164.66
N ASP B 184 -5.86 -18.70 163.55
CA ASP B 184 -7.09 -17.94 163.59
C ASP B 184 -8.20 -18.90 163.93
N LEU B 185 -8.04 -20.13 163.46
CA LEU B 185 -9.02 -21.16 163.74
C LEU B 185 -8.96 -21.45 165.25
N THR B 186 -7.75 -21.46 165.84
CA THR B 186 -7.61 -21.69 167.27
C THR B 186 -8.28 -20.56 168.05
N ASP B 187 -8.08 -19.30 167.61
CA ASP B 187 -8.68 -18.17 168.33
C ASP B 187 -10.21 -18.25 168.27
N TYR B 188 -10.74 -18.64 167.11
CA TYR B 188 -12.18 -18.77 166.96
C TYR B 188 -12.71 -19.85 167.88
N LEU B 189 -12.02 -21.01 167.93
CA LEU B 189 -12.48 -22.09 168.79
C LEU B 189 -12.46 -21.60 170.25
N MET B 190 -11.45 -20.81 170.67
CA MET B 190 -11.44 -20.31 172.06
C MET B 190 -12.73 -19.52 172.32
N LYS B 191 -13.15 -18.68 171.37
CA LYS B 191 -14.37 -17.89 171.56
C LYS B 191 -15.65 -18.75 171.57
N ILE B 192 -15.76 -19.74 170.70
CA ILE B 192 -16.99 -20.55 170.72
C ILE B 192 -16.97 -21.57 171.89
N LEU B 193 -15.79 -21.92 172.40
CA LEU B 193 -15.77 -22.78 173.57
C LEU B 193 -16.15 -21.95 174.80
N THR B 194 -15.88 -20.63 174.75
CA THR B 194 -16.30 -19.70 175.79
C THR B 194 -17.83 -19.71 175.81
N GLU B 195 -18.45 -19.72 174.63
CA GLU B 195 -19.92 -19.76 174.50
C GLU B 195 -20.47 -21.03 175.18
N ARG B 196 -19.71 -22.12 175.16
CA ARG B 196 -20.14 -23.39 175.80
C ARG B 196 -19.88 -23.45 177.32
N GLY B 197 -19.28 -22.40 177.91
CA GLY B 197 -19.00 -22.40 179.34
C GLY B 197 -17.56 -22.71 179.73
N TYR B 198 -16.66 -22.76 178.76
CA TYR B 198 -15.27 -23.04 179.03
C TYR B 198 -14.41 -21.95 178.45
N SER B 199 -14.29 -20.84 179.16
CA SER B 199 -13.54 -19.71 178.64
C SER B 199 -12.05 -20.00 178.51
N PHE B 200 -11.47 -19.54 177.40
CA PHE B 200 -10.04 -19.64 177.14
C PHE B 200 -9.55 -18.24 176.74
N VAL B 201 -8.69 -17.64 177.56
CA VAL B 201 -8.15 -16.29 177.33
C VAL B 201 -6.62 -16.20 177.18
N THR B 202 -5.90 -16.92 178.05
CA THR B 202 -4.43 -16.82 178.15
C THR B 202 -3.78 -17.62 177.04
N THR B 203 -2.45 -17.49 176.88
CA THR B 203 -1.80 -18.20 175.79
C THR B 203 -1.68 -19.67 176.16
N ALA B 204 -1.56 -20.00 177.44
CA ALA B 204 -1.48 -21.40 177.82
C ALA B 204 -2.81 -22.06 177.41
N GLU B 205 -3.90 -21.31 177.60
CA GLU B 205 -5.25 -21.71 177.26
C GLU B 205 -5.40 -21.84 175.75
N ARG B 206 -4.74 -20.96 175.00
CA ARG B 206 -4.73 -21.02 173.54
C ARG B 206 -4.08 -22.32 173.08
N GLU B 207 -3.00 -22.73 173.77
CA GLU B 207 -2.33 -23.99 173.45
C GLU B 207 -3.24 -25.19 173.82
N ILE B 208 -4.02 -25.05 174.89
CA ILE B 208 -4.95 -26.13 175.23
C ILE B 208 -5.96 -26.25 174.09
N VAL B 209 -6.49 -25.12 173.62
CA VAL B 209 -7.47 -25.14 172.55
C VAL B 209 -6.92 -25.68 171.24
N ARG B 210 -5.65 -25.39 170.96
CA ARG B 210 -5.03 -25.88 169.73
C ARG B 210 -4.90 -27.40 169.79
N ASP B 211 -4.78 -27.94 171.00
CA ASP B 211 -4.67 -29.38 171.18
C ASP B 211 -6.05 -30.01 171.00
N ILE B 212 -7.07 -29.32 171.52
CA ILE B 212 -8.43 -29.80 171.38
C ILE B 212 -8.78 -29.84 169.91
N LYS B 213 -8.49 -28.75 169.21
CA LYS B 213 -8.82 -28.64 167.80
C LYS B 213 -8.17 -29.73 166.96
N GLU B 214 -6.86 -29.92 167.17
CA GLU B 214 -6.10 -30.87 166.38
C GLU B 214 -6.59 -32.30 166.55
N LYS B 215 -7.14 -32.64 167.74
CA LYS B 215 -7.64 -33.98 168.00
C LYS B 215 -9.17 -34.17 167.81
N LEU B 216 -9.98 -33.14 168.06
CA LEU B 216 -11.45 -33.27 168.00
C LEU B 216 -12.17 -32.67 166.79
N CYS B 217 -11.58 -31.67 166.13
CA CYS B 217 -12.29 -30.95 165.09
C CYS B 217 -12.18 -31.49 163.66
N TYR B 218 -13.18 -31.16 162.86
CA TYR B 218 -13.26 -31.57 161.45
C TYR B 218 -14.01 -30.57 160.60
N VAL B 219 -13.89 -30.63 159.27
CA VAL B 219 -14.65 -29.66 158.46
C VAL B 219 -16.01 -30.16 158.06
N ALA B 220 -16.10 -31.45 157.77
CA ALA B 220 -17.31 -32.14 157.32
C ALA B 220 -17.45 -32.04 155.82
N LEU B 221 -17.87 -33.15 155.20
CA LEU B 221 -18.16 -33.15 153.78
C LEU B 221 -19.43 -32.34 153.52
N ASP B 222 -20.39 -32.48 154.44
CA ASP B 222 -21.66 -31.78 154.37
C ASP B 222 -21.91 -31.05 155.68
N PHE B 223 -21.52 -29.77 155.71
CA PHE B 223 -21.58 -28.99 156.94
C PHE B 223 -22.95 -28.89 157.55
N GLU B 224 -23.94 -28.54 156.72
CA GLU B 224 -25.28 -28.30 157.20
C GLU B 224 -25.92 -29.51 157.84
N ASN B 225 -25.63 -30.70 157.31
CA ASN B 225 -26.23 -31.90 157.88
C ASN B 225 -25.55 -32.24 159.20
N GLU B 226 -24.23 -32.06 159.26
CA GLU B 226 -23.53 -32.38 160.50
C GLU B 226 -23.93 -31.36 161.55
N MET B 227 -24.10 -30.10 161.14
CA MET B 227 -24.48 -29.00 162.00
C MET B 227 -25.85 -29.18 162.57
N ALA B 228 -26.82 -29.50 161.72
CA ALA B 228 -28.17 -29.64 162.21
C ALA B 228 -28.25 -30.75 163.26
N THR B 229 -27.51 -31.84 163.05
CA THR B 229 -27.55 -32.91 164.04
C THR B 229 -26.73 -32.54 165.28
N ALA B 230 -25.53 -32.04 165.08
CA ALA B 230 -24.62 -31.73 166.19
C ALA B 230 -25.17 -30.65 167.09
N ALA B 231 -25.91 -29.72 166.52
CA ALA B 231 -26.51 -28.64 167.28
C ALA B 231 -27.78 -29.11 168.00
N SER B 232 -28.26 -30.32 167.68
CA SER B 232 -29.49 -30.86 168.23
C SER B 232 -29.28 -32.06 169.17
N SER B 233 -28.13 -32.74 169.06
CA SER B 233 -27.91 -33.96 169.84
C SER B 233 -26.49 -34.25 170.31
N SER B 234 -26.41 -34.80 171.53
CA SER B 234 -25.17 -35.17 172.20
C SER B 234 -24.44 -36.32 171.51
N SER B 235 -25.13 -37.01 170.60
CA SER B 235 -24.54 -38.14 169.87
C SER B 235 -23.42 -37.68 168.94
N LEU B 236 -23.36 -36.39 168.65
CA LEU B 236 -22.34 -35.80 167.81
C LEU B 236 -21.26 -35.08 168.60
N GLU B 237 -21.29 -35.18 169.93
CA GLU B 237 -20.30 -34.51 170.74
C GLU B 237 -19.13 -35.40 171.05
N LYS B 238 -17.97 -34.78 171.20
CA LYS B 238 -16.78 -35.52 171.58
C LYS B 238 -16.09 -34.87 172.77
N SER B 239 -15.72 -35.70 173.74
CA SER B 239 -15.05 -35.29 174.97
C SER B 239 -13.53 -35.09 174.84
N TYR B 240 -13.03 -34.13 175.59
CA TYR B 240 -11.61 -33.85 175.77
C TYR B 240 -11.33 -33.53 177.24
N GLU B 241 -10.26 -34.08 177.78
CA GLU B 241 -9.92 -33.77 179.17
C GLU B 241 -8.93 -32.62 179.24
N LEU B 242 -9.32 -31.58 179.95
CA LEU B 242 -8.54 -30.38 180.13
C LEU B 242 -7.54 -30.65 181.25
N PRO B 243 -6.34 -30.06 181.24
CA PRO B 243 -5.31 -30.27 182.25
C PRO B 243 -5.55 -29.53 183.55
N ASP B 244 -6.70 -29.81 184.15
CA ASP B 244 -7.09 -29.28 185.44
C ASP B 244 -8.14 -30.23 186.00
N GLY B 245 -8.43 -31.27 185.21
CA GLY B 245 -9.41 -32.31 185.58
C GLY B 245 -10.83 -32.13 185.00
N GLN B 246 -11.11 -31.01 184.32
CA GLN B 246 -12.42 -30.77 183.72
C GLN B 246 -12.57 -31.50 182.40
N VAL B 247 -13.79 -31.84 182.06
CA VAL B 247 -14.04 -32.42 180.75
C VAL B 247 -14.96 -31.52 179.96
N ILE B 248 -14.52 -31.22 178.76
CA ILE B 248 -15.20 -30.37 177.82
C ILE B 248 -15.71 -31.20 176.66
N THR B 249 -16.96 -30.98 176.26
CA THR B 249 -17.44 -31.70 175.10
C THR B 249 -17.73 -30.63 174.09
N ILE B 250 -17.57 -30.98 172.82
CA ILE B 250 -17.81 -30.06 171.73
C ILE B 250 -18.79 -30.66 170.73
N GLY B 251 -19.84 -29.90 170.33
CA GLY B 251 -20.89 -30.36 169.40
C GLY B 251 -20.72 -29.79 168.02
N ASN B 252 -21.59 -28.87 167.59
CA ASN B 252 -21.45 -28.33 166.25
C ASN B 252 -20.22 -27.44 166.13
N GLU B 253 -19.71 -27.00 167.28
CA GLU B 253 -18.54 -26.13 167.37
C GLU B 253 -17.29 -26.88 166.90
N ARG B 254 -17.41 -28.22 166.94
CA ARG B 254 -16.40 -29.18 166.58
C ARG B 254 -16.05 -29.03 165.12
N PHE B 255 -17.04 -28.57 164.35
CA PHE B 255 -16.89 -28.37 162.92
C PHE B 255 -17.09 -26.92 162.54
N ARG B 256 -17.80 -26.14 163.36
CA ARG B 256 -17.99 -24.73 162.97
C ARG B 256 -16.66 -24.04 162.93
N CYS B 257 -15.77 -24.34 163.87
CA CYS B 257 -14.50 -23.67 163.77
C CYS B 257 -13.78 -23.95 162.45
N PRO B 258 -13.44 -25.19 162.10
CA PRO B 258 -12.85 -25.60 160.83
C PRO B 258 -13.59 -25.07 159.60
N GLU B 259 -14.92 -24.94 159.71
CA GLU B 259 -15.78 -24.45 158.65
C GLU B 259 -15.36 -23.07 158.20
N THR B 260 -14.75 -22.29 159.10
CA THR B 260 -14.29 -20.94 158.84
C THR B 260 -13.49 -20.94 157.53
N LEU B 261 -12.74 -22.01 157.25
CA LEU B 261 -11.95 -22.05 156.03
C LEU B 261 -12.84 -21.89 154.82
N PHE B 262 -14.04 -22.46 154.85
CA PHE B 262 -15.00 -22.39 153.75
C PHE B 262 -15.85 -21.14 153.93
N GLN B 263 -16.00 -20.70 155.17
CA GLN B 263 -16.77 -19.50 155.51
C GLN B 263 -15.99 -18.64 156.51
N PRO B 264 -15.09 -17.78 156.00
CA PRO B 264 -14.20 -16.88 156.73
C PRO B 264 -14.94 -15.80 157.50
N SER B 265 -16.20 -15.58 157.11
CA SER B 265 -17.08 -14.59 157.73
C SER B 265 -17.32 -14.96 159.19
N PHE B 266 -17.05 -16.21 159.56
CA PHE B 266 -17.23 -16.68 160.94
C PHE B 266 -16.32 -15.93 161.90
N ILE B 267 -15.18 -15.44 161.41
CA ILE B 267 -14.24 -14.70 162.24
C ILE B 267 -14.14 -13.25 161.82
N GLY B 268 -15.09 -12.78 161.01
CA GLY B 268 -15.08 -11.40 160.53
C GLY B 268 -14.12 -11.16 159.36
N MET B 269 -13.75 -12.21 158.60
CA MET B 269 -12.85 -12.01 157.47
C MET B 269 -13.63 -11.78 156.19
N GLU B 270 -13.12 -10.89 155.35
CA GLU B 270 -13.73 -10.65 154.06
C GLU B 270 -13.08 -11.56 153.03
N SER B 271 -13.72 -12.69 152.76
CA SER B 271 -13.17 -13.67 151.85
C SER B 271 -14.24 -14.62 151.32
N ALA B 272 -14.03 -15.07 150.10
CA ALA B 272 -14.93 -16.02 149.45
C ALA B 272 -14.85 -17.42 150.02
N GLY B 273 -13.78 -17.74 150.74
CA GLY B 273 -13.60 -19.08 151.28
C GLY B 273 -12.56 -19.85 150.50
N ILE B 274 -11.93 -20.80 151.18
CA ILE B 274 -10.83 -21.58 150.64
C ILE B 274 -11.14 -22.31 149.34
N HIS B 275 -12.38 -22.74 149.13
CA HIS B 275 -12.68 -23.44 147.91
C HIS B 275 -12.86 -22.52 146.73
N GLU B 276 -13.14 -21.24 146.98
CA GLU B 276 -13.32 -20.34 145.87
C GLU B 276 -11.96 -19.77 145.53
N THR B 277 -11.10 -19.63 146.55
CA THR B 277 -9.77 -19.12 146.30
C THR B 277 -9.01 -20.19 145.52
N THR B 278 -9.27 -21.47 145.82
CA THR B 278 -8.65 -22.56 145.08
C THR B 278 -9.13 -22.50 143.64
N TYR B 279 -10.45 -22.35 143.48
CA TYR B 279 -11.06 -22.30 142.16
C TYR B 279 -10.47 -21.15 141.35
N ASN B 280 -10.32 -19.96 141.94
CA ASN B 280 -9.76 -18.80 141.25
C ASN B 280 -8.27 -18.97 140.92
N SER B 281 -7.51 -19.68 141.74
CA SER B 281 -6.12 -19.87 141.36
C SER B 281 -6.05 -20.72 140.08
N ILE B 282 -7.03 -21.60 139.90
CA ILE B 282 -7.09 -22.40 138.70
C ILE B 282 -7.67 -21.55 137.55
N MET B 283 -8.81 -20.90 137.81
CA MET B 283 -9.56 -20.15 136.80
C MET B 283 -8.85 -18.92 136.25
N LYS B 284 -7.98 -18.30 137.05
CA LYS B 284 -7.28 -17.11 136.61
C LYS B 284 -6.05 -17.44 135.75
N CYS B 285 -5.76 -18.72 135.55
CA CYS B 285 -4.66 -19.16 134.72
C CYS B 285 -5.22 -19.38 133.30
N ASP B 286 -4.35 -19.45 132.29
CA ASP B 286 -4.80 -19.63 130.90
C ASP B 286 -5.55 -20.94 130.69
N ILE B 287 -6.40 -20.98 129.67
CA ILE B 287 -7.26 -22.13 129.43
C ILE B 287 -6.57 -23.45 129.14
N ASP B 288 -5.33 -23.43 128.64
CA ASP B 288 -4.60 -24.67 128.41
C ASP B 288 -3.80 -25.07 129.66
N ILE B 289 -3.94 -24.27 130.71
CA ILE B 289 -3.34 -24.48 132.02
C ILE B 289 -4.40 -24.97 133.00
N ARG B 290 -5.56 -24.32 132.97
CA ARG B 290 -6.68 -24.62 133.86
C ARG B 290 -6.98 -26.11 134.04
N LYS B 291 -7.00 -26.85 132.95
CA LYS B 291 -7.33 -28.28 133.05
C LYS B 291 -6.30 -29.09 133.84
N ASP B 292 -5.04 -28.66 133.83
CA ASP B 292 -4.02 -29.42 134.49
C ASP B 292 -4.01 -29.04 135.95
N LEU B 293 -4.41 -27.82 136.25
CA LEU B 293 -4.43 -27.42 137.63
C LEU B 293 -5.66 -28.05 138.31
N TYR B 294 -6.78 -28.21 137.60
CA TYR B 294 -7.98 -28.83 138.17
C TYR B 294 -7.68 -30.27 138.58
N ALA B 295 -6.91 -30.95 137.75
CA ALA B 295 -6.53 -32.33 137.96
C ALA B 295 -5.40 -32.50 138.98
N ASN B 296 -4.80 -31.40 139.43
CA ASN B 296 -3.67 -31.44 140.32
C ASN B 296 -3.78 -30.38 141.41
N ASN B 297 -4.77 -30.54 142.26
CA ASN B 297 -5.04 -29.67 143.39
C ASN B 297 -4.24 -30.24 144.58
N VAL B 298 -3.19 -29.55 145.02
CA VAL B 298 -2.29 -30.13 146.00
C VAL B 298 -2.33 -29.48 147.38
N MET B 299 -2.62 -30.30 148.39
CA MET B 299 -2.62 -29.79 149.74
C MET B 299 -1.25 -29.80 150.34
N SER B 300 -0.94 -28.77 151.11
CA SER B 300 0.30 -28.71 151.84
C SER B 300 0.06 -27.89 153.07
N GLY B 301 0.96 -28.00 154.01
CA GLY B 301 0.77 -27.28 155.23
C GLY B 301 -0.23 -28.11 156.03
N GLY B 302 -0.59 -27.60 157.20
CA GLY B 302 -1.53 -28.23 158.14
C GLY B 302 -2.97 -27.81 157.84
N THR B 303 -3.95 -28.10 158.73
CA THR B 303 -5.43 -27.86 158.54
C THR B 303 -6.03 -28.82 157.47
N THR B 304 -5.14 -29.42 156.69
CA THR B 304 -5.35 -30.38 155.63
C THR B 304 -5.61 -31.74 156.24
N MET B 305 -5.41 -31.79 157.55
CA MET B 305 -5.62 -32.96 158.37
C MET B 305 -7.05 -33.02 158.92
N TYR B 306 -7.90 -32.01 158.66
CA TYR B 306 -9.27 -32.09 159.16
C TYR B 306 -10.03 -33.16 158.40
N PRO B 307 -10.79 -34.05 159.05
CA PRO B 307 -11.64 -34.98 158.35
C PRO B 307 -12.62 -34.21 157.48
N GLY B 308 -12.76 -34.70 156.25
CA GLY B 308 -13.64 -34.11 155.26
C GLY B 308 -12.96 -33.05 154.38
N ILE B 309 -11.74 -32.61 154.70
CA ILE B 309 -11.17 -31.53 153.89
C ILE B 309 -10.70 -31.98 152.51
N ALA B 310 -10.11 -33.17 152.38
CA ALA B 310 -9.64 -33.61 151.08
C ALA B 310 -10.82 -34.01 150.20
N ASP B 311 -11.90 -34.48 150.83
CA ASP B 311 -13.07 -34.90 150.08
C ASP B 311 -13.95 -33.71 149.77
N ARG B 312 -14.01 -32.78 150.71
CA ARG B 312 -14.80 -31.58 150.60
C ARG B 312 -14.21 -30.60 149.60
N MET B 313 -12.90 -30.38 149.63
CA MET B 313 -12.33 -29.45 148.69
C MET B 313 -12.52 -29.99 147.28
N GLN B 314 -12.47 -31.30 147.10
CA GLN B 314 -12.62 -31.86 145.76
C GLN B 314 -14.08 -31.69 145.34
N LYS B 315 -15.02 -31.91 146.28
CA LYS B 315 -16.45 -31.71 146.02
C LYS B 315 -16.78 -30.27 145.66
N GLU B 316 -16.22 -29.32 146.41
CA GLU B 316 -16.51 -27.91 146.21
C GLU B 316 -15.94 -27.42 144.88
N ILE B 317 -14.77 -27.90 144.47
CA ILE B 317 -14.23 -27.45 143.20
C ILE B 317 -14.93 -28.18 142.05
N THR B 318 -15.16 -29.49 142.16
CA THR B 318 -15.80 -30.20 141.05
C THR B 318 -17.21 -29.66 140.82
N ALA B 319 -17.86 -29.16 141.87
CA ALA B 319 -19.19 -28.56 141.79
C ALA B 319 -19.19 -27.21 141.04
N LEU B 320 -18.03 -26.56 140.95
CA LEU B 320 -17.87 -25.27 140.29
C LEU B 320 -17.24 -25.44 138.90
N ALA B 321 -16.42 -26.48 138.79
CA ALA B 321 -15.69 -26.84 137.59
C ALA B 321 -16.65 -27.40 136.54
N PRO B 322 -16.31 -27.35 135.25
CA PRO B 322 -17.03 -27.98 134.17
C PRO B 322 -16.93 -29.51 134.24
N SER B 323 -17.91 -30.18 133.64
CA SER B 323 -18.03 -31.64 133.56
C SER B 323 -17.04 -32.33 132.61
N THR B 324 -17.03 -33.69 132.65
CA THR B 324 -16.16 -34.60 131.87
C THR B 324 -14.73 -34.64 132.42
N MET B 325 -14.17 -33.48 132.63
CA MET B 325 -12.85 -33.25 133.17
C MET B 325 -12.73 -33.80 134.59
N LYS B 326 -11.57 -34.40 134.90
CA LYS B 326 -11.35 -34.92 136.23
C LYS B 326 -10.65 -33.95 137.18
N ILE B 327 -11.28 -33.71 138.31
CA ILE B 327 -10.77 -32.87 139.37
C ILE B 327 -10.23 -33.77 140.48
N LYS B 328 -8.97 -33.58 140.87
CA LYS B 328 -8.37 -34.41 141.92
C LYS B 328 -7.57 -33.65 142.97
N ILE B 329 -7.75 -34.06 144.23
CA ILE B 329 -6.93 -33.59 145.32
C ILE B 329 -5.88 -34.58 145.80
N ILE B 330 -4.69 -34.05 145.90
CA ILE B 330 -3.52 -34.74 146.39
C ILE B 330 -3.38 -34.37 147.86
N ALA B 331 -3.43 -35.37 148.72
CA ALA B 331 -3.39 -35.14 150.16
C ALA B 331 -2.71 -36.32 150.88
N PRO B 332 -1.39 -36.48 150.73
CA PRO B 332 -0.55 -37.56 151.21
C PRO B 332 -0.37 -37.46 152.73
N PRO B 333 0.12 -38.51 153.42
CA PRO B 333 0.51 -38.53 154.83
C PRO B 333 1.53 -37.44 155.17
N GLU B 334 2.29 -37.04 154.15
CA GLU B 334 3.25 -35.97 154.30
C GLU B 334 2.52 -34.64 154.49
N ARG B 335 1.20 -34.71 154.72
CA ARG B 335 0.38 -33.53 154.93
C ARG B 335 0.93 -32.81 156.15
N LYS B 336 1.06 -31.48 156.01
CA LYS B 336 1.61 -30.54 157.00
C LYS B 336 3.15 -30.65 157.11
N TYR B 337 3.71 -31.81 156.80
CA TYR B 337 5.16 -31.93 156.82
C TYR B 337 5.78 -31.82 155.41
N SER B 338 4.94 -31.62 154.39
CA SER B 338 5.38 -31.63 153.00
C SER B 338 6.20 -30.43 152.57
N VAL B 339 6.05 -29.29 153.24
CA VAL B 339 6.84 -28.14 152.83
C VAL B 339 8.29 -28.40 153.22
N TRP B 340 8.49 -28.96 154.42
CA TRP B 340 9.84 -29.28 154.87
C TRP B 340 10.46 -30.26 153.88
N ILE B 341 9.67 -31.27 153.50
CA ILE B 341 10.14 -32.32 152.60
C ILE B 341 10.51 -31.68 151.28
N GLY B 342 9.68 -30.80 150.77
CA GLY B 342 10.01 -30.13 149.54
C GLY B 342 11.32 -29.37 149.66
N GLY B 343 11.58 -28.78 150.85
CA GLY B 343 12.81 -28.04 151.12
C GLY B 343 14.02 -28.96 151.00
N SER B 344 13.87 -30.19 151.54
CA SER B 344 14.89 -31.23 151.47
C SER B 344 15.19 -31.60 150.03
N ILE B 345 14.12 -31.73 149.25
CA ILE B 345 14.26 -32.09 147.85
C ILE B 345 14.94 -30.96 147.11
N LEU B 346 14.50 -29.72 147.31
CA LEU B 346 15.11 -28.64 146.55
C LEU B 346 16.57 -28.48 146.93
N ALA B 347 16.87 -28.49 148.24
CA ALA B 347 18.23 -28.28 148.71
C ALA B 347 19.22 -29.32 148.19
N SER B 348 18.76 -30.58 148.11
CA SER B 348 19.57 -31.72 147.65
C SER B 348 19.59 -31.98 146.13
N LEU B 349 18.63 -31.45 145.36
CA LEU B 349 18.66 -31.72 143.91
C LEU B 349 19.93 -31.18 143.28
N SER B 350 20.53 -31.95 142.37
CA SER B 350 21.75 -31.53 141.68
C SER B 350 21.51 -30.32 140.79
N THR B 351 20.25 -30.15 140.41
CA THR B 351 19.75 -29.10 139.54
C THR B 351 19.63 -27.77 140.27
N PHE B 352 19.81 -27.84 141.58
CA PHE B 352 19.73 -26.72 142.47
C PHE B 352 21.10 -26.34 143.05
N GLN B 353 22.18 -26.99 142.64
CA GLN B 353 23.41 -26.69 143.39
C GLN B 353 24.06 -25.39 142.98
N GLN B 354 23.56 -24.78 141.91
CA GLN B 354 24.07 -23.51 141.44
C GLN B 354 23.21 -22.36 141.98
N MET B 355 22.14 -22.70 142.73
CA MET B 355 21.24 -21.68 143.24
C MET B 355 21.60 -21.15 144.62
N TRP B 356 22.58 -21.77 145.25
CA TRP B 356 23.02 -21.41 146.60
C TRP B 356 23.89 -20.15 146.64
N ILE B 357 23.64 -19.29 147.63
CA ILE B 357 24.45 -18.10 147.86
C ILE B 357 25.60 -18.54 148.71
N THR B 358 26.84 -18.34 148.31
CA THR B 358 27.90 -18.81 149.19
C THR B 358 28.30 -17.70 150.14
N LYS B 359 29.04 -18.02 151.21
CA LYS B 359 29.52 -16.97 152.11
C LYS B 359 30.82 -16.41 151.55
N GLN B 360 30.66 -15.81 150.40
CA GLN B 360 31.66 -15.16 149.59
C GLN B 360 30.89 -14.01 148.98
N GLU B 361 29.89 -14.42 148.18
CA GLU B 361 28.98 -13.54 147.49
C GLU B 361 28.17 -12.75 148.51
N TYR B 362 27.75 -13.43 149.58
CA TYR B 362 26.99 -12.75 150.63
C TYR B 362 27.83 -11.69 151.30
N ASP B 363 29.05 -12.04 151.70
CA ASP B 363 29.83 -11.06 152.44
C ASP B 363 30.12 -9.83 151.60
N GLU B 364 30.36 -9.99 150.29
CA GLU B 364 30.60 -8.81 149.46
C GLU B 364 29.32 -8.00 149.15
N ALA B 365 28.19 -8.68 148.89
CA ALA B 365 26.94 -8.00 148.53
C ALA B 365 26.04 -7.56 149.68
N GLY B 366 26.04 -8.28 150.79
CA GLY B 366 25.13 -8.01 151.90
C GLY B 366 23.81 -8.74 151.62
N PRO B 367 22.80 -8.62 152.51
CA PRO B 367 21.50 -9.31 152.49
C PRO B 367 20.62 -9.01 151.30
N SER B 368 20.89 -7.94 150.56
CA SER B 368 20.10 -7.60 149.39
C SER B 368 20.35 -8.64 148.29
N ILE B 369 21.40 -9.45 148.45
CA ILE B 369 21.78 -10.51 147.54
C ILE B 369 20.68 -11.54 147.37
N VAL B 370 19.81 -11.66 148.34
CA VAL B 370 18.75 -12.63 148.27
C VAL B 370 17.85 -12.37 147.05
N HIS B 371 17.80 -11.11 146.58
CA HIS B 371 16.96 -10.73 145.47
C HIS B 371 17.69 -10.94 144.14
N ARG B 372 18.98 -11.29 144.21
CA ARG B 372 19.78 -11.51 143.02
C ARG B 372 19.96 -13.00 142.80
N LYS B 373 20.03 -13.74 143.90
CA LYS B 373 20.30 -15.17 143.88
C LYS B 373 19.15 -16.12 144.21
N CYS B 374 18.15 -15.72 145.01
CA CYS B 374 17.13 -16.69 145.38
C CYS B 374 15.87 -16.59 144.55
N PHE B 375 15.25 -15.40 144.57
CA PHE B 375 14.02 -15.12 143.80
C PHE B 375 13.53 -13.68 144.06
N ASP C 1 -34.52 19.32 138.23
CA ASP C 1 -34.17 20.69 138.59
C ASP C 1 -33.71 21.50 137.38
N GLU C 2 -33.62 20.84 136.24
CA GLU C 2 -33.20 21.48 135.00
C GLU C 2 -34.39 22.18 134.35
N ASP C 3 -34.14 23.26 133.61
CA ASP C 3 -35.18 24.01 132.93
C ASP C 3 -35.34 23.72 131.44
N GLU C 4 -34.71 22.66 130.96
CA GLU C 4 -34.79 22.25 129.57
C GLU C 4 -34.74 20.74 129.46
N THR C 5 -35.47 20.18 128.51
CA THR C 5 -35.51 18.73 128.30
C THR C 5 -34.35 18.26 127.43
N THR C 6 -33.15 18.50 127.94
CA THR C 6 -31.93 18.09 127.27
C THR C 6 -31.71 16.63 127.48
N ALA C 7 -30.79 16.05 126.75
CA ALA C 7 -30.46 14.64 126.93
C ALA C 7 -29.62 14.50 128.16
N LEU C 8 -29.59 13.31 128.72
CA LEU C 8 -28.73 13.04 129.85
C LEU C 8 -27.59 12.21 129.36
N VAL C 9 -26.43 12.37 129.97
CA VAL C 9 -25.28 11.58 129.63
C VAL C 9 -24.72 10.88 130.87
N CYS C 10 -24.53 9.57 130.77
CA CYS C 10 -24.01 8.82 131.90
C CYS C 10 -22.99 7.79 131.44
N ASP C 11 -21.73 8.07 131.79
CA ASP C 11 -20.52 7.32 131.42
C ASP C 11 -20.22 6.26 132.48
N ASN C 12 -20.79 5.07 132.31
CA ASN C 12 -20.73 4.04 133.32
C ASN C 12 -19.53 3.16 133.17
N GLY C 13 -18.42 3.54 133.77
CA GLY C 13 -17.25 2.73 133.60
C GLY C 13 -17.18 1.61 134.62
N SER C 14 -16.12 0.83 134.54
CA SER C 14 -15.87 -0.27 135.47
C SER C 14 -15.34 0.27 136.80
N GLY C 15 -14.98 1.55 136.78
CA GLY C 15 -14.47 2.29 137.91
C GLY C 15 -15.57 3.17 138.47
N LEU C 16 -15.69 4.37 137.89
CA LEU C 16 -16.66 5.35 138.32
C LEU C 16 -17.62 5.75 137.21
N VAL C 17 -18.78 6.23 137.62
CA VAL C 17 -19.81 6.73 136.76
C VAL C 17 -19.83 8.25 136.72
N LYS C 18 -19.58 8.79 135.55
CA LYS C 18 -19.61 10.25 135.43
C LYS C 18 -20.93 10.59 134.83
N ALA C 19 -21.66 11.52 135.43
CA ALA C 19 -22.95 11.81 134.85
C ALA C 19 -23.34 13.28 135.00
N GLY C 20 -24.16 13.73 134.08
CA GLY C 20 -24.66 15.10 134.03
C GLY C 20 -25.54 15.22 132.82
N PHE C 21 -25.81 16.44 132.38
CA PHE C 21 -26.70 16.57 131.23
C PHE C 21 -25.95 16.96 129.95
N ALA C 22 -26.55 16.59 128.84
CA ALA C 22 -26.01 16.88 127.53
C ALA C 22 -25.97 18.36 127.29
N GLY C 23 -24.89 18.77 126.63
CA GLY C 23 -24.64 20.16 126.32
C GLY C 23 -23.68 20.79 127.33
N ASP C 24 -23.40 20.13 128.47
CA ASP C 24 -22.45 20.76 129.40
C ASP C 24 -21.01 20.36 129.04
N ASP C 25 -20.05 20.90 129.79
CA ASP C 25 -18.63 20.59 129.58
C ASP C 25 -18.04 19.72 130.69
N ALA C 26 -18.89 19.22 131.55
CA ALA C 26 -18.46 18.40 132.67
C ALA C 26 -19.64 17.62 133.23
N PRO C 27 -19.41 16.48 133.90
CA PRO C 27 -20.44 15.76 134.60
C PRO C 27 -20.85 16.66 135.74
N ARG C 28 -22.08 16.54 136.20
CA ARG C 28 -22.52 17.39 137.31
C ARG C 28 -22.13 16.71 138.61
N ALA C 29 -22.05 15.38 138.58
CA ALA C 29 -21.67 14.62 139.74
C ALA C 29 -21.00 13.32 139.28
N VAL C 30 -20.13 12.80 140.15
CA VAL C 30 -19.46 11.54 139.86
C VAL C 30 -19.75 10.59 140.99
N PHE C 31 -20.17 9.39 140.62
CA PHE C 31 -20.54 8.37 141.57
C PHE C 31 -19.63 7.21 141.25
N PRO C 32 -19.21 6.37 142.18
CA PRO C 32 -18.47 5.17 141.88
C PRO C 32 -19.44 4.16 141.30
N SER C 33 -18.98 3.20 140.48
CA SER C 33 -19.88 2.15 140.00
C SER C 33 -19.96 1.06 141.05
N ILE C 34 -20.48 1.44 142.22
CA ILE C 34 -20.53 0.56 143.37
C ILE C 34 -21.85 0.43 144.12
N VAL C 35 -22.14 -0.82 144.47
CA VAL C 35 -23.21 -1.13 145.41
C VAL C 35 -22.54 -1.87 146.57
N GLY C 36 -22.67 -1.32 147.77
CA GLY C 36 -22.01 -1.86 148.93
C GLY C 36 -22.93 -2.65 149.81
N ARG C 37 -22.41 -3.68 150.46
CA ARG C 37 -23.24 -4.48 151.35
C ARG C 37 -22.51 -4.83 152.65
N PRO C 38 -23.18 -4.79 153.81
CA PRO C 38 -22.57 -5.07 155.10
C PRO C 38 -22.09 -6.50 155.15
N ARG C 39 -20.92 -6.68 155.77
CA ARG C 39 -20.31 -7.99 155.94
C ARG C 39 -20.24 -8.37 157.42
N HIS C 40 -21.02 -7.68 158.24
CA HIS C 40 -21.08 -7.84 159.69
C HIS C 40 -22.48 -8.07 160.22
N GLN C 41 -22.55 -8.70 161.39
CA GLN C 41 -23.79 -8.90 162.12
C GLN C 41 -24.14 -7.67 162.94
N GLY C 42 -25.36 -7.16 162.76
CA GLY C 42 -25.81 -6.00 163.49
C GLY C 42 -25.92 -6.34 164.96
N VAL C 43 -25.59 -5.38 165.81
CA VAL C 43 -25.65 -5.63 167.24
C VAL C 43 -26.79 -4.80 167.87
N MET C 44 -26.90 -3.51 167.46
CA MET C 44 -27.86 -2.58 168.06
C MET C 44 -29.19 -2.53 167.31
N VAL C 45 -30.27 -2.31 168.05
CA VAL C 45 -31.63 -2.19 167.52
C VAL C 45 -32.02 -0.74 167.23
N GLY C 46 -32.66 -0.49 166.07
CA GLY C 46 -33.11 0.86 165.72
C GLY C 46 -32.02 1.73 165.12
N MET C 47 -31.06 1.11 164.46
CA MET C 47 -29.91 1.78 163.87
C MET C 47 -30.09 2.15 162.41
N GLY C 48 -31.27 1.89 161.85
CA GLY C 48 -31.43 2.06 160.42
C GLY C 48 -30.54 0.98 159.82
N GLN C 49 -29.65 1.37 158.90
CA GLN C 49 -28.71 0.47 158.21
C GLN C 49 -29.39 -0.25 157.05
N LYS C 50 -28.82 -0.06 155.88
CA LYS C 50 -29.40 -0.55 154.63
C LYS C 50 -28.94 -1.96 154.32
N ASP C 51 -29.69 -2.65 153.46
CA ASP C 51 -29.28 -3.97 153.00
C ASP C 51 -28.18 -3.79 151.98
N SER C 52 -28.23 -2.66 151.29
CA SER C 52 -27.28 -2.27 150.29
C SER C 52 -27.19 -0.75 150.21
N TYR C 53 -26.01 -0.27 149.88
CA TYR C 53 -25.71 1.16 149.77
C TYR C 53 -25.34 1.47 148.35
N VAL C 54 -25.72 2.64 147.84
CA VAL C 54 -25.40 2.90 146.44
C VAL C 54 -24.53 4.13 146.15
N GLY C 55 -23.55 3.93 145.27
CA GLY C 55 -22.70 5.03 144.84
C GLY C 55 -21.89 5.59 145.98
N ASP C 56 -22.02 6.89 146.21
CA ASP C 56 -21.28 7.56 147.25
C ASP C 56 -21.70 7.09 148.65
N GLU C 57 -22.88 6.48 148.76
CA GLU C 57 -23.32 5.94 150.04
C GLU C 57 -22.47 4.73 150.37
N ALA C 58 -22.11 3.96 149.32
CA ALA C 58 -21.37 2.74 149.49
C ALA C 58 -19.97 3.07 149.95
N GLN C 59 -19.40 4.14 149.40
CA GLN C 59 -18.09 4.52 149.87
C GLN C 59 -18.16 5.20 151.25
N SER C 60 -19.19 6.00 151.51
CA SER C 60 -19.29 6.71 152.78
C SER C 60 -19.40 5.79 154.00
N LYS C 61 -20.08 4.67 153.84
CA LYS C 61 -20.28 3.68 154.91
C LYS C 61 -19.39 2.44 154.78
N ARG C 62 -18.37 2.53 153.90
CA ARG C 62 -17.49 1.42 153.52
C ARG C 62 -16.72 0.75 154.64
N GLY C 63 -16.59 1.37 155.80
CA GLY C 63 -15.82 0.77 156.87
C GLY C 63 -16.26 -0.67 157.17
N ILE C 64 -17.55 -0.99 157.02
CA ILE C 64 -18.03 -2.36 157.26
C ILE C 64 -18.71 -3.01 156.06
N LEU C 65 -18.49 -2.45 154.87
CA LEU C 65 -19.15 -2.98 153.68
C LEU C 65 -18.16 -3.65 152.78
N THR C 66 -18.64 -4.62 152.02
CA THR C 66 -17.82 -5.16 150.96
C THR C 66 -18.33 -4.39 149.76
N LEU C 67 -17.43 -3.87 148.95
CA LEU C 67 -17.90 -3.06 147.82
C LEU C 67 -17.73 -3.77 146.49
N LYS C 68 -18.85 -3.95 145.80
CA LYS C 68 -18.83 -4.66 144.54
C LYS C 68 -19.07 -3.73 143.36
N TYR C 69 -18.45 -4.08 142.25
CA TYR C 69 -18.58 -3.36 141.00
C TYR C 69 -19.42 -4.20 140.01
N PRO C 70 -20.64 -3.77 139.64
CA PRO C 70 -21.57 -4.44 138.73
C PRO C 70 -21.03 -4.63 137.32
N ILE C 71 -20.00 -3.83 136.99
CA ILE C 71 -19.36 -3.81 135.69
C ILE C 71 -17.94 -4.38 135.76
N GLU C 72 -17.68 -5.41 134.96
CA GLU C 72 -16.38 -6.08 134.95
C GLU C 72 -15.70 -5.93 133.60
N HIS C 73 -14.55 -5.27 133.59
CA HIS C 73 -13.78 -5.01 132.36
C HIS C 73 -14.65 -4.37 131.28
N GLY C 74 -15.47 -3.44 131.71
CA GLY C 74 -16.34 -2.68 130.83
C GLY C 74 -17.74 -3.26 130.60
N ILE C 75 -18.03 -4.49 131.03
CA ILE C 75 -19.38 -5.02 130.78
C ILE C 75 -20.27 -5.21 132.00
N ILE C 76 -21.50 -4.72 131.89
CA ILE C 76 -22.43 -4.91 132.98
C ILE C 76 -22.92 -6.33 133.05
N THR C 77 -22.78 -6.94 134.23
CA THR C 77 -23.31 -8.27 134.41
C THR C 77 -24.39 -8.21 135.49
N ASN C 78 -24.25 -7.27 136.44
CA ASN C 78 -25.25 -7.14 137.49
C ASN C 78 -26.18 -5.95 137.19
N TRP C 79 -27.21 -6.19 136.38
CA TRP C 79 -28.06 -5.09 135.95
C TRP C 79 -28.84 -4.52 137.13
N ASP C 80 -29.09 -5.34 138.17
CA ASP C 80 -29.90 -4.87 139.30
C ASP C 80 -29.13 -3.78 140.02
N ASP C 81 -27.82 -3.97 140.17
CA ASP C 81 -27.06 -2.95 140.84
C ASP C 81 -26.92 -1.73 139.94
N MET C 82 -26.87 -1.94 138.62
CA MET C 82 -26.82 -0.81 137.68
C MET C 82 -28.07 0.05 137.81
N GLU C 83 -29.24 -0.60 137.92
CA GLU C 83 -30.49 0.13 138.07
C GLU C 83 -30.47 0.95 139.36
N LYS C 84 -29.90 0.39 140.46
CA LYS C 84 -29.83 1.13 141.72
C LYS C 84 -28.95 2.36 141.58
N ILE C 85 -27.81 2.20 140.88
CA ILE C 85 -26.89 3.30 140.69
C ILE C 85 -27.53 4.35 139.84
N TRP C 86 -28.17 3.96 138.75
CA TRP C 86 -28.84 4.91 137.89
C TRP C 86 -29.98 5.61 138.60
N HIS C 87 -30.77 4.91 139.40
CA HIS C 87 -31.86 5.61 140.04
C HIS C 87 -31.30 6.67 140.98
N HIS C 88 -30.29 6.32 141.76
CA HIS C 88 -29.68 7.28 142.66
C HIS C 88 -29.06 8.45 141.89
N THR C 89 -28.28 8.12 140.88
CA THR C 89 -27.60 9.09 140.05
C THR C 89 -28.57 10.09 139.44
N PHE C 90 -29.61 9.59 138.79
CA PHE C 90 -30.53 10.44 138.09
C PHE C 90 -31.56 11.15 138.99
N TYR C 91 -32.11 10.46 139.97
CA TYR C 91 -33.16 11.08 140.77
C TYR C 91 -32.74 11.77 142.07
N ASN C 92 -31.68 11.30 142.74
CA ASN C 92 -31.34 11.90 144.01
C ASN C 92 -30.30 13.00 143.86
N GLU C 93 -29.27 12.74 143.06
CA GLU C 93 -28.18 13.71 142.99
C GLU C 93 -28.08 14.58 141.74
N LEU C 94 -28.33 14.05 140.54
CA LEU C 94 -28.24 14.88 139.34
C LEU C 94 -29.53 15.66 139.14
N ARG C 95 -30.58 15.20 139.80
CA ARG C 95 -31.93 15.75 139.78
C ARG C 95 -32.56 15.81 138.37
N VAL C 96 -32.37 14.75 137.60
CA VAL C 96 -32.93 14.62 136.27
C VAL C 96 -33.68 13.30 136.11
N ALA C 97 -35.00 13.33 136.06
CA ALA C 97 -35.75 12.10 135.92
C ALA C 97 -35.73 11.67 134.45
N PRO C 98 -35.14 10.51 134.04
CA PRO C 98 -35.00 10.05 132.66
C PRO C 98 -36.31 10.03 131.91
N GLU C 99 -37.42 9.88 132.61
CA GLU C 99 -38.70 9.86 131.93
C GLU C 99 -38.91 11.13 131.10
N GLU C 100 -38.36 12.26 131.57
CA GLU C 100 -38.49 13.56 130.89
C GLU C 100 -37.28 13.92 130.01
N HIS C 101 -36.28 13.02 129.91
CA HIS C 101 -35.06 13.31 129.17
C HIS C 101 -34.51 12.09 128.39
N PRO C 102 -34.09 12.20 127.13
CA PRO C 102 -33.48 11.11 126.37
C PRO C 102 -32.11 10.81 127.00
N THR C 103 -31.60 9.57 126.95
CA THR C 103 -30.29 9.28 127.61
C THR C 103 -29.23 8.58 126.77
N LEU C 104 -28.00 9.10 126.85
CA LEU C 104 -26.86 8.53 126.17
C LEU C 104 -25.90 7.84 127.14
N LEU C 105 -25.55 6.60 126.78
CA LEU C 105 -24.62 5.75 127.53
C LEU C 105 -23.39 5.49 126.69
N THR C 106 -22.29 5.03 127.30
CA THR C 106 -21.04 4.84 126.55
C THR C 106 -20.46 3.41 126.67
N GLU C 107 -19.69 2.95 125.67
CA GLU C 107 -19.03 1.61 125.65
C GLU C 107 -17.98 1.34 124.54
N ALA C 108 -16.98 0.48 124.80
CA ALA C 108 -16.00 0.10 123.78
C ALA C 108 -16.73 -0.57 122.61
N PRO C 109 -16.29 -0.44 121.34
CA PRO C 109 -16.94 -1.05 120.18
C PRO C 109 -16.94 -2.58 120.19
N LEU C 110 -16.01 -3.18 120.94
CA LEU C 110 -15.92 -4.62 121.04
C LEU C 110 -16.40 -5.12 122.39
N ASN C 111 -17.08 -4.26 123.12
CA ASN C 111 -17.69 -4.61 124.39
C ASN C 111 -18.78 -5.62 123.99
N PRO C 112 -18.87 -6.83 124.57
CA PRO C 112 -19.84 -7.83 124.17
C PRO C 112 -21.23 -7.21 124.14
N LYS C 113 -22.02 -7.70 123.19
CA LYS C 113 -23.35 -7.17 122.86
C LYS C 113 -24.33 -7.07 124.00
N ALA C 114 -24.23 -7.95 124.96
CA ALA C 114 -25.13 -7.90 126.08
C ALA C 114 -25.04 -6.53 126.79
N ASN C 115 -23.88 -5.87 126.77
CA ASN C 115 -23.76 -4.60 127.48
C ASN C 115 -24.69 -3.55 126.90
N ARG C 116 -24.57 -3.29 125.61
CA ARG C 116 -25.39 -2.30 124.93
C ARG C 116 -26.88 -2.67 124.91
N GLU C 117 -27.18 -3.97 124.88
CA GLU C 117 -28.55 -4.43 124.84
C GLU C 117 -29.20 -4.30 126.21
N LYS C 118 -28.48 -4.68 127.28
CA LYS C 118 -29.05 -4.58 128.61
C LYS C 118 -29.16 -3.14 129.05
N MET C 119 -28.18 -2.29 128.73
CA MET C 119 -28.28 -0.91 129.15
C MET C 119 -29.49 -0.24 128.50
N THR C 120 -29.72 -0.56 127.22
CA THR C 120 -30.85 -0.01 126.48
C THR C 120 -32.15 -0.51 127.10
N GLN C 121 -32.22 -1.80 127.42
CA GLN C 121 -33.42 -2.35 128.00
C GLN C 121 -33.78 -1.72 129.34
N ILE C 122 -32.79 -1.51 130.20
CA ILE C 122 -33.11 -0.95 131.50
C ILE C 122 -33.55 0.50 131.39
N MET C 123 -32.88 1.31 130.58
CA MET C 123 -33.36 2.68 130.54
C MET C 123 -34.77 2.80 129.96
N PHE C 124 -35.12 1.94 128.99
CA PHE C 124 -36.48 2.00 128.47
C PHE C 124 -37.53 1.34 129.37
N GLU C 125 -37.20 0.22 130.02
CA GLU C 125 -38.21 -0.47 130.82
C GLU C 125 -38.28 -0.12 132.30
N THR C 126 -37.18 0.30 132.96
CA THR C 126 -37.33 0.58 134.39
C THR C 126 -37.35 2.09 134.60
N PHE C 127 -36.77 2.85 133.66
CA PHE C 127 -36.73 4.31 133.78
C PHE C 127 -37.70 5.07 132.87
N ASN C 128 -38.29 4.38 131.89
CA ASN C 128 -39.22 4.96 130.90
C ASN C 128 -38.61 6.14 130.15
N VAL C 129 -37.35 6.03 129.78
CA VAL C 129 -36.67 7.11 129.07
C VAL C 129 -37.34 7.26 127.70
N PRO C 130 -37.63 8.47 127.19
CA PRO C 130 -38.25 8.66 125.89
C PRO C 130 -37.37 8.22 124.71
N ALA C 131 -36.04 8.18 124.91
CA ALA C 131 -35.15 7.75 123.85
C ALA C 131 -33.79 7.31 124.38
N MET C 132 -33.10 6.50 123.59
CA MET C 132 -31.75 6.03 123.92
C MET C 132 -30.72 6.01 122.84
N TYR C 133 -29.46 6.08 123.24
CA TYR C 133 -28.33 6.01 122.31
C TYR C 133 -27.04 5.52 122.99
N VAL C 134 -26.54 4.35 122.61
CA VAL C 134 -25.31 3.84 123.22
C VAL C 134 -24.17 4.22 122.29
N ALA C 135 -23.27 5.04 122.80
CA ALA C 135 -22.18 5.61 122.06
C ALA C 135 -20.87 4.90 122.29
N ILE C 136 -20.00 5.00 121.31
CA ILE C 136 -18.70 4.39 121.36
C ILE C 136 -17.60 5.31 121.83
N GLN C 137 -16.81 4.81 122.78
CA GLN C 137 -15.74 5.56 123.44
C GLN C 137 -14.75 6.20 122.49
N ALA C 138 -14.44 5.53 121.38
CA ALA C 138 -13.51 6.12 120.41
C ALA C 138 -14.10 7.37 119.73
N VAL C 139 -15.41 7.36 119.50
CA VAL C 139 -16.12 8.46 118.88
C VAL C 139 -16.18 9.60 119.86
N LEU C 140 -16.51 9.25 121.07
CA LEU C 140 -16.68 10.20 122.13
C LEU C 140 -15.35 10.88 122.45
N SER C 141 -14.25 10.12 122.44
CA SER C 141 -12.94 10.69 122.73
C SER C 141 -12.49 11.65 121.64
N LEU C 142 -12.71 11.31 120.37
CA LEU C 142 -12.29 12.26 119.34
C LEU C 142 -13.15 13.52 119.38
N TYR C 143 -14.45 13.39 119.70
CA TYR C 143 -15.21 14.63 119.77
C TYR C 143 -14.69 15.51 120.91
N ALA C 144 -14.42 14.91 122.07
CA ALA C 144 -13.97 15.67 123.24
C ALA C 144 -12.64 16.36 123.00
N SER C 145 -11.78 15.72 122.24
CA SER C 145 -10.45 16.23 121.92
C SER C 145 -10.40 17.16 120.71
N GLY C 146 -11.53 17.39 120.03
CA GLY C 146 -11.51 18.25 118.86
C GLY C 146 -10.89 17.61 117.61
N ARG C 147 -11.10 16.30 117.44
CA ARG C 147 -10.55 15.56 116.30
C ARG C 147 -11.59 14.74 115.55
N THR C 148 -11.29 14.40 114.28
CA THR C 148 -12.14 13.57 113.43
C THR C 148 -11.33 12.37 113.08
N THR C 149 -10.04 12.59 113.25
CA THR C 149 -9.01 11.64 112.91
C THR C 149 -8.05 11.45 114.05
N GLY C 150 -7.76 10.20 114.38
CA GLY C 150 -6.78 9.87 115.40
C GLY C 150 -6.95 8.48 115.99
N ILE C 151 -6.01 8.11 116.86
CA ILE C 151 -6.07 6.81 117.54
C ILE C 151 -6.59 7.02 118.92
N VAL C 152 -7.64 6.33 119.30
CA VAL C 152 -8.06 6.51 120.67
C VAL C 152 -7.58 5.37 121.53
N LEU C 153 -6.64 5.70 122.41
CA LEU C 153 -6.09 4.73 123.35
C LEU C 153 -6.64 5.15 124.69
N ASP C 154 -7.69 4.46 125.11
CA ASP C 154 -8.39 4.75 126.34
C ASP C 154 -7.85 3.86 127.43
N SER C 155 -6.94 4.38 128.23
CA SER C 155 -6.29 3.58 129.26
C SER C 155 -7.13 3.67 130.52
N GLY C 156 -8.36 3.19 130.42
CA GLY C 156 -9.36 3.34 131.47
C GLY C 156 -9.22 2.23 132.48
N ASP C 157 -10.22 2.09 133.35
CA ASP C 157 -10.27 1.11 134.45
C ASP C 157 -10.52 -0.34 134.03
N GLY C 158 -11.34 -0.55 132.99
CA GLY C 158 -11.81 -1.86 132.53
C GLY C 158 -10.99 -2.59 131.45
N VAL C 159 -11.19 -2.22 130.19
CA VAL C 159 -10.49 -2.83 129.05
C VAL C 159 -10.02 -1.72 128.12
N THR C 160 -8.87 -1.87 127.46
CA THR C 160 -8.41 -0.85 126.52
C THR C 160 -8.80 -1.28 125.10
N HIS C 161 -9.59 -0.47 124.38
CA HIS C 161 -9.99 -0.89 123.03
C HIS C 161 -9.09 -0.47 121.86
N ASN C 162 -8.24 0.54 122.04
CA ASN C 162 -7.31 1.01 120.98
C ASN C 162 -7.91 1.14 119.58
N VAL C 163 -8.79 2.13 119.36
CA VAL C 163 -9.47 2.19 118.07
C VAL C 163 -9.15 3.40 117.17
N PRO C 164 -8.58 3.17 115.97
CA PRO C 164 -8.31 4.18 114.98
C PRO C 164 -9.58 4.60 114.23
N ILE C 165 -9.71 5.91 114.00
CA ILE C 165 -10.77 6.53 113.21
C ILE C 165 -10.15 7.56 112.22
N TYR C 166 -10.57 7.53 110.95
CA TYR C 166 -10.06 8.50 109.95
C TYR C 166 -11.17 9.21 109.22
N GLU C 167 -11.16 10.55 109.24
CA GLU C 167 -12.20 11.34 108.61
C GLU C 167 -13.59 10.90 109.09
N GLY C 168 -13.71 10.56 110.37
CA GLY C 168 -14.97 10.13 110.94
C GLY C 168 -15.31 8.66 110.73
N TYR C 169 -14.48 7.91 110.01
CA TYR C 169 -14.73 6.49 109.70
C TYR C 169 -13.98 5.52 110.57
N ALA C 170 -14.65 4.44 110.92
CA ALA C 170 -13.96 3.42 111.69
C ALA C 170 -13.02 2.66 110.80
N LEU C 171 -11.90 2.23 111.36
CA LEU C 171 -10.96 1.40 110.65
C LEU C 171 -10.80 0.10 111.45
N PRO C 172 -11.87 -0.73 111.53
CA PRO C 172 -12.04 -1.85 112.46
C PRO C 172 -11.03 -2.97 112.37
N HIS C 173 -10.39 -3.11 111.22
CA HIS C 173 -9.42 -4.17 111.05
C HIS C 173 -8.14 -3.87 111.81
N ALA C 174 -7.99 -2.62 112.23
CA ALA C 174 -6.81 -2.13 112.92
C ALA C 174 -7.07 -1.98 114.44
N ILE C 175 -8.21 -2.49 114.94
CA ILE C 175 -8.48 -2.36 116.37
C ILE C 175 -7.71 -3.37 117.19
N MET C 176 -6.99 -2.91 118.21
CA MET C 176 -6.23 -3.87 119.02
C MET C 176 -6.79 -3.87 120.44
N ARG C 177 -7.64 -4.82 120.77
CA ARG C 177 -8.21 -4.79 122.11
C ARG C 177 -7.25 -5.46 123.10
N LEU C 178 -6.95 -4.77 124.18
CA LEU C 178 -6.03 -5.30 125.19
C LEU C 178 -6.64 -5.49 126.58
N ASP C 179 -6.44 -6.69 127.14
CA ASP C 179 -6.95 -6.99 128.47
C ASP C 179 -5.98 -6.50 129.56
N LEU C 180 -5.85 -5.18 129.60
CA LEU C 180 -5.07 -4.41 130.54
C LEU C 180 -5.72 -3.07 130.78
N ALA C 181 -5.95 -2.79 132.05
CA ALA C 181 -6.57 -1.55 132.44
C ALA C 181 -6.21 -1.11 133.85
N GLY C 182 -6.65 0.08 134.24
CA GLY C 182 -6.34 0.70 135.52
C GLY C 182 -6.63 -0.18 136.72
N ARG C 183 -7.66 -1.03 136.67
CA ARG C 183 -7.98 -1.91 137.78
C ARG C 183 -6.83 -2.92 138.02
N ASP C 184 -6.10 -3.30 136.95
CA ASP C 184 -5.05 -4.29 137.04
C ASP C 184 -3.79 -3.60 137.52
N LEU C 185 -3.67 -2.32 137.17
CA LEU C 185 -2.48 -1.58 137.57
C LEU C 185 -2.55 -1.43 139.10
N THR C 186 -3.79 -1.22 139.61
CA THR C 186 -4.04 -1.08 141.04
C THR C 186 -3.72 -2.40 141.73
N ASP C 187 -4.15 -3.53 141.15
CA ASP C 187 -3.90 -4.84 141.73
C ASP C 187 -2.39 -5.13 141.81
N TYR C 188 -1.65 -4.73 140.77
CA TYR C 188 -0.21 -4.94 140.77
C TYR C 188 0.37 -4.16 141.94
N LEU C 189 -0.06 -2.89 142.09
CA LEU C 189 0.44 -2.05 143.17
C LEU C 189 0.15 -2.68 144.53
N MET C 190 -1.03 -3.26 144.72
CA MET C 190 -1.33 -3.88 146.00
C MET C 190 -0.34 -5.03 146.30
N LYS C 191 0.04 -5.81 145.29
CA LYS C 191 0.97 -6.91 145.53
C LYS C 191 2.38 -6.42 145.87
N ILE C 192 2.85 -5.38 145.18
CA ILE C 192 4.18 -4.85 145.45
C ILE C 192 4.21 -4.03 146.77
N LEU C 193 3.07 -3.43 147.16
CA LEU C 193 3.05 -2.75 148.45
C LEU C 193 3.11 -3.81 149.56
N THR C 194 2.53 -5.00 149.29
CA THR C 194 2.59 -6.12 150.23
C THR C 194 4.06 -6.52 150.40
N GLU C 195 4.81 -6.54 149.28
CA GLU C 195 6.24 -6.89 149.33
C GLU C 195 7.00 -5.92 150.26
N ARG C 196 6.58 -4.66 150.31
CA ARG C 196 7.22 -3.65 151.16
C ARG C 196 6.71 -3.60 152.60
N GLY C 197 5.79 -4.49 152.97
CA GLY C 197 5.27 -4.52 154.34
C GLY C 197 3.91 -3.86 154.56
N TYR C 198 3.26 -3.46 153.47
CA TYR C 198 1.94 -2.84 153.56
C TYR C 198 0.96 -3.75 152.84
N SER C 199 0.34 -4.65 153.59
CA SER C 199 -0.58 -5.59 152.99
C SER C 199 -2.01 -5.07 153.00
N PHE C 200 -2.57 -4.92 151.82
CA PHE C 200 -3.92 -4.42 151.61
C PHE C 200 -4.74 -5.54 150.95
N VAL C 201 -5.66 -6.16 151.68
CA VAL C 201 -6.42 -7.27 151.08
C VAL C 201 -7.95 -7.15 151.15
N THR C 202 -8.48 -6.23 151.96
CA THR C 202 -9.94 -6.09 152.13
C THR C 202 -10.43 -4.92 151.29
N THR C 203 -11.75 -4.73 151.19
CA THR C 203 -12.27 -3.62 150.39
C THR C 203 -11.79 -2.25 150.82
N ALA C 204 -11.84 -1.93 152.11
CA ALA C 204 -11.43 -0.59 152.49
C ALA C 204 -9.99 -0.36 152.07
N GLU C 205 -9.17 -1.38 152.25
CA GLU C 205 -7.77 -1.31 151.92
C GLU C 205 -7.55 -1.15 150.40
N ARG C 206 -8.37 -1.84 149.61
CA ARG C 206 -8.27 -1.76 148.16
C ARG C 206 -8.63 -0.36 147.63
N GLU C 207 -9.69 0.23 148.19
CA GLU C 207 -10.12 1.56 147.76
C GLU C 207 -9.04 2.59 148.14
N ILE C 208 -8.39 2.39 149.28
CA ILE C 208 -7.31 3.24 149.71
C ILE C 208 -6.12 3.13 148.77
N VAL C 209 -5.74 1.92 148.36
CA VAL C 209 -4.61 1.80 147.45
C VAL C 209 -4.91 2.50 146.15
N ARG C 210 -6.14 2.37 145.64
CA ARG C 210 -6.47 3.11 144.43
C ARG C 210 -6.26 4.61 144.64
N ASP C 211 -6.69 5.15 145.78
CA ASP C 211 -6.50 6.58 146.03
C ASP C 211 -5.00 6.94 146.13
N ILE C 212 -4.21 6.04 146.71
CA ILE C 212 -2.78 6.30 146.86
C ILE C 212 -2.17 6.38 145.47
N LYS C 213 -2.50 5.41 144.63
CA LYS C 213 -2.00 5.34 143.27
C LYS C 213 -2.25 6.61 142.49
N GLU C 214 -3.49 7.10 142.59
CA GLU C 214 -3.93 8.27 141.86
C GLU C 214 -3.13 9.52 142.22
N LYS C 215 -2.71 9.62 143.48
CA LYS C 215 -1.94 10.77 143.93
C LYS C 215 -0.41 10.59 143.89
N LEU C 216 0.10 9.36 144.04
CA LEU C 216 1.55 9.14 144.13
C LEU C 216 2.28 8.58 142.90
N CYS C 217 1.60 7.83 142.04
CA CYS C 217 2.30 7.15 140.95
C CYS C 217 2.55 8.00 139.70
N TYR C 218 3.59 7.63 138.96
CA TYR C 218 3.98 8.27 137.69
C TYR C 218 4.58 7.26 136.75
N VAL C 219 4.65 7.54 135.45
CA VAL C 219 5.12 6.46 134.56
C VAL C 219 6.64 6.25 134.50
N ALA C 220 7.40 7.35 134.50
CA ALA C 220 8.85 7.38 134.31
C ALA C 220 9.14 7.24 132.82
N LEU C 221 10.06 8.06 132.28
CA LEU C 221 10.36 7.93 130.84
C LEU C 221 11.53 6.98 130.56
N ASP C 222 12.10 6.47 131.65
CA ASP C 222 13.18 5.49 131.61
C ASP C 222 13.01 4.64 132.85
N PHE C 223 12.34 3.50 132.69
CA PHE C 223 12.00 2.68 133.83
C PHE C 223 13.20 2.18 134.61
N GLU C 224 14.18 1.66 133.89
CA GLU C 224 15.34 1.07 134.53
C GLU C 224 16.20 2.10 135.24
N ASN C 225 16.39 3.28 134.66
CA ASN C 225 17.21 4.26 135.37
C ASN C 225 16.43 4.85 136.53
N GLU C 226 15.12 4.98 136.39
CA GLU C 226 14.34 5.56 137.45
C GLU C 226 14.34 4.58 138.62
N MET C 227 14.20 3.28 138.31
CA MET C 227 14.23 2.20 139.29
C MET C 227 15.58 2.09 139.95
N ALA C 228 16.65 2.30 139.19
CA ALA C 228 17.97 2.20 139.78
C ALA C 228 18.11 3.14 140.97
N THR C 229 17.53 4.34 140.88
CA THR C 229 17.65 5.22 142.04
C THR C 229 16.46 5.08 142.98
N ALA C 230 15.25 4.77 142.47
CA ALA C 230 14.09 4.65 143.35
C ALA C 230 14.24 3.51 144.33
N ALA C 231 14.91 2.44 143.88
CA ALA C 231 15.14 1.27 144.69
C ALA C 231 16.35 1.42 145.60
N SER C 232 17.11 2.51 145.44
CA SER C 232 18.34 2.72 146.21
C SER C 232 18.20 3.81 147.27
N SER C 233 17.26 4.73 147.08
CA SER C 233 17.15 5.86 148.00
C SER C 233 15.75 6.42 148.23
N SER C 234 15.57 6.88 149.48
CA SER C 234 14.34 7.49 149.98
C SER C 234 14.07 8.83 149.31
N SER C 235 15.06 9.36 148.61
CA SER C 235 14.97 10.63 147.91
C SER C 235 13.98 10.56 146.75
N LEU C 236 13.59 9.35 146.32
CA LEU C 236 12.59 9.25 145.26
C LEU C 236 11.27 8.70 145.78
N GLU C 237 11.08 8.72 147.11
CA GLU C 237 9.83 8.25 147.68
C GLU C 237 8.86 9.38 147.95
N LYS C 238 7.58 9.06 147.90
CA LYS C 238 6.56 10.03 148.24
C LYS C 238 5.62 9.45 149.27
N SER C 239 5.28 10.25 150.29
CA SER C 239 4.37 9.81 151.33
C SER C 239 2.90 10.03 151.04
N TYR C 240 2.09 9.25 151.74
CA TYR C 240 0.65 9.31 151.73
C TYR C 240 0.11 9.09 153.15
N GLU C 241 -0.90 9.86 153.52
CA GLU C 241 -1.56 9.71 154.80
C GLU C 241 -2.72 8.72 154.73
N LEU C 242 -2.63 7.65 155.51
CA LEU C 242 -3.65 6.64 155.51
C LEU C 242 -4.76 7.20 156.42
N PRO C 243 -6.03 6.84 156.23
CA PRO C 243 -7.17 7.29 157.02
C PRO C 243 -7.10 7.04 158.52
N ASP C 244 -6.28 6.10 158.96
CA ASP C 244 -6.17 5.78 160.36
C ASP C 244 -4.98 6.42 161.07
N GLY C 245 -4.27 7.35 160.42
CA GLY C 245 -3.14 8.01 161.08
C GLY C 245 -1.80 7.36 160.73
N GLN C 246 -1.84 6.21 160.06
CA GLN C 246 -0.61 5.55 159.67
C GLN C 246 -0.14 6.18 158.39
N VAL C 247 1.13 6.01 158.06
CA VAL C 247 1.59 6.53 156.79
C VAL C 247 2.32 5.46 156.01
N ILE C 248 2.32 5.67 154.71
CA ILE C 248 2.98 4.82 153.73
C ILE C 248 3.82 5.66 152.80
N THR C 249 4.97 5.14 152.39
CA THR C 249 5.71 5.83 151.36
C THR C 249 5.86 4.85 150.23
N ILE C 250 5.97 5.37 149.01
CA ILE C 250 6.15 4.51 147.87
C ILE C 250 7.41 4.87 147.08
N GLY C 251 8.24 3.85 146.77
CA GLY C 251 9.53 3.96 146.07
C GLY C 251 9.44 3.52 144.62
N ASN C 252 10.04 2.39 144.23
CA ASN C 252 9.96 2.07 142.80
C ASN C 252 8.57 1.57 142.45
N GLU C 253 7.75 1.32 143.48
CA GLU C 253 6.41 0.81 143.32
C GLU C 253 5.54 1.90 142.71
N ARG C 254 6.04 3.13 142.85
CA ARG C 254 5.45 4.36 142.44
C ARG C 254 5.37 4.42 140.92
N PHE C 255 6.32 3.78 140.25
CA PHE C 255 6.35 3.78 138.79
C PHE C 255 6.18 2.40 138.18
N ARG C 256 6.45 1.36 138.97
CA ARG C 256 6.30 -0.01 138.50
C ARG C 256 4.83 -0.29 138.24
N CYS C 257 3.96 0.35 139.00
CA CYS C 257 2.51 0.17 138.83
C CYS C 257 2.08 0.58 137.39
N PRO C 258 2.24 1.86 136.94
CA PRO C 258 1.97 2.31 135.57
C PRO C 258 2.85 1.66 134.53
N GLU C 259 4.03 1.15 134.92
CA GLU C 259 4.90 0.49 133.97
C GLU C 259 4.21 -0.69 133.32
N THR C 260 3.20 -1.28 133.98
CA THR C 260 2.50 -2.44 133.45
C THR C 260 1.81 -2.06 132.12
N LEU C 261 1.55 -0.77 131.91
CA LEU C 261 0.98 -0.25 130.67
C LEU C 261 1.96 -0.49 129.54
N PHE C 262 3.26 -0.45 129.85
CA PHE C 262 4.28 -0.64 128.86
C PHE C 262 4.78 -2.09 128.94
N GLN C 263 4.52 -2.72 130.09
CA GLN C 263 4.90 -4.12 130.32
C GLN C 263 3.78 -4.90 131.03
N PRO C 264 2.78 -5.36 130.26
CA PRO C 264 1.59 -6.11 130.70
C PRO C 264 1.94 -7.47 131.30
N SER C 265 3.17 -7.93 131.04
CA SER C 265 3.68 -9.20 131.54
C SER C 265 3.74 -9.15 133.07
N PHE C 266 3.72 -7.93 133.64
CA PHE C 266 3.77 -7.70 135.07
C PHE C 266 2.54 -8.28 135.77
N ILE C 267 1.42 -8.42 135.05
CA ILE C 267 0.20 -8.97 135.63
C ILE C 267 -0.17 -10.29 134.95
N GLY C 268 0.78 -10.89 134.23
CA GLY C 268 0.53 -12.15 133.55
C GLY C 268 -0.07 -12.04 132.14
N MET C 269 -0.15 -10.84 131.55
CA MET C 269 -0.72 -10.70 130.21
C MET C 269 0.30 -10.85 129.09
N GLU C 270 -0.09 -11.58 128.05
CA GLU C 270 0.78 -11.78 126.90
C GLU C 270 0.68 -10.57 125.97
N SER C 271 1.36 -9.49 126.34
CA SER C 271 1.34 -8.26 125.56
C SER C 271 2.59 -7.42 125.72
N ALA C 272 2.93 -6.71 124.65
CA ALA C 272 4.07 -5.80 124.60
C ALA C 272 3.76 -4.39 125.10
N GLY C 273 2.52 -4.11 125.49
CA GLY C 273 2.17 -2.79 126.00
C GLY C 273 1.27 -1.94 125.10
N ILE C 274 0.75 -0.88 125.72
CA ILE C 274 -0.18 0.05 125.07
C ILE C 274 0.46 0.83 123.92
N HIS C 275 1.78 0.97 123.91
CA HIS C 275 2.40 1.66 122.81
C HIS C 275 2.58 0.73 121.62
N GLU C 276 2.55 -0.58 121.81
CA GLU C 276 2.69 -1.44 120.66
C GLU C 276 1.32 -1.54 120.05
N THR C 277 0.28 -1.59 120.89
CA THR C 277 -1.05 -1.67 120.35
C THR C 277 -1.38 -0.36 119.65
N THR C 278 -0.95 0.77 120.19
CA THR C 278 -1.19 2.05 119.54
C THR C 278 -0.48 2.05 118.18
N TYR C 279 0.76 1.60 118.19
CA TYR C 279 1.57 1.53 116.97
C TYR C 279 0.90 0.67 115.90
N ASN C 280 0.39 -0.49 116.30
CA ASN C 280 -0.25 -1.40 115.36
C ASN C 280 -1.56 -0.81 114.82
N SER C 281 -2.28 -0.04 115.62
CA SER C 281 -3.51 0.53 115.10
C SER C 281 -3.20 1.58 114.05
N ILE C 282 -2.05 2.25 114.16
CA ILE C 282 -1.67 3.21 113.14
C ILE C 282 -1.18 2.42 111.92
N MET C 283 -0.28 1.48 112.16
CA MET C 283 0.36 0.69 111.10
C MET C 283 -0.60 -0.15 110.26
N LYS C 284 -1.66 -0.68 110.88
CA LYS C 284 -2.59 -1.54 110.18
C LYS C 284 -3.63 -0.77 109.37
N CYS C 285 -3.61 0.54 109.43
CA CYS C 285 -4.51 1.36 108.65
C CYS C 285 -3.85 1.60 107.29
N ASP C 286 -4.60 2.05 106.30
CA ASP C 286 -3.98 2.23 104.99
C ASP C 286 -2.82 3.20 105.03
N ILE C 287 -1.92 3.01 104.10
CA ILE C 287 -0.69 3.78 104.00
C ILE C 287 -0.90 5.30 103.90
N ASP C 288 -2.02 5.75 103.34
CA ASP C 288 -2.32 7.17 103.24
C ASP C 288 -3.04 7.72 104.47
N ILE C 289 -3.29 6.83 105.44
CA ILE C 289 -3.93 7.13 106.71
C ILE C 289 -2.88 7.25 107.81
N ARG C 290 -1.91 6.34 107.77
CA ARG C 290 -0.83 6.28 108.75
C ARG C 290 -0.21 7.61 109.18
N LYS C 291 0.04 8.50 108.23
CA LYS C 291 0.66 9.77 108.58
C LYS C 291 -0.23 10.66 109.47
N ASP C 292 -1.55 10.53 109.31
CA ASP C 292 -2.48 11.37 110.03
C ASP C 292 -2.73 10.79 111.40
N LEU C 293 -2.65 9.47 111.50
CA LEU C 293 -2.88 8.88 112.80
C LEU C 293 -1.60 9.06 113.66
N TYR C 294 -0.40 9.04 113.05
CA TYR C 294 0.82 9.25 113.85
C TYR C 294 0.80 10.61 114.53
N ALA C 295 0.33 11.61 113.80
CA ALA C 295 0.28 12.99 114.26
C ALA C 295 -0.92 13.29 115.16
N ASN C 296 -1.81 12.32 115.35
CA ASN C 296 -3.01 12.48 116.15
C ASN C 296 -3.25 11.27 117.04
N ASN C 297 -2.31 11.03 117.94
CA ASN C 297 -2.35 9.97 118.92
C ASN C 297 -3.11 10.53 120.12
N VAL C 298 -4.31 10.03 120.38
CA VAL C 298 -5.15 10.61 121.41
C VAL C 298 -5.20 9.77 122.67
N MET C 299 -4.78 10.37 123.77
CA MET C 299 -4.85 9.65 125.02
C MET C 299 -6.22 9.93 125.58
N SER C 300 -6.87 8.90 126.07
CA SER C 300 -8.17 9.10 126.65
C SER C 300 -8.33 8.19 127.83
N GLY C 301 -9.45 8.32 128.50
CA GLY C 301 -9.71 7.49 129.65
C GLY C 301 -8.90 8.04 130.80
N GLY C 302 -8.97 7.34 131.94
CA GLY C 302 -8.22 7.69 133.14
C GLY C 302 -6.83 7.08 132.99
N THR C 303 -5.97 7.11 134.03
CA THR C 303 -4.54 6.65 134.00
C THR C 303 -3.66 7.56 133.12
N THR C 304 -4.30 8.41 132.34
CA THR C 304 -3.71 9.41 131.47
C THR C 304 -3.24 10.57 132.30
N MET C 305 -3.62 10.49 133.56
CA MET C 305 -3.29 11.44 134.58
C MET C 305 -2.08 10.98 135.41
N TYR C 306 -1.37 9.90 135.00
CA TYR C 306 -0.10 9.55 135.67
C TYR C 306 0.90 10.53 135.06
N PRO C 307 1.69 11.28 135.83
CA PRO C 307 2.66 12.20 135.27
C PRO C 307 3.60 11.48 134.32
N GLY C 308 3.86 12.12 133.18
CA GLY C 308 4.77 11.61 132.17
C GLY C 308 4.12 10.69 131.13
N ILE C 309 2.86 10.28 131.31
CA ILE C 309 2.28 9.35 130.34
C ILE C 309 2.11 9.93 128.95
N ALA C 310 1.74 11.21 128.88
CA ALA C 310 1.56 11.86 127.60
C ALA C 310 2.86 11.96 126.84
N ASP C 311 3.99 12.08 127.56
CA ASP C 311 5.26 12.20 126.89
C ASP C 311 5.87 10.85 126.58
N ARG C 312 5.73 9.87 127.49
CA ARG C 312 6.35 8.59 127.25
C ARG C 312 5.73 7.90 126.06
N MET C 313 4.43 8.06 125.90
CA MET C 313 3.75 7.46 124.76
C MET C 313 4.18 8.07 123.43
N GLN C 314 4.71 9.30 123.42
CA GLN C 314 5.08 9.91 122.16
C GLN C 314 6.46 9.35 121.84
N LYS C 315 7.27 9.20 122.90
CA LYS C 315 8.61 8.65 122.78
C LYS C 315 8.57 7.20 122.29
N GLU C 316 7.67 6.39 122.88
CA GLU C 316 7.56 4.98 122.53
C GLU C 316 7.07 4.78 121.10
N ILE C 317 6.15 5.62 120.62
CA ILE C 317 5.71 5.49 119.23
C ILE C 317 6.79 6.02 118.30
N THR C 318 7.43 7.14 118.63
CA THR C 318 8.47 7.72 117.79
C THR C 318 9.55 6.69 117.52
N ALA C 319 9.90 5.91 118.54
CA ALA C 319 10.91 4.87 118.49
C ALA C 319 10.55 3.70 117.54
N LEU C 320 9.26 3.51 117.27
CA LEU C 320 8.77 2.43 116.41
C LEU C 320 8.43 2.94 115.01
N ALA C 321 8.03 4.20 114.96
CA ALA C 321 7.58 4.88 113.75
C ALA C 321 8.73 5.12 112.76
N PRO C 322 8.45 5.19 111.45
CA PRO C 322 9.37 5.61 110.41
C PRO C 322 9.78 7.05 110.67
N SER C 323 10.95 7.43 110.18
CA SER C 323 11.44 8.80 110.25
C SER C 323 10.61 9.61 109.27
N THR C 324 10.78 10.93 109.26
CA THR C 324 10.00 11.86 108.41
C THR C 324 8.61 12.14 109.00
N MET C 325 7.91 11.09 109.40
CA MET C 325 6.60 11.21 110.00
C MET C 325 6.64 11.94 111.31
N LYS C 326 5.60 12.74 111.55
CA LYS C 326 5.46 13.44 112.81
C LYS C 326 4.60 12.64 113.75
N ILE C 327 5.13 12.38 114.92
CA ILE C 327 4.41 11.65 115.94
C ILE C 327 4.00 12.64 117.01
N LYS C 328 2.72 12.70 117.31
CA LYS C 328 2.26 13.66 118.30
C LYS C 328 1.12 13.19 119.18
N ILE C 329 1.23 13.49 120.49
CA ILE C 329 0.18 13.21 121.45
C ILE C 329 -0.67 14.36 121.92
N ILE C 330 -1.95 14.06 121.90
CA ILE C 330 -3.05 14.88 122.33
C ILE C 330 -3.47 14.40 123.73
N ALA C 331 -3.33 15.27 124.72
CA ALA C 331 -3.61 14.89 126.11
C ALA C 331 -4.11 16.10 126.91
N PRO C 332 -5.36 16.55 126.69
CA PRO C 332 -5.98 17.71 127.28
C PRO C 332 -6.31 17.42 128.73
N PRO C 333 -6.61 18.42 129.57
CA PRO C 333 -7.05 18.30 130.96
C PRO C 333 -8.41 17.60 131.06
N GLU C 334 -9.05 17.48 129.89
CA GLU C 334 -10.33 16.81 129.76
C GLU C 334 -10.06 15.31 129.68
N ARG C 335 -8.93 14.88 130.26
CA ARG C 335 -8.54 13.48 130.29
C ARG C 335 -9.40 12.79 131.35
N LYS C 336 -9.58 11.48 131.20
CA LYS C 336 -10.44 10.66 132.07
C LYS C 336 -11.90 11.11 132.01
N TYR C 337 -12.15 12.41 131.83
CA TYR C 337 -13.54 12.84 131.67
C TYR C 337 -13.95 12.95 130.20
N SER C 338 -13.07 12.58 129.27
CA SER C 338 -13.29 12.74 127.82
C SER C 338 -14.41 11.91 127.25
N VAL C 339 -14.68 10.75 127.82
CA VAL C 339 -15.77 9.94 127.29
C VAL C 339 -17.09 10.59 127.68
N TRP C 340 -17.22 11.06 128.93
CA TRP C 340 -18.43 11.74 129.33
C TRP C 340 -18.63 12.99 128.49
N ILE C 341 -17.56 13.77 128.31
CA ILE C 341 -17.64 15.02 127.55
C ILE C 341 -18.03 14.70 126.13
N GLY C 342 -17.44 13.68 125.53
CA GLY C 342 -17.82 13.30 124.19
C GLY C 342 -19.31 12.98 124.14
N GLY C 343 -19.84 12.38 125.21
CA GLY C 343 -21.25 12.03 125.29
C GLY C 343 -22.10 13.28 125.26
N SER C 344 -21.67 14.29 126.00
CA SER C 344 -22.36 15.58 126.05
C SER C 344 -22.36 16.26 124.71
N ILE C 345 -21.21 16.19 124.03
CA ILE C 345 -21.07 16.80 122.72
C ILE C 345 -21.96 16.10 121.74
N LEU C 346 -21.89 14.77 121.71
CA LEU C 346 -22.61 13.98 120.75
C LEU C 346 -24.11 14.05 120.95
N ALA C 347 -24.58 13.92 122.19
CA ALA C 347 -26.00 13.92 122.51
C ALA C 347 -26.70 15.18 122.01
N SER C 348 -25.99 16.32 122.09
CA SER C 348 -26.48 17.63 121.69
C SER C 348 -26.15 18.07 120.25
N LEU C 349 -25.47 17.25 119.45
CA LEU C 349 -25.17 17.70 118.08
C LEU C 349 -26.40 17.61 117.22
N SER C 350 -26.58 18.57 116.32
CA SER C 350 -27.72 18.50 115.40
C SER C 350 -27.60 17.30 114.46
N THR C 351 -26.36 16.90 114.21
CA THR C 351 -25.99 15.81 113.32
C THR C 351 -26.26 14.45 113.94
N PHE C 352 -26.58 14.47 115.22
CA PHE C 352 -26.87 13.29 116.00
C PHE C 352 -28.34 13.18 116.37
N GLN C 353 -29.20 14.10 115.92
CA GLN C 353 -30.56 14.02 116.47
C GLN C 353 -31.39 12.95 115.81
N GLN C 354 -30.87 12.38 114.74
CA GLN C 354 -31.55 11.32 114.03
C GLN C 354 -31.04 9.96 114.49
N MET C 355 -30.04 9.95 115.39
CA MET C 355 -29.45 8.69 115.85
C MET C 355 -30.11 8.09 117.07
N TRP C 356 -31.01 8.83 117.69
CA TRP C 356 -31.69 8.39 118.91
C TRP C 356 -32.79 7.36 118.63
N ILE C 357 -32.86 6.33 119.48
CA ILE C 357 -33.92 5.31 119.41
C ILE C 357 -35.06 5.87 120.21
N THR C 358 -36.25 5.98 119.65
CA THR C 358 -37.31 6.53 120.48
C THR C 358 -38.04 5.40 121.21
N LYS C 359 -38.82 5.72 122.25
CA LYS C 359 -39.55 4.64 122.91
C LYS C 359 -40.88 4.37 122.20
N GLN C 360 -40.74 3.95 120.97
CA GLN C 360 -41.76 3.49 120.07
C GLN C 360 -41.10 2.35 119.35
N GLU C 361 -40.00 2.70 118.68
CA GLU C 361 -39.20 1.77 117.90
C GLU C 361 -38.70 0.69 118.84
N TYR C 362 -38.34 1.11 120.04
CA TYR C 362 -37.88 0.22 121.08
C TYR C 362 -38.85 -0.87 121.41
N ASP C 363 -40.14 -0.56 121.55
CA ASP C 363 -41.05 -1.60 121.99
C ASP C 363 -41.44 -2.47 120.83
N GLU C 364 -41.48 -1.88 119.64
CA GLU C 364 -41.82 -2.67 118.46
C GLU C 364 -40.74 -3.72 118.19
N ALA C 365 -39.47 -3.33 118.37
CA ALA C 365 -38.31 -4.18 118.12
C ALA C 365 -37.72 -4.91 119.34
N GLY C 366 -37.87 -4.35 120.53
CA GLY C 366 -37.24 -4.89 121.73
C GLY C 366 -35.82 -4.29 121.81
N PRO C 367 -35.06 -4.55 122.88
CA PRO C 367 -33.74 -3.99 123.17
C PRO C 367 -32.66 -4.35 122.17
N SER C 368 -32.88 -5.39 121.37
CA SER C 368 -31.92 -5.83 120.36
C SER C 368 -31.78 -4.77 119.26
N ILE C 369 -32.71 -3.81 119.27
CA ILE C 369 -32.74 -2.67 118.37
C ILE C 369 -31.45 -1.86 118.44
N VAL C 370 -30.78 -1.91 119.58
CA VAL C 370 -29.56 -1.16 119.77
C VAL C 370 -28.48 -1.57 118.75
N HIS C 371 -28.55 -2.81 118.24
CA HIS C 371 -27.55 -3.31 117.32
C HIS C 371 -27.81 -2.83 115.90
N ARG C 372 -28.99 -2.26 115.66
CA ARG C 372 -29.35 -1.75 114.35
C ARG C 372 -29.32 -0.22 114.34
N LYS C 373 -29.74 0.40 115.44
CA LYS C 373 -29.83 1.84 115.54
C LYS C 373 -28.63 2.55 116.15
N CYS C 374 -27.84 1.90 117.01
CA CYS C 374 -26.75 2.62 117.65
C CYS C 374 -25.38 2.28 117.11
N PHE C 375 -25.05 0.98 117.18
CA PHE C 375 -23.74 0.46 116.79
C PHE C 375 -23.71 -1.06 116.95
N ASP D 1 15.62 -44.46 106.90
CA ASP D 1 14.77 -45.64 106.86
C ASP D 1 14.35 -45.94 105.44
N GLU D 2 14.69 -45.01 104.55
CA GLU D 2 14.40 -45.10 103.13
C GLU D 2 15.46 -45.97 102.45
N ASP D 3 15.09 -46.66 101.38
CA ASP D 3 16.01 -47.48 100.60
C ASP D 3 16.51 -46.82 99.31
N GLU D 4 16.25 -45.53 99.18
CA GLU D 4 16.65 -44.73 98.02
C GLU D 4 16.85 -43.27 98.45
N THR D 5 17.65 -42.53 97.72
CA THR D 5 17.86 -41.10 98.01
C THR D 5 16.74 -40.27 97.41
N THR D 6 15.53 -40.53 97.88
CA THR D 6 14.33 -39.85 97.44
C THR D 6 14.38 -38.41 97.93
N ALA D 7 13.84 -37.49 97.16
CA ALA D 7 13.83 -36.10 97.58
C ALA D 7 12.98 -35.89 98.80
N LEU D 8 13.33 -34.92 99.60
CA LEU D 8 12.52 -34.60 100.76
C LEU D 8 11.59 -33.52 100.28
N VAL D 9 10.35 -33.54 100.74
CA VAL D 9 9.41 -32.51 100.32
C VAL D 9 8.75 -31.77 101.48
N CYS D 10 8.79 -30.43 101.45
CA CYS D 10 8.12 -29.65 102.50
C CYS D 10 7.33 -28.46 101.94
N ASP D 11 6.12 -28.29 102.45
CA ASP D 11 5.25 -27.17 102.04
C ASP D 11 5.05 -26.28 103.26
N ASN D 12 5.78 -25.16 103.29
CA ASN D 12 5.88 -24.29 104.46
C ASN D 12 5.09 -22.98 104.43
N GLY D 13 3.99 -22.88 105.19
CA GLY D 13 3.24 -21.63 105.17
C GLY D 13 3.20 -20.91 106.53
N SER D 14 2.36 -19.87 106.61
CA SER D 14 2.14 -19.05 107.81
C SER D 14 1.26 -19.77 108.84
N GLY D 15 0.69 -20.87 108.39
CA GLY D 15 -0.16 -21.74 109.17
C GLY D 15 0.67 -22.92 109.64
N LEU D 16 0.68 -23.97 108.82
CA LEU D 16 1.36 -25.22 109.11
C LEU D 16 2.37 -25.66 108.05
N VAL D 17 3.29 -26.50 108.48
CA VAL D 17 4.28 -27.14 107.63
C VAL D 17 4.00 -28.61 107.45
N LYS D 18 3.82 -28.99 106.20
CA LYS D 18 3.60 -30.40 105.90
C LYS D 18 4.88 -30.95 105.30
N ALA D 19 5.34 -32.08 105.85
CA ALA D 19 6.59 -32.65 105.36
C ALA D 19 6.58 -34.16 105.27
N GLY D 20 7.31 -34.67 104.30
CA GLY D 20 7.47 -36.10 104.07
C GLY D 20 8.47 -36.32 102.95
N PHE D 21 8.38 -37.46 102.30
CA PHE D 21 9.32 -37.84 101.26
C PHE D 21 8.67 -37.96 99.90
N ALA D 22 9.45 -37.66 98.87
CA ALA D 22 8.97 -37.81 97.51
C ALA D 22 8.61 -39.24 97.23
N GLY D 23 7.52 -39.41 96.50
CA GLY D 23 7.02 -40.72 96.16
C GLY D 23 5.90 -41.15 97.11
N ASP D 24 5.69 -40.42 98.22
CA ASP D 24 4.61 -40.80 99.12
C ASP D 24 3.35 -40.01 98.73
N ASP D 25 2.22 -40.20 99.41
CA ASP D 25 0.99 -39.46 99.03
C ASP D 25 0.42 -38.64 100.19
N ALA D 26 1.23 -38.45 101.20
CA ALA D 26 0.86 -37.71 102.38
C ALA D 26 2.16 -37.35 103.08
N PRO D 27 2.20 -36.30 103.87
CA PRO D 27 3.34 -35.94 104.67
C PRO D 27 3.51 -36.97 105.78
N ARG D 28 4.74 -37.11 106.24
CA ARG D 28 5.06 -38.03 107.32
C ARG D 28 4.71 -37.36 108.65
N ALA D 29 4.78 -36.04 108.66
CA ALA D 29 4.47 -35.27 109.84
C ALA D 29 3.98 -33.88 109.46
N VAL D 30 3.13 -33.33 110.31
CA VAL D 30 2.67 -31.97 110.15
C VAL D 30 2.95 -31.22 111.42
N PHE D 31 3.49 -30.04 111.27
CA PHE D 31 3.84 -29.21 112.39
C PHE D 31 3.20 -27.87 112.16
N PRO D 32 2.85 -27.10 113.15
CA PRO D 32 2.49 -25.72 112.96
C PRO D 32 3.80 -25.06 112.59
N SER D 33 3.81 -23.97 111.80
CA SER D 33 5.08 -23.31 111.47
C SER D 33 5.47 -22.39 112.62
N ILE D 34 5.65 -23.00 113.77
CA ILE D 34 5.87 -22.30 115.01
C ILE D 34 7.05 -22.68 115.87
N VAL D 35 7.67 -21.62 116.38
CA VAL D 35 8.68 -21.76 117.40
C VAL D 35 8.11 -21.04 118.64
N GLY D 36 7.97 -21.79 119.72
CA GLY D 36 7.35 -21.29 120.92
C GLY D 36 8.37 -20.86 121.92
N ARG D 37 8.04 -19.85 122.72
CA ARG D 37 8.92 -19.34 123.77
C ARG D 37 8.15 -19.09 125.07
N PRO D 38 8.74 -19.47 126.21
CA PRO D 38 8.07 -19.28 127.49
C PRO D 38 7.89 -17.80 127.78
N ARG D 39 6.70 -17.47 128.29
CA ARG D 39 6.38 -16.10 128.64
C ARG D 39 6.27 -15.89 130.16
N HIS D 40 6.68 -16.91 130.90
CA HIS D 40 6.61 -16.90 132.36
C HIS D 40 7.98 -17.17 132.97
N GLN D 41 8.16 -16.70 134.19
CA GLN D 41 9.38 -16.93 134.95
C GLN D 41 9.35 -18.27 135.66
N GLY D 42 10.38 -19.09 135.43
CA GLY D 42 10.46 -20.39 136.07
C GLY D 42 10.61 -20.21 137.56
N VAL D 43 9.96 -21.06 138.34
CA VAL D 43 10.02 -20.99 139.79
C VAL D 43 10.71 -22.25 140.38
N MET D 44 10.41 -23.43 139.82
CA MET D 44 10.93 -24.71 140.30
C MET D 44 12.20 -25.04 139.50
N VAL D 45 13.05 -25.95 139.99
CA VAL D 45 14.25 -26.32 139.21
C VAL D 45 14.27 -27.82 138.92
N GLY D 46 15.03 -28.22 137.89
CA GLY D 46 15.09 -29.65 137.56
C GLY D 46 13.80 -30.05 136.84
N MET D 47 13.23 -29.08 136.12
CA MET D 47 11.97 -29.20 135.42
C MET D 47 12.17 -29.38 133.93
N GLY D 48 13.40 -29.61 133.50
CA GLY D 48 13.67 -29.60 132.07
C GLY D 48 13.44 -28.16 131.67
N GLN D 49 12.59 -27.94 130.66
CA GLN D 49 12.22 -26.62 130.14
C GLN D 49 13.23 -26.05 129.16
N LYS D 50 12.73 -25.79 127.96
CA LYS D 50 13.54 -25.34 126.85
C LYS D 50 13.54 -23.83 126.70
N ASP D 51 14.53 -23.30 125.99
CA ASP D 51 14.59 -21.87 125.69
C ASP D 51 13.57 -21.56 124.62
N SER D 52 13.40 -22.54 123.75
CA SER D 52 12.49 -22.50 122.64
C SER D 52 11.99 -23.91 122.33
N TYR D 53 10.76 -23.96 121.83
CA TYR D 53 10.10 -25.21 121.47
C TYR D 53 9.77 -25.20 120.00
N VAL D 54 9.86 -26.32 119.32
CA VAL D 54 9.54 -26.26 117.89
C VAL D 54 8.44 -27.19 117.38
N GLY D 55 7.57 -26.65 116.55
CA GLY D 55 6.51 -27.45 115.94
C GLY D 55 5.55 -27.96 116.97
N ASP D 56 5.40 -29.27 117.04
CA ASP D 56 4.50 -29.89 117.97
C ASP D 56 4.95 -29.73 119.41
N GLU D 57 6.24 -29.44 119.63
CA GLU D 57 6.70 -29.22 121.01
C GLU D 57 6.09 -27.91 121.49
N ALA D 58 6.05 -26.94 120.58
CA ALA D 58 5.55 -25.61 120.85
C ALA D 58 4.06 -25.65 121.10
N GLN D 59 3.38 -26.53 120.38
CA GLN D 59 1.96 -26.64 120.59
C GLN D 59 1.65 -27.41 121.87
N SER D 60 2.36 -28.50 122.16
CA SER D 60 2.06 -29.29 123.36
C SER D 60 2.28 -28.52 124.66
N LYS D 61 3.26 -27.63 124.67
CA LYS D 61 3.60 -26.83 125.85
C LYS D 61 3.05 -25.40 125.80
N ARG D 62 2.15 -25.12 124.83
CA ARG D 62 1.62 -23.78 124.53
C ARG D 62 0.95 -23.05 125.67
N GLY D 63 0.51 -23.75 126.72
CA GLY D 63 -0.19 -23.08 127.82
C GLY D 63 0.62 -21.92 128.41
N ILE D 64 1.96 -22.00 128.35
CA ILE D 64 2.82 -20.95 128.86
C ILE D 64 3.76 -20.34 127.82
N LEU D 65 3.49 -20.58 126.54
CA LEU D 65 4.40 -20.08 125.51
C LEU D 65 3.74 -19.04 124.64
N THR D 66 4.54 -18.13 124.14
CA THR D 66 4.03 -17.22 123.13
C THR D 66 4.42 -17.93 121.86
N LEU D 67 3.51 -18.03 120.90
CA LEU D 67 3.87 -18.77 119.69
C LEU D 67 3.97 -17.89 118.46
N LYS D 68 5.16 -17.88 117.87
CA LYS D 68 5.40 -17.06 116.71
C LYS D 68 5.70 -17.92 115.49
N TYR D 69 5.27 -17.44 114.33
CA TYR D 69 5.58 -18.13 113.09
C TYR D 69 6.49 -17.22 112.24
N PRO D 70 7.43 -17.80 111.47
CA PRO D 70 8.38 -17.13 110.57
C PRO D 70 7.87 -16.68 109.22
N ILE D 71 6.65 -17.08 108.85
CA ILE D 71 6.12 -16.81 107.51
C ILE D 71 4.92 -15.87 107.51
N GLU D 72 5.04 -14.78 106.78
CA GLU D 72 3.95 -13.80 106.72
C GLU D 72 3.45 -13.60 105.31
N HIS D 73 2.18 -13.92 105.10
CA HIS D 73 1.53 -13.80 103.81
C HIS D 73 2.33 -14.49 102.71
N GLY D 74 2.83 -15.68 103.05
CA GLY D 74 3.59 -16.52 102.13
C GLY D 74 5.12 -16.38 102.16
N ILE D 75 5.69 -15.37 102.82
CA ILE D 75 7.16 -15.23 102.82
C ILE D 75 7.86 -15.43 104.16
N ILE D 76 8.94 -16.20 104.12
CA ILE D 76 9.73 -16.42 105.31
C ILE D 76 10.56 -15.18 105.56
N THR D 77 10.40 -14.61 106.74
CA THR D 77 11.17 -13.44 107.12
C THR D 77 12.11 -13.84 108.24
N ASN D 78 11.77 -14.93 108.94
CA ASN D 78 12.61 -15.40 110.03
C ASN D 78 13.19 -16.77 109.68
N TRP D 79 14.36 -16.76 109.05
CA TRP D 79 14.96 -17.99 108.58
C TRP D 79 15.42 -18.85 109.74
N ASP D 80 15.74 -18.23 110.89
CA ASP D 80 16.25 -18.98 112.02
C ASP D 80 15.16 -19.90 112.54
N ASP D 81 13.93 -19.39 112.59
CA ASP D 81 12.87 -20.24 113.06
C ASP D 81 12.59 -21.33 112.02
N MET D 82 12.69 -21.02 110.71
CA MET D 82 12.49 -22.12 109.76
C MET D 82 13.59 -23.16 109.80
N GLU D 83 14.81 -22.74 110.12
CA GLU D 83 15.92 -23.68 110.22
C GLU D 83 15.64 -24.67 111.35
N LYS D 84 15.09 -24.17 112.46
CA LYS D 84 14.76 -25.01 113.61
C LYS D 84 13.61 -25.96 113.27
N ILE D 85 12.62 -25.44 112.54
CA ILE D 85 11.47 -26.24 112.13
C ILE D 85 11.93 -27.36 111.22
N TRP D 86 12.76 -27.03 110.24
CA TRP D 86 13.29 -28.02 109.33
C TRP D 86 14.20 -29.02 110.01
N HIS D 87 15.02 -28.59 110.95
CA HIS D 87 15.89 -29.55 111.60
C HIS D 87 15.02 -30.58 112.32
N HIS D 88 14.01 -30.10 113.05
CA HIS D 88 13.12 -31.00 113.76
C HIS D 88 12.35 -31.89 112.78
N THR D 89 11.80 -31.28 111.75
CA THR D 89 11.03 -32.00 110.76
C THR D 89 11.82 -33.11 110.14
N PHE D 90 13.02 -32.79 109.67
CA PHE D 90 13.81 -33.75 108.96
C PHE D 90 14.44 -34.79 109.86
N TYR D 91 15.13 -34.37 110.91
CA TYR D 91 15.86 -35.32 111.72
C TYR D 91 15.05 -36.07 112.76
N ASN D 92 14.00 -35.48 113.33
CA ASN D 92 13.28 -36.19 114.37
C ASN D 92 12.06 -36.96 113.85
N GLU D 93 11.28 -36.35 112.96
CA GLU D 93 10.06 -37.06 112.52
C GLU D 93 10.21 -37.79 111.21
N LEU D 94 10.89 -37.18 110.23
CA LEU D 94 11.08 -37.87 108.96
C LEU D 94 12.27 -38.82 109.09
N ARG D 95 13.07 -38.61 110.15
CA ARG D 95 14.26 -39.39 110.48
C ARG D 95 15.29 -39.42 109.36
N VAL D 96 15.51 -38.26 108.76
CA VAL D 96 16.45 -38.12 107.67
C VAL D 96 17.38 -36.92 107.77
N ALA D 97 18.62 -37.13 107.38
CA ALA D 97 19.56 -36.04 107.26
C ALA D 97 19.58 -35.61 105.78
N PRO D 98 19.19 -34.36 105.42
CA PRO D 98 19.12 -33.84 104.05
C PRO D 98 20.43 -33.95 103.30
N GLU D 99 21.54 -34.12 104.00
CA GLU D 99 22.83 -34.25 103.34
C GLU D 99 22.79 -35.37 102.29
N GLU D 100 22.03 -36.44 102.54
CA GLU D 100 21.97 -37.54 101.58
C GLU D 100 20.70 -37.54 100.69
N HIS D 101 19.87 -36.50 100.79
CA HIS D 101 18.61 -36.41 100.04
C HIS D 101 18.35 -35.00 99.47
N PRO D 102 18.02 -34.83 98.19
CA PRO D 102 17.75 -33.54 97.55
C PRO D 102 16.45 -33.00 98.15
N THR D 103 16.24 -31.68 98.20
CA THR D 103 14.99 -31.17 98.81
C THR D 103 14.16 -30.21 97.96
N LEU D 104 12.85 -30.47 97.95
CA LEU D 104 11.89 -29.65 97.24
C LEU D 104 11.04 -28.83 98.22
N LEU D 105 11.13 -27.52 98.07
CA LEU D 105 10.40 -26.53 98.85
C LEU D 105 9.45 -25.84 97.90
N THR D 106 8.47 -25.10 98.40
CA THR D 106 7.50 -24.47 97.52
C THR D 106 7.29 -22.97 97.81
N GLU D 107 6.81 -22.23 96.79
CA GLU D 107 6.33 -20.85 96.99
C GLU D 107 5.28 -20.46 95.94
N ALA D 108 4.46 -19.47 96.25
CA ALA D 108 3.50 -18.93 95.29
C ALA D 108 4.25 -18.23 94.13
N PRO D 109 3.74 -18.23 92.89
CA PRO D 109 4.32 -17.58 91.71
C PRO D 109 4.76 -16.10 91.84
N LEU D 110 4.07 -15.28 92.64
CA LEU D 110 4.45 -13.87 92.78
C LEU D 110 5.01 -13.56 94.17
N ASN D 111 5.41 -14.60 94.89
CA ASN D 111 5.99 -14.50 96.23
C ASN D 111 7.29 -13.69 96.06
N PRO D 112 7.63 -12.74 96.95
CA PRO D 112 8.86 -11.97 96.85
C PRO D 112 10.05 -12.93 96.75
N LYS D 113 11.02 -12.53 95.93
CA LYS D 113 12.21 -13.32 95.57
C LYS D 113 13.06 -13.79 96.73
N ALA D 114 13.09 -13.02 97.80
CA ALA D 114 13.88 -13.39 98.95
C ALA D 114 13.45 -14.75 99.52
N ASN D 115 12.18 -15.15 99.34
CA ASN D 115 11.73 -16.41 99.92
C ASN D 115 12.49 -17.58 99.27
N ARG D 116 12.28 -17.80 97.98
CA ARG D 116 12.99 -18.87 97.27
C ARG D 116 14.52 -18.79 97.38
N GLU D 117 15.08 -17.58 97.51
CA GLU D 117 16.52 -17.41 97.59
C GLU D 117 17.05 -17.80 98.95
N LYS D 118 16.36 -17.39 100.02
CA LYS D 118 16.79 -17.75 101.35
C LYS D 118 16.56 -19.23 101.61
N MET D 119 15.45 -19.79 101.09
CA MET D 119 15.21 -21.19 101.35
C MET D 119 16.31 -22.05 100.73
N THR D 120 16.74 -21.66 99.52
CA THR D 120 17.79 -22.34 98.80
C THR D 120 19.09 -22.21 99.58
N GLN D 121 19.39 -21.01 100.09
CA GLN D 121 20.62 -20.83 100.84
C GLN D 121 20.67 -21.66 102.11
N ILE D 122 19.57 -21.73 102.86
CA ILE D 122 19.63 -22.47 104.10
C ILE D 122 19.73 -23.96 103.84
N MET D 123 18.97 -24.50 102.90
CA MET D 123 19.11 -25.92 102.73
C MET D 123 20.51 -26.31 102.22
N PHE D 124 21.15 -25.47 101.39
CA PHE D 124 22.50 -25.80 100.96
C PHE D 124 23.59 -25.51 102.00
N GLU D 125 23.46 -24.43 102.78
CA GLU D 125 24.53 -24.10 103.72
C GLU D 125 24.36 -24.62 105.15
N THR D 126 23.13 -24.84 105.66
CA THR D 126 23.06 -25.30 107.05
C THR D 126 22.72 -26.80 107.07
N PHE D 127 22.08 -27.28 106.00
CA PHE D 127 21.72 -28.72 105.92
C PHE D 127 22.58 -29.53 104.94
N ASN D 128 23.37 -28.85 104.11
CA ASN D 128 24.24 -29.47 103.11
C ASN D 128 23.49 -30.39 102.16
N VAL D 129 22.30 -29.98 101.74
CA VAL D 129 21.47 -30.79 100.87
C VAL D 129 22.20 -30.92 99.51
N PRO D 130 22.26 -32.11 98.86
CA PRO D 130 22.95 -32.30 97.60
C PRO D 130 22.33 -31.53 96.43
N ALA D 131 21.04 -31.18 96.55
CA ALA D 131 20.36 -30.42 95.51
C ALA D 131 19.11 -29.72 96.04
N MET D 132 18.70 -28.68 95.32
CA MET D 132 17.48 -27.94 95.64
C MET D 132 16.58 -27.58 94.51
N TYR D 133 15.29 -27.47 94.80
CA TYR D 133 14.31 -27.07 93.80
C TYR D 133 13.07 -26.41 94.44
N VAL D 134 12.84 -25.12 94.17
CA VAL D 134 11.70 -24.46 94.74
C VAL D 134 10.60 -24.51 93.71
N ALA D 135 9.52 -25.15 94.07
CA ALA D 135 8.39 -25.41 93.23
C ALA D 135 7.32 -24.35 93.29
N ILE D 136 6.51 -24.35 92.26
CA ILE D 136 5.37 -23.46 92.17
C ILE D 136 4.20 -24.17 92.83
N GLN D 137 3.58 -23.54 93.83
CA GLN D 137 2.48 -24.20 94.53
C GLN D 137 1.31 -24.53 93.59
N ALA D 138 1.08 -23.69 92.59
CA ALA D 138 0.05 -23.90 91.58
C ALA D 138 0.31 -25.15 90.72
N VAL D 139 1.57 -25.45 90.45
CA VAL D 139 1.94 -26.63 89.68
C VAL D 139 1.67 -27.86 90.46
N LEU D 140 2.03 -27.78 91.72
CA LEU D 140 1.87 -28.91 92.58
C LEU D 140 0.37 -29.18 92.78
N SER D 141 -0.41 -28.11 92.87
CA SER D 141 -1.86 -28.23 93.05
C SER D 141 -2.48 -28.89 91.83
N LEU D 142 -2.02 -28.51 90.64
CA LEU D 142 -2.55 -29.12 89.43
C LEU D 142 -2.18 -30.59 89.32
N TYR D 143 -0.97 -30.98 89.71
CA TYR D 143 -0.70 -32.41 89.59
C TYR D 143 -1.54 -33.21 90.55
N ALA D 144 -1.61 -32.76 91.79
CA ALA D 144 -2.31 -33.48 92.85
C ALA D 144 -3.80 -33.58 92.56
N SER D 145 -4.36 -32.55 91.92
CA SER D 145 -5.77 -32.47 91.60
C SER D 145 -6.14 -33.09 90.25
N GLY D 146 -5.16 -33.60 89.49
CA GLY D 146 -5.45 -34.18 88.18
C GLY D 146 -5.73 -33.20 87.02
N ARG D 147 -5.08 -32.02 87.01
CA ARG D 147 -5.29 -31.01 85.96
C ARG D 147 -3.99 -30.43 85.38
N THR D 148 -4.07 -29.82 84.17
CA THR D 148 -2.92 -29.12 83.56
C THR D 148 -3.38 -27.72 83.32
N THR D 149 -4.67 -27.63 83.34
CA THR D 149 -5.36 -26.40 83.02
C THR D 149 -6.38 -26.08 84.07
N GLY D 150 -6.37 -24.84 84.53
CA GLY D 150 -7.34 -24.39 85.48
C GLY D 150 -6.86 -23.23 86.33
N ILE D 151 -7.72 -22.82 87.25
CA ILE D 151 -7.37 -21.71 88.14
C ILE D 151 -7.03 -22.29 89.47
N VAL D 152 -5.82 -22.04 89.97
CA VAL D 152 -5.55 -22.61 91.27
C VAL D 152 -5.99 -21.69 92.36
N LEU D 153 -6.93 -22.19 93.16
CA LEU D 153 -7.52 -21.49 94.26
C LEU D 153 -7.01 -22.13 95.54
N ASP D 154 -5.88 -21.64 96.03
CA ASP D 154 -5.24 -22.18 97.21
C ASP D 154 -5.80 -21.60 98.50
N SER D 155 -6.27 -20.35 98.43
CA SER D 155 -6.89 -19.67 99.57
C SER D 155 -6.30 -20.13 100.91
N GLY D 156 -5.00 -19.92 101.12
CA GLY D 156 -4.32 -20.56 102.24
C GLY D 156 -4.34 -19.67 103.46
N ASP D 157 -3.41 -19.93 104.40
CA ASP D 157 -3.30 -19.18 105.65
C ASP D 157 -2.74 -17.77 105.41
N GLY D 158 -1.81 -17.69 104.44
CA GLY D 158 -1.09 -16.47 104.07
C GLY D 158 -1.86 -15.62 103.07
N VAL D 159 -1.92 -16.08 101.81
CA VAL D 159 -2.61 -15.38 100.73
C VAL D 159 -3.49 -16.33 99.89
N THR D 160 -4.38 -15.73 99.11
CA THR D 160 -5.11 -16.45 98.06
C THR D 160 -4.36 -16.04 96.81
N HIS D 161 -3.87 -16.98 96.01
CA HIS D 161 -3.07 -16.53 94.89
C HIS D 161 -3.86 -16.37 93.59
N ASN D 162 -4.91 -17.19 93.40
CA ASN D 162 -5.75 -17.11 92.19
C ASN D 162 -4.98 -17.16 90.87
N VAL D 163 -4.24 -18.24 90.63
CA VAL D 163 -3.42 -18.26 89.42
C VAL D 163 -3.83 -19.22 88.30
N PRO D 164 -4.15 -18.70 87.10
CA PRO D 164 -4.49 -19.46 85.92
C PRO D 164 -3.26 -20.06 85.27
N ILE D 165 -3.40 -21.32 84.87
CA ILE D 165 -2.43 -22.12 84.11
C ILE D 165 -3.14 -22.80 82.94
N TYR D 166 -2.56 -22.76 81.74
CA TYR D 166 -3.16 -23.45 80.58
C TYR D 166 -2.15 -24.36 79.92
N GLU D 167 -2.50 -25.64 79.73
CA GLU D 167 -1.58 -26.63 79.14
C GLU D 167 -0.25 -26.70 79.89
N GLY D 168 -0.27 -26.50 81.19
CA GLY D 168 0.96 -26.52 81.95
C GLY D 168 1.80 -25.24 81.85
N TYR D 169 1.24 -24.13 81.33
CA TYR D 169 1.97 -22.84 81.18
C TYR D 169 1.36 -21.77 82.05
N ALA D 170 2.20 -20.89 82.56
CA ALA D 170 1.67 -19.79 83.37
C ALA D 170 1.03 -18.75 82.51
N LEU D 171 0.00 -18.12 83.05
CA LEU D 171 -0.63 -16.99 82.41
C LEU D 171 -0.54 -15.85 83.44
N PRO D 172 0.68 -15.35 83.76
CA PRO D 172 1.00 -14.51 84.90
C PRO D 172 0.34 -13.16 84.93
N HIS D 173 -0.06 -12.66 83.77
CA HIS D 173 -0.67 -11.35 83.72
C HIS D 173 -2.06 -11.38 84.35
N ALA D 174 -2.62 -12.58 84.47
CA ALA D 174 -3.95 -12.80 84.98
C ALA D 174 -3.95 -13.32 86.42
N ILE D 175 -2.80 -13.31 87.10
CA ILE D 175 -2.81 -13.77 88.48
C ILE D 175 -3.37 -12.66 89.34
N MET D 176 -4.37 -12.98 90.14
CA MET D 176 -4.97 -11.96 90.99
C MET D 176 -4.54 -12.19 92.43
N ARG D 177 -3.29 -11.87 92.79
CA ARG D 177 -2.89 -12.21 94.14
C ARG D 177 -3.76 -11.38 95.08
N LEU D 178 -4.34 -12.04 96.08
CA LEU D 178 -5.24 -11.37 96.99
C LEU D 178 -4.92 -11.51 98.48
N ASP D 179 -4.89 -10.37 99.17
CA ASP D 179 -4.61 -10.35 100.61
C ASP D 179 -5.87 -10.63 101.44
N LEU D 180 -6.32 -11.87 101.30
CA LEU D 180 -7.47 -12.46 101.94
C LEU D 180 -7.12 -13.89 102.28
N ALA D 181 -7.02 -14.21 103.58
CA ALA D 181 -6.54 -15.54 103.93
C ALA D 181 -7.04 -16.12 105.25
N GLY D 182 -6.71 -17.38 105.48
CA GLY D 182 -7.10 -18.15 106.66
C GLY D 182 -6.70 -17.48 107.97
N ARG D 183 -5.57 -16.77 108.00
CA ARG D 183 -5.15 -16.10 109.22
C ARG D 183 -6.05 -14.88 109.52
N ASP D 184 -6.70 -14.32 108.49
CA ASP D 184 -7.55 -13.14 108.67
C ASP D 184 -8.89 -13.64 109.14
N LEU D 185 -9.25 -14.84 108.70
CA LEU D 185 -10.48 -15.46 109.12
C LEU D 185 -10.39 -15.79 110.61
N THR D 186 -9.21 -16.26 111.08
CA THR D 186 -9.05 -16.55 112.50
C THR D 186 -9.23 -15.25 113.30
N ASP D 187 -8.63 -14.15 112.83
CA ASP D 187 -8.75 -12.86 113.50
C ASP D 187 -10.19 -12.34 113.49
N TYR D 188 -10.88 -12.47 112.36
CA TYR D 188 -12.25 -12.00 112.28
C TYR D 188 -13.13 -12.79 113.23
N LEU D 189 -12.96 -14.12 113.26
CA LEU D 189 -13.81 -14.94 114.10
C LEU D 189 -13.64 -14.53 115.55
N MET D 190 -12.41 -14.30 116.02
CA MET D 190 -12.30 -13.92 117.43
C MET D 190 -12.95 -12.58 117.74
N LYS D 191 -13.02 -11.65 116.77
CA LYS D 191 -13.68 -10.39 117.08
C LYS D 191 -15.18 -10.61 117.24
N ILE D 192 -15.76 -11.45 116.39
CA ILE D 192 -17.20 -11.73 116.51
C ILE D 192 -17.49 -12.69 117.70
N LEU D 193 -16.51 -13.50 118.11
CA LEU D 193 -16.72 -14.33 119.29
C LEU D 193 -16.65 -13.46 120.55
N THR D 194 -15.91 -12.33 120.46
CA THR D 194 -15.84 -11.34 121.54
C THR D 194 -17.23 -10.72 121.69
N GLU D 195 -17.91 -10.46 120.57
CA GLU D 195 -19.26 -9.89 120.58
C GLU D 195 -20.22 -10.80 121.37
N ARG D 196 -19.99 -12.12 121.29
CA ARG D 196 -20.80 -13.14 122.01
C ARG D 196 -20.43 -13.28 123.50
N GLY D 197 -19.38 -12.59 123.95
CA GLY D 197 -18.93 -12.66 125.33
C GLY D 197 -17.70 -13.53 125.61
N TYR D 198 -17.05 -14.07 124.59
CA TYR D 198 -15.87 -14.90 124.82
C TYR D 198 -14.61 -14.21 124.32
N SER D 199 -13.73 -13.84 125.24
CA SER D 199 -12.52 -13.12 124.88
C SER D 199 -11.40 -14.06 124.48
N PHE D 200 -10.82 -13.81 123.31
CA PHE D 200 -9.68 -14.59 122.82
C PHE D 200 -8.54 -13.64 122.41
N VAL D 201 -7.61 -13.36 123.32
CA VAL D 201 -6.54 -12.38 123.07
C VAL D 201 -5.10 -12.89 123.21
N THR D 202 -4.90 -14.08 123.79
CA THR D 202 -3.55 -14.64 124.00
C THR D 202 -3.23 -15.64 122.91
N THR D 203 -2.00 -16.13 122.83
CA THR D 203 -1.69 -17.13 121.82
C THR D 203 -2.50 -18.40 121.93
N ALA D 204 -2.61 -18.93 123.14
CA ALA D 204 -3.36 -20.15 123.29
C ALA D 204 -4.78 -19.92 122.78
N GLU D 205 -5.33 -18.77 123.09
CA GLU D 205 -6.68 -18.45 122.67
C GLU D 205 -6.77 -18.30 121.15
N ARG D 206 -5.74 -17.73 120.54
CA ARG D 206 -5.71 -17.55 119.09
C ARG D 206 -5.74 -18.89 118.36
N GLU D 207 -4.93 -19.85 118.85
CA GLU D 207 -4.87 -21.16 118.24
C GLU D 207 -6.19 -21.91 118.47
N ILE D 208 -6.84 -21.68 119.60
CA ILE D 208 -8.15 -22.27 119.85
C ILE D 208 -9.15 -21.73 118.85
N VAL D 209 -9.14 -20.43 118.58
CA VAL D 209 -10.06 -19.86 117.60
C VAL D 209 -9.83 -20.49 116.24
N ARG D 210 -8.57 -20.76 115.91
CA ARG D 210 -8.23 -21.39 114.64
C ARG D 210 -8.84 -22.78 114.59
N ASP D 211 -8.78 -23.50 115.72
CA ASP D 211 -9.33 -24.84 115.80
C ASP D 211 -10.88 -24.80 115.73
N ILE D 212 -11.50 -23.77 116.33
CA ILE D 212 -12.94 -23.61 116.29
C ILE D 212 -13.37 -23.42 114.86
N LYS D 213 -12.69 -22.52 114.16
CA LYS D 213 -12.99 -22.21 112.79
C LYS D 213 -12.98 -23.46 111.92
N GLU D 214 -11.91 -24.24 112.05
CA GLU D 214 -11.71 -25.43 111.24
C GLU D 214 -12.79 -26.49 111.41
N LYS D 215 -13.31 -26.63 112.63
CA LYS D 215 -14.32 -27.64 112.91
C LYS D 215 -15.79 -27.16 112.84
N LEU D 216 -16.07 -25.91 113.18
CA LEU D 216 -17.46 -25.44 113.23
C LEU D 216 -17.93 -24.57 112.09
N CYS D 217 -17.04 -23.87 111.39
CA CYS D 217 -17.47 -22.90 110.40
C CYS D 217 -17.72 -23.42 108.99
N TYR D 218 -18.58 -22.70 108.28
CA TYR D 218 -18.97 -23.01 106.90
C TYR D 218 -19.40 -21.79 106.10
N VAL D 219 -19.50 -21.93 104.78
CA VAL D 219 -19.98 -20.78 103.98
C VAL D 219 -21.44 -20.95 103.54
N ALA D 220 -21.85 -22.19 103.22
CA ALA D 220 -23.18 -22.46 102.68
C ALA D 220 -23.37 -21.73 101.36
N LEU D 221 -24.57 -21.80 100.79
CA LEU D 221 -24.81 -21.16 99.50
C LEU D 221 -25.57 -19.83 99.55
N ASP D 222 -26.26 -19.53 100.64
CA ASP D 222 -27.04 -18.30 100.71
C ASP D 222 -26.90 -17.66 102.09
N PHE D 223 -26.02 -16.66 102.16
CA PHE D 223 -25.66 -16.02 103.42
C PHE D 223 -26.83 -15.39 104.14
N GLU D 224 -27.64 -14.63 103.42
CA GLU D 224 -28.73 -13.90 104.02
C GLU D 224 -29.80 -14.83 104.56
N ASN D 225 -30.13 -15.90 103.84
CA ASN D 225 -31.14 -16.79 104.36
C ASN D 225 -30.58 -17.62 105.52
N GLU D 226 -29.29 -17.94 105.45
CA GLU D 226 -28.68 -18.73 106.51
C GLU D 226 -28.63 -17.88 107.77
N MET D 227 -28.30 -16.58 107.62
CA MET D 227 -28.26 -15.61 108.71
C MET D 227 -29.65 -15.36 109.26
N ALA D 228 -30.66 -15.32 108.40
CA ALA D 228 -32.00 -15.07 108.90
C ALA D 228 -32.40 -16.09 109.94
N THR D 229 -32.02 -17.36 109.75
CA THR D 229 -32.38 -18.32 110.78
C THR D 229 -31.30 -18.43 111.88
N ALA D 230 -30.01 -18.31 111.51
CA ALA D 230 -28.95 -18.43 112.52
C ALA D 230 -29.02 -17.34 113.56
N ALA D 231 -29.45 -16.15 113.14
CA ALA D 231 -29.56 -15.01 114.02
C ALA D 231 -30.86 -15.03 114.82
N SER D 232 -31.78 -15.94 114.49
CA SER D 232 -33.09 -15.99 115.14
C SER D 232 -33.23 -17.17 116.09
N SER D 233 -32.42 -18.23 115.90
CA SER D 233 -32.59 -19.42 116.72
C SER D 233 -31.34 -20.22 117.04
N SER D 234 -31.35 -20.79 118.25
CA SER D 234 -30.31 -21.64 118.81
C SER D 234 -30.19 -22.95 118.05
N SER D 235 -31.19 -23.24 117.22
CA SER D 235 -31.22 -24.45 116.41
C SER D 235 -30.10 -24.49 115.37
N LEU D 236 -29.46 -23.34 115.09
CA LEU D 236 -28.35 -23.36 114.15
C LEU D 236 -27.01 -23.11 114.86
N GLU D 237 -26.99 -23.25 116.21
CA GLU D 237 -25.75 -23.07 116.93
C GLU D 237 -25.05 -24.38 117.15
N LYS D 238 -23.73 -24.31 117.25
CA LYS D 238 -22.95 -25.51 117.55
C LYS D 238 -21.97 -25.25 118.65
N SER D 239 -21.92 -26.18 119.61
CA SER D 239 -21.00 -26.09 120.74
C SER D 239 -19.60 -26.56 120.38
N TYR D 240 -18.62 -25.83 120.88
CA TYR D 240 -17.22 -26.19 120.77
C TYR D 240 -16.63 -26.33 122.15
N GLU D 241 -15.90 -27.42 122.37
CA GLU D 241 -15.30 -27.64 123.67
C GLU D 241 -13.95 -26.97 123.81
N LEU D 242 -13.87 -26.09 124.80
CA LEU D 242 -12.69 -25.32 125.11
C LEU D 242 -11.89 -26.31 125.96
N PRO D 243 -10.55 -26.22 126.02
CA PRO D 243 -9.68 -27.16 126.72
C PRO D 243 -9.90 -27.28 128.21
N ASP D 244 -10.54 -26.29 128.85
CA ASP D 244 -10.75 -26.35 130.27
C ASP D 244 -12.10 -26.97 130.64
N GLY D 245 -12.83 -27.52 129.66
CA GLY D 245 -14.12 -28.16 129.90
C GLY D 245 -15.32 -27.23 129.67
N GLN D 246 -15.07 -25.96 129.45
CA GLN D 246 -16.15 -25.02 129.22
C GLN D 246 -16.49 -25.03 127.74
N VAL D 247 -17.67 -24.54 127.38
CA VAL D 247 -17.99 -24.51 125.97
C VAL D 247 -18.39 -23.13 125.51
N ILE D 248 -18.27 -22.97 124.20
CA ILE D 248 -18.69 -21.78 123.48
C ILE D 248 -19.69 -22.22 122.43
N THR D 249 -20.80 -21.50 122.28
CA THR D 249 -21.68 -21.88 121.19
C THR D 249 -21.54 -20.76 120.21
N ILE D 250 -21.54 -21.14 118.94
CA ILE D 250 -21.37 -20.21 117.84
C ILE D 250 -22.60 -20.30 116.91
N GLY D 251 -23.19 -19.14 116.57
CA GLY D 251 -24.42 -19.04 115.79
C GLY D 251 -24.18 -18.58 114.38
N ASN D 252 -24.54 -17.32 114.08
CA ASN D 252 -24.35 -16.87 112.71
C ASN D 252 -22.88 -16.55 112.46
N GLU D 253 -22.09 -16.55 113.53
CA GLU D 253 -20.66 -16.29 113.47
C GLU D 253 -19.97 -17.45 112.78
N ARG D 254 -20.67 -18.58 112.79
CA ARG D 254 -20.27 -19.83 112.24
C ARG D 254 -20.09 -19.70 110.73
N PHE D 255 -20.80 -18.73 110.14
CA PHE D 255 -20.73 -18.48 108.72
C PHE D 255 -20.29 -17.05 108.40
N ARG D 256 -20.52 -16.13 109.34
CA ARG D 256 -20.13 -14.73 109.10
C ARG D 256 -18.64 -14.62 108.94
N CYS D 257 -17.88 -15.45 109.65
CA CYS D 257 -16.46 -15.39 109.43
C CYS D 257 -16.09 -15.87 108.01
N PRO D 258 -16.39 -17.12 107.60
CA PRO D 258 -16.14 -17.68 106.28
C PRO D 258 -16.64 -16.80 105.14
N GLU D 259 -17.72 -16.06 105.37
CA GLU D 259 -18.32 -15.14 104.43
C GLU D 259 -17.34 -14.08 103.96
N THR D 260 -16.31 -13.80 104.78
CA THR D 260 -15.27 -12.81 104.50
C THR D 260 -14.63 -13.15 103.16
N LEU D 261 -14.55 -14.44 102.82
CA LEU D 261 -13.96 -14.84 101.58
C LEU D 261 -14.73 -14.27 100.39
N PHE D 262 -16.06 -14.11 100.53
CA PHE D 262 -16.89 -13.58 99.47
C PHE D 262 -17.06 -12.08 99.69
N GLN D 263 -16.89 -11.66 100.94
CA GLN D 263 -16.97 -10.24 101.33
C GLN D 263 -15.77 -9.89 102.21
N PRO D 264 -14.63 -9.53 101.58
CA PRO D 264 -13.35 -9.19 102.18
C PRO D 264 -13.38 -7.91 102.99
N SER D 265 -14.42 -7.09 102.78
CA SER D 265 -14.59 -5.84 103.49
C SER D 265 -14.79 -6.11 104.99
N PHE D 266 -15.12 -7.36 105.34
CA PHE D 266 -15.33 -7.78 106.72
C PHE D 266 -14.03 -7.64 107.53
N ILE D 267 -12.88 -7.69 106.85
CA ILE D 267 -11.58 -7.57 107.49
C ILE D 267 -10.85 -6.33 107.00
N GLY D 268 -11.59 -5.40 106.40
CA GLY D 268 -11.05 -4.15 105.90
C GLY D 268 -10.33 -4.27 104.55
N MET D 269 -10.55 -5.35 103.79
CA MET D 269 -9.85 -5.50 102.54
C MET D 269 -10.61 -4.94 101.35
N GLU D 270 -9.88 -4.24 100.48
CA GLU D 270 -10.48 -3.68 99.28
C GLU D 270 -10.52 -4.78 98.21
N SER D 271 -11.58 -5.59 98.25
CA SER D 271 -11.74 -6.70 97.32
C SER D 271 -13.18 -7.13 97.10
N ALA D 272 -13.43 -7.65 95.90
CA ALA D 272 -14.74 -8.16 95.48
C ALA D 272 -14.99 -9.60 95.93
N GLY D 273 -14.00 -10.23 96.52
CA GLY D 273 -14.17 -11.61 96.97
C GLY D 273 -13.58 -12.62 96.02
N ILE D 274 -13.44 -13.84 96.52
CA ILE D 274 -12.81 -14.90 95.75
C ILE D 274 -13.52 -15.37 94.48
N HIS D 275 -14.86 -15.29 94.41
CA HIS D 275 -15.54 -15.71 93.19
C HIS D 275 -15.36 -14.75 92.03
N GLU D 276 -15.25 -13.46 92.37
CA GLU D 276 -15.09 -12.45 91.34
C GLU D 276 -13.64 -12.40 90.97
N THR D 277 -12.78 -12.62 91.94
CA THR D 277 -11.36 -12.60 91.71
C THR D 277 -11.00 -13.78 90.79
N THR D 278 -11.59 -14.97 91.02
CA THR D 278 -11.37 -16.15 90.16
C THR D 278 -11.83 -15.81 88.75
N TYR D 279 -13.01 -15.21 88.66
CA TYR D 279 -13.57 -14.78 87.40
C TYR D 279 -12.63 -13.85 86.67
N ASN D 280 -12.08 -12.84 87.37
CA ASN D 280 -11.19 -11.92 86.70
C ASN D 280 -9.94 -12.61 86.16
N SER D 281 -9.39 -13.61 86.86
CA SER D 281 -8.24 -14.32 86.29
C SER D 281 -8.62 -14.98 84.98
N ILE D 282 -9.84 -15.50 84.91
CA ILE D 282 -10.30 -16.10 83.67
C ILE D 282 -10.49 -15.02 82.61
N MET D 283 -11.11 -13.90 82.95
CA MET D 283 -11.40 -12.83 81.99
C MET D 283 -10.14 -12.14 81.45
N LYS D 284 -9.04 -12.18 82.19
CA LYS D 284 -7.81 -11.58 81.72
C LYS D 284 -7.03 -12.52 80.79
N CYS D 285 -7.54 -13.73 80.57
CA CYS D 285 -6.95 -14.70 79.69
C CYS D 285 -7.67 -14.67 78.32
N ASP D 286 -6.99 -15.10 77.26
CA ASP D 286 -7.59 -15.12 75.92
C ASP D 286 -8.82 -16.01 75.85
N ILE D 287 -9.76 -15.68 74.98
CA ILE D 287 -11.00 -16.43 74.86
C ILE D 287 -10.87 -17.90 74.50
N ASP D 288 -9.75 -18.32 73.91
CA ASP D 288 -9.56 -19.74 73.58
C ASP D 288 -8.89 -20.49 74.75
N ILE D 289 -8.63 -19.76 75.83
CA ILE D 289 -8.10 -20.27 77.09
C ILE D 289 -9.26 -20.36 78.07
N ARG D 290 -10.10 -19.31 78.07
CA ARG D 290 -11.18 -19.13 79.03
C ARG D 290 -12.11 -20.31 79.10
N LYS D 291 -12.39 -20.95 77.97
CA LYS D 291 -13.34 -22.05 78.01
C LYS D 291 -12.84 -23.20 78.90
N ASP D 292 -11.53 -23.38 78.95
CA ASP D 292 -10.97 -24.48 79.68
C ASP D 292 -10.79 -24.06 81.11
N LEU D 293 -10.53 -22.78 81.34
CA LEU D 293 -10.37 -22.36 82.72
C LEU D 293 -11.76 -22.35 83.41
N TYR D 294 -12.83 -21.96 82.71
CA TYR D 294 -14.17 -21.94 83.32
C TYR D 294 -14.59 -23.32 83.78
N ALA D 295 -14.27 -24.30 82.95
CA ALA D 295 -14.63 -25.68 83.22
C ALA D 295 -13.70 -26.34 84.24
N ASN D 296 -12.63 -25.65 84.63
CA ASN D 296 -11.64 -26.21 85.52
C ASN D 296 -11.15 -25.23 86.60
N ASN D 297 -12.04 -24.83 87.49
CA ASN D 297 -11.65 -24.02 88.63
C ASN D 297 -11.23 -25.04 89.66
N VAL D 298 -10.00 -25.01 90.13
CA VAL D 298 -9.59 -26.09 91.01
C VAL D 298 -9.14 -25.62 92.39
N MET D 299 -9.74 -26.24 93.39
CA MET D 299 -9.43 -25.95 94.76
C MET D 299 -8.28 -26.75 95.28
N SER D 300 -7.46 -26.04 96.03
CA SER D 300 -6.29 -26.57 96.68
C SER D 300 -6.17 -25.88 98.00
N GLY D 301 -4.98 -25.98 98.58
CA GLY D 301 -4.68 -25.31 99.82
C GLY D 301 -5.64 -25.61 100.95
N GLY D 302 -6.16 -24.55 101.56
CA GLY D 302 -7.07 -24.67 102.69
C GLY D 302 -8.20 -23.65 102.59
N THR D 303 -9.09 -23.56 103.59
CA THR D 303 -10.32 -22.69 103.56
C THR D 303 -11.35 -23.18 102.49
N THR D 304 -10.89 -24.02 101.57
CA THR D 304 -11.62 -24.68 100.51
C THR D 304 -12.25 -25.93 101.09
N MET D 305 -11.98 -26.10 102.38
CA MET D 305 -12.44 -27.12 103.27
C MET D 305 -13.71 -26.65 104.05
N TYR D 306 -14.25 -25.44 103.72
CA TYR D 306 -15.51 -25.02 104.34
C TYR D 306 -16.69 -25.70 103.66
N PRO D 307 -17.67 -26.26 104.37
CA PRO D 307 -18.85 -26.81 103.76
C PRO D 307 -19.55 -25.76 102.92
N GLY D 308 -19.96 -26.17 101.72
CA GLY D 308 -20.66 -25.32 100.76
C GLY D 308 -19.71 -24.50 99.87
N ILE D 309 -18.40 -24.56 100.08
CA ILE D 309 -17.55 -23.69 99.28
C ILE D 309 -17.40 -24.07 97.83
N ALA D 310 -17.29 -25.37 97.50
CA ALA D 310 -17.16 -25.74 96.10
C ALA D 310 -18.45 -25.46 95.34
N ASP D 311 -19.57 -25.61 96.04
CA ASP D 311 -20.86 -25.45 95.43
C ASP D 311 -21.25 -23.97 95.35
N ARG D 312 -20.85 -23.17 96.34
CA ARG D 312 -21.16 -21.76 96.27
C ARG D 312 -20.27 -21.11 95.23
N MET D 313 -18.99 -21.49 95.18
CA MET D 313 -18.13 -20.92 94.18
C MET D 313 -18.64 -21.24 92.78
N GLN D 314 -19.14 -22.47 92.54
CA GLN D 314 -19.63 -22.74 91.19
C GLN D 314 -20.80 -21.81 90.88
N LYS D 315 -21.71 -21.62 91.84
CA LYS D 315 -22.86 -20.75 91.66
C LYS D 315 -22.45 -19.29 91.41
N GLU D 316 -21.52 -18.79 92.21
CA GLU D 316 -21.09 -17.41 92.11
C GLU D 316 -20.30 -17.13 90.83
N ILE D 317 -19.52 -18.11 90.37
CA ILE D 317 -18.75 -17.93 89.15
C ILE D 317 -19.66 -18.05 87.93
N THR D 318 -20.56 -19.05 87.90
CA THR D 318 -21.43 -19.22 86.74
C THR D 318 -22.35 -18.00 86.59
N ALA D 319 -22.66 -17.33 87.71
CA ALA D 319 -23.46 -16.12 87.70
C ALA D 319 -22.75 -14.92 87.05
N LEU D 320 -21.41 -14.95 86.95
CA LEU D 320 -20.62 -13.88 86.36
C LEU D 320 -20.22 -14.23 84.93
N ALA D 321 -20.07 -15.53 84.70
CA ALA D 321 -19.65 -16.12 83.44
C ALA D 321 -20.71 -15.95 82.35
N PRO D 322 -20.32 -15.98 81.06
CA PRO D 322 -21.21 -16.02 79.91
C PRO D 322 -22.07 -17.27 79.95
N SER D 323 -23.25 -17.20 79.34
CA SER D 323 -24.17 -18.31 79.25
C SER D 323 -23.61 -19.33 78.27
N THR D 324 -24.22 -20.52 78.19
CA THR D 324 -23.77 -21.66 77.34
C THR D 324 -22.57 -22.38 77.96
N MET D 325 -21.57 -21.61 78.36
CA MET D 325 -20.34 -22.08 78.97
C MET D 325 -20.59 -22.90 80.23
N LYS D 326 -19.83 -23.99 80.38
CA LYS D 326 -19.92 -24.82 81.56
C LYS D 326 -18.86 -24.48 82.59
N ILE D 327 -19.32 -24.15 83.77
CA ILE D 327 -18.46 -23.82 84.89
C ILE D 327 -18.44 -24.97 85.88
N LYS D 328 -17.24 -25.44 86.22
CA LYS D 328 -17.09 -26.53 87.21
C LYS D 328 -15.93 -26.33 88.18
N ILE D 329 -16.14 -26.80 89.41
CA ILE D 329 -15.10 -26.81 90.42
C ILE D 329 -14.66 -28.20 90.85
N ILE D 330 -13.36 -28.34 90.85
CA ILE D 330 -12.68 -29.55 91.27
C ILE D 330 -12.27 -29.28 92.70
N ALA D 331 -12.68 -30.15 93.62
CA ALA D 331 -12.38 -29.93 95.03
C ALA D 331 -12.11 -31.29 95.68
N PRO D 332 -10.92 -31.86 95.46
CA PRO D 332 -10.54 -33.22 95.79
C PRO D 332 -10.36 -33.32 97.30
N PRO D 333 -10.42 -34.53 97.88
CA PRO D 333 -10.16 -34.82 99.28
C PRO D 333 -8.71 -34.53 99.65
N GLU D 334 -7.87 -34.48 98.62
CA GLU D 334 -6.47 -34.15 98.81
C GLU D 334 -6.38 -32.66 99.16
N ARG D 335 -7.46 -32.14 99.75
CA ARG D 335 -7.55 -30.75 100.18
C ARG D 335 -6.60 -30.59 101.35
N LYS D 336 -6.00 -29.40 101.44
CA LYS D 336 -5.01 -29.03 102.45
C LYS D 336 -3.71 -29.85 102.31
N TYR D 337 -3.79 -31.06 101.76
CA TYR D 337 -2.54 -31.79 101.56
C TYR D 337 -2.02 -31.76 100.11
N SER D 338 -2.85 -31.31 99.16
CA SER D 338 -2.56 -31.37 97.73
C SER D 338 -1.34 -30.60 97.27
N VAL D 339 -0.95 -29.54 97.94
CA VAL D 339 0.26 -28.86 97.50
C VAL D 339 1.44 -29.72 97.89
N TRP D 340 1.42 -30.26 99.12
CA TRP D 340 2.50 -31.12 99.55
C TRP D 340 2.58 -32.34 98.62
N ILE D 341 1.42 -32.93 98.30
CA ILE D 341 1.32 -34.11 97.46
C ILE D 341 1.87 -33.79 96.10
N GLY D 342 1.50 -32.65 95.55
CA GLY D 342 2.02 -32.28 94.27
C GLY D 342 3.54 -32.20 94.33
N GLY D 343 4.09 -31.77 95.48
CA GLY D 343 5.54 -31.69 95.68
C GLY D 343 6.15 -33.06 95.57
N SER D 344 5.48 -34.05 96.17
CA SER D 344 5.89 -35.45 96.12
C SER D 344 5.89 -35.97 94.71
N ILE D 345 4.87 -35.56 93.93
CA ILE D 345 4.73 -35.92 92.53
C ILE D 345 5.79 -35.27 91.66
N LEU D 346 6.01 -33.98 91.83
CA LEU D 346 6.97 -33.33 90.98
C LEU D 346 8.32 -33.94 91.24
N ALA D 347 8.65 -34.16 92.51
CA ALA D 347 9.90 -34.76 92.87
C ALA D 347 10.04 -36.21 92.34
N SER D 348 8.96 -37.02 92.35
CA SER D 348 9.06 -38.40 91.85
C SER D 348 9.04 -38.52 90.31
N LEU D 349 8.52 -37.52 89.59
CA LEU D 349 8.50 -37.59 88.13
C LEU D 349 9.89 -37.58 87.49
N SER D 350 10.10 -38.44 86.51
CA SER D 350 11.38 -38.51 85.79
C SER D 350 11.62 -37.26 84.95
N THR D 351 10.52 -36.57 84.65
CA THR D 351 10.44 -35.39 83.82
C THR D 351 10.94 -34.15 84.56
N PHE D 352 11.20 -34.32 85.84
CA PHE D 352 11.69 -33.28 86.72
C PHE D 352 13.14 -33.49 87.16
N GLN D 353 13.81 -34.55 86.73
CA GLN D 353 15.12 -34.76 87.37
C GLN D 353 16.18 -33.79 86.89
N GLN D 354 16.00 -33.21 85.73
CA GLN D 354 16.93 -32.22 85.19
C GLN D 354 16.73 -30.83 85.80
N MET D 355 15.67 -30.64 86.60
CA MET D 355 15.35 -29.31 87.14
C MET D 355 16.04 -28.94 88.45
N TRP D 356 16.77 -29.86 89.05
CA TRP D 356 17.43 -29.64 90.34
C TRP D 356 18.69 -28.77 90.26
N ILE D 357 18.87 -27.91 91.26
CA ILE D 357 20.09 -27.13 91.42
C ILE D 357 21.02 -28.05 92.16
N THR D 358 22.19 -28.33 91.65
CA THR D 358 23.04 -29.27 92.41
C THR D 358 23.91 -28.51 93.41
N LYS D 359 24.47 -29.20 94.41
CA LYS D 359 25.39 -28.49 95.31
C LYS D 359 26.80 -28.51 94.71
N GLN D 360 26.88 -27.85 93.59
CA GLN D 360 28.05 -27.58 92.78
C GLN D 360 27.71 -26.30 92.11
N GLU D 361 26.59 -26.32 91.38
CA GLU D 361 26.12 -25.15 90.66
C GLU D 361 25.82 -24.06 91.68
N TYR D 362 25.25 -24.47 92.81
CA TYR D 362 24.92 -23.60 93.91
C TYR D 362 26.12 -22.86 94.45
N ASP D 363 27.23 -23.55 94.69
CA ASP D 363 28.33 -22.86 95.32
C ASP D 363 29.07 -22.00 94.31
N GLU D 364 29.09 -22.42 93.05
CA GLU D 364 29.75 -21.62 92.04
C GLU D 364 29.02 -20.28 91.83
N ALA D 365 27.68 -20.31 91.82
CA ALA D 365 26.85 -19.13 91.58
C ALA D 365 26.32 -18.40 92.83
N GLY D 366 26.13 -19.12 93.93
CA GLY D 366 25.49 -18.59 95.12
C GLY D 366 23.97 -18.81 94.98
N PRO D 367 23.17 -18.49 96.02
CA PRO D 367 21.72 -18.73 96.12
C PRO D 367 20.87 -18.02 95.09
N SER D 368 21.42 -17.00 94.43
CA SER D 368 20.68 -16.24 93.41
C SER D 368 20.42 -17.12 92.19
N ILE D 369 21.11 -18.26 92.13
CA ILE D 369 20.98 -19.27 91.10
C ILE D 369 19.56 -19.80 91.00
N VAL D 370 18.83 -19.71 92.09
CA VAL D 370 17.47 -20.18 92.17
C VAL D 370 16.58 -19.46 91.17
N HIS D 371 16.95 -18.24 90.77
CA HIS D 371 16.12 -17.45 89.88
C HIS D 371 16.39 -17.81 88.43
N ARG D 372 17.40 -18.65 88.19
CA ARG D 372 17.75 -19.07 86.85
C ARG D 372 17.33 -20.53 86.65
N LYS D 373 17.37 -21.30 87.75
CA LYS D 373 17.09 -22.72 87.71
C LYS D 373 15.67 -23.18 88.09
N CYS D 374 14.92 -22.41 88.91
CA CYS D 374 13.63 -22.94 89.34
C CYS D 374 12.42 -22.53 88.48
N PHE D 375 12.20 -21.23 88.29
CA PHE D 375 11.05 -20.72 87.54
C PHE D 375 10.99 -19.18 87.47
N ASP E 1 -19.43 35.94 82.08
CA ASP E 1 -18.35 36.37 82.95
C ASP E 1 -17.05 36.45 82.18
N GLU E 2 -16.98 35.65 81.13
CA GLU E 2 -15.81 35.56 80.26
C GLU E 2 -15.80 36.66 79.20
N ASP E 3 -14.61 37.00 78.71
CA ASP E 3 -14.48 38.02 77.67
C ASP E 3 -15.14 37.64 76.35
N GLU E 4 -15.13 36.36 76.02
CA GLU E 4 -15.74 35.86 74.80
C GLU E 4 -16.20 34.43 75.02
N THR E 5 -17.24 34.03 74.30
CA THR E 5 -17.75 32.66 74.43
C THR E 5 -16.95 31.67 73.62
N THR E 6 -15.71 31.48 74.03
CA THR E 6 -14.82 30.56 73.34
C THR E 6 -15.14 29.17 73.85
N ALA E 7 -14.67 28.15 73.17
CA ALA E 7 -14.97 26.81 73.63
C ALA E 7 -14.25 26.45 74.91
N LEU E 8 -14.87 25.60 75.71
CA LEU E 8 -14.15 25.05 76.83
C LEU E 8 -13.43 23.85 76.23
N VAL E 9 -12.22 23.59 76.68
CA VAL E 9 -11.47 22.47 76.12
C VAL E 9 -11.11 21.45 77.18
N CYS E 10 -11.44 20.18 76.93
CA CYS E 10 -11.09 19.13 77.91
C CYS E 10 -10.75 17.77 77.32
N ASP E 11 -9.55 17.31 77.65
CA ASP E 11 -8.99 16.03 77.21
C ASP E 11 -9.20 14.98 78.31
N ASN E 12 -10.11 14.03 78.07
CA ASN E 12 -10.50 13.05 79.07
C ASN E 12 -9.79 11.71 78.86
N GLY E 13 -8.70 11.45 79.57
CA GLY E 13 -8.01 10.20 79.33
C GLY E 13 -8.37 9.15 80.36
N SER E 14 -7.70 8.01 80.29
CA SER E 14 -7.88 6.89 81.23
C SER E 14 -7.08 7.14 82.51
N GLY E 15 -6.21 8.14 82.45
CA GLY E 15 -5.33 8.53 83.52
C GLY E 15 -5.84 9.81 84.14
N LEU E 16 -5.48 10.91 83.48
CA LEU E 16 -5.79 12.29 83.83
C LEU E 16 -6.86 12.90 82.93
N VAL E 17 -7.53 13.90 83.47
CA VAL E 17 -8.51 14.75 82.81
C VAL E 17 -7.98 16.17 82.91
N LYS E 18 -7.86 16.86 81.79
CA LYS E 18 -7.34 18.21 81.88
C LYS E 18 -8.25 19.20 81.19
N ALA E 19 -8.40 20.38 81.79
CA ALA E 19 -9.26 21.39 81.18
C ALA E 19 -8.83 22.82 81.43
N GLY E 20 -9.28 23.68 80.53
CA GLY E 20 -9.05 25.13 80.53
C GLY E 20 -9.91 25.71 79.41
N PHE E 21 -9.66 26.95 79.02
CA PHE E 21 -10.51 27.52 77.97
C PHE E 21 -9.74 27.64 76.66
N ALA E 22 -10.48 27.61 75.56
CA ALA E 22 -9.87 27.75 74.27
C ALA E 22 -9.17 29.07 74.13
N GLY E 23 -7.97 29.00 73.59
CA GLY E 23 -7.13 30.14 73.33
C GLY E 23 -5.94 30.21 74.28
N ASP E 24 -5.97 29.53 75.44
CA ASP E 24 -4.79 29.62 76.32
C ASP E 24 -3.80 28.49 76.00
N ASP E 25 -2.65 28.43 76.71
CA ASP E 25 -1.62 27.43 76.44
C ASP E 25 -1.45 26.40 77.54
N ALA E 26 -2.45 26.29 78.38
CA ALA E 26 -2.42 25.30 79.44
C ALA E 26 -3.81 25.09 79.96
N PRO E 27 -4.13 23.93 80.50
CA PRO E 27 -5.35 23.69 81.20
C PRO E 27 -5.24 24.44 82.51
N ARG E 28 -6.37 24.84 83.08
CA ARG E 28 -6.37 25.48 84.40
C ARG E 28 -6.15 24.46 85.47
N ALA E 29 -6.68 23.27 85.22
CA ALA E 29 -6.57 22.24 86.22
C ALA E 29 -6.49 20.86 85.62
N VAL E 30 -5.82 20.00 86.36
CA VAL E 30 -5.65 18.60 86.05
C VAL E 30 -6.21 17.77 87.17
N PHE E 31 -7.01 16.79 86.81
CA PHE E 31 -7.63 15.92 87.76
C PHE E 31 -7.32 14.51 87.33
N PRO E 32 -7.26 13.54 88.22
CA PRO E 32 -7.22 12.16 87.84
C PRO E 32 -8.61 11.84 87.33
N SER E 33 -8.75 10.85 86.45
CA SER E 33 -10.08 10.46 85.97
C SER E 33 -10.74 9.57 87.00
N ILE E 34 -11.03 10.12 88.16
CA ILE E 34 -11.54 9.37 89.29
C ILE E 34 -12.80 9.85 89.99
N VAL E 35 -13.66 8.88 90.28
CA VAL E 35 -14.78 9.10 91.18
C VAL E 35 -14.57 8.13 92.35
N GLY E 36 -14.47 8.68 93.55
CA GLY E 36 -14.17 7.90 94.74
C GLY E 36 -15.36 7.64 95.60
N ARG E 37 -15.36 6.49 96.28
CA ARG E 37 -16.46 6.15 97.17
C ARG E 37 -15.97 5.52 98.49
N PRO E 38 -16.49 5.91 99.66
CA PRO E 38 -16.11 5.34 100.95
C PRO E 38 -16.28 3.84 100.98
N ARG E 39 -15.30 3.16 101.56
CA ARG E 39 -15.33 1.70 101.69
C ARG E 39 -15.39 1.30 103.17
N HIS E 40 -15.73 2.27 104.02
CA HIS E 40 -15.80 2.12 105.47
C HIS E 40 -17.12 2.63 106.05
N GLN E 41 -17.46 2.11 107.22
CA GLN E 41 -18.62 2.55 107.99
C GLN E 41 -18.28 3.79 108.80
N GLY E 42 -19.07 4.86 108.60
CA GLY E 42 -18.84 6.08 109.36
C GLY E 42 -19.29 5.89 110.80
N VAL E 43 -18.58 6.49 111.74
CA VAL E 43 -19.01 6.42 113.13
C VAL E 43 -19.25 7.79 113.76
N MET E 44 -18.54 8.82 113.30
CA MET E 44 -18.71 10.14 113.88
C MET E 44 -19.74 10.89 113.02
N VAL E 45 -20.56 11.74 113.63
CA VAL E 45 -21.59 12.45 112.86
C VAL E 45 -21.38 13.97 112.78
N GLY E 46 -21.54 14.53 111.59
CA GLY E 46 -21.29 15.95 111.43
C GLY E 46 -19.85 16.20 111.03
N MET E 47 -19.30 15.22 110.33
CA MET E 47 -17.93 15.20 109.85
C MET E 47 -17.90 15.60 108.39
N GLY E 48 -19.02 16.10 107.88
CA GLY E 48 -19.16 16.34 106.47
C GLY E 48 -19.15 14.94 105.89
N GLN E 49 -18.28 14.71 104.91
CA GLN E 49 -18.11 13.43 104.21
C GLN E 49 -19.15 13.19 103.13
N LYS E 50 -18.67 13.13 101.92
CA LYS E 50 -19.53 12.97 100.75
C LYS E 50 -19.78 11.50 100.47
N ASP E 51 -20.86 11.21 99.74
CA ASP E 51 -21.16 9.85 99.34
C ASP E 51 -20.25 9.40 98.21
N SER E 52 -19.79 10.38 97.45
CA SER E 52 -18.89 10.19 96.35
C SER E 52 -18.05 11.45 96.20
N TYR E 53 -16.81 11.26 95.77
CA TYR E 53 -15.86 12.33 95.59
C TYR E 53 -15.39 12.41 94.15
N VAL E 54 -15.10 13.60 93.67
CA VAL E 54 -14.67 13.67 92.26
C VAL E 54 -13.30 14.32 92.01
N GLY E 55 -12.53 13.69 91.13
CA GLY E 55 -11.24 14.23 90.71
C GLY E 55 -10.26 14.31 91.85
N ASP E 56 -9.78 15.51 92.11
CA ASP E 56 -8.81 15.74 93.15
C ASP E 56 -9.41 15.53 94.52
N GLU E 57 -10.75 15.61 94.65
CA GLU E 57 -11.36 15.38 95.94
C GLU E 57 -11.21 13.91 96.28
N ALA E 58 -11.37 13.07 95.26
CA ALA E 58 -11.32 11.63 95.40
C ALA E 58 -9.94 11.17 95.73
N GLN E 59 -8.95 11.84 95.16
CA GLN E 59 -7.60 11.46 95.45
C GLN E 59 -7.20 12.02 96.82
N SER E 60 -7.63 13.24 97.17
CA SER E 60 -7.25 13.86 98.44
C SER E 60 -7.80 13.15 99.67
N LYS E 61 -8.99 12.55 99.54
CA LYS E 61 -9.66 11.84 100.63
C LYS E 61 -9.55 10.32 100.50
N ARG E 62 -8.64 9.86 99.62
CA ARG E 62 -8.46 8.46 99.27
C ARG E 62 -8.15 7.52 100.39
N GLY E 63 -7.70 8.00 101.54
CA GLY E 63 -7.35 7.11 102.63
C GLY E 63 -8.47 6.12 102.97
N ILE E 64 -9.75 6.52 102.84
CA ILE E 64 -10.86 5.59 103.14
C ILE E 64 -11.78 5.32 101.95
N LEU E 65 -11.33 5.66 100.74
CA LEU E 65 -12.14 5.50 99.54
C LEU E 65 -11.60 4.40 98.65
N THR E 66 -12.48 3.81 97.86
CA THR E 66 -12.03 2.92 96.80
C THR E 66 -12.14 3.81 95.57
N LEU E 67 -11.12 3.85 94.72
CA LEU E 67 -11.20 4.78 93.60
C LEU E 67 -11.38 4.10 92.26
N LYS E 68 -12.38 4.56 91.52
CA LYS E 68 -12.67 3.98 90.22
C LYS E 68 -12.37 4.95 89.09
N TYR E 69 -11.94 4.39 87.97
CA TYR E 69 -11.65 5.13 86.75
C TYR E 69 -12.70 4.85 85.66
N PRO E 70 -13.58 5.82 85.30
CA PRO E 70 -14.65 5.73 84.29
C PRO E 70 -14.18 5.49 82.85
N ILE E 71 -12.90 5.74 82.60
CA ILE E 71 -12.30 5.58 81.28
C ILE E 71 -11.22 4.51 81.27
N GLU E 72 -11.32 3.60 80.28
CA GLU E 72 -10.38 2.51 80.07
C GLU E 72 -10.02 2.35 78.59
N HIS E 73 -8.71 2.28 78.29
CA HIS E 73 -8.20 2.14 76.91
C HIS E 73 -8.78 3.17 75.96
N GLY E 74 -8.94 4.40 76.43
CA GLY E 74 -9.43 5.49 75.61
C GLY E 74 -10.95 5.69 75.58
N ILE E 75 -11.77 4.82 76.20
CA ILE E 75 -13.21 5.05 76.14
C ILE E 75 -13.92 5.14 77.48
N ILE E 76 -15.06 5.81 77.48
CA ILE E 76 -15.85 5.93 78.68
C ILE E 76 -16.77 4.74 78.82
N THR E 77 -16.64 4.05 79.94
CA THR E 77 -17.45 2.89 80.21
C THR E 77 -18.47 3.28 81.27
N ASN E 78 -18.17 4.35 82.02
CA ASN E 78 -19.07 4.84 83.05
C ASN E 78 -19.34 6.33 82.84
N TRP E 79 -20.42 6.62 82.10
CA TRP E 79 -20.73 8.00 81.74
C TRP E 79 -21.26 8.78 82.92
N ASP E 80 -21.84 8.11 83.92
CA ASP E 80 -22.39 8.82 85.08
C ASP E 80 -21.24 9.46 85.84
N ASP E 81 -20.15 8.71 85.97
CA ASP E 81 -19.01 9.25 86.66
C ASP E 81 -18.34 10.31 85.80
N MET E 82 -18.37 10.17 84.46
CA MET E 82 -17.80 11.27 83.69
C MET E 82 -18.64 12.52 83.81
N GLU E 83 -19.95 12.37 83.96
CA GLU E 83 -20.83 13.52 84.14
C GLU E 83 -20.38 14.29 85.39
N LYS E 84 -20.05 13.56 86.46
CA LYS E 84 -19.60 14.17 87.71
C LYS E 84 -18.26 14.88 87.50
N ILE E 85 -17.37 14.25 86.73
CA ILE E 85 -16.07 14.81 86.43
C ILE E 85 -16.19 16.07 85.60
N TRP E 86 -17.02 16.07 84.56
CA TRP E 86 -17.24 17.24 83.72
C TRP E 86 -17.88 18.37 84.49
N HIS E 87 -18.81 18.08 85.38
CA HIS E 87 -19.39 19.16 86.15
C HIS E 87 -18.31 19.80 86.98
N HIS E 88 -17.52 18.98 87.66
CA HIS E 88 -16.46 19.48 88.50
C HIS E 88 -15.41 20.22 87.67
N THR E 89 -14.97 19.61 86.60
CA THR E 89 -13.95 20.16 85.76
C THR E 89 -14.35 21.49 85.14
N PHE E 90 -15.54 21.55 84.53
CA PHE E 90 -15.94 22.76 83.84
C PHE E 90 -16.57 23.83 84.73
N TYR E 91 -17.49 23.42 85.61
CA TYR E 91 -18.20 24.41 86.40
C TYR E 91 -17.59 24.65 87.77
N ASN E 92 -17.24 23.60 88.51
CA ASN E 92 -16.73 23.89 89.85
C ASN E 92 -15.32 24.51 89.82
N GLU E 93 -14.49 24.04 88.88
CA GLU E 93 -13.10 24.51 88.80
C GLU E 93 -12.79 25.58 87.74
N LEU E 94 -13.31 25.47 86.49
CA LEU E 94 -12.98 26.55 85.54
C LEU E 94 -13.95 27.71 85.72
N ARG E 95 -14.99 27.45 86.51
CA ARG E 95 -16.10 28.35 86.83
C ARG E 95 -16.91 28.75 85.62
N VAL E 96 -17.07 27.84 84.65
CA VAL E 96 -17.87 28.15 83.49
C VAL E 96 -18.90 27.06 83.24
N ALA E 97 -20.17 27.43 83.15
CA ALA E 97 -21.13 26.40 82.84
C ALA E 97 -21.05 26.15 81.33
N PRO E 98 -20.99 24.89 80.83
CA PRO E 98 -20.99 24.55 79.41
C PRO E 98 -22.21 25.11 78.70
N GLU E 99 -23.26 25.39 79.43
CA GLU E 99 -24.48 25.93 78.85
C GLU E 99 -24.22 27.20 78.03
N GLU E 100 -23.26 28.02 78.46
CA GLU E 100 -22.97 29.26 77.75
C GLU E 100 -21.75 29.22 76.81
N HIS E 101 -21.09 28.05 76.68
CA HIS E 101 -19.88 27.92 75.87
C HIS E 101 -19.84 26.62 75.05
N PRO E 102 -19.31 26.59 73.82
CA PRO E 102 -19.09 25.39 73.05
C PRO E 102 -18.12 24.50 73.80
N THR E 103 -18.20 23.19 73.65
CA THR E 103 -17.19 22.34 74.32
C THR E 103 -16.47 21.43 73.34
N LEU E 104 -15.15 21.44 73.43
CA LEU E 104 -14.32 20.59 72.60
C LEU E 104 -13.73 19.42 73.41
N LEU E 105 -14.15 18.21 73.09
CA LEU E 105 -13.65 16.99 73.77
C LEU E 105 -12.76 16.25 72.79
N THR E 106 -12.12 15.16 73.21
CA THR E 106 -11.23 14.44 72.30
C THR E 106 -11.32 12.92 72.37
N GLU E 107 -10.89 12.29 71.27
CA GLU E 107 -10.89 10.83 71.14
C GLU E 107 -10.02 10.42 69.96
N ALA E 108 -9.45 9.22 70.02
CA ALA E 108 -8.60 8.71 68.95
C ALA E 108 -9.42 8.43 67.70
N PRO E 109 -8.80 8.54 66.51
CA PRO E 109 -9.61 8.28 65.32
C PRO E 109 -10.17 6.82 65.18
N LEU E 110 -9.56 5.81 65.84
CA LEU E 110 -10.10 4.44 65.77
C LEU E 110 -10.75 4.05 67.10
N ASN E 111 -11.06 5.05 67.91
CA ASN E 111 -11.74 4.92 69.20
C ASN E 111 -13.16 4.42 68.91
N PRO E 112 -13.67 3.38 69.59
CA PRO E 112 -15.00 2.83 69.39
C PRO E 112 -16.05 3.93 69.39
N LYS E 113 -16.98 3.82 68.43
CA LYS E 113 -17.99 4.85 68.13
C LYS E 113 -18.85 5.22 69.29
N ALA E 114 -19.17 4.25 70.14
CA ALA E 114 -20.02 4.54 71.26
C ALA E 114 -19.46 5.66 72.13
N ASN E 115 -18.12 5.79 72.22
CA ASN E 115 -17.54 6.80 73.08
C ASN E 115 -17.66 8.19 72.50
N ARG E 116 -17.40 8.36 71.20
CA ARG E 116 -17.51 9.71 70.65
C ARG E 116 -19.00 10.12 70.64
N GLU E 117 -19.91 9.13 70.52
CA GLU E 117 -21.34 9.39 70.55
C GLU E 117 -21.82 9.75 71.95
N LYS E 118 -21.30 9.06 72.98
CA LYS E 118 -21.72 9.34 74.34
C LYS E 118 -21.19 10.70 74.79
N MET E 119 -19.96 11.05 74.42
CA MET E 119 -19.47 12.36 74.83
C MET E 119 -20.34 13.47 74.25
N THR E 120 -20.75 13.30 72.99
CA THR E 120 -21.59 14.26 72.34
C THR E 120 -22.95 14.32 73.06
N GLN E 121 -23.52 13.16 73.37
CA GLN E 121 -24.81 13.10 74.04
C GLN E 121 -24.84 13.72 75.42
N ILE E 122 -23.84 13.46 76.24
CA ILE E 122 -23.90 13.98 77.59
C ILE E 122 -23.71 15.48 77.59
N MET E 123 -22.75 15.98 76.81
CA MET E 123 -22.59 17.42 76.89
C MET E 123 -23.85 18.14 76.38
N PHE E 124 -24.55 17.58 75.37
CA PHE E 124 -25.78 18.23 74.90
C PHE E 124 -27.00 17.99 75.78
N GLU E 125 -27.16 16.80 76.36
CA GLU E 125 -28.36 16.53 77.13
C GLU E 125 -28.27 16.80 78.64
N THR E 126 -27.09 16.71 79.27
CA THR E 126 -27.07 16.94 80.71
C THR E 126 -26.47 18.30 81.03
N PHE E 127 -25.61 18.80 80.13
CA PHE E 127 -24.99 20.11 80.36
C PHE E 127 -25.55 21.24 79.49
N ASN E 128 -26.37 20.87 78.52
CA ASN E 128 -26.99 21.80 77.56
C ASN E 128 -25.97 22.67 76.83
N VAL E 129 -24.85 22.09 76.43
CA VAL E 129 -23.82 22.85 75.75
C VAL E 129 -24.41 23.33 74.41
N PRO E 130 -24.25 24.59 73.98
CA PRO E 130 -24.78 25.11 72.73
C PRO E 130 -24.14 24.48 71.50
N ALA E 131 -22.95 23.89 71.66
CA ALA E 131 -22.26 23.26 70.56
C ALA E 131 -21.23 22.22 70.99
N MET E 132 -20.99 21.26 70.11
CA MET E 132 -19.97 20.24 70.34
C MET E 132 -19.10 19.88 69.18
N TYR E 133 -17.89 19.43 69.50
CA TYR E 133 -16.93 18.98 68.49
C TYR E 133 -15.92 18.06 69.17
N VAL E 134 -15.87 16.77 68.79
CA VAL E 134 -14.94 15.90 69.44
C VAL E 134 -13.73 15.78 68.50
N ALA E 135 -12.61 16.28 68.98
CA ALA E 135 -11.35 16.38 68.26
C ALA E 135 -10.62 15.09 68.10
N ILE E 136 -9.86 15.02 67.03
CA ILE E 136 -9.01 13.88 66.82
C ILE E 136 -7.75 14.16 67.63
N GLN E 137 -7.37 13.25 68.52
CA GLN E 137 -6.21 13.47 69.40
C GLN E 137 -4.90 13.63 68.63
N ALA E 138 -4.77 12.90 67.52
CA ALA E 138 -3.56 13.01 66.71
C ALA E 138 -3.44 14.38 66.08
N VAL E 139 -4.57 14.94 65.70
CA VAL E 139 -4.62 16.26 65.10
C VAL E 139 -4.19 17.29 66.10
N LEU E 140 -4.68 17.12 67.33
CA LEU E 140 -4.33 18.09 68.33
C LEU E 140 -2.83 17.99 68.66
N SER E 141 -2.29 16.78 68.65
CA SER E 141 -0.86 16.61 68.91
C SER E 141 -0.05 17.34 67.84
N LEU E 142 -0.50 17.26 66.58
CA LEU E 142 0.15 17.94 65.48
C LEU E 142 0.01 19.47 65.59
N TYR E 143 -1.15 19.95 66.04
CA TYR E 143 -1.36 21.38 66.19
C TYR E 143 -0.41 21.97 67.25
N ALA E 144 -0.26 21.25 68.36
CA ALA E 144 0.59 21.65 69.46
C ALA E 144 2.07 21.52 69.08
N SER E 145 2.38 20.53 68.24
CA SER E 145 3.75 20.31 67.81
C SER E 145 4.18 21.27 66.69
N GLY E 146 3.23 21.71 65.85
CA GLY E 146 3.55 22.57 64.72
C GLY E 146 3.96 21.71 63.51
N ARG E 147 3.27 20.57 63.36
CA ARG E 147 3.51 19.61 62.29
C ARG E 147 2.19 19.32 61.56
N THR E 148 2.27 18.90 60.27
CA THR E 148 1.08 18.47 59.52
C THR E 148 1.33 17.09 59.04
N THR E 149 2.59 16.74 59.13
CA THR E 149 3.07 15.45 58.69
C THR E 149 3.87 14.78 59.77
N GLY E 150 3.53 13.53 60.01
CA GLY E 150 4.25 12.68 60.94
C GLY E 150 3.40 11.55 61.52
N ILE E 151 4.04 10.72 62.32
CA ILE E 151 3.30 9.62 62.96
C ILE E 151 2.97 10.06 64.33
N VAL E 152 1.72 10.07 64.71
CA VAL E 152 1.49 10.49 66.07
C VAL E 152 1.38 9.28 66.95
N LEU E 153 2.36 9.17 67.84
CA LEU E 153 2.41 8.10 68.79
C LEU E 153 2.27 8.76 70.12
N ASP E 154 1.09 8.59 70.69
CA ASP E 154 0.65 9.24 71.88
C ASP E 154 0.77 8.48 73.20
N SER E 155 1.43 7.32 73.19
CA SER E 155 1.68 6.47 74.39
C SER E 155 1.04 6.92 75.71
N GLY E 156 -0.28 7.04 75.79
CA GLY E 156 -0.86 7.55 77.02
C GLY E 156 -1.14 6.41 77.98
N ASP E 157 -1.93 6.70 79.02
CA ASP E 157 -2.31 5.74 80.05
C ASP E 157 -3.23 4.64 79.50
N GLY E 158 -4.09 5.03 78.55
CA GLY E 158 -5.10 4.15 77.97
C GLY E 158 -4.65 3.28 76.80
N VAL E 159 -4.48 3.90 75.65
CA VAL E 159 -4.12 3.17 74.43
C VAL E 159 -3.03 3.90 73.66
N THR E 160 -2.18 3.15 72.94
CA THR E 160 -1.20 3.79 72.05
C THR E 160 -1.88 3.79 70.68
N HIS E 161 -2.02 4.97 70.08
CA HIS E 161 -2.73 5.14 68.79
C HIS E 161 -2.00 4.88 67.46
N ASN E 162 -0.72 5.25 67.39
CA ASN E 162 0.12 5.06 66.18
C ASN E 162 -0.45 5.51 64.81
N VAL E 163 -0.86 6.78 64.64
CA VAL E 163 -1.46 7.15 63.34
C VAL E 163 -0.61 8.03 62.41
N PRO E 164 -0.38 7.62 61.17
CA PRO E 164 0.30 8.40 60.17
C PRO E 164 -0.63 9.45 59.59
N ILE E 165 -0.16 10.70 59.58
CA ILE E 165 -0.84 11.83 58.99
C ILE E 165 0.11 12.53 57.99
N TYR E 166 -0.34 12.81 56.78
CA TYR E 166 0.50 13.48 55.78
C TYR E 166 -0.20 14.71 55.22
N GLU E 167 0.44 15.87 55.32
CA GLU E 167 -0.15 17.11 54.84
C GLU E 167 -1.57 17.34 55.37
N GLY E 168 -1.81 17.02 56.63
CA GLY E 168 -3.12 17.23 57.20
C GLY E 168 -4.15 16.12 56.90
N TYR E 169 -3.73 15.04 56.21
CA TYR E 169 -4.61 13.91 55.87
C TYR E 169 -4.25 12.66 56.62
N ALA E 170 -5.24 11.89 57.02
CA ALA E 170 -4.89 10.64 57.68
C ALA E 170 -4.69 9.57 56.65
N LEU E 171 -3.85 8.60 56.99
CA LEU E 171 -3.67 7.42 56.18
C LEU E 171 -4.21 6.26 57.01
N PRO E 172 -5.56 6.06 57.12
CA PRO E 172 -6.21 5.17 58.06
C PRO E 172 -5.88 3.70 57.91
N HIS E 173 -5.46 3.27 56.72
CA HIS E 173 -5.15 1.87 56.50
C HIS E 173 -3.86 1.49 57.20
N ALA E 174 -3.09 2.49 57.58
CA ALA E 174 -1.81 2.32 58.22
C ALA E 174 -1.86 2.64 59.71
N ILE E 175 -3.04 2.81 60.30
CA ILE E 175 -3.06 3.08 61.74
C ILE E 175 -2.91 1.79 62.51
N MET E 176 -1.94 1.74 63.41
CA MET E 176 -1.72 0.53 64.18
C MET E 176 -2.27 0.68 65.61
N ARG E 177 -3.59 0.83 65.82
CA ARG E 177 -3.98 1.09 67.21
C ARG E 177 -3.60 -0.11 68.09
N LEU E 178 -2.93 0.15 69.21
CA LEU E 178 -2.44 -0.90 70.08
C LEU E 178 -2.86 -0.83 71.55
N ASP E 179 -3.38 -1.93 72.07
CA ASP E 179 -3.80 -1.99 73.46
C ASP E 179 -2.63 -2.32 74.41
N LEU E 180 -1.67 -1.39 74.45
CA LEU E 180 -0.47 -1.38 75.27
C LEU E 180 -0.30 0.04 75.80
N ALA E 181 -0.34 0.22 77.13
CA ALA E 181 -0.32 1.60 77.62
C ALA E 181 0.22 1.82 79.04
N GLY E 182 0.32 3.10 79.41
CA GLY E 182 0.84 3.53 80.71
C GLY E 182 0.15 2.88 81.91
N ARG E 183 -1.13 2.55 81.81
CA ARG E 183 -1.82 1.90 82.91
C ARG E 183 -1.24 0.51 83.16
N ASP E 184 -0.71 -0.14 82.12
CA ASP E 184 -0.22 -1.49 82.24
C ASP E 184 1.16 -1.41 82.85
N LEU E 185 1.86 -0.32 82.55
CA LEU E 185 3.20 -0.14 83.07
C LEU E 185 3.09 0.02 84.60
N THR E 186 2.04 0.73 85.06
CA THR E 186 1.81 0.93 86.50
C THR E 186 1.52 -0.40 87.18
N ASP E 187 0.66 -1.23 86.59
CA ASP E 187 0.34 -2.52 87.23
C ASP E 187 1.54 -3.46 87.20
N TYR E 188 2.34 -3.41 86.12
CA TYR E 188 3.52 -4.24 86.03
C TYR E 188 4.48 -3.85 87.14
N LEU E 189 4.65 -2.53 87.36
CA LEU E 189 5.52 -2.05 88.42
C LEU E 189 4.97 -2.51 89.79
N MET E 190 3.65 -2.50 90.02
CA MET E 190 3.15 -3.00 91.31
C MET E 190 3.61 -4.47 91.51
N LYS E 191 3.51 -5.29 90.46
CA LYS E 191 3.91 -6.68 90.56
C LYS E 191 5.43 -6.89 90.68
N ILE E 192 6.24 -6.08 89.99
CA ILE E 192 7.69 -6.28 90.04
C ILE E 192 8.19 -5.79 91.42
N LEU E 193 7.54 -4.76 91.98
CA LEU E 193 7.96 -4.27 93.27
C LEU E 193 7.57 -5.29 94.34
N THR E 194 6.50 -6.06 94.08
CA THR E 194 6.12 -7.14 94.97
C THR E 194 7.27 -8.16 95.00
N GLU E 195 7.83 -8.46 93.81
CA GLU E 195 8.96 -9.39 93.71
C GLU E 195 10.17 -8.89 94.54
N ARG E 196 10.35 -7.57 94.62
CA ARG E 196 11.43 -6.93 95.40
C ARG E 196 11.17 -6.88 96.91
N GLY E 197 9.97 -7.29 97.36
CA GLY E 197 9.64 -7.25 98.78
C GLY E 197 8.74 -6.09 99.22
N TYR E 198 8.20 -5.35 98.26
CA TYR E 198 7.31 -4.23 98.54
C TYR E 198 6.00 -4.43 97.81
N SER E 199 5.11 -5.21 98.41
CA SER E 199 3.84 -5.54 97.79
C SER E 199 2.93 -4.33 97.61
N PHE E 200 2.23 -4.27 96.47
CA PHE E 200 1.23 -3.24 96.19
C PHE E 200 -0.01 -3.85 95.52
N VAL E 201 -1.20 -3.76 96.14
CA VAL E 201 -2.45 -4.29 95.54
C VAL E 201 -3.69 -3.37 95.61
N THR E 202 -3.77 -2.49 96.61
CA THR E 202 -4.96 -1.66 96.90
C THR E 202 -4.95 -0.35 96.13
N THR E 203 -6.04 0.43 96.21
CA THR E 203 -6.04 1.72 95.54
C THR E 203 -4.92 2.63 96.02
N ALA E 204 -4.72 2.72 97.33
CA ALA E 204 -3.68 3.62 97.84
C ALA E 204 -2.34 3.15 97.32
N GLU E 205 -2.14 1.85 97.29
CA GLU E 205 -0.90 1.28 96.83
C GLU E 205 -0.68 1.53 95.34
N ARG E 206 -1.74 1.45 94.53
CA ARG E 206 -1.64 1.75 93.11
C ARG E 206 -1.30 3.21 92.87
N GLU E 207 -1.89 4.12 93.66
CA GLU E 207 -1.59 5.55 93.51
C GLU E 207 -0.12 5.80 93.91
N ILE E 208 0.40 5.07 94.90
CA ILE E 208 1.80 5.22 95.23
C ILE E 208 2.66 4.75 94.08
N VAL E 209 2.33 3.61 93.49
CA VAL E 209 3.13 3.11 92.40
C VAL E 209 3.11 4.03 91.19
N ARG E 210 1.98 4.67 90.93
CA ARG E 210 1.87 5.60 89.82
C ARG E 210 2.75 6.82 90.08
N ASP E 211 2.95 7.14 91.37
CA ASP E 211 3.78 8.27 91.76
C ASP E 211 5.25 7.87 91.66
N ILE E 212 5.54 6.61 91.99
CA ILE E 212 6.90 6.11 91.87
C ILE E 212 7.30 6.13 90.43
N LYS E 213 6.42 5.62 89.57
CA LYS E 213 6.72 5.56 88.14
C LYS E 213 7.01 6.93 87.57
N GLU E 214 6.14 7.89 87.90
CA GLU E 214 6.21 9.25 87.39
C GLU E 214 7.48 9.99 87.84
N LYS E 215 8.05 9.62 89.02
CA LYS E 215 9.27 10.26 89.47
C LYS E 215 10.58 9.45 89.26
N LEU E 216 10.53 8.12 89.31
CA LEU E 216 11.73 7.28 89.23
C LEU E 216 11.99 6.52 87.92
N CYS E 217 10.97 6.25 87.11
CA CYS E 217 11.18 5.39 85.97
C CYS E 217 11.70 6.08 84.72
N TYR E 218 12.34 5.28 83.89
CA TYR E 218 12.90 5.73 82.62
C TYR E 218 12.92 4.61 81.61
N VAL E 219 13.13 4.90 80.34
CA VAL E 219 13.14 3.82 79.35
C VAL E 219 14.48 3.18 79.12
N ALA E 220 15.50 4.02 78.96
CA ALA E 220 16.87 3.59 78.64
C ALA E 220 16.98 3.36 77.14
N LEU E 221 17.80 4.18 76.46
CA LEU E 221 17.90 4.05 75.00
C LEU E 221 18.63 2.75 74.67
N ASP E 222 19.51 2.31 75.56
CA ASP E 222 20.21 1.05 75.38
C ASP E 222 20.03 0.27 76.67
N PHE E 223 18.93 -0.47 76.71
CA PHE E 223 18.52 -1.16 77.91
C PHE E 223 19.41 -2.34 78.22
N GLU E 224 20.05 -2.94 77.20
CA GLU E 224 20.86 -4.10 77.51
C GLU E 224 22.09 -3.67 78.30
N ASN E 225 22.68 -2.54 77.91
CA ASN E 225 23.85 -2.08 78.65
C ASN E 225 23.41 -1.51 80.00
N GLU E 226 22.21 -0.93 80.02
CA GLU E 226 21.73 -0.30 81.23
C GLU E 226 21.40 -1.36 82.27
N MET E 227 20.78 -2.49 81.86
CA MET E 227 20.42 -3.53 82.82
C MET E 227 21.63 -4.35 83.18
N ALA E 228 22.62 -4.45 82.30
CA ALA E 228 23.78 -5.22 82.69
C ALA E 228 24.38 -4.60 83.95
N THR E 229 24.37 -3.27 84.03
CA THR E 229 24.87 -2.63 85.25
C THR E 229 23.76 -2.50 86.32
N ALA E 230 22.56 -2.07 85.94
CA ALA E 230 21.51 -1.83 86.93
C ALA E 230 21.12 -3.10 87.68
N ALA E 231 21.19 -4.25 87.03
CA ALA E 231 20.84 -5.50 87.67
C ALA E 231 22.01 -6.08 88.46
N SER E 232 23.19 -5.45 88.36
CA SER E 232 24.41 -5.92 89.02
C SER E 232 24.85 -5.03 90.18
N SER E 233 24.40 -3.77 90.19
CA SER E 233 24.88 -2.83 91.22
C SER E 233 23.86 -1.81 91.74
N SER E 234 23.94 -1.60 93.06
CA SER E 234 23.11 -0.69 93.83
C SER E 234 23.36 0.77 93.46
N SER E 235 24.44 1.04 92.74
CA SER E 235 24.79 2.39 92.32
C SER E 235 23.78 2.92 91.31
N LEU E 236 22.98 2.03 90.71
CA LEU E 236 21.96 2.41 89.75
C LEU E 236 20.56 2.45 90.37
N GLU E 237 20.46 2.25 91.68
CA GLU E 237 19.16 2.28 92.31
C GLU E 237 18.79 3.68 92.74
N LYS E 238 17.50 3.95 92.71
CA LYS E 238 16.99 5.23 93.17
C LYS E 238 15.93 5.05 94.23
N SER E 239 16.08 5.82 95.32
CA SER E 239 15.15 5.81 96.44
C SER E 239 13.91 6.66 96.22
N TYR E 240 12.78 6.14 96.66
CA TYR E 240 11.50 6.83 96.67
C TYR E 240 10.90 6.86 98.07
N GLU E 241 10.37 8.02 98.43
CA GLU E 241 9.71 8.22 99.72
C GLU E 241 8.22 7.93 99.64
N LEU E 242 7.76 6.99 100.45
CA LEU E 242 6.36 6.62 100.46
C LEU E 242 5.65 7.56 101.44
N PRO E 243 4.32 7.73 101.36
CA PRO E 243 3.51 8.60 102.21
C PRO E 243 3.68 8.41 103.71
N ASP E 244 4.06 7.22 104.16
CA ASP E 244 4.23 6.94 105.57
C ASP E 244 5.68 6.98 106.04
N GLY E 245 6.59 7.47 105.19
CA GLY E 245 8.00 7.56 105.55
C GLY E 245 8.83 6.34 105.14
N GLN E 246 8.23 5.35 104.49
CA GLN E 246 9.03 4.19 104.06
C GLN E 246 9.86 4.51 102.83
N VAL E 247 10.99 3.82 102.68
CA VAL E 247 11.77 4.00 101.47
C VAL E 247 11.95 2.72 100.69
N ILE E 248 11.65 2.85 99.41
CA ILE E 248 11.76 1.77 98.43
C ILE E 248 12.84 2.12 97.44
N THR E 249 13.69 1.17 97.08
CA THR E 249 14.66 1.48 96.04
C THR E 249 14.34 0.58 94.88
N ILE E 250 14.59 1.10 93.68
CA ILE E 250 14.34 0.36 92.45
C ILE E 250 15.59 0.38 91.56
N GLY E 251 16.01 -0.78 91.01
CA GLY E 251 17.20 -0.93 90.18
C GLY E 251 16.85 -1.11 88.71
N ASN E 252 17.11 -2.27 88.13
CA ASN E 252 16.80 -2.41 86.71
C ASN E 252 15.31 -2.39 86.44
N GLU E 253 14.51 -2.64 87.49
CA GLU E 253 13.05 -2.66 87.42
C GLU E 253 12.54 -1.26 87.08
N ARG E 254 13.38 -0.27 87.37
CA ARG E 254 13.18 1.16 87.19
C ARG E 254 12.97 1.49 85.74
N PHE E 255 13.58 0.71 84.85
CA PHE E 255 13.46 0.93 83.41
C PHE E 255 12.82 -0.28 82.74
N ARG E 256 12.83 -1.42 83.43
CA ARG E 256 12.26 -2.64 82.89
C ARG E 256 10.76 -2.50 82.80
N CYS E 257 10.17 -1.71 83.68
CA CYS E 257 8.74 -1.57 83.59
C CYS E 257 8.39 -0.81 82.28
N PRO E 258 8.87 0.46 82.02
CA PRO E 258 8.73 1.23 80.77
C PRO E 258 9.18 0.47 79.53
N GLU E 259 10.16 -0.44 79.69
CA GLU E 259 10.70 -1.28 78.63
C GLU E 259 9.59 -2.09 77.98
N THR E 260 8.48 -2.32 78.69
CA THR E 260 7.33 -3.09 78.25
C THR E 260 6.71 -2.46 77.01
N LEU E 261 6.94 -1.15 76.82
CA LEU E 261 6.43 -0.45 75.65
C LEU E 261 7.13 -0.98 74.40
N PHE E 262 8.31 -1.59 74.59
CA PHE E 262 9.12 -2.15 73.52
C PHE E 262 9.06 -3.67 73.65
N GLN E 263 8.81 -4.15 74.87
CA GLN E 263 8.73 -5.56 75.24
C GLN E 263 7.39 -5.94 75.90
N PRO E 264 6.26 -5.91 75.16
CA PRO E 264 4.89 -6.09 75.63
C PRO E 264 4.62 -7.45 76.26
N SER E 265 5.48 -8.41 75.98
CA SER E 265 5.35 -9.76 76.51
C SER E 265 5.49 -9.76 78.03
N PHE E 266 6.06 -8.69 78.61
CA PHE E 266 6.26 -8.59 80.05
C PHE E 266 4.93 -8.57 80.80
N ILE E 267 3.86 -8.15 80.12
CA ILE E 267 2.54 -8.08 80.73
C ILE E 267 1.56 -9.04 80.06
N GLY E 268 2.09 -10.01 79.30
CA GLY E 268 1.25 -10.98 78.63
C GLY E 268 0.60 -10.48 77.35
N MET E 269 1.11 -9.39 76.76
CA MET E 269 0.51 -8.85 75.55
C MET E 269 1.21 -9.35 74.31
N GLU E 270 0.43 -9.66 73.29
CA GLU E 270 0.99 -10.06 72.01
C GLU E 270 1.06 -8.84 71.12
N SER E 271 2.25 -8.30 70.99
CA SER E 271 2.48 -7.08 70.24
C SER E 271 3.91 -6.94 69.82
N ALA E 272 4.13 -6.13 68.81
CA ALA E 272 5.47 -5.83 68.33
C ALA E 272 6.16 -4.73 69.14
N GLY E 273 5.37 -3.97 69.90
CA GLY E 273 5.89 -2.83 70.66
C GLY E 273 5.71 -1.52 69.90
N ILE E 274 5.87 -0.39 70.60
CA ILE E 274 5.57 0.92 70.02
C ILE E 274 6.53 1.35 68.90
N HIS E 275 7.76 0.87 68.90
CA HIS E 275 8.67 1.25 67.85
C HIS E 275 8.38 0.55 66.53
N GLU E 276 7.76 -0.63 66.60
CA GLU E 276 7.50 -1.36 65.39
C GLU E 276 6.20 -0.88 64.84
N THR E 277 5.30 -0.47 65.73
CA THR E 277 4.05 0.07 65.26
C THR E 277 4.31 1.42 64.63
N THR E 278 5.31 2.18 65.12
CA THR E 278 5.62 3.46 64.48
C THR E 278 6.14 3.13 63.09
N TYR E 279 7.03 2.16 63.03
CA TYR E 279 7.60 1.70 61.78
C TYR E 279 6.53 1.30 60.77
N ASN E 280 5.58 0.47 61.18
CA ASN E 280 4.52 0.05 60.27
C ASN E 280 3.57 1.19 59.91
N SER E 281 3.33 2.13 60.81
CA SER E 281 2.49 3.24 60.40
C SER E 281 3.16 4.00 59.26
N ILE E 282 4.50 4.05 59.29
CA ILE E 282 5.25 4.69 58.22
C ILE E 282 5.30 3.77 57.00
N MET E 283 5.67 2.51 57.20
CA MET E 283 5.94 1.57 56.13
C MET E 283 4.69 1.18 55.33
N LYS E 284 3.52 1.24 55.96
CA LYS E 284 2.29 0.86 55.29
C LYS E 284 1.71 2.01 54.46
N CYS E 285 2.37 3.16 54.46
CA CYS E 285 1.96 4.31 53.67
C CYS E 285 2.73 4.25 52.35
N ASP E 286 2.27 4.97 51.32
CA ASP E 286 2.94 4.98 50.02
C ASP E 286 4.36 5.51 50.16
N ILE E 287 5.24 5.09 49.25
CA ILE E 287 6.64 5.49 49.37
C ILE E 287 6.91 6.99 49.27
N ASP E 288 6.03 7.79 48.67
CA ASP E 288 6.27 9.22 48.61
C ASP E 288 5.75 9.91 49.87
N ILE E 289 5.21 9.13 50.80
CA ILE E 289 4.69 9.68 52.04
C ILE E 289 5.47 9.18 53.26
N ARG E 290 6.30 8.17 53.06
CA ARG E 290 7.10 7.59 54.13
C ARG E 290 8.36 8.41 54.38
N LYS E 291 8.92 8.98 53.31
CA LYS E 291 10.12 9.78 53.41
C LYS E 291 9.92 11.00 54.31
N ASP E 292 8.66 11.33 54.57
CA ASP E 292 8.33 12.45 55.39
C ASP E 292 7.88 11.95 56.74
N LEU E 293 7.30 10.77 56.76
CA LEU E 293 6.89 10.24 58.05
C LEU E 293 8.13 9.76 58.81
N TYR E 294 9.16 9.21 58.13
CA TYR E 294 10.37 8.77 58.83
C TYR E 294 11.05 9.93 59.53
N ALA E 295 11.05 11.09 58.86
CA ALA E 295 11.67 12.30 59.36
C ALA E 295 10.79 13.04 60.38
N ASN E 296 9.57 12.53 60.62
CA ASN E 296 8.63 13.16 61.53
C ASN E 296 7.89 12.16 62.42
N ASN E 297 8.61 11.58 63.37
CA ASN E 297 7.96 10.72 64.35
C ASN E 297 7.50 11.68 65.43
N VAL E 298 6.20 11.82 65.63
CA VAL E 298 5.69 12.82 66.56
C VAL E 298 5.29 12.21 67.88
N MET E 299 5.97 12.60 68.93
CA MET E 299 5.70 12.06 70.24
C MET E 299 4.66 12.91 70.94
N SER E 300 3.70 12.25 71.56
CA SER E 300 2.68 12.99 72.27
C SER E 300 2.14 12.21 73.43
N GLY E 301 1.28 12.83 74.20
CA GLY E 301 0.68 12.15 75.34
C GLY E 301 1.69 12.06 76.46
N GLY E 302 1.30 11.36 77.53
CA GLY E 302 2.12 11.13 78.73
C GLY E 302 3.01 9.89 78.51
N THR E 303 3.79 9.45 79.53
CA THR E 303 4.80 8.33 79.42
C THR E 303 6.03 8.73 78.55
N THR E 304 5.88 9.84 77.86
CA THR E 304 6.82 10.47 76.97
C THR E 304 7.85 11.26 77.72
N MET E 305 7.64 11.33 79.03
CA MET E 305 8.52 12.05 79.92
C MET E 305 9.61 11.13 80.44
N TYR E 306 9.52 9.83 80.15
CA TYR E 306 10.56 8.96 80.66
C TYR E 306 11.85 9.32 79.93
N PRO E 307 12.99 9.56 80.58
CA PRO E 307 14.19 9.82 79.84
C PRO E 307 14.56 8.56 79.07
N GLY E 308 15.04 8.77 77.86
CA GLY E 308 15.41 7.69 76.98
C GLY E 308 14.27 7.26 76.05
N ILE E 309 13.03 7.73 76.25
CA ILE E 309 11.97 7.27 75.35
C ILE E 309 12.09 7.81 73.93
N ALA E 310 12.49 9.06 73.79
CA ALA E 310 12.61 9.63 72.46
C ALA E 310 13.76 9.01 71.71
N ASP E 311 14.89 8.87 72.39
CA ASP E 311 16.09 8.27 71.78
C ASP E 311 15.90 6.78 71.57
N ARG E 312 15.10 6.16 72.44
CA ARG E 312 14.84 4.73 72.35
C ARG E 312 13.83 4.45 71.24
N MET E 313 13.01 5.44 70.92
CA MET E 313 12.00 5.30 69.89
C MET E 313 12.57 5.66 68.52
N GLN E 314 13.69 6.39 68.51
CA GLN E 314 14.34 6.78 67.29
C GLN E 314 15.34 5.69 66.89
N LYS E 315 16.07 5.13 67.86
CA LYS E 315 17.05 4.08 67.59
C LYS E 315 16.39 2.82 67.05
N GLU E 316 15.28 2.40 67.66
CA GLU E 316 14.60 1.19 67.23
C GLU E 316 14.00 1.37 65.83
N ILE E 317 13.46 2.55 65.54
CA ILE E 317 12.88 2.79 64.23
C ILE E 317 13.99 2.80 63.21
N THR E 318 15.11 3.46 63.54
CA THR E 318 16.25 3.52 62.64
C THR E 318 16.72 2.11 62.30
N ALA E 319 16.76 1.22 63.30
CA ALA E 319 17.15 -0.16 63.08
C ALA E 319 16.19 -0.90 62.13
N LEU E 320 14.88 -0.60 62.20
CA LEU E 320 13.88 -1.24 61.34
C LEU E 320 13.80 -0.61 59.96
N ALA E 321 14.08 0.68 59.91
CA ALA E 321 14.02 1.52 58.73
C ALA E 321 15.14 1.18 57.72
N PRO E 322 14.95 1.48 56.43
CA PRO E 322 15.96 1.41 55.39
C PRO E 322 17.11 2.36 55.68
N SER E 323 18.29 2.03 55.18
CA SER E 323 19.49 2.85 55.32
C SER E 323 19.35 4.07 54.42
N THR E 324 20.27 5.05 54.53
CA THR E 324 20.25 6.33 53.80
C THR E 324 19.21 7.31 54.38
N MET E 325 18.01 6.82 54.59
CA MET E 325 16.88 7.54 55.13
C MET E 325 17.16 8.12 56.50
N LYS E 326 16.68 9.35 56.71
CA LYS E 326 16.80 10.02 57.99
C LYS E 326 15.57 9.80 58.86
N ILE E 327 15.80 9.25 60.03
CA ILE E 327 14.75 8.99 61.00
C ILE E 327 14.88 10.02 62.12
N LYS E 328 13.79 10.72 62.42
CA LYS E 328 13.81 11.76 63.43
C LYS E 328 12.63 11.79 64.40
N ILE E 329 12.94 11.84 65.70
CA ILE E 329 11.90 11.96 66.72
C ILE E 329 11.73 13.40 67.19
N ILE E 330 10.48 13.81 67.22
CA ILE E 330 10.04 15.11 67.67
C ILE E 330 9.41 14.88 69.04
N ALA E 331 10.01 15.45 70.09
CA ALA E 331 9.52 15.22 71.45
C ALA E 331 9.52 16.52 72.25
N PRO E 332 8.54 17.42 72.01
CA PRO E 332 8.47 18.78 72.51
C PRO E 332 8.12 18.79 74.00
N PRO E 333 8.39 19.88 74.74
CA PRO E 333 7.99 20.13 76.13
C PRO E 333 6.47 20.07 76.34
N GLU E 334 5.73 20.33 75.27
CA GLU E 334 4.27 20.29 75.30
C GLU E 334 3.83 18.84 75.34
N ARG E 335 4.67 17.99 75.93
CA ARG E 335 4.38 16.57 76.09
C ARG E 335 3.28 16.39 77.12
N LYS E 336 2.54 15.29 76.97
CA LYS E 336 1.42 14.93 77.87
C LYS E 336 0.31 15.99 77.83
N TYR E 337 0.69 17.26 77.68
CA TYR E 337 -0.29 18.33 77.58
C TYR E 337 -0.58 18.75 76.14
N SER E 338 0.07 18.10 75.18
CA SER E 338 -0.03 18.47 73.77
C SER E 338 -1.39 18.31 73.18
N VAL E 339 -2.15 17.35 73.68
CA VAL E 339 -3.47 17.17 73.14
C VAL E 339 -4.35 18.32 73.64
N TRP E 340 -4.25 18.67 74.92
CA TRP E 340 -5.06 19.77 75.42
C TRP E 340 -4.70 21.06 74.68
N ILE E 341 -3.39 21.31 74.51
CA ILE E 341 -2.90 22.52 73.85
C ILE E 341 -3.39 22.54 72.42
N GLY E 342 -3.29 21.41 71.73
CA GLY E 342 -3.78 21.36 70.38
C GLY E 342 -5.26 21.66 70.34
N GLY E 343 -6.01 21.22 71.38
CA GLY E 343 -7.45 21.44 71.48
C GLY E 343 -7.73 22.93 71.54
N SER E 344 -6.93 23.64 72.31
CA SER E 344 -7.06 25.09 72.41
C SER E 344 -6.81 25.72 71.05
N ILE E 345 -5.77 25.25 70.34
CA ILE E 345 -5.43 25.75 69.02
C ILE E 345 -6.56 25.48 68.04
N LEU E 346 -7.11 24.26 68.04
CA LEU E 346 -8.19 23.94 67.12
C LEU E 346 -9.40 24.81 67.39
N ALA E 347 -9.76 24.92 68.66
CA ALA E 347 -10.93 25.66 69.06
C ALA E 347 -10.90 27.12 68.64
N SER E 348 -9.71 27.75 68.64
CA SER E 348 -9.58 29.15 68.28
C SER E 348 -9.42 29.42 66.78
N LEU E 349 -9.32 28.38 65.93
CA LEU E 349 -9.12 28.64 64.51
C LEU E 349 -10.40 29.21 63.92
N SER E 350 -10.30 30.20 63.03
CA SER E 350 -11.51 30.76 62.44
C SER E 350 -12.25 29.77 61.55
N THR E 351 -11.49 28.86 60.97
CA THR E 351 -12.02 27.83 60.08
C THR E 351 -12.70 26.72 60.84
N PHE E 352 -12.49 26.67 62.15
CA PHE E 352 -13.05 25.63 62.95
C PHE E 352 -14.40 26.01 63.42
N GLN E 353 -14.82 27.23 63.12
CA GLN E 353 -16.08 27.62 63.67
C GLN E 353 -17.19 27.06 62.78
N GLN E 354 -16.81 26.46 61.65
CA GLN E 354 -17.78 25.87 60.76
C GLN E 354 -17.89 24.37 61.02
N MET E 355 -17.08 23.85 61.97
CA MET E 355 -17.05 22.42 62.26
C MET E 355 -17.94 21.97 63.42
N TRP E 356 -18.55 22.91 64.12
CA TRP E 356 -19.32 22.62 65.33
C TRP E 356 -20.70 22.01 65.08
N ILE E 357 -21.08 21.08 65.94
CA ILE E 357 -22.44 20.55 65.95
C ILE E 357 -23.20 21.53 66.80
N THR E 358 -24.29 22.08 66.30
CA THR E 358 -25.00 23.02 67.17
C THR E 358 -26.04 22.28 68.00
N LYS E 359 -26.54 22.90 69.07
CA LYS E 359 -27.62 22.23 69.81
C LYS E 359 -28.96 22.57 69.17
N GLN E 360 -29.10 22.07 67.98
CA GLN E 360 -30.23 22.12 67.08
C GLN E 360 -30.04 20.89 66.26
N GLU E 361 -28.89 20.86 65.55
CA GLU E 361 -28.57 19.75 64.67
C GLU E 361 -28.52 18.48 65.48
N TYR E 362 -27.98 18.60 66.70
CA TYR E 362 -27.90 17.50 67.64
C TYR E 362 -29.23 16.87 67.93
N ASP E 363 -30.26 17.69 68.17
CA ASP E 363 -31.51 17.10 68.61
C ASP E 363 -32.26 16.56 67.43
N GLU E 364 -32.08 17.18 66.26
CA GLU E 364 -32.74 16.69 65.07
C GLU E 364 -32.21 15.31 64.66
N ALA E 365 -30.88 15.11 64.77
CA ALA E 365 -30.22 13.86 64.39
C ALA E 365 -29.93 12.87 65.53
N GLY E 366 -29.77 13.35 66.76
CA GLY E 366 -29.37 12.51 67.87
C GLY E 366 -27.84 12.42 67.88
N PRO E 367 -27.22 11.74 68.85
CA PRO E 367 -25.77 11.64 69.09
C PRO E 367 -24.99 10.94 68.00
N SER E 368 -25.67 10.24 67.10
CA SER E 368 -25.00 9.56 65.99
C SER E 368 -24.43 10.61 65.04
N ILE E 369 -24.88 11.86 65.21
CA ILE E 369 -24.44 13.04 64.46
C ILE E 369 -22.96 13.26 64.57
N VAL E 370 -22.33 12.78 65.63
CA VAL E 370 -20.91 12.98 65.80
C VAL E 370 -20.13 12.35 64.63
N HIS E 371 -20.70 11.31 64.00
CA HIS E 371 -20.03 10.65 62.91
C HIS E 371 -20.31 11.36 61.57
N ARG E 372 -21.28 12.28 61.56
CA ARG E 372 -21.64 13.00 60.35
C ARG E 372 -20.89 14.34 60.35
N LYS E 373 -20.70 14.89 61.55
CA LYS E 373 -20.10 16.21 61.72
C LYS E 373 -18.67 16.26 62.26
N CYS E 374 -18.22 15.29 63.07
CA CYS E 374 -16.88 15.41 63.63
C CYS E 374 -15.86 14.55 62.93
N PHE E 375 -16.10 13.24 62.89
CA PHE E 375 -15.20 12.25 62.28
C PHE E 375 -15.74 10.81 62.34
N ASP F 1 -2.37 -46.26 52.39
CA ASP F 1 -3.46 -45.41 51.95
C ASP F 1 -3.63 -45.40 50.44
N GLU F 2 -2.52 -45.42 49.70
CA GLU F 2 -2.57 -45.40 48.24
C GLU F 2 -1.79 -46.57 47.66
N ASP F 3 -2.26 -47.11 46.53
CA ASP F 3 -1.60 -48.22 45.84
C ASP F 3 -0.98 -47.89 44.48
N GLU F 4 -0.78 -46.60 44.21
CA GLU F 4 -0.18 -46.15 42.95
C GLU F 4 0.62 -44.88 43.16
N THR F 5 1.63 -44.66 42.32
CA THR F 5 2.47 -43.45 42.40
C THR F 5 1.85 -42.29 41.64
N THR F 6 0.66 -41.91 42.08
CA THR F 6 -0.08 -40.80 41.52
C THR F 6 0.60 -39.50 41.90
N ALA F 7 0.45 -38.47 41.09
CA ALA F 7 1.05 -37.19 41.46
C ALA F 7 0.34 -36.62 42.65
N LEU F 8 1.05 -35.87 43.48
CA LEU F 8 0.40 -35.20 44.58
C LEU F 8 0.18 -33.78 44.17
N VAL F 9 -0.86 -33.17 44.71
CA VAL F 9 -1.16 -31.79 44.40
C VAL F 9 -1.30 -30.90 45.65
N CYS F 10 -0.60 -29.77 45.65
CA CYS F 10 -0.74 -28.84 46.78
C CYS F 10 -0.94 -27.38 46.35
N ASP F 11 -1.99 -26.78 46.90
CA ASP F 11 -2.34 -25.39 46.61
C ASP F 11 -1.97 -24.56 47.83
N ASN F 12 -0.78 -23.96 47.83
CA ASN F 12 -0.20 -23.29 48.99
C ASN F 12 -0.37 -21.78 49.07
N GLY F 13 -1.33 -21.28 49.86
CA GLY F 13 -1.52 -19.85 49.93
C GLY F 13 -1.21 -19.29 51.33
N SER F 14 -1.55 -18.01 51.53
CA SER F 14 -1.33 -17.32 52.82
C SER F 14 -2.44 -17.60 53.83
N GLY F 15 -3.40 -18.40 53.39
CA GLY F 15 -4.53 -18.88 54.16
C GLY F 15 -4.21 -20.30 54.55
N LEU F 16 -4.71 -21.25 53.77
CA LEU F 16 -4.46 -22.67 54.00
C LEU F 16 -3.87 -23.36 52.78
N VAL F 17 -3.27 -24.52 53.01
CA VAL F 17 -2.81 -25.32 51.91
C VAL F 17 -3.81 -26.43 51.62
N LYS F 18 -4.37 -26.46 50.41
CA LYS F 18 -5.26 -27.57 50.13
C LYS F 18 -4.42 -28.70 49.58
N ALA F 19 -4.57 -29.90 50.11
CA ALA F 19 -3.73 -30.94 49.58
C ALA F 19 -4.41 -32.31 49.53
N GLY F 20 -3.97 -33.10 48.58
CA GLY F 20 -4.47 -34.44 48.35
C GLY F 20 -3.72 -35.01 47.18
N PHE F 21 -4.25 -36.08 46.60
CA PHE F 21 -3.55 -36.71 45.50
C PHE F 21 -4.29 -36.52 44.18
N ALA F 22 -3.53 -36.55 43.09
CA ALA F 22 -4.11 -36.42 41.77
C ALA F 22 -5.01 -37.59 41.48
N GLY F 23 -6.11 -37.27 40.84
CA GLY F 23 -7.12 -38.21 40.46
C GLY F 23 -8.38 -38.01 41.30
N ASP F 24 -8.23 -37.30 42.42
CA ASP F 24 -9.38 -36.98 43.27
C ASP F 24 -9.97 -35.64 42.79
N ASP F 25 -11.16 -35.29 43.27
CA ASP F 25 -11.78 -34.03 42.83
C ASP F 25 -11.96 -33.13 44.04
N ALA F 26 -11.15 -33.39 45.04
CA ALA F 26 -11.11 -32.64 46.29
C ALA F 26 -9.79 -32.96 46.97
N PRO F 27 -9.27 -32.09 47.83
CA PRO F 27 -8.13 -32.34 48.64
C PRO F 27 -8.55 -33.39 49.64
N ARG F 28 -7.59 -34.11 50.20
CA ARG F 28 -7.90 -35.14 51.19
C ARG F 28 -8.02 -34.47 52.55
N ALA F 29 -7.30 -33.37 52.72
CA ALA F 29 -7.30 -32.62 53.95
C ALA F 29 -6.81 -31.19 53.69
N VAL F 30 -7.17 -30.28 54.60
CA VAL F 30 -6.71 -28.90 54.49
C VAL F 30 -5.75 -28.59 55.61
N PHE F 31 -4.64 -27.97 55.25
CA PHE F 31 -3.57 -27.67 56.17
C PHE F 31 -3.26 -26.19 56.28
N PRO F 32 -3.78 -25.48 57.27
CA PRO F 32 -3.62 -24.06 57.43
C PRO F 32 -2.15 -23.72 57.34
N SER F 33 -1.78 -22.63 56.65
CA SER F 33 -0.37 -22.29 56.48
C SER F 33 0.10 -21.59 57.73
N ILE F 34 0.09 -22.34 58.82
CA ILE F 34 0.38 -21.83 60.14
C ILE F 34 1.40 -22.59 60.93
N VAL F 35 2.31 -21.83 61.53
CA VAL F 35 3.19 -22.42 62.52
C VAL F 35 2.95 -21.68 63.83
N GLY F 36 2.57 -22.44 64.85
CA GLY F 36 2.27 -21.86 66.13
C GLY F 36 3.40 -22.03 67.11
N ARG F 37 3.58 -21.04 67.96
CA ARG F 37 4.62 -21.11 68.97
C ARG F 37 4.09 -20.56 70.29
N PRO F 38 4.40 -21.16 71.44
CA PRO F 38 3.93 -20.70 72.73
C PRO F 38 4.47 -19.33 73.00
N ARG F 39 3.62 -18.48 73.58
CA ARG F 39 4.01 -17.13 73.95
C ARG F 39 4.06 -17.00 75.47
N HIS F 40 4.04 -18.16 76.13
CA HIS F 40 4.04 -18.29 77.58
C HIS F 40 5.12 -19.23 78.07
N GLN F 41 5.56 -18.99 79.32
CA GLN F 41 6.53 -19.82 80.01
C GLN F 41 5.89 -21.02 80.68
N GLY F 42 6.42 -22.20 80.37
CA GLY F 42 5.92 -23.45 80.95
C GLY F 42 6.25 -23.54 82.43
N VAL F 43 5.33 -24.14 83.19
CA VAL F 43 5.53 -24.37 84.61
C VAL F 43 5.48 -25.86 85.00
N MET F 44 4.63 -26.63 84.33
CA MET F 44 4.47 -28.03 84.68
C MET F 44 5.37 -28.89 83.80
N VAL F 45 5.73 -30.08 84.27
CA VAL F 45 6.54 -30.99 83.45
C VAL F 45 5.79 -32.31 83.22
N GLY F 46 6.18 -33.06 82.18
CA GLY F 46 5.48 -34.31 81.89
C GLY F 46 4.15 -33.98 81.21
N MET F 47 4.17 -32.85 80.48
CA MET F 47 3.02 -32.30 79.78
C MET F 47 3.05 -32.51 78.27
N GLY F 48 3.96 -33.35 77.78
CA GLY F 48 4.08 -33.47 76.34
C GLY F 48 4.56 -32.12 75.81
N GLN F 49 3.77 -31.52 74.92
CA GLN F 49 4.02 -30.21 74.28
C GLN F 49 4.98 -30.28 73.10
N LYS F 50 4.87 -29.30 72.23
CA LYS F 50 5.70 -29.22 71.03
C LYS F 50 6.59 -27.99 71.12
N ASP F 51 7.69 -27.97 70.36
CA ASP F 51 8.53 -26.76 70.30
C ASP F 51 7.81 -25.75 69.42
N SER F 52 7.13 -26.30 68.44
CA SER F 52 6.34 -25.60 67.46
C SER F 52 5.20 -26.50 67.01
N TYR F 53 4.10 -25.89 66.62
CA TYR F 53 2.90 -26.61 66.20
C TYR F 53 2.60 -26.29 64.77
N VAL F 54 2.02 -27.21 64.01
CA VAL F 54 1.67 -26.79 62.65
C VAL F 54 0.24 -27.08 62.24
N GLY F 55 -0.27 -26.32 61.26
CA GLY F 55 -1.56 -26.64 60.68
C GLY F 55 -2.66 -26.65 61.72
N ASP F 56 -3.35 -27.78 61.80
CA ASP F 56 -4.43 -27.95 62.72
C ASP F 56 -3.93 -28.09 64.16
N GLU F 57 -2.67 -28.47 64.38
CA GLU F 57 -2.17 -28.57 65.75
C GLU F 57 -2.05 -27.16 66.28
N ALA F 58 -1.58 -26.29 65.39
CA ALA F 58 -1.35 -24.89 65.70
C ALA F 58 -2.67 -24.21 66.04
N GLN F 59 -3.72 -24.55 65.31
CA GLN F 59 -5.00 -23.97 65.65
C GLN F 59 -5.61 -24.60 66.92
N SER F 60 -5.51 -25.92 67.10
CA SER F 60 -6.13 -26.58 68.25
C SER F 60 -5.57 -26.12 69.60
N LYS F 61 -4.28 -25.82 69.66
CA LYS F 61 -3.64 -25.39 70.90
C LYS F 61 -3.41 -23.87 70.98
N ARG F 62 -4.05 -23.12 70.07
CA ARG F 62 -3.87 -21.69 69.87
C ARG F 62 -4.13 -20.81 71.08
N GLY F 63 -4.82 -21.30 72.11
CA GLY F 63 -5.13 -20.46 73.25
C GLY F 63 -3.89 -19.77 73.82
N ILE F 64 -2.72 -20.43 73.78
CA ILE F 64 -1.50 -19.81 74.30
C ILE F 64 -0.40 -19.67 73.25
N LEU F 65 -0.75 -19.77 71.98
CA LEU F 65 0.24 -19.70 70.93
C LEU F 65 0.09 -18.42 70.16
N THR F 66 1.18 -17.97 69.58
CA THR F 66 1.10 -16.90 68.63
C THR F 66 1.12 -17.63 67.30
N LEU F 67 0.22 -17.27 66.39
CA LEU F 67 0.18 -17.97 65.12
C LEU F 67 0.67 -17.11 63.97
N LYS F 68 1.69 -17.64 63.28
CA LYS F 68 2.34 -16.96 62.17
C LYS F 68 2.05 -17.67 60.86
N TYR F 69 1.92 -16.88 59.79
CA TYR F 69 1.71 -17.38 58.44
C TYR F 69 2.97 -17.14 57.57
N PRO F 70 3.69 -18.20 57.12
CA PRO F 70 4.93 -18.18 56.30
C PRO F 70 4.81 -17.58 54.89
N ILE F 71 3.57 -17.43 54.41
CA ILE F 71 3.32 -16.90 53.06
C ILE F 71 2.64 -15.53 53.06
N GLU F 72 3.21 -14.59 52.30
CA GLU F 72 2.68 -13.23 52.16
C GLU F 72 2.40 -12.88 50.70
N HIS F 73 1.14 -12.63 50.39
CA HIS F 73 0.72 -12.25 49.03
C HIS F 73 1.18 -13.26 47.98
N GLY F 74 1.17 -14.55 48.34
CA GLY F 74 1.59 -15.62 47.44
C GLY F 74 3.08 -16.00 47.52
N ILE F 75 3.88 -15.26 48.28
CA ILE F 75 5.31 -15.53 48.39
C ILE F 75 5.72 -16.18 49.71
N ILE F 76 6.46 -17.28 49.64
CA ILE F 76 6.90 -17.85 50.89
C ILE F 76 8.08 -17.02 51.36
N THR F 77 7.98 -16.51 52.58
CA THR F 77 9.05 -15.69 53.13
C THR F 77 9.78 -16.54 54.15
N ASN F 78 9.08 -17.54 54.67
CA ASN F 78 9.65 -18.45 55.63
C ASN F 78 9.44 -19.89 55.20
N TRP F 79 10.43 -20.43 54.49
CA TRP F 79 10.27 -21.76 53.95
C TRP F 79 10.66 -22.85 54.91
N ASP F 80 11.28 -22.50 56.02
CA ASP F 80 11.61 -23.52 57.00
C ASP F 80 10.30 -23.93 57.64
N ASP F 81 9.42 -22.95 57.84
CA ASP F 81 8.11 -23.21 58.39
C ASP F 81 7.26 -23.97 57.38
N MET F 82 7.41 -23.66 56.09
CA MET F 82 6.63 -24.43 55.13
C MET F 82 7.11 -25.88 55.09
N GLU F 83 8.41 -26.15 55.25
CA GLU F 83 8.84 -27.55 55.26
C GLU F 83 8.21 -28.32 56.41
N LYS F 84 8.06 -27.71 57.59
CA LYS F 84 7.41 -28.41 58.70
C LYS F 84 5.92 -28.68 58.40
N ILE F 85 5.25 -27.70 57.79
CA ILE F 85 3.84 -27.84 57.45
C ILE F 85 3.69 -28.95 56.43
N TRP F 86 4.54 -28.95 55.40
CA TRP F 86 4.56 -29.97 54.36
C TRP F 86 4.90 -31.34 54.90
N HIS F 87 5.87 -31.43 55.82
CA HIS F 87 6.20 -32.75 56.35
C HIS F 87 4.96 -33.34 57.00
N HIS F 88 4.26 -32.54 57.81
CA HIS F 88 3.04 -32.97 58.47
C HIS F 88 1.97 -33.35 57.44
N THR F 89 1.77 -32.45 56.47
CA THR F 89 0.79 -32.66 55.43
C THR F 89 0.98 -33.99 54.74
N PHE F 90 2.20 -34.27 54.34
CA PHE F 90 2.50 -35.47 53.61
C PHE F 90 2.61 -36.75 54.44
N TYR F 91 3.41 -36.72 55.49
CA TYR F 91 3.68 -37.93 56.23
C TYR F 91 2.71 -38.26 57.36
N ASN F 92 2.06 -37.26 57.97
CA ASN F 92 1.19 -37.58 59.10
C ASN F 92 -0.27 -37.70 58.68
N GLU F 93 -0.74 -36.74 57.88
CA GLU F 93 -2.17 -36.70 57.55
C GLU F 93 -2.63 -37.16 56.17
N LEU F 94 -1.94 -36.80 55.08
CA LEU F 94 -2.40 -37.24 53.76
C LEU F 94 -1.94 -38.66 53.50
N ARG F 95 -0.88 -39.04 54.22
CA ARG F 95 -0.17 -40.31 54.14
C ARG F 95 0.45 -40.63 52.78
N VAL F 96 0.91 -39.58 52.12
CA VAL F 96 1.57 -39.63 50.83
C VAL F 96 2.71 -38.65 50.89
N ALA F 97 3.75 -38.85 50.14
CA ALA F 97 4.79 -37.84 50.16
C ALA F 97 5.50 -37.81 48.83
N PRO F 98 6.07 -36.66 48.40
CA PRO F 98 6.80 -36.46 47.16
C PRO F 98 7.87 -37.51 46.97
N GLU F 99 8.42 -38.02 48.05
CA GLU F 99 9.46 -39.04 48.00
C GLU F 99 9.06 -40.20 47.08
N GLU F 100 7.79 -40.61 47.09
CA GLU F 100 7.34 -41.73 46.25
C GLU F 100 6.31 -41.29 45.19
N HIS F 101 6.15 -39.99 45.00
CA HIS F 101 5.14 -39.42 44.10
C HIS F 101 5.61 -38.13 43.40
N PRO F 102 5.31 -37.87 42.13
CA PRO F 102 5.61 -36.59 41.47
C PRO F 102 4.72 -35.50 42.10
N THR F 103 5.15 -34.23 42.12
CA THR F 103 4.31 -33.18 42.77
C THR F 103 4.01 -31.92 41.94
N LEU F 104 2.72 -31.56 41.93
CA LEU F 104 2.27 -30.36 41.23
C LEU F 104 1.95 -29.25 42.23
N LEU F 105 2.45 -28.06 41.92
CA LEU F 105 2.21 -26.87 42.72
C LEU F 105 1.37 -25.88 41.94
N THR F 106 0.54 -25.10 42.63
CA THR F 106 -0.27 -24.10 41.92
C THR F 106 0.28 -22.66 42.14
N GLU F 107 0.41 -21.86 41.06
CA GLU F 107 0.92 -20.46 41.16
C GLU F 107 0.27 -19.42 40.21
N ALA F 108 0.37 -18.14 40.61
CA ALA F 108 -0.06 -17.04 39.74
C ALA F 108 0.99 -16.78 38.62
N PRO F 109 0.60 -16.39 37.39
CA PRO F 109 1.49 -16.03 36.28
C PRO F 109 2.56 -14.97 36.56
N LEU F 110 2.31 -14.03 37.50
CA LEU F 110 3.29 -12.99 37.82
C LEU F 110 3.86 -13.17 39.21
N ASN F 111 3.71 -14.37 39.77
CA ASN F 111 4.26 -14.65 41.07
C ASN F 111 5.78 -14.47 40.89
N PRO F 112 6.50 -13.76 41.78
CA PRO F 112 7.92 -13.53 41.63
C PRO F 112 8.59 -14.86 41.37
N LYS F 113 9.43 -14.88 40.36
CA LYS F 113 10.02 -16.14 39.89
C LYS F 113 10.86 -16.86 40.93
N ALA F 114 11.48 -16.11 41.85
CA ALA F 114 12.33 -16.66 42.89
C ALA F 114 11.57 -17.57 43.83
N ASN F 115 10.26 -17.38 43.91
CA ASN F 115 9.41 -18.14 44.80
C ASN F 115 9.22 -19.53 44.25
N ARG F 116 9.21 -19.69 42.93
CA ARG F 116 9.02 -21.01 42.36
C ARG F 116 10.33 -21.73 42.44
N GLU F 117 11.42 -20.96 42.32
CA GLU F 117 12.74 -21.54 42.38
C GLU F 117 12.95 -22.18 43.75
N LYS F 118 12.55 -21.48 44.82
CA LYS F 118 12.70 -22.05 46.14
C LYS F 118 11.77 -23.24 46.38
N MET F 119 10.51 -23.18 45.92
CA MET F 119 9.64 -24.32 46.18
C MET F 119 10.13 -25.55 45.41
N THR F 120 10.69 -25.31 44.22
CA THR F 120 11.23 -26.37 43.38
C THR F 120 12.41 -27.01 44.10
N GLN F 121 13.28 -26.19 44.67
CA GLN F 121 14.41 -26.74 45.39
C GLN F 121 13.97 -27.58 46.57
N ILE F 122 12.96 -27.12 47.30
CA ILE F 122 12.52 -27.87 48.47
C ILE F 122 11.90 -29.20 48.12
N MET F 123 11.01 -29.23 47.15
CA MET F 123 10.41 -30.51 46.87
C MET F 123 11.43 -31.51 46.31
N PHE F 124 12.42 -31.05 45.53
CA PHE F 124 13.45 -31.96 45.02
C PHE F 124 14.54 -32.34 46.04
N GLU F 125 14.96 -31.43 46.91
CA GLU F 125 16.04 -31.75 47.86
C GLU F 125 15.60 -32.13 49.28
N THR F 126 14.43 -31.67 49.76
CA THR F 126 13.99 -31.99 51.11
C THR F 126 13.02 -33.16 51.08
N PHE F 127 12.13 -33.15 50.09
CA PHE F 127 11.14 -34.22 50.03
C PHE F 127 11.45 -35.28 48.96
N ASN F 128 12.56 -35.11 48.25
CA ASN F 128 13.04 -36.04 47.22
C ASN F 128 12.01 -36.40 46.15
N VAL F 129 11.27 -35.42 45.66
CA VAL F 129 10.25 -35.70 44.66
C VAL F 129 10.92 -36.17 43.36
N PRO F 130 10.46 -37.25 42.70
CA PRO F 130 11.01 -37.72 41.44
C PRO F 130 10.74 -36.77 40.26
N ALA F 131 9.71 -35.91 40.39
CA ALA F 131 9.39 -34.96 39.33
C ALA F 131 8.50 -33.80 39.81
N MET F 132 8.56 -32.67 39.09
CA MET F 132 7.73 -31.51 39.40
C MET F 132 7.13 -30.71 38.28
N TYR F 133 6.03 -30.06 38.60
CA TYR F 133 5.49 -29.06 37.68
C TYR F 133 4.77 -27.98 38.46
N VAL F 134 4.98 -26.74 38.06
CA VAL F 134 4.26 -25.64 38.68
C VAL F 134 3.28 -25.12 37.66
N ALA F 135 2.01 -25.17 38.00
CA ALA F 135 0.94 -24.81 37.09
C ALA F 135 0.30 -23.49 37.40
N ILE F 136 -0.25 -22.87 36.37
CA ILE F 136 -0.99 -21.63 36.50
C ILE F 136 -2.36 -21.86 37.15
N GLN F 137 -2.67 -21.10 38.18
CA GLN F 137 -3.94 -21.25 38.91
C GLN F 137 -5.16 -21.03 38.01
N ALA F 138 -5.04 -20.11 37.05
CA ALA F 138 -6.13 -19.85 36.10
C ALA F 138 -6.38 -21.05 35.21
N VAL F 139 -5.34 -21.79 34.87
CA VAL F 139 -5.47 -22.97 34.03
C VAL F 139 -6.20 -24.01 34.78
N LEU F 140 -5.83 -24.14 36.03
CA LEU F 140 -6.41 -25.14 36.86
C LEU F 140 -7.90 -24.83 37.08
N SER F 141 -8.24 -23.54 37.23
CA SER F 141 -9.63 -23.16 37.42
C SER F 141 -10.44 -23.48 36.16
N LEU F 142 -9.86 -23.21 34.98
CA LEU F 142 -10.55 -23.51 33.73
C LEU F 142 -10.73 -25.01 33.53
N TYR F 143 -9.75 -25.84 33.90
CA TYR F 143 -10.00 -27.26 33.72
C TYR F 143 -11.13 -27.73 34.63
N ALA F 144 -11.10 -27.29 35.89
CA ALA F 144 -12.10 -27.69 36.88
C ALA F 144 -13.48 -27.23 36.49
N SER F 145 -13.54 -26.07 35.84
CA SER F 145 -14.77 -25.43 35.42
C SER F 145 -15.31 -25.93 34.07
N GLY F 146 -14.56 -26.79 33.36
CA GLY F 146 -15.04 -27.22 32.05
C GLY F 146 -14.88 -26.15 30.95
N ARG F 147 -13.81 -25.33 31.03
CA ARG F 147 -13.57 -24.28 30.05
C ARG F 147 -12.13 -24.21 29.54
N THR F 148 -11.97 -23.64 28.33
CA THR F 148 -10.64 -23.35 27.77
C THR F 148 -10.45 -21.84 27.64
N THR F 149 -11.54 -21.12 27.87
CA THR F 149 -11.62 -19.68 27.72
C THR F 149 -12.30 -18.99 28.90
N GLY F 150 -11.74 -17.87 29.31
CA GLY F 150 -12.37 -17.02 30.32
C GLY F 150 -11.42 -16.14 31.10
N ILE F 151 -11.99 -15.26 31.92
CA ILE F 151 -11.17 -14.40 32.77
C ILE F 151 -11.13 -15.07 34.09
N VAL F 152 -9.97 -15.43 34.59
CA VAL F 152 -10.04 -16.09 35.87
C VAL F 152 -9.62 -15.20 37.00
N LEU F 153 -10.56 -15.04 37.92
CA LEU F 153 -10.34 -14.27 39.11
C LEU F 153 -10.07 -15.34 40.14
N ASP F 154 -8.80 -15.51 40.48
CA ASP F 154 -8.37 -16.59 41.34
C ASP F 154 -8.42 -16.28 42.82
N SER F 155 -8.91 -15.10 43.16
CA SER F 155 -9.14 -14.67 44.53
C SER F 155 -8.29 -15.37 45.58
N GLY F 156 -7.00 -15.04 45.68
CA GLY F 156 -6.19 -15.76 46.64
C GLY F 156 -6.42 -15.19 48.02
N ASP F 157 -5.56 -15.57 48.96
CA ASP F 157 -5.70 -15.10 50.32
C ASP F 157 -5.01 -13.73 50.42
N GLY F 158 -3.85 -13.57 49.74
CA GLY F 158 -3.10 -12.32 49.82
C GLY F 158 -3.05 -11.48 48.51
N VAL F 159 -3.45 -12.06 47.37
CA VAL F 159 -3.43 -11.35 46.08
C VAL F 159 -4.46 -11.94 45.11
N THR F 160 -5.03 -11.11 44.22
CA THR F 160 -5.90 -11.61 43.16
C THR F 160 -5.16 -11.35 41.84
N HIS F 161 -5.01 -12.40 41.02
CA HIS F 161 -4.26 -12.32 39.76
C HIS F 161 -4.95 -11.77 38.51
N ASN F 162 -6.21 -12.16 38.30
CA ASN F 162 -7.05 -11.71 37.16
C ASN F 162 -6.44 -11.89 35.75
N VAL F 163 -6.33 -13.15 35.28
CA VAL F 163 -5.73 -13.34 33.93
C VAL F 163 -6.69 -13.92 32.88
N PRO F 164 -6.86 -13.25 31.72
CA PRO F 164 -7.61 -13.74 30.59
C PRO F 164 -6.87 -14.84 29.86
N ILE F 165 -7.60 -15.91 29.53
CA ILE F 165 -7.14 -17.04 28.74
C ILE F 165 -8.12 -17.29 27.58
N TYR F 166 -7.60 -17.43 26.37
CA TYR F 166 -8.47 -17.68 25.20
C TYR F 166 -7.99 -18.84 24.37
N GLU F 167 -8.86 -19.83 24.13
CA GLU F 167 -8.49 -21.03 23.37
C GLU F 167 -7.27 -21.70 23.97
N GLY F 168 -7.14 -21.68 25.29
CA GLY F 168 -6.00 -22.28 25.92
C GLY F 168 -4.72 -21.43 25.93
N TYR F 169 -4.77 -20.21 25.40
CA TYR F 169 -3.57 -19.38 25.37
C TYR F 169 -3.64 -18.19 26.32
N ALA F 170 -2.50 -17.79 26.88
CA ALA F 170 -2.51 -16.66 27.79
C ALA F 170 -2.59 -15.39 26.97
N LEU F 171 -3.25 -14.40 27.52
CA LEU F 171 -3.30 -13.09 26.91
C LEU F 171 -2.72 -12.10 27.93
N PRO F 172 -1.39 -12.17 28.22
CA PRO F 172 -0.72 -11.54 29.34
C PRO F 172 -0.78 -10.02 29.36
N HIS F 173 -1.01 -9.40 28.20
CA HIS F 173 -1.04 -7.96 28.13
C HIS F 173 -2.28 -7.41 28.79
N ALA F 174 -3.26 -8.29 29.04
CA ALA F 174 -4.51 -7.90 29.63
C ALA F 174 -4.65 -8.41 31.07
N ILE F 175 -3.53 -8.78 31.71
CA ILE F 175 -3.58 -9.17 33.13
C ILE F 175 -3.73 -7.94 33.98
N MET F 176 -4.69 -7.97 34.89
CA MET F 176 -4.91 -6.82 35.75
C MET F 176 -4.75 -7.22 37.21
N ARG F 177 -3.51 -7.46 37.64
CA ARG F 177 -3.25 -7.96 38.98
C ARG F 177 -3.63 -6.92 40.02
N LEU F 178 -4.28 -7.34 41.09
CA LEU F 178 -4.69 -6.43 42.14
C LEU F 178 -4.28 -6.86 43.55
N ASP F 179 -3.67 -5.94 44.30
CA ASP F 179 -3.25 -6.27 45.67
C ASP F 179 -4.42 -6.15 46.65
N LEU F 180 -5.38 -7.04 46.46
CA LEU F 180 -6.60 -7.20 47.25
C LEU F 180 -7.05 -8.64 47.28
N ALA F 181 -7.17 -9.18 48.47
CA ALA F 181 -7.55 -10.57 48.63
C ALA F 181 -8.29 -10.85 49.94
N GLY F 182 -8.64 -12.13 50.19
CA GLY F 182 -9.43 -12.49 51.36
C GLY F 182 -8.87 -12.00 52.71
N ARG F 183 -7.54 -11.95 52.82
CA ARG F 183 -6.89 -11.52 54.06
C ARG F 183 -7.04 -10.01 54.30
N ASP F 184 -7.25 -9.25 53.24
CA ASP F 184 -7.39 -7.81 53.35
C ASP F 184 -8.83 -7.51 53.69
N LEU F 185 -9.72 -8.38 53.22
CA LEU F 185 -11.13 -8.19 53.51
C LEU F 185 -11.28 -8.38 55.03
N THR F 186 -10.53 -9.35 55.61
CA THR F 186 -10.57 -9.61 57.05
C THR F 186 -10.11 -8.38 57.80
N ASP F 187 -9.03 -7.73 57.31
CA ASP F 187 -8.56 -6.51 57.97
C ASP F 187 -9.64 -5.44 58.01
N TYR F 188 -10.35 -5.24 56.91
CA TYR F 188 -11.38 -4.22 56.94
C TYR F 188 -12.42 -4.59 57.99
N LEU F 189 -12.82 -5.87 58.02
CA LEU F 189 -13.86 -6.30 58.96
C LEU F 189 -13.42 -6.08 60.39
N MET F 190 -12.18 -6.43 60.74
CA MET F 190 -11.83 -6.26 62.13
C MET F 190 -11.78 -4.80 62.51
N LYS F 191 -11.47 -3.89 61.56
CA LYS F 191 -11.43 -2.48 61.93
C LYS F 191 -12.84 -1.95 62.19
N ILE F 192 -13.81 -2.36 61.38
CA ILE F 192 -15.18 -1.90 61.59
C ILE F 192 -15.84 -2.60 62.81
N LEU F 193 -15.42 -3.83 63.11
CA LEU F 193 -15.95 -4.48 64.32
C LEU F 193 -15.32 -3.85 65.56
N THR F 194 -14.10 -3.31 65.41
CA THR F 194 -13.43 -2.59 66.48
C THR F 194 -14.25 -1.35 66.80
N GLU F 195 -14.74 -0.67 65.74
CA GLU F 195 -15.57 0.53 65.93
C GLU F 195 -16.84 0.22 66.73
N ARG F 196 -17.35 -1.00 66.60
CA ARG F 196 -18.55 -1.42 67.33
C ARG F 196 -18.29 -1.85 68.78
N GLY F 197 -17.01 -1.88 69.17
CA GLY F 197 -16.64 -2.28 70.53
C GLY F 197 -16.03 -3.67 70.67
N TYR F 198 -15.69 -4.32 69.56
CA TYR F 198 -15.08 -5.64 69.60
C TYR F 198 -13.76 -5.66 68.87
N SER F 199 -12.70 -5.23 69.55
CA SER F 199 -11.38 -5.19 68.94
C SER F 199 -10.87 -6.61 68.72
N PHE F 200 -10.16 -6.83 67.62
CA PHE F 200 -9.52 -8.13 67.36
C PHE F 200 -8.04 -7.88 67.09
N VAL F 201 -7.17 -8.18 68.06
CA VAL F 201 -5.75 -7.86 67.94
C VAL F 201 -4.82 -9.07 67.99
N THR F 202 -4.99 -9.89 69.03
CA THR F 202 -4.09 -10.99 69.34
C THR F 202 -4.46 -12.20 68.50
N THR F 203 -3.64 -13.25 68.54
CA THR F 203 -3.89 -14.41 67.70
C THR F 203 -5.25 -15.05 67.80
N ALA F 204 -5.77 -15.29 69.01
CA ALA F 204 -7.07 -15.96 69.09
C ALA F 204 -8.12 -15.09 68.43
N GLU F 205 -8.00 -13.80 68.65
CA GLU F 205 -8.91 -12.83 68.13
C GLU F 205 -8.82 -12.71 66.60
N ARG F 206 -7.60 -12.81 66.08
CA ARG F 206 -7.39 -12.75 64.63
C ARG F 206 -8.08 -13.91 63.93
N GLU F 207 -8.01 -15.10 64.55
CA GLU F 207 -8.64 -16.28 63.99
C GLU F 207 -10.17 -16.17 64.06
N ILE F 208 -10.69 -15.58 65.14
CA ILE F 208 -12.14 -15.42 65.27
C ILE F 208 -12.69 -14.51 64.20
N VAL F 209 -12.07 -13.35 63.99
CA VAL F 209 -12.63 -12.46 63.00
C VAL F 209 -12.56 -13.05 61.60
N ARG F 210 -11.52 -13.82 61.29
CA ARG F 210 -11.50 -14.51 60.00
C ARG F 210 -12.71 -15.46 59.91
N ASP F 211 -12.99 -16.20 60.99
CA ASP F 211 -14.11 -17.15 61.02
C ASP F 211 -15.47 -16.42 60.91
N ILE F 212 -15.57 -15.22 61.49
CA ILE F 212 -16.81 -14.45 61.41
C ILE F 212 -17.05 -14.11 59.96
N LYS F 213 -16.01 -13.61 59.28
CA LYS F 213 -16.18 -13.25 57.89
C LYS F 213 -16.69 -14.42 57.06
N GLU F 214 -16.04 -15.57 57.20
CA GLU F 214 -16.38 -16.72 56.38
C GLU F 214 -17.83 -17.19 56.57
N LYS F 215 -18.34 -17.11 57.81
CA LYS F 215 -19.70 -17.57 58.09
C LYS F 215 -20.82 -16.51 57.99
N LEU F 216 -20.53 -15.24 58.30
CA LEU F 216 -21.59 -14.23 58.30
C LEU F 216 -21.64 -13.29 57.10
N CYS F 217 -20.53 -13.10 56.41
CA CYS F 217 -20.50 -12.09 55.37
C CYS F 217 -21.00 -12.47 53.98
N TYR F 218 -21.44 -11.43 53.26
CA TYR F 218 -21.95 -11.52 51.90
C TYR F 218 -21.75 -10.23 51.13
N VAL F 219 -21.88 -10.25 49.80
CA VAL F 219 -21.74 -8.99 49.05
C VAL F 219 -23.07 -8.36 48.67
N ALA F 220 -24.04 -9.18 48.24
CA ALA F 220 -25.35 -8.75 47.74
C ALA F 220 -25.20 -8.11 46.36
N LEU F 221 -26.28 -8.13 45.59
CA LEU F 221 -26.28 -7.52 44.26
C LEU F 221 -26.29 -5.98 44.30
N ASP F 222 -26.83 -5.36 45.37
CA ASP F 222 -26.91 -3.89 45.47
C ASP F 222 -26.55 -3.39 46.87
N PHE F 223 -25.32 -2.89 47.01
CA PHE F 223 -24.72 -2.45 48.28
C PHE F 223 -25.48 -1.34 48.96
N GLU F 224 -25.83 -0.31 48.20
CA GLU F 224 -26.48 0.85 48.75
C GLU F 224 -27.88 0.53 49.26
N ASN F 225 -28.63 -0.30 48.54
CA ASN F 225 -29.96 -0.65 49.04
C ASN F 225 -29.85 -1.61 50.21
N GLU F 226 -28.81 -2.45 50.21
CA GLU F 226 -28.65 -3.41 51.27
C GLU F 226 -28.34 -2.64 52.54
N MET F 227 -27.51 -1.59 52.43
CA MET F 227 -27.17 -0.71 53.53
C MET F 227 -28.30 0.17 53.97
N ALA F 228 -29.13 0.63 53.05
CA ALA F 228 -30.22 1.48 53.50
C ALA F 228 -31.05 0.73 54.53
N THR F 229 -31.24 -0.58 54.33
CA THR F 229 -31.96 -1.36 55.33
C THR F 229 -31.05 -1.82 56.47
N ALA F 230 -29.87 -2.36 56.17
CA ALA F 230 -29.00 -2.90 57.23
C ALA F 230 -28.57 -1.86 58.24
N ALA F 231 -28.40 -0.62 57.80
CA ALA F 231 -28.00 0.46 58.67
C ALA F 231 -29.19 1.02 59.45
N SER F 232 -30.41 0.62 59.09
CA SER F 232 -31.63 1.13 59.71
C SER F 232 -32.32 0.09 60.58
N SER F 233 -32.05 -1.19 60.37
CA SER F 233 -32.80 -2.22 61.08
C SER F 233 -32.03 -3.44 61.59
N SER F 234 -32.38 -3.79 62.83
CA SER F 234 -31.84 -4.92 63.57
C SER F 234 -32.20 -6.26 62.94
N SER F 235 -33.15 -6.26 62.02
CA SER F 235 -33.58 -7.46 61.34
C SER F 235 -32.49 -7.99 60.41
N LEU F 236 -31.49 -7.15 60.11
CA LEU F 236 -30.38 -7.53 59.25
C LEU F 236 -29.14 -7.92 60.06
N GLU F 237 -29.25 -7.92 61.39
CA GLU F 237 -28.13 -8.25 62.25
C GLU F 237 -28.06 -9.73 62.57
N LYS F 238 -26.84 -10.21 62.76
CA LYS F 238 -26.60 -11.58 63.17
C LYS F 238 -25.60 -11.67 64.31
N SER F 239 -25.95 -12.46 65.33
CA SER F 239 -25.06 -12.68 66.45
C SER F 239 -24.21 -13.92 66.25
N TYR F 240 -22.91 -13.73 66.30
CA TYR F 240 -21.90 -14.78 66.13
C TYR F 240 -21.37 -15.22 67.48
N GLU F 241 -21.26 -16.53 67.68
CA GLU F 241 -20.76 -17.05 68.95
C GLU F 241 -19.25 -17.05 69.05
N LEU F 242 -18.74 -16.36 70.05
CA LEU F 242 -17.34 -16.24 70.32
C LEU F 242 -17.00 -17.47 71.18
N PRO F 243 -15.75 -17.97 71.19
CA PRO F 243 -15.30 -19.14 71.94
C PRO F 243 -15.63 -19.18 73.44
N ASP F 244 -15.75 -18.03 74.09
CA ASP F 244 -16.02 -18.06 75.52
C ASP F 244 -17.50 -18.00 75.88
N GLY F 245 -18.40 -18.09 74.91
CA GLY F 245 -19.83 -18.06 75.19
C GLY F 245 -20.44 -16.67 74.97
N GLN F 246 -19.60 -15.66 74.73
CA GLN F 246 -20.10 -14.33 74.49
C GLN F 246 -20.43 -14.22 73.02
N VAL F 247 -21.21 -13.21 72.65
CA VAL F 247 -21.51 -13.05 71.23
C VAL F 247 -21.18 -11.65 70.75
N ILE F 248 -21.01 -11.56 69.45
CA ILE F 248 -20.83 -10.31 68.75
C ILE F 248 -21.97 -10.12 67.79
N THR F 249 -22.63 -8.97 67.83
CA THR F 249 -23.73 -8.75 66.90
C THR F 249 -23.25 -7.78 65.84
N ILE F 250 -23.39 -8.24 64.60
CA ILE F 250 -22.91 -7.56 63.40
C ILE F 250 -24.04 -7.17 62.43
N GLY F 251 -24.03 -5.89 61.99
CA GLY F 251 -25.06 -5.32 61.11
C GLY F 251 -24.56 -5.17 59.70
N ASN F 252 -24.40 -3.93 59.21
CA ASN F 252 -24.02 -3.73 57.82
C ASN F 252 -22.55 -4.03 57.56
N GLU F 253 -21.81 -4.33 58.62
CA GLU F 253 -20.41 -4.69 58.55
C GLU F 253 -20.26 -6.04 57.89
N ARG F 254 -21.38 -6.76 57.91
CA ARG F 254 -21.58 -8.06 57.37
C ARG F 254 -21.37 -8.04 55.86
N PHE F 255 -21.63 -6.89 55.24
CA PHE F 255 -21.48 -6.74 53.80
C PHE F 255 -20.40 -5.71 53.44
N ARG F 256 -20.08 -4.83 54.37
CA ARG F 256 -19.05 -3.81 54.11
C ARG F 256 -17.68 -4.44 53.99
N CYS F 257 -17.43 -5.53 54.73
CA CYS F 257 -16.17 -6.23 54.55
C CYS F 257 -16.01 -6.74 53.11
N PRO F 258 -16.87 -7.64 52.60
CA PRO F 258 -16.91 -8.16 51.24
C PRO F 258 -16.92 -7.10 50.17
N GLU F 259 -17.55 -5.95 50.47
CA GLU F 259 -17.67 -4.85 49.55
C GLU F 259 -16.33 -4.29 49.15
N THR F 260 -15.27 -4.53 49.92
CA THR F 260 -13.95 -4.00 49.60
C THR F 260 -13.51 -4.56 48.23
N LEU F 261 -14.10 -5.70 47.81
CA LEU F 261 -13.83 -6.29 46.52
C LEU F 261 -14.27 -5.35 45.41
N PHE F 262 -15.34 -4.60 45.66
CA PHE F 262 -15.88 -3.65 44.70
C PHE F 262 -15.41 -2.25 45.02
N GLN F 263 -15.01 -2.04 46.29
CA GLN F 263 -14.51 -0.78 46.80
C GLN F 263 -13.18 -0.89 47.56
N PRO F 264 -12.02 -1.16 46.90
CA PRO F 264 -10.68 -1.35 47.47
C PRO F 264 -10.21 -0.13 48.26
N SER F 265 -10.85 1.02 48.03
CA SER F 265 -10.53 2.26 48.71
C SER F 265 -10.82 2.12 50.21
N PHE F 266 -11.61 1.11 50.58
CA PHE F 266 -11.97 0.83 51.95
C PHE F 266 -10.74 0.46 52.78
N ILE F 267 -9.70 -0.07 52.14
CA ILE F 267 -8.48 -0.47 52.83
C ILE F 267 -7.30 0.38 52.37
N GLY F 268 -7.58 1.51 51.73
CA GLY F 268 -6.53 2.40 51.25
C GLY F 268 -5.94 2.03 49.89
N MET F 269 -6.56 1.14 49.12
CA MET F 269 -6.02 0.77 47.83
C MET F 269 -6.56 1.63 46.70
N GLU F 270 -5.66 2.04 45.82
CA GLU F 270 -6.04 2.85 44.69
C GLU F 270 -6.55 1.97 43.55
N SER F 271 -7.78 1.52 43.70
CA SER F 271 -8.42 0.63 42.73
C SER F 271 -9.92 0.78 42.66
N ALA F 272 -10.45 0.55 41.46
CA ALA F 272 -11.87 0.62 41.15
C ALA F 272 -12.64 -0.66 41.46
N GLY F 273 -11.94 -1.70 41.89
CA GLY F 273 -12.61 -2.97 42.23
C GLY F 273 -12.46 -4.08 41.20
N ILE F 274 -12.86 -5.27 41.63
CA ILE F 274 -12.70 -6.49 40.83
C ILE F 274 -13.55 -6.53 39.55
N HIS F 275 -14.70 -5.85 39.50
CA HIS F 275 -15.50 -5.85 38.27
C HIS F 275 -14.91 -4.96 37.19
N GLU F 276 -14.19 -3.91 37.60
CA GLU F 276 -13.55 -2.99 36.67
C GLU F 276 -12.32 -3.68 36.17
N THR F 277 -11.66 -4.38 37.08
CA THR F 277 -10.45 -5.10 36.83
C THR F 277 -10.75 -6.22 35.83
N THR F 278 -11.86 -6.95 36.05
CA THR F 278 -12.29 -8.02 35.15
C THR F 278 -12.62 -7.43 33.79
N TYR F 279 -13.33 -6.31 33.82
CA TYR F 279 -13.72 -5.60 32.61
C TYR F 279 -12.50 -5.24 31.77
N ASN F 280 -11.46 -4.69 32.39
CA ASN F 280 -10.26 -4.33 31.65
C ASN F 280 -9.54 -5.57 31.11
N SER F 281 -9.55 -6.69 31.82
CA SER F 281 -8.91 -7.87 31.25
C SER F 281 -9.64 -8.33 29.98
N ILE F 282 -10.95 -8.08 29.92
CA ILE F 282 -11.70 -8.44 28.73
C ILE F 282 -11.48 -7.37 27.66
N MET F 283 -11.64 -6.10 28.05
CA MET F 283 -11.63 -4.96 27.15
C MET F 283 -10.28 -4.69 26.51
N LYS F 284 -9.19 -5.12 27.16
CA LYS F 284 -7.87 -4.91 26.57
C LYS F 284 -7.48 -6.02 25.59
N CYS F 285 -8.34 -7.02 25.42
CA CYS F 285 -8.09 -8.11 24.48
C CYS F 285 -8.69 -7.70 23.13
N ASP F 286 -8.24 -8.31 22.04
CA ASP F 286 -8.78 -7.96 20.71
C ASP F 286 -10.28 -8.20 20.65
N ILE F 287 -10.98 -7.42 19.83
CA ILE F 287 -12.44 -7.49 19.75
C ILE F 287 -13.02 -8.84 19.33
N ASP F 288 -12.22 -9.69 18.70
CA ASP F 288 -12.68 -11.01 18.29
C ASP F 288 -12.42 -12.05 19.39
N ILE F 289 -11.84 -11.59 20.50
CA ILE F 289 -11.57 -12.34 21.72
C ILE F 289 -12.62 -11.95 22.75
N ARG F 290 -12.83 -10.63 22.84
CA ARG F 290 -13.74 -10.02 23.80
C ARG F 290 -15.10 -10.69 23.94
N LYS F 291 -15.68 -11.13 22.83
CA LYS F 291 -17.00 -11.76 22.93
C LYS F 291 -16.97 -13.07 23.74
N ASP F 292 -15.84 -13.77 23.69
CA ASP F 292 -15.73 -15.06 24.33
C ASP F 292 -15.35 -14.86 25.77
N LEU F 293 -14.62 -13.79 26.05
CA LEU F 293 -14.26 -13.54 27.42
C LEU F 293 -15.48 -12.91 28.15
N TYR F 294 -16.34 -12.14 27.46
CA TYR F 294 -17.52 -11.58 28.13
C TYR F 294 -18.47 -12.68 28.52
N ALA F 295 -18.52 -13.73 27.69
CA ALA F 295 -19.35 -14.88 27.91
C ALA F 295 -18.74 -15.85 28.93
N ASN F 296 -17.52 -15.58 29.38
CA ASN F 296 -16.83 -16.45 30.30
C ASN F 296 -16.06 -15.74 31.43
N ASN F 297 -16.79 -15.09 32.34
CA ASN F 297 -16.17 -14.51 33.53
C ASN F 297 -16.07 -15.63 34.56
N VAL F 298 -14.88 -16.08 34.89
CA VAL F 298 -14.73 -17.23 35.77
C VAL F 298 -14.28 -16.87 37.17
N MET F 299 -15.14 -17.18 38.15
CA MET F 299 -14.79 -16.89 39.52
C MET F 299 -14.12 -18.12 40.07
N SER F 300 -13.04 -17.94 40.78
CA SER F 300 -12.36 -19.06 41.40
C SER F 300 -11.73 -18.61 42.69
N GLY F 301 -11.01 -19.52 43.32
CA GLY F 301 -10.38 -19.16 44.59
C GLY F 301 -11.41 -18.96 45.68
N GLY F 302 -11.04 -18.15 46.68
CA GLY F 302 -11.90 -17.89 47.85
C GLY F 302 -12.69 -16.60 47.70
N THR F 303 -13.49 -16.22 48.72
CA THR F 303 -14.33 -14.98 48.73
C THR F 303 -15.52 -15.05 47.73
N THR F 304 -15.50 -16.03 46.86
CA THR F 304 -16.51 -16.25 45.84
C THR F 304 -17.66 -17.03 46.43
N MET F 305 -17.50 -17.34 47.72
CA MET F 305 -18.53 -18.05 48.46
C MET F 305 -19.47 -17.03 49.07
N TYR F 306 -19.16 -15.74 48.90
CA TYR F 306 -20.02 -14.71 49.47
C TYR F 306 -21.33 -14.71 48.68
N PRO F 307 -22.49 -14.78 49.33
CA PRO F 307 -23.78 -14.69 48.67
C PRO F 307 -23.89 -13.41 47.87
N GLY F 308 -24.43 -13.53 46.67
CA GLY F 308 -24.63 -12.41 45.76
C GLY F 308 -23.44 -12.13 44.85
N ILE F 309 -22.30 -12.84 45.01
CA ILE F 309 -21.16 -12.47 44.16
C ILE F 309 -21.39 -12.72 42.69
N ALA F 310 -22.09 -13.79 42.34
CA ALA F 310 -22.30 -14.05 40.93
C ALA F 310 -23.14 -12.95 40.29
N ASP F 311 -24.08 -12.41 41.06
CA ASP F 311 -24.98 -11.42 40.53
C ASP F 311 -24.35 -10.05 40.54
N ARG F 312 -23.59 -9.76 41.59
CA ARG F 312 -22.91 -8.48 41.70
C ARG F 312 -21.90 -8.29 40.57
N MET F 313 -21.14 -9.34 40.27
CA MET F 313 -20.15 -9.30 39.22
C MET F 313 -20.76 -9.25 37.84
N GLN F 314 -21.78 -10.08 37.58
CA GLN F 314 -22.34 -10.07 36.26
C GLN F 314 -22.99 -8.73 35.95
N LYS F 315 -23.69 -8.14 36.94
CA LYS F 315 -24.35 -6.87 36.71
C LYS F 315 -23.37 -5.73 36.53
N GLU F 316 -22.28 -5.69 37.31
CA GLU F 316 -21.32 -4.61 37.15
C GLU F 316 -20.60 -4.70 35.82
N ILE F 317 -20.26 -5.92 35.39
CA ILE F 317 -19.56 -6.04 34.14
C ILE F 317 -20.50 -5.66 33.03
N THR F 318 -21.75 -6.11 33.09
CA THR F 318 -22.73 -5.79 32.08
C THR F 318 -22.86 -4.27 31.94
N ALA F 319 -22.88 -3.55 33.07
CA ALA F 319 -22.96 -2.10 33.07
C ALA F 319 -21.73 -1.44 32.39
N LEU F 320 -20.54 -2.04 32.55
CA LEU F 320 -19.30 -1.50 31.98
C LEU F 320 -19.13 -1.88 30.51
N ALA F 321 -19.63 -3.05 30.17
CA ALA F 321 -19.56 -3.68 28.87
C ALA F 321 -20.43 -2.95 27.83
N PRO F 322 -20.12 -3.09 26.53
CA PRO F 322 -20.93 -2.63 25.43
C PRO F 322 -22.29 -3.33 25.47
N SER F 323 -23.31 -2.66 24.93
CA SER F 323 -24.66 -3.21 24.84
C SER F 323 -24.69 -4.29 23.78
N THR F 324 -25.81 -5.03 23.67
CA THR F 324 -26.00 -6.17 22.74
C THR F 324 -25.28 -7.43 23.24
N MET F 325 -24.03 -7.27 23.61
CA MET F 325 -23.15 -8.30 24.11
C MET F 325 -23.71 -8.99 25.35
N LYS F 326 -23.56 -10.30 25.41
CA LYS F 326 -24.01 -11.06 26.56
C LYS F 326 -22.86 -11.35 27.50
N ILE F 327 -23.03 -10.93 28.74
CA ILE F 327 -22.05 -11.11 29.79
C ILE F 327 -22.51 -12.24 30.68
N LYS F 328 -21.65 -13.24 30.85
CA LYS F 328 -22.01 -14.44 31.61
C LYS F 328 -21.00 -14.74 32.69
N ILE F 329 -21.47 -15.34 33.77
CA ILE F 329 -20.55 -15.66 34.85
C ILE F 329 -20.62 -17.10 35.30
N ILE F 330 -19.44 -17.65 35.52
CA ILE F 330 -19.23 -18.98 36.00
C ILE F 330 -18.84 -18.93 37.47
N ALA F 331 -19.64 -19.57 38.31
CA ALA F 331 -19.40 -19.58 39.75
C ALA F 331 -19.88 -20.91 40.33
N PRO F 332 -19.18 -22.01 40.03
CA PRO F 332 -19.51 -23.39 40.31
C PRO F 332 -19.32 -23.69 41.79
N PRO F 333 -19.89 -24.77 42.34
CA PRO F 333 -19.71 -25.23 43.70
C PRO F 333 -18.26 -25.66 43.99
N GLU F 334 -17.52 -25.87 42.91
CA GLU F 334 -16.11 -26.23 43.00
C GLU F 334 -15.33 -24.95 43.28
N ARG F 335 -15.99 -24.03 43.97
CA ARG F 335 -15.38 -22.75 44.35
C ARG F 335 -14.41 -23.02 45.49
N LYS F 336 -13.40 -22.16 45.61
CA LYS F 336 -12.33 -22.28 46.61
C LYS F 336 -11.54 -23.59 46.44
N TYR F 337 -12.18 -24.65 45.98
CA TYR F 337 -11.43 -25.87 45.72
C TYR F 337 -10.96 -26.05 44.26
N SER F 338 -11.50 -25.27 43.32
CA SER F 338 -11.24 -25.43 41.89
C SER F 338 -9.78 -25.30 41.46
N VAL F 339 -8.97 -24.56 42.19
CA VAL F 339 -7.56 -24.49 41.82
C VAL F 339 -6.90 -25.83 42.17
N TRP F 340 -7.18 -26.35 43.37
CA TRP F 340 -6.62 -27.63 43.75
C TRP F 340 -7.10 -28.70 42.77
N ILE F 341 -8.40 -28.66 42.46
CA ILE F 341 -9.04 -29.64 41.60
C ILE F 341 -8.42 -29.59 40.23
N GLY F 342 -8.22 -28.40 39.70
CA GLY F 342 -7.58 -28.31 38.43
C GLY F 342 -6.19 -28.92 38.47
N GLY F 343 -5.48 -28.81 39.62
CA GLY F 343 -4.15 -29.38 39.77
C GLY F 343 -4.21 -30.89 39.61
N SER F 344 -5.25 -31.50 40.18
CA SER F 344 -5.49 -32.94 40.09
C SER F 344 -5.75 -33.34 38.65
N ILE F 345 -6.55 -32.52 37.96
CA ILE F 345 -6.89 -32.80 36.58
C ILE F 345 -5.66 -32.71 35.73
N LEU F 346 -4.90 -31.62 35.89
CA LEU F 346 -3.74 -31.41 35.06
C LEU F 346 -2.67 -32.44 35.32
N ALA F 347 -2.40 -32.75 36.59
CA ALA F 347 -1.35 -33.69 36.94
C ALA F 347 -1.61 -35.07 36.32
N SER F 348 -2.89 -35.46 36.30
CA SER F 348 -3.35 -36.73 35.74
C SER F 348 -3.64 -36.75 34.23
N LEU F 349 -3.76 -35.60 33.55
CA LEU F 349 -4.05 -35.63 32.11
C LEU F 349 -2.95 -36.34 31.35
N SER F 350 -3.34 -37.18 30.38
CA SER F 350 -2.35 -37.89 29.57
C SER F 350 -1.50 -36.92 28.74
N THR F 351 -2.09 -35.77 28.42
CA THR F 351 -1.47 -34.74 27.60
C THR F 351 -0.40 -33.97 28.36
N PHE F 352 -0.37 -34.18 29.67
CA PHE F 352 0.54 -33.52 30.57
C PHE F 352 1.63 -34.47 31.10
N GLN F 353 1.66 -35.72 30.65
CA GLN F 353 2.63 -36.61 31.28
C GLN F 353 4.08 -36.29 30.92
N GLN F 354 4.28 -35.63 29.79
CA GLN F 354 5.61 -35.25 29.36
C GLN F 354 5.98 -33.83 29.81
N MET F 355 5.09 -33.17 30.56
CA MET F 355 5.31 -31.79 31.02
C MET F 355 6.01 -31.71 32.36
N TRP F 356 6.27 -32.85 32.96
CA TRP F 356 6.90 -32.96 34.27
C TRP F 356 8.43 -32.81 34.20
N ILE F 357 9.02 -32.07 35.15
CA ILE F 357 10.47 -31.93 35.26
C ILE F 357 10.94 -33.13 36.02
N THR F 358 11.88 -33.90 35.51
CA THR F 358 12.28 -35.08 36.27
C THR F 358 13.40 -34.76 37.23
N LYS F 359 13.66 -35.63 38.22
CA LYS F 359 14.80 -35.39 39.09
C LYS F 359 16.06 -35.99 38.47
N GLN F 360 16.37 -35.45 37.32
CA GLN F 360 17.52 -35.68 36.49
C GLN F 360 17.79 -34.34 35.92
N GLU F 361 16.75 -33.81 35.24
CA GLU F 361 16.83 -32.50 34.63
C GLU F 361 17.06 -31.46 35.72
N TYR F 362 16.39 -31.67 36.86
CA TYR F 362 16.52 -30.83 38.03
C TYR F 362 17.94 -30.72 38.53
N ASP F 363 18.65 -31.84 38.67
CA ASP F 363 19.97 -31.72 39.25
C ASP F 363 20.97 -31.20 38.24
N GLU F 364 20.75 -31.52 36.96
CA GLU F 364 21.67 -31.02 35.95
C GLU F 364 21.58 -29.49 35.83
N ALA F 365 20.35 -28.94 35.91
CA ALA F 365 20.08 -27.51 35.79
C ALA F 365 20.02 -26.73 37.10
N GLY F 366 19.62 -27.39 38.18
CA GLY F 366 19.38 -26.76 39.47
C GLY F 366 17.95 -26.21 39.49
N PRO F 367 17.49 -25.65 40.62
CA PRO F 367 16.15 -25.11 40.90
C PRO F 367 15.63 -24.08 39.90
N SER F 368 16.52 -23.34 39.23
CA SER F 368 16.13 -22.31 38.28
C SER F 368 15.45 -22.92 37.05
N ILE F 369 15.56 -24.25 36.92
CA ILE F 369 14.93 -25.00 35.85
C ILE F 369 13.45 -24.74 35.75
N VAL F 370 12.79 -24.45 36.85
CA VAL F 370 11.37 -24.22 36.85
C VAL F 370 10.98 -23.04 35.95
N HIS F 371 11.90 -22.09 35.77
CA HIS F 371 11.69 -20.90 34.98
C HIS F 371 11.72 -21.20 33.48
N ARG F 372 12.30 -22.34 33.10
CA ARG F 372 12.37 -22.70 31.70
C ARG F 372 11.38 -23.80 31.35
N LYS F 373 11.19 -24.75 32.29
CA LYS F 373 10.34 -25.90 32.05
C LYS F 373 8.86 -25.73 32.38
N CYS F 374 8.49 -24.85 33.32
CA CYS F 374 7.08 -24.77 33.67
C CYS F 374 6.35 -23.61 33.01
N PHE F 375 6.92 -22.41 33.12
CA PHE F 375 6.38 -21.17 32.57
C PHE F 375 7.28 -19.98 32.92
N ASP G 1 8.83 39.61 32.52
CA ASP G 1 9.36 38.25 32.40
C ASP G 1 9.73 37.90 30.97
N GLU G 2 9.00 38.46 30.02
CA GLU G 2 9.25 38.25 28.59
C GLU G 2 9.36 39.63 27.93
N ASP G 3 10.23 39.76 26.93
CA ASP G 3 10.43 41.02 26.24
C ASP G 3 9.92 41.13 24.80
N GLU G 4 9.04 40.23 24.36
CA GLU G 4 8.54 40.31 22.98
C GLU G 4 7.13 39.77 22.83
N THR G 5 6.37 40.37 21.91
CA THR G 5 5.02 39.93 21.60
C THR G 5 5.09 38.83 20.56
N THR G 6 5.66 37.71 20.97
CA THR G 6 5.89 36.55 20.12
C THR G 6 4.83 35.49 20.29
N ALA G 7 4.92 34.47 19.47
CA ALA G 7 4.00 33.35 19.52
C ALA G 7 4.34 32.47 20.70
N LEU G 8 3.36 31.72 21.18
CA LEU G 8 3.60 30.77 22.26
C LEU G 8 3.65 29.38 21.68
N VAL G 9 4.47 28.51 22.27
CA VAL G 9 4.55 27.12 21.81
C VAL G 9 4.29 26.11 22.93
N CYS G 10 3.32 25.21 22.72
CA CYS G 10 3.06 24.16 23.71
C CYS G 10 2.83 22.79 23.08
N ASP G 11 3.78 21.89 23.32
CA ASP G 11 3.74 20.52 22.78
C ASP G 11 3.16 19.63 23.88
N ASN G 12 1.88 19.25 23.75
CA ASN G 12 1.13 18.54 24.79
C ASN G 12 0.98 17.04 24.56
N GLY G 13 1.79 16.22 25.21
CA GLY G 13 1.68 14.78 24.98
C GLY G 13 0.92 14.09 26.11
N SER G 14 0.86 12.75 26.05
CA SER G 14 0.19 12.01 27.12
C SER G 14 1.09 11.93 28.35
N GLY G 15 2.37 12.28 28.19
CA GLY G 15 3.32 12.31 29.27
C GLY G 15 3.40 13.72 29.83
N LEU G 16 4.20 14.57 29.18
CA LEU G 16 4.42 15.94 29.62
C LEU G 16 4.18 17.03 28.56
N VAL G 17 3.89 18.24 29.05
CA VAL G 17 3.73 19.42 28.21
C VAL G 17 4.98 20.29 28.22
N LYS G 18 5.54 20.50 27.04
CA LYS G 18 6.73 21.33 26.91
C LYS G 18 6.31 22.72 26.48
N ALA G 19 6.46 23.72 27.35
CA ALA G 19 5.96 25.04 26.95
C ALA G 19 6.97 26.16 27.15
N GLY G 20 6.93 27.10 26.21
CA GLY G 20 7.79 28.28 26.21
C GLY G 20 7.37 29.20 25.08
N PHE G 21 8.25 30.12 24.67
CA PHE G 21 7.86 31.07 23.63
C PHE G 21 8.59 30.83 22.31
N ALA G 22 7.96 31.25 21.23
CA ALA G 22 8.61 31.10 19.93
C ALA G 22 9.80 32.02 19.81
N GLY G 23 10.90 31.46 19.37
CA GLY G 23 12.16 32.16 19.22
C GLY G 23 13.23 31.61 20.18
N ASP G 24 12.83 30.80 21.18
CA ASP G 24 13.82 30.20 22.11
C ASP G 24 14.21 28.80 21.61
N ASP G 25 15.12 28.11 22.32
CA ASP G 25 15.47 26.72 21.96
C ASP G 25 15.11 25.73 23.05
N ALA G 26 14.27 26.16 23.95
CA ALA G 26 13.84 25.32 25.04
C ALA G 26 12.53 25.84 25.58
N PRO G 27 11.70 24.97 26.16
CA PRO G 27 10.50 25.36 26.85
C PRO G 27 10.96 26.12 28.09
N ARG G 28 10.13 27.02 28.60
CA ARG G 28 10.46 27.71 29.84
C ARG G 28 10.32 26.73 30.97
N ALA G 29 9.35 25.85 30.83
CA ALA G 29 9.10 24.84 31.84
C ALA G 29 8.41 23.64 31.22
N VAL G 30 8.57 22.49 31.86
CA VAL G 30 7.87 21.31 31.42
C VAL G 30 6.91 20.92 32.53
N PHE G 31 5.67 20.80 32.15
CA PHE G 31 4.59 20.55 33.08
C PHE G 31 4.06 19.18 32.76
N PRO G 32 3.99 18.25 33.67
CA PRO G 32 3.51 16.92 33.35
C PRO G 32 2.05 17.08 33.00
N SER G 33 1.52 16.23 32.12
CA SER G 33 0.11 16.33 31.74
C SER G 33 -0.73 15.68 32.82
N ILE G 34 -0.73 16.28 34.00
CA ILE G 34 -1.38 15.74 35.18
C ILE G 34 -2.23 16.71 35.99
N VAL G 35 -3.41 16.24 36.39
CA VAL G 35 -4.19 16.93 37.40
C VAL G 35 -4.37 15.90 38.53
N GLY G 36 -3.90 16.28 39.71
CA GLY G 36 -3.92 15.40 40.86
C GLY G 36 -5.05 15.69 41.81
N ARG G 37 -5.55 14.65 42.45
CA ARG G 37 -6.63 14.83 43.41
C ARG G 37 -6.43 13.94 44.64
N PRO G 38 -6.65 14.43 45.88
CA PRO G 38 -6.45 13.67 47.10
C PRO G 38 -7.36 12.46 47.13
N ARG G 39 -6.81 11.34 47.60
CA ARG G 39 -7.56 10.10 47.69
C ARG G 39 -7.76 9.64 49.14
N HIS G 40 -7.50 10.55 50.08
CA HIS G 40 -7.59 10.24 51.51
C HIS G 40 -8.46 11.24 52.26
N GLN G 41 -8.96 10.81 53.44
CA GLN G 41 -9.75 11.68 54.32
C GLN G 41 -8.88 12.66 55.08
N GLY G 42 -9.24 13.95 54.97
CA GLY G 42 -8.52 15.00 55.68
C GLY G 42 -8.86 14.99 57.16
N VAL G 43 -7.89 15.33 58.00
CA VAL G 43 -8.15 15.43 59.44
C VAL G 43 -7.79 16.77 60.10
N MET G 44 -6.91 17.58 59.49
CA MET G 44 -6.55 18.83 60.17
C MET G 44 -7.24 20.06 59.57
N VAL G 45 -7.73 20.92 60.45
CA VAL G 45 -8.43 22.17 60.11
C VAL G 45 -7.46 23.36 60.06
N GLY G 46 -7.57 24.19 59.01
CA GLY G 46 -6.74 25.41 58.89
C GLY G 46 -5.29 25.21 58.44
N MET G 47 -5.03 24.05 57.82
CA MET G 47 -3.68 23.72 57.35
C MET G 47 -3.60 23.73 55.82
N GLY G 48 -4.45 24.55 55.22
CA GLY G 48 -4.54 24.72 53.77
C GLY G 48 -5.06 23.45 53.13
N GLN G 49 -4.36 22.97 52.11
CA GLN G 49 -4.69 21.77 51.32
C GLN G 49 -5.69 22.04 50.21
N LYS G 50 -5.27 21.78 48.98
CA LYS G 50 -6.03 22.09 47.79
C LYS G 50 -6.98 20.94 47.43
N ASP G 51 -8.03 21.26 46.68
CA ASP G 51 -8.96 20.24 46.19
C ASP G 51 -8.39 19.48 45.01
N SER G 52 -7.50 20.13 44.29
CA SER G 52 -6.86 19.59 43.12
C SER G 52 -5.50 20.24 42.96
N TYR G 53 -4.61 19.53 42.30
CA TYR G 53 -3.26 20.02 42.05
C TYR G 53 -2.97 19.96 40.55
N VAL G 54 -2.32 20.98 40.01
CA VAL G 54 -2.08 20.98 38.56
C VAL G 54 -0.61 20.99 38.11
N GLY G 55 -0.27 20.05 37.22
CA GLY G 55 1.08 19.98 36.67
C GLY G 55 2.10 19.64 37.73
N ASP G 56 3.08 20.49 37.92
CA ASP G 56 4.12 20.24 38.90
C ASP G 56 3.56 20.20 40.32
N GLU G 57 2.40 20.84 40.55
CA GLU G 57 1.80 20.77 41.86
C GLU G 57 1.35 19.33 42.13
N ALA G 58 0.86 18.66 41.07
CA ALA G 58 0.32 17.33 41.19
C ALA G 58 1.42 16.35 41.53
N GLN G 59 2.58 16.53 40.93
CA GLN G 59 3.67 15.65 41.31
C GLN G 59 4.24 15.98 42.70
N SER G 60 4.33 17.27 43.07
CA SER G 60 4.90 17.64 44.36
C SER G 60 4.14 17.10 45.57
N LYS G 61 2.81 17.01 45.48
CA LYS G 61 1.97 16.49 46.56
C LYS G 61 1.46 15.06 46.33
N ARG G 62 2.04 14.37 45.34
CA ARG G 62 1.60 13.05 44.87
C ARG G 62 1.52 11.96 45.92
N GLY G 63 2.20 12.10 47.05
CA GLY G 63 2.17 11.05 48.06
C GLY G 63 0.75 10.64 48.44
N ILE G 64 -0.21 11.58 48.42
CA ILE G 64 -1.60 11.26 48.76
C ILE G 64 -2.60 11.55 47.64
N LEU G 65 -2.10 11.72 46.42
CA LEU G 65 -2.98 12.05 45.31
C LEU G 65 -3.08 10.90 44.34
N THR G 66 -4.19 10.82 43.66
CA THR G 66 -4.29 9.90 42.53
C THR G 66 -4.02 10.83 41.37
N LEU G 67 -3.15 10.42 40.45
CA LEU G 67 -2.83 11.33 39.36
C LEU G 67 -3.39 10.90 38.02
N LYS G 68 -4.17 11.80 37.42
CA LYS G 68 -4.80 11.48 36.15
C LYS G 68 -4.18 12.27 35.01
N TYR G 69 -4.04 11.59 33.88
CA TYR G 69 -3.52 12.17 32.66
C TYR G 69 -4.66 12.43 31.65
N PRO G 70 -4.98 13.71 31.29
CA PRO G 70 -6.04 14.13 30.37
C PRO G 70 -5.91 13.67 28.92
N ILE G 71 -4.68 13.30 28.53
CA ILE G 71 -4.36 12.91 27.17
C ILE G 71 -4.02 11.42 27.05
N GLU G 72 -4.66 10.75 26.10
CA GLU G 72 -4.43 9.31 25.90
C GLU G 72 -4.15 8.97 24.45
N HIS G 73 -3.07 8.24 24.23
CA HIS G 73 -2.68 7.77 22.90
C HIS G 73 -2.65 8.87 21.85
N GLY G 74 -2.12 10.03 22.26
CA GLY G 74 -1.97 11.16 21.37
C GLY G 74 -3.10 12.19 21.39
N ILE G 75 -4.26 11.92 22.03
CA ILE G 75 -5.31 12.94 21.98
C ILE G 75 -5.88 13.41 23.31
N ILE G 76 -6.47 14.60 23.31
CA ILE G 76 -7.10 15.12 24.51
C ILE G 76 -8.55 14.74 24.66
N THR G 77 -8.87 14.12 25.79
CA THR G 77 -10.24 13.76 26.04
C THR G 77 -10.74 14.58 27.24
N ASN G 78 -9.88 14.78 28.25
CA ASN G 78 -10.32 15.57 29.39
C ASN G 78 -9.94 17.01 29.13
N TRP G 79 -10.74 17.66 28.30
CA TRP G 79 -10.48 19.01 27.86
C TRP G 79 -10.43 19.97 29.07
N ASP G 80 -11.20 19.65 30.13
CA ASP G 80 -11.26 20.51 31.30
C ASP G 80 -9.93 20.51 32.03
N ASP G 81 -9.31 19.35 32.14
CA ASP G 81 -8.02 19.32 32.81
C ASP G 81 -6.96 19.98 31.94
N MET G 82 -7.09 19.89 30.60
CA MET G 82 -6.15 20.59 29.73
C MET G 82 -6.22 22.09 29.92
N GLU G 83 -7.44 22.65 30.04
CA GLU G 83 -7.55 24.08 30.24
C GLU G 83 -6.86 24.51 31.54
N LYS G 84 -6.99 23.71 32.61
CA LYS G 84 -6.33 24.06 33.87
C LYS G 84 -4.81 23.99 33.77
N ILE G 85 -4.29 22.98 33.06
CA ILE G 85 -2.86 22.86 32.89
C ILE G 85 -2.37 24.05 32.12
N TRP G 86 -3.06 24.41 31.05
CA TRP G 86 -2.68 25.55 30.25
C TRP G 86 -2.78 26.85 31.02
N HIS G 87 -3.80 27.03 31.84
CA HIS G 87 -3.90 28.29 32.55
C HIS G 87 -2.67 28.45 33.42
N HIS G 88 -2.31 27.39 34.13
CA HIS G 88 -1.13 27.38 34.98
C HIS G 88 0.15 27.60 34.15
N THR G 89 0.27 26.85 33.07
CA THR G 89 1.42 26.93 32.20
C THR G 89 1.67 28.33 31.71
N PHE G 90 0.63 28.97 31.20
CA PHE G 90 0.78 30.26 30.62
C PHE G 90 0.90 31.37 31.64
N TYR G 91 0.01 31.43 32.61
CA TYR G 91 0.02 32.56 33.52
C TYR G 91 0.99 32.48 34.70
N ASN G 92 1.27 31.28 35.23
CA ASN G 92 2.14 31.22 36.40
C ASN G 92 3.61 31.01 36.05
N GLU G 93 3.90 30.15 35.07
CA GLU G 93 5.31 29.88 34.76
C GLU G 93 5.85 30.55 33.49
N LEU G 94 5.10 30.58 32.39
CA LEU G 94 5.59 31.25 31.18
C LEU G 94 5.42 32.74 31.34
N ARG G 95 4.56 33.12 32.28
CA ARG G 95 4.21 34.50 32.57
C ARG G 95 3.69 35.26 31.37
N VAL G 96 2.78 34.63 30.64
CA VAL G 96 2.16 35.23 29.49
C VAL G 96 0.66 35.14 29.56
N ALA G 97 0.02 36.04 28.83
CA ALA G 97 -1.41 36.03 28.66
C ALA G 97 -1.69 35.78 27.18
N PRO G 98 -2.12 34.56 26.75
CA PRO G 98 -2.34 34.16 25.36
C PRO G 98 -3.23 35.12 24.62
N GLU G 99 -4.09 35.86 25.31
CA GLU G 99 -4.93 36.85 24.68
C GLU G 99 -4.08 37.82 23.81
N GLU G 100 -2.84 38.08 24.25
CA GLU G 100 -1.94 38.99 23.56
C GLU G 100 -0.90 38.28 22.64
N HIS G 101 -0.98 36.95 22.51
CA HIS G 101 -0.01 36.17 21.72
C HIS G 101 -0.66 35.05 20.89
N PRO G 102 -0.28 34.82 19.63
CA PRO G 102 -0.79 33.71 18.83
C PRO G 102 -0.20 32.41 19.41
N THR G 103 -0.91 31.28 19.31
CA THR G 103 -0.37 30.03 19.91
C THR G 103 -0.29 28.81 18.98
N LEU G 104 0.85 28.13 19.03
CA LEU G 104 1.08 26.91 18.27
C LEU G 104 1.06 25.67 19.18
N LEU G 105 0.21 24.73 18.79
CA LEU G 105 0.00 23.44 19.45
C LEU G 105 0.36 22.35 18.45
N THR G 106 0.53 21.12 18.91
CA THR G 106 0.93 20.03 18.02
C THR G 106 0.07 18.76 18.13
N GLU G 107 0.13 17.91 17.10
CA GLU G 107 -0.47 16.56 17.11
C GLU G 107 0.19 15.65 16.06
N ALA G 108 -0.17 14.37 16.06
CA ALA G 108 0.27 13.49 14.99
C ALA G 108 -0.84 13.48 13.92
N PRO G 109 -0.53 13.57 12.62
CA PRO G 109 -1.52 13.47 11.55
C PRO G 109 -2.39 12.22 11.58
N LEU G 110 -1.97 11.07 12.17
CA LEU G 110 -2.94 9.97 12.16
C LEU G 110 -3.68 9.83 13.50
N ASN G 111 -3.72 10.90 14.29
CA ASN G 111 -4.53 10.93 15.49
C ASN G 111 -5.97 11.32 15.09
N PRO G 112 -7.01 10.94 15.85
CA PRO G 112 -8.39 11.38 15.68
C PRO G 112 -8.53 12.92 15.66
N LYS G 113 -9.43 13.38 14.76
CA LYS G 113 -9.72 14.80 14.46
C LYS G 113 -10.18 15.66 15.63
N ALA G 114 -10.86 15.05 16.59
CA ALA G 114 -11.36 15.78 17.73
C ALA G 114 -10.24 16.48 18.50
N ASN G 115 -9.01 15.95 18.46
CA ASN G 115 -7.93 16.53 19.23
C ASN G 115 -7.63 17.96 18.81
N ARG G 116 -7.38 18.16 17.52
CA ARG G 116 -7.09 19.48 17.00
C ARG G 116 -8.28 20.43 17.14
N GLU G 117 -9.49 19.90 17.13
CA GLU G 117 -10.67 20.74 17.26
C GLU G 117 -10.85 21.25 18.69
N LYS G 118 -10.60 20.38 19.69
CA LYS G 118 -10.75 20.80 21.07
C LYS G 118 -9.59 21.68 21.51
N MET G 119 -8.38 21.40 21.03
CA MET G 119 -7.27 22.26 21.45
C MET G 119 -7.48 23.67 20.92
N THR G 120 -7.99 23.78 19.68
CA THR G 120 -8.24 25.05 19.05
C THR G 120 -9.34 25.79 19.81
N GLN G 121 -10.43 25.07 20.16
CA GLN G 121 -11.53 25.66 20.89
C GLN G 121 -11.12 26.19 22.25
N ILE G 122 -10.29 25.46 22.99
CA ILE G 122 -9.93 25.95 24.30
C ILE G 122 -9.14 27.26 24.17
N MET G 123 -8.16 27.28 23.27
CA MET G 123 -7.40 28.52 23.21
C MET G 123 -8.23 29.71 22.73
N PHE G 124 -9.19 29.50 21.81
CA PHE G 124 -10.00 30.63 21.37
C PHE G 124 -11.11 31.02 22.34
N GLU G 125 -11.72 30.05 23.03
CA GLU G 125 -12.84 30.41 23.89
C GLU G 125 -12.52 30.62 25.37
N THR G 126 -11.48 29.97 25.94
CA THR G 126 -11.24 30.21 27.36
C THR G 126 -10.02 31.14 27.54
N PHE G 127 -9.13 31.15 26.55
CA PHE G 127 -7.94 32.03 26.61
C PHE G 127 -8.00 33.26 25.72
N ASN G 128 -8.97 33.30 24.81
CA ASN G 128 -9.16 34.40 23.85
C ASN G 128 -7.90 34.69 23.03
N VAL G 129 -7.22 33.64 22.61
CA VAL G 129 -5.99 33.77 21.83
C VAL G 129 -6.33 34.44 20.51
N PRO G 130 -5.57 35.42 20.00
CA PRO G 130 -5.85 36.10 18.75
C PRO G 130 -5.71 35.19 17.53
N ALA G 131 -4.96 34.10 17.67
CA ALA G 131 -4.77 33.17 16.58
C ALA G 131 -4.31 31.79 17.02
N MET G 132 -4.60 30.79 16.19
CA MET G 132 -4.16 29.41 16.43
C MET G 132 -3.62 28.62 15.28
N TYR G 133 -2.75 27.67 15.59
CA TYR G 133 -2.16 26.78 14.57
C TYR G 133 -1.71 25.43 15.15
N VAL G 134 -2.32 24.33 14.68
CA VAL G 134 -1.95 23.01 15.16
C VAL G 134 -0.96 22.44 14.16
N ALA G 135 0.22 22.15 14.64
CA ALA G 135 1.36 21.68 13.87
C ALA G 135 1.54 20.18 13.89
N ILE G 136 2.31 19.74 12.90
CA ILE G 136 2.67 18.35 12.75
C ILE G 136 3.99 18.11 13.45
N GLN G 137 4.04 17.15 14.37
CA GLN G 137 5.28 16.91 15.11
C GLN G 137 6.45 16.55 14.18
N ALA G 138 6.16 15.84 13.08
CA ALA G 138 7.18 15.49 12.09
C ALA G 138 7.75 16.71 11.37
N VAL G 139 6.92 17.71 11.14
CA VAL G 139 7.34 18.93 10.46
C VAL G 139 8.26 19.68 11.36
N LEU G 140 7.86 19.74 12.60
CA LEU G 140 8.63 20.47 13.57
C LEU G 140 9.97 19.76 13.75
N SER G 141 9.97 18.42 13.72
CA SER G 141 11.21 17.68 13.89
C SER G 141 12.14 17.95 12.70
N LEU G 142 11.60 17.99 11.47
CA LEU G 142 12.43 18.29 10.32
C LEU G 142 12.95 19.73 10.36
N TYR G 143 12.15 20.70 10.83
CA TYR G 143 12.71 22.04 10.88
C TYR G 143 13.88 22.08 11.88
N ALA G 144 13.69 21.45 13.05
CA ALA G 144 14.68 21.45 14.11
C ALA G 144 15.98 20.78 13.70
N SER G 145 15.87 19.74 12.87
CA SER G 145 17.01 18.97 12.39
C SER G 145 17.68 19.57 11.15
N GLY G 146 17.13 20.65 10.58
CA GLY G 146 17.72 21.20 9.38
C GLY G 146 17.42 20.39 8.11
N ARG G 147 16.22 19.80 8.03
CA ARG G 147 15.84 18.98 6.89
C ARG G 147 14.47 19.31 6.33
N THR G 148 14.30 18.99 5.04
CA THR G 148 13.00 19.11 4.37
C THR G 148 12.49 17.72 4.00
N THR G 149 13.38 16.75 4.14
CA THR G 149 13.15 15.36 3.75
C THR G 149 13.58 14.39 4.83
N GLY G 150 12.75 13.38 5.07
CA GLY G 150 13.09 12.29 5.97
C GLY G 150 11.91 11.54 6.55
N ILE G 151 12.22 10.49 7.31
CA ILE G 151 11.18 9.69 7.98
C ILE G 151 11.19 10.08 9.42
N VAL G 152 10.08 10.58 9.95
CA VAL G 152 10.17 10.98 11.34
C VAL G 152 9.47 10.04 12.29
N LEU G 153 10.27 9.57 13.25
CA LEU G 153 9.80 8.71 14.31
C LEU G 153 9.91 9.55 15.57
N ASP G 154 8.75 10.06 16.00
CA ASP G 154 8.63 11.02 17.07
C ASP G 154 8.50 10.49 18.49
N SER G 155 8.52 9.17 18.65
CA SER G 155 8.49 8.54 19.97
C SER G 155 7.55 9.17 20.98
N GLY G 156 6.24 9.13 20.77
CA GLY G 156 5.43 9.81 21.74
C GLY G 156 5.28 8.99 23.02
N ASP G 157 4.45 9.49 23.89
CA ASP G 157 4.16 8.86 25.17
C ASP G 157 2.97 7.95 24.94
N GLY G 158 2.13 8.40 23.99
CA GLY G 158 0.88 7.79 23.57
C GLY G 158 1.05 6.81 22.40
N VAL G 159 1.42 7.38 21.24
CA VAL G 159 1.65 6.65 19.97
C VAL G 159 2.96 7.10 19.29
N THR G 160 3.42 6.30 18.31
CA THR G 160 4.54 6.69 17.43
C THR G 160 3.96 6.94 16.02
N HIS G 161 4.15 8.14 15.46
CA HIS G 161 3.53 8.51 14.16
C HIS G 161 4.16 7.89 12.87
N ASN G 162 5.49 7.84 12.75
CA ASN G 162 6.17 7.24 11.57
C ASN G 162 5.84 7.83 10.17
N VAL G 163 6.15 9.11 9.91
CA VAL G 163 5.77 9.69 8.60
C VAL G 163 6.91 10.11 7.67
N PRO G 164 6.88 9.70 6.39
CA PRO G 164 7.76 10.14 5.34
C PRO G 164 7.33 11.50 4.80
N ILE G 165 8.28 12.43 4.72
CA ILE G 165 8.14 13.76 4.12
C ILE G 165 9.25 13.96 3.07
N TYR G 166 8.89 14.42 1.87
CA TYR G 166 9.89 14.64 0.82
C TYR G 166 9.81 16.02 0.19
N GLU G 167 10.92 16.76 0.19
CA GLU G 167 10.96 18.12 -0.35
C GLU G 167 9.86 18.98 0.25
N GLY G 168 9.56 18.79 1.53
CA GLY G 168 8.53 19.56 2.16
C GLY G 168 7.10 19.05 1.94
N TYR G 169 6.92 17.93 1.22
CA TYR G 169 5.60 17.34 0.93
C TYR G 169 5.28 16.11 1.75
N ALA G 170 4.02 15.94 2.10
CA ALA G 170 3.66 14.73 2.82
C ALA G 170 3.50 13.60 1.83
N LEU G 171 3.85 12.41 2.27
CA LEU G 171 3.64 11.22 1.49
C LEU G 171 2.75 10.29 2.35
N PRO G 172 1.46 10.68 2.60
CA PRO G 172 0.57 10.13 3.60
C PRO G 172 0.21 8.67 3.44
N HIS G 173 0.32 8.15 2.23
CA HIS G 173 -0.04 6.76 1.98
C HIS G 173 0.99 5.83 2.59
N ALA G 174 2.14 6.38 2.94
CA ALA G 174 3.24 5.65 3.50
C ALA G 174 3.43 5.90 5.00
N ILE G 175 2.43 6.49 5.68
CA ILE G 175 2.54 6.70 7.13
C ILE G 175 2.22 5.39 7.83
N MET G 176 3.07 4.96 8.76
CA MET G 176 2.83 3.71 9.45
C MET G 176 2.63 3.91 10.95
N ARG G 177 1.54 4.57 11.37
CA ARG G 177 1.41 4.87 12.79
C ARG G 177 1.35 3.58 13.61
N LEU G 178 2.12 3.55 14.70
CA LEU G 178 2.20 2.37 15.54
C LEU G 178 1.74 2.59 16.98
N ASP G 179 0.88 1.70 17.46
CA ASP G 179 0.40 1.78 18.83
C ASP G 179 1.37 1.17 19.83
N LEU G 180 2.49 1.86 19.95
CA LEU G 180 3.60 1.58 20.86
C LEU G 180 4.30 2.88 21.21
N ALA G 181 4.34 3.16 22.50
CA ALA G 181 4.90 4.39 23.00
C ALA G 181 5.48 4.28 24.42
N GLY G 182 6.04 5.37 24.94
CA GLY G 182 6.69 5.36 26.26
C GLY G 182 5.82 4.83 27.41
N ARG G 183 4.50 5.05 27.36
CA ARG G 183 3.63 4.56 28.42
C ARG G 183 3.44 3.04 28.36
N ASP G 184 3.70 2.43 27.20
CA ASP G 184 3.54 0.99 27.05
C ASP G 184 4.81 0.34 27.52
N LEU G 185 5.92 1.03 27.29
CA LEU G 185 7.21 0.50 27.71
C LEU G 185 7.22 0.51 29.24
N THR G 186 6.60 1.55 29.82
CA THR G 186 6.48 1.70 31.26
C THR G 186 5.62 0.58 31.84
N ASP G 187 4.49 0.27 31.18
CA ASP G 187 3.62 -0.79 31.68
C ASP G 187 4.31 -2.15 31.64
N TYR G 188 5.09 -2.37 30.58
CA TYR G 188 5.83 -3.61 30.43
C TYR G 188 6.83 -3.75 31.57
N LEU G 189 7.53 -2.66 31.88
CA LEU G 189 8.49 -2.67 32.97
C LEU G 189 7.76 -2.92 34.30
N MET G 190 6.57 -2.37 34.52
CA MET G 190 5.91 -2.69 35.79
C MET G 190 5.70 -4.21 35.94
N LYS G 191 5.31 -4.87 34.85
CA LYS G 191 5.07 -6.31 34.88
C LYS G 191 6.37 -7.13 35.02
N ILE G 192 7.45 -6.69 34.38
CA ILE G 192 8.70 -7.45 34.42
C ILE G 192 9.32 -7.28 35.83
N LEU G 193 9.11 -6.11 36.45
CA LEU G 193 9.66 -5.90 37.78
C LEU G 193 8.88 -6.71 38.80
N THR G 194 7.60 -6.99 38.50
CA THR G 194 6.76 -7.83 39.35
C THR G 194 7.39 -9.24 39.36
N GLU G 195 7.86 -9.71 38.19
CA GLU G 195 8.51 -11.03 38.07
C GLU G 195 9.77 -11.10 38.99
N ARG G 196 10.42 -9.96 39.16
CA ARG G 196 11.62 -9.89 40.00
C ARG G 196 11.35 -9.71 41.51
N GLY G 197 10.07 -9.58 41.87
CA GLY G 197 9.69 -9.39 43.27
C GLY G 197 9.32 -7.98 43.72
N TYR G 198 9.27 -7.00 42.82
CA TYR G 198 8.91 -5.65 43.22
C TYR G 198 7.60 -5.21 42.60
N SER G 199 6.57 -5.13 43.44
CA SER G 199 5.23 -4.77 42.97
C SER G 199 5.03 -3.28 42.93
N PHE G 200 4.71 -2.75 41.74
CA PHE G 200 4.46 -1.33 41.55
C PHE G 200 3.07 -1.12 40.96
N VAL G 201 2.08 -0.75 41.79
CA VAL G 201 0.72 -0.64 41.28
C VAL G 201 0.03 0.74 41.44
N THR G 202 0.37 1.50 42.49
CA THR G 202 -0.31 2.77 42.83
C THR G 202 0.28 3.93 42.06
N THR G 203 -0.34 5.11 42.09
CA THR G 203 0.25 6.21 41.32
C THR G 203 1.69 6.49 41.68
N ALA G 204 2.03 6.56 42.96
CA ALA G 204 3.42 6.87 43.30
C ALA G 204 4.34 5.80 42.73
N GLU G 205 3.91 4.55 42.80
CA GLU G 205 4.69 3.43 42.30
C GLU G 205 4.82 3.44 40.78
N ARG G 206 3.75 3.84 40.08
CA ARG G 206 3.74 3.90 38.63
C ARG G 206 4.71 4.99 38.14
N GLU G 207 4.75 6.12 38.87
CA GLU G 207 5.64 7.24 38.54
C GLU G 207 7.10 6.78 38.72
N ILE G 208 7.35 5.97 39.75
CA ILE G 208 8.69 5.43 39.97
C ILE G 208 9.12 4.53 38.85
N VAL G 209 8.25 3.64 38.39
CA VAL G 209 8.68 2.77 37.31
C VAL G 209 9.03 3.58 36.07
N ARG G 210 8.24 4.61 35.77
CA ARG G 210 8.61 5.45 34.65
C ARG G 210 10.01 6.04 34.88
N ASP G 211 10.29 6.52 36.11
CA ASP G 211 11.59 7.12 36.43
C ASP G 211 12.71 6.07 36.32
N ILE G 212 12.42 4.80 36.68
CA ILE G 212 13.43 3.75 36.59
C ILE G 212 13.80 3.57 35.14
N LYS G 213 12.80 3.50 34.27
CA LYS G 213 13.08 3.30 32.86
C LYS G 213 13.98 4.41 32.31
N GLU G 214 13.65 5.65 32.66
CA GLU G 214 14.37 6.82 32.17
C GLU G 214 15.84 6.81 32.60
N LYS G 215 16.13 6.31 33.80
CA LYS G 215 17.52 6.30 34.25
C LYS G 215 18.31 5.01 33.99
N LEU G 216 17.66 3.84 33.97
CA LEU G 216 18.39 2.57 33.82
C LEU G 216 18.32 1.88 32.45
N CYS G 217 17.29 2.14 31.65
CA CYS G 217 17.12 1.36 30.43
C CYS G 217 17.87 1.78 29.17
N TYR G 218 18.06 0.80 28.30
CA TYR G 218 18.70 0.92 26.99
C TYR G 218 18.15 -0.11 26.02
N VAL G 219 18.41 0.02 24.71
CA VAL G 219 17.86 -0.99 23.79
C VAL G 219 18.85 -2.09 23.44
N ALA G 220 20.13 -1.71 23.31
CA ALA G 220 21.22 -2.61 22.92
C ALA G 220 21.29 -2.73 21.40
N LEU G 221 22.52 -2.77 20.87
CA LEU G 221 22.72 -2.96 19.43
C LEU G 221 22.34 -4.37 19.00
N ASP G 222 22.66 -5.34 19.85
CA ASP G 222 22.39 -6.75 19.59
C ASP G 222 21.73 -7.36 20.81
N PHE G 223 20.41 -7.51 20.74
CA PHE G 223 19.61 -7.96 21.88
C PHE G 223 20.00 -9.31 22.40
N GLU G 224 20.15 -10.26 21.50
CA GLU G 224 20.44 -11.62 21.91
C GLU G 224 21.79 -11.74 22.57
N ASN G 225 22.80 -11.05 22.03
CA ASN G 225 24.10 -11.15 22.67
C ASN G 225 24.11 -10.38 23.99
N GLU G 226 23.33 -9.29 24.06
CA GLU G 226 23.30 -8.50 25.26
C GLU G 226 22.62 -9.31 26.35
N MET G 227 21.53 -10.02 26.00
CA MET G 227 20.80 -10.86 26.94
C MET G 227 21.62 -12.06 27.33
N ALA G 228 22.44 -12.58 26.42
CA ALA G 228 23.23 -13.74 26.79
C ALA G 228 24.11 -13.41 27.99
N THR G 229 24.65 -12.19 28.07
CA THR G 229 25.45 -11.89 29.24
C THR G 229 24.61 -11.26 30.37
N ALA G 230 23.59 -10.47 30.04
CA ALA G 230 22.77 -9.83 31.08
C ALA G 230 22.03 -10.86 31.91
N ALA G 231 21.65 -11.95 31.27
CA ALA G 231 20.93 -13.03 31.93
C ALA G 231 21.86 -13.97 32.69
N SER G 232 23.18 -13.82 32.49
CA SER G 232 24.16 -14.73 33.08
C SER G 232 24.96 -14.09 34.21
N SER G 233 25.04 -12.76 34.24
CA SER G 233 25.89 -12.10 35.23
C SER G 233 25.43 -10.75 35.76
N SER G 234 25.75 -10.54 37.04
CA SER G 234 25.47 -9.34 37.82
C SER G 234 26.26 -8.14 37.28
N SER G 235 27.25 -8.40 36.45
CA SER G 235 28.08 -7.38 35.87
C SER G 235 27.30 -6.47 34.91
N LEU G 236 26.08 -6.88 34.49
CA LEU G 236 25.29 -6.01 33.64
C LEU G 236 24.04 -5.49 34.37
N GLU G 237 24.04 -5.59 35.71
CA GLU G 237 22.92 -5.10 36.50
C GLU G 237 23.15 -3.70 37.02
N LYS G 238 22.07 -2.96 37.20
CA LYS G 238 22.14 -1.65 37.81
C LYS G 238 21.09 -1.46 38.89
N SER G 239 21.50 -0.83 39.99
CA SER G 239 20.59 -0.56 41.08
C SER G 239 19.99 0.84 40.97
N TYR G 240 18.70 0.92 41.26
CA TYR G 240 17.93 2.15 41.29
C TYR G 240 17.45 2.45 42.70
N GLU G 241 17.60 3.71 43.11
CA GLU G 241 17.15 4.08 44.45
C GLU G 241 15.68 4.45 44.49
N LEU G 242 14.93 3.72 45.30
CA LEU G 242 13.51 3.94 45.47
C LEU G 242 13.49 5.04 46.52
N PRO G 243 12.52 5.95 46.52
CA PRO G 243 12.45 7.08 47.44
C PRO G 243 11.98 6.72 48.84
N ASP G 244 12.65 5.77 49.47
CA ASP G 244 12.35 5.41 50.83
C ASP G 244 13.62 4.82 51.39
N GLY G 245 14.67 4.81 50.56
CA GLY G 245 16.00 4.30 50.95
C GLY G 245 16.28 2.86 50.48
N GLN G 246 15.27 2.17 49.97
CA GLN G 246 15.42 0.80 49.49
C GLN G 246 15.86 0.85 48.04
N VAL G 247 16.42 -0.24 47.54
CA VAL G 247 16.81 -0.24 46.14
C VAL G 247 16.20 -1.42 45.41
N ILE G 248 16.14 -1.27 44.10
CA ILE G 248 15.73 -2.31 43.18
C ILE G 248 16.86 -2.57 42.21
N THR G 249 17.22 -3.83 42.01
CA THR G 249 18.30 -4.10 41.07
C THR G 249 17.69 -4.82 39.88
N ILE G 250 17.99 -4.26 38.70
CA ILE G 250 17.46 -4.68 37.41
C ILE G 250 18.56 -5.15 36.43
N GLY G 251 18.37 -6.34 35.80
CA GLY G 251 19.34 -6.97 34.91
C GLY G 251 18.98 -6.90 33.45
N ASN G 252 18.55 -8.01 32.85
CA ASN G 252 18.27 -8.00 31.43
C ASN G 252 16.94 -7.30 31.12
N GLU G 253 16.20 -7.00 32.18
CA GLU G 253 14.91 -6.32 32.11
C GLU G 253 15.12 -4.88 31.69
N ARG G 254 16.37 -4.45 31.91
CA ARG G 254 16.90 -3.15 31.64
C ARG G 254 16.82 -2.85 30.15
N PHE G 255 16.87 -3.91 29.33
CA PHE G 255 16.82 -3.77 27.89
C PHE G 255 15.63 -4.51 27.29
N ARG G 256 15.14 -5.52 28.01
CA ARG G 256 13.98 -6.29 27.51
C ARG G 256 12.77 -5.39 27.43
N CYS G 257 12.72 -4.37 28.29
CA CYS G 257 11.57 -3.50 28.24
C CYS G 257 11.61 -2.61 26.96
N PRO G 258 12.65 -1.76 26.72
CA PRO G 258 12.88 -0.99 25.49
C PRO G 258 12.88 -1.85 24.24
N GLU G 259 13.23 -3.13 24.35
CA GLU G 259 13.25 -4.06 23.24
C GLU G 259 11.88 -4.18 22.60
N THR G 260 10.82 -3.80 23.32
CA THR G 260 9.43 -3.85 22.84
C THR G 260 9.34 -2.97 21.58
N LEU G 261 10.24 -1.99 21.45
CA LEU G 261 10.30 -1.10 20.30
C LEU G 261 10.62 -1.91 19.06
N PHE G 262 11.40 -2.97 19.22
CA PHE G 262 11.76 -3.82 18.12
C PHE G 262 10.86 -5.05 18.13
N GLN G 263 10.26 -5.33 19.30
CA GLN G 263 9.36 -6.45 19.48
C GLN G 263 8.10 -6.05 20.28
N PRO G 264 7.12 -5.46 19.60
CA PRO G 264 5.84 -4.97 20.14
C PRO G 264 4.93 -6.07 20.69
N SER G 265 5.22 -7.32 20.31
CA SER G 265 4.47 -8.47 20.75
C SER G 265 4.62 -8.64 22.26
N PHE G 266 5.63 -7.99 22.85
CA PHE G 266 5.88 -8.03 24.28
C PHE G 266 4.72 -7.41 25.08
N ILE G 267 3.95 -6.53 24.44
CA ILE G 267 2.82 -5.88 25.08
C ILE G 267 1.50 -6.28 24.42
N GLY G 268 1.54 -7.35 23.62
CA GLY G 268 0.34 -7.83 22.93
C GLY G 268 0.03 -7.14 21.60
N MET G 269 0.94 -6.30 21.08
CA MET G 269 0.66 -5.60 19.84
C MET G 269 1.08 -6.43 18.63
N GLU G 270 0.29 -6.35 17.57
CA GLU G 270 0.68 -7.01 16.35
C GLU G 270 1.49 -6.07 15.48
N SER G 271 2.80 -6.19 15.59
CA SER G 271 3.73 -5.34 14.86
C SER G 271 5.11 -5.92 14.84
N ALA G 272 5.85 -5.66 13.76
CA ALA G 272 7.23 -6.12 13.64
C ALA G 272 8.23 -5.13 14.23
N GLY G 273 7.76 -4.00 14.76
CA GLY G 273 8.65 -3.01 15.39
C GLY G 273 8.84 -1.71 14.64
N ILE G 274 9.51 -0.77 15.31
CA ILE G 274 9.76 0.58 14.80
C ILE G 274 10.67 0.62 13.56
N HIS G 275 11.50 -0.41 13.37
CA HIS G 275 12.31 -0.41 12.17
C HIS G 275 11.52 -0.90 10.97
N GLU G 276 10.39 -1.58 11.20
CA GLU G 276 9.55 -2.05 10.14
C GLU G 276 8.77 -0.87 9.65
N THR G 277 8.32 -0.04 10.60
CA THR G 277 7.53 1.11 10.24
C THR G 277 8.40 2.09 9.48
N THR G 278 9.66 2.23 9.90
CA THR G 278 10.57 3.14 9.21
C THR G 278 10.76 2.65 7.79
N TYR G 279 11.02 1.35 7.67
CA TYR G 279 11.27 0.74 6.39
C TYR G 279 10.11 0.86 5.43
N ASN G 280 8.89 0.56 5.89
CA ASN G 280 7.72 0.61 5.03
C ASN G 280 7.37 2.04 4.66
N SER G 281 7.68 3.01 5.52
CA SER G 281 7.43 4.37 5.13
C SER G 281 8.32 4.76 3.97
N ILE G 282 9.52 4.17 3.88
CA ILE G 282 10.40 4.45 2.77
C ILE G 282 9.93 3.62 1.56
N MET G 283 9.69 2.33 1.77
CA MET G 283 9.34 1.38 0.72
C MET G 283 8.05 1.70 -0.02
N LYS G 284 7.08 2.30 0.66
CA LYS G 284 5.82 2.63 0.02
C LYS G 284 5.88 3.93 -0.77
N CYS G 285 7.04 4.58 -0.79
CA CYS G 285 7.25 5.80 -1.54
C CYS G 285 7.93 5.44 -2.88
N ASP G 286 7.78 6.30 -3.88
CA ASP G 286 8.40 6.06 -5.20
C ASP G 286 9.90 5.94 -5.11
N ILE G 287 10.47 5.18 -6.01
CA ILE G 287 11.90 4.91 -6.03
C ILE G 287 12.81 6.15 -6.18
N ASP G 288 12.28 7.26 -6.66
CA ASP G 288 13.06 8.49 -6.78
C ASP G 288 12.93 9.37 -5.55
N ILE G 289 12.16 8.87 -4.58
CA ILE G 289 11.94 9.47 -3.27
C ILE G 289 12.79 8.69 -2.26
N ARG G 290 12.76 7.36 -2.42
CA ARG G 290 13.36 6.41 -1.49
C ARG G 290 14.81 6.70 -1.21
N LYS G 291 15.58 7.13 -2.20
CA LYS G 291 17.00 7.35 -1.95
C LYS G 291 17.23 8.45 -0.91
N ASP G 292 16.33 9.43 -0.86
CA ASP G 292 16.51 10.55 0.02
C ASP G 292 15.94 10.20 1.37
N LEU G 293 14.91 9.36 1.39
CA LEU G 293 14.37 8.98 2.68
C LEU G 293 15.33 7.98 3.36
N TYR G 294 15.99 7.08 2.60
CA TYR G 294 16.93 6.12 3.20
C TYR G 294 18.06 6.83 3.90
N ALA G 295 18.53 7.91 3.28
CA ALA G 295 19.64 8.70 3.78
C ALA G 295 19.24 9.68 4.89
N ASN G 296 17.94 9.78 5.20
CA ASN G 296 17.45 10.72 6.19
C ASN G 296 16.38 10.14 7.12
N ASN G 297 16.74 9.15 7.91
CA ASN G 297 15.83 8.65 8.93
C ASN G 297 16.00 9.58 10.12
N VAL G 298 14.91 10.12 10.65
CA VAL G 298 14.99 11.11 11.71
C VAL G 298 14.43 10.66 13.04
N MET G 299 15.29 10.75 14.04
CA MET G 299 14.91 10.41 15.39
C MET G 299 14.49 11.68 16.08
N SER G 300 13.34 11.66 16.75
CA SER G 300 12.83 12.79 17.48
C SER G 300 12.08 12.29 18.69
N GLY G 301 11.98 13.10 19.72
CA GLY G 301 11.25 12.67 20.92
C GLY G 301 12.13 11.79 21.79
N GLY G 302 11.50 11.13 22.76
CA GLY G 302 12.19 10.29 23.75
C GLY G 302 12.46 8.93 23.15
N THR G 303 13.05 7.98 23.90
CA THR G 303 13.44 6.62 23.43
C THR G 303 14.63 6.65 22.46
N THR G 304 14.85 7.81 21.84
CA THR G 304 15.90 8.08 20.88
C THR G 304 17.21 8.31 21.64
N MET G 305 17.07 8.45 22.93
CA MET G 305 18.16 8.62 23.86
C MET G 305 18.65 7.27 24.42
N TYR G 306 18.02 6.14 24.05
CA TYR G 306 18.49 4.88 24.59
C TYR G 306 19.82 4.45 23.97
N PRO G 307 20.80 3.99 24.74
CA PRO G 307 22.01 3.45 24.18
C PRO G 307 21.65 2.32 23.22
N GLY G 308 22.30 2.37 22.05
CA GLY G 308 22.11 1.42 20.97
C GLY G 308 20.98 1.79 19.99
N ILE G 309 20.18 2.82 20.28
CA ILE G 309 19.05 3.06 19.37
C ILE G 309 19.37 3.66 18.02
N ALA G 310 20.30 4.62 17.92
CA ALA G 310 20.57 5.18 16.61
C ALA G 310 21.33 4.20 15.76
N ASP G 311 22.16 3.37 16.41
CA ASP G 311 22.99 2.44 15.68
C ASP G 311 22.18 1.22 15.32
N ARG G 312 21.29 0.84 16.22
CA ARG G 312 20.42 -0.31 16.04
C ARG G 312 19.42 -0.02 14.92
N MET G 313 18.81 1.16 14.94
CA MET G 313 17.87 1.48 13.89
C MET G 313 18.57 1.52 12.54
N GLN G 314 19.78 2.09 12.46
CA GLN G 314 20.40 2.14 11.15
C GLN G 314 20.70 0.72 10.67
N LYS G 315 21.13 -0.17 11.59
CA LYS G 315 21.42 -1.57 11.29
C LYS G 315 20.15 -2.35 10.85
N GLU G 316 19.05 -2.13 11.56
CA GLU G 316 17.78 -2.80 11.31
C GLU G 316 17.17 -2.38 9.97
N ILE G 317 17.37 -1.13 9.55
CA ILE G 317 16.80 -0.69 8.28
C ILE G 317 17.74 -1.10 7.16
N THR G 318 19.06 -0.94 7.32
CA THR G 318 19.97 -1.31 6.25
C THR G 318 19.84 -2.81 5.95
N ALA G 319 19.48 -3.61 6.97
CA ALA G 319 19.24 -5.04 6.83
C ALA G 319 18.03 -5.39 5.96
N LEU G 320 17.07 -4.46 5.82
CA LEU G 320 15.85 -4.67 5.05
C LEU G 320 15.96 -4.00 3.68
N ALA G 321 16.74 -2.93 3.64
CA ALA G 321 17.03 -2.10 2.49
C ALA G 321 17.88 -2.85 1.48
N PRO G 322 17.89 -2.45 0.20
CA PRO G 322 18.75 -3.00 -0.82
C PRO G 322 20.19 -2.60 -0.56
N SER G 323 21.12 -3.39 -1.11
CA SER G 323 22.54 -3.11 -1.02
C SER G 323 22.85 -1.92 -1.91
N THR G 324 24.08 -1.41 -1.85
CA THR G 324 24.55 -0.23 -2.60
C THR G 324 24.06 1.07 -1.95
N MET G 325 22.77 1.12 -1.65
CA MET G 325 22.12 2.26 -1.00
C MET G 325 22.66 2.56 0.37
N LYS G 326 22.78 3.87 0.67
CA LYS G 326 23.23 4.33 1.97
C LYS G 326 22.05 4.67 2.87
N ILE G 327 22.00 3.98 3.99
CA ILE G 327 20.98 4.17 4.99
C ILE G 327 21.61 4.95 6.13
N LYS G 328 20.97 6.05 6.51
CA LYS G 328 21.53 6.91 7.55
C LYS G 328 20.53 7.47 8.56
N ILE G 329 20.96 7.54 9.83
CA ILE G 329 20.17 8.17 10.88
C ILE G 329 20.68 9.48 11.44
N ILE G 330 19.74 10.41 11.54
CA ILE G 330 19.87 11.73 12.09
C ILE G 330 19.36 11.69 13.52
N ALA G 331 20.24 11.95 14.48
CA ALA G 331 19.88 11.84 15.89
C ALA G 331 20.64 12.88 16.73
N PRO G 332 20.26 14.16 16.69
CA PRO G 332 20.95 15.28 17.29
C PRO G 332 20.82 15.20 18.81
N PRO G 333 21.67 15.88 19.57
CA PRO G 333 21.65 15.98 21.03
C PRO G 333 20.39 16.67 21.55
N GLU G 334 19.73 17.39 20.66
CA GLU G 334 18.50 18.10 20.99
C GLU G 334 17.41 17.04 21.14
N ARG G 335 17.81 15.91 21.71
CA ARG G 335 16.92 14.77 21.93
C ARG G 335 15.78 15.12 22.90
N LYS G 336 14.66 14.43 22.71
CA LYS G 336 13.46 14.61 23.51
C LYS G 336 12.93 16.04 23.49
N TYR G 337 13.72 16.99 22.98
CA TYR G 337 13.20 18.37 22.93
C TYR G 337 13.16 19.02 21.53
N SER G 338 13.76 18.39 20.51
CA SER G 338 13.86 19.01 19.17
C SER G 338 12.53 19.32 18.55
N VAL G 339 11.48 18.60 18.90
CA VAL G 339 10.18 18.90 18.37
C VAL G 339 9.68 20.23 18.95
N TRP G 340 10.02 20.53 20.21
CA TRP G 340 9.61 21.78 20.81
C TRP G 340 10.27 22.89 20.02
N ILE G 341 11.56 22.68 19.74
CA ILE G 341 12.37 23.63 19.02
C ILE G 341 11.78 23.84 17.66
N GLY G 342 11.36 22.76 17.02
CA GLY G 342 10.71 22.89 15.73
C GLY G 342 9.47 23.76 15.84
N GLY G 343 8.74 23.68 16.97
CA GLY G 343 7.55 24.48 17.24
C GLY G 343 7.93 25.93 17.26
N SER G 344 9.03 26.24 17.95
CA SER G 344 9.59 27.58 18.07
C SER G 344 10.00 28.11 16.69
N ILE G 345 10.63 27.24 15.89
CA ILE G 345 11.07 27.64 14.57
C ILE G 345 9.88 27.94 13.71
N LEU G 346 8.89 27.05 13.67
CA LEU G 346 7.75 27.28 12.79
C LEU G 346 6.94 28.48 13.21
N ALA G 347 6.67 28.59 14.51
CA ALA G 347 5.85 29.65 15.04
C ALA G 347 6.42 31.04 14.71
N SER G 348 7.76 31.13 14.66
CA SER G 348 8.44 32.38 14.36
C SER G 348 8.87 32.58 12.89
N LEU G 349 8.53 31.66 11.97
CA LEU G 349 8.95 31.86 10.58
C LEU G 349 8.06 32.88 9.90
N SER G 350 8.61 33.67 9.00
CA SER G 350 7.80 34.62 8.24
C SER G 350 6.89 33.90 7.26
N THR G 351 7.27 32.68 6.90
CA THR G 351 6.57 31.85 5.92
C THR G 351 5.32 31.28 6.53
N PHE G 352 5.23 31.35 7.84
CA PHE G 352 4.17 30.79 8.61
C PHE G 352 3.19 31.83 9.13
N GLN G 353 3.37 33.11 8.81
CA GLN G 353 2.47 34.05 9.48
C GLN G 353 1.14 34.18 8.77
N GLN G 354 1.02 33.49 7.64
CA GLN G 354 -0.20 33.46 6.88
C GLN G 354 -0.96 32.15 7.16
N MET G 355 -0.38 31.28 8.00
CA MET G 355 -0.96 29.96 8.29
C MET G 355 -1.87 29.93 9.50
N TRP G 356 -1.95 31.05 10.21
CA TRP G 356 -2.70 31.15 11.44
C TRP G 356 -4.22 31.23 11.24
N ILE G 357 -4.97 30.59 12.12
CA ILE G 357 -6.42 30.75 12.16
C ILE G 357 -6.59 31.98 12.99
N THR G 358 -7.30 33.00 12.51
CA THR G 358 -7.41 34.19 13.35
C THR G 358 -8.64 34.14 14.23
N LYS G 359 -8.69 34.98 15.28
CA LYS G 359 -9.91 35.04 16.09
C LYS G 359 -10.90 35.99 15.45
N GLN G 360 -11.33 35.59 14.29
CA GLN G 360 -12.31 36.18 13.42
C GLN G 360 -12.82 35.00 12.65
N GLU G 361 -11.88 34.33 11.96
CA GLU G 361 -12.22 33.16 11.18
C GLU G 361 -12.77 32.07 12.09
N TYR G 362 -12.15 31.91 13.26
CA TYR G 362 -12.62 30.94 14.24
C TYR G 362 -14.00 31.29 14.72
N ASP G 363 -14.21 32.54 15.12
CA ASP G 363 -15.51 32.88 15.68
C ASP G 363 -16.63 32.68 14.66
N GLU G 364 -16.35 32.96 13.38
CA GLU G 364 -17.34 32.78 12.34
C GLU G 364 -17.62 31.29 12.01
N ALA G 365 -16.57 30.47 11.95
CA ALA G 365 -16.69 29.06 11.58
C ALA G 365 -16.85 28.02 12.70
N GLY G 366 -16.27 28.28 13.87
CA GLY G 366 -16.23 27.32 14.96
C GLY G 366 -14.98 26.46 14.78
N PRO G 367 -14.69 25.54 15.72
CA PRO G 367 -13.50 24.71 15.80
C PRO G 367 -13.28 23.74 14.67
N SER G 368 -14.30 23.43 13.88
CA SER G 368 -14.09 22.51 12.77
C SER G 368 -13.14 23.12 11.73
N ILE G 369 -12.95 24.46 11.80
CA ILE G 369 -12.09 25.24 10.94
C ILE G 369 -10.64 24.80 10.96
N VAL G 370 -10.20 24.21 12.07
CA VAL G 370 -8.83 23.78 12.18
C VAL G 370 -8.48 22.75 11.11
N HIS G 371 -9.47 21.95 10.69
CA HIS G 371 -9.30 20.93 9.68
C HIS G 371 -9.02 21.53 8.31
N ARG G 372 -9.48 22.75 8.06
CA ARG G 372 -9.30 23.37 6.77
C ARG G 372 -8.04 24.24 6.74
N LYS G 373 -7.76 24.87 7.88
CA LYS G 373 -6.65 25.82 8.00
C LYS G 373 -5.28 25.29 8.39
N CYS G 374 -5.18 24.19 9.13
CA CYS G 374 -3.85 23.79 9.58
C CYS G 374 -3.09 22.81 8.68
N PHE G 375 -3.73 21.69 8.31
CA PHE G 375 -3.10 20.66 7.49
C PHE G 375 -4.02 19.47 7.21
N ASP H 1 -16.72 -40.38 -7.56
CA ASP H 1 -17.55 -39.71 -6.56
C ASP H 1 -18.56 -38.81 -7.25
N GLU H 2 -18.19 -38.38 -8.44
CA GLU H 2 -19.03 -37.55 -9.31
C GLU H 2 -19.61 -38.49 -10.37
N ASP H 3 -20.50 -38.01 -11.25
CA ASP H 3 -21.02 -38.89 -12.28
C ASP H 3 -20.24 -38.82 -13.59
N GLU H 4 -19.15 -38.06 -13.56
CA GLU H 4 -18.22 -37.87 -14.67
C GLU H 4 -16.87 -37.46 -14.11
N THR H 5 -15.79 -37.70 -14.84
CA THR H 5 -14.46 -37.25 -14.41
C THR H 5 -14.29 -35.79 -14.82
N THR H 6 -15.15 -34.96 -14.23
CA THR H 6 -15.23 -33.54 -14.47
C THR H 6 -14.05 -32.82 -13.87
N ALA H 7 -13.64 -31.73 -14.48
CA ALA H 7 -12.55 -30.98 -13.91
C ALA H 7 -12.99 -30.31 -12.64
N LEU H 8 -12.08 -30.08 -11.72
CA LEU H 8 -12.42 -29.31 -10.54
C LEU H 8 -12.00 -27.90 -10.86
N VAL H 9 -12.72 -26.91 -10.36
CA VAL H 9 -12.38 -25.53 -10.66
C VAL H 9 -12.13 -24.70 -9.41
N CYS H 10 -10.98 -24.04 -9.35
CA CYS H 10 -10.69 -23.18 -8.20
C CYS H 10 -10.13 -21.82 -8.64
N ASP H 11 -10.86 -20.78 -8.29
CA ASP H 11 -10.55 -19.40 -8.61
C ASP H 11 -9.91 -18.73 -7.40
N ASN H 12 -8.58 -18.65 -7.40
CA ASN H 12 -7.80 -18.17 -6.25
C ASN H 12 -7.36 -16.73 -6.35
N GLY H 13 -8.11 -15.81 -5.75
CA GLY H 13 -7.74 -14.42 -5.87
C GLY H 13 -6.93 -13.99 -4.67
N SER H 14 -6.61 -12.71 -4.61
CA SER H 14 -5.85 -12.16 -3.49
C SER H 14 -6.74 -11.95 -2.27
N GLY H 15 -8.04 -12.03 -2.50
CA GLY H 15 -9.07 -11.85 -1.49
C GLY H 15 -9.52 -13.21 -1.00
N LEU H 16 -10.41 -13.81 -1.78
CA LEU H 16 -11.05 -15.09 -1.51
C LEU H 16 -10.84 -16.10 -2.64
N VAL H 17 -11.01 -17.38 -2.29
CA VAL H 17 -10.93 -18.52 -3.18
C VAL H 17 -12.29 -19.14 -3.38
N LYS H 18 -12.73 -19.21 -4.62
CA LYS H 18 -14.02 -19.83 -4.91
C LYS H 18 -13.77 -21.19 -5.55
N ALA H 19 -14.43 -22.22 -5.04
CA ALA H 19 -14.18 -23.55 -5.58
C ALA H 19 -15.42 -24.44 -5.66
N GLY H 20 -15.40 -25.33 -6.65
CA GLY H 20 -16.47 -26.29 -6.89
C GLY H 20 -16.06 -27.17 -8.06
N PHE H 21 -17.00 -27.87 -8.69
CA PHE H 21 -16.60 -28.72 -9.79
C PHE H 21 -17.11 -28.15 -11.11
N ALA H 22 -16.43 -28.47 -12.19
CA ALA H 22 -16.86 -28.00 -13.49
C ALA H 22 -18.20 -28.60 -13.82
N GLY H 23 -19.06 -27.77 -14.37
CA GLY H 23 -20.38 -28.18 -14.75
C GLY H 23 -21.40 -27.65 -13.75
N ASP H 24 -20.97 -27.17 -12.58
CA ASP H 24 -21.98 -26.61 -11.69
C ASP H 24 -22.18 -25.14 -12.08
N ASP H 25 -23.11 -24.48 -11.40
CA ASP H 25 -23.44 -23.07 -11.64
C ASP H 25 -23.00 -22.17 -10.50
N ALA H 26 -22.23 -22.73 -9.60
CA ALA H 26 -21.73 -22.03 -8.44
C ALA H 26 -20.58 -22.80 -7.86
N PRO H 27 -19.68 -22.17 -7.12
CA PRO H 27 -18.67 -22.84 -6.35
C PRO H 27 -19.42 -23.55 -5.24
N ARG H 28 -18.88 -24.65 -4.73
CA ARG H 28 -19.51 -25.35 -3.62
C ARG H 28 -19.18 -24.62 -2.33
N ALA H 29 -18.00 -24.01 -2.28
CA ALA H 29 -17.56 -23.31 -1.10
C ALA H 29 -16.64 -22.14 -1.45
N VAL H 30 -16.66 -21.14 -0.57
CA VAL H 30 -15.76 -20.00 -0.70
C VAL H 30 -14.95 -19.89 0.57
N PHE H 31 -13.66 -19.67 0.40
CA PHE H 31 -12.75 -19.56 1.51
C PHE H 31 -12.04 -18.24 1.37
N PRO H 32 -11.67 -17.55 2.44
CA PRO H 32 -10.73 -16.45 2.39
C PRO H 32 -9.39 -17.00 1.90
N SER H 33 -8.59 -16.22 1.15
CA SER H 33 -7.24 -16.68 0.75
C SER H 33 -6.30 -16.40 1.91
N ILE H 34 -6.57 -17.02 3.04
CA ILE H 34 -5.87 -16.78 4.29
C ILE H 34 -5.33 -17.98 5.01
N VAL H 35 -4.08 -17.83 5.47
CA VAL H 35 -3.53 -18.82 6.38
C VAL H 35 -3.17 -18.09 7.67
N GLY H 36 -3.82 -18.49 8.76
CA GLY H 36 -3.65 -17.84 10.04
C GLY H 36 -2.72 -18.57 10.96
N ARG H 37 -2.00 -17.82 11.78
CA ARG H 37 -1.08 -18.43 12.74
C ARG H 37 -1.15 -17.75 14.12
N PRO H 38 -1.14 -18.49 15.23
CA PRO H 38 -1.25 -17.95 16.57
C PRO H 38 -0.10 -17.02 16.88
N ARG H 39 -0.42 -15.91 17.53
CA ARG H 39 0.59 -14.93 17.93
C ARG H 39 0.75 -14.89 19.45
N HIS H 40 0.23 -15.91 20.12
CA HIS H 40 0.25 -16.06 21.57
C HIS H 40 0.84 -17.38 22.03
N GLN H 41 1.38 -17.35 23.24
CA GLN H 41 1.92 -18.51 23.93
C GLN H 41 0.83 -19.30 24.63
N GLY H 42 0.78 -20.61 24.35
CA GLY H 42 -0.21 -21.48 24.97
C GLY H 42 0.06 -21.61 26.46
N VAL H 43 -1.02 -21.67 27.25
CA VAL H 43 -0.91 -21.81 28.69
C VAL H 43 -1.49 -23.15 29.16
N MET H 44 -2.62 -23.58 28.55
CA MET H 44 -3.30 -24.82 28.92
C MET H 44 -2.71 -25.95 28.06
N VAL H 45 -2.85 -27.20 28.51
CA VAL H 45 -2.31 -28.36 27.76
C VAL H 45 -3.41 -29.33 27.34
N GLY H 46 -3.25 -29.94 26.15
CA GLY H 46 -4.27 -30.88 25.66
C GLY H 46 -5.41 -30.12 25.02
N MET H 47 -5.05 -28.96 24.43
CA MET H 47 -5.95 -28.02 23.81
C MET H 47 -6.06 -28.15 22.30
N GLY H 48 -5.44 -29.20 21.75
CA GLY H 48 -5.34 -29.33 20.30
C GLY H 48 -4.44 -28.18 19.85
N GLN H 49 -4.91 -27.37 18.91
CA GLN H 49 -4.21 -26.20 18.36
C GLN H 49 -3.24 -26.51 17.24
N LYS H 50 -3.53 -25.94 16.08
CA LYS H 50 -2.76 -26.16 14.86
C LYS H 50 -1.61 -25.17 14.75
N ASP H 51 -0.62 -25.49 13.90
CA ASP H 51 0.49 -24.58 13.65
C ASP H 51 -0.04 -23.43 12.81
N SER H 52 -0.98 -23.77 11.96
CA SER H 52 -1.64 -22.86 11.06
C SER H 52 -3.06 -23.30 10.76
N TYR H 53 -3.91 -22.32 10.49
CA TYR H 53 -5.31 -22.52 10.16
C TYR H 53 -5.56 -22.01 8.77
N VAL H 54 -6.49 -22.59 8.03
CA VAL H 54 -6.68 -22.04 6.69
C VAL H 54 -8.11 -21.65 6.39
N GLY H 55 -8.28 -20.73 5.45
CA GLY H 55 -9.61 -20.41 4.96
C GLY H 55 -10.50 -19.92 6.08
N ASP H 56 -11.63 -20.60 6.21
CA ASP H 56 -12.61 -20.30 7.20
C ASP H 56 -12.15 -20.67 8.60
N GLU H 57 -11.18 -21.59 8.74
CA GLU H 57 -10.69 -21.92 10.07
C GLU H 57 -9.90 -20.73 10.54
N ALA H 58 -9.15 -20.17 9.60
CA ALA H 58 -8.29 -19.03 9.88
C ALA H 58 -9.11 -17.84 10.31
N GLN H 59 -10.26 -17.66 9.68
CA GLN H 59 -11.11 -16.57 10.07
C GLN H 59 -11.85 -16.86 11.38
N SER H 60 -12.37 -18.07 11.58
CA SER H 60 -13.14 -18.37 12.79
C SER H 60 -12.30 -18.29 14.08
N LYS H 61 -11.02 -18.64 13.99
CA LYS H 61 -10.10 -18.64 15.14
C LYS H 61 -9.22 -17.39 15.21
N ARG H 62 -9.54 -16.39 14.38
CA ARG H 62 -8.74 -15.18 14.19
C ARG H 62 -8.51 -14.33 15.42
N GLY H 63 -9.27 -14.51 16.50
CA GLY H 63 -9.10 -13.69 17.68
C GLY H 63 -7.65 -13.62 18.15
N ILE H 64 -6.88 -14.71 18.00
CA ILE H 64 -5.47 -14.69 18.40
C ILE H 64 -4.51 -15.04 17.27
N LEU H 65 -4.96 -14.94 16.02
CA LEU H 65 -4.10 -15.30 14.90
C LEU H 65 -3.69 -14.09 14.13
N THR H 66 -2.52 -14.15 13.53
CA THR H 66 -2.15 -13.12 12.57
C THR H 66 -2.64 -13.72 11.28
N LEU H 67 -3.28 -12.94 10.42
CA LEU H 67 -3.78 -13.53 9.19
C LEU H 67 -3.04 -13.05 7.97
N LYS H 68 -2.43 -14.00 7.26
CA LYS H 68 -1.64 -13.66 6.10
C LYS H 68 -2.32 -14.10 4.82
N TYR H 69 -2.08 -13.36 3.76
CA TYR H 69 -2.59 -13.67 2.44
C TYR H 69 -1.44 -14.15 1.55
N PRO H 70 -1.40 -15.44 1.11
CA PRO H 70 -0.38 -16.06 0.27
C PRO H 70 -0.26 -15.45 -1.14
N ILE H 71 -1.30 -14.71 -1.54
CA ILE H 71 -1.39 -14.07 -2.84
C ILE H 71 -1.27 -12.54 -2.75
N GLU H 72 -0.30 -12.02 -3.50
CA GLU H 72 0.03 -10.61 -3.51
C GLU H 72 -0.36 -9.95 -4.83
N HIS H 73 -1.48 -9.27 -4.85
CA HIS H 73 -1.98 -8.59 -6.04
C HIS H 73 -2.01 -9.48 -7.28
N GLY H 74 -2.49 -10.70 -7.07
CA GLY H 74 -2.63 -11.74 -8.08
C GLY H 74 -1.51 -12.78 -8.14
N ILE H 75 -0.39 -12.57 -7.45
CA ILE H 75 0.70 -13.54 -7.51
C ILE H 75 0.86 -14.41 -6.26
N ILE H 76 0.87 -15.74 -6.41
CA ILE H 76 1.13 -16.55 -5.24
C ILE H 76 2.61 -16.45 -4.93
N THR H 77 2.92 -16.03 -3.71
CA THR H 77 4.31 -15.91 -3.28
C THR H 77 4.55 -16.98 -2.24
N ASN H 78 3.45 -17.47 -1.65
CA ASN H 78 3.56 -18.54 -0.68
C ASN H 78 2.70 -19.73 -1.10
N TRP H 79 3.35 -20.68 -1.74
CA TRP H 79 2.71 -21.85 -2.31
C TRP H 79 2.55 -22.99 -1.33
N ASP H 80 3.12 -22.86 -0.15
CA ASP H 80 2.95 -23.92 0.83
C ASP H 80 1.61 -23.63 1.48
N ASP H 81 1.31 -22.35 1.63
CA ASP H 81 0.05 -21.94 2.18
C ASP H 81 -1.07 -22.19 1.19
N MET H 82 -0.82 -21.99 -0.11
CA MET H 82 -1.90 -22.28 -1.04
C MET H 82 -2.15 -23.79 -1.14
N GLU H 83 -1.10 -24.62 -1.00
CA GLU H 83 -1.33 -26.05 -1.03
C GLU H 83 -2.23 -26.46 0.13
N LYS H 84 -2.03 -25.88 1.33
CA LYS H 84 -2.89 -26.23 2.46
C LYS H 84 -4.34 -25.75 2.25
N ILE H 85 -4.52 -24.55 1.67
CA ILE H 85 -5.86 -24.06 1.42
C ILE H 85 -6.55 -24.97 0.43
N TRP H 86 -5.83 -25.38 -0.62
CA TRP H 86 -6.37 -26.26 -1.62
C TRP H 86 -6.69 -27.63 -1.05
N HIS H 87 -5.84 -28.19 -0.20
CA HIS H 87 -6.16 -29.50 0.34
C HIS H 87 -7.46 -29.41 1.10
N HIS H 88 -7.60 -28.37 1.91
CA HIS H 88 -8.84 -28.17 2.66
C HIS H 88 -10.02 -28.03 1.70
N THR H 89 -9.87 -27.20 0.68
CA THR H 89 -10.93 -27.01 -0.27
C THR H 89 -11.39 -28.30 -0.93
N PHE H 90 -10.43 -29.05 -1.45
CA PHE H 90 -10.71 -30.25 -2.21
C PHE H 90 -11.19 -31.41 -1.36
N TYR H 91 -10.61 -31.60 -0.20
CA TYR H 91 -10.96 -32.74 0.61
C TYR H 91 -12.04 -32.48 1.66
N ASN H 92 -12.11 -31.27 2.24
CA ASN H 92 -13.12 -31.02 3.28
C ASN H 92 -14.43 -30.40 2.74
N GLU H 93 -14.39 -29.55 1.71
CA GLU H 93 -15.67 -28.98 1.26
C GLU H 93 -16.20 -29.57 -0.04
N LEU H 94 -15.32 -29.81 -1.01
CA LEU H 94 -15.77 -30.36 -2.28
C LEU H 94 -15.89 -31.87 -2.15
N ARG H 95 -15.11 -32.42 -1.23
CA ARG H 95 -14.95 -33.84 -0.92
C ARG H 95 -14.50 -34.66 -2.12
N VAL H 96 -13.64 -34.09 -2.97
CA VAL H 96 -13.13 -34.79 -4.13
C VAL H 96 -11.61 -34.71 -4.23
N ALA H 97 -10.96 -35.87 -4.32
CA ALA H 97 -9.52 -35.89 -4.46
C ALA H 97 -9.12 -35.61 -5.93
N PRO H 98 -8.27 -34.58 -6.23
CA PRO H 98 -7.82 -34.17 -7.57
C PRO H 98 -7.13 -35.29 -8.34
N GLU H 99 -6.66 -36.32 -7.66
CA GLU H 99 -5.99 -37.41 -8.34
C GLU H 99 -6.89 -38.00 -9.45
N GLU H 100 -8.21 -38.01 -9.24
CA GLU H 100 -9.13 -38.56 -10.23
C GLU H 100 -9.76 -37.51 -11.17
N HIS H 101 -9.39 -36.23 -11.04
CA HIS H 101 -10.01 -35.15 -11.81
C HIS H 101 -9.04 -34.07 -12.32
N PRO H 102 -9.17 -33.55 -13.55
CA PRO H 102 -8.40 -32.42 -14.07
C PRO H 102 -8.69 -31.19 -13.22
N THR H 103 -7.76 -30.26 -13.10
CA THR H 103 -8.05 -29.02 -12.34
C THR H 103 -7.78 -27.74 -13.12
N LEU H 104 -8.73 -26.81 -13.08
CA LEU H 104 -8.59 -25.52 -13.74
C LEU H 104 -8.43 -24.41 -12.72
N LEU H 105 -7.33 -23.68 -12.89
CA LEU H 105 -6.95 -22.54 -12.07
C LEU H 105 -6.96 -21.30 -12.93
N THR H 106 -7.03 -20.12 -12.32
CA THR H 106 -7.14 -18.89 -13.09
C THR H 106 -6.07 -17.86 -12.71
N GLU H 107 -5.72 -16.98 -13.65
CA GLU H 107 -4.85 -15.81 -13.39
C GLU H 107 -5.00 -14.74 -14.46
N ALA H 108 -4.56 -13.53 -14.16
CA ALA H 108 -4.45 -12.59 -15.25
C ALA H 108 -3.18 -12.99 -16.03
N PRO H 109 -3.11 -12.90 -17.37
CA PRO H 109 -1.92 -13.14 -18.20
C PRO H 109 -0.81 -12.12 -17.93
N LEU H 110 -1.16 -11.06 -17.22
CA LEU H 110 -0.28 -9.98 -16.83
C LEU H 110 0.59 -10.40 -15.66
N ASN H 111 0.24 -11.52 -15.03
CA ASN H 111 0.90 -12.06 -13.87
C ASN H 111 2.33 -12.52 -14.29
N PRO H 112 3.40 -12.06 -13.61
CA PRO H 112 4.79 -12.28 -13.97
C PRO H 112 5.33 -13.71 -13.79
N LYS H 113 4.77 -14.64 -14.57
CA LYS H 113 5.20 -16.04 -14.74
C LYS H 113 5.06 -17.00 -13.56
N ALA H 114 5.56 -16.60 -12.40
CA ALA H 114 5.60 -17.48 -11.25
C ALA H 114 4.25 -18.04 -10.84
N ASN H 115 3.18 -17.29 -10.98
CA ASN H 115 1.89 -17.79 -10.53
C ASN H 115 1.45 -18.98 -11.37
N ARG H 116 1.27 -18.82 -12.69
CA ARG H 116 0.91 -20.00 -13.49
C ARG H 116 1.90 -21.17 -13.39
N GLU H 117 3.21 -20.90 -13.21
CA GLU H 117 4.15 -22.02 -13.13
C GLU H 117 3.99 -22.81 -11.84
N LYS H 118 3.78 -22.10 -10.72
CA LYS H 118 3.66 -22.76 -9.43
C LYS H 118 2.27 -23.34 -9.27
N MET H 119 1.25 -22.72 -9.84
CA MET H 119 -0.07 -23.30 -9.70
C MET H 119 -0.13 -24.65 -10.38
N THR H 120 0.51 -24.73 -11.55
CA THR H 120 0.56 -25.94 -12.32
C THR H 120 1.34 -27.00 -11.55
N GLN H 121 2.51 -26.61 -11.01
CA GLN H 121 3.35 -27.52 -10.24
C GLN H 121 2.68 -28.05 -8.98
N ILE H 122 1.97 -27.21 -8.24
CA ILE H 122 1.37 -27.70 -7.01
C ILE H 122 0.35 -28.77 -7.36
N MET H 123 -0.51 -28.50 -8.34
CA MET H 123 -1.51 -29.51 -8.59
C MET H 123 -0.92 -30.81 -9.15
N PHE H 124 0.13 -30.72 -9.97
CA PHE H 124 0.73 -31.95 -10.49
C PHE H 124 1.59 -32.70 -9.49
N GLU H 125 2.32 -32.00 -8.63
CA GLU H 125 3.22 -32.70 -7.73
C GLU H 125 2.71 -32.92 -6.30
N THR H 126 1.81 -32.08 -5.75
CA THR H 126 1.40 -32.37 -4.38
C THR H 126 0.03 -33.05 -4.39
N PHE H 127 -0.76 -32.78 -5.43
CA PHE H 127 -2.09 -33.39 -5.53
C PHE H 127 -2.21 -34.52 -6.57
N ASN H 128 -1.19 -34.68 -7.40
CA ASN H 128 -1.16 -35.67 -8.48
C ASN H 128 -2.35 -35.59 -9.42
N VAL H 129 -2.74 -34.37 -9.79
CA VAL H 129 -3.87 -34.15 -10.66
C VAL H 129 -3.52 -34.77 -12.02
N PRO H 130 -4.40 -35.51 -12.72
CA PRO H 130 -4.14 -36.09 -14.01
C PRO H 130 -3.97 -35.06 -15.12
N ALA H 131 -4.49 -33.85 -14.89
CA ALA H 131 -4.35 -32.79 -15.89
C ALA H 131 -4.53 -31.38 -15.32
N MET H 132 -3.94 -30.40 -16.01
CA MET H 132 -4.05 -28.99 -15.63
C MET H 132 -4.30 -27.97 -16.70
N TYR H 133 -4.93 -26.86 -16.32
CA TYR H 133 -5.19 -25.75 -17.24
C TYR H 133 -5.29 -24.39 -16.54
N VAL H 134 -4.37 -23.47 -16.83
CA VAL H 134 -4.41 -22.15 -16.24
C VAL H 134 -5.11 -21.21 -17.21
N ALA H 135 -6.23 -20.66 -16.76
CA ALA H 135 -7.12 -19.85 -17.57
C ALA H 135 -6.97 -18.36 -17.39
N ILE H 136 -7.43 -17.65 -18.43
CA ILE H 136 -7.46 -16.20 -18.50
C ILE H 136 -8.72 -15.64 -17.84
N GLN H 137 -8.55 -14.73 -16.90
CA GLN H 137 -9.69 -14.12 -16.20
C GLN H 137 -10.68 -13.39 -17.12
N ALA H 138 -10.17 -12.72 -18.17
CA ALA H 138 -11.05 -12.00 -19.10
C ALA H 138 -11.94 -12.99 -19.88
N VAL H 139 -11.38 -14.15 -20.22
CA VAL H 139 -12.08 -15.19 -20.96
C VAL H 139 -13.19 -15.76 -20.14
N LEU H 140 -12.85 -16.03 -18.90
CA LEU H 140 -13.77 -16.63 -17.98
C LEU H 140 -14.93 -15.68 -17.69
N SER H 141 -14.60 -14.39 -17.54
CA SER H 141 -15.61 -13.39 -17.26
C SER H 141 -16.56 -13.20 -18.43
N LEU H 142 -16.03 -13.20 -19.66
CA LEU H 142 -16.88 -13.05 -20.83
C LEU H 142 -17.76 -14.28 -21.03
N TYR H 143 -17.28 -15.49 -20.74
CA TYR H 143 -18.19 -16.61 -20.90
C TYR H 143 -19.34 -16.50 -19.92
N ALA H 144 -19.01 -16.17 -18.66
CA ALA H 144 -19.99 -16.06 -17.59
C ALA H 144 -21.01 -14.96 -17.88
N SER H 145 -20.52 -13.89 -18.52
CA SER H 145 -21.30 -12.71 -18.84
C SER H 145 -22.09 -12.78 -20.14
N GLY H 146 -21.93 -13.86 -20.94
CA GLY H 146 -22.63 -13.92 -22.21
C GLY H 146 -22.04 -13.03 -23.32
N ARG H 147 -20.72 -12.84 -23.32
CA ARG H 147 -20.05 -12.00 -24.31
C ARG H 147 -18.82 -12.66 -24.94
N THR H 148 -18.44 -12.19 -26.13
CA THR H 148 -17.24 -12.65 -26.83
C THR H 148 -16.41 -11.43 -27.10
N THR H 149 -17.11 -10.32 -26.99
CA THR H 149 -16.56 -9.01 -27.25
C THR H 149 -16.91 -8.08 -26.12
N GLY H 150 -15.91 -7.35 -25.64
CA GLY H 150 -16.10 -6.34 -24.60
C GLY H 150 -14.87 -6.22 -23.71
N ILE H 151 -14.97 -5.37 -22.70
CA ILE H 151 -13.86 -5.15 -21.77
C ILE H 151 -14.14 -5.68 -20.41
N VAL H 152 -13.26 -6.52 -19.91
CA VAL H 152 -13.51 -7.04 -18.59
C VAL H 152 -12.88 -6.20 -17.50
N LEU H 153 -13.77 -5.67 -16.65
CA LEU H 153 -13.41 -4.85 -15.50
C LEU H 153 -13.55 -5.75 -14.30
N ASP H 154 -12.46 -6.26 -13.78
CA ASP H 154 -12.52 -7.22 -12.70
C ASP H 154 -12.04 -6.71 -11.38
N SER H 155 -12.03 -5.39 -11.20
CA SER H 155 -11.68 -4.58 -10.00
C SER H 155 -11.76 -5.24 -8.61
N GLY H 156 -11.20 -6.43 -8.45
CA GLY H 156 -11.31 -7.20 -7.23
C GLY H 156 -10.26 -6.82 -6.23
N ASP H 157 -9.97 -7.74 -5.33
CA ASP H 157 -9.09 -7.48 -4.20
C ASP H 157 -7.64 -7.12 -4.55
N GLY H 158 -7.08 -7.79 -5.57
CA GLY H 158 -5.68 -7.67 -5.95
C GLY H 158 -5.29 -6.58 -6.94
N VAL H 159 -5.59 -6.81 -8.20
CA VAL H 159 -5.24 -5.90 -9.28
C VAL H 159 -6.41 -5.76 -10.23
N THR H 160 -6.56 -4.60 -10.87
CA THR H 160 -7.59 -4.47 -11.89
C THR H 160 -6.94 -4.84 -13.25
N HIS H 161 -7.55 -5.79 -13.98
CA HIS H 161 -7.05 -6.33 -15.25
C HIS H 161 -7.36 -5.46 -16.49
N ASN H 162 -8.61 -5.02 -16.62
CA ASN H 162 -9.07 -4.19 -17.73
C ASN H 162 -8.58 -4.62 -19.12
N VAL H 163 -8.83 -5.88 -19.46
CA VAL H 163 -8.40 -6.40 -20.76
C VAL H 163 -9.55 -6.48 -21.75
N PRO H 164 -9.35 -5.93 -22.95
CA PRO H 164 -10.35 -5.92 -24.03
C PRO H 164 -10.25 -7.20 -24.85
N ILE H 165 -11.38 -7.69 -25.34
CA ILE H 165 -11.41 -8.90 -26.14
C ILE H 165 -12.31 -8.63 -27.34
N TYR H 166 -11.91 -9.02 -28.54
CA TYR H 166 -12.77 -8.81 -29.70
C TYR H 166 -12.92 -10.15 -30.40
N GLU H 167 -14.17 -10.58 -30.64
CA GLU H 167 -14.44 -11.85 -31.32
C GLU H 167 -13.62 -13.00 -30.70
N GLY H 168 -13.48 -12.98 -29.38
CA GLY H 168 -12.73 -14.02 -28.68
C GLY H 168 -11.21 -13.81 -28.66
N TYR H 169 -10.71 -12.75 -29.31
CA TYR H 169 -9.28 -12.47 -29.39
C TYR H 169 -8.82 -11.44 -28.40
N ALA H 170 -7.63 -11.63 -27.86
CA ALA H 170 -7.14 -10.61 -26.97
C ALA H 170 -6.58 -9.47 -27.79
N LEU H 171 -6.67 -8.28 -27.24
CA LEU H 171 -6.05 -7.12 -27.84
C LEU H 171 -5.01 -6.63 -26.82
N PRO H 172 -3.89 -7.37 -26.62
CA PRO H 172 -2.95 -7.26 -25.52
C PRO H 172 -2.24 -5.94 -25.38
N HIS H 173 -2.13 -5.17 -26.45
CA HIS H 173 -1.43 -3.91 -26.38
C HIS H 173 -2.25 -2.88 -25.62
N ALA H 174 -3.55 -3.16 -25.49
CA ALA H 174 -4.49 -2.29 -24.85
C ALA H 174 -4.76 -2.72 -23.41
N ILE H 175 -4.06 -3.74 -22.91
CA ILE H 175 -4.35 -4.18 -21.55
C ILE H 175 -3.49 -3.38 -20.59
N MET H 176 -4.13 -2.75 -19.64
CA MET H 176 -3.43 -1.90 -18.70
C MET H 176 -3.45 -2.45 -17.29
N ARG H 177 -2.35 -3.04 -16.84
CA ARG H 177 -2.30 -3.57 -15.48
C ARG H 177 -2.47 -2.38 -14.53
N LEU H 178 -3.48 -2.42 -13.67
CA LEU H 178 -3.68 -1.29 -12.78
C LEU H 178 -3.60 -1.57 -11.29
N ASP H 179 -2.68 -0.86 -10.63
CA ASP H 179 -2.44 -1.01 -9.20
C ASP H 179 -3.41 -0.17 -8.36
N LEU H 180 -4.66 -0.55 -8.47
CA LEU H 180 -5.80 0.03 -7.79
C LEU H 180 -6.78 -1.11 -7.57
N ALA H 181 -7.02 -1.46 -6.31
CA ALA H 181 -7.85 -2.63 -6.00
C ALA H 181 -8.61 -2.56 -4.67
N GLY H 182 -9.50 -3.54 -4.47
CA GLY H 182 -10.33 -3.64 -3.27
C GLY H 182 -9.52 -3.64 -1.98
N ARG H 183 -8.31 -4.21 -1.99
CA ARG H 183 -7.44 -4.26 -0.83
C ARG H 183 -6.97 -2.84 -0.43
N ASP H 184 -6.86 -1.93 -1.40
CA ASP H 184 -6.36 -0.59 -1.13
C ASP H 184 -7.52 0.22 -0.60
N LEU H 185 -8.72 -0.14 -1.05
CA LEU H 185 -9.91 0.59 -0.62
C LEU H 185 -10.07 0.32 0.90
N THR H 186 -9.79 -0.94 1.32
CA THR H 186 -9.86 -1.31 2.75
C THR H 186 -8.86 -0.50 3.56
N ASP H 187 -7.63 -0.38 3.07
CA ASP H 187 -6.60 0.36 3.83
C ASP H 187 -6.98 1.83 4.00
N TYR H 188 -7.54 2.42 2.95
CA TYR H 188 -7.98 3.80 3.00
C TYR H 188 -9.05 3.98 4.06
N LEU H 189 -10.05 3.07 4.06
CA LEU H 189 -11.14 3.14 5.02
C LEU H 189 -10.58 2.97 6.44
N MET H 190 -9.60 2.10 6.66
CA MET H 190 -9.04 1.95 8.02
C MET H 190 -8.49 3.31 8.50
N LYS H 191 -7.79 4.03 7.61
CA LYS H 191 -7.23 5.32 7.98
C LYS H 191 -8.26 6.44 8.20
N ILE H 192 -9.29 6.52 7.36
CA ILE H 192 -10.28 7.59 7.57
C ILE H 192 -11.20 7.27 8.77
N LEU H 193 -11.40 5.97 9.07
CA LEU H 193 -12.21 5.65 10.25
C LEU H 193 -11.39 5.95 11.52
N THR H 194 -10.05 5.91 11.41
CA THR H 194 -9.17 6.27 12.51
C THR H 194 -9.38 7.75 12.83
N GLU H 195 -9.49 8.58 11.78
CA GLU H 195 -9.71 10.02 11.96
C GLU H 195 -11.01 10.28 12.74
N ARG H 196 -12.00 9.42 12.53
CA ARG H 196 -13.30 9.56 13.22
C ARG H 196 -13.28 9.10 14.69
N GLY H 197 -12.16 8.51 15.13
CA GLY H 197 -12.06 8.04 16.51
C GLY H 197 -12.14 6.52 16.67
N TYR H 198 -12.11 5.78 15.57
CA TYR H 198 -12.17 4.34 15.62
C TYR H 198 -10.98 3.75 14.92
N SER H 199 -9.86 3.68 15.61
CA SER H 199 -8.63 3.19 14.99
C SER H 199 -8.72 1.72 14.59
N PHE H 200 -8.23 1.41 13.40
CA PHE H 200 -8.14 0.06 12.87
C PHE H 200 -6.72 -0.19 12.36
N VAL H 201 -5.88 -0.89 13.15
CA VAL H 201 -4.49 -1.12 12.76
C VAL H 201 -4.02 -2.60 12.77
N THR H 202 -4.78 -3.50 13.40
CA THR H 202 -4.40 -4.92 13.56
C THR H 202 -5.13 -5.83 12.58
N THR H 203 -4.77 -7.13 12.55
CA THR H 203 -5.46 -8.08 11.67
C THR H 203 -6.94 -8.16 11.89
N ALA H 204 -7.39 -8.25 13.15
CA ALA H 204 -8.82 -8.36 13.37
C ALA H 204 -9.51 -7.13 12.86
N GLU H 205 -8.86 -5.99 13.08
CA GLU H 205 -9.39 -4.72 12.66
C GLU H 205 -9.46 -4.59 11.14
N ARG H 206 -8.45 -5.11 10.43
CA ARG H 206 -8.45 -5.09 8.99
C ARG H 206 -9.61 -5.91 8.43
N GLU H 207 -9.90 -7.07 9.05
CA GLU H 207 -11.00 -7.90 8.61
C GLU H 207 -12.34 -7.20 8.88
N ILE H 208 -12.42 -6.46 10.00
CA ILE H 208 -13.63 -5.72 10.30
C ILE H 208 -13.87 -4.65 9.26
N VAL H 209 -12.83 -3.90 8.92
CA VAL H 209 -13.03 -2.85 7.94
C VAL H 209 -13.42 -3.45 6.62
N ARG H 210 -12.81 -4.56 6.21
CA ARG H 210 -13.25 -5.18 4.96
C ARG H 210 -14.73 -5.53 5.03
N ASP H 211 -15.20 -6.06 6.18
CA ASP H 211 -16.62 -6.40 6.33
C ASP H 211 -17.49 -5.13 6.29
N ILE H 212 -17.01 -4.03 6.88
CA ILE H 212 -17.74 -2.78 6.84
C ILE H 212 -17.85 -2.32 5.43
N LYS H 213 -16.75 -2.35 4.70
CA LYS H 213 -16.77 -1.90 3.33
C LYS H 213 -17.77 -2.67 2.50
N GLU H 214 -17.74 -4.00 2.62
CA GLU H 214 -18.60 -4.85 1.83
C GLU H 214 -20.08 -4.66 2.09
N LYS H 215 -20.45 -4.33 3.35
CA LYS H 215 -21.84 -4.15 3.71
C LYS H 215 -22.36 -2.69 3.74
N LEU H 216 -21.50 -1.70 4.03
CA LEU H 216 -21.94 -0.31 4.14
C LEU H 216 -21.57 0.60 2.97
N CYS H 217 -20.54 0.27 2.20
CA CYS H 217 -20.08 1.19 1.19
C CYS H 217 -20.76 1.13 -0.16
N TYR H 218 -20.70 2.26 -0.83
CA TYR H 218 -21.24 2.45 -2.18
C TYR H 218 -20.42 3.47 -2.87
N VAL H 219 -20.50 3.59 -4.18
CA VAL H 219 -19.64 4.59 -4.80
C VAL H 219 -20.35 5.89 -5.09
N ALA H 220 -21.59 5.80 -5.57
CA ALA H 220 -22.40 6.93 -5.99
C ALA H 220 -22.05 7.35 -7.41
N LEU H 221 -23.06 7.60 -8.23
CA LEU H 221 -22.81 8.11 -9.58
C LEU H 221 -22.37 9.58 -9.50
N ASP H 222 -22.88 10.28 -8.49
CA ASP H 222 -22.52 11.69 -8.25
C ASP H 222 -21.97 11.84 -6.83
N PHE H 223 -20.65 11.68 -6.70
CA PHE H 223 -20.03 11.69 -5.40
C PHE H 223 -19.94 13.10 -4.83
N GLU H 224 -19.90 14.13 -5.69
CA GLU H 224 -19.71 15.47 -5.19
C GLU H 224 -20.92 15.97 -4.45
N ASN H 225 -22.11 15.75 -5.01
CA ASN H 225 -23.28 16.21 -4.30
C ASN H 225 -23.57 15.26 -3.14
N GLU H 226 -23.18 13.99 -3.29
CA GLU H 226 -23.42 13.02 -2.24
C GLU H 226 -22.59 13.39 -1.01
N MET H 227 -21.32 13.82 -1.20
CA MET H 227 -20.48 14.21 -0.06
C MET H 227 -20.87 15.56 0.47
N ALA H 228 -21.39 16.45 -0.37
CA ALA H 228 -21.79 17.73 0.16
C ALA H 228 -22.85 17.51 1.25
N THR H 229 -23.75 16.53 1.02
CA THR H 229 -24.76 16.22 2.02
C THR H 229 -24.25 15.24 3.09
N ALA H 230 -23.59 14.16 2.68
CA ALA H 230 -23.15 13.13 3.63
C ALA H 230 -22.16 13.68 4.65
N ALA H 231 -21.35 14.65 4.26
CA ALA H 231 -20.38 15.24 5.17
C ALA H 231 -21.03 16.29 6.06
N SER H 232 -22.27 16.67 5.78
CA SER H 232 -23.00 17.69 6.51
C SER H 232 -24.07 17.11 7.42
N SER H 233 -24.52 15.88 7.12
CA SER H 233 -25.63 15.31 7.89
C SER H 233 -25.52 13.86 8.35
N SER H 234 -25.85 13.69 9.62
CA SER H 234 -25.89 12.40 10.32
C SER H 234 -26.99 11.50 9.78
N SER H 235 -27.92 12.10 9.03
CA SER H 235 -29.04 11.39 8.44
C SER H 235 -28.59 10.46 7.33
N LEU H 236 -27.34 10.62 6.86
CA LEU H 236 -26.82 9.75 5.81
C LEU H 236 -25.76 8.80 6.37
N GLU H 237 -25.67 8.68 7.70
CA GLU H 237 -24.70 7.77 8.28
C GLU H 237 -25.32 6.41 8.54
N LYS H 238 -24.55 5.37 8.30
CA LYS H 238 -25.02 4.04 8.58
C LYS H 238 -24.25 3.40 9.71
N SER H 239 -24.98 2.84 10.67
CA SER H 239 -24.38 2.17 11.81
C SER H 239 -23.91 0.76 11.46
N TYR H 240 -22.73 0.42 11.95
CA TYR H 240 -22.16 -0.92 11.85
C TYR H 240 -21.82 -1.46 13.22
N GLU H 241 -22.21 -2.70 13.46
CA GLU H 241 -21.92 -3.33 14.74
C GLU H 241 -20.58 -4.04 14.72
N LEU H 242 -19.70 -3.60 15.59
CA LEU H 242 -18.37 -4.13 15.72
C LEU H 242 -18.52 -5.44 16.50
N PRO H 243 -17.62 -6.43 16.36
CA PRO H 243 -17.65 -7.73 17.03
C PRO H 243 -17.85 -7.70 18.54
N ASP H 244 -17.40 -6.64 19.22
CA ASP H 244 -17.54 -6.61 20.66
C ASP H 244 -18.80 -5.88 21.13
N GLY H 245 -19.70 -5.51 20.22
CA GLY H 245 -20.93 -4.82 20.59
C GLY H 245 -20.83 -3.29 20.47
N GLN H 246 -19.66 -2.76 20.13
CA GLN H 246 -19.56 -1.32 19.99
C GLN H 246 -20.08 -0.91 18.60
N VAL H 247 -20.53 0.33 18.46
CA VAL H 247 -21.04 0.79 17.17
C VAL H 247 -20.30 1.98 16.60
N ILE H 248 -19.99 1.82 15.32
CA ILE H 248 -19.33 2.83 14.50
C ILE H 248 -20.30 3.34 13.46
N THR H 249 -20.39 4.66 13.27
CA THR H 249 -21.25 5.14 12.20
C THR H 249 -20.32 5.72 11.17
N ILE H 250 -20.69 5.54 9.91
CA ILE H 250 -19.90 6.03 8.78
C ILE H 250 -20.75 6.90 7.83
N GLY H 251 -20.27 8.12 7.48
CA GLY H 251 -21.01 9.08 6.65
C GLY H 251 -20.42 9.21 5.26
N ASN H 252 -19.77 10.33 4.95
CA ASN H 252 -19.24 10.44 3.61
C ASN H 252 -18.13 9.44 3.35
N GLU H 253 -17.50 8.94 4.42
CA GLU H 253 -16.45 7.95 4.36
C GLU H 253 -16.94 6.65 3.71
N ARG H 254 -18.26 6.43 3.80
CA ARG H 254 -18.88 5.25 3.23
C ARG H 254 -18.60 5.16 1.74
N PHE H 255 -18.74 6.28 1.05
CA PHE H 255 -18.50 6.34 -0.40
C PHE H 255 -17.10 6.83 -0.71
N ARG H 256 -16.51 7.58 0.22
CA ARG H 256 -15.17 8.12 0.06
C ARG H 256 -14.19 6.99 -0.25
N CYS H 257 -14.40 5.84 0.40
CA CYS H 257 -13.55 4.69 0.19
C CYS H 257 -13.63 4.18 -1.27
N PRO H 258 -14.79 3.69 -1.78
CA PRO H 258 -15.01 3.28 -3.16
C PRO H 258 -14.61 4.30 -4.22
N GLU H 259 -14.75 5.58 -3.88
CA GLU H 259 -14.42 6.72 -4.73
C GLU H 259 -12.97 6.68 -5.18
N THR H 260 -12.11 6.02 -4.39
CA THR H 260 -10.68 5.90 -4.64
C THR H 260 -10.48 5.28 -6.02
N LEU H 261 -11.41 4.43 -6.46
CA LEU H 261 -11.32 3.77 -7.76
C LEU H 261 -11.38 4.80 -8.89
N PHE H 262 -11.98 5.97 -8.61
CA PHE H 262 -12.13 7.06 -9.55
C PHE H 262 -11.22 8.23 -9.16
N GLN H 263 -10.72 8.17 -7.93
CA GLN H 263 -9.83 9.16 -7.31
C GLN H 263 -8.65 8.45 -6.61
N PRO H 264 -7.76 7.76 -7.34
CA PRO H 264 -6.65 6.94 -6.86
C PRO H 264 -5.60 7.70 -6.08
N SER H 265 -5.62 9.03 -6.21
CA SER H 265 -4.70 9.90 -5.50
C SER H 265 -4.95 9.79 -4.00
N PHE H 266 -6.12 9.26 -3.61
CA PHE H 266 -6.52 9.08 -2.21
C PHE H 266 -5.60 8.10 -1.49
N ILE H 267 -4.97 7.20 -2.24
CA ILE H 267 -4.08 6.20 -1.68
C ILE H 267 -2.65 6.39 -2.18
N GLY H 268 -2.36 7.57 -2.76
CA GLY H 268 -1.03 7.89 -3.25
C GLY H 268 -0.70 7.30 -4.63
N MET H 269 -1.70 6.83 -5.38
CA MET H 269 -1.42 6.22 -6.67
C MET H 269 -1.49 7.19 -7.83
N GLU H 270 -0.47 7.14 -8.70
CA GLU H 270 -0.47 7.99 -9.87
C GLU H 270 -1.26 7.32 -10.96
N SER H 271 -2.54 7.59 -10.98
CA SER H 271 -3.45 6.96 -11.93
C SER H 271 -4.63 7.82 -12.27
N ALA H 272 -5.20 7.56 -13.43
CA ALA H 272 -6.40 8.26 -13.87
C ALA H 272 -7.66 7.62 -13.28
N GLY H 273 -7.52 6.43 -12.71
CA GLY H 273 -8.66 5.70 -12.15
C GLY H 273 -9.21 4.67 -13.13
N ILE H 274 -10.14 3.86 -12.66
CA ILE H 274 -10.66 2.76 -13.47
C ILE H 274 -11.50 3.18 -14.70
N HIS H 275 -12.21 4.31 -14.64
CA HIS H 275 -13.03 4.74 -15.76
C HIS H 275 -12.21 5.24 -16.92
N GLU H 276 -11.07 5.84 -16.62
CA GLU H 276 -10.25 6.37 -17.66
C GLU H 276 -9.36 5.27 -18.16
N THR H 277 -8.98 4.35 -17.28
CA THR H 277 -8.15 3.24 -17.69
C THR H 277 -8.98 2.39 -18.67
N THR H 278 -10.27 2.16 -18.35
CA THR H 278 -11.15 1.39 -19.24
C THR H 278 -11.25 2.13 -20.58
N TYR H 279 -11.46 3.43 -20.51
CA TYR H 279 -11.56 4.27 -21.70
C TYR H 279 -10.30 4.15 -22.55
N ASN H 280 -9.13 4.23 -21.93
CA ASN H 280 -7.89 4.13 -22.67
C ASN H 280 -7.75 2.74 -23.30
N SER H 281 -8.19 1.67 -22.63
CA SER H 281 -8.11 0.36 -23.26
C SER H 281 -8.99 0.33 -24.51
N ILE H 282 -10.13 1.03 -24.46
CA ILE H 282 -10.99 1.08 -25.64
C ILE H 282 -10.26 1.86 -26.74
N MET H 283 -9.73 3.02 -26.38
CA MET H 283 -9.04 3.95 -27.28
C MET H 283 -7.84 3.32 -28.01
N LYS H 284 -7.10 2.50 -27.28
CA LYS H 284 -5.90 1.83 -27.78
C LYS H 284 -6.19 0.73 -28.80
N CYS H 285 -7.44 0.33 -28.94
CA CYS H 285 -7.84 -0.69 -29.88
C CYS H 285 -8.13 -0.03 -31.23
N ASP H 286 -8.15 -0.79 -32.31
CA ASP H 286 -8.40 -0.17 -33.62
C ASP H 286 -9.74 0.53 -33.70
N ILE H 287 -9.81 1.51 -34.58
CA ILE H 287 -11.01 2.33 -34.73
C ILE H 287 -12.30 1.55 -35.05
N ASP H 288 -12.20 0.39 -35.71
CA ASP H 288 -13.38 -0.43 -35.99
C ASP H 288 -13.69 -1.42 -34.86
N ILE H 289 -12.89 -1.36 -33.80
CA ILE H 289 -13.04 -2.16 -32.58
C ILE H 289 -13.66 -1.30 -31.49
N ARG H 290 -13.13 -0.08 -31.37
CA ARG H 290 -13.55 0.89 -30.35
C ARG H 290 -15.06 0.97 -30.11
N LYS H 291 -15.84 0.98 -31.18
CA LYS H 291 -17.29 1.08 -31.03
C LYS H 291 -17.93 -0.14 -30.37
N ASP H 292 -17.32 -1.31 -30.52
CA ASP H 292 -17.91 -2.51 -29.99
C ASP H 292 -17.53 -2.63 -28.54
N LEU H 293 -16.37 -2.07 -28.19
CA LEU H 293 -15.96 -2.12 -26.81
C LEU H 293 -16.71 -1.04 -26.02
N TYR H 294 -16.99 0.12 -26.63
CA TYR H 294 -17.73 1.17 -25.92
C TYR H 294 -19.12 0.67 -25.53
N ALA H 295 -19.72 -0.10 -26.42
CA ALA H 295 -21.04 -0.68 -26.22
C ALA H 295 -21.04 -1.93 -25.33
N ASN H 296 -19.85 -2.43 -24.97
CA ASN H 296 -19.73 -3.64 -24.19
C ASN H 296 -18.68 -3.59 -23.09
N ASN H 297 -18.88 -2.73 -22.12
CA ASN H 297 -18.01 -2.70 -20.96
C ASN H 297 -18.62 -3.72 -20.00
N VAL H 298 -17.84 -4.71 -19.59
CA VAL H 298 -18.38 -5.81 -18.80
C VAL H 298 -17.82 -5.87 -17.38
N MET H 299 -18.70 -5.83 -16.40
CA MET H 299 -18.24 -5.92 -15.03
C MET H 299 -18.06 -7.34 -14.59
N SER H 300 -16.98 -7.55 -13.88
CA SER H 300 -16.59 -8.81 -13.30
C SER H 300 -15.91 -8.56 -11.99
N GLY H 301 -15.38 -9.62 -11.39
CA GLY H 301 -14.60 -9.52 -10.17
C GLY H 301 -15.36 -8.87 -9.04
N GLY H 302 -14.62 -8.22 -8.13
CA GLY H 302 -15.20 -7.57 -6.96
C GLY H 302 -15.28 -6.05 -7.09
N THR H 303 -15.83 -5.39 -6.05
CA THR H 303 -16.05 -3.91 -5.98
C THR H 303 -17.10 -3.39 -7.01
N THR H 304 -17.44 -4.24 -7.97
CA THR H 304 -18.41 -4.02 -9.02
C THR H 304 -19.81 -4.24 -8.47
N MET H 305 -19.85 -4.62 -7.20
CA MET H 305 -21.07 -4.79 -6.44
C MET H 305 -21.46 -3.50 -5.69
N TYR H 306 -20.67 -2.41 -5.78
CA TYR H 306 -21.04 -1.19 -5.07
C TYR H 306 -22.25 -0.53 -5.74
N PRO H 307 -23.25 -0.04 -4.99
CA PRO H 307 -24.32 0.74 -5.55
C PRO H 307 -23.76 1.96 -6.27
N GLY H 308 -24.30 2.21 -7.45
CA GLY H 308 -23.90 3.33 -8.29
C GLY H 308 -22.68 3.04 -9.16
N ILE H 309 -22.07 1.85 -9.06
CA ILE H 309 -20.86 1.61 -9.85
C ILE H 309 -21.12 1.41 -11.32
N ALA H 310 -22.20 0.72 -11.69
CA ALA H 310 -22.47 0.53 -13.11
C ALA H 310 -22.80 1.85 -13.75
N ASP H 311 -23.45 2.73 -12.99
CA ASP H 311 -23.86 4.01 -13.52
C ASP H 311 -22.70 4.97 -13.48
N ARG H 312 -21.87 4.87 -12.45
CA ARG H 312 -20.70 5.72 -12.31
C ARG H 312 -19.73 5.46 -13.46
N MET H 313 -19.49 4.18 -13.76
CA MET H 313 -18.61 3.83 -14.84
C MET H 313 -19.17 4.17 -16.20
N GLN H 314 -20.48 3.93 -16.42
CA GLN H 314 -21.02 4.21 -17.73
C GLN H 314 -21.01 5.70 -17.99
N LYS H 315 -21.34 6.51 -16.97
CA LYS H 315 -21.37 7.95 -17.14
C LYS H 315 -19.97 8.54 -17.30
N GLU H 316 -18.97 8.04 -16.57
CA GLU H 316 -17.62 8.57 -16.71
C GLU H 316 -17.08 8.23 -18.11
N ILE H 317 -17.36 7.00 -18.59
CA ILE H 317 -16.86 6.64 -19.90
C ILE H 317 -17.59 7.48 -20.93
N THR H 318 -18.91 7.64 -20.79
CA THR H 318 -19.71 8.43 -21.72
C THR H 318 -19.15 9.84 -21.81
N ALA H 319 -18.76 10.43 -20.68
CA ALA H 319 -18.18 11.77 -20.66
C ALA H 319 -16.86 11.85 -21.44
N LEU H 320 -16.06 10.77 -21.40
CA LEU H 320 -14.77 10.73 -22.09
C LEU H 320 -14.94 10.35 -23.59
N ALA H 321 -15.96 9.55 -23.85
CA ALA H 321 -16.35 9.01 -25.14
C ALA H 321 -16.90 10.08 -26.09
N PRO H 322 -16.85 9.86 -27.42
CA PRO H 322 -17.42 10.71 -28.44
C PRO H 322 -18.95 10.67 -28.44
N SER H 323 -19.56 11.68 -29.04
CA SER H 323 -21.01 11.82 -29.21
C SER H 323 -21.55 10.84 -30.25
N THR H 324 -22.89 10.78 -30.39
CA THR H 324 -23.67 9.86 -31.28
C THR H 324 -23.75 8.46 -30.71
N MET H 325 -22.61 7.94 -30.32
CA MET H 325 -22.39 6.62 -29.79
C MET H 325 -23.02 6.33 -28.45
N LYS H 326 -23.50 5.10 -28.30
CA LYS H 326 -24.06 4.63 -27.05
C LYS H 326 -23.05 3.78 -26.31
N ILE H 327 -22.76 4.20 -25.10
CA ILE H 327 -21.80 3.56 -24.20
C ILE H 327 -22.62 2.73 -23.22
N LYS H 328 -22.29 1.46 -23.08
CA LYS H 328 -23.07 0.61 -22.20
C LYS H 328 -22.30 -0.34 -21.29
N ILE H 329 -22.84 -0.53 -20.07
CA ILE H 329 -22.30 -1.51 -19.13
C ILE H 329 -23.19 -2.69 -18.82
N ILE H 330 -22.55 -3.84 -18.90
CA ILE H 330 -23.12 -5.13 -18.59
C ILE H 330 -22.63 -5.47 -17.19
N ALA H 331 -23.54 -5.73 -16.26
CA ALA H 331 -23.12 -6.00 -14.88
C ALA H 331 -23.93 -7.15 -14.30
N PRO H 332 -23.62 -8.40 -14.69
CA PRO H 332 -24.35 -9.61 -14.38
C PRO H 332 -24.29 -9.90 -12.89
N PRO H 333 -25.25 -10.65 -12.33
CA PRO H 333 -25.27 -11.10 -10.94
C PRO H 333 -24.13 -12.08 -10.66
N GLU H 334 -23.54 -12.61 -11.74
CA GLU H 334 -22.41 -13.51 -11.63
C GLU H 334 -21.16 -12.68 -11.33
N ARG H 335 -21.39 -11.49 -10.77
CA ARG H 335 -20.30 -10.60 -10.39
C ARG H 335 -19.53 -11.25 -9.25
N LYS H 336 -18.21 -11.01 -9.23
CA LYS H 336 -17.27 -11.58 -8.25
C LYS H 336 -17.17 -13.11 -8.40
N TYR H 337 -18.27 -13.78 -8.71
CA TYR H 337 -18.19 -15.22 -8.94
C TYR H 337 -17.96 -15.57 -10.42
N SER H 338 -17.84 -14.56 -11.28
CA SER H 338 -17.79 -14.76 -12.74
C SER H 338 -16.55 -15.46 -13.24
N VAL H 339 -15.44 -15.31 -12.56
CA VAL H 339 -14.25 -15.99 -13.03
C VAL H 339 -14.44 -17.48 -12.73
N TRP H 340 -14.95 -17.81 -11.53
CA TRP H 340 -15.20 -19.21 -11.21
C TRP H 340 -16.22 -19.80 -12.19
N ILE H 341 -17.33 -19.07 -12.46
CA ILE H 341 -18.38 -19.56 -13.36
C ILE H 341 -17.79 -19.81 -14.72
N GLY H 342 -16.97 -18.88 -15.20
CA GLY H 342 -16.33 -19.06 -16.46
C GLY H 342 -15.45 -20.31 -16.47
N GLY H 343 -14.83 -20.63 -15.33
CA GLY H 343 -13.96 -21.80 -15.22
C GLY H 343 -14.75 -23.08 -15.43
N SER H 344 -15.96 -23.10 -14.87
CA SER H 344 -16.86 -24.23 -15.00
C SER H 344 -17.23 -24.41 -16.48
N ILE H 345 -17.55 -23.27 -17.12
CA ILE H 345 -17.95 -23.28 -18.52
C ILE H 345 -16.82 -23.71 -19.41
N LEU H 346 -15.64 -23.12 -19.24
CA LEU H 346 -14.49 -23.38 -20.08
C LEU H 346 -13.98 -24.80 -19.93
N ALA H 347 -13.88 -25.28 -18.70
CA ALA H 347 -13.38 -26.63 -18.42
C ALA H 347 -14.19 -27.69 -19.15
N SER H 348 -15.51 -27.42 -19.26
CA SER H 348 -16.50 -28.30 -19.86
C SER H 348 -16.69 -28.16 -21.38
N LEU H 349 -16.07 -27.19 -22.04
CA LEU H 349 -16.33 -27.03 -23.48
C LEU H 349 -15.63 -28.11 -24.29
N SER H 350 -16.30 -28.63 -25.32
CA SER H 350 -15.68 -29.66 -26.17
C SER H 350 -14.47 -29.12 -26.93
N THR H 351 -14.45 -27.82 -27.18
CA THR H 351 -13.41 -27.14 -27.92
C THR H 351 -12.24 -26.80 -27.03
N PHE H 352 -12.36 -27.19 -25.77
CA PHE H 352 -11.32 -26.94 -24.81
C PHE H 352 -10.82 -28.25 -24.24
N GLN H 353 -11.14 -29.38 -24.87
CA GLN H 353 -10.63 -30.61 -24.27
C GLN H 353 -9.22 -30.94 -24.69
N GLN H 354 -8.72 -30.20 -25.67
CA GLN H 354 -7.37 -30.37 -26.16
C GLN H 354 -6.43 -29.36 -25.50
N MET H 355 -6.98 -28.50 -24.64
CA MET H 355 -6.17 -27.46 -24.01
C MET H 355 -5.55 -27.89 -22.69
N TRP H 356 -5.94 -29.05 -22.21
CA TRP H 356 -5.47 -29.58 -20.92
C TRP H 356 -4.05 -30.18 -20.99
N ILE H 357 -3.23 -29.89 -19.98
CA ILE H 357 -1.89 -30.46 -19.86
C ILE H 357 -2.07 -31.78 -19.17
N THR H 358 -1.57 -32.87 -19.72
CA THR H 358 -1.78 -34.14 -19.03
C THR H 358 -0.65 -34.38 -18.04
N LYS H 359 -0.83 -35.31 -17.07
CA LYS H 359 0.27 -35.61 -16.18
C LYS H 359 1.16 -36.68 -16.80
N GLN H 360 1.76 -36.28 -17.87
CA GLN H 360 2.72 -36.98 -18.67
C GLN H 360 3.47 -35.87 -19.32
N GLU H 361 2.73 -35.02 -20.05
CA GLU H 361 3.37 -33.90 -20.74
C GLU H 361 4.07 -33.04 -19.71
N TYR H 362 3.43 -32.88 -18.55
CA TYR H 362 3.96 -32.13 -17.44
C TYR H 362 5.31 -32.64 -16.97
N ASP H 363 5.46 -33.95 -16.85
CA ASP H 363 6.69 -34.47 -16.26
C ASP H 363 7.80 -34.51 -17.29
N GLU H 364 7.43 -34.72 -18.55
CA GLU H 364 8.45 -34.75 -19.59
C GLU H 364 9.04 -33.34 -19.78
N ALA H 365 8.17 -32.32 -19.70
CA ALA H 365 8.54 -30.92 -19.88
C ALA H 365 8.87 -30.12 -18.60
N GLY H 366 8.28 -30.47 -17.47
CA GLY H 366 8.42 -29.70 -16.25
C GLY H 366 7.38 -28.56 -16.29
N PRO H 367 7.28 -27.73 -15.23
CA PRO H 367 6.30 -26.66 -15.03
C PRO H 367 6.37 -25.51 -16.03
N SER H 368 7.47 -25.42 -16.78
CA SER H 368 7.61 -24.38 -17.79
C SER H 368 6.64 -24.66 -18.95
N ILE H 369 6.08 -25.87 -18.98
CA ILE H 369 5.10 -26.32 -19.97
C ILE H 369 3.87 -25.46 -19.99
N VAL H 370 3.57 -24.81 -18.87
CA VAL H 370 2.39 -23.99 -18.79
C VAL H 370 2.43 -22.88 -19.85
N HIS H 371 3.64 -22.48 -20.29
CA HIS H 371 3.84 -21.42 -21.26
C HIS H 371 3.62 -21.89 -22.69
N ARG H 372 3.56 -23.21 -22.89
CA ARG H 372 3.35 -23.74 -24.23
C ARG H 372 1.93 -24.26 -24.41
N LYS H 373 1.36 -24.82 -23.34
CA LYS H 373 0.04 -25.43 -23.40
C LYS H 373 -1.16 -24.57 -23.00
N CYS H 374 -0.99 -23.57 -22.10
CA CYS H 374 -2.20 -22.86 -21.68
C CYS H 374 -2.55 -21.60 -22.44
N PHE H 375 -1.55 -20.79 -22.79
CA PHE H 375 -1.75 -19.50 -23.47
C PHE H 375 -0.44 -18.76 -23.71
N ASP I 1 25.89 37.97 -26.24
CA ASP I 1 27.11 37.33 -25.77
C ASP I 1 27.91 36.84 -26.96
N GLU I 2 27.26 36.86 -28.09
CA GLU I 2 27.83 36.45 -29.36
C GLU I 2 28.30 37.71 -30.09
N ASP I 3 29.23 37.58 -31.02
CA ASP I 3 29.71 38.73 -31.79
C ASP I 3 28.99 38.93 -33.12
N GLU I 4 27.93 38.16 -33.31
CA GLU I 4 27.08 38.19 -34.48
C GLU I 4 25.67 37.79 -34.08
N THR I 5 24.68 38.21 -34.84
CA THR I 5 23.29 37.81 -34.59
C THR I 5 23.06 36.44 -35.20
N THR I 6 23.78 35.47 -34.64
CA THR I 6 23.73 34.08 -35.09
C THR I 6 22.40 33.49 -34.73
N ALA I 7 21.88 32.65 -35.60
CA ALA I 7 20.61 32.03 -35.31
C ALA I 7 20.72 31.08 -34.15
N LEU I 8 19.66 30.92 -33.40
CA LEU I 8 19.64 29.92 -32.36
C LEU I 8 19.03 28.68 -32.96
N VAL I 9 19.55 27.52 -32.57
CA VAL I 9 19.03 26.27 -33.10
C VAL I 9 18.47 25.41 -31.98
N CYS I 10 17.19 25.04 -32.10
CA CYS I 10 16.54 24.22 -31.07
C CYS I 10 15.81 23.00 -31.63
N ASP I 11 16.44 21.85 -31.49
CA ASP I 11 15.93 20.61 -32.02
C ASP I 11 14.94 20.01 -31.03
N ASN I 12 13.69 20.48 -31.10
CA ASN I 12 12.64 20.14 -30.16
C ASN I 12 11.85 18.91 -30.52
N GLY I 13 12.16 17.78 -29.91
CA GLY I 13 11.47 16.55 -30.24
C GLY I 13 10.56 16.12 -29.10
N SER I 14 10.09 14.87 -29.21
CA SER I 14 9.19 14.26 -28.24
C SER I 14 9.98 13.61 -27.08
N GLY I 15 11.30 13.69 -27.19
CA GLY I 15 12.27 13.18 -26.22
C GLY I 15 12.92 14.37 -25.52
N LEU I 16 14.15 14.69 -25.94
CA LEU I 16 14.92 15.83 -25.45
C LEU I 16 15.06 16.92 -26.51
N VAL I 17 15.18 18.15 -26.03
CA VAL I 17 15.43 19.32 -26.85
C VAL I 17 16.91 19.62 -26.84
N LYS I 18 17.51 19.65 -28.01
CA LYS I 18 18.93 20.01 -28.03
C LYS I 18 19.06 21.43 -28.52
N ALA I 19 19.73 22.29 -27.75
CA ALA I 19 19.80 23.68 -28.15
C ALA I 19 21.19 24.30 -28.00
N GLY I 20 21.49 25.20 -28.92
CA GLY I 20 22.74 25.96 -28.95
C GLY I 20 22.65 26.98 -30.06
N PHE I 21 23.78 27.48 -30.55
CA PHE I 21 23.70 28.51 -31.58
C PHE I 21 24.28 28.02 -32.90
N ALA I 22 23.80 28.62 -33.97
CA ALA I 22 24.26 28.28 -35.30
C ALA I 22 25.70 28.64 -35.47
N GLY I 23 26.42 27.74 -36.10
CA GLY I 23 27.82 27.90 -36.37
C GLY I 23 28.61 27.06 -35.39
N ASP I 24 27.99 26.58 -34.30
CA ASP I 24 28.77 25.75 -33.42
C ASP I 24 28.69 24.30 -33.89
N ASP I 25 29.41 23.44 -33.17
CA ASP I 25 29.49 22.00 -33.41
C ASP I 25 28.49 21.20 -32.60
N ALA I 26 28.06 21.74 -31.47
CA ALA I 26 27.22 21.01 -30.55
C ALA I 26 26.28 21.95 -29.83
N PRO I 27 25.15 21.46 -29.29
CA PRO I 27 24.22 22.22 -28.51
C PRO I 27 24.91 22.63 -27.22
N ARG I 28 24.49 23.76 -26.65
CA ARG I 28 25.02 24.26 -25.39
C ARG I 28 24.44 23.50 -24.23
N ALA I 29 23.19 23.09 -24.39
CA ALA I 29 22.48 22.36 -23.35
C ALA I 29 21.42 21.47 -23.96
N VAL I 30 21.07 20.41 -23.24
CA VAL I 30 20.01 19.54 -23.70
C VAL I 30 18.98 19.47 -22.58
N PHE I 31 17.70 19.39 -22.95
CA PHE I 31 16.66 19.39 -21.94
C PHE I 31 15.60 18.35 -22.24
N PRO I 32 15.08 17.59 -21.29
CA PRO I 32 13.93 16.75 -21.53
C PRO I 32 12.80 17.66 -21.99
N SER I 33 11.96 17.25 -22.94
CA SER I 33 10.82 18.10 -23.34
C SER I 33 9.71 17.90 -22.31
N ILE I 34 9.97 18.30 -21.08
CA ILE I 34 9.11 18.05 -19.94
C ILE I 34 8.74 19.23 -19.06
N VAL I 35 7.47 19.29 -18.70
CA VAL I 35 7.02 20.20 -17.65
C VAL I 35 6.43 19.32 -16.54
N GLY I 36 6.97 19.44 -15.35
CA GLY I 36 6.58 18.60 -14.22
C GLY I 36 5.69 19.31 -13.25
N ARG I 37 4.78 18.56 -12.62
CA ARG I 37 3.89 19.16 -11.63
C ARG I 37 3.70 18.23 -10.40
N PRO I 38 3.77 18.74 -9.15
CA PRO I 38 3.60 17.96 -7.94
C PRO I 38 2.27 17.25 -7.89
N ARG I 39 2.29 16.01 -7.39
CA ARG I 39 1.07 15.20 -7.24
C ARG I 39 0.76 14.99 -5.75
N HIS I 40 1.40 15.79 -4.91
CA HIS I 40 1.29 15.74 -3.45
C HIS I 40 0.96 17.08 -2.83
N GLN I 41 0.36 17.01 -1.63
CA GLN I 41 0.07 18.16 -0.79
C GLN I 41 1.28 18.55 0.05
N GLY I 42 1.65 19.84 -0.01
CA GLY I 42 2.78 20.34 0.76
C GLY I 42 2.46 20.28 2.25
N VAL I 43 3.45 19.94 3.05
CA VAL I 43 3.27 19.83 4.49
C VAL I 43 4.09 20.89 5.25
N MET I 44 5.33 21.12 4.82
CA MET I 44 6.21 22.06 5.49
C MET I 44 6.04 23.43 4.80
N VAL I 45 6.21 24.53 5.53
CA VAL I 45 6.00 25.85 4.91
C VAL I 45 7.26 26.73 4.83
N GLY I 46 7.49 27.29 3.63
CA GLY I 46 8.70 28.06 3.43
C GLY I 46 9.80 27.20 2.83
N MET I 47 9.37 26.22 2.05
CA MET I 47 10.20 25.22 1.40
C MET I 47 10.48 25.54 -0.06
N GLY I 48 10.10 26.75 -0.49
CA GLY I 48 10.17 27.06 -1.90
C GLY I 48 9.13 26.14 -2.52
N GLN I 49 9.51 25.37 -3.55
CA GLN I 49 8.64 24.42 -4.27
C GLN I 49 7.77 25.14 -5.29
N LYS I 50 7.95 24.73 -6.54
CA LYS I 50 7.30 25.35 -7.67
C LYS I 50 5.94 24.74 -7.98
N ASP I 51 5.10 25.47 -8.71
CA ASP I 51 3.81 24.94 -9.14
C ASP I 51 4.06 23.99 -10.30
N SER I 52 5.10 24.34 -11.05
CA SER I 52 5.54 23.59 -12.21
C SER I 52 7.06 23.72 -12.38
N TYR I 53 7.65 22.65 -12.90
CA TYR I 53 9.10 22.54 -13.11
C TYR I 53 9.40 22.35 -14.57
N VAL I 54 10.55 22.84 -15.04
CA VAL I 54 10.81 22.67 -16.47
C VAL I 54 12.14 21.97 -16.84
N GLY I 55 12.05 21.07 -17.81
CA GLY I 55 13.21 20.38 -18.34
C GLY I 55 13.88 19.52 -17.29
N ASP I 56 15.15 19.80 -17.07
CA ASP I 56 15.95 19.08 -16.13
C ASP I 56 15.50 19.36 -14.70
N GLU I 57 14.78 20.46 -14.46
CA GLU I 57 14.30 20.71 -13.11
C GLU I 57 13.23 19.68 -12.81
N ALA I 58 12.41 19.41 -13.83
CA ALA I 58 11.28 18.51 -13.73
C ALA I 58 11.78 17.10 -13.55
N GLN I 59 12.88 16.78 -14.20
CA GLN I 59 13.42 15.45 -14.06
C GLN I 59 14.12 15.32 -12.70
N SER I 60 14.89 16.31 -12.27
CA SER I 60 15.63 16.20 -11.00
C SER I 60 14.73 16.11 -9.77
N LYS I 61 13.57 16.76 -9.82
CA LYS I 61 12.60 16.78 -8.72
C LYS I 61 11.45 15.78 -8.91
N ARG I 62 11.59 14.88 -9.89
CA ARG I 62 10.57 13.93 -10.33
C ARG I 62 10.05 12.98 -9.28
N GLY I 63 10.74 12.83 -8.14
CA GLY I 63 10.28 11.89 -7.13
C GLY I 63 8.82 12.11 -6.74
N ILE I 64 8.33 13.37 -6.74
CA ILE I 64 6.92 13.63 -6.42
C ILE I 64 6.16 14.35 -7.52
N LEU I 65 6.68 14.34 -8.74
CA LEU I 65 6.04 15.05 -9.83
C LEU I 65 5.46 14.10 -10.82
N THR I 66 4.41 14.51 -11.50
CA THR I 66 3.92 13.76 -12.63
C THR I 66 4.56 14.50 -13.78
N LEU I 67 5.14 13.79 -14.74
CA LEU I 67 5.83 14.49 -15.80
C LEU I 67 5.15 14.37 -17.15
N LYS I 68 4.88 15.53 -17.75
CA LYS I 68 4.20 15.56 -19.02
C LYS I 68 5.11 16.08 -20.12
N TYR I 69 4.96 15.47 -21.29
CA TYR I 69 5.65 15.89 -22.49
C TYR I 69 4.69 16.67 -23.40
N PRO I 70 4.90 17.98 -23.67
CA PRO I 70 4.08 18.83 -24.53
C PRO I 70 4.07 18.40 -25.99
N ILE I 71 5.06 17.57 -26.36
CA ILE I 71 5.22 17.05 -27.71
C ILE I 71 5.00 15.54 -27.72
N GLU I 72 4.07 15.12 -28.57
CA GLU I 72 3.73 13.72 -28.75
C GLU I 72 3.82 13.34 -30.22
N HIS I 73 4.59 12.31 -30.54
CA HIS I 73 4.71 11.86 -31.91
C HIS I 73 5.11 12.99 -32.86
N GLY I 74 6.01 13.84 -32.38
CA GLY I 74 6.54 14.95 -33.14
C GLY I 74 5.72 16.25 -33.11
N ILE I 75 4.53 16.25 -32.52
CA ILE I 75 3.70 17.46 -32.52
C ILE I 75 3.41 18.10 -31.18
N ILE I 76 3.53 19.43 -31.13
CA ILE I 76 3.21 20.14 -29.91
C ILE I 76 1.69 20.19 -29.75
N THR I 77 1.22 19.70 -28.62
CA THR I 77 -0.20 19.73 -28.32
C THR I 77 -0.40 20.72 -27.18
N ASN I 78 0.71 21.00 -26.48
CA ASN I 78 0.66 21.94 -25.38
C ASN I 78 1.73 23.03 -25.54
N TRP I 79 1.31 24.16 -26.07
CA TRP I 79 2.23 25.23 -26.37
C TRP I 79 2.50 26.16 -25.21
N ASP I 80 1.75 26.02 -24.12
CA ASP I 80 2.03 26.85 -22.95
C ASP I 80 3.25 26.26 -22.27
N ASP I 81 3.31 24.93 -22.28
CA ASP I 81 4.45 24.25 -21.72
C ASP I 81 5.65 24.43 -22.63
N MET I 82 5.45 24.51 -23.96
CA MET I 82 6.62 24.78 -24.79
C MET I 82 7.14 26.18 -24.58
N GLU I 83 6.26 27.16 -24.30
CA GLU I 83 6.77 28.49 -24.00
C GLU I 83 7.70 28.40 -22.79
N LYS I 84 7.31 27.61 -21.76
CA LYS I 84 8.17 27.43 -20.57
C LYS I 84 9.48 26.75 -20.90
N ILE I 85 9.45 25.72 -21.74
CA ILE I 85 10.65 24.99 -22.13
C ILE I 85 11.59 25.89 -22.88
N TRP I 86 11.07 26.69 -23.80
CA TRP I 86 11.89 27.62 -24.54
C TRP I 86 12.38 28.74 -23.65
N HIS I 87 11.57 29.22 -22.72
CA HIS I 87 12.08 30.26 -21.84
C HIS I 87 13.30 29.73 -21.12
N HIS I 88 13.18 28.53 -20.58
CA HIS I 88 14.26 27.88 -19.86
C HIS I 88 15.46 27.64 -20.77
N THR I 89 15.21 27.10 -21.95
CA THR I 89 16.27 26.81 -22.89
C THR I 89 17.07 28.04 -23.22
N PHE I 90 16.37 29.13 -23.54
CA PHE I 90 17.03 30.32 -23.95
C PHE I 90 17.60 31.16 -22.83
N TYR I 91 16.82 31.43 -21.79
CA TYR I 91 17.29 32.35 -20.76
C TYR I 91 18.00 31.73 -19.57
N ASN I 92 17.76 30.46 -19.24
CA ASN I 92 18.39 29.93 -18.06
C ASN I 92 19.71 29.23 -18.41
N GLU I 93 19.71 28.40 -19.47
CA GLU I 93 20.95 27.69 -19.80
C GLU I 93 21.75 28.21 -21.00
N LEU I 94 21.11 28.58 -22.12
CA LEU I 94 21.90 29.13 -23.22
C LEU I 94 22.22 30.59 -22.90
N ARG I 95 21.35 31.15 -22.06
CA ARG I 95 21.34 32.53 -21.57
C ARG I 95 21.38 33.59 -22.67
N VAL I 96 20.53 33.39 -23.66
CA VAL I 96 20.41 34.26 -24.81
C VAL I 96 19.00 34.77 -24.94
N ALA I 97 18.87 35.87 -25.65
CA ALA I 97 17.57 36.46 -25.89
C ALA I 97 17.23 36.37 -27.37
N PRO I 98 16.30 35.50 -27.82
CA PRO I 98 15.91 35.27 -29.21
C PRO I 98 15.48 36.57 -29.87
N GLU I 99 15.13 37.56 -29.09
CA GLU I 99 14.72 38.85 -29.61
C GLU I 99 15.84 39.42 -30.52
N GLU I 100 17.11 39.09 -30.23
CA GLU I 100 18.25 39.55 -31.01
C GLU I 100 18.83 38.47 -31.96
N HIS I 101 18.18 37.31 -32.09
CA HIS I 101 18.69 36.21 -32.91
C HIS I 101 17.59 35.50 -33.71
N PRO I 102 17.78 35.13 -34.99
CA PRO I 102 16.85 34.30 -35.76
C PRO I 102 16.75 32.94 -35.07
N THR I 103 15.61 32.25 -35.12
CA THR I 103 15.54 30.90 -34.51
C THR I 103 15.08 29.79 -35.45
N LEU I 104 15.83 28.68 -35.47
CA LEU I 104 15.51 27.54 -36.31
C LEU I 104 14.98 26.38 -35.49
N LEU I 105 13.80 25.91 -35.90
CA LEU I 105 13.09 24.79 -35.29
C LEU I 105 12.99 23.67 -36.30
N THR I 106 12.71 22.44 -35.85
CA THR I 106 12.69 21.30 -36.76
C THR I 106 11.38 20.47 -36.69
N GLU I 107 11.03 19.80 -37.81
CA GLU I 107 9.91 18.83 -37.85
C GLU I 107 9.98 17.83 -39.04
N ALA I 108 9.23 16.74 -38.94
CA ALA I 108 9.06 15.81 -40.07
C ALA I 108 8.19 16.48 -41.17
N PRO I 109 8.42 16.22 -42.47
CA PRO I 109 7.62 16.73 -43.61
C PRO I 109 6.09 16.52 -43.56
N LEU I 110 5.60 15.48 -42.89
CA LEU I 110 4.15 15.23 -42.81
C LEU I 110 3.64 15.42 -41.39
N ASN I 111 4.40 16.15 -40.59
CA ASN I 111 4.03 16.50 -39.24
C ASN I 111 2.78 17.38 -39.43
N PRO I 112 1.66 17.17 -38.72
CA PRO I 112 0.47 17.97 -38.92
C PRO I 112 0.82 19.45 -38.80
N LYS I 113 0.14 20.25 -39.62
CA LYS I 113 0.39 21.67 -39.81
C LYS I 113 0.38 22.54 -38.57
N ALA I 114 -0.42 22.19 -37.58
CA ALA I 114 -0.47 22.96 -36.37
C ALA I 114 0.90 23.04 -35.70
N ASN I 115 1.77 22.02 -35.88
CA ASN I 115 3.05 22.06 -35.19
C ASN I 115 3.89 23.23 -35.66
N ARG I 116 4.16 23.33 -36.97
CA ARG I 116 5.00 24.42 -37.43
C ARG I 116 4.35 25.77 -37.24
N GLU I 117 3.01 25.83 -37.27
CA GLU I 117 2.32 27.10 -37.12
C GLU I 117 2.39 27.60 -35.69
N LYS I 118 2.21 26.70 -34.70
CA LYS I 118 2.30 27.14 -33.32
C LYS I 118 3.75 27.41 -32.96
N MET I 119 4.72 26.66 -33.53
CA MET I 119 6.10 26.95 -33.20
C MET I 119 6.49 28.35 -33.67
N THR I 120 6.00 28.73 -34.85
CA THR I 120 6.23 30.02 -35.45
C THR I 120 5.59 31.11 -34.59
N GLN I 121 4.36 30.88 -34.15
CA GLN I 121 3.70 31.88 -33.33
C GLN I 121 4.39 32.06 -31.98
N ILE I 122 4.82 30.98 -31.33
CA ILE I 122 5.42 31.19 -30.02
C ILE I 122 6.70 32.01 -30.18
N MET I 123 7.55 31.65 -31.14
CA MET I 123 8.78 32.41 -31.21
C MET I 123 8.59 33.86 -31.64
N PHE I 124 7.61 34.15 -32.51
CA PHE I 124 7.38 35.55 -32.88
C PHE I 124 6.59 36.34 -31.86
N GLU I 125 5.74 35.69 -31.05
CA GLU I 125 4.94 36.45 -30.12
C GLU I 125 5.43 36.48 -28.67
N THR I 126 6.05 35.40 -28.16
CA THR I 126 6.46 35.42 -26.76
C THR I 126 7.94 35.75 -26.66
N PHE I 127 8.69 35.42 -27.71
CA PHE I 127 10.12 35.73 -27.71
C PHE I 127 10.46 36.89 -28.62
N ASN I 128 9.53 37.24 -29.49
CA ASN I 128 9.65 38.33 -30.45
C ASN I 128 10.93 38.22 -31.28
N VAL I 129 11.18 37.01 -31.75
CA VAL I 129 12.36 36.65 -32.54
C VAL I 129 12.32 37.46 -33.85
N PRO I 130 13.42 38.04 -34.34
CA PRO I 130 13.46 38.81 -35.56
C PRO I 130 13.21 37.98 -36.80
N ALA I 131 13.42 36.66 -36.69
CA ALA I 131 13.19 35.79 -37.82
C ALA I 131 12.98 34.33 -37.42
N MET I 132 12.27 33.59 -38.28
CA MET I 132 12.03 32.17 -38.09
C MET I 132 12.17 31.26 -39.27
N TYR I 133 12.55 30.03 -38.97
CA TYR I 133 12.47 29.02 -39.98
C TYR I 133 12.20 27.65 -39.35
N VAL I 134 11.30 26.90 -39.95
CA VAL I 134 11.05 25.54 -39.53
C VAL I 134 11.62 24.64 -40.60
N ALA I 135 12.57 23.81 -40.22
CA ALA I 135 13.31 22.95 -41.11
C ALA I 135 12.89 21.49 -41.07
N ILE I 136 13.16 20.83 -42.19
CA ILE I 136 12.92 19.41 -42.38
C ILE I 136 14.00 18.56 -41.73
N GLN I 137 13.61 17.57 -40.93
CA GLN I 137 14.57 16.70 -40.24
C GLN I 137 15.49 15.95 -41.19
N ALA I 138 14.96 15.51 -42.33
CA ALA I 138 15.76 14.80 -43.31
C ALA I 138 16.81 15.70 -43.95
N VAL I 139 16.46 16.96 -44.16
CA VAL I 139 17.37 17.94 -44.74
C VAL I 139 18.52 18.19 -43.81
N LEU I 140 18.18 18.33 -42.56
CA LEU I 140 19.14 18.59 -41.54
C LEU I 140 20.08 17.39 -41.40
N SER I 141 19.52 16.17 -41.47
CA SER I 141 20.34 14.98 -41.37
C SER I 141 21.28 14.86 -42.56
N LEU I 142 20.79 15.18 -43.76
CA LEU I 142 21.61 15.14 -44.96
C LEU I 142 22.76 16.13 -44.91
N TYR I 143 22.53 17.34 -44.37
CA TYR I 143 23.65 18.24 -44.30
C TYR I 143 24.71 17.71 -43.33
N ALA I 144 24.25 17.20 -42.18
CA ALA I 144 25.15 16.70 -41.14
C ALA I 144 25.97 15.52 -41.63
N SER I 145 25.36 14.67 -42.46
CA SER I 145 25.99 13.47 -43.01
C SER I 145 26.78 13.68 -44.29
N GLY I 146 26.80 14.90 -44.85
CA GLY I 146 27.54 15.10 -46.09
C GLY I 146 26.87 14.52 -47.35
N ARG I 147 25.53 14.52 -47.42
CA ARG I 147 24.84 13.97 -48.59
C ARG I 147 23.73 14.85 -49.13
N THR I 148 23.46 14.74 -50.43
CA THR I 148 22.30 15.42 -51.02
C THR I 148 21.28 14.38 -51.48
N THR I 149 21.74 13.13 -51.56
CA THR I 149 20.93 12.05 -52.04
C THR I 149 21.00 10.87 -51.06
N GLY I 150 19.82 10.36 -50.72
CA GLY I 150 19.72 9.19 -49.85
C GLY I 150 18.36 9.08 -49.16
N ILE I 151 18.19 8.00 -48.42
CA ILE I 151 16.95 7.78 -47.69
C ILE I 151 17.15 8.22 -46.29
N VAL I 152 16.34 9.13 -45.76
CA VAL I 152 16.61 9.43 -44.37
C VAL I 152 15.62 8.70 -43.50
N LEU I 153 16.16 7.74 -42.76
CA LEU I 153 15.43 6.86 -41.87
C LEU I 153 15.77 7.40 -40.49
N ASP I 154 14.80 8.09 -39.92
CA ASP I 154 14.87 8.86 -38.70
C ASP I 154 14.18 8.36 -37.43
N SER I 155 13.95 7.03 -37.34
CA SER I 155 13.40 6.25 -36.21
C SER I 155 13.54 6.75 -34.75
N GLY I 156 13.21 8.01 -34.47
CA GLY I 156 13.37 8.58 -33.15
C GLY I 156 12.22 8.34 -32.22
N ASP I 157 12.12 9.15 -31.16
CA ASP I 157 11.12 8.97 -30.11
C ASP I 157 9.68 9.13 -30.56
N GLY I 158 9.44 10.07 -31.47
CA GLY I 158 8.10 10.42 -31.93
C GLY I 158 7.56 9.53 -33.06
N VAL I 159 8.03 9.76 -34.27
CA VAL I 159 7.60 9.01 -35.44
C VAL I 159 8.79 8.58 -36.27
N THR I 160 8.57 7.61 -37.17
CA THR I 160 9.58 7.30 -38.15
C THR I 160 9.03 7.94 -39.42
N HIS I 161 9.79 8.88 -39.99
CA HIS I 161 9.36 9.62 -41.18
C HIS I 161 9.74 8.93 -42.49
N ASN I 162 10.99 8.47 -42.55
CA ASN I 162 11.52 7.75 -43.72
C ASN I 162 11.34 8.38 -45.12
N VAL I 163 11.93 9.56 -45.35
CA VAL I 163 11.73 10.22 -46.66
C VAL I 163 12.94 10.16 -47.60
N PRO I 164 12.76 9.65 -48.83
CA PRO I 164 13.76 9.63 -49.86
C PRO I 164 13.94 11.04 -50.43
N ILE I 165 15.21 11.45 -50.57
CA ILE I 165 15.62 12.73 -51.15
C ILE I 165 16.67 12.52 -52.25
N TYR I 166 16.48 13.16 -53.41
CA TYR I 166 17.46 13.04 -54.51
C TYR I 166 17.89 14.40 -54.99
N GLU I 167 19.20 14.67 -55.04
CA GLU I 167 19.73 15.99 -55.43
C GLU I 167 19.13 17.11 -54.60
N GLY I 168 18.86 16.85 -53.33
CA GLY I 168 18.28 17.87 -52.48
C GLY I 168 16.77 18.09 -52.68
N TYR I 169 16.09 17.19 -53.39
CA TYR I 169 14.65 17.36 -53.62
C TYR I 169 13.82 16.23 -53.02
N ALA I 170 12.62 16.56 -52.55
CA ALA I 170 11.76 15.54 -51.98
C ALA I 170 11.21 14.66 -53.06
N LEU I 171 11.03 13.40 -52.71
CA LEU I 171 10.35 12.46 -53.56
C LEU I 171 9.15 11.98 -52.73
N PRO I 172 8.15 12.87 -52.46
CA PRO I 172 7.10 12.73 -51.46
C PRO I 172 6.17 11.56 -51.65
N HIS I 173 6.06 11.06 -52.87
CA HIS I 173 5.17 9.97 -53.15
C HIS I 173 5.73 8.68 -52.58
N ALA I 174 7.00 8.70 -52.23
CA ALA I 174 7.70 7.55 -51.73
C ALA I 174 8.00 7.70 -50.24
N ILE I 175 7.29 8.58 -49.52
CA ILE I 175 7.58 8.64 -48.08
C ILE I 175 6.86 7.53 -47.38
N MET I 176 7.62 6.62 -46.80
CA MET I 176 6.99 5.47 -46.16
C MET I 176 6.92 5.74 -44.68
N ARG I 177 6.09 6.72 -44.34
CA ARG I 177 5.90 7.17 -42.98
C ARG I 177 5.29 6.06 -42.14
N LEU I 178 5.76 5.97 -40.90
CA LEU I 178 5.27 4.95 -40.01
C LEU I 178 5.04 5.40 -38.55
N ASP I 179 3.85 5.09 -38.02
CA ASP I 179 3.51 5.41 -36.64
C ASP I 179 4.03 4.32 -35.68
N LEU I 180 5.36 4.23 -35.64
CA LEU I 180 6.15 3.31 -34.81
C LEU I 180 7.41 4.06 -34.39
N ALA I 181 7.62 4.16 -33.08
CA ALA I 181 8.75 4.97 -32.60
C ALA I 181 9.37 4.52 -31.28
N GLY I 182 10.47 5.19 -30.92
CA GLY I 182 11.21 4.90 -29.71
C GLY I 182 10.33 4.95 -28.46
N ARG I 183 9.31 5.83 -28.43
CA ARG I 183 8.42 5.92 -27.29
C ARG I 183 7.60 4.64 -27.11
N ASP I 184 7.36 3.89 -28.19
CA ASP I 184 6.55 2.69 -28.13
C ASP I 184 7.44 1.57 -27.64
N LEU I 185 8.72 1.67 -27.98
CA LEU I 185 9.68 0.66 -27.55
C LEU I 185 9.84 0.79 -26.03
N THR I 186 9.82 2.05 -25.53
CA THR I 186 9.92 2.33 -24.09
C THR I 186 8.70 1.75 -23.38
N ASP I 187 7.51 1.94 -23.96
CA ASP I 187 6.28 1.44 -23.36
C ASP I 187 6.30 -0.08 -23.31
N TYR I 188 6.82 -0.69 -24.38
CA TYR I 188 6.93 -2.13 -24.47
C TYR I 188 7.90 -2.65 -23.41
N LEU I 189 9.02 -1.95 -23.22
CA LEU I 189 9.99 -2.37 -22.23
C LEU I 189 9.36 -2.24 -20.83
N MET I 190 8.57 -1.19 -20.55
CA MET I 190 7.96 -1.13 -19.23
C MET I 190 7.08 -2.36 -18.98
N LYS I 191 6.32 -2.77 -20.00
CA LYS I 191 5.44 -3.93 -19.86
C LYS I 191 6.16 -5.27 -19.75
N ILE I 192 7.24 -5.43 -20.53
CA ILE I 192 7.94 -6.71 -20.55
C ILE I 192 8.75 -6.86 -19.26
N LEU I 193 9.20 -5.74 -18.67
CA LEU I 193 9.93 -5.82 -17.42
C LEU I 193 8.97 -6.05 -16.26
N THR I 194 7.72 -5.58 -16.40
CA THR I 194 6.70 -5.81 -15.40
C THR I 194 6.53 -7.33 -15.25
N GLU I 195 6.59 -8.04 -16.38
CA GLU I 195 6.48 -9.51 -16.43
C GLU I 195 7.64 -10.23 -15.71
N ARG I 196 8.72 -9.51 -15.41
CA ARG I 196 9.88 -10.10 -14.75
C ARG I 196 9.86 -9.80 -13.25
N GLY I 197 8.80 -9.17 -12.78
CA GLY I 197 8.67 -8.84 -11.38
C GLY I 197 9.09 -7.41 -11.02
N TYR I 198 9.34 -6.57 -12.02
CA TYR I 198 9.73 -5.19 -11.78
C TYR I 198 8.73 -4.29 -12.45
N SER I 199 7.64 -3.99 -11.78
CA SER I 199 6.60 -3.20 -12.41
C SER I 199 7.05 -1.78 -12.68
N PHE I 200 6.71 -1.27 -13.85
CA PHE I 200 7.02 0.12 -14.20
C PHE I 200 5.80 0.84 -14.79
N VAL I 201 4.99 1.46 -13.92
CA VAL I 201 3.75 2.09 -14.37
C VAL I 201 3.60 3.59 -14.06
N THR I 202 4.46 4.14 -13.19
CA THR I 202 4.38 5.56 -12.78
C THR I 202 5.39 6.40 -13.57
N THR I 203 5.34 7.72 -13.42
CA THR I 203 6.29 8.59 -14.11
C THR I 203 7.74 8.30 -13.75
N ALA I 204 8.03 8.15 -12.46
CA ALA I 204 9.41 7.90 -12.07
C ALA I 204 9.88 6.61 -12.70
N GLU I 205 8.99 5.62 -12.72
CA GLU I 205 9.31 4.33 -13.27
C GLU I 205 9.55 4.40 -14.79
N ARG I 206 8.76 5.23 -15.49
CA ARG I 206 8.91 5.40 -16.92
C ARG I 206 10.24 6.03 -17.28
N GLU I 207 10.68 7.04 -16.51
CA GLU I 207 11.97 7.67 -16.78
C GLU I 207 13.10 6.67 -16.54
N ILE I 208 12.95 5.80 -15.53
CA ILE I 208 13.95 4.77 -15.27
C ILE I 208 14.00 3.79 -16.42
N VAL I 209 12.86 3.35 -16.93
CA VAL I 209 12.87 2.42 -18.04
C VAL I 209 13.50 3.05 -19.27
N ARG I 210 13.22 4.31 -19.55
CA ARG I 210 13.88 4.92 -20.69
C ARG I 210 15.40 4.88 -20.49
N ASP I 211 15.89 5.14 -19.27
CA ASP I 211 17.32 5.09 -19.00
C ASP I 211 17.85 3.65 -19.17
N ILE I 212 17.05 2.66 -18.75
CA ILE I 212 17.45 1.26 -18.90
C ILE I 212 17.58 0.94 -20.37
N LYS I 213 16.59 1.35 -21.15
CA LYS I 213 16.57 1.06 -22.56
C LYS I 213 17.81 1.59 -23.25
N GLU I 214 18.14 2.85 -22.97
CA GLU I 214 19.25 3.52 -23.62
C GLU I 214 20.60 2.86 -23.33
N LYS I 215 20.76 2.30 -22.12
CA LYS I 215 22.02 1.67 -21.75
C LYS I 215 22.09 0.13 -21.96
N LEU I 216 20.97 -0.59 -21.81
CA LEU I 216 20.98 -2.05 -21.89
C LEU I 216 20.42 -2.70 -23.15
N CYS I 217 19.56 -2.02 -23.90
CA CYS I 217 18.89 -2.68 -24.99
C CYS I 217 19.61 -2.64 -26.34
N TYR I 218 19.30 -3.62 -27.18
CA TYR I 218 19.89 -3.75 -28.52
C TYR I 218 18.96 -4.45 -29.49
N VAL I 219 19.25 -4.38 -30.80
CA VAL I 219 18.38 -5.10 -31.75
C VAL I 219 19.03 -6.35 -32.33
N ALA I 220 20.36 -6.38 -32.37
CA ALA I 220 21.13 -7.50 -32.90
C ALA I 220 20.94 -7.64 -34.41
N LEU I 221 21.75 -8.54 -34.98
CA LEU I 221 21.73 -8.79 -36.41
C LEU I 221 20.82 -9.97 -36.79
N ASP I 222 20.60 -10.90 -35.85
CA ASP I 222 19.78 -12.09 -36.09
C ASP I 222 18.95 -12.42 -34.85
N PHE I 223 17.68 -12.00 -34.88
CA PHE I 223 16.78 -12.10 -33.75
C PHE I 223 16.54 -13.51 -33.26
N GLU I 224 16.26 -14.41 -34.18
CA GLU I 224 15.92 -15.75 -33.80
C GLU I 224 17.10 -16.47 -33.15
N ASN I 225 18.31 -16.27 -33.67
CA ASN I 225 19.44 -16.92 -33.04
C ASN I 225 19.80 -16.23 -31.73
N GLU I 226 19.58 -14.92 -31.66
CA GLU I 226 19.91 -14.18 -30.46
C GLU I 226 18.98 -14.63 -29.34
N MET I 227 17.68 -14.84 -29.66
CA MET I 227 16.71 -15.30 -28.69
C MET I 227 16.90 -16.77 -28.38
N ALA I 228 17.34 -17.57 -29.34
CA ALA I 228 17.54 -18.97 -29.01
C ALA I 228 18.53 -19.09 -27.86
N THR I 229 19.56 -18.24 -27.86
CA THR I 229 20.50 -18.25 -26.75
C THR I 229 19.98 -17.47 -25.54
N ALA I 230 19.48 -16.25 -25.76
CA ALA I 230 19.06 -15.40 -24.62
C ALA I 230 17.94 -16.03 -23.81
N ALA I 231 17.07 -16.79 -24.47
CA ALA I 231 15.96 -17.46 -23.82
C ALA I 231 16.39 -18.75 -23.13
N SER I 232 17.61 -19.23 -23.41
CA SER I 232 18.12 -20.49 -22.89
C SER I 232 19.18 -20.30 -21.81
N SER I 233 19.84 -19.14 -21.79
CA SER I 233 20.94 -18.93 -20.84
C SER I 233 21.10 -17.52 -20.28
N SER I 234 21.43 -17.50 -19.00
CA SER I 234 21.67 -16.30 -18.21
C SER I 234 22.92 -15.56 -18.65
N SER I 235 23.74 -16.20 -19.48
CA SER I 235 24.97 -15.59 -19.95
C SER I 235 24.72 -14.32 -20.78
N LEU I 236 23.49 -14.14 -21.30
CA LEU I 236 23.23 -12.92 -22.04
C LEU I 236 22.43 -11.88 -21.24
N GLU I 237 22.26 -12.06 -19.92
CA GLU I 237 21.58 -11.06 -19.12
C GLU I 237 22.51 -9.93 -18.75
N LYS I 238 21.94 -8.74 -18.63
CA LYS I 238 22.70 -7.58 -18.17
C LYS I 238 21.98 -6.85 -17.06
N SER I 239 22.73 -6.52 -16.00
CA SER I 239 22.16 -5.80 -14.88
C SER I 239 22.12 -4.28 -15.03
N TYR I 240 21.21 -3.68 -14.28
CA TYR I 240 21.03 -2.25 -14.17
C TYR I 240 20.70 -1.85 -12.74
N GLU I 241 21.33 -0.77 -12.29
CA GLU I 241 21.08 -0.21 -10.97
C GLU I 241 19.99 0.85 -10.98
N LEU I 242 18.98 0.67 -10.14
CA LEU I 242 17.90 1.63 -10.06
C LEU I 242 18.27 2.62 -8.96
N PRO I 243 17.74 3.85 -8.97
CA PRO I 243 18.01 4.90 -7.99
C PRO I 243 17.86 4.49 -6.52
N ASP I 244 16.98 3.55 -6.20
CA ASP I 244 16.80 3.18 -4.81
C ASP I 244 17.66 2.00 -4.39
N GLY I 245 18.57 1.56 -5.25
CA GLY I 245 19.44 0.43 -4.96
C GLY I 245 18.91 -0.90 -5.50
N GLN I 246 17.75 -0.91 -6.17
CA GLN I 246 17.31 -2.20 -6.71
C GLN I 246 18.12 -2.59 -7.93
N VAL I 247 18.30 -3.88 -8.12
CA VAL I 247 18.98 -4.34 -9.32
C VAL I 247 18.07 -5.21 -10.13
N ILE I 248 17.97 -4.84 -11.39
CA ILE I 248 17.16 -5.53 -12.39
C ILE I 248 18.06 -6.13 -13.42
N THR I 249 17.76 -7.36 -13.85
CA THR I 249 18.53 -7.91 -14.94
C THR I 249 17.54 -8.14 -16.03
N ILE I 250 18.01 -8.02 -17.27
CA ILE I 250 17.19 -8.23 -18.44
C ILE I 250 17.83 -9.26 -19.35
N GLY I 251 17.06 -10.25 -19.83
CA GLY I 251 17.56 -11.33 -20.67
C GLY I 251 17.17 -11.14 -22.12
N ASN I 252 16.26 -11.94 -22.63
CA ASN I 252 15.91 -11.78 -24.04
C ASN I 252 15.02 -10.55 -24.26
N GLU I 253 14.51 -10.00 -23.17
CA GLU I 253 13.64 -8.84 -23.20
C GLU I 253 14.43 -7.61 -23.64
N ARG I 254 15.76 -7.74 -23.46
CA ARG I 254 16.78 -6.76 -23.73
C ARG I 254 16.79 -6.41 -25.21
N PHE I 255 16.37 -7.36 -26.04
CA PHE I 255 16.32 -7.17 -27.48
C PHE I 255 14.93 -7.40 -28.06
N ARG I 256 14.06 -8.09 -27.32
CA ARG I 256 12.72 -8.33 -27.83
C ARG I 256 11.91 -7.06 -27.90
N CYS I 257 12.24 -6.10 -27.03
CA CYS I 257 11.54 -4.81 -27.06
C CYS I 257 11.90 -4.10 -28.36
N PRO I 258 13.18 -3.72 -28.50
CA PRO I 258 13.78 -3.06 -29.65
C PRO I 258 13.47 -3.72 -30.99
N GLU I 259 13.29 -5.04 -30.97
CA GLU I 259 12.97 -5.85 -32.14
C GLU I 259 11.65 -5.44 -32.76
N THR I 260 10.80 -4.75 -32.01
CA THR I 260 9.49 -4.30 -32.45
C THR I 260 9.66 -3.37 -33.68
N LEU I 261 10.85 -2.77 -33.82
CA LEU I 261 11.15 -1.94 -34.98
C LEU I 261 11.11 -2.78 -36.25
N PHE I 262 11.48 -4.06 -36.13
CA PHE I 262 11.50 -4.98 -37.24
C PHE I 262 10.26 -5.87 -37.22
N GLN I 263 9.66 -6.00 -36.03
CA GLN I 263 8.45 -6.79 -35.83
C GLN I 263 7.49 -5.98 -34.95
N PRO I 264 6.70 -5.10 -35.59
CA PRO I 264 5.74 -4.17 -34.96
C PRO I 264 4.54 -4.85 -34.32
N SER I 265 4.29 -6.09 -34.74
CA SER I 265 3.19 -6.89 -34.25
C SER I 265 3.36 -7.19 -32.76
N PHE I 266 4.59 -7.02 -32.25
CA PHE I 266 4.89 -7.28 -30.85
C PHE I 266 4.12 -6.34 -29.92
N ILE I 267 3.72 -5.17 -30.43
CA ILE I 267 2.98 -4.20 -29.63
C ILE I 267 1.60 -3.95 -30.23
N GLY I 268 1.14 -4.85 -31.10
CA GLY I 268 -0.17 -4.72 -31.71
C GLY I 268 -0.23 -3.80 -32.93
N MET I 269 0.91 -3.38 -33.47
CA MET I 269 0.91 -2.48 -34.62
C MET I 269 0.84 -3.24 -35.93
N GLU I 270 0.10 -2.69 -36.89
CA GLU I 270 0.07 -3.29 -38.21
C GLU I 270 1.09 -2.58 -39.08
N SER I 271 2.22 -3.23 -39.28
CA SER I 271 3.32 -2.64 -40.03
C SER I 271 4.32 -3.66 -40.50
N ALA I 272 4.95 -3.34 -41.63
CA ALA I 272 6.00 -4.18 -42.20
C ALA I 272 7.33 -4.05 -41.43
N GLY I 273 7.47 -2.99 -40.65
CA GLY I 273 8.71 -2.74 -39.92
C GLY I 273 9.55 -1.69 -40.63
N ILE I 274 10.52 -1.13 -39.92
CA ILE I 274 11.33 -0.04 -40.45
C ILE I 274 12.23 -0.43 -41.63
N HIS I 275 12.63 -1.69 -41.74
CA HIS I 275 13.49 -2.05 -42.84
C HIS I 275 12.74 -2.26 -44.14
N GLU I 276 11.46 -2.59 -44.05
CA GLU I 276 10.71 -2.80 -45.26
C GLU I 276 10.26 -1.45 -45.74
N THR I 277 9.95 -0.55 -44.80
CA THR I 277 9.56 0.78 -45.21
C THR I 277 10.79 1.50 -45.79
N THR I 278 12.01 1.21 -45.28
CA THR I 278 13.22 1.83 -45.85
C THR I 278 13.37 1.35 -47.30
N TYR I 279 13.20 0.05 -47.48
CA TYR I 279 13.28 -0.56 -48.79
C TYR I 279 12.27 0.05 -49.76
N ASN I 280 11.03 0.19 -49.32
CA ASN I 280 10.00 0.75 -50.19
C ASN I 280 10.25 2.22 -50.49
N SER I 281 10.85 2.98 -49.57
CA SER I 281 11.15 4.38 -49.89
C SER I 281 12.10 4.43 -51.09
N ILE I 282 13.00 3.44 -51.20
CA ILE I 282 13.90 3.40 -52.34
C ILE I 282 13.13 2.91 -53.57
N MET I 283 12.40 1.81 -53.42
CA MET I 283 11.71 1.15 -54.53
C MET I 283 10.64 2.02 -55.20
N LYS I 284 9.97 2.85 -54.42
CA LYS I 284 8.89 3.68 -54.92
C LYS I 284 9.39 4.92 -55.67
N CYS I 285 10.70 5.13 -55.71
CA CYS I 285 11.29 6.24 -56.43
C CYS I 285 11.59 5.77 -57.85
N ASP I 286 11.78 6.68 -58.79
CA ASP I 286 12.03 6.27 -60.17
C ASP I 286 13.26 5.40 -60.29
N ILE I 287 13.25 4.54 -61.29
CA ILE I 287 14.33 3.58 -61.50
C ILE I 287 15.73 4.21 -61.63
N ASP I 288 15.83 5.44 -62.11
CA ASP I 288 17.13 6.12 -62.24
C ASP I 288 17.50 6.89 -60.97
N ILE I 289 16.65 6.79 -59.95
CA ILE I 289 16.85 7.35 -58.63
C ILE I 289 17.29 6.23 -57.69
N ARG I 290 16.59 5.10 -57.80
CA ARG I 290 16.82 3.91 -56.98
C ARG I 290 18.28 3.53 -56.77
N LYS I 291 19.09 3.63 -57.81
CA LYS I 291 20.49 3.22 -57.67
C LYS I 291 21.25 4.10 -56.67
N ASP I 292 20.88 5.37 -56.58
CA ASP I 292 21.59 6.30 -55.74
C ASP I 292 21.05 6.22 -54.35
N LEU I 293 19.77 5.89 -54.22
CA LEU I 293 19.22 5.77 -52.89
C LEU I 293 19.70 4.45 -52.28
N TYR I 294 19.87 3.39 -53.08
CA TYR I 294 20.37 2.10 -52.55
C TYR I 294 21.77 2.26 -51.99
N ALA I 295 22.59 3.06 -52.65
CA ALA I 295 23.95 3.31 -52.24
C ALA I 295 24.05 4.29 -51.06
N ASN I 296 22.93 4.93 -50.69
CA ASN I 296 22.93 5.94 -49.66
C ASN I 296 21.75 5.84 -48.69
N ASN I 297 21.73 4.80 -47.87
CA ASN I 297 20.70 4.69 -46.84
C ASN I 297 21.19 5.51 -45.66
N VAL I 298 20.55 6.64 -45.37
CA VAL I 298 21.04 7.54 -44.34
C VAL I 298 20.32 7.32 -43.01
N MET I 299 21.08 6.91 -42.01
CA MET I 299 20.53 6.67 -40.70
C MET I 299 20.65 7.88 -39.80
N SER I 300 19.55 8.22 -39.16
CA SER I 300 19.48 9.33 -38.22
C SER I 300 18.40 9.14 -37.21
N GLY I 301 18.27 10.09 -36.30
CA GLY I 301 17.26 9.97 -35.27
C GLY I 301 17.68 9.05 -34.12
N GLY I 302 16.73 8.77 -33.26
CA GLY I 302 16.95 7.97 -32.08
C GLY I 302 16.89 6.51 -32.44
N THR I 303 17.12 5.61 -31.48
CA THR I 303 17.11 4.15 -31.73
C THR I 303 18.28 3.67 -32.64
N THR I 304 18.98 4.62 -33.26
CA THR I 304 20.11 4.39 -34.15
C THR I 304 21.33 4.01 -33.36
N MET I 305 21.21 4.16 -32.06
CA MET I 305 22.25 3.84 -31.13
C MET I 305 22.03 2.47 -30.47
N TYR I 306 21.09 1.65 -31.00
CA TYR I 306 20.97 0.27 -30.52
C TYR I 306 22.07 -0.56 -31.17
N PRO I 307 22.83 -1.38 -30.45
CA PRO I 307 23.80 -2.26 -31.05
C PRO I 307 23.11 -3.16 -32.08
N GLY I 308 23.76 -3.30 -33.24
CA GLY I 308 23.29 -4.10 -34.35
C GLY I 308 22.35 -3.36 -35.30
N ILE I 309 21.96 -2.13 -34.99
CA ILE I 309 20.98 -1.49 -35.86
C ILE I 309 21.51 -1.05 -37.22
N ALA I 310 22.73 -0.51 -37.32
CA ALA I 310 23.17 -0.09 -38.65
C ALA I 310 23.46 -1.30 -39.52
N ASP I 311 24.03 -2.33 -38.89
CA ASP I 311 24.42 -3.53 -39.61
C ASP I 311 23.20 -4.26 -40.09
N ARG I 312 22.18 -4.27 -39.23
CA ARG I 312 20.92 -4.93 -39.50
C ARG I 312 20.11 -4.19 -40.55
N MET I 313 20.08 -2.85 -40.50
CA MET I 313 19.30 -2.16 -41.50
C MET I 313 19.88 -2.41 -42.88
N GLN I 314 21.23 -2.41 -43.02
CA GLN I 314 21.77 -2.67 -44.34
C GLN I 314 21.46 -4.10 -44.77
N LYS I 315 21.58 -5.09 -43.85
CA LYS I 315 21.29 -6.48 -44.18
C LYS I 315 19.85 -6.67 -44.63
N GLU I 316 18.91 -6.06 -43.92
CA GLU I 316 17.52 -6.24 -44.22
C GLU I 316 17.14 -5.63 -45.57
N ILE I 317 17.70 -4.47 -45.93
CA ILE I 317 17.32 -3.93 -47.23
C ILE I 317 18.12 -4.58 -48.36
N THR I 318 19.39 -4.94 -48.16
CA THR I 318 20.17 -5.56 -49.24
C THR I 318 19.55 -6.92 -49.58
N ALA I 319 18.92 -7.56 -48.60
CA ALA I 319 18.23 -8.84 -48.78
C ALA I 319 16.95 -8.72 -49.63
N LEU I 320 16.38 -7.52 -49.74
CA LEU I 320 15.16 -7.26 -50.48
C LEU I 320 15.51 -6.69 -51.86
N ALA I 321 16.65 -6.02 -51.90
CA ALA I 321 17.21 -5.36 -53.07
C ALA I 321 17.65 -6.41 -54.10
N PRO I 322 17.75 -6.06 -55.38
CA PRO I 322 18.24 -6.91 -56.45
C PRO I 322 19.72 -7.19 -56.31
N SER I 323 20.14 -8.30 -56.90
CA SER I 323 21.52 -8.73 -56.96
C SER I 323 22.32 -7.85 -57.90
N THR I 324 23.65 -8.04 -57.91
CA THR I 324 24.63 -7.28 -58.72
C THR I 324 24.90 -5.89 -58.12
N MET I 325 23.84 -5.16 -57.83
CA MET I 325 23.93 -3.84 -57.24
C MET I 325 24.41 -3.85 -55.80
N LYS I 326 25.20 -2.83 -55.47
CA LYS I 326 25.69 -2.65 -54.11
C LYS I 326 24.77 -1.72 -53.35
N ILE I 327 24.36 -2.15 -52.17
CA ILE I 327 23.48 -1.40 -51.28
C ILE I 327 24.29 -1.04 -50.04
N LYS I 328 24.29 0.24 -49.64
CA LYS I 328 25.11 0.66 -48.51
C LYS I 328 24.42 1.55 -47.46
N ILE I 329 24.82 1.39 -46.19
CA ILE I 329 24.29 2.25 -45.13
C ILE I 329 25.31 3.24 -44.60
N ILE I 330 24.82 4.44 -44.39
CA ILE I 330 25.55 5.55 -43.82
C ILE I 330 25.05 5.74 -42.38
N ALA I 331 25.92 5.50 -41.42
CA ALA I 331 25.51 5.56 -40.01
C ALA I 331 26.66 6.08 -39.15
N PRO I 332 26.99 7.37 -39.24
CA PRO I 332 28.11 8.04 -38.61
C PRO I 332 27.85 8.23 -37.12
N PRO I 333 28.91 8.49 -36.34
CA PRO I 333 28.81 8.74 -34.90
C PRO I 333 27.97 10.00 -34.65
N GLU I 334 27.52 10.64 -35.72
CA GLU I 334 26.70 11.84 -35.65
C GLU I 334 25.22 11.47 -35.79
N ARG I 335 24.93 10.17 -35.74
CA ARG I 335 23.56 9.68 -35.84
C ARG I 335 22.78 10.21 -34.66
N LYS I 336 21.53 10.60 -34.94
CA LYS I 336 20.56 11.20 -34.00
C LYS I 336 20.89 12.64 -33.60
N TYR I 337 22.17 12.98 -33.54
CA TYR I 337 22.60 14.34 -33.23
C TYR I 337 22.81 15.07 -34.56
N SER I 338 22.21 14.51 -35.61
CA SER I 338 22.30 15.04 -36.96
C SER I 338 21.28 16.12 -37.27
N VAL I 339 20.14 16.10 -36.59
CA VAL I 339 19.15 17.11 -36.86
C VAL I 339 19.64 18.46 -36.31
N TRP I 340 20.14 18.45 -35.07
CA TRP I 340 20.67 19.69 -34.49
C TRP I 340 21.85 20.19 -35.31
N ILE I 341 22.77 19.28 -35.67
CA ILE I 341 23.96 19.63 -36.43
C ILE I 341 23.57 20.25 -37.74
N GLY I 342 22.59 19.65 -38.42
CA GLY I 342 22.10 20.18 -39.66
C GLY I 342 21.52 21.57 -39.47
N GLY I 343 20.90 21.84 -38.30
CA GLY I 343 20.30 23.13 -38.02
C GLY I 343 21.37 24.20 -37.98
N SER I 344 22.49 23.88 -37.36
CA SER I 344 23.62 24.81 -37.28
C SER I 344 24.14 25.12 -38.68
N ILE I 345 24.27 24.05 -39.50
CA ILE I 345 24.78 24.20 -40.86
C ILE I 345 23.84 25.00 -41.72
N LEU I 346 22.56 24.64 -41.69
CA LEU I 346 21.54 25.27 -42.52
C LEU I 346 21.33 26.71 -42.16
N ALA I 347 21.24 27.01 -40.86
CA ALA I 347 21.01 28.36 -40.40
C ALA I 347 22.08 29.32 -40.87
N SER I 348 23.32 28.80 -40.97
CA SER I 348 24.53 29.52 -41.35
C SER I 348 24.81 29.60 -42.86
N LEU I 349 24.03 28.93 -43.72
CA LEU I 349 24.35 28.97 -45.15
C LEU I 349 23.96 30.32 -45.72
N SER I 350 24.76 30.87 -46.63
CA SER I 350 24.43 32.16 -47.23
C SER I 350 23.17 32.10 -48.09
N THR I 351 22.90 30.94 -48.66
CA THR I 351 21.75 30.75 -49.52
C THR I 351 20.48 30.58 -48.70
N PHE I 352 20.63 30.39 -47.41
CA PHE I 352 19.51 30.17 -46.52
C PHE I 352 19.02 31.48 -45.98
N GLN I 353 19.71 32.56 -46.36
CA GLN I 353 19.31 33.83 -45.82
C GLN I 353 18.11 34.32 -46.58
N GLN I 354 17.75 33.59 -47.66
CA GLN I 354 16.57 33.93 -48.43
C GLN I 354 15.38 33.08 -47.97
N MET I 355 15.63 32.15 -47.03
CA MET I 355 14.59 31.25 -46.52
C MET I 355 13.98 31.73 -45.22
N TRP I 356 14.76 32.47 -44.44
CA TRP I 356 14.30 32.97 -43.13
C TRP I 356 13.10 33.92 -43.25
N ILE I 357 12.09 33.73 -42.39
CA ILE I 357 10.89 34.57 -42.33
C ILE I 357 11.20 35.72 -41.41
N THR I 358 10.99 36.96 -41.80
CA THR I 358 11.33 38.02 -40.85
C THR I 358 10.13 38.49 -40.03
N LYS I 359 10.41 39.22 -38.93
CA LYS I 359 9.36 39.81 -38.08
C LYS I 359 8.91 41.12 -38.70
N GLN I 360 8.42 40.99 -39.91
CA GLN I 360 7.90 42.03 -40.78
C GLN I 360 6.76 41.37 -41.51
N GLU I 361 7.14 40.36 -42.30
CA GLU I 361 6.26 39.54 -43.10
C GLU I 361 5.32 38.83 -42.17
N TYR I 362 5.85 38.43 -41.01
CA TYR I 362 5.09 37.79 -39.97
C TYR I 362 3.91 38.65 -39.56
N ASP I 363 4.07 39.96 -39.45
CA ASP I 363 2.96 40.70 -38.89
C ASP I 363 1.84 40.84 -39.88
N GLU I 364 2.20 40.97 -41.16
CA GLU I 364 1.20 41.09 -42.20
C GLU I 364 0.43 39.77 -42.42
N ALA I 365 1.15 38.65 -42.36
CA ALA I 365 0.57 37.33 -42.61
C ALA I 365 0.12 36.54 -41.37
N GLY I 366 0.73 36.78 -40.21
CA GLY I 366 0.45 36.00 -39.03
C GLY I 366 1.26 34.71 -39.13
N PRO I 367 1.16 33.77 -38.17
CA PRO I 367 1.94 32.53 -38.07
C PRO I 367 1.70 31.56 -39.21
N SER I 368 0.61 31.78 -39.96
CA SER I 368 0.26 30.93 -41.09
C SER I 368 1.30 31.10 -42.20
N ILE I 369 2.13 32.14 -42.07
CA ILE I 369 3.22 32.45 -42.97
C ILE I 369 4.19 31.31 -43.09
N VAL I 370 4.27 30.48 -42.08
CA VAL I 370 5.17 29.36 -42.10
C VAL I 370 4.86 28.40 -43.25
N HIS I 371 3.59 28.38 -43.70
CA HIS I 371 3.16 27.48 -44.75
C HIS I 371 3.42 28.08 -46.13
N ARG I 372 3.82 29.35 -46.17
CA ARG I 372 4.08 30.04 -47.43
C ARG I 372 5.58 30.14 -47.65
N LYS I 373 6.33 30.25 -46.55
CA LYS I 373 7.76 30.49 -46.58
C LYS I 373 8.72 29.33 -46.24
N CYS I 374 8.32 28.32 -45.45
CA CYS I 374 9.31 27.32 -45.07
C CYS I 374 9.45 26.12 -46.01
N PHE I 375 8.36 25.38 -46.25
CA PHE I 375 8.39 24.18 -47.10
C PHE I 375 7.00 23.52 -47.19
N ASP J 1 -30.99 -15.66 -58.69
CA ASP J 1 -31.61 -16.89 -59.15
C ASP J 1 -31.59 -16.97 -60.68
N GLU J 2 -31.39 -18.19 -61.19
CA GLU J 2 -31.35 -18.41 -62.64
C GLU J 2 -32.03 -19.71 -63.01
N ASP J 3 -32.82 -19.69 -64.07
CA ASP J 3 -33.52 -20.88 -64.54
C ASP J 3 -33.00 -21.37 -65.88
N GLU J 4 -31.81 -20.90 -66.26
CA GLU J 4 -31.21 -21.30 -67.53
C GLU J 4 -29.68 -21.34 -67.41
N THR J 5 -29.04 -22.15 -68.24
CA THR J 5 -27.57 -22.25 -68.23
C THR J 5 -26.93 -21.12 -69.02
N THR J 6 -27.16 -19.90 -68.56
CA THR J 6 -26.64 -18.70 -69.20
C THR J 6 -25.20 -18.51 -68.84
N ALA J 7 -24.51 -17.63 -69.53
CA ALA J 7 -23.12 -17.40 -69.17
C ALA J 7 -23.05 -16.60 -67.88
N LEU J 8 -22.03 -16.84 -67.09
CA LEU J 8 -21.84 -16.01 -65.92
C LEU J 8 -20.94 -14.89 -66.34
N VAL J 9 -21.15 -13.73 -65.75
CA VAL J 9 -20.32 -12.57 -66.05
C VAL J 9 -19.70 -12.00 -64.78
N CYS J 10 -18.38 -11.76 -64.79
CA CYS J 10 -17.73 -11.22 -63.61
C CYS J 10 -16.53 -10.29 -63.90
N ASP J 11 -16.69 -9.01 -63.53
CA ASP J 11 -15.66 -7.99 -63.70
C ASP J 11 -14.84 -7.94 -62.41
N ASN J 12 -13.51 -8.02 -62.53
CA ASN J 12 -12.63 -8.08 -61.36
C ASN J 12 -11.50 -7.06 -61.32
N GLY J 13 -11.61 -6.07 -60.44
CA GLY J 13 -10.55 -5.07 -60.35
C GLY J 13 -9.87 -5.10 -58.98
N SER J 14 -9.03 -4.09 -58.73
CA SER J 14 -8.28 -3.93 -57.48
C SER J 14 -9.18 -3.34 -56.38
N GLY J 15 -10.35 -2.91 -56.81
CA GLY J 15 -11.38 -2.32 -55.96
C GLY J 15 -12.39 -3.41 -55.57
N LEU J 16 -13.39 -3.61 -56.44
CA LEU J 16 -14.48 -4.55 -56.23
C LEU J 16 -14.72 -5.53 -57.37
N VAL J 17 -15.36 -6.64 -57.03
CA VAL J 17 -15.80 -7.65 -57.97
C VAL J 17 -17.31 -7.67 -58.18
N LYS J 18 -17.73 -7.47 -59.42
CA LYS J 18 -19.16 -7.46 -59.75
C LYS J 18 -19.51 -8.71 -60.49
N ALA J 19 -20.58 -9.39 -60.07
CA ALA J 19 -20.96 -10.61 -60.77
C ALA J 19 -22.47 -10.84 -60.83
N GLY J 20 -22.86 -11.59 -61.85
CA GLY J 20 -24.25 -11.94 -62.05
C GLY J 20 -24.41 -12.84 -63.26
N PHE J 21 -25.63 -12.98 -63.70
CA PHE J 21 -25.95 -13.87 -64.81
C PHE J 21 -26.15 -13.08 -66.11
N ALA J 22 -25.58 -13.59 -67.20
CA ALA J 22 -25.71 -12.90 -68.48
C ALA J 22 -27.16 -12.80 -68.88
N GLY J 23 -27.51 -11.62 -69.38
CA GLY J 23 -28.83 -11.28 -69.83
C GLY J 23 -29.46 -10.24 -68.91
N ASP J 24 -28.90 -10.04 -67.70
CA ASP J 24 -29.47 -9.01 -66.84
C ASP J 24 -28.81 -7.63 -67.12
N ASP J 25 -29.26 -6.59 -66.41
CA ASP J 25 -28.72 -5.24 -66.57
C ASP J 25 -27.93 -4.78 -65.34
N ALA J 26 -27.64 -5.73 -64.47
CA ALA J 26 -26.91 -5.47 -63.25
C ALA J 26 -26.33 -6.76 -62.71
N PRO J 27 -25.22 -6.70 -61.96
CA PRO J 27 -24.67 -7.83 -61.27
C PRO J 27 -25.67 -8.16 -60.20
N ARG J 28 -25.72 -9.41 -59.76
CA ARG J 28 -26.66 -9.75 -58.70
C ARG J 28 -25.92 -9.80 -57.38
N ALA J 29 -24.59 -9.75 -57.45
CA ALA J 29 -23.73 -9.78 -56.29
C ALA J 29 -22.52 -8.90 -56.50
N VAL J 30 -22.20 -8.08 -55.50
CA VAL J 30 -20.99 -7.28 -55.59
C VAL J 30 -20.22 -7.43 -54.29
N PHE J 31 -18.96 -7.80 -54.41
CA PHE J 31 -18.10 -7.95 -53.25
C PHE J 31 -16.82 -7.18 -53.39
N PRO J 32 -16.22 -6.69 -52.31
CA PRO J 32 -14.90 -6.08 -52.30
C PRO J 32 -13.89 -7.10 -52.76
N SER J 33 -12.83 -6.69 -53.47
CA SER J 33 -11.80 -7.65 -53.87
C SER J 33 -10.85 -7.86 -52.68
N ILE J 34 -11.40 -8.39 -51.60
CA ILE J 34 -10.66 -8.51 -50.36
C ILE J 34 -10.70 -9.86 -49.67
N VAL J 35 -9.52 -10.30 -49.24
CA VAL J 35 -9.42 -11.45 -48.37
C VAL J 35 -8.76 -10.97 -47.07
N GLY J 36 -9.45 -11.17 -45.97
CA GLY J 36 -8.99 -10.70 -44.68
C GLY J 36 -8.42 -11.81 -43.84
N ARG J 37 -7.44 -11.47 -42.99
CA ARG J 37 -6.81 -12.44 -42.09
C ARG J 37 -6.59 -11.84 -40.70
N PRO J 38 -6.87 -12.63 -39.65
CA PRO J 38 -6.70 -12.18 -38.28
C PRO J 38 -5.25 -11.95 -37.95
N ARG J 39 -4.99 -10.90 -37.17
CA ARG J 39 -3.62 -10.56 -36.76
C ARG J 39 -3.46 -10.59 -35.23
N HIS J 40 -4.34 -11.32 -34.56
CA HIS J 40 -4.37 -11.43 -33.10
C HIS J 40 -4.39 -12.88 -32.61
N GLN J 41 -3.93 -13.06 -31.37
CA GLN J 41 -3.97 -14.34 -30.67
C GLN J 41 -5.31 -14.54 -29.99
N GLY J 42 -5.96 -15.67 -30.30
CA GLY J 42 -7.24 -15.99 -29.70
C GLY J 42 -7.06 -16.42 -28.25
N VAL J 43 -8.02 -16.07 -27.39
CA VAL J 43 -7.99 -16.54 -26.01
C VAL J 43 -9.23 -17.35 -25.63
N MET J 44 -10.39 -16.99 -26.18
CA MET J 44 -11.62 -17.70 -25.87
C MET J 44 -11.68 -18.87 -26.84
N VAL J 45 -12.37 -19.95 -26.47
CA VAL J 45 -12.50 -21.07 -27.40
C VAL J 45 -13.97 -21.36 -27.68
N GLY J 46 -14.24 -22.05 -28.80
CA GLY J 46 -15.63 -22.34 -29.15
C GLY J 46 -16.26 -21.08 -29.72
N MET J 47 -15.43 -20.24 -30.34
CA MET J 47 -15.79 -18.94 -30.89
C MET J 47 -15.94 -18.95 -32.40
N GLY J 48 -15.87 -20.13 -33.02
CA GLY J 48 -15.84 -20.16 -34.48
C GLY J 48 -14.51 -19.50 -34.85
N GLN J 49 -14.55 -18.48 -35.72
CA GLN J 49 -13.39 -17.72 -36.20
C GLN J 49 -12.66 -18.40 -37.33
N LYS J 50 -12.59 -17.71 -38.45
CA LYS J 50 -12.05 -18.25 -39.68
C LYS J 50 -10.55 -17.99 -39.83
N ASP J 51 -9.90 -18.78 -40.71
CA ASP J 51 -8.49 -18.58 -41.01
C ASP J 51 -8.36 -17.37 -41.93
N SER J 52 -9.39 -17.22 -42.76
CA SER J 52 -9.50 -16.15 -43.73
C SER J 52 -10.97 -15.81 -43.95
N TYR J 53 -11.20 -14.54 -44.28
CA TYR J 53 -12.53 -14.01 -44.54
C TYR J 53 -12.58 -13.45 -45.93
N VAL J 54 -13.69 -13.59 -46.64
CA VAL J 54 -13.71 -13.05 -48.00
C VAL J 54 -14.86 -12.10 -48.34
N GLY J 55 -14.53 -11.03 -49.06
CA GLY J 55 -15.55 -10.09 -49.51
C GLY J 55 -16.17 -9.34 -48.35
N ASP J 56 -17.47 -9.51 -48.17
CA ASP J 56 -18.18 -8.85 -47.11
C ASP J 56 -17.79 -9.42 -45.76
N GLU J 57 -17.30 -10.66 -45.72
CA GLU J 57 -16.89 -11.24 -44.46
C GLU J 57 -15.65 -10.51 -43.99
N ALA J 58 -14.79 -10.19 -44.95
CA ALA J 58 -13.53 -9.55 -44.67
C ALA J 58 -13.76 -8.16 -44.12
N GLN J 59 -14.75 -7.46 -44.66
CA GLN J 59 -15.03 -6.15 -44.11
C GLN J 59 -15.81 -6.21 -42.79
N SER J 60 -16.77 -7.14 -42.65
CA SER J 60 -17.59 -7.20 -41.45
C SER J 60 -16.81 -7.51 -40.19
N LYS J 61 -15.76 -8.33 -40.28
CA LYS J 61 -14.97 -8.69 -39.12
C LYS J 61 -13.59 -7.99 -39.09
N ARG J 62 -13.43 -6.95 -39.92
CA ARG J 62 -12.18 -6.25 -40.15
C ARG J 62 -11.53 -5.63 -38.94
N GLY J 63 -12.25 -5.46 -37.84
CA GLY J 63 -11.66 -4.83 -36.67
C GLY J 63 -10.34 -5.50 -36.25
N ILE J 64 -10.19 -6.81 -36.44
CA ILE J 64 -8.95 -7.49 -36.08
C ILE J 64 -8.26 -8.18 -37.25
N LEU J 65 -8.64 -7.80 -38.48
CA LEU J 65 -8.07 -8.44 -39.66
C LEU J 65 -7.17 -7.49 -40.42
N THR J 66 -6.20 -8.03 -41.11
CA THR J 66 -5.43 -7.23 -42.05
C THR J 66 -6.14 -7.51 -43.36
N LEU J 67 -6.39 -6.48 -44.16
CA LEU J 67 -7.10 -6.71 -45.41
C LEU J 67 -6.23 -6.50 -46.64
N LYS J 68 -6.18 -7.53 -47.50
CA LYS J 68 -5.38 -7.49 -48.71
C LYS J 68 -6.22 -7.75 -49.95
N TYR J 69 -5.83 -7.16 -51.08
CA TYR J 69 -6.51 -7.42 -52.33
C TYR J 69 -5.56 -8.14 -53.31
N PRO J 70 -6.06 -9.07 -54.15
CA PRO J 70 -5.34 -9.84 -55.17
C PRO J 70 -4.96 -9.19 -56.50
N ILE J 71 -5.51 -8.01 -56.81
CA ILE J 71 -5.27 -7.37 -58.11
C ILE J 71 -4.55 -6.03 -58.01
N GLU J 72 -3.44 -5.90 -58.72
CA GLU J 72 -2.64 -4.68 -58.67
C GLU J 72 -2.43 -4.01 -60.01
N HIS J 73 -2.94 -2.79 -60.13
CA HIS J 73 -2.81 -1.97 -61.33
C HIS J 73 -3.23 -2.71 -62.60
N GLY J 74 -4.32 -3.44 -62.46
CA GLY J 74 -4.90 -4.23 -63.53
C GLY J 74 -4.56 -5.75 -63.54
N ILE J 75 -3.60 -6.24 -62.75
CA ILE J 75 -3.35 -7.69 -62.88
C ILE J 75 -3.54 -8.52 -61.63
N ILE J 76 -3.85 -9.79 -61.83
CA ILE J 76 -3.92 -10.70 -60.69
C ILE J 76 -2.51 -11.09 -60.27
N THR J 77 -2.22 -10.89 -58.98
CA THR J 77 -0.95 -11.23 -58.37
C THR J 77 -1.18 -12.39 -57.42
N ASN J 78 -2.43 -12.55 -56.96
CA ASN J 78 -2.75 -13.62 -56.03
C ASN J 78 -3.97 -14.41 -56.51
N TRP J 79 -3.69 -15.48 -57.27
CA TRP J 79 -4.74 -16.28 -57.88
C TRP J 79 -5.57 -17.01 -56.83
N ASP J 80 -4.95 -17.32 -55.68
CA ASP J 80 -5.63 -18.08 -54.64
C ASP J 80 -6.72 -17.22 -54.03
N ASP J 81 -6.42 -15.94 -53.85
CA ASP J 81 -7.43 -15.08 -53.30
C ASP J 81 -8.54 -14.84 -54.34
N MET J 82 -8.20 -14.81 -55.64
CA MET J 82 -9.28 -14.65 -56.62
C MET J 82 -10.18 -15.88 -56.63
N GLU J 83 -9.62 -17.06 -56.42
CA GLU J 83 -10.42 -18.26 -56.38
C GLU J 83 -11.40 -18.17 -55.20
N LYS J 84 -10.95 -17.67 -54.03
CA LYS J 84 -11.82 -17.55 -52.86
C LYS J 84 -12.96 -16.56 -53.11
N ILE J 85 -12.64 -15.46 -53.77
CA ILE J 85 -13.62 -14.43 -54.07
C ILE J 85 -14.66 -14.96 -55.01
N TRP J 86 -14.24 -15.65 -56.07
CA TRP J 86 -15.16 -16.23 -57.02
C TRP J 86 -15.91 -17.40 -56.42
N HIS J 87 -15.28 -18.16 -55.54
CA HIS J 87 -15.98 -19.28 -54.96
C HIS J 87 -17.13 -18.76 -54.13
N HIS J 88 -16.85 -17.77 -53.30
CA HIS J 88 -17.88 -17.17 -52.48
C HIS J 88 -18.94 -16.49 -53.34
N THR J 89 -18.50 -15.66 -54.28
CA THR J 89 -19.45 -14.93 -55.10
C THR J 89 -20.36 -15.89 -55.88
N PHE J 90 -19.79 -16.90 -56.52
CA PHE J 90 -20.62 -17.77 -57.32
C PHE J 90 -21.42 -18.75 -56.49
N TYR J 91 -20.80 -19.48 -55.55
CA TYR J 91 -21.53 -20.50 -54.83
C TYR J 91 -22.36 -20.02 -53.64
N ASN J 92 -21.92 -19.00 -52.91
CA ASN J 92 -22.67 -18.60 -51.73
C ASN J 92 -23.66 -17.49 -52.00
N GLU J 93 -23.29 -16.54 -52.86
CA GLU J 93 -24.21 -15.41 -53.08
C GLU J 93 -25.10 -15.60 -54.32
N LEU J 94 -24.51 -15.98 -55.44
CA LEU J 94 -25.29 -16.16 -56.67
C LEU J 94 -25.91 -17.55 -56.73
N ARG J 95 -25.44 -18.42 -55.85
CA ARG J 95 -25.87 -19.82 -55.71
C ARG J 95 -25.78 -20.58 -57.02
N VAL J 96 -24.67 -20.40 -57.71
CA VAL J 96 -24.41 -21.06 -58.97
C VAL J 96 -23.07 -21.76 -59.03
N ALA J 97 -23.09 -22.96 -59.59
CA ALA J 97 -21.88 -23.71 -59.82
C ALA J 97 -21.46 -23.52 -61.29
N PRO J 98 -20.32 -22.83 -61.60
CA PRO J 98 -19.82 -22.53 -62.93
C PRO J 98 -19.62 -23.78 -63.79
N GLU J 99 -19.57 -24.94 -63.16
CA GLU J 99 -19.42 -26.19 -63.90
C GLU J 99 -20.51 -26.31 -64.96
N GLU J 100 -21.71 -25.77 -64.69
CA GLU J 100 -22.83 -25.85 -65.63
C GLU J 100 -23.02 -24.58 -66.48
N HIS J 101 -22.12 -23.59 -66.37
CA HIS J 101 -22.27 -22.30 -67.07
C HIS J 101 -20.95 -21.77 -67.68
N PRO J 102 -20.91 -21.28 -68.94
CA PRO J 102 -19.76 -20.59 -69.53
C PRO J 102 -19.47 -19.34 -68.72
N THR J 103 -18.20 -18.92 -68.58
CA THR J 103 -17.93 -17.67 -67.81
C THR J 103 -17.09 -16.63 -68.55
N LEU J 104 -17.58 -15.39 -68.50
CA LEU J 104 -16.95 -14.23 -69.09
C LEU J 104 -16.21 -13.32 -68.09
N LEU J 105 -14.90 -13.22 -68.27
CA LEU J 105 -14.03 -12.38 -67.43
C LEU J 105 -13.48 -11.25 -68.27
N THR J 106 -13.03 -10.15 -67.65
CA THR J 106 -12.63 -8.98 -68.41
C THR J 106 -11.25 -8.37 -68.09
N GLU J 107 -10.66 -7.68 -69.10
CA GLU J 107 -9.45 -6.84 -68.95
C GLU J 107 -9.31 -5.80 -70.10
N ALA J 108 -8.64 -4.68 -69.91
CA ALA J 108 -8.31 -3.80 -71.05
C ALA J 108 -7.23 -4.47 -71.96
N PRO J 109 -7.08 -4.12 -73.26
CA PRO J 109 -6.16 -4.76 -74.22
C PRO J 109 -4.65 -4.73 -73.88
N LEU J 110 -4.18 -3.79 -73.07
CA LEU J 110 -2.75 -3.74 -72.74
C LEU J 110 -2.44 -4.41 -71.43
N ASN J 111 -3.43 -5.01 -70.82
CA ASN J 111 -3.26 -5.67 -69.56
C ASN J 111 -2.23 -6.79 -69.80
N PRO J 112 -1.18 -6.95 -68.98
CA PRO J 112 -0.17 -7.99 -69.13
C PRO J 112 -0.85 -9.33 -69.30
N LYS J 113 -0.33 -10.14 -70.22
CA LYS J 113 -0.95 -11.41 -70.61
C LYS J 113 -1.14 -12.41 -69.48
N ALA J 114 -0.31 -12.35 -68.46
CA ALA J 114 -0.44 -13.28 -67.36
C ALA J 114 -1.83 -13.20 -66.74
N ASN J 115 -2.47 -12.03 -66.79
CA ASN J 115 -3.76 -11.84 -66.19
C ASN J 115 -4.84 -12.65 -66.90
N ARG J 116 -4.77 -12.69 -68.23
CA ARG J 116 -5.75 -13.41 -69.02
C ARG J 116 -5.56 -14.92 -68.88
N GLU J 117 -4.30 -15.32 -68.70
CA GLU J 117 -3.98 -16.73 -68.55
C GLU J 117 -4.47 -17.21 -67.19
N LYS J 118 -4.31 -16.39 -66.13
CA LYS J 118 -4.76 -16.78 -64.80
C LYS J 118 -6.28 -16.80 -64.73
N MET J 119 -6.95 -15.83 -65.35
CA MET J 119 -8.40 -15.85 -65.31
C MET J 119 -8.94 -17.13 -65.95
N THR J 120 -8.33 -17.52 -67.08
CA THR J 120 -8.70 -18.71 -67.82
C THR J 120 -8.41 -19.97 -67.02
N GLN J 121 -7.22 -20.06 -66.42
CA GLN J 121 -6.83 -21.23 -65.66
C GLN J 121 -7.66 -21.45 -64.41
N ILE J 122 -7.97 -20.39 -63.67
CA ILE J 122 -8.70 -20.62 -62.43
C ILE J 122 -10.09 -21.16 -62.78
N MET J 123 -10.77 -20.50 -63.72
CA MET J 123 -12.11 -20.98 -63.99
C MET J 123 -12.14 -22.39 -64.59
N PHE J 124 -11.14 -22.77 -65.41
CA PHE J 124 -11.15 -24.12 -65.96
C PHE J 124 -10.66 -25.19 -64.99
N GLU J 125 -9.69 -24.89 -64.11
CA GLU J 125 -9.17 -25.93 -63.24
C GLU J 125 -9.76 -25.98 -61.82
N THR J 126 -10.23 -24.86 -61.24
CA THR J 126 -10.74 -24.99 -59.88
C THR J 126 -12.27 -24.96 -59.90
N PHE J 127 -12.85 -24.36 -60.94
CA PHE J 127 -14.32 -24.29 -61.05
C PHE J 127 -14.90 -25.24 -62.10
N ASN J 128 -14.05 -25.81 -62.94
CA ASN J 128 -14.43 -26.71 -64.03
C ASN J 128 -15.46 -26.11 -64.97
N VAL J 129 -15.29 -24.84 -65.30
CA VAL J 129 -16.23 -24.13 -66.16
C VAL J 129 -16.16 -24.80 -67.54
N PRO J 130 -17.27 -25.09 -68.23
CA PRO J 130 -17.29 -25.72 -69.53
C PRO J 130 -16.72 -24.84 -70.63
N ALA J 131 -16.68 -23.53 -70.40
CA ALA J 131 -16.15 -22.61 -71.37
C ALA J 131 -15.69 -21.27 -70.79
N MET J 132 -14.76 -20.63 -71.49
CA MET J 132 -14.26 -19.30 -71.10
C MET J 132 -14.04 -18.30 -72.19
N TYR J 133 -14.20 -17.05 -71.82
CA TYR J 133 -13.81 -15.98 -72.70
C TYR J 133 -13.33 -14.80 -71.89
N VAL J 134 -12.28 -14.15 -72.36
CA VAL J 134 -11.80 -12.93 -71.77
C VAL J 134 -12.09 -11.80 -72.74
N ALA J 135 -12.86 -10.83 -72.28
CA ALA J 135 -13.26 -9.71 -73.11
C ALA J 135 -12.55 -8.46 -72.73
N ILE J 136 -12.48 -7.58 -73.70
CA ILE J 136 -11.91 -6.28 -73.51
C ILE J 136 -12.83 -5.35 -72.72
N GLN J 137 -12.30 -4.71 -71.68
CA GLN J 137 -13.11 -3.79 -70.86
C GLN J 137 -13.68 -2.61 -71.65
N ALA J 138 -12.94 -2.13 -72.64
CA ALA J 138 -13.41 -1.04 -73.50
C ALA J 138 -14.59 -1.50 -74.37
N VAL J 139 -14.57 -2.76 -74.79
CA VAL J 139 -15.63 -3.36 -75.58
C VAL J 139 -16.89 -3.44 -74.77
N LEU J 140 -16.73 -3.83 -73.53
CA LEU J 140 -17.88 -3.97 -72.71
C LEU J 140 -18.41 -2.59 -72.29
N SER J 141 -17.51 -1.64 -72.07
CA SER J 141 -17.99 -0.31 -71.70
C SER J 141 -18.80 0.30 -72.85
N LEU J 142 -18.35 0.11 -74.09
CA LEU J 142 -19.12 0.66 -75.20
C LEU J 142 -20.45 -0.08 -75.35
N TYR J 143 -20.51 -1.40 -75.12
CA TYR J 143 -21.83 -2.02 -75.23
C TYR J 143 -22.79 -1.43 -74.21
N ALA J 144 -22.32 -1.26 -72.97
CA ALA J 144 -23.16 -0.76 -71.87
C ALA J 144 -23.66 0.64 -72.14
N SER J 145 -22.83 1.45 -72.79
CA SER J 145 -23.12 2.83 -73.12
C SER J 145 -23.94 3.01 -74.39
N GLY J 146 -24.21 1.94 -75.14
CA GLY J 146 -24.92 2.11 -76.40
C GLY J 146 -24.05 2.67 -77.52
N ARG J 147 -22.77 2.31 -77.53
CA ARG J 147 -21.83 2.81 -78.53
C ARG J 147 -21.02 1.68 -79.20
N THR J 148 -20.52 1.96 -80.41
CA THR J 148 -19.65 1.04 -81.14
C THR J 148 -18.37 1.80 -81.37
N THR J 149 -18.54 3.09 -81.20
CA THR J 149 -17.48 4.05 -81.41
C THR J 149 -17.39 4.96 -80.20
N GLY J 150 -16.19 5.11 -79.69
CA GLY J 150 -15.93 6.01 -78.58
C GLY J 150 -14.64 5.66 -77.87
N ILE J 151 -14.25 6.50 -76.93
CA ILE J 151 -13.00 6.23 -76.20
C ILE J 151 -13.30 5.89 -74.78
N VAL J 152 -12.86 4.73 -74.34
CA VAL J 152 -13.21 4.38 -72.98
C VAL J 152 -12.14 4.72 -71.97
N LEU J 153 -12.48 5.69 -71.11
CA LEU J 153 -11.62 6.19 -70.06
C LEU J 153 -12.01 5.45 -68.78
N ASP J 154 -11.37 4.31 -68.55
CA ASP J 154 -11.69 3.41 -67.46
C ASP J 154 -10.96 3.79 -66.18
N SER J 155 -11.36 4.90 -65.59
CA SER J 155 -10.70 5.43 -64.41
C SER J 155 -11.08 4.68 -63.14
N GLY J 156 -10.64 3.43 -63.08
CA GLY J 156 -10.98 2.55 -61.97
C GLY J 156 -10.01 2.69 -60.81
N ASP J 157 -9.94 1.65 -59.97
CA ASP J 157 -9.13 1.62 -58.74
C ASP J 157 -7.63 1.39 -58.99
N GLY J 158 -7.33 0.53 -59.96
CA GLY J 158 -5.97 0.07 -60.28
C GLY J 158 -5.21 0.93 -61.29
N VAL J 159 -5.63 0.84 -62.53
CA VAL J 159 -5.03 1.51 -63.69
C VAL J 159 -6.07 2.13 -64.61
N THR J 160 -5.71 3.21 -65.32
CA THR J 160 -6.58 3.80 -66.34
C THR J 160 -5.92 3.46 -67.71
N HIS J 161 -6.65 2.91 -68.69
CA HIS J 161 -6.03 2.58 -69.97
C HIS J 161 -6.41 3.52 -71.10
N ASN J 162 -7.62 4.11 -71.02
CA ASN J 162 -8.12 5.04 -72.06
C ASN J 162 -8.00 4.46 -73.47
N VAL J 163 -8.82 3.45 -73.74
CA VAL J 163 -8.78 2.73 -75.01
C VAL J 163 -9.79 3.17 -76.09
N PRO J 164 -9.35 3.72 -77.25
CA PRO J 164 -10.17 4.15 -78.36
C PRO J 164 -10.61 2.96 -79.24
N ILE J 165 -11.90 2.92 -79.58
CA ILE J 165 -12.50 1.94 -80.51
C ILE J 165 -13.36 2.63 -81.59
N TYR J 166 -13.18 2.27 -82.87
CA TYR J 166 -14.00 2.86 -83.95
C TYR J 166 -14.70 1.79 -84.75
N GLU J 167 -16.04 1.87 -84.89
CA GLU J 167 -16.83 0.84 -85.60
C GLU J 167 -16.56 -0.55 -85.05
N GLY J 168 -16.35 -0.66 -83.75
CA GLY J 168 -16.06 -1.94 -83.16
C GLY J 168 -14.63 -2.44 -83.36
N TYR J 169 -13.72 -1.61 -83.86
CA TYR J 169 -12.35 -2.05 -84.08
C TYR J 169 -11.34 -1.37 -83.16
N ALA J 170 -10.31 -2.13 -82.76
CA ALA J 170 -9.29 -1.58 -81.89
C ALA J 170 -8.40 -0.64 -82.65
N LEU J 171 -7.93 0.37 -81.94
CA LEU J 171 -6.97 1.31 -82.46
C LEU J 171 -5.82 1.27 -81.45
N PRO J 172 -5.12 0.11 -81.30
CA PRO J 172 -4.21 -0.22 -80.22
C PRO J 172 -2.98 0.65 -80.12
N HIS J 173 -2.61 1.29 -81.21
CA HIS J 173 -1.43 2.11 -81.24
C HIS J 173 -1.67 3.40 -80.48
N ALA J 174 -2.94 3.69 -80.23
CA ALA J 174 -3.35 4.89 -79.55
C ALA J 174 -3.75 4.62 -78.10
N ILE J 175 -3.46 3.45 -77.52
CA ILE J 175 -3.86 3.30 -76.13
C ILE J 175 -2.80 3.90 -75.22
N MET J 176 -3.18 4.94 -74.51
CA MET J 176 -2.31 5.70 -73.64
C MET J 176 -2.45 5.31 -72.17
N ARG J 177 -1.85 4.18 -71.79
CA ARG J 177 -1.93 3.69 -70.42
C ARG J 177 -1.42 4.69 -69.39
N LEU J 178 -2.21 4.89 -68.33
CA LEU J 178 -1.84 5.81 -67.28
C LEU J 178 -1.75 5.20 -65.87
N ASP J 179 -0.62 5.48 -65.21
CA ASP J 179 -0.39 5.02 -63.84
C ASP J 179 -0.98 5.97 -62.81
N LEU J 180 -2.30 6.06 -62.86
CA LEU J 180 -3.14 6.82 -61.96
C LEU J 180 -4.53 6.24 -61.90
N ALA J 181 -4.93 5.92 -60.68
CA ALA J 181 -6.22 5.33 -60.41
C ALA J 181 -6.72 5.62 -58.99
N GLY J 182 -7.95 5.20 -58.70
CA GLY J 182 -8.61 5.44 -57.43
C GLY J 182 -7.82 5.05 -56.19
N ARG J 183 -7.01 4.00 -56.26
CA ARG J 183 -6.19 3.55 -55.14
C ARG J 183 -5.12 4.62 -54.79
N ASP J 184 -4.66 5.39 -55.79
CA ASP J 184 -3.61 6.37 -55.59
C ASP J 184 -4.25 7.62 -55.06
N LEU J 185 -5.50 7.84 -55.47
CA LEU J 185 -6.23 9.02 -55.02
C LEU J 185 -6.46 8.87 -53.51
N THR J 186 -6.72 7.61 -53.05
CA THR J 186 -6.91 7.32 -51.62
C THR J 186 -5.62 7.65 -50.88
N ASP J 187 -4.47 7.25 -51.44
CA ASP J 187 -3.19 7.51 -50.78
C ASP J 187 -2.92 9.01 -50.64
N TYR J 188 -3.26 9.79 -51.68
CA TYR J 188 -3.08 11.23 -51.61
C TYR J 188 -3.87 11.77 -50.44
N LEU J 189 -5.13 11.35 -50.35
CA LEU J 189 -6.01 11.82 -49.32
C LEU J 189 -5.47 11.42 -47.94
N MET J 190 -4.94 10.20 -47.79
CA MET J 190 -4.40 9.84 -46.47
C MET J 190 -3.28 10.80 -46.05
N LYS J 191 -2.42 11.20 -47.00
CA LYS J 191 -1.33 12.11 -46.65
C LYS J 191 -1.83 13.52 -46.31
N ILE J 192 -2.82 14.03 -47.05
CA ILE J 192 -3.30 15.38 -46.80
C ILE J 192 -4.14 15.41 -45.51
N LEU J 193 -4.82 14.30 -45.19
CA LEU J 193 -5.58 14.26 -43.95
C LEU J 193 -4.63 14.18 -42.75
N THR J 194 -3.42 13.62 -42.97
CA THR J 194 -2.39 13.58 -41.94
C THR J 194 -1.98 15.03 -41.64
N GLU J 195 -1.86 15.86 -42.69
CA GLU J 195 -1.50 17.27 -42.52
C GLU J 195 -2.55 18.00 -41.65
N ARG J 196 -3.82 17.57 -41.75
CA ARG J 196 -4.94 18.14 -40.96
C ARG J 196 -4.99 17.59 -39.52
N GLY J 197 -4.10 16.64 -39.17
CA GLY J 197 -4.08 16.05 -37.83
C GLY J 197 -4.72 14.68 -37.68
N TYR J 198 -5.10 14.02 -38.77
CA TYR J 198 -5.70 12.70 -38.67
C TYR J 198 -4.89 11.66 -39.41
N SER J 199 -4.09 10.87 -38.69
CA SER J 199 -3.26 9.87 -39.34
C SER J 199 -4.08 8.63 -39.64
N PHE J 200 -4.00 8.14 -40.87
CA PHE J 200 -4.71 6.93 -41.28
C PHE J 200 -3.76 5.94 -41.94
N VAL J 201 -3.21 4.98 -41.19
CA VAL J 201 -2.22 4.08 -41.79
C VAL J 201 -2.53 2.57 -41.74
N THR J 202 -3.34 2.12 -40.75
CA THR J 202 -3.64 0.70 -40.55
C THR J 202 -4.82 0.28 -41.41
N THR J 203 -5.13 -1.02 -41.48
CA THR J 203 -6.24 -1.42 -42.34
C THR J 203 -7.56 -0.74 -42.07
N ALA J 204 -7.98 -0.63 -40.80
CA ALA J 204 -9.27 0.00 -40.54
C ALA J 204 -9.24 1.44 -41.02
N GLU J 205 -8.12 2.10 -40.79
CA GLU J 205 -7.92 3.48 -41.13
C GLU J 205 -7.87 3.71 -42.65
N ARG J 206 -7.24 2.78 -43.37
CA ARG J 206 -7.14 2.88 -44.82
C ARG J 206 -8.53 2.74 -45.44
N GLU J 207 -9.36 1.83 -44.88
CA GLU J 207 -10.75 1.63 -45.33
C GLU J 207 -11.57 2.88 -45.07
N ILE J 208 -11.33 3.57 -43.94
CA ILE J 208 -12.06 4.78 -43.66
C ILE J 208 -11.75 5.83 -44.70
N VAL J 209 -10.48 6.03 -45.03
CA VAL J 209 -10.17 7.07 -45.99
C VAL J 209 -10.76 6.74 -47.34
N ARG J 210 -10.70 5.48 -47.75
CA ARG J 210 -11.31 5.10 -49.02
C ARG J 210 -12.81 5.47 -48.99
N ASP J 211 -13.50 5.17 -47.87
CA ASP J 211 -14.92 5.48 -47.75
C ASP J 211 -15.16 7.00 -47.77
N ILE J 212 -14.26 7.77 -47.14
CA ILE J 212 -14.38 9.23 -47.14
C ILE J 212 -14.29 9.72 -48.56
N LYS J 213 -13.30 9.24 -49.29
CA LYS J 213 -13.10 9.68 -50.65
C LYS J 213 -14.34 9.48 -51.50
N GLU J 214 -14.91 8.28 -51.42
CA GLU J 214 -16.05 7.91 -52.24
C GLU J 214 -17.31 8.71 -51.93
N LYS J 215 -17.49 9.11 -50.67
CA LYS J 215 -18.66 9.87 -50.26
C LYS J 215 -18.51 11.39 -50.20
N LEU J 216 -17.31 11.91 -49.91
CA LEU J 216 -17.12 13.35 -49.76
C LEU J 216 -16.47 14.09 -50.91
N CYS J 217 -15.68 13.43 -51.73
CA CYS J 217 -14.92 14.15 -52.73
C CYS J 217 -15.63 14.42 -54.04
N TYR J 218 -15.19 15.47 -54.70
CA TYR J 218 -15.66 15.88 -56.03
C TYR J 218 -14.50 16.50 -56.78
N VAL J 219 -14.55 16.52 -58.10
CA VAL J 219 -13.40 17.09 -58.81
C VAL J 219 -13.14 18.59 -58.72
N ALA J 220 -14.19 19.40 -58.85
CA ALA J 220 -14.16 20.89 -58.88
C ALA J 220 -14.04 21.35 -60.33
N LEU J 221 -15.09 22.02 -60.83
CA LEU J 221 -15.07 22.48 -62.23
C LEU J 221 -13.86 23.39 -62.44
N ASP J 222 -13.67 24.33 -61.51
CA ASP J 222 -12.51 25.22 -61.52
C ASP J 222 -11.66 24.96 -60.28
N PHE J 223 -10.52 24.33 -60.42
CA PHE J 223 -9.75 23.97 -59.22
C PHE J 223 -9.32 25.18 -58.41
N GLU J 224 -8.73 26.16 -59.07
CA GLU J 224 -8.18 27.31 -58.38
C GLU J 224 -9.24 28.15 -57.73
N ASN J 225 -10.39 28.30 -58.39
CA ASN J 225 -11.45 29.12 -57.83
C ASN J 225 -12.12 28.39 -56.67
N GLU J 226 -12.25 27.06 -56.80
CA GLU J 226 -12.90 26.28 -55.77
C GLU J 226 -12.01 26.32 -54.53
N MET J 227 -10.69 26.21 -54.74
CA MET J 227 -9.68 26.26 -53.68
C MET J 227 -9.60 27.64 -53.07
N ALA J 228 -9.70 28.71 -53.87
CA ALA J 228 -9.64 30.02 -53.27
C ALA J 228 -10.75 30.17 -52.23
N THR J 229 -11.93 29.61 -52.52
CA THR J 229 -13.00 29.67 -51.55
C THR J 229 -12.85 28.62 -50.45
N ALA J 230 -12.57 27.36 -50.82
CA ALA J 230 -12.49 26.25 -49.86
C ALA J 230 -11.39 26.46 -48.84
N ALA J 231 -10.30 27.12 -49.25
CA ALA J 231 -9.18 27.41 -48.40
C ALA J 231 -9.45 28.60 -47.48
N SER J 232 -10.50 29.38 -47.78
CA SER J 232 -10.82 30.59 -47.05
C SER J 232 -12.04 30.44 -46.15
N SER J 233 -12.92 29.49 -46.48
CA SER J 233 -14.18 29.37 -45.75
C SER J 233 -14.60 27.96 -45.36
N SER J 234 -14.90 27.85 -44.08
CA SER J 234 -15.33 26.62 -43.42
C SER J 234 -16.68 26.13 -43.92
N SER J 235 -17.41 27.00 -44.63
CA SER J 235 -18.71 26.66 -45.16
C SER J 235 -18.62 25.60 -46.25
N LEU J 236 -17.41 25.37 -46.77
CA LEU J 236 -17.22 24.36 -47.79
C LEU J 236 -16.70 23.03 -47.23
N GLU J 237 -16.55 22.95 -45.89
CA GLU J 237 -16.09 21.70 -45.30
C GLU J 237 -17.23 20.73 -45.12
N LYS J 238 -16.96 19.48 -45.41
CA LYS J 238 -17.95 18.44 -45.20
C LYS J 238 -17.51 17.55 -44.06
N SER J 239 -18.43 17.30 -43.14
CA SER J 239 -18.15 16.46 -41.98
C SER J 239 -18.46 15.00 -42.22
N TYR J 240 -17.45 14.17 -41.99
CA TYR J 240 -17.54 12.73 -42.11
C TYR J 240 -17.48 12.12 -40.73
N GLU J 241 -18.38 11.20 -40.44
CA GLU J 241 -18.38 10.57 -39.14
C GLU J 241 -17.59 9.28 -39.19
N LEU J 242 -16.59 9.20 -38.33
CA LEU J 242 -15.67 8.09 -38.25
C LEU J 242 -16.40 6.97 -37.50
N PRO J 243 -16.05 5.69 -37.69
CA PRO J 243 -16.67 4.53 -37.06
C PRO J 243 -16.76 4.55 -35.53
N ASP J 244 -15.90 5.29 -34.85
CA ASP J 244 -15.94 5.32 -33.41
C ASP J 244 -16.72 6.50 -32.85
N GLY J 245 -17.43 7.26 -33.68
CA GLY J 245 -18.21 8.40 -33.21
C GLY J 245 -17.47 9.74 -33.32
N GLN J 246 -16.18 9.70 -33.64
CA GLN J 246 -15.43 10.93 -33.78
C GLN J 246 -15.68 11.45 -35.18
N VAL J 247 -15.37 12.72 -35.43
CA VAL J 247 -15.57 13.22 -36.77
C VAL J 247 -14.30 13.87 -37.31
N ILE J 248 -14.26 13.94 -38.63
CA ILE J 248 -13.22 14.62 -39.38
C ILE J 248 -13.88 15.59 -40.35
N THR J 249 -13.35 16.80 -40.47
CA THR J 249 -13.94 17.68 -41.45
C THR J 249 -12.88 17.84 -42.52
N ILE J 250 -13.33 17.89 -43.76
CA ILE J 250 -12.47 18.00 -44.92
C ILE J 250 -12.86 19.21 -45.78
N GLY J 251 -11.89 20.11 -46.07
CA GLY J 251 -12.13 21.36 -46.79
C GLY J 251 -11.69 21.31 -48.24
N ASN J 252 -10.57 21.95 -48.57
CA ASN J 252 -10.17 21.93 -49.98
C ASN J 252 -9.56 20.58 -50.35
N GLU J 253 -9.31 19.77 -49.33
CA GLU J 253 -8.74 18.45 -49.46
C GLU J 253 -9.77 17.53 -50.11
N ARG J 254 -11.04 17.98 -50.02
CA ARG J 254 -12.22 17.34 -50.53
C ARG J 254 -12.15 17.23 -52.04
N PHE J 255 -11.46 18.18 -52.66
CA PHE J 255 -11.33 18.20 -54.12
C PHE J 255 -9.88 18.00 -54.56
N ARG J 256 -8.93 18.23 -53.66
CA ARG J 256 -7.52 18.06 -54.01
C ARG J 256 -7.20 16.58 -54.21
N CYS J 257 -7.96 15.68 -53.56
CA CYS J 257 -7.77 14.26 -53.82
C CYS J 257 -8.05 13.91 -55.30
N PRO J 258 -9.28 14.08 -55.86
CA PRO J 258 -9.61 13.84 -57.26
C PRO J 258 -8.88 14.76 -58.22
N GLU J 259 -8.39 15.92 -57.75
CA GLU J 259 -7.62 16.83 -58.59
C GLU J 259 -6.39 16.13 -59.15
N THR J 260 -5.92 15.06 -58.49
CA THR J 260 -4.75 14.33 -58.92
C THR J 260 -5.00 13.77 -60.34
N LEU J 261 -6.29 13.60 -60.71
CA LEU J 261 -6.71 13.13 -62.02
C LEU J 261 -6.36 14.16 -63.08
N PHE J 262 -6.22 15.42 -62.67
CA PHE J 262 -5.89 16.55 -63.52
C PHE J 262 -4.50 17.07 -63.18
N GLN J 263 -3.97 16.58 -62.05
CA GLN J 263 -2.65 16.87 -61.52
C GLN J 263 -1.93 15.65 -60.91
N PRO J 264 -1.51 14.63 -61.68
CA PRO J 264 -0.84 13.39 -61.25
C PRO J 264 0.46 13.66 -60.51
N SER J 265 1.00 14.88 -60.65
CA SER J 265 2.21 15.30 -59.98
C SER J 265 1.99 15.30 -58.48
N PHE J 266 0.71 15.31 -58.05
CA PHE J 266 0.30 15.27 -56.66
C PHE J 266 0.73 13.97 -55.98
N ILE J 267 0.91 12.92 -56.76
CA ILE J 267 1.33 11.62 -56.24
C ILE J 267 2.69 11.24 -56.84
N GLY J 268 3.41 12.22 -57.40
CA GLY J 268 4.72 11.98 -58.00
C GLY J 268 4.71 11.42 -59.42
N MET J 269 3.58 11.42 -60.12
CA MET J 269 3.54 10.86 -61.45
C MET J 269 3.88 11.87 -62.54
N GLU J 270 4.65 11.40 -63.53
CA GLU J 270 5.01 12.25 -64.66
C GLU J 270 3.92 12.23 -65.71
N SER J 271 2.83 12.91 -65.40
CA SER J 271 1.67 12.99 -66.26
C SER J 271 0.82 14.20 -65.95
N ALA J 272 0.11 14.68 -66.97
CA ALA J 272 -0.85 15.76 -66.78
C ALA J 272 -2.21 15.23 -66.31
N GLY J 273 -2.53 13.95 -66.55
CA GLY J 273 -3.85 13.50 -66.09
C GLY J 273 -4.68 12.71 -67.06
N ILE J 274 -5.91 12.39 -66.61
CA ILE J 274 -6.87 11.62 -67.36
C ILE J 274 -7.37 12.38 -68.58
N HIS J 275 -7.41 13.72 -68.52
CA HIS J 275 -7.85 14.46 -69.67
C HIS J 275 -6.75 14.54 -70.71
N GLU J 276 -5.49 14.35 -70.27
CA GLU J 276 -4.38 14.42 -71.19
C GLU J 276 -4.33 13.13 -71.96
N THR J 277 -4.56 12.00 -71.26
CA THR J 277 -4.57 10.74 -71.96
C THR J 277 -5.81 10.68 -72.84
N THR J 278 -6.95 11.26 -72.39
CA THR J 278 -8.15 11.22 -73.24
C THR J 278 -7.79 11.88 -74.57
N TYR J 279 -7.10 13.01 -74.46
CA TYR J 279 -6.67 13.78 -75.62
C TYR J 279 -5.61 13.08 -76.46
N ASN J 280 -4.63 12.43 -75.82
CA ASN J 280 -3.61 11.78 -76.61
C ASN J 280 -4.11 10.52 -77.34
N SER J 281 -5.04 9.77 -76.73
CA SER J 281 -5.54 8.57 -77.41
C SER J 281 -6.29 8.99 -78.66
N ILE J 282 -7.06 10.07 -78.57
CA ILE J 282 -7.77 10.50 -79.76
C ILE J 282 -6.83 11.16 -80.78
N MET J 283 -5.83 11.89 -80.30
CA MET J 283 -4.86 12.59 -81.13
C MET J 283 -4.12 11.64 -82.06
N LYS J 284 -3.84 10.42 -81.59
CA LYS J 284 -3.14 9.43 -82.40
C LYS J 284 -4.05 8.56 -83.27
N CYS J 285 -5.36 8.79 -83.24
CA CYS J 285 -6.28 8.03 -84.05
C CYS J 285 -6.31 8.66 -85.44
N ASP J 286 -6.75 7.91 -86.44
CA ASP J 286 -6.80 8.42 -87.81
C ASP J 286 -7.61 9.71 -87.90
N ILE J 287 -7.17 10.60 -88.77
CA ILE J 287 -7.80 11.89 -88.94
C ILE J 287 -9.30 11.78 -89.26
N ASP J 288 -9.72 10.69 -89.92
CA ASP J 288 -11.13 10.48 -90.24
C ASP J 288 -11.90 9.64 -89.21
N ILE J 289 -11.26 9.37 -88.07
CA ILE J 289 -11.82 8.70 -86.90
C ILE J 289 -12.15 9.72 -85.82
N ARG J 290 -11.21 10.63 -85.63
CA ARG J 290 -11.26 11.68 -84.62
C ARG J 290 -12.61 12.36 -84.42
N LYS J 291 -13.29 12.71 -85.51
CA LYS J 291 -14.55 13.41 -85.32
C LYS J 291 -15.60 12.59 -84.58
N ASP J 292 -15.56 11.25 -84.72
CA ASP J 292 -16.57 10.44 -84.11
C ASP J 292 -16.17 10.12 -82.70
N LEU J 293 -14.87 10.03 -82.46
CA LEU J 293 -14.44 9.76 -81.11
C LEU J 293 -14.58 11.04 -80.26
N TYR J 294 -14.33 12.23 -80.82
CA TYR J 294 -14.42 13.48 -80.02
C TYR J 294 -15.83 13.77 -79.57
N ALA J 295 -16.80 13.39 -80.40
CA ALA J 295 -18.20 13.59 -80.08
C ALA J 295 -18.72 12.48 -79.14
N ASN J 296 -17.89 11.46 -78.89
CA ASN J 296 -18.25 10.32 -78.06
C ASN J 296 -17.10 9.85 -77.16
N ASN J 297 -16.59 10.73 -76.32
CA ASN J 297 -15.56 10.29 -75.37
C ASN J 297 -16.36 9.64 -74.25
N VAL J 298 -15.97 8.47 -73.78
CA VAL J 298 -16.81 7.75 -72.81
C VAL J 298 -16.22 7.50 -71.42
N MET J 299 -16.96 7.91 -70.39
CA MET J 299 -16.52 7.61 -69.05
C MET J 299 -16.89 6.17 -68.72
N SER J 300 -16.02 5.46 -68.04
CA SER J 300 -16.33 4.10 -67.64
C SER J 300 -15.62 3.76 -66.36
N GLY J 301 -16.14 2.81 -65.63
CA GLY J 301 -15.48 2.44 -64.39
C GLY J 301 -15.87 3.49 -63.37
N GLY J 302 -15.23 3.47 -62.21
CA GLY J 302 -15.50 4.38 -61.11
C GLY J 302 -14.68 5.66 -61.19
N THR J 303 -14.67 6.47 -60.10
CA THR J 303 -14.04 7.83 -60.04
C THR J 303 -14.80 8.87 -60.92
N THR J 304 -15.65 8.37 -61.80
CA THR J 304 -16.53 9.07 -62.71
C THR J 304 -17.75 9.53 -61.92
N MET J 305 -17.81 9.10 -60.67
CA MET J 305 -18.92 9.43 -59.79
C MET J 305 -18.86 10.88 -59.32
N TYR J 306 -17.69 11.49 -59.42
CA TYR J 306 -17.52 12.88 -58.99
C TYR J 306 -18.47 13.81 -59.72
N PRO J 307 -19.37 14.46 -58.97
CA PRO J 307 -20.34 15.40 -59.54
C PRO J 307 -19.65 16.66 -60.04
N GLY J 308 -18.32 16.61 -60.08
CA GLY J 308 -17.52 17.74 -60.54
C GLY J 308 -16.83 17.32 -61.83
N ILE J 309 -16.61 16.02 -61.93
CA ILE J 309 -15.96 15.36 -63.05
C ILE J 309 -16.71 15.51 -64.37
N ALA J 310 -18.06 15.54 -64.37
CA ALA J 310 -18.73 15.59 -65.67
C ALA J 310 -18.41 16.87 -66.44
N ASP J 311 -18.38 18.00 -65.74
CA ASP J 311 -18.12 19.26 -66.39
C ASP J 311 -16.63 19.51 -66.49
N ARG J 312 -15.89 19.03 -65.50
CA ARG J 312 -14.45 19.20 -65.47
C ARG J 312 -13.80 18.54 -66.68
N MET J 313 -14.22 17.32 -67.00
CA MET J 313 -13.65 16.63 -68.13
C MET J 313 -14.08 17.25 -69.45
N GLN J 314 -15.35 17.58 -69.63
CA GLN J 314 -15.66 18.11 -70.95
C GLN J 314 -14.94 19.43 -71.17
N LYS J 315 -14.80 20.26 -70.12
CA LYS J 315 -14.10 21.53 -70.25
C LYS J 315 -12.63 21.31 -70.65
N GLU J 316 -11.96 20.36 -69.97
CA GLU J 316 -10.55 20.06 -70.21
C GLU J 316 -10.28 19.47 -71.59
N ILE J 317 -11.20 18.66 -72.11
CA ILE J 317 -11.00 18.08 -73.43
C ILE J 317 -11.34 19.13 -74.48
N THR J 318 -12.45 19.85 -74.30
CA THR J 318 -12.89 20.87 -75.25
C THR J 318 -11.78 21.88 -75.48
N ALA J 319 -11.07 22.23 -74.41
CA ALA J 319 -9.95 23.18 -74.42
C ALA J 319 -8.77 22.73 -75.31
N LEU J 320 -8.60 21.42 -75.50
CA LEU J 320 -7.51 20.86 -76.29
C LEU J 320 -7.99 20.45 -77.69
N ALA J 321 -9.27 20.10 -77.77
CA ALA J 321 -9.96 19.60 -78.94
C ALA J 321 -10.09 20.64 -80.06
N PRO J 322 -10.20 20.22 -81.34
CA PRO J 322 -10.43 21.04 -82.52
C PRO J 322 -11.75 21.79 -82.53
N SER J 323 -11.74 22.94 -83.22
CA SER J 323 -12.91 23.79 -83.44
C SER J 323 -13.77 23.17 -84.53
N THR J 324 -14.99 23.72 -84.77
CA THR J 324 -15.96 23.25 -85.77
C THR J 324 -16.69 21.96 -85.36
N MET J 325 -15.91 20.99 -84.91
CA MET J 325 -16.31 19.69 -84.47
C MET J 325 -17.06 19.76 -83.15
N LYS J 326 -18.06 18.89 -82.97
CA LYS J 326 -18.74 18.83 -81.70
C LYS J 326 -17.93 17.98 -80.74
N ILE J 327 -17.63 18.54 -79.57
CA ILE J 327 -16.84 17.81 -78.61
C ILE J 327 -17.76 17.43 -77.47
N LYS J 328 -17.83 16.14 -77.12
CA LYS J 328 -18.75 15.70 -76.08
C LYS J 328 -18.30 14.50 -75.24
N ILE J 329 -18.60 14.55 -73.94
CA ILE J 329 -18.33 13.38 -73.10
C ILE J 329 -19.62 12.73 -72.63
N ILE J 330 -19.64 11.43 -72.81
CA ILE J 330 -20.74 10.58 -72.43
C ILE J 330 -20.44 10.13 -71.00
N ALA J 331 -21.36 10.39 -70.08
CA ALA J 331 -21.17 10.02 -68.68
C ALA J 331 -22.45 9.31 -68.25
N PRO J 332 -22.63 8.05 -68.68
CA PRO J 332 -23.84 7.27 -68.60
C PRO J 332 -24.09 6.82 -67.17
N PRO J 333 -25.33 6.47 -66.80
CA PRO J 333 -25.70 5.90 -65.51
C PRO J 333 -25.08 4.52 -65.30
N GLU J 334 -24.71 3.88 -66.41
CA GLU J 334 -24.10 2.56 -66.38
C GLU J 334 -22.64 2.69 -65.95
N ARG J 335 -22.36 3.75 -65.21
CA ARG J 335 -21.02 4.00 -64.70
C ARG J 335 -20.75 3.08 -63.51
N LYS J 336 -19.47 2.92 -63.20
CA LYS J 336 -19.03 2.07 -62.08
C LYS J 336 -19.55 0.63 -62.22
N TYR J 337 -20.46 0.42 -63.18
CA TYR J 337 -21.00 -0.90 -63.47
C TYR J 337 -21.03 -1.24 -64.97
N SER J 338 -20.45 -0.37 -65.80
CA SER J 338 -20.48 -0.51 -67.26
C SER J 338 -19.79 -1.72 -67.81
N VAL J 339 -18.73 -2.18 -67.16
CA VAL J 339 -18.07 -3.33 -67.70
C VAL J 339 -18.92 -4.56 -67.46
N TRP J 340 -19.50 -4.69 -66.26
CA TRP J 340 -20.33 -5.85 -65.99
C TRP J 340 -21.52 -5.86 -66.95
N ILE J 341 -22.14 -4.70 -67.14
CA ILE J 341 -23.32 -4.59 -67.99
C ILE J 341 -22.93 -4.93 -69.41
N GLY J 342 -21.82 -4.41 -69.89
CA GLY J 342 -21.37 -4.73 -71.21
C GLY J 342 -21.10 -6.22 -71.32
N GLY J 343 -20.59 -6.82 -70.24
CA GLY J 343 -20.30 -8.25 -70.18
C GLY J 343 -21.56 -9.05 -70.40
N SER J 344 -22.65 -8.64 -69.76
CA SER J 344 -23.94 -9.29 -69.93
C SER J 344 -24.41 -9.16 -71.37
N ILE J 345 -24.23 -7.97 -71.95
CA ILE J 345 -24.62 -7.73 -73.32
C ILE J 345 -23.83 -8.63 -74.26
N LEU J 346 -22.51 -8.71 -74.07
CA LEU J 346 -21.69 -9.55 -74.94
C LEU J 346 -21.97 -11.02 -74.75
N ALA J 347 -22.01 -11.46 -73.50
CA ALA J 347 -22.18 -12.85 -73.14
C ALA J 347 -23.47 -13.44 -73.66
N SER J 348 -24.52 -12.62 -73.71
CA SER J 348 -25.83 -13.03 -74.18
C SER J 348 -26.07 -12.88 -75.70
N LEU J 349 -25.08 -12.38 -76.48
CA LEU J 349 -25.31 -12.22 -77.92
C LEU J 349 -25.26 -13.58 -78.59
N SER J 350 -26.11 -13.79 -79.61
CA SER J 350 -26.05 -15.06 -80.35
C SER J 350 -24.76 -15.16 -81.16
N THR J 351 -24.23 -13.99 -81.52
CA THR J 351 -23.04 -13.83 -82.32
C THR J 351 -21.78 -14.07 -81.51
N PHE J 352 -21.94 -14.23 -80.20
CA PHE J 352 -20.84 -14.46 -79.30
C PHE J 352 -20.76 -15.92 -78.87
N GLN J 353 -21.66 -16.78 -79.36
CA GLN J 353 -21.60 -18.12 -78.79
C GLN J 353 -20.58 -19.00 -79.48
N GLN J 354 -19.95 -18.45 -80.50
CA GLN J 354 -18.91 -19.14 -81.23
C GLN J 354 -17.54 -18.64 -80.76
N MET J 355 -17.53 -17.70 -79.81
CA MET J 355 -16.30 -17.08 -79.33
C MET J 355 -15.69 -17.75 -78.11
N TRP J 356 -16.35 -18.78 -77.59
CA TRP J 356 -15.93 -19.44 -76.37
C TRP J 356 -14.79 -20.44 -76.51
N ILE J 357 -13.89 -20.46 -75.52
CA ILE J 357 -12.85 -21.47 -75.43
C ILE J 357 -13.55 -22.60 -74.72
N THR J 358 -13.54 -23.80 -75.27
CA THR J 358 -14.25 -24.87 -74.57
C THR J 358 -13.34 -25.59 -73.60
N LYS J 359 -13.92 -26.36 -72.65
CA LYS J 359 -13.06 -27.15 -71.76
C LYS J 359 -12.76 -28.48 -72.43
N GLN J 360 -12.04 -28.36 -73.52
CA GLN J 360 -11.50 -29.39 -74.37
C GLN J 360 -10.29 -28.74 -74.96
N GLU J 361 -10.53 -27.60 -75.63
CA GLU J 361 -9.46 -26.84 -76.23
C GLU J 361 -8.50 -26.39 -75.15
N TYR J 362 -9.08 -26.00 -74.00
CA TYR J 362 -8.31 -25.58 -72.86
C TYR J 362 -7.35 -26.63 -72.35
N ASP J 363 -7.80 -27.87 -72.21
CA ASP J 363 -6.90 -28.84 -71.61
C ASP J 363 -5.88 -29.31 -72.62
N GLU J 364 -6.25 -29.33 -73.90
CA GLU J 364 -5.29 -29.76 -74.90
C GLU J 364 -4.13 -28.75 -75.01
N ALA J 365 -4.44 -27.45 -74.93
CA ALA J 365 -3.45 -26.38 -75.07
C ALA J 365 -2.88 -25.79 -73.77
N GLY J 366 -3.67 -25.77 -72.70
CA GLY J 366 -3.30 -25.10 -71.46
C GLY J 366 -3.80 -23.64 -71.56
N PRO J 367 -3.68 -22.83 -70.48
CA PRO J 367 -4.20 -21.47 -70.33
C PRO J 367 -3.62 -20.43 -71.26
N SER J 368 -2.49 -20.74 -71.91
CA SER J 368 -1.88 -19.81 -72.85
C SER J 368 -2.78 -19.63 -74.07
N ILE J 369 -3.74 -20.56 -74.22
CA ILE J 369 -4.71 -20.60 -75.30
C ILE J 369 -5.55 -19.34 -75.39
N VAL J 370 -5.77 -18.68 -74.26
CA VAL J 370 -6.58 -17.49 -74.21
C VAL J 370 -5.99 -16.38 -75.07
N HIS J 371 -4.66 -16.41 -75.23
CA HIS J 371 -3.90 -15.45 -75.98
C HIS J 371 -4.17 -15.57 -77.48
N ARG J 372 -4.62 -16.75 -77.92
CA ARG J 372 -4.90 -16.96 -79.33
C ARG J 372 -6.40 -16.94 -79.62
N LYS J 373 -7.19 -17.37 -78.63
CA LYS J 373 -8.64 -17.46 -78.79
C LYS J 373 -9.48 -16.23 -78.49
N CYS J 374 -9.03 -15.31 -77.63
CA CYS J 374 -9.92 -14.20 -77.29
C CYS J 374 -9.75 -12.91 -78.09
N PHE J 375 -8.51 -12.46 -78.28
CA PHE J 375 -8.21 -11.20 -78.97
C PHE J 375 -6.71 -10.93 -79.02
N ASP K 1 39.28 26.14 -79.63
CA ASP K 1 40.46 25.31 -79.36
C ASP K 1 40.96 24.68 -80.65
N GLU K 2 40.28 24.98 -81.74
CA GLU K 2 40.65 24.47 -83.07
C GLU K 2 41.70 25.39 -83.70
N ASP K 3 42.53 24.83 -84.59
CA ASP K 3 43.60 25.58 -85.26
C ASP K 3 43.27 26.14 -86.64
N GLU K 4 42.02 26.03 -87.05
CA GLU K 4 41.56 26.51 -88.35
C GLU K 4 40.11 26.95 -88.29
N THR K 5 39.76 27.93 -89.12
CA THR K 5 38.38 28.42 -89.20
C THR K 5 37.56 27.53 -90.12
N THR K 6 37.39 26.30 -89.68
CA THR K 6 36.69 25.27 -90.42
C THR K 6 35.26 25.22 -89.98
N ALA K 7 34.34 25.02 -90.90
CA ALA K 7 32.94 24.96 -90.54
C ALA K 7 32.68 23.77 -89.64
N LEU K 8 31.73 23.93 -88.74
CA LEU K 8 31.35 22.81 -87.89
C LEU K 8 30.36 21.98 -88.65
N VAL K 9 30.26 20.74 -88.30
CA VAL K 9 29.26 19.86 -88.86
C VAL K 9 28.37 19.43 -87.70
N CYS K 10 27.07 19.68 -87.79
CA CYS K 10 26.16 19.31 -86.68
C CYS K 10 24.88 18.60 -87.13
N ASP K 11 24.90 17.28 -87.12
CA ASP K 11 23.74 16.53 -87.59
C ASP K 11 22.76 16.41 -86.44
N ASN K 12 21.89 17.41 -86.31
CA ASN K 12 20.93 17.54 -85.21
C ASN K 12 19.57 16.90 -85.52
N GLY K 13 19.30 15.72 -84.98
CA GLY K 13 18.04 15.05 -85.28
C GLY K 13 17.09 14.96 -84.08
N SER K 14 16.02 14.17 -84.24
CA SER K 14 14.98 13.96 -83.24
C SER K 14 15.44 13.03 -82.12
N GLY K 15 16.58 12.40 -82.36
CA GLY K 15 17.20 11.46 -81.46
C GLY K 15 18.42 12.12 -80.82
N LEU K 16 19.54 12.00 -81.52
CA LEU K 16 20.85 12.49 -81.11
C LEU K 16 21.43 13.51 -82.06
N VAL K 17 22.46 14.20 -81.56
CA VAL K 17 23.23 15.18 -82.31
C VAL K 17 24.69 14.78 -82.47
N LYS K 18 25.14 14.65 -83.71
CA LYS K 18 26.55 14.35 -83.93
C LYS K 18 27.26 15.58 -84.43
N ALA K 19 28.12 16.16 -83.60
CA ALA K 19 28.78 17.38 -83.98
C ALA K 19 30.32 17.28 -83.99
N GLY K 20 30.96 18.03 -84.87
CA GLY K 20 32.42 18.04 -84.97
C GLY K 20 32.90 19.07 -85.96
N PHE K 21 34.17 18.99 -86.33
CA PHE K 21 34.77 19.98 -87.22
C PHE K 21 34.97 19.44 -88.62
N ALA K 22 34.58 20.24 -89.61
CA ALA K 22 34.73 19.81 -90.99
C ALA K 22 36.18 19.58 -91.32
N GLY K 23 36.39 18.53 -92.09
CA GLY K 23 37.69 18.10 -92.56
C GLY K 23 38.11 16.86 -91.79
N ASP K 24 37.46 16.56 -90.66
CA ASP K 24 37.81 15.35 -89.93
C ASP K 24 36.93 14.18 -90.40
N ASP K 25 37.15 12.98 -89.82
CA ASP K 25 36.38 11.77 -90.19
C ASP K 25 35.35 11.31 -89.15
N ALA K 26 35.17 12.07 -88.09
CA ALA K 26 34.23 11.68 -87.05
C ALA K 26 33.78 12.90 -86.25
N PRO K 27 32.59 12.85 -85.62
CA PRO K 27 32.12 13.87 -84.72
C PRO K 27 32.97 13.85 -83.46
N ARG K 28 33.05 14.98 -82.78
CA ARG K 28 33.81 15.09 -81.54
C ARG K 28 32.90 15.26 -80.33
N ALA K 29 31.69 15.78 -80.59
CA ALA K 29 30.71 16.02 -79.55
C ALA K 29 29.41 15.30 -79.85
N VAL K 30 29.12 14.23 -79.11
CA VAL K 30 27.89 13.52 -79.39
C VAL K 30 26.99 13.58 -78.18
N PHE K 31 25.83 14.18 -78.39
CA PHE K 31 24.86 14.36 -77.34
C PHE K 31 23.51 13.93 -77.78
N PRO K 32 22.62 13.52 -76.90
CA PRO K 32 21.24 13.29 -77.22
C PRO K 32 20.61 14.66 -77.43
N SER K 33 19.55 14.77 -78.24
CA SER K 33 18.86 16.05 -78.42
C SER K 33 17.89 16.25 -77.27
N ILE K 34 18.42 16.36 -76.07
CA ILE K 34 17.60 16.46 -74.86
C ILE K 34 17.84 17.66 -73.98
N VAL K 35 16.73 18.29 -73.60
CA VAL K 35 16.78 19.35 -72.60
C VAL K 35 15.92 18.85 -71.44
N GLY K 36 16.52 18.74 -70.26
CA GLY K 36 15.83 18.20 -69.09
C GLY K 36 15.47 19.25 -68.08
N ARG K 37 14.35 19.03 -67.39
CA ARG K 37 13.93 19.97 -66.34
C ARG K 37 13.41 19.26 -65.10
N PRO K 38 13.74 19.71 -63.87
CA PRO K 38 13.33 19.08 -62.63
C PRO K 38 11.82 19.10 -62.48
N ARG K 39 11.27 17.99 -62.00
CA ARG K 39 9.83 17.87 -61.78
C ARG K 39 9.46 17.69 -60.31
N HIS K 40 10.38 18.05 -59.43
CA HIS K 40 10.22 17.91 -57.98
C HIS K 40 10.46 19.19 -57.20
N GLN K 41 9.88 19.26 -56.00
CA GLN K 41 10.05 20.34 -55.05
C GLN K 41 11.31 20.14 -54.23
N GLY K 42 12.17 21.16 -54.23
CA GLY K 42 13.42 21.13 -53.48
C GLY K 42 13.19 21.23 -51.98
N VAL K 43 14.05 20.56 -51.22
CA VAL K 43 14.03 20.62 -49.76
C VAL K 43 15.34 21.21 -49.20
N MET K 44 16.47 20.86 -49.81
CA MET K 44 17.75 21.33 -49.33
C MET K 44 18.05 22.65 -50.05
N VAL K 45 18.89 23.50 -49.46
CA VAL K 45 19.24 24.78 -50.06
C VAL K 45 20.75 24.87 -50.28
N GLY K 46 21.18 25.59 -51.32
CA GLY K 46 22.62 25.69 -51.58
C GLY K 46 23.11 24.44 -52.31
N MET K 47 22.20 23.87 -53.10
CA MET K 47 22.40 22.64 -53.85
C MET K 47 22.72 22.90 -55.32
N GLY K 48 23.01 24.15 -55.68
CA GLY K 48 23.18 24.46 -57.09
C GLY K 48 21.80 24.27 -57.69
N GLN K 49 21.69 23.41 -58.70
CA GLN K 49 20.45 23.07 -59.42
C GLN K 49 20.10 24.04 -60.53
N LYS K 50 20.05 23.51 -61.73
CA LYS K 50 19.82 24.28 -62.93
C LYS K 50 18.33 24.36 -63.25
N ASP K 51 17.94 25.35 -64.06
CA ASP K 51 16.55 25.45 -64.50
C ASP K 51 16.31 24.39 -65.54
N SER K 52 17.36 24.14 -66.30
CA SER K 52 17.38 23.16 -67.36
C SER K 52 18.78 22.57 -67.51
N TYR K 53 18.80 21.32 -67.96
CA TYR K 53 20.02 20.56 -68.18
C TYR K 53 20.10 20.16 -69.63
N VAL K 54 21.29 20.10 -70.21
CA VAL K 54 21.29 19.67 -71.62
C VAL K 54 22.23 18.54 -71.97
N GLY K 55 21.85 17.78 -73.00
CA GLY K 55 22.73 16.74 -73.52
C GLY K 55 22.99 15.69 -72.45
N ASP K 56 24.26 15.52 -72.13
CA ASP K 56 24.68 14.56 -71.15
C ASP K 56 24.30 14.99 -69.74
N GLU K 57 24.10 16.30 -69.53
CA GLU K 57 23.72 16.77 -68.21
C GLU K 57 22.30 16.31 -67.94
N ALA K 58 21.50 16.37 -69.01
CA ALA K 58 20.10 16.02 -68.93
C ALA K 58 19.95 14.55 -68.61
N GLN K 59 20.81 13.72 -69.21
CA GLN K 59 20.73 12.33 -68.85
C GLN K 59 21.37 12.00 -67.50
N SER K 60 22.49 12.63 -67.14
CA SER K 60 23.17 12.30 -65.88
C SER K 60 22.34 12.60 -64.64
N LYS K 61 21.52 13.65 -64.69
CA LYS K 61 20.69 14.03 -63.55
C LYS K 61 19.21 13.65 -63.74
N ARG K 62 18.93 12.82 -64.74
CA ARG K 62 17.59 12.45 -65.16
C ARG K 62 16.71 11.80 -64.13
N GLY K 63 17.27 11.29 -63.05
CA GLY K 63 16.46 10.62 -62.04
C GLY K 63 15.25 11.47 -61.61
N ILE K 64 15.40 12.80 -61.56
CA ILE K 64 14.27 13.67 -61.19
C ILE K 64 13.89 14.69 -62.26
N LEU K 65 14.33 14.46 -63.50
CA LEU K 65 14.02 15.41 -64.56
C LEU K 65 13.03 14.82 -65.51
N THR K 66 12.25 15.66 -66.14
CA THR K 66 11.41 15.19 -67.22
C THR K 66 12.26 15.52 -68.43
N LEU K 67 12.41 14.57 -69.36
CA LEU K 67 13.26 14.84 -70.51
C LEU K 67 12.47 15.00 -71.79
N LYS K 68 12.72 16.13 -72.45
CA LYS K 68 12.06 16.50 -73.69
C LYS K 68 13.04 16.58 -74.85
N TYR K 69 12.54 16.30 -76.04
CA TYR K 69 13.29 16.39 -77.27
C TYR K 69 12.78 17.58 -78.12
N PRO K 70 13.57 18.66 -78.35
CA PRO K 70 13.25 19.88 -79.12
C PRO K 70 12.96 19.62 -80.60
N ILE K 71 13.40 18.45 -81.08
CA ILE K 71 13.22 18.03 -82.47
C ILE K 71 12.30 16.80 -82.54
N GLU K 72 11.31 16.89 -83.42
CA GLU K 72 10.32 15.83 -83.63
C GLU K 72 10.07 15.54 -85.11
N HIS K 73 10.19 14.26 -85.50
CA HIS K 73 9.92 13.81 -86.86
C HIS K 73 10.61 14.65 -87.94
N GLY K 74 11.87 15.00 -87.67
CA GLY K 74 12.69 15.76 -88.60
C GLY K 74 12.74 17.28 -88.43
N ILE K 75 11.88 17.89 -87.60
CA ILE K 75 11.96 19.37 -87.46
C ILE K 75 12.12 19.89 -86.04
N ILE K 76 12.61 21.12 -85.94
CA ILE K 76 12.70 21.76 -84.64
C ILE K 76 11.38 22.36 -84.28
N THR K 77 10.86 21.97 -83.12
CA THR K 77 9.60 22.48 -82.64
C THR K 77 9.87 23.48 -81.54
N ASN K 78 11.06 23.35 -80.92
CA ASN K 78 11.46 24.25 -79.86
C ASN K 78 12.88 24.77 -80.10
N TRP K 79 12.98 25.92 -80.78
CA TRP K 79 14.27 26.46 -81.14
C TRP K 79 15.02 27.04 -79.96
N ASP K 80 14.31 27.42 -78.89
CA ASP K 80 15.00 27.97 -77.71
C ASP K 80 15.78 26.82 -77.08
N ASP K 81 15.16 25.65 -77.06
CA ASP K 81 15.86 24.50 -76.52
C ASP K 81 16.99 24.08 -77.43
N MET K 82 16.85 24.26 -78.75
CA MET K 82 18.00 23.97 -79.59
C MET K 82 19.13 24.95 -79.37
N GLU K 83 18.84 26.21 -79.03
CA GLU K 83 19.92 27.14 -78.75
C GLU K 83 20.71 26.63 -77.55
N LYS K 84 20.02 26.06 -76.56
CA LYS K 84 20.68 25.52 -75.37
C LYS K 84 21.56 24.30 -75.72
N ILE K 85 21.06 23.43 -76.63
CA ILE K 85 21.84 22.26 -77.05
C ILE K 85 23.08 22.72 -77.81
N TRP K 86 22.88 23.66 -78.74
CA TRP K 86 23.94 24.22 -79.55
C TRP K 86 24.95 24.98 -78.74
N HIS K 87 24.53 25.77 -77.77
CA HIS K 87 25.52 26.51 -77.01
C HIS K 87 26.45 25.55 -76.31
N HIS K 88 25.89 24.52 -75.67
CA HIS K 88 26.70 23.53 -74.96
C HIS K 88 27.59 22.76 -75.92
N THR K 89 27.00 22.27 -77.02
CA THR K 89 27.75 21.49 -77.97
C THR K 89 28.92 22.29 -78.52
N PHE K 90 28.66 23.55 -78.88
CA PHE K 90 29.68 24.38 -79.48
C PHE K 90 30.72 24.87 -78.48
N TYR K 91 30.28 25.48 -77.38
CA TYR K 91 31.23 26.10 -76.47
C TYR K 91 31.82 25.23 -75.37
N ASN K 92 31.13 24.20 -74.91
CA ASN K 92 31.68 23.43 -73.82
C ASN K 92 32.38 22.16 -74.31
N GLU K 93 31.75 21.47 -75.27
CA GLU K 93 32.31 20.20 -75.73
C GLU K 93 33.24 20.32 -76.95
N LEU K 94 32.78 21.00 -78.01
CA LEU K 94 33.62 21.18 -79.19
C LEU K 94 34.64 22.27 -78.92
N ARG K 95 34.28 23.13 -77.97
CA ARG K 95 35.04 24.30 -77.50
C ARG K 95 35.39 25.29 -78.60
N VAL K 96 34.36 25.63 -79.36
CA VAL K 96 34.40 26.54 -80.48
C VAL K 96 33.31 27.59 -80.50
N ALA K 97 33.65 28.81 -80.89
CA ALA K 97 32.67 29.85 -81.08
C ALA K 97 32.29 29.94 -82.57
N PRO K 98 31.00 29.75 -82.96
CA PRO K 98 30.47 29.77 -84.33
C PRO K 98 30.79 31.05 -85.08
N GLU K 99 31.12 32.10 -84.36
CA GLU K 99 31.47 33.39 -84.95
C GLU K 99 32.57 33.24 -86.00
N GLU K 100 33.50 32.31 -85.82
CA GLU K 100 34.56 32.12 -86.82
C GLU K 100 34.43 30.75 -87.54
N HIS K 101 33.32 30.05 -87.35
CA HIS K 101 33.08 28.68 -87.87
C HIS K 101 31.68 28.49 -88.48
N PRO K 102 31.47 28.73 -89.81
CA PRO K 102 30.18 28.81 -90.51
C PRO K 102 29.10 27.78 -90.15
N THR K 103 29.46 26.53 -89.94
CA THR K 103 28.53 25.48 -89.51
C THR K 103 27.49 24.99 -90.52
N LEU K 104 27.55 23.68 -90.76
CA LEU K 104 26.63 22.98 -91.63
C LEU K 104 25.62 22.20 -90.80
N LEU K 105 24.35 22.42 -91.08
CA LEU K 105 23.25 21.73 -90.43
C LEU K 105 22.63 20.79 -91.43
N THR K 106 21.80 19.85 -91.00
CA THR K 106 21.22 18.90 -91.93
C THR K 106 19.69 18.89 -91.94
N GLU K 107 19.12 18.45 -93.06
CA GLU K 107 17.66 18.28 -93.22
C GLU K 107 17.28 17.22 -94.25
N ALA K 108 16.03 16.76 -94.19
CA ALA K 108 15.48 15.88 -95.20
C ALA K 108 14.97 16.72 -96.40
N PRO K 109 15.03 16.25 -97.65
CA PRO K 109 14.53 16.94 -98.85
C PRO K 109 13.10 17.53 -98.84
N LEU K 110 12.13 16.85 -98.22
CA LEU K 110 10.76 17.38 -98.16
C LEU K 110 10.41 17.94 -96.78
N ASN K 111 11.43 18.20 -95.98
CA ASN K 111 11.31 18.77 -94.64
C ASN K 111 10.65 20.16 -94.78
N PRO K 112 9.68 20.55 -93.93
CA PRO K 112 9.02 21.84 -93.97
C PRO K 112 9.99 23.01 -93.99
N LYS K 113 9.65 24.00 -94.83
CA LYS K 113 10.46 25.21 -95.07
C LYS K 113 10.78 25.95 -93.79
N ALA K 114 9.83 25.95 -92.88
CA ALA K 114 9.97 26.62 -91.61
C ALA K 114 11.18 26.11 -90.83
N ASN K 115 11.54 24.84 -90.96
CA ASN K 115 12.64 24.33 -90.17
C ASN K 115 13.98 24.81 -90.71
N ARG K 116 14.13 24.80 -92.04
CA ARG K 116 15.35 25.23 -92.68
C ARG K 116 15.61 26.73 -92.48
N GLU K 117 14.55 27.52 -92.41
CA GLU K 117 14.73 28.96 -92.23
C GLU K 117 14.94 29.27 -90.75
N LYS K 118 14.33 28.51 -89.84
CA LYS K 118 14.51 28.78 -88.42
C LYS K 118 15.94 28.41 -88.00
N MET K 119 16.48 27.31 -88.55
CA MET K 119 17.86 26.95 -88.21
C MET K 119 18.82 28.02 -88.66
N THR K 120 18.56 28.59 -89.85
CA THR K 120 19.37 29.64 -90.41
C THR K 120 19.32 30.87 -89.51
N GLN K 121 18.10 31.25 -89.08
CA GLN K 121 17.94 32.42 -88.24
C GLN K 121 18.65 32.30 -86.92
N ILE K 122 18.58 31.16 -86.26
CA ILE K 122 19.23 31.08 -84.95
C ILE K 122 20.74 31.18 -85.10
N MET K 123 21.31 30.49 -86.07
CA MET K 123 22.73 30.59 -86.15
C MET K 123 23.21 32.00 -86.50
N PHE K 124 22.47 32.75 -87.33
CA PHE K 124 22.86 34.11 -87.66
C PHE K 124 22.55 35.16 -86.59
N GLU K 125 21.42 35.03 -85.89
CA GLU K 125 21.05 36.06 -84.92
C GLU K 125 21.45 35.76 -83.47
N THR K 126 21.59 34.49 -83.09
CA THR K 126 21.96 34.17 -81.70
C THR K 126 23.43 33.82 -81.61
N PHE K 127 23.96 33.11 -82.60
CA PHE K 127 25.36 32.71 -82.52
C PHE K 127 26.31 33.58 -83.37
N ASN K 128 25.75 34.49 -84.16
CA ASN K 128 26.51 35.39 -85.03
C ASN K 128 27.46 34.64 -85.97
N VAL K 129 26.96 33.55 -86.55
CA VAL K 129 27.76 32.77 -87.48
C VAL K 129 28.05 33.64 -88.70
N PRO K 130 29.29 33.57 -89.21
CA PRO K 130 29.66 34.38 -90.36
C PRO K 130 29.00 33.95 -91.67
N ALA K 131 28.56 32.70 -91.71
CA ALA K 131 27.91 32.13 -92.87
C ALA K 131 27.14 30.88 -92.47
N MET K 132 26.17 30.44 -93.27
CA MET K 132 25.40 29.21 -93.02
C MET K 132 25.14 28.30 -94.17
N TYR K 133 24.98 27.01 -93.88
CA TYR K 133 24.50 26.10 -94.89
C TYR K 133 23.67 24.99 -94.27
N VAL K 134 22.55 24.63 -94.91
CA VAL K 134 21.76 23.50 -94.48
C VAL K 134 21.81 22.46 -95.61
N ALA K 135 22.30 21.28 -95.28
CA ALA K 135 22.54 20.20 -96.22
C ALA K 135 21.49 19.12 -96.22
N ILE K 136 21.40 18.45 -97.36
CA ILE K 136 20.56 17.28 -97.50
C ILE K 136 21.29 16.05 -97.00
N GLN K 137 20.65 15.31 -96.10
CA GLN K 137 21.27 14.12 -95.51
C GLN K 137 21.63 13.08 -96.57
N ALA K 138 20.81 12.97 -97.61
CA ALA K 138 21.06 12.04 -98.72
C ALA K 138 22.36 12.39 -99.46
N VAL K 139 22.65 13.69 -99.57
CA VAL K 139 23.87 14.14 -100.23
C VAL K 139 25.05 13.74 -99.42
N LEU K 140 24.90 13.96 -98.13
CA LEU K 140 25.99 13.69 -97.25
C LEU K 140 26.24 12.17 -97.18
N SER K 141 25.17 11.38 -97.20
CA SER K 141 25.31 9.95 -97.12
C SER K 141 26.03 9.43 -98.36
N LEU K 142 25.68 9.95 -99.53
CA LEU K 142 26.36 9.52 -100.75
C LEU K 142 27.83 9.97 -100.76
N TYR K 143 28.16 11.16 -100.26
CA TYR K 143 29.57 11.49 -100.26
C TYR K 143 30.37 10.54 -99.40
N ALA K 144 29.85 10.24 -98.22
CA ALA K 144 30.53 9.38 -97.25
C ALA K 144 30.75 7.98 -97.79
N SER K 145 29.80 7.50 -98.59
CA SER K 145 29.85 6.17 -99.18
C SER K 145 30.64 6.11 -100.49
N GLY K 146 31.13 7.25 -100.99
CA GLY K 146 31.85 7.22 -102.27
C GLY K 146 30.96 7.11 -103.49
N ARG K 147 29.75 7.67 -103.44
CA ARG K 147 28.80 7.59 -104.54
C ARG K 147 28.16 8.91 -104.91
N THR K 148 27.70 9.00 -106.16
CA THR K 148 26.90 10.13 -106.63
C THR K 148 25.49 9.65 -106.97
N THR K 149 25.31 8.35 -106.90
CA THR K 149 24.06 7.71 -107.25
C THR K 149 23.62 6.72 -106.20
N GLY K 150 22.33 6.76 -105.86
CA GLY K 150 21.75 5.77 -104.98
C GLY K 150 20.49 6.22 -104.26
N ILE K 151 19.88 5.28 -103.55
CA ILE K 151 18.69 5.55 -102.76
C ILE K 151 19.12 5.74 -101.36
N VAL K 152 18.86 6.88 -100.76
CA VAL K 152 19.31 6.96 -99.40
C VAL K 152 18.19 6.72 -98.43
N LEU K 153 18.40 5.68 -97.66
CA LEU K 153 17.49 5.26 -96.63
C LEU K 153 18.09 5.75 -95.35
N ASP K 154 17.56 6.87 -94.88
CA ASP K 154 18.05 7.63 -93.75
C ASP K 154 17.26 7.36 -92.48
N SER K 155 16.63 6.18 -92.48
CA SER K 155 15.84 5.47 -91.45
C SER K 155 16.14 5.76 -89.94
N GLY K 156 16.27 7.02 -89.56
CA GLY K 156 16.61 7.38 -88.21
C GLY K 156 15.41 7.44 -87.29
N ASP K 157 15.56 8.19 -86.19
CA ASP K 157 14.55 8.34 -85.13
C ASP K 157 13.28 9.09 -85.56
N GLY K 158 13.44 10.08 -86.44
CA GLY K 158 12.36 10.97 -86.88
C GLY K 158 11.50 10.49 -88.06
N VAL K 159 12.06 10.56 -89.27
CA VAL K 159 11.34 10.17 -90.48
C VAL K 159 12.24 9.34 -91.38
N THR K 160 11.67 8.39 -92.14
CA THR K 160 12.45 7.67 -93.14
C THR K 160 12.11 8.42 -94.42
N HIS K 161 13.10 8.99 -95.12
CA HIS K 161 12.71 9.82 -96.24
C HIS K 161 12.73 9.13 -97.60
N ASN K 162 13.45 8.01 -97.71
CA ASN K 162 13.51 7.24 -98.96
C ASN K 162 13.84 8.08 -100.20
N VAL K 163 14.97 8.78 -100.21
CA VAL K 163 15.22 9.71 -101.33
C VAL K 163 16.33 9.32 -102.35
N PRO K 164 15.98 9.14 -103.64
CA PRO K 164 16.89 8.87 -104.74
C PRO K 164 17.64 10.10 -105.25
N ILE K 165 18.92 9.88 -105.57
CA ILE K 165 19.83 10.82 -106.23
C ILE K 165 20.55 10.10 -107.40
N TYR K 166 20.63 10.72 -108.58
CA TYR K 166 21.35 10.12 -109.73
C TYR K 166 22.32 11.09 -110.34
N GLU K 167 23.59 10.68 -110.48
CA GLU K 167 24.65 11.56 -111.01
C GLU K 167 24.70 12.88 -110.26
N GLY K 168 24.44 12.85 -108.96
CA GLY K 168 24.46 14.05 -108.15
C GLY K 168 23.18 14.91 -108.25
N TYR K 169 22.18 14.46 -109.01
CA TYR K 169 20.96 15.26 -109.16
C TYR K 169 19.80 14.67 -108.36
N ALA K 170 18.96 15.53 -107.79
CA ALA K 170 17.83 15.01 -107.04
C ALA K 170 16.80 14.49 -108.01
N LEU K 171 16.09 13.45 -107.59
CA LEU K 171 14.98 12.95 -108.39
C LEU K 171 13.74 13.02 -107.49
N PRO K 172 13.27 14.25 -107.13
CA PRO K 172 12.32 14.54 -106.08
C PRO K 172 10.94 13.95 -106.26
N HIS K 173 10.57 13.64 -107.49
CA HIS K 173 9.26 13.10 -107.73
C HIS K 173 9.13 11.70 -107.19
N ALA K 174 10.27 11.06 -106.95
CA ALA K 174 10.34 9.70 -106.49
C ALA K 174 10.67 9.62 -104.99
N ILE K 175 10.63 10.74 -104.27
CA ILE K 175 10.90 10.63 -102.83
C ILE K 175 9.67 10.10 -102.13
N MET K 176 9.84 9.05 -101.34
CA MET K 176 8.70 8.46 -100.66
C MET K 176 8.76 8.79 -99.16
N ARG K 177 8.19 9.90 -98.73
CA ARG K 177 8.33 10.23 -97.32
C ARG K 177 7.52 9.24 -96.50
N LEU K 178 8.12 8.63 -95.47
CA LEU K 178 7.42 7.66 -94.65
C LEU K 178 7.36 7.96 -93.16
N ASP K 179 6.13 7.95 -92.62
CA ASP K 179 5.91 8.18 -91.20
C ASP K 179 6.06 6.92 -90.36
N LEU K 180 7.29 6.45 -90.35
CA LEU K 180 7.78 5.33 -89.58
C LEU K 180 9.26 5.52 -89.32
N ALA K 181 9.59 5.56 -88.04
CA ALA K 181 10.96 5.82 -87.64
C ALA K 181 11.32 5.19 -86.30
N GLY K 182 12.59 5.29 -85.93
CA GLY K 182 13.11 4.70 -84.71
C GLY K 182 12.34 5.07 -83.45
N ARG K 183 11.75 6.27 -83.37
CA ARG K 183 10.97 6.69 -82.21
C ARG K 183 9.69 5.85 -82.06
N ASP K 184 9.15 5.35 -83.19
CA ASP K 184 7.91 4.59 -83.17
C ASP K 184 8.23 3.17 -82.79
N LEU K 185 9.43 2.73 -83.17
CA LEU K 185 9.84 1.38 -82.86
C LEU K 185 10.01 1.29 -81.33
N THR K 186 10.51 2.38 -80.70
CA THR K 186 10.67 2.44 -79.24
C THR K 186 9.30 2.37 -78.57
N ASP K 187 8.33 3.13 -79.10
CA ASP K 187 6.99 3.14 -78.51
C ASP K 187 6.31 1.78 -78.60
N TYR K 188 6.52 1.10 -79.73
CA TYR K 188 5.95 -0.22 -79.94
C TYR K 188 6.51 -1.18 -78.90
N LEU K 189 7.82 -1.11 -78.69
CA LEU K 189 8.47 -1.97 -77.71
C LEU K 189 7.91 -1.67 -76.32
N MET K 190 7.69 -0.40 -75.96
CA MET K 190 7.13 -0.13 -74.64
C MET K 190 5.77 -0.83 -74.48
N LYS K 191 4.95 -0.80 -75.54
CA LYS K 191 3.64 -1.45 -75.46
C LYS K 191 3.72 -2.98 -75.38
N ILE K 192 4.62 -3.60 -76.13
CA ILE K 192 4.67 -5.07 -76.03
C ILE K 192 5.48 -5.53 -74.80
N LEU K 193 6.32 -4.67 -74.22
CA LEU K 193 6.97 -5.04 -72.97
C LEU K 193 5.93 -4.95 -71.85
N THR K 194 4.90 -4.10 -72.03
CA THR K 194 3.79 -3.99 -71.08
C THR K 194 3.06 -5.35 -71.08
N GLU K 195 2.88 -5.94 -72.27
CA GLU K 195 2.22 -7.25 -72.42
C GLU K 195 2.98 -8.33 -71.60
N ARG K 196 4.29 -8.17 -71.48
CA ARG K 196 5.10 -9.13 -70.73
C ARG K 196 5.16 -8.86 -69.22
N GLY K 197 4.49 -7.81 -68.76
CA GLY K 197 4.47 -7.47 -67.34
C GLY K 197 5.44 -6.36 -66.93
N TYR K 198 6.03 -5.69 -67.90
CA TYR K 198 6.97 -4.60 -67.62
C TYR K 198 6.56 -3.33 -68.33
N SER K 199 5.63 -2.58 -67.74
CA SER K 199 5.17 -1.34 -68.35
C SER K 199 6.25 -0.27 -68.27
N PHE K 200 6.43 0.48 -69.37
CA PHE K 200 7.38 1.60 -69.43
C PHE K 200 6.71 2.87 -69.96
N VAL K 201 6.52 3.89 -69.11
CA VAL K 201 5.88 5.13 -69.58
C VAL K 201 6.59 6.47 -69.24
N THR K 202 7.37 6.50 -68.14
CA THR K 202 7.99 7.74 -67.62
C THR K 202 9.30 8.02 -68.30
N THR K 203 9.90 9.19 -68.08
CA THR K 203 11.17 9.46 -68.74
C THR K 203 12.23 8.42 -68.49
N ALA K 204 12.43 7.99 -67.25
CA ALA K 204 13.49 7.01 -67.04
C ALA K 204 13.17 5.75 -67.83
N GLU K 205 11.90 5.38 -67.82
CA GLU K 205 11.44 4.19 -68.52
C GLU K 205 11.56 4.30 -70.04
N ARG K 206 11.27 5.48 -70.60
CA ARG K 206 11.36 5.71 -72.03
C ARG K 206 12.81 5.58 -72.50
N GLU K 207 13.74 6.12 -71.70
CA GLU K 207 15.17 6.06 -72.02
C GLU K 207 15.66 4.60 -71.93
N ILE K 208 15.14 3.84 -70.96
CA ILE K 208 15.52 2.45 -70.84
C ILE K 208 15.08 1.65 -72.04
N VAL K 209 13.84 1.84 -72.47
CA VAL K 209 13.38 1.05 -73.59
C VAL K 209 14.14 1.40 -74.84
N ARG K 210 14.45 2.68 -75.07
CA ARG K 210 15.25 2.98 -76.25
C ARG K 210 16.59 2.24 -76.17
N ASP K 211 17.21 2.20 -74.97
CA ASP K 211 18.48 1.49 -74.82
C ASP K 211 18.29 -0.02 -75.05
N ILE K 212 17.15 -0.59 -74.61
CA ILE K 212 16.89 -2.01 -74.82
C ILE K 212 16.81 -2.29 -76.30
N LYS K 213 16.08 -1.45 -77.02
CA LYS K 213 15.93 -1.64 -78.45
C LYS K 213 17.26 -1.66 -79.17
N GLU K 214 18.11 -0.67 -78.87
CA GLU K 214 19.40 -0.52 -79.53
C GLU K 214 20.35 -1.69 -79.30
N LYS K 215 20.30 -2.25 -78.09
CA LYS K 215 21.13 -3.37 -77.69
C LYS K 215 20.57 -4.78 -78.04
N LEU K 216 19.26 -5.00 -77.88
CA LEU K 216 18.68 -6.33 -78.06
C LEU K 216 17.96 -6.63 -79.38
N CYS K 217 17.41 -5.62 -80.07
CA CYS K 217 16.57 -5.91 -81.21
C CYS K 217 17.29 -6.18 -82.54
N TYR K 218 16.62 -6.96 -83.38
CA TYR K 218 17.10 -7.34 -84.71
C TYR K 218 15.99 -7.67 -85.67
N VAL K 219 16.29 -7.76 -86.97
CA VAL K 219 15.26 -8.15 -87.93
C VAL K 219 15.42 -9.57 -88.48
N ALA K 220 16.66 -9.98 -88.72
CA ALA K 220 16.95 -11.28 -89.35
C ALA K 220 16.31 -11.34 -90.75
N LEU K 221 16.43 -12.49 -91.42
CA LEU K 221 15.90 -12.63 -92.77
C LEU K 221 14.52 -13.31 -92.92
N ASP K 222 13.94 -13.81 -91.83
CA ASP K 222 12.64 -14.50 -91.91
C ASP K 222 11.85 -14.38 -90.61
N PHE K 223 10.91 -13.44 -90.60
CA PHE K 223 10.14 -13.12 -89.39
C PHE K 223 9.33 -14.26 -88.84
N GLU K 224 8.58 -14.93 -89.71
CA GLU K 224 7.68 -15.96 -89.27
C GLU K 224 8.42 -17.14 -88.68
N ASN K 225 9.55 -17.53 -89.27
CA ASN K 225 10.27 -18.65 -88.69
C ASN K 225 10.97 -18.23 -87.41
N GLU K 226 11.42 -16.97 -87.35
CA GLU K 226 12.13 -16.51 -86.17
C GLU K 226 11.11 -16.43 -85.02
N MET K 227 9.88 -15.98 -85.34
CA MET K 227 8.79 -15.90 -84.37
C MET K 227 8.36 -17.28 -83.93
N ALA K 228 8.31 -18.24 -84.85
CA ALA K 228 7.88 -19.57 -84.45
C ALA K 228 8.76 -20.14 -83.36
N THR K 229 10.08 -19.90 -83.43
CA THR K 229 10.92 -20.41 -82.38
C THR K 229 10.99 -19.47 -81.17
N ALA K 230 11.00 -18.15 -81.40
CA ALA K 230 11.09 -17.21 -80.28
C ALA K 230 9.88 -17.30 -79.36
N ALA K 231 8.73 -17.59 -79.95
CA ALA K 231 7.49 -17.71 -79.21
C ALA K 231 7.36 -19.08 -78.53
N SER K 232 8.24 -20.03 -78.88
CA SER K 232 8.14 -21.39 -78.37
C SER K 232 9.24 -21.74 -77.35
N SER K 233 10.35 -21.01 -77.38
CA SER K 233 11.47 -21.36 -76.52
C SER K 233 12.34 -20.21 -76.01
N SER K 234 12.84 -20.41 -74.79
CA SER K 234 13.73 -19.52 -74.06
C SER K 234 15.08 -19.38 -74.74
N SER K 235 15.36 -20.28 -75.68
CA SER K 235 16.62 -20.29 -76.41
C SER K 235 16.79 -19.05 -77.28
N LEU K 236 15.71 -18.29 -77.55
CA LEU K 236 15.87 -17.06 -78.33
C LEU K 236 15.62 -15.82 -77.47
N GLU K 237 15.65 -15.99 -76.14
CA GLU K 237 15.47 -14.85 -75.25
C GLU K 237 16.79 -14.24 -74.86
N LYS K 238 16.75 -12.94 -74.61
CA LYS K 238 17.93 -12.21 -74.16
C LYS K 238 17.56 -11.32 -73.00
N SER K 239 18.39 -11.32 -71.97
CA SER K 239 18.11 -10.50 -70.82
C SER K 239 18.80 -9.14 -70.94
N TYR K 240 18.10 -8.14 -70.45
CA TYR K 240 18.58 -6.77 -70.38
C TYR K 240 18.61 -6.33 -68.92
N GLU K 241 19.69 -5.68 -68.52
CA GLU K 241 19.81 -5.19 -67.16
C GLU K 241 19.31 -3.77 -67.01
N LEU K 242 18.35 -3.61 -66.11
CA LEU K 242 17.70 -2.34 -65.85
C LEU K 242 18.64 -1.60 -64.87
N PRO K 243 18.64 -0.26 -64.83
CA PRO K 243 19.49 0.58 -63.98
C PRO K 243 19.50 0.28 -62.48
N ASP K 244 18.44 -0.31 -61.92
CA ASP K 244 18.45 -0.56 -60.48
C ASP K 244 18.93 -1.95 -60.08
N GLY K 245 19.45 -2.73 -61.03
CA GLY K 245 19.93 -4.08 -60.73
C GLY K 245 18.90 -5.15 -61.08
N GLN K 246 17.68 -4.75 -61.43
CA GLN K 246 16.65 -5.70 -61.80
C GLN K 246 16.81 -6.01 -63.27
N VAL K 247 16.23 -7.11 -63.72
CA VAL K 247 16.35 -7.42 -65.14
C VAL K 247 15.00 -7.68 -65.78
N ILE K 248 15.01 -7.54 -67.09
CA ILE K 248 13.88 -7.85 -67.95
C ILE K 248 14.32 -8.88 -69.00
N THR K 249 13.54 -9.93 -69.18
CA THR K 249 13.91 -10.90 -70.20
C THR K 249 12.90 -10.76 -71.32
N ILE K 250 13.45 -10.60 -72.54
CA ILE K 250 12.71 -10.33 -73.77
C ILE K 250 12.84 -11.44 -74.82
N GLY K 251 11.70 -11.87 -75.39
CA GLY K 251 11.60 -12.96 -76.37
C GLY K 251 11.38 -12.45 -77.77
N ASN K 252 10.21 -12.73 -78.37
CA ASN K 252 10.01 -12.36 -79.76
C ASN K 252 9.77 -10.87 -79.97
N GLU K 253 9.68 -10.12 -78.88
CA GLU K 253 9.47 -8.68 -78.91
C GLU K 253 10.72 -8.02 -79.46
N ARG K 254 11.80 -8.79 -79.34
CA ARG K 254 13.14 -8.47 -79.75
C ARG K 254 13.20 -8.24 -81.26
N PHE K 255 12.34 -8.94 -81.99
CA PHE K 255 12.30 -8.80 -83.45
C PHE K 255 10.97 -8.24 -83.94
N ARG K 256 9.93 -8.38 -83.13
CA ARG K 256 8.60 -7.87 -83.51
C ARG K 256 8.65 -6.37 -83.60
N CYS K 257 9.54 -5.76 -82.84
CA CYS K 257 9.68 -4.30 -82.85
C CYS K 257 10.12 -3.76 -84.21
N PRO K 258 11.37 -4.07 -84.61
CA PRO K 258 11.93 -3.62 -85.86
C PRO K 258 11.20 -4.20 -87.05
N GLU K 259 10.47 -5.30 -86.87
CA GLU K 259 9.69 -5.87 -87.95
C GLU K 259 8.65 -4.87 -88.45
N THR K 260 8.33 -3.84 -87.65
CA THR K 260 7.36 -2.80 -87.98
C THR K 260 7.86 -2.08 -89.26
N LEU K 261 9.16 -2.14 -89.51
CA LEU K 261 9.80 -1.56 -90.68
C LEU K 261 9.30 -2.29 -91.91
N PHE K 262 8.96 -3.57 -91.76
CA PHE K 262 8.46 -4.39 -92.84
C PHE K 262 6.94 -4.59 -92.68
N GLN K 263 6.43 -4.32 -91.47
CA GLN K 263 5.02 -4.40 -91.10
C GLN K 263 4.52 -3.20 -90.28
N PRO K 264 4.38 -1.97 -90.87
CA PRO K 264 4.01 -0.71 -90.24
C PRO K 264 2.65 -0.73 -89.55
N SER K 265 1.83 -1.71 -89.91
CA SER K 265 0.51 -1.88 -89.32
C SER K 265 0.62 -2.16 -87.83
N PHE K 266 1.82 -2.57 -87.38
CA PHE K 266 2.08 -2.86 -85.98
C PHE K 266 1.91 -1.62 -85.11
N ILE K 267 2.06 -0.42 -85.69
CA ILE K 267 1.90 0.81 -84.95
C ILE K 267 0.72 1.62 -85.50
N GLY K 268 -0.15 0.97 -86.27
CA GLY K 268 -1.31 1.63 -86.85
C GLY K 268 -0.98 2.47 -88.08
N MET K 269 0.15 2.22 -88.76
CA MET K 269 0.51 3.01 -89.92
C MET K 269 0.04 2.40 -91.22
N GLU K 270 -0.48 3.24 -92.09
CA GLU K 270 -0.92 2.76 -93.38
C GLU K 270 0.24 2.73 -94.36
N SER K 271 1.01 1.66 -94.27
CA SER K 271 2.18 1.51 -95.10
C SER K 271 2.57 0.06 -95.32
N ALA K 272 3.17 -0.20 -96.47
CA ALA K 272 3.68 -1.52 -96.81
C ALA K 272 5.09 -1.76 -96.28
N GLY K 273 5.72 -0.73 -95.70
CA GLY K 273 7.06 -0.87 -95.16
C GLY K 273 8.17 -0.17 -95.94
N ILE K 274 9.35 -0.17 -95.34
CA ILE K 274 10.52 0.50 -95.86
C ILE K 274 11.05 -0.11 -97.16
N HIS K 275 10.82 -1.40 -97.40
CA HIS K 275 11.30 -1.98 -98.64
C HIS K 275 10.40 -1.62 -99.81
N GLU K 276 9.14 -1.29 -99.51
CA GLU K 276 8.22 -0.91 -100.55
C GLU K 276 8.57 0.50 -100.95
N THR K 277 8.91 1.33 -99.95
CA THR K 277 9.26 2.71 -100.23
C THR K 277 10.61 2.79 -100.92
N THR K 278 11.54 1.88 -100.58
CA THR K 278 12.83 1.87 -101.25
C THR K 278 12.60 1.53 -102.70
N TYR K 279 11.78 0.49 -102.90
CA TYR K 279 11.44 0.02 -104.24
C TYR K 279 10.80 1.12 -105.08
N ASN K 280 9.83 1.83 -104.51
CA ASN K 280 9.17 2.89 -105.25
C ASN K 280 10.13 4.05 -105.54
N SER K 281 11.07 4.33 -104.64
CA SER K 281 12.01 5.40 -104.94
C SER K 281 12.85 5.03 -106.17
N ILE K 282 13.11 3.73 -106.35
CA ILE K 282 13.85 3.27 -107.52
C ILE K 282 12.93 3.22 -108.74
N MET K 283 11.78 2.57 -108.57
CA MET K 283 10.81 2.32 -109.64
C MET K 283 10.23 3.58 -110.26
N LYS K 284 10.04 4.63 -109.46
CA LYS K 284 9.44 5.85 -109.94
C LYS K 284 10.43 6.74 -110.70
N CYS K 285 11.69 6.31 -110.79
CA CYS K 285 12.71 7.02 -111.53
C CYS K 285 12.70 6.44 -112.95
N ASP K 286 13.26 7.14 -113.92
CA ASP K 286 13.24 6.65 -115.30
C ASP K 286 13.90 5.29 -115.46
N ILE K 287 13.45 4.56 -116.47
CA ILE K 287 13.92 3.21 -116.71
C ILE K 287 15.45 3.07 -116.87
N ASP K 288 16.14 4.11 -117.35
CA ASP K 288 17.60 4.06 -117.49
C ASP K 288 18.33 4.58 -116.24
N ILE K 289 17.55 4.90 -115.21
CA ILE K 289 18.03 5.32 -113.90
C ILE K 289 17.93 4.13 -112.95
N ARG K 290 16.80 3.45 -113.03
CA ARG K 290 16.49 2.30 -112.18
C ARG K 290 17.62 1.30 -111.98
N LYS K 291 18.37 0.99 -113.04
CA LYS K 291 19.44 0.01 -112.91
C LYS K 291 20.55 0.47 -111.96
N ASP K 292 20.79 1.78 -111.88
CA ASP K 292 21.88 2.29 -111.09
C ASP K 292 21.41 2.47 -109.68
N LEU K 293 20.12 2.75 -109.52
CA LEU K 293 19.62 2.90 -108.16
C LEU K 293 19.46 1.50 -107.53
N TYR K 294 19.10 0.47 -108.33
CA TYR K 294 18.98 -0.89 -107.76
C TYR K 294 20.31 -1.36 -107.23
N ALA K 295 21.39 -1.03 -107.95
CA ALA K 295 22.74 -1.41 -107.60
C ALA K 295 23.37 -0.54 -106.50
N ASN K 296 22.68 0.52 -106.09
CA ASN K 296 23.18 1.45 -105.10
C ASN K 296 22.09 1.86 -104.10
N ASN K 297 21.62 0.88 -103.35
CA ASN K 297 20.65 1.06 -102.29
C ASN K 297 21.49 1.38 -101.04
N VAL K 298 21.41 2.61 -100.54
CA VAL K 298 22.32 3.08 -99.49
C VAL K 298 21.71 3.19 -98.09
N MET K 299 22.33 2.48 -97.13
CA MET K 299 21.83 2.54 -95.76
C MET K 299 22.50 3.75 -95.11
N SER K 300 21.72 4.55 -94.38
CA SER K 300 22.25 5.71 -93.69
C SER K 300 21.48 6.00 -92.42
N GLY K 301 22.13 6.65 -91.46
CA GLY K 301 21.42 7.00 -90.24
C GLY K 301 21.19 5.80 -89.31
N GLY K 302 20.26 5.99 -88.38
CA GLY K 302 19.97 4.99 -87.36
C GLY K 302 19.11 3.84 -87.87
N THR K 303 18.89 2.83 -87.01
CA THR K 303 18.13 1.59 -87.35
C THR K 303 18.85 0.70 -88.39
N THR K 304 19.88 1.23 -89.05
CA THR K 304 20.66 0.53 -90.04
C THR K 304 21.60 -0.45 -89.35
N MET K 305 21.63 -0.33 -88.03
CA MET K 305 22.40 -1.14 -87.14
C MET K 305 21.59 -2.28 -86.49
N TYR K 306 20.37 -2.58 -87.01
CA TYR K 306 19.65 -3.78 -86.54
C TYR K 306 20.29 -4.99 -87.24
N PRO K 307 20.72 -6.05 -86.55
CA PRO K 307 21.29 -7.20 -87.19
C PRO K 307 20.35 -7.78 -88.24
N GLY K 308 20.92 -8.08 -89.41
CA GLY K 308 20.21 -8.64 -90.53
C GLY K 308 19.55 -7.60 -91.45
N ILE K 309 19.60 -6.30 -91.09
CA ILE K 309 18.88 -5.31 -91.90
C ILE K 309 19.45 -5.03 -93.27
N ALA K 310 20.77 -5.01 -93.46
CA ALA K 310 21.28 -4.73 -94.80
C ALA K 310 20.89 -5.84 -95.76
N ASP K 311 20.92 -7.09 -95.28
CA ASP K 311 20.60 -8.21 -96.14
C ASP K 311 19.11 -8.42 -96.24
N ARG K 312 18.40 -8.08 -95.16
CA ARG K 312 16.94 -8.20 -95.14
C ARG K 312 16.38 -7.28 -96.21
N MET K 313 16.92 -6.06 -96.29
CA MET K 313 16.48 -5.12 -97.29
C MET K 313 16.84 -5.57 -98.69
N GLN K 314 18.06 -6.09 -98.90
CA GLN K 314 18.40 -6.48 -100.25
C GLN K 314 17.45 -7.57 -100.71
N LYS K 315 17.11 -8.50 -99.81
CA LYS K 315 16.18 -9.59 -100.10
C LYS K 315 14.77 -9.06 -100.41
N GLU K 316 14.26 -8.13 -99.58
CA GLU K 316 12.93 -7.58 -99.74
C GLU K 316 12.78 -6.73 -101.00
N ILE K 317 13.84 -6.02 -101.41
CA ILE K 317 13.75 -5.24 -102.63
C ILE K 317 13.84 -6.22 -103.79
N THR K 318 14.76 -7.20 -103.72
CA THR K 318 14.93 -8.20 -104.77
C THR K 318 13.61 -8.89 -105.07
N ALA K 319 12.83 -9.17 -104.02
CA ALA K 319 11.53 -9.81 -104.11
C ALA K 319 10.48 -8.98 -104.89
N LEU K 320 10.68 -7.65 -104.97
CA LEU K 320 9.76 -6.74 -105.65
C LEU K 320 10.30 -6.38 -107.04
N ALA K 321 11.63 -6.38 -107.14
CA ALA K 321 12.40 -6.04 -108.32
C ALA K 321 12.25 -7.08 -109.44
N PRO K 322 12.46 -6.69 -110.71
CA PRO K 322 12.55 -7.58 -111.85
C PRO K 322 13.72 -8.54 -111.67
N SER K 323 13.61 -9.71 -112.28
CA SER K 323 14.66 -10.71 -112.26
C SER K 323 15.80 -10.25 -113.15
N THR K 324 16.95 -10.94 -113.11
CA THR K 324 18.19 -10.60 -113.87
C THR K 324 18.93 -9.43 -113.22
N MET K 325 18.20 -8.37 -112.91
CA MET K 325 18.70 -7.16 -112.29
C MET K 325 19.40 -7.44 -110.97
N LYS K 326 20.52 -6.76 -110.76
CA LYS K 326 21.26 -6.87 -109.52
C LYS K 326 20.87 -5.78 -108.56
N ILE K 327 20.39 -6.19 -107.41
CA ILE K 327 19.99 -5.31 -106.35
C ILE K 327 21.10 -5.38 -105.33
N LYS K 328 21.65 -4.23 -104.97
CA LYS K 328 22.76 -4.23 -104.04
C LYS K 328 22.66 -3.19 -102.95
N ILE K 329 22.96 -3.62 -101.73
CA ILE K 329 23.01 -2.68 -100.61
C ILE K 329 24.41 -2.33 -100.15
N ILE K 330 24.57 -1.03 -99.98
CA ILE K 330 25.76 -0.37 -99.54
C ILE K 330 25.56 -0.19 -98.03
N ALA K 331 26.35 -0.86 -97.22
CA ALA K 331 26.16 -0.81 -95.77
C ALA K 331 27.48 -0.96 -95.02
N PRO K 332 28.36 0.05 -95.07
CA PRO K 332 29.67 0.06 -94.47
C PRO K 332 29.50 0.16 -92.96
N PRO K 333 30.52 -0.15 -92.16
CA PRO K 333 30.55 -0.02 -90.72
C PRO K 333 30.41 1.44 -90.26
N GLU K 334 30.67 2.35 -91.21
CA GLU K 334 30.50 3.77 -90.96
C GLU K 334 29.02 4.09 -91.06
N ARG K 335 28.17 3.07 -90.85
CA ARG K 335 26.73 3.21 -90.91
C ARG K 335 26.31 4.17 -89.81
N LYS K 336 25.36 5.04 -90.14
CA LYS K 336 24.81 6.11 -89.29
C LYS K 336 25.77 7.27 -89.04
N TYR K 337 27.09 7.05 -89.13
CA TYR K 337 27.96 8.20 -88.96
C TYR K 337 28.25 8.85 -90.31
N SER K 338 27.66 8.29 -91.37
CA SER K 338 27.86 8.70 -92.74
C SER K 338 27.27 10.07 -93.06
N VAL K 339 26.25 10.49 -92.33
CA VAL K 339 25.74 11.82 -92.60
C VAL K 339 26.76 12.82 -92.08
N TRP K 340 27.30 12.57 -90.88
CA TRP K 340 28.29 13.46 -90.32
C TRP K 340 29.50 13.54 -91.26
N ILE K 341 29.95 12.37 -91.74
CA ILE K 341 31.12 12.32 -92.60
C ILE K 341 30.87 13.08 -93.87
N GLY K 342 29.69 12.92 -94.48
CA GLY K 342 29.42 13.69 -95.66
C GLY K 342 29.39 15.16 -95.34
N GLY K 343 28.88 15.56 -94.16
CA GLY K 343 28.83 16.97 -93.79
C GLY K 343 30.21 17.57 -93.80
N SER K 344 31.19 16.80 -93.30
CA SER K 344 32.60 17.19 -93.27
C SER K 344 33.14 17.35 -94.69
N ILE K 345 32.81 16.37 -95.55
CA ILE K 345 33.27 16.37 -96.94
C ILE K 345 32.71 17.56 -97.69
N LEU K 346 31.42 17.81 -97.55
CA LEU K 346 30.81 18.91 -98.28
C LEU K 346 31.25 20.27 -97.75
N ALA K 347 31.22 20.47 -96.42
CA ALA K 347 31.54 21.76 -95.84
C ALA K 347 32.94 22.27 -96.19
N SER K 348 33.89 21.34 -96.24
CA SER K 348 35.30 21.63 -96.53
C SER K 348 35.66 21.59 -98.02
N LEU K 349 34.71 21.24 -98.88
CA LEU K 349 34.96 21.12 -100.31
C LEU K 349 35.21 22.48 -100.95
N SER K 350 36.30 22.60 -101.73
CA SER K 350 36.62 23.88 -102.36
C SER K 350 35.57 24.32 -103.38
N THR K 351 34.91 23.34 -103.96
CA THR K 351 33.88 23.49 -104.99
C THR K 351 32.56 23.91 -104.36
N PHE K 352 32.55 23.93 -103.04
CA PHE K 352 31.35 24.29 -102.33
C PHE K 352 31.56 25.51 -101.45
N GLN K 353 32.64 26.26 -101.64
CA GLN K 353 32.75 27.42 -100.75
C GLN K 353 31.75 28.53 -101.08
N GLN K 354 31.38 28.63 -102.34
CA GLN K 354 30.45 29.65 -102.80
C GLN K 354 29.00 29.32 -102.41
N MET K 355 28.79 28.11 -101.88
CA MET K 355 27.45 27.67 -101.51
C MET K 355 27.07 28.13 -100.10
N TRP K 356 28.03 28.68 -99.36
CA TRP K 356 27.73 29.17 -98.02
C TRP K 356 27.01 30.51 -98.10
N ILE K 357 25.97 30.70 -97.29
CA ILE K 357 25.26 31.98 -97.27
C ILE K 357 26.01 32.83 -96.31
N THR K 358 26.46 34.01 -96.72
CA THR K 358 27.25 34.80 -95.77
C THR K 358 26.35 35.68 -94.92
N LYS K 359 26.88 36.23 -93.81
CA LYS K 359 26.06 37.13 -93.01
C LYS K 359 26.11 38.56 -93.56
N GLN K 360 25.62 38.66 -94.77
CA GLN K 360 25.43 39.85 -95.56
C GLN K 360 24.16 39.56 -96.31
N GLU K 361 24.22 38.47 -97.06
CA GLU K 361 23.12 37.97 -97.87
C GLU K 361 21.97 37.64 -96.94
N TYR K 362 22.31 37.06 -95.78
CA TYR K 362 21.34 36.72 -94.77
C TYR K 362 20.52 37.89 -94.29
N ASP K 363 21.15 39.01 -93.98
CA ASP K 363 20.36 40.10 -93.42
C ASP K 363 19.61 40.82 -94.51
N GLU K 364 20.16 40.86 -95.72
CA GLU K 364 19.46 41.52 -96.81
C GLU K 364 18.17 40.77 -97.17
N ALA K 365 18.25 39.43 -97.19
CA ALA K 365 17.12 38.57 -97.57
C ALA K 365 16.29 38.00 -96.43
N GLY K 366 16.88 37.83 -95.25
CA GLY K 366 16.23 37.17 -94.13
C GLY K 366 16.50 35.65 -94.26
N PRO K 367 16.11 34.84 -93.27
CA PRO K 367 16.35 33.40 -93.14
C PRO K 367 15.74 32.52 -94.20
N SER K 368 14.77 33.04 -94.95
CA SER K 368 14.12 32.29 -96.00
C SER K 368 15.09 32.02 -97.14
N ILE K 369 16.21 32.77 -97.14
CA ILE K 369 17.28 32.68 -98.12
C ILE K 369 17.87 31.29 -98.25
N VAL K 370 17.83 30.51 -97.18
CA VAL K 370 18.39 29.17 -97.19
C VAL K 370 17.73 28.31 -98.26
N HIS K 371 16.44 28.60 -98.53
CA HIS K 371 15.60 27.92 -99.49
C HIS K 371 16.05 28.15 -100.93
N ARG K 372 16.73 29.28 -101.18
CA ARG K 372 17.15 29.62 -102.53
C ARG K 372 18.64 29.36 -102.76
N LYS K 373 19.43 29.46 -101.69
CA LYS K 373 20.88 29.31 -101.80
C LYS K 373 21.47 27.92 -101.57
N CYS K 374 20.85 27.07 -100.75
CA CYS K 374 21.53 25.81 -100.47
C CYS K 374 21.40 24.71 -101.53
N PHE K 375 20.37 24.77 -102.36
CA PHE K 375 20.06 23.74 -103.36
C PHE K 375 18.80 24.09 -104.16
N ASP L 1 -35.87 -0.15 -112.94
CA ASP L 1 -37.00 0.76 -112.74
C ASP L 1 -37.32 1.52 -114.02
N GLU L 2 -36.51 1.27 -115.04
CA GLU L 2 -36.67 1.88 -116.35
C GLU L 2 -37.77 1.17 -117.11
N ASP L 3 -38.49 1.89 -117.97
CA ASP L 3 -39.57 1.31 -118.78
C ASP L 3 -39.19 1.00 -120.23
N GLU L 4 -37.90 1.04 -120.52
CA GLU L 4 -37.36 0.76 -121.84
C GLU L 4 -35.98 0.16 -121.70
N THR L 5 -35.55 -0.64 -122.67
CA THR L 5 -34.22 -1.25 -122.64
C THR L 5 -33.17 -0.30 -123.19
N THR L 6 -33.05 0.84 -122.53
CA THR L 6 -32.09 1.87 -122.87
C THR L 6 -30.72 1.42 -122.48
N ALA L 7 -29.72 1.78 -123.24
CA ALA L 7 -28.37 1.38 -122.87
C ALA L 7 -27.94 2.04 -121.59
N LEU L 8 -27.14 1.35 -120.81
CA LEU L 8 -26.60 1.99 -119.64
C LEU L 8 -25.31 2.60 -120.08
N VAL L 9 -24.99 3.77 -119.53
CA VAL L 9 -23.75 4.44 -119.88
C VAL L 9 -22.90 4.72 -118.64
N CYS L 10 -21.63 4.31 -118.66
CA CYS L 10 -20.78 4.60 -117.50
C CYS L 10 -19.30 4.84 -117.81
N ASP L 11 -18.76 5.90 -117.23
CA ASP L 11 -17.36 6.24 -117.36
C ASP L 11 -16.68 5.82 -116.06
N ASN L 12 -16.00 4.68 -116.09
CA ASN L 12 -15.34 4.14 -114.89
C ASN L 12 -13.86 4.52 -114.81
N GLY L 13 -13.54 5.76 -114.44
CA GLY L 13 -12.15 6.18 -114.51
C GLY L 13 -11.36 5.97 -113.21
N SER L 14 -10.13 6.53 -113.18
CA SER L 14 -9.21 6.43 -112.04
C SER L 14 -9.62 7.36 -110.89
N GLY L 15 -10.53 8.26 -111.22
CA GLY L 15 -11.07 9.23 -110.29
C GLY L 15 -12.49 8.82 -109.94
N LEU L 16 -13.43 9.38 -110.70
CA LEU L 16 -14.85 9.20 -110.53
C LEU L 16 -15.49 8.21 -111.49
N VAL L 17 -16.62 7.67 -111.03
CA VAL L 17 -17.51 6.79 -111.75
C VAL L 17 -18.77 7.57 -112.09
N LYS L 18 -19.00 7.78 -113.37
CA LYS L 18 -20.19 8.54 -113.75
C LYS L 18 -21.19 7.63 -114.38
N ALA L 19 -22.44 7.65 -113.94
CA ALA L 19 -23.38 6.76 -114.58
C ALA L 19 -24.79 7.31 -114.69
N GLY L 20 -25.48 6.82 -115.71
CA GLY L 20 -26.87 7.17 -116.00
C GLY L 20 -27.33 6.31 -117.16
N PHE L 21 -28.44 6.68 -117.78
CA PHE L 21 -28.94 5.87 -118.88
C PHE L 21 -28.83 6.65 -120.18
N ALA L 22 -28.72 5.94 -121.29
CA ALA L 22 -28.66 6.58 -122.57
C ALA L 22 -29.94 7.33 -122.83
N GLY L 23 -29.76 8.54 -123.35
CA GLY L 23 -30.85 9.41 -123.67
C GLY L 23 -30.92 10.56 -122.66
N ASP L 24 -30.25 10.45 -121.50
CA ASP L 24 -30.31 11.60 -120.61
C ASP L 24 -29.23 12.59 -121.01
N ASP L 25 -29.17 13.73 -120.31
CA ASP L 25 -28.16 14.77 -120.58
C ASP L 25 -27.14 14.91 -119.47
N ALA L 26 -27.15 13.99 -118.55
CA ALA L 26 -26.25 14.01 -117.41
C ALA L 26 -26.23 12.63 -116.78
N PRO L 27 -25.18 12.25 -116.05
CA PRO L 27 -25.17 11.03 -115.28
C PRO L 27 -26.19 11.26 -114.19
N ARG L 28 -26.84 10.21 -113.73
CA ARG L 28 -27.81 10.35 -112.66
C ARG L 28 -27.08 10.43 -111.35
N ALA L 29 -25.95 9.75 -111.28
CA ALA L 29 -25.16 9.74 -110.07
C ALA L 29 -23.67 9.68 -110.40
N VAL L 30 -22.88 10.34 -109.56
CA VAL L 30 -21.44 10.30 -109.69
C VAL L 30 -20.80 10.01 -108.33
N PHE L 31 -19.87 9.07 -108.28
CA PHE L 31 -19.17 8.78 -107.03
C PHE L 31 -17.76 8.30 -107.38
N PRO L 32 -16.77 8.32 -106.47
CA PRO L 32 -15.41 7.81 -106.66
C PRO L 32 -15.28 6.32 -106.94
N SER L 33 -14.30 5.96 -107.78
CA SER L 33 -14.04 4.56 -108.11
C SER L 33 -13.26 3.88 -107.00
N ILE L 34 -13.89 3.75 -105.84
CA ILE L 34 -13.23 3.22 -104.65
C ILE L 34 -13.81 1.98 -104.01
N VAL L 35 -12.93 1.02 -103.72
CA VAL L 35 -13.30 -0.11 -102.89
C VAL L 35 -12.36 -0.09 -101.67
N GLY L 36 -12.94 0.04 -100.49
CA GLY L 36 -12.18 0.19 -99.25
C GLY L 36 -12.15 -1.06 -98.42
N ARG L 37 -11.07 -1.25 -97.65
CA ARG L 37 -10.96 -2.41 -96.77
C ARG L 37 -10.40 -2.07 -95.39
N PRO L 38 -10.93 -2.64 -94.28
CA PRO L 38 -10.45 -2.41 -92.93
C PRO L 38 -8.97 -2.68 -92.80
N ARG L 39 -8.29 -1.80 -92.09
CA ARG L 39 -6.86 -1.93 -91.82
C ARG L 39 -6.61 -2.17 -90.33
N HIS L 40 -7.68 -2.54 -89.62
CA HIS L 40 -7.69 -2.78 -88.17
C HIS L 40 -8.36 -4.09 -87.78
N GLN L 41 -7.97 -4.61 -86.62
CA GLN L 41 -8.56 -5.79 -86.00
C GLN L 41 -9.81 -5.45 -85.22
N GLY L 42 -10.91 -6.15 -85.51
CA GLY L 42 -12.17 -5.94 -84.82
C GLY L 42 -12.12 -6.49 -83.39
N VAL L 43 -12.77 -5.80 -82.46
CA VAL L 43 -12.88 -6.27 -81.08
C VAL L 43 -14.30 -6.39 -80.54
N MET L 44 -15.26 -5.69 -81.15
CA MET L 44 -16.63 -5.81 -80.65
C MET L 44 -17.33 -6.89 -81.49
N VAL L 45 -18.22 -7.63 -80.85
CA VAL L 45 -18.95 -8.74 -81.46
C VAL L 45 -20.38 -8.35 -81.87
N GLY L 46 -20.81 -8.80 -83.06
CA GLY L 46 -22.16 -8.46 -83.52
C GLY L 46 -22.24 -7.06 -84.11
N MET L 47 -21.12 -6.61 -84.69
CA MET L 47 -21.00 -5.29 -85.28
C MET L 47 -21.24 -5.25 -86.77
N GLY L 48 -21.70 -6.36 -87.36
CA GLY L 48 -21.83 -6.40 -88.80
C GLY L 48 -20.41 -6.33 -89.33
N GLN L 49 -20.11 -5.33 -90.16
CA GLN L 49 -18.78 -5.08 -90.77
C GLN L 49 -18.50 -5.89 -92.02
N LYS L 50 -18.27 -5.16 -93.10
CA LYS L 50 -18.03 -5.78 -94.38
C LYS L 50 -16.56 -6.08 -94.56
N ASP L 51 -16.25 -6.98 -95.49
CA ASP L 51 -14.85 -7.26 -95.81
C ASP L 51 -14.32 -6.11 -96.67
N SER L 52 -15.23 -5.51 -97.42
CA SER L 52 -14.94 -4.41 -98.31
C SER L 52 -16.16 -3.50 -98.47
N TYR L 53 -15.90 -2.22 -98.68
CA TYR L 53 -16.92 -1.18 -98.86
C TYR L 53 -16.82 -0.55 -100.22
N VAL L 54 -17.94 -0.12 -100.81
CA VAL L 54 -17.84 0.46 -102.15
C VAL L 54 -18.39 1.88 -102.35
N GLY L 55 -17.63 2.69 -103.09
CA GLY L 55 -18.04 4.05 -103.43
C GLY L 55 -18.16 4.94 -102.22
N ASP L 56 -19.36 5.46 -102.02
CA ASP L 56 -19.63 6.33 -100.90
C ASP L 56 -19.57 5.57 -99.58
N GLU L 57 -19.72 4.24 -99.61
CA GLU L 57 -19.60 3.47 -98.39
C GLU L 57 -18.15 3.47 -97.97
N ALA L 58 -17.27 3.39 -98.97
CA ALA L 58 -15.85 3.32 -98.74
C ALA L 58 -15.37 4.63 -98.16
N GLN L 59 -15.91 5.73 -98.65
CA GLN L 59 -15.53 7.00 -98.06
C GLN L 59 -16.19 7.22 -96.70
N SER L 60 -17.45 6.82 -96.52
CA SER L 60 -18.16 7.07 -95.28
C SER L 60 -17.53 6.37 -94.07
N LYS L 61 -16.99 5.17 -94.29
CA LYS L 61 -16.38 4.38 -93.22
C LYS L 61 -14.85 4.41 -93.25
N ARG L 62 -14.29 5.33 -94.05
CA ARG L 62 -12.85 5.42 -94.34
C ARG L 62 -11.96 5.60 -93.15
N GLY L 63 -12.47 6.01 -91.99
CA GLY L 63 -11.63 6.24 -90.82
C GLY L 63 -10.75 5.03 -90.51
N ILE L 64 -11.22 3.81 -90.78
CA ILE L 64 -10.42 2.61 -90.53
C ILE L 64 -10.16 1.79 -91.78
N LEU L 65 -10.34 2.37 -92.96
CA LEU L 65 -10.16 1.62 -94.20
C LEU L 65 -8.97 2.14 -94.98
N THR L 66 -8.38 1.28 -95.78
CA THR L 66 -7.39 1.73 -96.76
C THR L 66 -8.20 1.80 -98.04
N LEU L 67 -8.07 2.86 -98.83
CA LEU L 67 -8.93 2.95 -100.01
C LEU L 67 -8.18 2.77 -101.31
N LYS L 68 -8.66 1.85 -102.15
CA LYS L 68 -8.02 1.59 -103.43
C LYS L 68 -8.90 1.95 -104.62
N TYR L 69 -8.24 2.41 -105.68
CA TYR L 69 -8.88 2.72 -106.95
C TYR L 69 -8.48 1.67 -108.00
N PRO L 70 -9.40 0.79 -108.46
CA PRO L 70 -9.18 -0.31 -109.41
C PRO L 70 -8.67 0.09 -110.80
N ILE L 71 -8.87 1.36 -111.16
CA ILE L 71 -8.43 1.87 -112.45
C ILE L 71 -7.16 2.69 -112.28
N GLU L 72 -6.12 2.29 -113.01
CA GLU L 72 -4.81 2.89 -112.91
C GLU L 72 -4.49 3.73 -114.12
N HIS L 73 -4.63 5.05 -113.99
CA HIS L 73 -4.37 5.97 -115.10
C HIS L 73 -5.07 5.59 -116.39
N GLY L 74 -6.34 5.21 -116.28
CA GLY L 74 -7.16 4.82 -117.41
C GLY L 74 -7.34 3.31 -117.64
N ILE L 75 -6.56 2.43 -117.01
CA ILE L 75 -6.80 0.99 -117.25
C ILE L 75 -7.31 0.19 -116.07
N ILE L 76 -8.21 -0.75 -116.33
CA ILE L 76 -8.69 -1.57 -115.24
C ILE L 76 -7.82 -2.77 -114.97
N THR L 77 -7.34 -2.85 -113.74
CA THR L 77 -6.51 -3.95 -113.33
C THR L 77 -7.24 -4.74 -112.25
N ASN L 78 -7.85 -4.05 -111.29
CA ASN L 78 -8.54 -4.78 -110.25
C ASN L 78 -9.98 -4.97 -110.65
N TRP L 79 -10.20 -5.95 -111.52
CA TRP L 79 -11.53 -6.16 -112.07
C TRP L 79 -12.52 -6.62 -111.01
N ASP L 80 -12.03 -7.19 -109.90
CA ASP L 80 -12.94 -7.71 -108.88
C ASP L 80 -13.52 -6.56 -108.10
N ASP L 81 -12.72 -5.53 -107.87
CA ASP L 81 -13.24 -4.38 -107.18
C ASP L 81 -14.13 -3.61 -108.12
N MET L 82 -13.83 -3.66 -109.43
CA MET L 82 -14.70 -2.96 -110.35
C MET L 82 -16.03 -3.69 -110.51
N GLU L 83 -16.05 -5.02 -110.38
CA GLU L 83 -17.33 -5.70 -110.44
C GLU L 83 -18.20 -5.13 -109.31
N LYS L 84 -17.63 -4.93 -108.13
CA LYS L 84 -18.36 -4.36 -107.00
C LYS L 84 -18.80 -2.91 -107.28
N ILE L 85 -17.94 -2.12 -107.93
CA ILE L 85 -18.30 -0.75 -108.25
C ILE L 85 -19.45 -0.73 -109.24
N TRP L 86 -19.40 -1.55 -110.29
CA TRP L 86 -20.47 -1.63 -111.27
C TRP L 86 -21.75 -2.13 -110.63
N HIS L 87 -21.67 -3.16 -109.80
CA HIS L 87 -22.89 -3.65 -109.18
C HIS L 87 -23.52 -2.54 -108.36
N HIS L 88 -22.72 -1.81 -107.59
CA HIS L 88 -23.23 -0.72 -106.78
C HIS L 88 -23.83 0.36 -107.69
N THR L 89 -23.09 0.75 -108.73
CA THR L 89 -23.51 1.81 -109.65
C THR L 89 -24.86 1.49 -110.28
N PHE L 90 -25.00 0.26 -110.74
CA PHE L 90 -26.19 -0.14 -111.43
C PHE L 90 -27.36 -0.44 -110.49
N TYR L 91 -27.15 -1.25 -109.46
CA TYR L 91 -28.25 -1.68 -108.63
C TYR L 91 -28.60 -0.78 -107.44
N ASN L 92 -27.62 -0.10 -106.83
CA ASN L 92 -27.90 0.70 -105.64
C ASN L 92 -28.06 2.19 -105.94
N GLU L 93 -27.88 2.56 -107.20
CA GLU L 93 -27.99 3.96 -107.60
C GLU L 93 -28.93 4.16 -108.78
N LEU L 94 -28.63 3.53 -109.92
CA LEU L 94 -29.47 3.68 -111.09
C LEU L 94 -30.69 2.78 -110.99
N ARG L 95 -30.59 1.70 -110.21
CA ARG L 95 -31.64 0.71 -110.01
C ARG L 95 -32.04 0.07 -111.32
N VAL L 96 -31.00 -0.36 -112.02
CA VAL L 96 -31.05 -1.05 -113.29
C VAL L 96 -30.25 -2.32 -113.15
N ALA L 97 -30.46 -3.24 -114.05
CA ALA L 97 -29.67 -4.45 -114.07
C ALA L 97 -29.17 -4.65 -115.49
N PRO L 98 -27.84 -4.69 -115.77
CA PRO L 98 -27.24 -4.85 -117.09
C PRO L 98 -27.84 -6.02 -117.85
N GLU L 99 -28.29 -7.05 -117.14
CA GLU L 99 -28.91 -8.19 -117.79
C GLU L 99 -30.05 -7.75 -118.73
N GLU L 100 -30.78 -6.69 -118.36
CA GLU L 100 -31.91 -6.18 -119.12
C GLU L 100 -31.57 -4.97 -120.02
N HIS L 101 -30.31 -4.54 -120.06
CA HIS L 101 -29.89 -3.35 -120.81
C HIS L 101 -28.53 -3.53 -121.50
N PRO L 102 -28.31 -3.06 -122.73
CA PRO L 102 -27.00 -3.10 -123.37
C PRO L 102 -26.12 -2.09 -122.61
N THR L 103 -24.80 -2.29 -122.52
CA THR L 103 -23.97 -1.31 -121.77
C THR L 103 -22.78 -0.73 -122.51
N LEU L 104 -22.64 0.60 -122.39
CA LEU L 104 -21.54 1.33 -123.00
C LEU L 104 -20.56 1.89 -121.96
N LEU L 105 -19.29 1.54 -122.15
CA LEU L 105 -18.16 1.94 -121.34
C LEU L 105 -17.18 2.69 -122.22
N THR L 106 -16.29 3.52 -121.67
CA THR L 106 -15.37 4.22 -122.56
C THR L 106 -13.91 4.32 -122.10
N GLU L 107 -13.01 4.46 -123.08
CA GLU L 107 -11.55 4.59 -122.89
C GLU L 107 -10.85 5.52 -123.92
N ALA L 108 -9.67 6.03 -123.59
CA ALA L 108 -8.87 6.85 -124.49
C ALA L 108 -8.41 6.04 -125.74
N PRO L 109 -8.23 6.65 -126.93
CA PRO L 109 -7.76 6.01 -128.16
C PRO L 109 -6.44 5.19 -128.06
N LEU L 110 -5.51 5.55 -127.17
CA LEU L 110 -4.24 4.80 -127.04
C LEU L 110 -4.17 4.04 -125.73
N ASN L 111 -5.32 3.79 -125.14
CA ASN L 111 -5.47 3.02 -123.92
C ASN L 111 -5.12 1.55 -124.29
N PRO L 112 -4.29 0.83 -123.53
CA PRO L 112 -3.94 -0.57 -123.79
C PRO L 112 -5.19 -1.41 -123.98
N LYS L 113 -5.13 -2.32 -124.95
CA LYS L 113 -6.26 -3.15 -125.37
C LYS L 113 -6.81 -4.04 -124.27
N ALA L 114 -5.99 -4.30 -123.26
CA ALA L 114 -6.39 -5.14 -122.16
C ALA L 114 -7.60 -4.54 -121.44
N ASN L 115 -7.70 -3.21 -121.42
CA ASN L 115 -8.78 -2.53 -120.71
C ASN L 115 -10.11 -2.84 -121.35
N ARG L 116 -10.17 -2.71 -122.67
CA ARG L 116 -11.40 -2.97 -123.43
C ARG L 116 -11.80 -4.43 -123.38
N GLU L 117 -10.81 -5.34 -123.34
CA GLU L 117 -11.11 -6.76 -123.30
C GLU L 117 -11.64 -7.17 -121.94
N LYS L 118 -11.04 -6.64 -120.86
CA LYS L 118 -11.49 -7.02 -119.54
C LYS L 118 -12.85 -6.42 -119.23
N MET L 119 -13.10 -5.17 -119.65
CA MET L 119 -14.41 -4.60 -119.37
C MET L 119 -15.50 -5.39 -120.08
N THR L 120 -15.22 -5.82 -121.32
CA THR L 120 -16.14 -6.61 -122.11
C THR L 120 -16.38 -7.95 -121.44
N GLN L 121 -15.30 -8.60 -120.97
CA GLN L 121 -15.46 -9.90 -120.37
C GLN L 121 -16.31 -9.89 -119.12
N ILE L 122 -16.11 -8.91 -118.26
CA ILE L 122 -16.86 -8.92 -117.02
C ILE L 122 -18.31 -8.56 -117.25
N MET L 123 -18.58 -7.55 -118.08
CA MET L 123 -19.97 -7.23 -118.24
C MET L 123 -20.75 -8.40 -118.86
N PHE L 124 -20.14 -9.17 -119.77
CA PHE L 124 -20.83 -10.32 -120.33
C PHE L 124 -20.87 -11.55 -119.41
N GLU L 125 -19.79 -11.83 -118.68
CA GLU L 125 -19.78 -13.04 -117.86
C GLU L 125 -20.29 -12.89 -116.43
N THR L 126 -20.19 -11.72 -115.79
CA THR L 126 -20.67 -11.65 -114.42
C THR L 126 -21.99 -10.90 -114.32
N PHE L 127 -22.24 -10.00 -115.27
CA PHE L 127 -23.51 -9.24 -115.25
C PHE L 127 -24.53 -9.70 -116.29
N ASN L 128 -24.11 -10.59 -117.17
CA ASN L 128 -24.91 -11.14 -118.27
C ASN L 128 -25.56 -10.07 -119.14
N VAL L 129 -24.83 -9.01 -119.44
CA VAL L 129 -25.35 -7.93 -120.25
C VAL L 129 -25.64 -8.48 -121.66
N PRO L 130 -26.79 -8.18 -122.30
CA PRO L 130 -27.13 -8.68 -123.63
C PRO L 130 -26.21 -8.14 -124.72
N ALA L 131 -25.55 -7.01 -124.46
CA ALA L 131 -24.65 -6.42 -125.43
C ALA L 131 -23.65 -5.46 -124.81
N MET L 132 -22.53 -5.29 -125.50
CA MET L 132 -21.51 -4.34 -125.07
C MET L 132 -20.91 -3.48 -126.14
N TYR L 133 -20.42 -2.30 -125.73
CA TYR L 133 -19.76 -1.39 -126.66
C TYR L 133 -18.75 -0.47 -125.97
N VAL L 134 -17.47 -0.65 -126.27
CA VAL L 134 -16.45 0.19 -125.66
C VAL L 134 -16.19 1.33 -126.60
N ALA L 135 -16.49 2.52 -126.11
CA ALA L 135 -16.42 3.76 -126.83
C ALA L 135 -15.13 4.47 -126.60
N ILE L 136 -14.80 5.35 -127.51
CA ILE L 136 -13.62 6.17 -127.40
C ILE L 136 -13.96 7.47 -126.65
N GLN L 137 -13.20 7.79 -125.61
CA GLN L 137 -13.47 9.00 -124.81
C GLN L 137 -13.39 10.26 -125.66
N ALA L 138 -12.50 10.26 -126.64
CA ALA L 138 -12.35 11.40 -127.54
C ALA L 138 -13.57 11.61 -128.43
N VAL L 139 -14.20 10.52 -128.83
CA VAL L 139 -15.40 10.56 -129.63
C VAL L 139 -16.52 11.11 -128.82
N LEU L 140 -16.58 10.65 -127.58
CA LEU L 140 -17.64 11.08 -126.73
C LEU L 140 -17.42 12.53 -126.29
N SER L 141 -16.17 12.93 -126.13
CA SER L 141 -15.88 14.30 -125.73
C SER L 141 -16.31 15.28 -126.82
N LEU L 142 -16.09 14.93 -128.10
CA LEU L 142 -16.52 15.86 -129.11
C LEU L 142 -18.03 15.76 -129.33
N TYR L 143 -18.65 14.58 -129.10
CA TYR L 143 -20.10 14.59 -129.29
C TYR L 143 -20.76 15.53 -128.31
N ALA L 144 -20.31 15.48 -127.06
CA ALA L 144 -20.91 16.31 -126.03
C ALA L 144 -20.69 17.79 -126.27
N SER L 145 -19.51 18.16 -126.78
CA SER L 145 -19.22 19.56 -127.06
C SER L 145 -19.79 20.06 -128.39
N GLY L 146 -20.18 19.16 -129.29
CA GLY L 146 -20.76 19.58 -130.55
C GLY L 146 -19.77 19.79 -131.66
N ARG L 147 -18.77 18.92 -131.75
CA ARG L 147 -17.80 19.06 -132.82
C ARG L 147 -17.52 17.74 -133.54
N THR L 148 -17.21 17.84 -134.83
CA THR L 148 -16.78 16.69 -135.62
C THR L 148 -15.29 16.87 -135.87
N THR L 149 -14.86 18.10 -135.64
CA THR L 149 -13.50 18.52 -135.84
C THR L 149 -12.98 19.26 -134.63
N GLY L 150 -11.82 18.87 -134.13
CA GLY L 150 -11.19 19.54 -133.00
C GLY L 150 -10.19 18.67 -132.26
N ILE L 151 -9.60 19.23 -131.21
CA ILE L 151 -8.63 18.49 -130.40
C ILE L 151 -9.23 18.10 -129.10
N VAL L 152 -9.20 16.82 -128.77
CA VAL L 152 -9.73 16.49 -127.48
C VAL L 152 -8.69 16.58 -126.40
N LEU L 153 -8.97 17.48 -125.48
CA LEU L 153 -8.14 17.77 -124.34
C LEU L 153 -8.92 17.29 -123.14
N ASP L 154 -8.67 16.05 -122.76
CA ASP L 154 -9.42 15.32 -121.77
C ASP L 154 -8.76 15.21 -120.40
N SER L 155 -7.80 16.11 -120.13
CA SER L 155 -7.00 16.37 -118.91
C SER L 155 -7.54 15.96 -117.51
N GLY L 156 -8.12 14.78 -117.38
CA GLY L 156 -8.75 14.35 -116.14
C GLY L 156 -7.79 13.68 -115.18
N ASP L 157 -8.34 12.87 -114.28
CA ASP L 157 -7.56 12.24 -113.22
C ASP L 157 -6.52 11.24 -113.69
N GLY L 158 -6.81 10.49 -114.75
CA GLY L 158 -5.93 9.43 -115.20
C GLY L 158 -4.79 9.86 -116.11
N VAL L 159 -5.12 10.17 -117.36
CA VAL L 159 -4.13 10.54 -118.35
C VAL L 159 -4.66 11.63 -119.26
N THR L 160 -3.80 12.51 -119.79
CA THR L 160 -4.23 13.49 -120.77
C THR L 160 -3.98 12.84 -122.14
N HIS L 161 -5.01 12.78 -122.98
CA HIS L 161 -4.91 12.09 -124.28
C HIS L 161 -4.44 12.89 -125.52
N ASN L 162 -4.86 14.15 -125.61
CA ASN L 162 -4.50 15.05 -126.73
C ASN L 162 -4.71 14.54 -128.18
N VAL L 163 -5.96 14.22 -128.59
CA VAL L 163 -6.14 13.69 -129.96
C VAL L 163 -6.90 14.57 -130.95
N PRO L 164 -6.33 14.86 -132.12
CA PRO L 164 -6.99 15.55 -133.21
C PRO L 164 -7.91 14.61 -133.96
N ILE L 165 -9.12 15.10 -134.22
CA ILE L 165 -10.15 14.44 -135.02
C ILE L 165 -10.62 15.44 -136.09
N TYR L 166 -10.70 15.00 -137.35
CA TYR L 166 -11.17 15.91 -138.42
C TYR L 166 -12.31 15.29 -139.21
N GLU L 167 -13.44 15.99 -139.30
CA GLU L 167 -14.63 15.47 -140.00
C GLU L 167 -15.01 14.07 -139.52
N GLY L 168 -14.86 13.81 -138.23
CA GLY L 168 -15.21 12.51 -137.69
C GLY L 168 -14.12 11.43 -137.84
N TYR L 169 -12.96 11.78 -138.41
CA TYR L 169 -11.85 10.84 -138.61
C TYR L 169 -10.71 11.04 -137.65
N ALA L 170 -10.08 9.96 -137.24
CA ALA L 170 -8.93 10.14 -136.37
C ALA L 170 -7.73 10.53 -137.19
N LEU L 171 -6.85 11.30 -136.58
CA LEU L 171 -5.57 11.63 -137.17
C LEU L 171 -4.51 11.12 -136.17
N PRO L 172 -4.40 9.77 -136.00
CA PRO L 172 -3.74 9.09 -134.90
C PRO L 172 -2.25 9.30 -134.77
N HIS L 173 -1.58 9.71 -135.84
CA HIS L 173 -0.16 9.90 -135.79
C HIS L 173 0.20 11.14 -134.98
N ALA L 174 -0.80 11.98 -134.77
CA ALA L 174 -0.64 13.23 -134.08
C ALA L 174 -1.15 13.15 -132.63
N ILE L 175 -1.46 11.95 -132.14
CA ILE L 175 -1.89 11.84 -130.75
C ILE L 175 -0.72 11.95 -129.81
N MET L 176 -0.82 12.84 -128.83
CA MET L 176 0.25 12.99 -127.86
C MET L 176 -0.17 12.48 -126.48
N ARG L 177 -0.30 11.17 -126.29
CA ARG L 177 -0.68 10.63 -124.97
C ARG L 177 0.32 11.08 -123.90
N LEU L 178 -0.15 11.79 -122.86
CA LEU L 178 0.77 12.28 -121.87
C LEU L 178 0.52 11.85 -120.42
N ASP L 179 1.59 11.41 -119.77
CA ASP L 179 1.54 10.99 -118.38
C ASP L 179 1.63 12.20 -117.43
N LEU L 180 0.57 12.99 -117.47
CA LEU L 180 0.34 14.19 -116.69
C LEU L 180 -1.16 14.29 -116.42
N ALA L 181 -1.55 14.19 -115.15
CA ALA L 181 -2.97 14.14 -114.84
C ALA L 181 -3.38 14.69 -113.45
N GLY L 182 -4.70 14.80 -113.26
CA GLY L 182 -5.28 15.28 -112.00
C GLY L 182 -4.82 14.45 -110.79
N ARG L 183 -4.55 13.15 -111.00
CA ARG L 183 -4.06 12.25 -109.96
C ARG L 183 -2.67 12.67 -109.48
N ASP L 184 -1.85 13.25 -110.37
CA ASP L 184 -0.49 13.60 -110.02
C ASP L 184 -0.56 14.90 -109.26
N LEU L 185 -1.55 15.72 -109.62
CA LEU L 185 -1.70 16.99 -108.94
C LEU L 185 -2.07 16.73 -107.48
N THR L 186 -2.90 15.71 -107.20
CA THR L 186 -3.24 15.47 -105.79
C THR L 186 -1.97 15.11 -105.01
N ASP L 187 -1.13 14.23 -105.56
CA ASP L 187 0.06 13.84 -104.83
C ASP L 187 1.07 14.97 -104.73
N TYR L 188 1.17 15.79 -105.77
CA TYR L 188 2.10 16.90 -105.75
C TYR L 188 1.67 17.91 -104.69
N LEU L 189 0.36 18.18 -104.59
CA LEU L 189 -0.13 19.11 -103.60
C LEU L 189 0.18 18.55 -102.20
N MET L 190 0.05 17.22 -101.98
CA MET L 190 0.38 16.67 -100.66
C MET L 190 1.86 17.04 -100.32
N LYS L 191 2.75 16.92 -101.31
CA LYS L 191 4.16 17.24 -101.07
C LYS L 191 4.42 18.75 -100.84
N ILE L 192 3.78 19.65 -101.58
CA ILE L 192 4.04 21.07 -101.32
C ILE L 192 3.31 21.59 -100.06
N LEU L 193 2.24 20.89 -99.65
CA LEU L 193 1.61 21.26 -98.39
C LEU L 193 2.49 20.78 -97.23
N THR L 194 3.29 19.72 -97.47
CA THR L 194 4.25 19.21 -96.49
C THR L 194 5.30 20.32 -96.29
N GLU L 195 5.70 20.98 -97.39
CA GLU L 195 6.68 22.08 -97.33
C GLU L 195 6.16 23.20 -96.40
N ARG L 196 4.86 23.38 -96.36
CA ARG L 196 4.25 24.43 -95.52
C ARG L 196 4.07 24.02 -94.06
N GLY L 197 4.42 22.79 -93.71
CA GLY L 197 4.28 22.32 -92.34
C GLY L 197 3.05 21.43 -92.08
N TYR L 198 2.37 21.03 -93.15
CA TYR L 198 1.20 20.18 -93.01
C TYR L 198 1.42 18.92 -93.84
N SER L 199 2.10 17.93 -93.26
CA SER L 199 2.39 16.72 -93.99
C SER L 199 1.15 15.87 -94.24
N PHE L 200 1.04 15.34 -95.46
CA PHE L 200 -0.03 14.44 -95.87
C PHE L 200 0.56 13.20 -96.55
N VAL L 201 0.39 12.00 -95.97
CA VAL L 201 0.94 10.77 -96.59
C VAL L 201 -0.06 9.57 -96.71
N THR L 202 -1.15 9.57 -95.93
CA THR L 202 -2.08 8.41 -95.84
C THR L 202 -3.30 8.57 -96.75
N THR L 203 -4.15 7.52 -96.85
CA THR L 203 -5.36 7.64 -97.66
C THR L 203 -6.25 8.76 -97.20
N ALA L 204 -6.48 8.86 -95.88
CA ALA L 204 -7.38 9.90 -95.42
C ALA L 204 -6.81 11.25 -95.79
N GLU L 205 -5.49 11.38 -95.66
CA GLU L 205 -4.81 12.62 -95.98
C GLU L 205 -4.87 12.93 -97.47
N ARG L 206 -4.78 11.90 -98.31
CA ARG L 206 -4.89 12.04 -99.75
C ARG L 206 -6.29 12.50 -100.14
N GLU L 207 -7.33 11.94 -99.49
CA GLU L 207 -8.70 12.35 -99.77
C GLU L 207 -8.90 13.81 -99.28
N ILE L 208 -8.24 14.20 -98.19
CA ILE L 208 -8.32 15.58 -97.74
C ILE L 208 -7.67 16.48 -98.78
N VAL L 209 -6.51 16.11 -99.29
CA VAL L 209 -5.84 16.93 -100.27
C VAL L 209 -6.59 17.01 -101.58
N ARG L 210 -7.26 15.94 -101.98
CA ARG L 210 -8.04 15.94 -103.22
C ARG L 210 -9.19 16.92 -103.08
N ASP L 211 -9.67 17.09 -101.84
CA ASP L 211 -10.77 18.01 -101.56
C ASP L 211 -10.23 19.44 -101.53
N ILE L 212 -9.02 19.63 -101.01
CA ILE L 212 -8.42 20.94 -101.00
C ILE L 212 -8.23 21.39 -102.43
N LYS L 213 -7.68 20.51 -103.26
CA LYS L 213 -7.42 20.84 -104.65
C LYS L 213 -8.70 21.22 -105.40
N GLU L 214 -9.72 20.39 -105.28
CA GLU L 214 -10.99 20.56 -105.97
C GLU L 214 -11.68 21.88 -105.56
N LYS L 215 -11.54 22.29 -104.30
CA LYS L 215 -12.16 23.52 -103.83
C LYS L 215 -11.30 24.81 -103.87
N LEU L 216 -9.97 24.71 -103.69
CA LEU L 216 -9.13 25.91 -103.63
C LEU L 216 -8.30 26.23 -104.88
N CYS L 217 -7.99 25.23 -105.71
CA CYS L 217 -7.06 25.44 -106.81
C CYS L 217 -7.55 26.06 -108.10
N TYR L 218 -6.58 26.72 -108.74
CA TYR L 218 -6.72 27.38 -110.04
C TYR L 218 -5.38 27.43 -110.72
N VAL L 219 -5.32 27.76 -112.01
CA VAL L 219 -4.00 27.87 -112.65
C VAL L 219 -3.51 29.31 -112.84
N ALA L 220 -4.43 30.22 -113.21
CA ALA L 220 -4.17 31.64 -113.53
C ALA L 220 -3.66 31.84 -114.95
N LEU L 221 -3.99 32.99 -115.54
CA LEU L 221 -3.49 33.28 -116.87
C LEU L 221 -1.97 33.56 -116.89
N ASP L 222 -1.47 34.31 -115.90
CA ASP L 222 -0.04 34.59 -115.83
C ASP L 222 0.55 33.98 -114.56
N PHE L 223 1.25 32.86 -114.70
CA PHE L 223 1.75 32.15 -113.52
C PHE L 223 2.75 32.91 -112.69
N GLU L 224 3.75 33.47 -113.34
CA GLU L 224 4.83 34.13 -112.63
C GLU L 224 4.34 35.35 -111.87
N ASN L 225 3.35 36.05 -112.40
CA ASN L 225 2.84 37.22 -111.72
C ASN L 225 1.99 36.80 -110.53
N GLU L 226 1.20 35.72 -110.71
CA GLU L 226 0.33 35.23 -109.65
C GLU L 226 1.22 34.69 -108.54
N MET L 227 2.33 34.05 -108.92
CA MET L 227 3.30 33.49 -108.01
C MET L 227 3.97 34.59 -107.21
N ALA L 228 4.39 35.65 -107.89
CA ALA L 228 5.07 36.73 -107.21
C ALA L 228 4.21 37.37 -106.14
N THR L 229 2.91 37.52 -106.39
CA THR L 229 2.08 38.12 -105.37
C THR L 229 1.67 37.10 -104.30
N ALA L 230 1.38 35.86 -104.69
CA ALA L 230 0.98 34.85 -103.70
C ALA L 230 2.09 34.54 -102.74
N ALA L 231 3.33 34.62 -103.21
CA ALA L 231 4.50 34.36 -102.42
C ALA L 231 4.88 35.56 -101.53
N SER L 232 4.25 36.72 -101.78
CA SER L 232 4.60 37.93 -101.07
C SER L 232 3.52 38.43 -100.11
N SER L 233 2.27 37.98 -100.32
CA SER L 233 1.17 38.48 -99.51
C SER L 233 0.02 37.53 -99.22
N SER L 234 -0.53 37.69 -98.03
CA SER L 234 -1.66 36.93 -97.50
C SER L 234 -2.94 37.20 -98.29
N SER L 235 -2.93 38.25 -99.11
CA SER L 235 -4.08 38.61 -99.91
C SER L 235 -4.43 37.56 -100.96
N LEU L 236 -3.51 36.64 -101.27
CA LEU L 236 -3.86 35.58 -102.23
C LEU L 236 -3.96 34.21 -101.55
N GLU L 237 -4.05 34.21 -100.21
CA GLU L 237 -4.17 32.95 -99.49
C GLU L 237 -5.63 32.60 -99.26
N LYS L 238 -5.87 31.30 -99.18
CA LYS L 238 -7.20 30.81 -98.88
C LYS L 238 -7.13 29.66 -97.91
N SER L 239 -7.95 29.71 -96.87
CA SER L 239 -7.98 28.64 -95.92
C SER L 239 -8.88 27.49 -96.34
N TYR L 240 -8.58 26.34 -95.74
CA TYR L 240 -9.35 25.13 -95.89
C TYR L 240 -9.56 24.47 -94.54
N GLU L 241 -10.77 24.02 -94.30
CA GLU L 241 -11.13 23.35 -93.08
C GLU L 241 -11.08 21.84 -93.24
N LEU L 242 -10.26 21.19 -92.42
CA LEU L 242 -10.07 19.76 -92.51
C LEU L 242 -11.20 19.06 -91.75
N PRO L 243 -11.49 17.78 -92.06
CA PRO L 243 -12.48 16.95 -91.37
C PRO L 243 -12.33 16.90 -89.86
N ASP L 244 -11.10 17.05 -89.34
CA ASP L 244 -10.93 17.01 -87.91
C ASP L 244 -10.90 18.38 -87.25
N GLY L 245 -11.26 19.43 -87.97
CA GLY L 245 -11.28 20.76 -87.38
C GLY L 245 -9.96 21.53 -87.56
N GLN L 246 -8.93 20.91 -88.13
CA GLN L 246 -7.70 21.66 -88.32
C GLN L 246 -7.88 22.62 -89.48
N VAL L 247 -7.17 23.73 -89.46
CA VAL L 247 -7.24 24.64 -90.58
C VAL L 247 -5.87 24.85 -91.19
N ILE L 248 -5.85 24.69 -92.51
CA ILE L 248 -4.65 24.87 -93.30
C ILE L 248 -4.80 26.13 -94.14
N THR L 249 -3.79 26.97 -94.14
CA THR L 249 -3.84 28.16 -94.99
C THR L 249 -2.86 27.91 -96.10
N ILE L 250 -3.35 28.04 -97.33
CA ILE L 250 -2.61 27.76 -98.56
C ILE L 250 -2.39 29.00 -99.43
N GLY L 251 -1.13 29.23 -99.86
CA GLY L 251 -0.75 30.40 -100.63
C GLY L 251 -0.52 30.06 -102.08
N ASN L 252 0.74 30.13 -102.52
CA ASN L 252 1.00 29.92 -103.93
C ASN L 252 0.89 28.46 -104.34
N GLU L 253 0.71 27.55 -103.37
CA GLU L 253 0.56 26.13 -103.65
C GLU L 253 -0.77 25.89 -104.33
N ARG L 254 -1.67 26.86 -104.13
CA ARG L 254 -3.01 26.90 -104.63
C ARG L 254 -3.01 26.86 -106.16
N PHE L 255 -1.93 27.37 -106.76
CA PHE L 255 -1.79 27.40 -108.20
C PHE L 255 -0.53 26.70 -108.66
N ARG L 256 0.47 26.61 -107.79
CA ARG L 256 1.73 25.94 -108.16
C ARG L 256 1.47 24.49 -108.47
N CYS L 257 0.48 23.90 -107.81
CA CYS L 257 0.13 22.51 -108.06
C CYS L 257 -0.38 22.39 -109.49
N PRO L 258 -1.55 23.00 -109.76
CA PRO L 258 -2.21 23.03 -111.06
C PRO L 258 -1.30 23.50 -112.19
N GLU L 259 -0.33 24.37 -111.91
CA GLU L 259 0.61 24.87 -112.88
C GLU L 259 1.47 23.77 -113.49
N THR L 260 1.52 22.61 -112.84
CA THR L 260 2.29 21.44 -113.27
C THR L 260 1.76 21.01 -114.64
N LEU L 261 0.52 21.35 -114.93
CA LEU L 261 -0.12 21.05 -116.19
C LEU L 261 0.62 21.78 -117.32
N PHE L 262 1.19 22.96 -117.03
CA PHE L 262 1.91 23.76 -117.99
C PHE L 262 3.41 23.59 -117.79
N GLN L 263 3.79 23.20 -116.56
CA GLN L 263 5.18 22.94 -116.19
C GLN L 263 5.24 21.61 -115.46
N PRO L 264 5.33 20.51 -116.22
CA PRO L 264 5.35 19.11 -115.75
C PRO L 264 6.62 18.75 -115.02
N SER L 265 7.66 19.57 -115.18
CA SER L 265 8.94 19.36 -114.54
C SER L 265 8.79 19.47 -113.03
N PHE L 266 7.68 20.07 -112.56
CA PHE L 266 7.44 20.22 -111.14
C PHE L 266 7.28 18.86 -110.47
N ILE L 267 6.86 17.85 -111.22
CA ILE L 267 6.67 16.50 -110.72
C ILE L 267 7.64 15.53 -111.38
N GLY L 268 8.72 16.07 -111.97
CA GLY L 268 9.75 15.27 -112.59
C GLY L 268 9.36 14.70 -113.96
N MET L 269 8.38 15.29 -114.65
CA MET L 269 7.99 14.75 -115.92
C MET L 269 8.69 15.43 -117.10
N GLU L 270 9.10 14.61 -118.06
CA GLU L 270 9.74 15.16 -119.23
C GLU L 270 8.70 15.62 -120.22
N SER L 271 8.21 16.82 -120.02
CA SER L 271 7.15 17.36 -120.85
C SER L 271 7.13 18.87 -120.90
N ALA L 272 6.70 19.39 -122.04
CA ALA L 272 6.57 20.82 -122.28
C ALA L 272 5.24 21.40 -121.81
N GLY L 273 4.35 20.55 -121.32
CA GLY L 273 3.03 21.01 -120.86
C GLY L 273 1.92 20.70 -121.84
N ILE L 274 0.69 20.78 -121.33
CA ILE L 274 -0.51 20.46 -122.11
C ILE L 274 -0.76 21.40 -123.29
N HIS L 275 -0.31 22.66 -123.22
CA HIS L 275 -0.47 23.55 -124.34
C HIS L 275 0.43 23.21 -125.49
N GLU L 276 1.57 22.56 -125.23
CA GLU L 276 2.47 22.27 -126.32
C GLU L 276 2.01 20.99 -126.98
N THR L 277 1.48 20.07 -126.18
CA THR L 277 1.02 18.83 -126.79
C THR L 277 -0.18 19.13 -127.66
N THR L 278 -1.01 20.11 -127.26
CA THR L 278 -2.15 20.49 -128.07
C THR L 278 -1.63 21.07 -129.38
N TYR L 279 -0.67 21.99 -129.26
CA TYR L 279 -0.06 22.65 -130.40
C TYR L 279 0.55 21.68 -131.39
N ASN L 280 1.37 20.75 -130.90
CA ASN L 280 2.04 19.82 -131.78
C ASN L 280 1.06 18.85 -132.42
N SER L 281 -0.01 18.45 -131.71
CA SER L 281 -0.95 17.53 -132.34
C SER L 281 -1.60 18.19 -133.55
N ILE L 282 -1.70 19.52 -133.53
CA ILE L 282 -2.26 20.23 -134.65
C ILE L 282 -1.17 20.41 -135.71
N MET L 283 0.03 20.79 -135.29
CA MET L 283 1.12 21.05 -136.24
C MET L 283 1.50 19.81 -137.05
N LYS L 284 1.25 18.61 -136.52
CA LYS L 284 1.55 17.37 -137.25
C LYS L 284 0.45 17.01 -138.28
N CYS L 285 -0.64 17.77 -138.30
CA CYS L 285 -1.76 17.54 -139.23
C CYS L 285 -1.57 18.40 -140.49
N ASP L 286 -2.23 18.06 -141.60
CA ASP L 286 -2.09 18.86 -142.83
C ASP L 286 -2.61 20.28 -142.66
N ILE L 287 -2.08 21.22 -143.42
CA ILE L 287 -2.47 22.63 -143.30
C ILE L 287 -3.93 22.94 -143.56
N ASP L 288 -4.66 22.05 -144.25
CA ASP L 288 -6.07 22.26 -144.51
C ASP L 288 -6.93 21.67 -143.40
N ILE L 289 -6.25 21.08 -142.41
CA ILE L 289 -6.84 20.53 -141.20
C ILE L 289 -6.60 21.51 -140.06
N ARG L 290 -5.36 22.05 -140.02
CA ARG L 290 -4.88 22.91 -138.94
C ARG L 290 -5.76 24.13 -138.75
N LYS L 291 -6.28 24.67 -139.85
CA LYS L 291 -7.10 25.87 -139.75
C LYS L 291 -8.36 25.62 -138.91
N ASP L 292 -8.86 24.38 -138.92
CA ASP L 292 -10.07 24.04 -138.19
C ASP L 292 -9.73 23.53 -136.80
N LEU L 293 -8.59 22.86 -136.65
CA LEU L 293 -8.27 22.33 -135.32
C LEU L 293 -7.81 23.45 -134.38
N TYR L 294 -7.09 24.46 -134.87
CA TYR L 294 -6.63 25.51 -133.96
C TYR L 294 -7.78 26.33 -133.40
N ALA L 295 -8.84 26.45 -134.18
CA ALA L 295 -10.03 27.20 -133.80
C ALA L 295 -10.98 26.38 -132.93
N ASN L 296 -10.66 25.08 -132.74
CA ASN L 296 -11.49 24.16 -132.00
C ASN L 296 -10.69 23.23 -131.09
N ASN L 297 -10.03 23.80 -130.10
CA ASN L 297 -9.35 23.03 -129.07
C ASN L 297 -10.43 22.77 -128.04
N VAL L 298 -10.79 21.51 -127.78
CA VAL L 298 -11.96 21.25 -126.95
C VAL L 298 -11.69 20.57 -125.60
N MET L 299 -12.09 21.24 -124.53
CA MET L 299 -11.90 20.69 -123.19
C MET L 299 -12.96 19.70 -122.75
N SER L 300 -12.49 18.67 -122.07
CA SER L 300 -13.24 17.59 -121.48
C SER L 300 -12.48 17.11 -120.24
N GLY L 301 -13.16 16.52 -119.29
CA GLY L 301 -12.44 16.00 -118.12
C GLY L 301 -12.20 17.06 -117.02
N GLY L 302 -11.62 16.63 -115.91
CA GLY L 302 -11.34 17.52 -114.79
C GLY L 302 -10.12 18.35 -115.08
N THR L 303 -9.76 19.26 -114.16
CA THR L 303 -8.64 20.22 -114.29
C THR L 303 -8.95 21.33 -115.33
N THR L 304 -9.91 21.08 -116.23
CA THR L 304 -10.34 22.01 -117.27
C THR L 304 -11.28 23.01 -116.66
N MET L 305 -11.64 22.73 -115.43
CA MET L 305 -12.56 23.52 -114.66
C MET L 305 -11.77 24.54 -113.81
N TYR L 306 -10.41 24.53 -113.87
CA TYR L 306 -9.65 25.49 -113.08
C TYR L 306 -9.74 26.89 -113.69
N PRO L 307 -9.93 27.95 -112.90
CA PRO L 307 -9.90 29.30 -113.40
C PRO L 307 -8.55 29.55 -114.07
N GLY L 308 -8.62 30.16 -115.25
CA GLY L 308 -7.47 30.51 -116.06
C GLY L 308 -6.99 29.37 -116.99
N ILE L 309 -7.59 28.18 -116.94
CA ILE L 309 -7.06 27.08 -117.75
C ILE L 309 -7.32 27.21 -119.25
N ALA L 310 -8.50 27.68 -119.64
CA ALA L 310 -8.80 27.83 -121.05
C ALA L 310 -8.09 29.04 -121.60
N ASP L 311 -7.88 30.03 -120.74
CA ASP L 311 -7.24 31.23 -121.21
C ASP L 311 -5.73 31.01 -121.26
N ARG L 312 -5.25 30.24 -120.30
CA ARG L 312 -3.83 29.90 -120.19
C ARG L 312 -3.40 29.07 -121.39
N MET L 313 -4.17 28.04 -121.73
CA MET L 313 -3.78 27.23 -122.87
C MET L 313 -3.99 27.99 -124.16
N GLN L 314 -5.05 28.79 -124.28
CA GLN L 314 -5.27 29.49 -125.53
C GLN L 314 -4.14 30.47 -125.75
N LYS L 315 -3.69 31.16 -124.69
CA LYS L 315 -2.59 32.11 -124.80
C LYS L 315 -1.31 31.43 -125.25
N GLU L 316 -0.98 30.28 -124.67
CA GLU L 316 0.26 29.61 -125.04
C GLU L 316 0.18 29.02 -126.45
N ILE L 317 -0.97 28.49 -126.84
CA ILE L 317 -1.11 27.90 -128.15
C ILE L 317 -1.01 29.01 -129.16
N THR L 318 -1.69 30.14 -128.88
CA THR L 318 -1.70 31.30 -129.74
C THR L 318 -0.28 31.84 -129.91
N ALA L 319 0.49 31.89 -128.82
CA ALA L 319 1.87 32.35 -128.89
C ALA L 319 2.74 31.45 -129.77
N LEU L 320 2.49 30.13 -129.74
CA LEU L 320 3.25 29.17 -130.54
C LEU L 320 2.75 29.11 -132.00
N ALA L 321 1.45 29.34 -132.19
CA ALA L 321 0.76 29.30 -133.46
C ALA L 321 1.09 30.51 -134.34
N PRO L 322 0.97 30.40 -135.67
CA PRO L 322 1.11 31.49 -136.62
C PRO L 322 -0.06 32.48 -136.51
N SER L 323 0.20 33.71 -136.94
CA SER L 323 -0.76 34.82 -136.99
C SER L 323 -1.78 34.69 -138.12
N THR L 324 -2.76 35.60 -138.17
CA THR L 324 -3.90 35.64 -139.13
C THR L 324 -4.98 34.60 -138.79
N MET L 325 -4.53 33.39 -138.58
CA MET L 325 -5.32 32.25 -138.17
C MET L 325 -5.82 32.48 -136.75
N LYS L 326 -7.03 32.01 -136.46
CA LYS L 326 -7.55 32.17 -135.11
C LYS L 326 -7.41 30.90 -134.31
N ILE L 327 -7.03 31.07 -133.05
CA ILE L 327 -6.87 30.00 -132.08
C ILE L 327 -7.91 30.15 -130.98
N LYS L 328 -8.67 29.08 -130.71
CA LYS L 328 -9.70 29.15 -129.67
C LYS L 328 -9.90 27.88 -128.86
N ILE L 329 -10.17 28.06 -127.55
CA ILE L 329 -10.55 26.94 -126.71
C ILE L 329 -12.03 26.95 -126.37
N ILE L 330 -12.61 25.78 -126.58
CA ILE L 330 -14.00 25.51 -126.34
C ILE L 330 -14.01 24.85 -124.96
N ALA L 331 -14.68 25.47 -124.01
CA ALA L 331 -14.65 24.95 -122.64
C ALA L 331 -16.02 25.11 -122.01
N PRO L 332 -16.99 24.25 -122.36
CA PRO L 332 -18.37 24.36 -122.00
C PRO L 332 -18.52 24.02 -120.50
N PRO L 333 -19.58 24.50 -119.82
CA PRO L 333 -19.94 24.19 -118.43
C PRO L 333 -20.16 22.70 -118.15
N GLU L 334 -20.47 21.95 -119.20
CA GLU L 334 -20.68 20.51 -119.08
C GLU L 334 -19.32 19.84 -118.95
N ARG L 335 -18.41 20.52 -118.27
CA ARG L 335 -17.06 20.02 -118.07
C ARG L 335 -17.01 18.88 -117.06
N LYS L 336 -15.90 18.14 -117.09
CA LYS L 336 -15.63 16.99 -116.24
C LYS L 336 -16.64 15.84 -116.38
N TYR L 337 -17.88 16.17 -116.75
CA TYR L 337 -18.90 15.12 -116.93
C TYR L 337 -19.39 15.00 -118.39
N SER L 338 -18.73 15.73 -119.30
CA SER L 338 -19.13 15.75 -120.71
C SER L 338 -18.88 14.46 -121.45
N VAL L 339 -17.92 13.65 -121.01
CA VAL L 339 -17.68 12.41 -121.73
C VAL L 339 -18.85 11.47 -121.46
N TRP L 340 -19.44 11.55 -120.25
CA TRP L 340 -20.59 10.71 -119.96
C TRP L 340 -21.69 11.08 -120.92
N ILE L 341 -21.89 12.38 -121.10
CA ILE L 341 -22.94 12.91 -121.96
C ILE L 341 -22.69 12.43 -123.37
N GLY L 342 -21.45 12.46 -123.80
CA GLY L 342 -21.13 11.96 -125.12
C GLY L 342 -21.51 10.49 -125.25
N GLY L 343 -21.36 9.71 -124.15
CA GLY L 343 -21.71 8.29 -124.12
C GLY L 343 -23.21 8.11 -124.36
N SER L 344 -24.00 8.98 -123.75
CA SER L 344 -25.46 9.00 -123.92
C SER L 344 -25.80 9.31 -125.38
N ILE L 345 -25.07 10.27 -125.96
CA ILE L 345 -25.30 10.64 -127.34
C ILE L 345 -24.98 9.46 -128.24
N LEU L 346 -23.83 8.81 -128.04
CA LEU L 346 -23.48 7.69 -128.89
C LEU L 346 -24.42 6.53 -128.73
N ALA L 347 -24.71 6.17 -127.48
CA ALA L 347 -25.54 5.04 -127.16
C ALA L 347 -26.93 5.15 -127.78
N SER L 348 -27.45 6.37 -127.87
CA SER L 348 -28.77 6.64 -128.41
C SER L 348 -28.82 6.95 -129.92
N LEU L 349 -27.67 6.94 -130.64
CA LEU L 349 -27.74 7.25 -132.08
C LEU L 349 -28.34 6.07 -132.83
N SER L 350 -29.15 6.31 -133.85
CA SER L 350 -29.69 5.20 -134.64
C SER L 350 -28.59 4.49 -135.43
N THR L 351 -27.57 5.27 -135.77
CA THR L 351 -26.42 4.84 -136.54
C THR L 351 -25.44 4.03 -135.72
N PHE L 352 -25.71 3.93 -134.43
CA PHE L 352 -24.89 3.19 -133.50
C PHE L 352 -25.52 1.87 -133.09
N GLN L 353 -26.70 1.54 -133.60
CA GLN L 353 -27.30 0.34 -133.02
C GLN L 353 -26.79 -0.93 -133.68
N GLN L 354 -25.96 -0.76 -134.69
CA GLN L 354 -25.35 -1.87 -135.39
C GLN L 354 -23.93 -2.09 -134.86
N MET L 355 -23.48 -1.25 -133.93
CA MET L 355 -22.12 -1.32 -133.40
C MET L 355 -21.95 -2.18 -132.16
N TRP L 356 -23.05 -2.73 -131.65
CA TRP L 356 -23.05 -3.50 -130.41
C TRP L 356 -22.51 -4.92 -130.58
N ILE L 357 -21.76 -5.39 -129.58
CA ILE L 357 -21.33 -6.78 -129.53
C ILE L 357 -22.48 -7.46 -128.86
N THR L 358 -23.07 -8.49 -129.44
CA THR L 358 -24.19 -9.09 -128.73
C THR L 358 -23.72 -10.26 -127.87
N LYS L 359 -24.53 -10.71 -126.91
CA LYS L 359 -24.10 -11.87 -126.13
C LYS L 359 -24.47 -13.17 -126.83
N GLN L 360 -23.82 -13.36 -127.95
CA GLN L 360 -23.86 -14.50 -128.84
C GLN L 360 -22.50 -14.50 -129.47
N GLU L 361 -22.21 -13.37 -130.13
CA GLU L 361 -20.94 -13.15 -130.80
C GLU L 361 -19.84 -13.21 -129.77
N TYR L 362 -20.14 -12.63 -128.59
CA TYR L 362 -19.23 -12.63 -127.46
C TYR L 362 -18.82 -14.01 -127.02
N ASP L 363 -19.76 -14.93 -126.88
CA ASP L 363 -19.38 -16.22 -126.35
C ASP L 363 -18.72 -17.06 -127.42
N GLU L 364 -19.11 -16.87 -128.67
CA GLU L 364 -18.47 -17.63 -129.74
C GLU L 364 -17.00 -17.24 -129.90
N ALA L 365 -16.71 -15.93 -129.80
CA ALA L 365 -15.35 -15.40 -129.96
C ALA L 365 -14.54 -15.18 -128.68
N GLY L 366 -15.20 -14.91 -127.56
CA GLY L 366 -14.54 -14.53 -126.32
C GLY L 366 -14.36 -13.01 -126.32
N PRO L 367 -13.87 -12.40 -125.23
CA PRO L 367 -13.71 -10.96 -125.00
C PRO L 367 -12.79 -10.24 -125.95
N SER L 368 -11.93 -10.97 -126.66
CA SER L 368 -11.01 -10.36 -127.61
C SER L 368 -11.78 -9.72 -128.76
N ILE L 369 -13.05 -10.11 -128.90
CA ILE L 369 -13.97 -9.64 -129.91
C ILE L 369 -14.14 -8.14 -129.90
N VAL L 370 -13.97 -7.51 -128.74
CA VAL L 370 -14.12 -6.08 -128.63
C VAL L 370 -13.13 -5.33 -129.50
N HIS L 371 -11.96 -5.96 -129.72
CA HIS L 371 -10.87 -5.41 -130.49
C HIS L 371 -11.22 -5.32 -131.98
N ARG L 372 -12.21 -6.09 -132.42
CA ARG L 372 -12.60 -6.08 -133.82
C ARG L 372 -13.96 -5.40 -134.02
N LYS L 373 -14.86 -5.55 -133.05
CA LYS L 373 -16.21 -5.00 -133.17
C LYS L 373 -16.40 -3.53 -132.82
N CYS L 374 -15.62 -2.98 -131.90
CA CYS L 374 -15.92 -1.60 -131.50
C CYS L 374 -15.29 -0.48 -132.34
N PHE L 375 -14.05 -0.67 -132.77
CA PHE L 375 -13.30 0.33 -133.53
C PHE L 375 -11.91 -0.16 -133.88
N ASP M 1 48.27 12.41 -136.76
CA ASP M 1 48.22 10.98 -137.09
C ASP M 1 48.25 10.75 -138.60
N GLU M 2 47.71 11.70 -139.35
CA GLU M 2 47.67 11.61 -140.81
C GLU M 2 48.93 12.21 -141.42
N ASP M 3 49.40 11.61 -142.51
CA ASP M 3 50.60 12.08 -143.19
C ASP M 3 50.32 12.79 -144.52
N GLU M 4 49.07 13.12 -144.77
CA GLU M 4 48.62 13.82 -145.97
C GLU M 4 47.35 14.59 -145.65
N THR M 5 47.07 15.64 -146.40
CA THR M 5 45.85 16.42 -146.18
C THR M 5 44.64 15.77 -146.82
N THR M 6 44.32 14.55 -146.38
CA THR M 6 43.18 13.81 -146.90
C THR M 6 41.93 14.50 -146.40
N ALA M 7 40.89 14.51 -147.20
CA ALA M 7 39.66 15.09 -146.72
C ALA M 7 39.06 14.24 -145.63
N LEU M 8 38.33 14.84 -144.71
CA LEU M 8 37.63 14.07 -143.71
C LEU M 8 36.22 13.89 -144.23
N VAL M 9 35.62 12.73 -143.97
CA VAL M 9 34.29 12.48 -144.51
C VAL M 9 33.21 12.09 -143.50
N CYS M 10 32.08 12.81 -143.56
CA CYS M 10 30.95 12.49 -142.69
C CYS M 10 29.59 12.45 -143.39
N ASP M 11 28.77 11.48 -142.99
CA ASP M 11 27.39 11.38 -143.49
C ASP M 11 26.47 11.63 -142.29
N ASN M 12 25.94 12.86 -142.20
CA ASN M 12 25.18 13.33 -141.05
C ASN M 12 23.68 13.23 -141.22
N GLY M 13 23.05 12.23 -140.64
CA GLY M 13 21.63 12.09 -140.82
C GLY M 13 20.85 12.57 -139.60
N SER M 14 19.53 12.35 -139.65
CA SER M 14 18.61 12.71 -138.57
C SER M 14 18.66 11.65 -137.46
N GLY M 15 19.37 10.58 -137.77
CA GLY M 15 19.58 9.42 -136.91
C GLY M 15 20.99 9.49 -136.34
N LEU M 16 21.95 8.97 -137.12
CA LEU M 16 23.37 8.86 -136.77
C LEU M 16 24.28 9.55 -137.77
N VAL M 17 25.52 9.78 -137.33
CA VAL M 17 26.59 10.33 -138.14
C VAL M 17 27.71 9.31 -138.33
N LYS M 18 27.97 8.97 -139.58
CA LYS M 18 29.07 8.04 -139.86
C LYS M 18 30.28 8.87 -140.21
N ALA M 19 31.44 8.53 -139.65
CA ALA M 19 32.63 9.31 -139.94
C ALA M 19 33.91 8.52 -140.08
N GLY M 20 34.79 9.02 -140.93
CA GLY M 20 36.12 8.47 -141.18
C GLY M 20 36.86 9.43 -142.08
N PHE M 21 37.83 8.93 -142.84
CA PHE M 21 38.61 9.82 -143.68
C PHE M 21 38.55 9.40 -145.16
N ALA M 22 38.78 10.36 -146.04
CA ALA M 22 38.79 10.11 -147.46
C ALA M 22 39.88 9.15 -147.83
N GLY M 23 39.53 8.25 -148.72
CA GLY M 23 40.43 7.22 -149.18
C GLY M 23 40.18 5.89 -148.47
N ASP M 24 39.41 5.84 -147.37
CA ASP M 24 39.18 4.54 -146.76
C ASP M 24 37.96 3.89 -147.42
N ASP M 25 37.61 2.67 -147.00
CA ASP M 25 36.43 1.97 -147.51
C ASP M 25 35.42 1.69 -146.40
N ALA M 26 35.59 2.39 -145.30
CA ALA M 26 34.73 2.24 -144.14
C ALA M 26 34.87 3.46 -143.23
N PRO M 27 33.85 3.82 -142.44
CA PRO M 27 33.91 4.83 -141.41
C PRO M 27 34.78 4.28 -140.31
N ARG M 28 35.35 5.15 -139.48
CA ARG M 28 36.16 4.69 -138.38
C ARG M 28 35.35 4.73 -137.08
N ALA M 29 34.34 5.58 -137.04
CA ALA M 29 33.50 5.73 -135.87
C ALA M 29 32.10 6.16 -136.28
N VAL M 30 31.11 5.81 -135.44
CA VAL M 30 29.76 6.28 -135.66
C VAL M 30 29.24 6.89 -134.37
N PHE M 31 28.55 8.00 -134.50
CA PHE M 31 27.98 8.68 -133.37
C PHE M 31 26.52 8.87 -133.66
N PRO M 32 25.62 8.86 -132.70
CA PRO M 32 24.25 9.24 -132.92
C PRO M 32 24.25 10.75 -133.11
N SER M 33 23.29 11.31 -133.86
CA SER M 33 23.19 12.77 -134.01
C SER M 33 22.45 13.34 -132.81
N ILE M 34 23.01 13.16 -131.64
CA ILE M 34 22.37 13.56 -130.40
C ILE M 34 23.17 14.46 -129.48
N VAL M 35 22.48 15.51 -129.00
CA VAL M 35 23.04 16.33 -127.95
C VAL M 35 22.06 16.26 -126.77
N GLY M 36 22.57 15.82 -125.62
CA GLY M 36 21.72 15.62 -124.46
C GLY M 36 21.88 16.69 -123.43
N ARG M 37 20.80 17.00 -122.71
CA ARG M 37 20.87 18.00 -121.66
C ARG M 37 20.09 17.58 -120.41
N PRO M 38 20.63 17.79 -119.19
CA PRO M 38 19.99 17.40 -117.94
C PRO M 38 18.69 18.13 -117.75
N ARG M 39 17.71 17.39 -117.23
CA ARG M 39 16.39 17.95 -116.95
C ARG M 39 16.09 18.00 -115.46
N HIS M 40 17.14 17.86 -114.66
CA HIS M 40 17.07 17.85 -113.20
C HIS M 40 18.01 18.86 -112.58
N GLN M 41 17.64 19.30 -111.37
CA GLN M 41 18.45 20.19 -110.55
C GLN M 41 19.48 19.42 -109.75
N GLY M 42 20.75 19.83 -109.87
CA GLY M 42 21.83 19.18 -109.13
C GLY M 42 21.63 19.41 -107.64
N VAL M 43 21.91 18.39 -106.85
CA VAL M 43 21.79 18.48 -105.40
C VAL M 43 23.17 18.34 -104.75
N MET M 44 24.01 17.44 -105.29
CA MET M 44 25.34 17.21 -104.76
C MET M 44 26.27 18.28 -105.36
N VAL M 45 27.41 18.51 -104.73
CA VAL M 45 28.38 19.49 -105.24
C VAL M 45 29.72 18.82 -105.59
N GLY M 46 30.29 19.16 -106.75
CA GLY M 46 31.57 18.56 -107.12
C GLY M 46 31.50 17.24 -107.90
N MET M 47 30.39 17.01 -108.60
CA MET M 47 30.20 15.78 -109.38
C MET M 47 30.44 16.02 -110.87
N GLY M 48 31.15 17.10 -111.21
CA GLY M 48 31.37 17.47 -112.60
C GLY M 48 30.05 17.90 -113.21
N GLN M 49 29.67 17.24 -114.31
CA GLN M 49 28.43 17.48 -115.07
C GLN M 49 28.52 18.59 -116.10
N LYS M 50 28.28 18.20 -117.34
CA LYS M 50 28.37 19.09 -118.49
C LYS M 50 27.05 19.80 -118.73
N ASP M 51 27.09 20.90 -119.50
CA ASP M 51 25.87 21.61 -119.84
C ASP M 51 25.10 20.78 -120.83
N SER M 52 25.86 20.08 -121.66
CA SER M 52 25.36 19.20 -122.66
C SER M 52 26.35 18.08 -122.96
N TYR M 53 25.80 16.95 -123.38
CA TYR M 53 26.57 15.77 -123.72
C TYR M 53 26.45 15.48 -125.19
N VAL M 54 27.51 14.97 -125.82
CA VAL M 54 27.42 14.77 -127.26
C VAL M 54 27.65 13.34 -127.76
N GLY M 55 26.78 12.91 -128.68
CA GLY M 55 26.91 11.61 -129.31
C GLY M 55 26.71 10.49 -128.31
N ASP M 56 27.72 9.65 -128.18
CA ASP M 56 27.70 8.53 -127.29
C ASP M 56 27.69 8.99 -125.83
N GLU M 57 28.15 10.21 -125.54
CA GLU M 57 28.07 10.68 -124.18
C GLU M 57 26.62 10.91 -123.82
N ALA M 58 25.87 11.42 -124.79
CA ALA M 58 24.48 11.77 -124.58
C ALA M 58 23.67 10.51 -124.30
N GLN M 59 23.98 9.44 -125.00
CA GLN M 59 23.27 8.21 -124.69
C GLN M 59 23.74 7.58 -123.38
N SER M 60 25.04 7.60 -123.07
CA SER M 60 25.54 6.95 -121.85
C SER M 60 25.00 7.58 -120.56
N LYS M 61 24.78 8.89 -120.58
CA LYS M 61 24.28 9.65 -119.43
C LYS M 61 22.77 9.95 -119.50
N ARG M 62 22.07 9.32 -120.45
CA ARG M 62 20.68 9.59 -120.78
C ARG M 62 19.66 9.40 -119.67
N GLY M 63 20.00 8.70 -118.60
CA GLY M 63 19.03 8.47 -117.54
C GLY M 63 18.35 9.76 -117.08
N ILE M 64 19.07 10.89 -117.05
CA ILE M 64 18.46 12.16 -116.65
C ILE M 64 18.54 13.24 -117.71
N LEU M 65 18.78 12.87 -118.95
CA LEU M 65 18.91 13.87 -120.01
C LEU M 65 17.73 13.82 -120.93
N THR M 66 17.41 14.94 -121.52
CA THR M 66 16.44 14.94 -122.59
C THR M 66 17.33 14.87 -123.81
N LEU M 67 17.01 14.00 -124.76
CA LEU M 67 17.89 13.90 -125.92
C LEU M 67 17.30 14.45 -127.20
N LYS M 68 18.00 15.43 -127.77
CA LYS M 68 17.53 16.10 -128.97
C LYS M 68 18.40 15.78 -130.17
N TYR M 69 17.77 15.72 -131.33
CA TYR M 69 18.45 15.50 -132.61
C TYR M 69 18.49 16.81 -133.41
N PRO M 70 19.68 17.42 -133.67
CA PRO M 70 19.90 18.66 -134.42
C PRO M 70 19.48 18.61 -135.90
N ILE M 71 19.31 17.39 -136.42
CA ILE M 71 18.92 17.16 -137.80
C ILE M 71 17.55 16.51 -137.90
N GLU M 72 16.70 17.09 -138.75
CA GLU M 72 15.34 16.61 -139.00
C GLU M 72 15.00 16.61 -140.49
N HIS M 73 14.48 15.48 -140.98
CA HIS M 73 14.08 15.31 -142.39
C HIS M 73 15.18 15.73 -143.37
N GLY M 74 16.43 15.40 -143.04
CA GLY M 74 17.56 15.69 -143.90
C GLY M 74 18.31 17.01 -143.67
N ILE M 75 17.81 17.93 -142.83
CA ILE M 75 18.56 19.20 -142.66
C ILE M 75 18.92 19.54 -141.23
N ILE M 76 19.93 20.40 -141.08
CA ILE M 76 20.34 20.85 -139.77
C ILE M 76 19.48 22.03 -139.38
N THR M 77 18.82 21.90 -138.24
CA THR M 77 17.98 22.97 -137.72
C THR M 77 18.70 23.59 -136.54
N ASN M 78 19.61 22.82 -135.94
CA ASN M 78 20.40 23.28 -134.81
C ASN M 78 21.88 23.08 -135.07
N TRP M 79 22.53 24.12 -135.54
CA TRP M 79 23.93 23.99 -135.90
C TRP M 79 24.89 24.21 -134.78
N ASP M 80 24.43 24.72 -133.63
CA ASP M 80 25.36 24.88 -132.52
C ASP M 80 25.66 23.48 -132.01
N ASP M 81 24.64 22.64 -132.03
CA ASP M 81 24.80 21.26 -131.61
C ASP M 81 25.60 20.49 -132.64
N MET M 82 25.43 20.80 -133.94
CA MET M 82 26.25 20.09 -134.91
C MET M 82 27.73 20.47 -134.77
N GLU M 83 28.03 21.70 -134.35
CA GLU M 83 29.45 22.03 -134.16
C GLU M 83 30.04 21.17 -133.06
N LYS M 84 29.31 20.94 -131.97
CA LYS M 84 29.85 20.07 -130.93
C LYS M 84 29.99 18.63 -131.44
N ILE M 85 29.05 18.19 -132.26
CA ILE M 85 29.12 16.86 -132.84
C ILE M 85 30.32 16.74 -133.73
N TRP M 86 30.58 17.72 -134.60
CA TRP M 86 31.72 17.71 -135.50
C TRP M 86 33.04 17.80 -134.76
N HIS M 87 33.13 18.58 -133.70
CA HIS M 87 34.40 18.57 -133.00
C HIS M 87 34.67 17.16 -132.49
N HIS M 88 33.65 16.59 -131.85
CA HIS M 88 33.80 15.26 -131.29
C HIS M 88 34.10 14.23 -132.40
N THR M 89 33.30 14.26 -133.46
CA THR M 89 33.38 13.35 -134.58
C THR M 89 34.70 13.40 -135.35
N PHE M 90 35.20 14.62 -135.63
CA PHE M 90 36.44 14.75 -136.37
C PHE M 90 37.68 14.70 -135.48
N TYR M 91 37.66 15.40 -134.34
CA TYR M 91 38.86 15.47 -133.53
C TYR M 91 38.91 14.51 -132.35
N ASN M 92 37.81 14.26 -131.65
CA ASN M 92 38.02 13.43 -130.46
C ASN M 92 38.27 11.96 -130.78
N GLU M 93 37.57 11.43 -131.80
CA GLU M 93 37.77 10.01 -132.13
C GLU M 93 38.63 9.73 -133.36
N LEU M 94 38.51 10.54 -134.41
CA LEU M 94 39.28 10.32 -135.64
C LEU M 94 40.67 10.93 -135.48
N ARG M 95 40.77 11.82 -134.50
CA ARG M 95 41.95 12.60 -134.11
C ARG M 95 42.47 13.52 -135.18
N VAL M 96 41.59 14.13 -135.96
CA VAL M 96 42.08 15.05 -136.94
C VAL M 96 41.37 16.38 -136.82
N ALA M 97 42.14 17.44 -136.68
CA ALA M 97 41.53 18.75 -136.62
C ALA M 97 41.32 19.24 -138.06
N PRO M 98 40.07 19.59 -138.49
CA PRO M 98 39.71 20.02 -139.84
C PRO M 98 40.53 21.21 -140.31
N GLU M 99 41.13 21.96 -139.40
CA GLU M 99 41.93 23.11 -139.78
C GLU M 99 42.99 22.74 -140.83
N GLU M 100 43.57 21.54 -140.75
CA GLU M 100 44.59 21.15 -141.72
C GLU M 100 44.10 20.15 -142.79
N HIS M 101 42.79 19.85 -142.83
CA HIS M 101 42.27 18.84 -143.75
C HIS M 101 40.91 19.27 -144.36
N PRO M 102 40.65 19.07 -145.67
CA PRO M 102 39.37 19.36 -146.34
C PRO M 102 38.26 18.54 -145.73
N THR M 103 37.02 19.02 -145.80
CA THR M 103 35.88 18.22 -145.29
C THR M 103 34.73 18.03 -146.25
N LEU M 104 34.25 16.78 -146.35
CA LEU M 104 33.10 16.47 -147.18
C LEU M 104 31.91 16.09 -146.32
N LEU M 105 30.82 16.83 -146.55
CA LEU M 105 29.53 16.64 -145.88
C LEU M 105 28.53 16.24 -146.96
N THR M 106 27.43 15.57 -146.60
CA THR M 106 26.48 15.09 -147.61
C THR M 106 25.07 15.64 -147.48
N GLU M 107 24.32 15.58 -148.61
CA GLU M 107 22.91 15.98 -148.69
C GLU M 107 22.09 15.22 -149.76
N ALA M 108 20.78 15.20 -149.60
CA ALA M 108 19.88 14.69 -150.65
C ALA M 108 19.91 15.69 -151.83
N PRO M 109 19.69 15.28 -153.09
CA PRO M 109 19.66 16.16 -154.27
C PRO M 109 18.74 17.41 -154.19
N LEU M 110 17.61 17.32 -153.46
CA LEU M 110 16.69 18.47 -153.34
C LEU M 110 16.74 19.05 -151.94
N ASN M 111 17.75 18.71 -151.19
CA ASN M 111 17.91 19.19 -149.83
C ASN M 111 17.98 20.72 -149.91
N PRO M 112 17.25 21.46 -149.06
CA PRO M 112 17.20 22.91 -149.06
C PRO M 112 18.59 23.50 -149.07
N LYS M 113 18.76 24.54 -149.91
CA LYS M 113 20.07 25.16 -150.11
C LYS M 113 20.60 25.73 -148.81
N ALA M 114 19.71 26.14 -147.92
CA ALA M 114 20.15 26.69 -146.66
C ALA M 114 21.01 25.69 -145.89
N ASN M 115 20.75 24.39 -146.03
CA ASN M 115 21.49 23.42 -145.28
C ASN M 115 22.90 23.23 -145.84
N ARG M 116 23.05 23.18 -147.17
CA ARG M 116 24.38 23.03 -147.73
C ARG M 116 25.20 24.31 -147.48
N GLU M 117 24.50 25.46 -147.41
CA GLU M 117 25.18 26.72 -147.14
C GLU M 117 25.67 26.77 -145.70
N LYS M 118 24.87 26.27 -144.73
CA LYS M 118 25.35 26.25 -143.35
C LYS M 118 26.43 25.21 -143.20
N MET M 119 26.32 24.06 -143.84
CA MET M 119 27.38 23.08 -143.66
C MET M 119 28.71 23.66 -144.14
N THR M 120 28.68 24.40 -145.25
CA THR M 120 29.85 25.04 -145.80
C THR M 120 30.35 26.15 -144.86
N GLN M 121 29.42 26.99 -144.36
CA GLN M 121 29.82 28.09 -143.49
C GLN M 121 30.42 27.62 -142.19
N ILE M 122 29.86 26.59 -141.60
CA ILE M 122 30.32 26.13 -140.33
C ILE M 122 31.73 25.57 -140.43
N MET M 123 31.96 24.70 -141.41
CA MET M 123 33.28 24.16 -141.45
C MET M 123 34.34 25.22 -141.79
N PHE M 124 34.00 26.24 -142.59
CA PHE M 124 34.98 27.28 -142.89
C PHE M 124 35.17 28.32 -141.79
N GLU M 125 34.10 28.73 -141.10
CA GLU M 125 34.26 29.78 -140.09
C GLU M 125 34.48 29.29 -138.66
N THR M 126 34.01 28.08 -138.31
CA THR M 126 34.19 27.58 -136.95
C THR M 126 35.36 26.62 -136.88
N PHE M 127 35.52 25.80 -137.91
CA PHE M 127 36.59 24.79 -137.88
C PHE M 127 37.82 25.17 -138.72
N ASN M 128 37.71 26.26 -139.49
CA ASN M 128 38.75 26.77 -140.38
C ASN M 128 39.24 25.74 -141.38
N VAL M 129 38.34 24.95 -141.92
CA VAL M 129 38.70 23.90 -142.85
C VAL M 129 39.31 24.55 -144.10
N PRO M 130 40.42 24.07 -144.67
CA PRO M 130 41.04 24.65 -145.85
C PRO M 130 40.16 24.52 -147.10
N ALA M 131 39.24 23.56 -147.12
CA ALA M 131 38.37 23.37 -148.25
C ALA M 131 37.08 22.61 -147.89
N MET M 132 36.04 22.83 -148.71
CA MET M 132 34.75 22.15 -148.53
C MET M 132 34.08 21.62 -149.75
N TYR M 133 33.33 20.55 -149.53
CA TYR M 133 32.44 20.07 -150.54
C TYR M 133 31.20 19.46 -149.92
N VAL M 134 30.03 19.77 -150.50
CA VAL M 134 28.81 19.11 -150.06
C VAL M 134 28.35 18.20 -151.19
N ALA M 135 28.28 16.91 -150.90
CA ALA M 135 28.01 15.86 -151.86
C ALA M 135 26.59 15.36 -151.88
N ILE M 136 26.17 14.88 -153.05
CA ILE M 136 24.87 14.24 -153.19
C ILE M 136 24.95 12.80 -152.72
N GLN M 137 24.08 12.43 -151.81
CA GLN M 137 24.08 11.09 -151.23
C GLN M 137 23.88 9.99 -152.27
N ALA M 138 23.05 10.25 -153.28
CA ALA M 138 22.80 9.29 -154.35
C ALA M 138 24.06 9.00 -155.16
N VAL M 139 24.90 10.02 -155.34
CA VAL M 139 26.11 9.87 -156.10
C VAL M 139 27.02 8.95 -155.33
N LEU M 140 27.08 9.21 -154.04
CA LEU M 140 27.96 8.47 -153.20
C LEU M 140 27.55 7.00 -153.12
N SER M 141 26.24 6.74 -153.06
CA SER M 141 25.78 5.37 -153.01
C SER M 141 26.17 4.61 -154.27
N LEU M 142 25.96 5.24 -155.43
CA LEU M 142 26.30 4.59 -156.68
C LEU M 142 27.81 4.36 -156.79
N TYR M 143 28.65 5.29 -156.30
CA TYR M 143 30.08 5.00 -156.41
C TYR M 143 30.45 3.76 -155.61
N ALA M 144 29.95 3.68 -154.39
CA ALA M 144 30.30 2.60 -153.48
C ALA M 144 29.83 1.24 -153.98
N SER M 145 28.66 1.22 -154.61
CA SER M 145 28.06 0.00 -155.13
C SER M 145 28.59 -0.40 -156.50
N GLY M 146 29.43 0.44 -157.12
CA GLY M 146 29.92 0.14 -158.45
C GLY M 146 28.91 0.38 -159.56
N ARG M 147 28.11 1.42 -159.42
CA ARG M 147 27.10 1.75 -160.39
C ARG M 147 27.19 3.19 -160.82
N THR M 148 26.68 3.48 -162.03
CA THR M 148 26.62 4.83 -162.57
C THR M 148 25.17 5.07 -162.85
N THR M 149 24.46 3.96 -162.79
CA THR M 149 23.05 3.92 -163.10
C THR M 149 22.24 3.18 -162.05
N GLY M 150 21.10 3.76 -161.68
CA GLY M 150 20.16 3.13 -160.76
C GLY M 150 19.25 4.12 -160.04
N ILE M 151 18.30 3.57 -159.28
CA ILE M 151 17.39 4.42 -158.50
C ILE M 151 17.91 4.41 -157.10
N VAL M 152 18.29 5.55 -156.55
CA VAL M 152 18.81 5.45 -155.21
C VAL M 152 17.79 5.75 -154.15
N LEU M 153 17.59 4.73 -153.31
CA LEU M 153 16.69 4.76 -152.18
C LEU M 153 17.57 4.88 -150.97
N ASP M 154 17.52 6.05 -150.35
CA ASP M 154 18.31 6.44 -149.21
C ASP M 154 17.49 6.40 -147.92
N SER M 155 16.36 5.68 -147.98
CA SER M 155 15.31 5.34 -146.99
C SER M 155 15.66 5.36 -145.47
N GLY M 156 16.36 6.38 -145.00
CA GLY M 156 16.80 6.45 -143.62
C GLY M 156 15.80 7.08 -142.68
N ASP M 157 16.33 7.58 -141.54
CA ASP M 157 15.56 8.16 -140.44
C ASP M 157 14.82 9.46 -140.80
N GLY M 158 15.42 10.28 -141.67
CA GLY M 158 14.90 11.59 -142.04
C GLY M 158 13.88 11.62 -143.17
N VAL M 159 14.36 11.48 -144.40
CA VAL M 159 13.50 11.55 -145.57
C VAL M 159 13.89 10.47 -146.58
N THR M 160 12.93 9.96 -147.35
CA THR M 160 13.24 9.05 -148.44
C THR M 160 13.33 9.95 -149.66
N HIS M 161 14.48 9.97 -150.34
CA HIS M 161 14.71 10.86 -151.50
C HIS M 161 14.28 10.32 -152.87
N ASN M 162 14.67 9.08 -153.16
CA ASN M 162 14.35 8.35 -154.39
C ASN M 162 14.77 9.05 -155.69
N VAL M 163 16.07 9.03 -156.03
CA VAL M 163 16.48 9.69 -157.28
C VAL M 163 17.09 8.77 -158.33
N PRO M 164 16.57 8.77 -159.56
CA PRO M 164 17.13 8.07 -160.70
C PRO M 164 18.33 8.82 -161.24
N ILE M 165 19.40 8.07 -161.50
CA ILE M 165 20.63 8.54 -162.15
C ILE M 165 20.96 7.59 -163.31
N TYR M 166 21.28 8.13 -164.49
CA TYR M 166 21.64 7.26 -165.64
C TYR M 166 22.91 7.71 -166.31
N GLU M 167 23.88 6.80 -166.43
CA GLU M 167 25.19 7.12 -167.00
C GLU M 167 25.80 8.34 -166.33
N GLY M 168 25.59 8.45 -165.02
CA GLY M 168 26.14 9.57 -164.28
C GLY M 168 25.32 10.85 -164.35
N TYR M 169 24.18 10.86 -165.05
CA TYR M 169 23.33 12.06 -165.18
C TYR M 169 22.15 12.06 -164.25
N ALA M 170 21.79 13.24 -163.73
CA ALA M 170 20.60 13.27 -162.90
C ALA M 170 19.39 13.31 -163.80
N LEU M 171 18.31 12.68 -163.34
CA LEU M 171 17.05 12.72 -164.04
C LEU M 171 16.01 13.29 -163.06
N PRO M 172 16.11 14.60 -162.70
CA PRO M 172 15.40 15.25 -161.61
C PRO M 172 13.89 15.28 -161.73
N HIS M 173 13.37 15.16 -162.95
CA HIS M 173 11.95 15.21 -163.18
C HIS M 173 11.27 13.95 -162.69
N ALA M 174 12.08 12.94 -162.43
CA ALA M 174 11.63 11.66 -161.99
C ALA M 174 11.93 11.41 -160.50
N ILE M 175 12.31 12.45 -159.76
CA ILE M 175 12.55 12.29 -158.31
C ILE M 175 11.24 12.23 -157.57
N MET M 176 11.09 11.23 -156.69
CA MET M 176 9.85 11.15 -155.93
C MET M 176 10.14 11.34 -154.45
N ARG M 177 10.44 12.57 -154.05
CA ARG M 177 10.84 12.79 -152.67
C ARG M 177 9.63 12.53 -151.81
N LEU M 178 9.82 11.80 -150.72
CA LEU M 178 8.72 11.44 -149.85
C LEU M 178 9.00 11.64 -148.35
N ASP M 179 8.09 12.33 -147.67
CA ASP M 179 8.23 12.55 -146.23
C ASP M 179 7.69 11.34 -145.42
N LEU M 180 8.36 10.22 -145.62
CA LEU M 180 8.15 8.90 -144.99
C LEU M 180 9.52 8.39 -144.58
N ALA M 181 9.74 8.19 -143.29
CA ALA M 181 11.09 7.81 -142.86
C ALA M 181 11.17 6.99 -141.56
N GLY M 182 12.38 6.50 -141.28
CA GLY M 182 12.65 5.65 -140.11
C GLY M 182 12.20 6.27 -138.78
N ARG M 183 12.23 7.60 -138.64
CA ARG M 183 11.79 8.23 -137.40
C ARG M 183 10.28 8.02 -137.19
N ASP M 184 9.52 7.91 -138.30
CA ASP M 184 8.08 7.78 -138.23
C ASP M 184 7.76 6.34 -137.94
N LEU M 185 8.64 5.45 -138.41
CA LEU M 185 8.40 4.04 -138.19
C LEU M 185 8.52 3.80 -136.67
N THR M 186 9.51 4.46 -136.04
CA THR M 186 9.73 4.33 -134.60
C THR M 186 8.53 4.87 -133.84
N ASP M 187 8.00 6.03 -134.27
CA ASP M 187 6.85 6.62 -133.59
C ASP M 187 5.64 5.69 -133.65
N TYR M 188 5.46 5.02 -134.79
CA TYR M 188 4.34 4.10 -134.94
C TYR M 188 4.51 2.94 -133.99
N LEU M 189 5.74 2.40 -133.89
CA LEU M 189 5.99 1.28 -132.99
C LEU M 189 5.70 1.71 -131.55
N MET M 190 6.06 2.93 -131.17
CA MET M 190 5.77 3.37 -129.80
C MET M 190 4.25 3.30 -129.54
N LYS M 191 3.45 3.73 -130.51
CA LYS M 191 1.99 3.72 -130.33
C LYS M 191 1.39 2.31 -130.32
N ILE M 192 1.87 1.40 -131.17
CA ILE M 192 1.31 0.04 -131.15
C ILE M 192 1.83 -0.77 -129.95
N LEU M 193 3.02 -0.45 -129.44
CA LEU M 193 3.48 -1.14 -128.23
C LEU M 193 2.69 -0.62 -127.02
N THR M 194 2.20 0.63 -127.11
CA THR M 194 1.34 1.21 -126.09
C THR M 194 0.04 0.40 -126.03
N GLU M 195 -0.49 0.03 -127.20
CA GLU M 195 -1.71 -0.78 -127.27
C GLU M 195 -1.52 -2.14 -126.58
N ARG M 196 -0.29 -2.64 -126.59
CA ARG M 196 0.02 -3.92 -125.96
C ARG M 196 0.27 -3.84 -124.45
N GLY M 197 0.18 -2.64 -123.89
CA GLY M 197 0.41 -2.46 -122.46
C GLY M 197 1.77 -1.91 -122.08
N TYR M 198 2.56 -1.47 -123.04
CA TYR M 198 3.87 -0.92 -122.77
C TYR M 198 4.00 0.46 -123.34
N SER M 199 3.48 1.45 -122.62
CA SER M 199 3.55 2.82 -123.08
C SER M 199 4.97 3.33 -123.00
N PHE M 200 5.39 4.07 -124.02
CA PHE M 200 6.70 4.71 -124.06
C PHE M 200 6.52 6.20 -124.36
N VAL M 201 6.79 7.10 -123.41
CA VAL M 201 6.59 8.54 -123.66
C VAL M 201 7.80 9.46 -123.41
N THR M 202 8.82 8.99 -122.67
CA THR M 202 9.99 9.82 -122.32
C THR M 202 11.14 9.52 -123.25
N THR M 203 12.24 10.30 -123.16
CA THR M 203 13.41 10.02 -123.98
C THR M 203 13.99 8.64 -123.76
N ALA M 204 14.12 8.21 -122.49
CA ALA M 204 14.70 6.89 -122.28
C ALA M 204 13.84 5.84 -122.95
N GLU M 205 12.53 6.03 -122.85
CA GLU M 205 11.57 5.11 -123.42
C GLU M 205 11.59 5.12 -124.96
N ARG M 206 11.80 6.30 -125.53
CA ARG M 206 11.87 6.45 -126.98
C ARG M 206 13.10 5.72 -127.51
N GLU M 207 14.22 5.85 -126.81
CA GLU M 207 15.46 5.20 -127.20
C GLU M 207 15.29 3.67 -127.04
N ILE M 208 14.53 3.21 -126.05
CA ILE M 208 14.29 1.78 -125.97
C ILE M 208 13.53 1.31 -127.19
N VAL M 209 12.50 2.03 -127.59
CA VAL M 209 11.72 1.56 -128.72
C VAL M 209 12.54 1.51 -129.99
N ARG M 210 13.47 2.45 -130.17
CA ARG M 210 14.33 2.47 -131.34
C ARG M 210 15.28 1.27 -131.30
N ASP M 211 15.58 0.80 -130.09
CA ASP M 211 16.46 -0.35 -129.91
C ASP M 211 15.67 -1.63 -130.18
N ILE M 212 14.39 -1.64 -129.79
CA ILE M 212 13.53 -2.77 -130.05
C ILE M 212 13.39 -2.93 -131.54
N LYS M 213 13.12 -1.82 -132.23
CA LYS M 213 12.94 -1.88 -133.66
C LYS M 213 14.17 -2.43 -134.36
N GLU M 214 15.34 -1.88 -134.01
CA GLU M 214 16.58 -2.26 -134.66
C GLU M 214 16.93 -3.74 -134.43
N LYS M 215 16.60 -4.29 -133.25
CA LYS M 215 16.91 -5.70 -133.00
C LYS M 215 15.80 -6.71 -133.36
N LEU M 216 14.51 -6.34 -133.23
CA LEU M 216 13.42 -7.30 -133.46
C LEU M 216 12.64 -7.17 -134.77
N CYS M 217 12.63 -5.99 -135.38
CA CYS M 217 11.74 -5.77 -136.51
C CYS M 217 12.23 -6.16 -137.89
N TYR M 218 11.26 -6.44 -138.73
CA TYR M 218 11.47 -6.82 -140.12
C TYR M 218 10.32 -6.41 -141.00
N VAL M 219 10.50 -6.38 -142.32
CA VAL M 219 9.36 -6.00 -143.16
C VAL M 219 8.50 -7.17 -143.56
N ALA M 220 9.13 -8.32 -143.81
CA ALA M 220 8.49 -9.56 -144.26
C ALA M 220 8.30 -9.52 -145.76
N LEU M 221 8.47 -10.67 -146.41
CA LEU M 221 8.27 -10.73 -147.86
C LEU M 221 6.78 -10.56 -148.20
N ASP M 222 5.91 -11.13 -147.36
CA ASP M 222 4.47 -11.01 -147.55
C ASP M 222 3.82 -10.66 -146.22
N PHE M 223 3.56 -9.37 -146.05
CA PHE M 223 3.07 -8.80 -144.81
C PHE M 223 1.75 -9.32 -144.34
N GLU M 224 0.77 -9.38 -145.24
CA GLU M 224 -0.56 -9.73 -144.80
C GLU M 224 -0.58 -11.19 -144.35
N ASN M 225 0.18 -12.07 -145.03
CA ASN M 225 0.18 -13.44 -144.59
C ASN M 225 1.00 -13.60 -143.31
N GLU M 226 2.06 -12.81 -143.17
CA GLU M 226 2.91 -12.90 -141.99
C GLU M 226 2.12 -12.40 -140.78
N MET M 227 1.33 -11.33 -140.98
CA MET M 227 0.47 -10.76 -139.94
C MET M 227 -0.64 -11.70 -139.58
N ALA M 228 -1.21 -12.40 -140.56
CA ALA M 228 -2.29 -13.29 -140.25
C ALA M 228 -1.85 -14.34 -139.23
N THR M 229 -0.61 -14.82 -139.32
CA THR M 229 -0.18 -15.78 -138.32
C THR M 229 0.37 -15.07 -137.07
N ALA M 230 1.12 -13.99 -137.23
CA ALA M 230 1.71 -13.31 -136.06
C ALA M 230 0.66 -12.72 -135.14
N ALA M 231 -0.46 -12.28 -135.70
CA ALA M 231 -1.52 -11.69 -134.92
C ALA M 231 -2.43 -12.76 -134.32
N SER M 232 -2.24 -14.03 -134.71
CA SER M 232 -3.09 -15.12 -134.25
C SER M 232 -2.38 -16.07 -133.29
N SER M 233 -1.04 -16.10 -133.32
CA SER M 233 -0.28 -17.05 -132.50
C SER M 233 1.06 -16.58 -131.97
N SER M 234 1.35 -17.06 -130.76
CA SER M 234 2.59 -16.79 -130.03
C SER M 234 3.82 -17.36 -130.71
N SER M 235 3.60 -18.23 -131.69
CA SER M 235 4.69 -18.86 -132.42
C SER M 235 5.51 -17.85 -133.25
N LEU M 236 4.97 -16.65 -133.50
CA LEU M 236 5.77 -15.65 -134.22
C LEU M 236 6.14 -14.45 -133.34
N GLU M 237 6.04 -14.63 -132.02
CA GLU M 237 6.41 -13.55 -131.09
C GLU M 237 7.87 -13.64 -130.69
N LYS M 238 8.44 -12.47 -130.43
CA LYS M 238 9.82 -12.37 -129.96
C LYS M 238 9.93 -11.39 -128.81
N SER M 239 10.65 -11.80 -127.77
CA SER M 239 10.85 -10.93 -126.64
C SER M 239 12.05 -10.03 -126.78
N TYR M 240 12.02 -8.97 -125.98
CA TYR M 240 13.07 -7.98 -125.86
C TYR M 240 13.30 -7.65 -124.39
N GLU M 241 14.56 -7.52 -124.01
CA GLU M 241 14.91 -7.18 -122.64
C GLU M 241 15.00 -5.67 -122.43
N LEU M 242 14.17 -5.16 -121.55
CA LEU M 242 14.11 -3.74 -121.26
C LEU M 242 15.27 -3.49 -120.28
N PRO M 243 15.85 -2.28 -120.20
CA PRO M 243 16.97 -1.92 -119.34
C PRO M 243 16.85 -2.24 -117.86
N ASP M 244 15.63 -2.33 -117.33
CA ASP M 244 15.49 -2.59 -115.92
C ASP M 244 15.26 -4.06 -115.56
N GLY M 245 15.41 -4.96 -116.52
CA GLY M 245 15.21 -6.39 -116.25
C GLY M 245 13.81 -6.88 -116.63
N GLN M 246 12.92 -5.95 -116.98
CA GLN M 246 11.58 -6.33 -117.39
C GLN M 246 11.64 -6.69 -118.85
N VAL M 247 10.64 -7.42 -119.32
CA VAL M 247 10.63 -7.75 -120.73
C VAL M 247 9.34 -7.37 -121.39
N ILE M 248 9.42 -7.23 -122.71
CA ILE M 248 8.30 -6.94 -123.57
C ILE M 248 8.22 -8.04 -124.64
N THR M 249 7.02 -8.55 -124.88
CA THR M 249 6.84 -9.58 -125.92
C THR M 249 6.04 -8.92 -127.03
N ILE M 250 6.58 -9.02 -128.26
CA ILE M 250 6.03 -8.38 -129.46
C ILE M 250 5.65 -9.39 -130.58
N GLY M 251 4.44 -9.25 -131.16
CA GLY M 251 3.91 -10.15 -132.20
C GLY M 251 3.94 -9.50 -133.58
N ASN M 252 2.78 -9.21 -134.16
CA ASN M 252 2.73 -8.66 -135.51
C ASN M 252 3.24 -7.23 -135.57
N GLU M 253 3.38 -6.59 -134.42
CA GLU M 253 3.87 -5.22 -134.32
C GLU M 253 5.34 -5.17 -134.73
N ARG M 254 5.97 -6.35 -134.66
CA ARG M 254 7.34 -6.62 -134.99
C ARG M 254 7.59 -6.31 -136.45
N PHE M 255 6.56 -6.49 -137.27
CA PHE M 255 6.67 -6.23 -138.70
C PHE M 255 5.69 -5.16 -139.16
N ARG M 256 4.70 -4.87 -138.34
CA ARG M 256 3.71 -3.85 -138.71
C ARG M 256 4.38 -2.48 -138.69
N CYS M 257 5.31 -2.25 -137.76
CA CYS M 257 6.03 -0.99 -137.78
C CYS M 257 6.76 -0.74 -139.11
N PRO M 258 7.73 -1.59 -139.53
CA PRO M 258 8.44 -1.54 -140.80
C PRO M 258 7.53 -1.51 -142.01
N GLU M 259 6.36 -2.13 -141.90
CA GLU M 259 5.39 -2.19 -142.96
C GLU M 259 4.90 -0.83 -143.38
N THR M 260 5.03 0.17 -142.52
CA THR M 260 4.58 1.53 -142.80
C THR M 260 5.33 2.05 -144.04
N LEU M 261 6.50 1.47 -144.33
CA LEU M 261 7.27 1.83 -145.51
C LEU M 261 6.48 1.47 -146.77
N PHE M 262 5.69 0.39 -146.70
CA PHE M 262 4.91 -0.09 -147.81
C PHE M 262 3.45 0.34 -147.66
N GLN M 263 3.06 0.64 -146.42
CA GLN M 263 1.71 1.11 -146.09
C GLN M 263 1.84 2.31 -145.16
N PRO M 264 2.07 3.50 -145.74
CA PRO M 264 2.29 4.78 -145.06
C PRO M 264 1.04 5.31 -144.37
N SER M 265 -0.12 4.78 -144.74
CA SER M 265 -1.39 5.18 -144.14
C SER M 265 -1.41 4.83 -142.66
N PHE M 266 -0.51 3.95 -142.22
CA PHE M 266 -0.44 3.55 -140.82
C PHE M 266 -0.07 4.75 -139.94
N ILE M 267 0.62 5.74 -140.51
CA ILE M 267 1.02 6.94 -139.78
C ILE M 267 0.37 8.18 -140.37
N GLY M 268 -0.73 8.01 -141.10
CA GLY M 268 -1.44 9.14 -141.66
C GLY M 268 -0.71 9.78 -142.84
N MET M 269 0.13 9.02 -143.54
CA MET M 269 0.85 9.60 -144.66
C MET M 269 0.16 9.33 -145.98
N GLU M 270 0.09 10.35 -146.83
CA GLU M 270 -0.52 10.21 -148.14
C GLU M 270 0.49 9.61 -149.11
N SER M 271 0.63 8.29 -149.08
CA SER M 271 1.58 7.59 -149.92
C SER M 271 1.23 6.15 -150.15
N ALA M 272 1.60 5.65 -151.31
CA ALA M 272 1.39 4.25 -151.67
C ALA M 272 2.56 3.36 -151.25
N GLY M 273 3.60 3.97 -150.67
CA GLY M 273 4.77 3.23 -150.21
C GLY M 273 6.02 3.41 -151.06
N ILE M 274 7.14 2.97 -150.48
CA ILE M 274 8.47 3.11 -151.07
C ILE M 274 8.65 2.35 -152.39
N HIS M 275 7.88 1.29 -152.65
CA HIS M 275 8.04 0.60 -153.91
C HIS M 275 7.31 1.29 -155.04
N GLU M 276 6.33 2.16 -154.76
CA GLU M 276 5.68 2.81 -155.88
C GLU M 276 6.44 4.09 -156.10
N THR M 277 7.06 4.57 -155.03
CA THR M 277 7.89 5.75 -155.09
C THR M 277 9.05 5.40 -156.03
N THR M 278 9.66 4.22 -155.80
CA THR M 278 10.76 3.73 -156.63
C THR M 278 10.31 3.52 -158.07
N TYR M 279 9.18 2.84 -158.22
CA TYR M 279 8.62 2.53 -159.54
C TYR M 279 8.32 3.77 -160.38
N ASN M 280 7.74 4.80 -159.75
CA ASN M 280 7.40 5.99 -160.47
C ASN M 280 8.64 6.71 -160.98
N SER M 281 9.76 6.63 -160.26
CA SER M 281 10.97 7.26 -160.74
C SER M 281 11.46 6.56 -162.00
N ILE M 282 11.30 5.24 -162.04
CA ILE M 282 11.72 4.49 -163.22
C ILE M 282 10.78 4.86 -164.37
N MET M 283 9.47 4.86 -164.09
CA MET M 283 8.41 5.13 -165.06
C MET M 283 8.54 6.48 -165.75
N LYS M 284 8.98 7.48 -165.02
CA LYS M 284 9.14 8.84 -165.52
C LYS M 284 10.41 9.09 -166.33
N CYS M 285 11.32 8.13 -166.37
CA CYS M 285 12.55 8.29 -167.11
C CYS M 285 12.32 7.85 -168.56
N ASP M 286 13.20 8.27 -169.47
CA ASP M 286 13.04 7.90 -170.88
C ASP M 286 13.04 6.40 -171.08
N ILE M 287 12.37 5.97 -172.12
CA ILE M 287 12.18 4.56 -172.39
C ILE M 287 13.46 3.72 -172.54
N ASP M 288 14.58 4.32 -172.98
CA ASP M 288 15.86 3.61 -173.09
C ASP M 288 16.74 3.78 -171.83
N ILE M 289 16.13 4.38 -170.81
CA ILE M 289 16.69 4.53 -169.49
C ILE M 289 16.09 3.48 -168.56
N ARG M 290 14.78 3.36 -168.66
CA ARG M 290 13.99 2.44 -167.84
C ARG M 290 14.54 1.03 -167.67
N LYS M 291 15.09 0.46 -168.74
CA LYS M 291 15.58 -0.91 -168.63
C LYS M 291 16.74 -1.03 -167.65
N ASP M 292 17.54 0.03 -167.53
CA ASP M 292 18.71 -0.03 -166.71
C ASP M 292 18.33 0.33 -165.30
N LEU M 293 17.29 1.14 -165.16
CA LEU M 293 16.87 1.48 -163.82
C LEU M 293 16.08 0.30 -163.24
N TYR M 294 15.34 -0.47 -164.06
CA TYR M 294 14.60 -1.62 -163.52
C TYR M 294 15.57 -2.66 -163.01
N ALA M 295 16.71 -2.77 -163.68
CA ALA M 295 17.77 -3.71 -163.32
C ALA M 295 18.69 -3.19 -162.19
N ASN M 296 18.47 -1.96 -161.72
CA ASN M 296 19.32 -1.37 -160.70
C ASN M 296 18.60 -0.56 -159.62
N ASN M 297 17.87 -1.23 -158.74
CA ASN M 297 17.22 -0.57 -157.60
C ASN M 297 18.27 -0.50 -156.48
N VAL M 298 18.82 0.67 -156.18
CA VAL M 298 19.97 0.75 -155.27
C VAL M 298 19.62 1.09 -153.81
N MET M 299 20.04 0.19 -152.89
CA MET M 299 19.73 0.33 -151.46
C MET M 299 20.82 0.98 -150.58
N SER M 300 20.48 2.14 -150.00
CA SER M 300 21.36 2.96 -149.16
C SER M 300 20.60 3.53 -148.00
N GLY M 301 21.27 3.86 -146.91
CA GLY M 301 20.55 4.46 -145.81
C GLY M 301 19.97 3.39 -144.92
N GLY M 302 19.30 3.82 -143.88
CA GLY M 302 18.75 2.90 -142.91
C GLY M 302 17.49 2.26 -143.41
N THR M 303 16.90 1.35 -142.64
CA THR M 303 15.71 0.56 -142.99
C THR M 303 16.00 -0.46 -144.13
N THR M 304 17.11 -0.31 -144.86
CA THR M 304 17.50 -1.18 -145.95
C THR M 304 18.05 -2.49 -145.40
N MET M 305 18.26 -2.49 -144.10
CA MET M 305 18.76 -3.63 -143.38
C MET M 305 17.66 -4.37 -142.59
N TYR M 306 16.37 -4.12 -142.89
CA TYR M 306 15.30 -4.93 -142.29
C TYR M 306 15.30 -6.29 -142.99
N PRO M 307 15.09 -7.42 -142.30
CA PRO M 307 14.91 -8.69 -142.96
C PRO M 307 13.70 -8.63 -143.90
N GLY M 308 13.89 -9.20 -145.08
CA GLY M 308 12.86 -9.26 -146.11
C GLY M 308 12.83 -8.02 -147.01
N ILE M 309 13.60 -6.97 -146.71
CA ILE M 309 13.49 -5.77 -147.54
C ILE M 309 14.13 -5.90 -148.89
N ALA M 310 15.27 -6.58 -149.01
CA ALA M 310 15.89 -6.68 -150.31
C ALA M 310 15.04 -7.53 -151.24
N ASP M 311 14.42 -8.56 -150.68
CA ASP M 311 13.67 -9.49 -151.49
C ASP M 311 12.30 -8.92 -151.79
N ARG M 312 11.79 -8.18 -150.81
CA ARG M 312 10.49 -7.54 -150.91
C ARG M 312 10.52 -6.40 -151.92
N MET M 313 11.56 -5.57 -151.89
CA MET M 313 11.62 -4.49 -152.86
C MET M 313 11.76 -5.03 -154.27
N GLN M 314 12.55 -6.10 -154.49
CA GLN M 314 12.62 -6.59 -155.85
C GLN M 314 11.27 -7.16 -156.30
N LYS M 315 10.57 -7.88 -155.39
CA LYS M 315 9.26 -8.46 -155.70
C LYS M 315 8.18 -7.40 -155.98
N GLU M 316 8.15 -6.35 -155.16
CA GLU M 316 7.16 -5.29 -155.28
C GLU M 316 7.34 -4.52 -156.57
N ILE M 317 8.59 -4.28 -156.99
CA ILE M 317 8.79 -3.58 -158.26
C ILE M 317 8.41 -4.52 -159.39
N THR M 318 8.79 -5.80 -159.30
CA THR M 318 8.48 -6.78 -160.33
C THR M 318 6.97 -6.80 -160.58
N ALA M 319 6.19 -6.73 -159.50
CA ALA M 319 4.72 -6.72 -159.53
C ALA M 319 4.10 -5.48 -160.23
N LEU M 320 4.86 -4.38 -160.33
CA LEU M 320 4.40 -3.12 -160.92
C LEU M 320 4.93 -2.98 -162.36
N ALA M 321 6.12 -3.54 -162.56
CA ALA M 321 6.87 -3.50 -163.80
C ALA M 321 6.22 -4.36 -164.89
N PRO M 322 6.47 -4.08 -166.17
CA PRO M 322 6.06 -4.90 -167.30
C PRO M 322 6.74 -6.26 -167.21
N SER M 323 6.11 -7.26 -167.82
CA SER M 323 6.64 -8.62 -167.91
C SER M 323 7.78 -8.57 -168.92
N THR M 324 8.53 -9.67 -169.07
CA THR M 324 9.71 -9.77 -169.97
C THR M 324 10.94 -9.11 -169.35
N MET M 325 10.76 -7.89 -168.86
CA MET M 325 11.78 -7.10 -168.21
C MET M 325 12.34 -7.74 -166.96
N LYS M 326 13.65 -7.62 -166.77
CA LYS M 326 14.29 -8.10 -165.56
C LYS M 326 14.42 -7.00 -164.53
N ILE M 327 13.82 -7.23 -163.39
CA ILE M 327 13.85 -6.31 -162.28
C ILE M 327 14.86 -6.83 -161.30
N LYS M 328 15.81 -5.98 -160.92
CA LYS M 328 16.86 -6.41 -160.01
C LYS M 328 17.17 -5.38 -158.94
N ILE M 329 17.44 -5.88 -157.74
CA ILE M 329 17.81 -4.99 -156.66
C ILE M 329 19.28 -5.12 -156.35
N ILE M 330 19.91 -4.00 -156.08
CA ILE M 330 21.30 -4.00 -155.73
C ILE M 330 21.32 -3.89 -154.21
N ALA M 331 21.55 -5.02 -153.56
CA ALA M 331 21.43 -5.06 -152.12
C ALA M 331 22.40 -6.06 -151.48
N PRO M 332 23.71 -5.82 -151.60
CA PRO M 332 24.78 -6.62 -151.03
C PRO M 332 24.81 -6.38 -149.52
N PRO M 333 25.50 -7.18 -148.72
CA PRO M 333 25.72 -6.96 -147.28
C PRO M 333 26.26 -5.56 -146.96
N GLU M 334 27.04 -5.00 -147.89
CA GLU M 334 27.58 -3.66 -147.73
C GLU M 334 26.51 -2.63 -148.11
N ARG M 335 25.26 -3.09 -148.15
CA ARG M 335 24.13 -2.22 -148.50
C ARG M 335 23.96 -1.14 -147.45
N LYS M 336 23.56 0.05 -147.91
CA LYS M 336 23.34 1.28 -147.13
C LYS M 336 24.62 1.98 -146.66
N TYR M 337 25.63 1.22 -146.24
CA TYR M 337 26.90 1.81 -145.82
C TYR M 337 27.60 2.34 -147.07
N SER M 338 26.85 2.38 -148.16
CA SER M 338 27.31 2.84 -149.46
C SER M 338 27.43 4.36 -149.52
N VAL M 339 26.63 5.08 -148.75
CA VAL M 339 26.75 6.52 -148.79
C VAL M 339 28.01 7.03 -148.09
N TRP M 340 28.40 6.43 -146.96
CA TRP M 340 29.61 6.92 -146.32
C TRP M 340 30.79 6.63 -147.23
N ILE M 341 30.80 5.39 -147.75
CA ILE M 341 31.90 4.92 -148.57
C ILE M 341 32.01 5.78 -149.79
N GLY M 342 30.90 6.10 -150.43
CA GLY M 342 30.98 6.97 -151.57
C GLY M 342 31.59 8.31 -151.21
N GLY M 343 31.32 8.84 -150.00
CA GLY M 343 31.91 10.13 -149.63
C GLY M 343 33.42 10.05 -149.69
N SER M 344 33.96 8.92 -149.22
CA SER M 344 35.39 8.64 -149.25
C SER M 344 35.93 8.53 -150.66
N ILE M 345 35.16 7.87 -151.53
CA ILE M 345 35.52 7.66 -152.92
C ILE M 345 35.55 8.97 -153.66
N LEU M 346 34.52 9.79 -153.47
CA LEU M 346 34.44 11.05 -154.18
C LEU M 346 35.53 12.00 -153.75
N ALA M 347 35.73 12.12 -152.43
CA ALA M 347 36.71 13.04 -151.89
C ALA M 347 38.11 12.77 -152.42
N SER M 348 38.42 11.49 -152.61
CA SER M 348 39.72 11.03 -153.09
C SER M 348 39.85 10.81 -154.61
N LEU M 349 38.79 11.08 -155.42
CA LEU M 349 38.96 10.87 -156.87
C LEU M 349 39.87 11.95 -157.41
N SER M 350 40.74 11.60 -158.37
CA SER M 350 41.61 12.61 -158.97
C SER M 350 40.81 13.60 -159.81
N THR M 351 39.67 13.13 -160.30
CA THR M 351 38.77 13.87 -161.15
C THR M 351 37.87 14.80 -160.36
N PHE M 352 38.06 14.77 -159.06
CA PHE M 352 37.26 15.59 -158.19
C PHE M 352 38.12 16.53 -157.38
N GLN M 353 39.40 16.70 -157.72
CA GLN M 353 40.14 17.62 -156.87
C GLN M 353 39.77 19.08 -157.14
N GLN M 354 39.38 19.37 -158.36
CA GLN M 354 38.99 20.71 -158.77
C GLN M 354 37.61 21.09 -158.25
N MET M 355 36.88 20.12 -157.68
CA MET M 355 35.55 20.38 -157.18
C MET M 355 35.55 20.90 -155.74
N TRP M 356 36.71 20.89 -155.09
CA TRP M 356 36.79 21.37 -153.72
C TRP M 356 36.77 22.90 -153.68
N ILE M 357 35.96 23.48 -152.77
CA ILE M 357 35.90 24.91 -152.61
C ILE M 357 37.01 25.24 -151.68
N THR M 358 37.92 26.13 -152.04
CA THR M 358 39.01 26.38 -151.10
C THR M 358 38.65 27.51 -150.16
N LYS M 359 39.39 27.66 -149.05
CA LYS M 359 39.11 28.80 -148.17
C LYS M 359 39.87 30.01 -148.68
N GLN M 360 39.49 30.41 -149.86
CA GLN M 360 39.98 31.52 -150.62
C GLN M 360 38.73 32.05 -151.28
N GLU M 361 38.19 31.17 -152.14
CA GLU M 361 36.99 31.40 -152.90
C GLU M 361 35.84 31.60 -151.94
N TYR M 362 35.84 30.82 -150.85
CA TYR M 362 34.85 30.90 -149.82
C TYR M 362 34.74 32.26 -149.21
N ASP M 363 35.86 32.88 -148.84
CA ASP M 363 35.73 34.15 -148.16
C ASP M 363 35.41 35.26 -149.14
N GLU M 364 35.88 35.14 -150.37
CA GLU M 364 35.55 36.17 -151.35
C GLU M 364 34.05 36.18 -151.68
N ALA M 365 33.45 34.98 -151.80
CA ALA M 365 32.03 34.84 -152.14
C ALA M 365 31.07 34.69 -150.97
N GLY M 366 31.52 34.12 -149.86
CA GLY M 366 30.66 33.78 -148.72
C GLY M 366 30.10 32.38 -148.98
N PRO M 367 29.34 31.80 -148.03
CA PRO M 367 28.80 30.43 -148.03
C PRO M 367 27.83 30.13 -149.16
N SER M 368 27.28 31.16 -149.80
CA SER M 368 26.35 30.95 -150.90
C SER M 368 27.07 30.29 -152.07
N ILE M 369 28.41 30.32 -152.03
CA ILE M 369 29.31 29.72 -153.00
C ILE M 369 29.06 28.24 -153.18
N VAL M 370 28.61 27.55 -152.16
CA VAL M 370 28.42 26.14 -152.32
C VAL M 370 27.39 25.85 -153.40
N HIS M 371 26.40 26.73 -153.56
CA HIS M 371 25.34 26.56 -154.52
C HIS M 371 25.85 26.71 -155.96
N ARG M 372 27.01 27.37 -156.12
CA ARG M 372 27.58 27.62 -157.42
C ARG M 372 28.66 26.60 -157.78
N LYS M 373 29.32 26.05 -156.75
CA LYS M 373 30.45 25.15 -156.96
C LYS M 373 30.23 23.65 -156.74
N CYS M 374 29.38 23.22 -155.82
CA CYS M 374 29.34 21.77 -155.57
C CYS M 374 28.69 20.90 -156.66
N PHE M 375 27.73 21.46 -157.39
CA PHE M 375 27.01 20.74 -158.44
C PHE M 375 25.94 21.61 -159.08
N ASP N 1 -34.84 21.85 -166.56
CA ASP N 1 -34.40 23.19 -166.19
C ASP N 1 -34.41 24.17 -167.35
N GLU N 2 -34.04 23.68 -168.53
CA GLU N 2 -33.97 24.50 -169.73
C GLU N 2 -35.25 24.41 -170.55
N ASP N 3 -35.55 25.47 -171.29
CA ASP N 3 -36.73 25.54 -172.16
C ASP N 3 -36.46 25.28 -173.64
N GLU N 4 -35.27 24.78 -173.95
CA GLU N 4 -34.86 24.44 -175.30
C GLU N 4 -33.88 23.28 -175.28
N THR N 5 -33.86 22.49 -176.35
CA THR N 5 -32.94 21.36 -176.46
C THR N 5 -31.59 21.79 -177.00
N THR N 6 -30.99 22.72 -176.28
CA THR N 6 -29.68 23.25 -176.60
C THR N 6 -28.62 22.21 -176.34
N ALA N 7 -27.61 22.16 -177.17
CA ALA N 7 -26.53 21.21 -176.93
C ALA N 7 -25.77 21.63 -175.69
N LEU N 8 -25.18 20.69 -174.98
CA LEU N 8 -24.37 21.01 -173.82
C LEU N 8 -22.92 20.97 -174.21
N VAL N 9 -22.10 21.77 -173.52
CA VAL N 9 -20.67 21.79 -173.80
C VAL N 9 -19.81 21.59 -172.54
N CYS N 10 -18.83 20.67 -172.61
CA CYS N 10 -17.93 20.46 -171.47
C CYS N 10 -16.47 20.14 -171.86
N ASP N 11 -15.56 20.94 -171.31
CA ASP N 11 -14.11 20.87 -171.56
C ASP N 11 -13.38 20.21 -170.36
N ASN N 12 -12.90 18.98 -170.54
CA ASN N 12 -12.34 18.18 -169.43
C ASN N 12 -10.83 17.88 -169.53
N GLY N 13 -10.03 18.52 -168.68
CA GLY N 13 -8.58 18.31 -168.74
C GLY N 13 -8.03 17.50 -167.56
N SER N 14 -6.70 17.53 -167.44
CA SER N 14 -5.96 16.82 -166.38
C SER N 14 -5.95 17.61 -165.05
N GLY N 15 -6.43 18.85 -165.09
CA GLY N 15 -6.53 19.73 -163.94
C GLY N 15 -7.99 20.08 -163.71
N LEU N 16 -8.56 20.89 -164.62
CA LEU N 16 -9.95 21.37 -164.46
C LEU N 16 -10.97 21.02 -165.54
N VAL N 17 -12.24 21.11 -165.11
CA VAL N 17 -13.43 20.88 -165.91
C VAL N 17 -14.34 22.11 -165.97
N LYS N 18 -14.68 22.54 -167.18
CA LYS N 18 -15.60 23.66 -167.29
C LYS N 18 -16.77 23.28 -168.14
N ALA N 19 -17.94 23.75 -167.76
CA ALA N 19 -19.12 23.37 -168.51
C ALA N 19 -20.25 24.38 -168.45
N GLY N 20 -21.16 24.26 -169.40
CA GLY N 20 -22.36 25.09 -169.52
C GLY N 20 -23.12 24.64 -170.73
N PHE N 21 -24.11 25.40 -171.19
CA PHE N 21 -24.82 24.96 -172.37
C PHE N 21 -24.47 25.80 -173.58
N ALA N 22 -24.65 25.22 -174.75
CA ALA N 22 -24.38 25.91 -175.98
C ALA N 22 -25.31 27.09 -176.10
N GLY N 23 -24.75 28.17 -176.56
CA GLY N 23 -25.47 29.41 -176.73
C GLY N 23 -25.10 30.37 -175.62
N ASP N 24 -24.47 29.88 -174.53
CA ASP N 24 -24.07 30.86 -173.52
C ASP N 24 -22.69 31.37 -173.97
N ASP N 25 -22.14 32.32 -173.20
CA ASP N 25 -20.83 32.91 -173.55
C ASP N 25 -19.71 32.57 -172.59
N ALA N 26 -19.99 31.68 -171.68
CA ALA N 26 -19.06 31.26 -170.67
C ALA N 26 -19.57 29.96 -170.09
N PRO N 27 -18.72 29.13 -169.50
CA PRO N 27 -19.16 27.97 -168.80
C PRO N 27 -19.95 28.48 -167.62
N ARG N 28 -20.97 27.72 -167.22
CA ARG N 28 -21.82 28.11 -166.12
C ARG N 28 -21.25 27.64 -164.80
N ALA N 29 -20.37 26.64 -164.85
CA ALA N 29 -19.74 26.14 -163.65
C ALA N 29 -18.33 25.67 -163.92
N VAL N 30 -17.48 25.82 -162.91
CA VAL N 30 -16.11 25.36 -162.97
C VAL N 30 -15.84 24.40 -161.84
N PHE N 31 -15.35 23.23 -162.21
CA PHE N 31 -15.00 22.17 -161.27
C PHE N 31 -13.60 21.72 -161.55
N PRO N 32 -12.88 21.20 -160.57
CA PRO N 32 -11.63 20.52 -160.77
C PRO N 32 -11.97 19.16 -161.35
N SER N 33 -11.05 18.52 -162.07
CA SER N 33 -11.28 17.14 -162.55
C SER N 33 -10.95 16.17 -161.43
N ILE N 34 -11.69 16.25 -160.34
CA ILE N 34 -11.38 15.47 -159.14
C ILE N 34 -12.44 14.61 -158.51
N VAL N 35 -12.00 13.40 -158.17
CA VAL N 35 -12.78 12.52 -157.31
C VAL N 35 -11.89 12.26 -156.08
N GLY N 36 -12.39 12.66 -154.92
CA GLY N 36 -11.63 12.55 -153.69
C GLY N 36 -12.01 11.34 -152.89
N ARG N 37 -11.05 10.78 -152.16
CA ARG N 37 -11.30 9.62 -151.31
C ARG N 37 -10.58 9.76 -149.96
N PRO N 38 -11.26 9.36 -148.87
CA PRO N 38 -10.67 9.45 -147.55
C PRO N 38 -9.43 8.59 -147.43
N ARG N 39 -8.44 9.12 -146.73
CA ARG N 39 -7.18 8.41 -146.48
C ARG N 39 -6.96 8.12 -144.99
N HIS N 40 -8.05 8.21 -144.22
CA HIS N 40 -8.07 8.00 -142.77
C HIS N 40 -9.20 7.07 -142.32
N GLN N 41 -9.02 6.48 -141.14
CA GLN N 41 -10.03 5.66 -140.49
C GLN N 41 -11.00 6.50 -139.68
N GLY N 42 -12.31 6.31 -139.92
CA GLY N 42 -13.33 7.05 -139.21
C GLY N 42 -13.32 6.67 -137.74
N VAL N 43 -13.53 7.64 -136.87
CA VAL N 43 -13.53 7.40 -135.44
C VAL N 43 -14.91 7.65 -134.80
N MET N 44 -15.60 8.70 -135.24
CA MET N 44 -16.89 9.06 -134.68
C MET N 44 -18.04 8.41 -135.49
N VAL N 45 -19.12 8.02 -134.81
CA VAL N 45 -20.31 7.40 -135.42
C VAL N 45 -21.40 8.42 -135.79
N GLY N 46 -22.02 8.27 -136.96
CA GLY N 46 -23.10 9.19 -137.36
C GLY N 46 -22.60 10.49 -137.95
N MET N 47 -21.43 10.45 -138.56
CA MET N 47 -20.77 11.60 -139.14
C MET N 47 -21.06 11.80 -140.62
N GLY N 48 -21.92 10.96 -141.18
CA GLY N 48 -22.11 10.97 -142.62
C GLY N 48 -20.77 10.51 -143.17
N GLN N 49 -20.17 11.29 -144.07
CA GLN N 49 -18.88 10.98 -144.70
C GLN N 49 -19.02 10.00 -145.85
N LYS N 50 -18.63 10.46 -147.02
CA LYS N 50 -18.82 9.72 -148.25
C LYS N 50 -17.65 8.80 -148.57
N ASP N 51 -17.90 7.81 -149.43
CA ASP N 51 -16.87 6.91 -149.89
C ASP N 51 -15.99 7.61 -150.90
N SER N 52 -16.62 8.55 -151.60
CA SER N 52 -15.98 9.36 -152.61
C SER N 52 -16.67 10.71 -152.69
N TYR N 53 -15.89 11.73 -153.03
CA TYR N 53 -16.35 13.09 -153.16
C TYR N 53 -16.09 13.58 -154.57
N VAL N 54 -16.95 14.42 -155.11
CA VAL N 54 -16.67 14.88 -156.46
C VAL N 54 -16.61 16.40 -156.64
N GLY N 55 -15.67 16.83 -157.47
CA GLY N 55 -15.52 18.23 -157.85
C GLY N 55 -15.16 19.12 -156.68
N ASP N 56 -16.01 20.11 -156.47
CA ASP N 56 -15.82 21.08 -155.43
C ASP N 56 -16.01 20.50 -154.03
N GLU N 57 -16.73 19.38 -153.89
CA GLU N 57 -16.87 18.86 -152.54
C GLU N 57 -15.55 18.20 -152.20
N ALA N 58 -14.92 17.59 -153.20
CA ALA N 58 -13.67 16.89 -153.00
C ALA N 58 -12.62 17.89 -152.55
N GLN N 59 -12.64 19.09 -153.11
CA GLN N 59 -11.69 20.07 -152.62
C GLN N 59 -12.10 20.63 -151.24
N SER N 60 -13.39 20.86 -150.98
CA SER N 60 -13.79 21.42 -149.68
C SER N 60 -13.47 20.51 -148.49
N LYS N 61 -13.52 19.20 -148.70
CA LYS N 61 -13.25 18.20 -147.67
C LYS N 61 -11.84 17.61 -147.75
N ARG N 62 -10.97 18.22 -148.58
CA ARG N 62 -9.63 17.73 -148.92
C ARG N 62 -8.67 17.54 -147.77
N GLY N 63 -8.92 18.13 -146.61
CA GLY N 63 -7.99 18.00 -145.51
C GLY N 63 -7.63 16.54 -145.22
N ILE N 64 -8.57 15.60 -145.41
CA ILE N 64 -8.26 14.19 -145.18
C ILE N 64 -8.51 13.31 -146.39
N LEU N 65 -8.53 13.90 -147.57
CA LEU N 65 -8.77 13.13 -148.77
C LEU N 65 -7.55 13.09 -149.64
N THR N 66 -7.43 12.05 -150.43
CA THR N 66 -6.42 12.00 -151.46
C THR N 66 -7.20 12.38 -152.70
N LEU N 67 -6.71 13.32 -153.50
CA LEU N 67 -7.51 13.72 -154.65
C LEU N 67 -6.96 13.15 -155.96
N LYS N 68 -7.81 12.41 -156.67
CA LYS N 68 -7.38 11.78 -157.89
C LYS N 68 -7.92 12.49 -159.12
N TYR N 69 -7.09 12.52 -160.15
CA TYR N 69 -7.41 13.12 -161.43
C TYR N 69 -7.51 12.02 -162.51
N PRO N 70 -8.70 11.80 -163.11
CA PRO N 70 -9.03 10.76 -164.10
C PRO N 70 -8.42 10.94 -165.50
N ILE N 71 -7.90 12.14 -165.79
CA ILE N 71 -7.34 12.46 -167.10
C ILE N 71 -5.82 12.68 -167.06
N GLU N 72 -5.10 11.85 -167.82
CA GLU N 72 -3.64 11.80 -167.84
C GLU N 72 -3.04 12.32 -169.15
N HIS N 73 -2.39 13.48 -169.11
CA HIS N 73 -1.82 14.06 -170.33
C HIS N 73 -2.83 14.17 -171.46
N GLY N 74 -4.05 14.56 -171.06
CA GLY N 74 -5.16 14.73 -171.98
C GLY N 74 -6.08 13.51 -172.17
N ILE N 75 -5.73 12.32 -171.68
CA ILE N 75 -6.62 11.14 -171.89
C ILE N 75 -7.33 10.60 -170.65
N ILE N 76 -8.62 10.31 -170.81
CA ILE N 76 -9.36 9.73 -169.70
C ILE N 76 -8.94 8.28 -169.54
N THR N 77 -8.45 7.96 -168.34
CA THR N 77 -8.04 6.59 -168.04
C THR N 77 -9.00 6.06 -167.00
N ASN N 78 -9.73 6.97 -166.35
CA ASN N 78 -10.71 6.58 -165.37
C ASN N 78 -12.06 7.22 -165.69
N TRP N 79 -12.87 6.46 -166.38
CA TRP N 79 -14.16 6.92 -166.88
C TRP N 79 -15.27 6.76 -165.87
N ASP N 80 -14.99 6.06 -164.78
CA ASP N 80 -15.97 5.91 -163.74
C ASP N 80 -16.00 7.23 -162.97
N ASP N 81 -14.82 7.84 -162.87
CA ASP N 81 -14.71 9.11 -162.20
C ASP N 81 -15.24 10.22 -163.08
N MET N 82 -15.05 10.12 -164.41
CA MET N 82 -15.60 11.19 -165.25
C MET N 82 -17.11 11.16 -165.25
N GLU N 83 -17.73 9.97 -165.15
CA GLU N 83 -19.17 9.93 -165.10
C GLU N 83 -19.69 10.66 -163.86
N LYS N 84 -19.02 10.49 -162.71
CA LYS N 84 -19.45 11.19 -161.49
C LYS N 84 -19.27 12.70 -161.60
N ILE N 85 -18.17 13.12 -162.22
CA ILE N 85 -17.88 14.53 -162.40
C ILE N 85 -18.95 15.17 -163.26
N TRP N 86 -19.31 14.50 -164.36
CA TRP N 86 -20.34 15.00 -165.25
C TRP N 86 -21.72 14.89 -164.63
N HIS N 87 -21.98 13.87 -163.83
CA HIS N 87 -23.31 13.76 -163.24
C HIS N 87 -23.54 14.97 -162.37
N HIS N 88 -22.57 15.26 -161.52
CA HIS N 88 -22.63 16.39 -160.61
C HIS N 88 -22.67 17.71 -161.37
N THR N 89 -21.76 17.87 -162.33
CA THR N 89 -21.70 19.10 -163.10
C THR N 89 -23.02 19.37 -163.82
N PHE N 90 -23.55 18.38 -164.53
CA PHE N 90 -24.73 18.64 -165.32
C PHE N 90 -26.02 18.75 -164.52
N TYR N 91 -26.21 17.88 -163.53
CA TYR N 91 -27.49 17.89 -162.83
C TYR N 91 -27.55 18.74 -161.57
N ASN N 92 -26.44 18.94 -160.85
CA ASN N 92 -26.54 19.69 -159.63
C ASN N 92 -26.20 21.17 -159.81
N GLU N 93 -25.18 21.47 -160.63
CA GLU N 93 -24.75 22.87 -160.71
C GLU N 93 -25.09 23.64 -162.00
N LEU N 94 -24.94 23.03 -163.18
CA LEU N 94 -25.20 23.77 -164.42
C LEU N 94 -26.67 23.93 -164.69
N ARG N 95 -27.44 23.04 -164.06
CA ARG N 95 -28.88 22.92 -164.18
C ARG N 95 -29.31 22.65 -165.62
N VAL N 96 -28.75 21.57 -166.17
CA VAL N 96 -29.07 21.11 -167.53
C VAL N 96 -29.43 19.64 -167.42
N ALA N 97 -30.06 19.06 -168.44
CA ALA N 97 -30.42 17.64 -168.32
C ALA N 97 -30.05 16.84 -169.55
N PRO N 98 -28.81 16.32 -169.67
CA PRO N 98 -28.23 15.70 -170.88
C PRO N 98 -29.15 14.73 -171.60
N GLU N 99 -30.05 14.05 -170.90
CA GLU N 99 -30.96 13.12 -171.56
C GLU N 99 -31.75 13.84 -172.67
N GLU N 100 -32.02 15.14 -172.47
CA GLU N 100 -32.78 15.97 -173.39
C GLU N 100 -31.92 16.89 -174.27
N HIS N 101 -30.58 16.76 -174.23
CA HIS N 101 -29.71 17.67 -174.99
C HIS N 101 -28.55 16.94 -175.68
N PRO N 102 -28.15 17.28 -176.91
CA PRO N 102 -26.92 16.79 -177.54
C PRO N 102 -25.75 17.24 -176.67
N THR N 103 -24.66 16.47 -176.56
CA THR N 103 -23.50 16.97 -175.77
C THR N 103 -22.16 16.94 -176.52
N LEU N 104 -21.46 18.06 -176.46
CA LEU N 104 -20.17 18.22 -177.08
C LEU N 104 -19.08 18.25 -176.02
N LEU N 105 -18.12 17.36 -176.21
CA LEU N 105 -16.98 17.23 -175.33
C LEU N 105 -15.74 17.50 -176.14
N THR N 106 -14.71 18.00 -175.50
CA THR N 106 -13.46 18.29 -176.22
C THR N 106 -12.30 17.32 -175.97
N GLU N 107 -11.30 17.34 -176.87
CA GLU N 107 -10.05 16.56 -176.73
C GLU N 107 -8.90 17.10 -177.60
N ALA N 108 -7.71 16.53 -177.41
CA ALA N 108 -6.60 16.80 -178.31
C ALA N 108 -6.72 15.88 -179.57
N PRO N 109 -6.47 16.35 -180.81
CA PRO N 109 -6.48 15.56 -182.04
C PRO N 109 -5.65 14.28 -182.10
N LEU N 110 -4.53 14.19 -181.36
CA LEU N 110 -3.70 12.99 -181.39
C LEU N 110 -3.85 12.19 -180.12
N ASN N 111 -4.87 12.51 -179.35
CA ASN N 111 -5.18 11.81 -178.13
C ASN N 111 -5.53 10.37 -178.57
N PRO N 112 -5.14 9.30 -177.86
CA PRO N 112 -5.50 7.94 -178.21
C PRO N 112 -7.01 7.87 -178.37
N LYS N 113 -7.46 7.02 -179.30
CA LYS N 113 -8.87 6.90 -179.67
C LYS N 113 -9.79 6.51 -178.52
N ALA N 114 -9.20 5.89 -177.51
CA ALA N 114 -9.93 5.46 -176.33
C ALA N 114 -10.57 6.64 -175.63
N ASN N 115 -9.96 7.83 -175.71
CA ASN N 115 -10.49 8.99 -175.02
C ASN N 115 -11.86 9.34 -175.56
N ARG N 116 -11.93 9.46 -176.87
CA ARG N 116 -13.18 9.79 -177.56
C ARG N 116 -14.19 8.65 -177.45
N GLU N 117 -13.71 7.41 -177.47
CA GLU N 117 -14.62 6.29 -177.38
C GLU N 117 -15.28 6.20 -176.02
N LYS N 118 -14.50 6.41 -174.94
CA LYS N 118 -15.09 6.31 -173.63
C LYS N 118 -15.96 7.51 -173.28
N MET N 119 -15.60 8.73 -173.71
CA MET N 119 -16.49 9.82 -173.33
C MET N 119 -17.82 9.70 -174.07
N THR N 120 -17.77 9.11 -175.29
CA THR N 120 -18.94 8.85 -176.09
C THR N 120 -19.79 7.79 -175.40
N GLN N 121 -19.15 6.73 -174.91
CA GLN N 121 -19.90 5.69 -174.22
C GLN N 121 -20.55 6.20 -172.94
N ILE N 122 -19.87 7.05 -172.17
CA ILE N 122 -20.49 7.50 -170.92
C ILE N 122 -21.72 8.34 -171.23
N MET N 123 -21.59 9.30 -172.14
CA MET N 123 -22.75 10.13 -172.34
C MET N 123 -23.92 9.37 -172.96
N PHE N 124 -23.66 8.40 -173.84
CA PHE N 124 -24.78 7.65 -174.42
C PHE N 124 -25.37 6.57 -173.50
N GLU N 125 -24.56 5.91 -172.67
CA GLU N 125 -25.10 4.86 -171.83
C GLU N 125 -25.46 5.24 -170.38
N THR N 126 -24.81 6.24 -169.76
CA THR N 126 -25.19 6.53 -168.37
C THR N 126 -26.04 7.80 -168.31
N PHE N 127 -25.90 8.66 -169.31
CA PHE N 127 -26.70 9.90 -169.37
C PHE N 127 -27.82 9.87 -170.39
N ASN N 128 -27.79 8.85 -171.26
CA ASN N 128 -28.76 8.69 -172.35
C ASN N 128 -28.85 9.93 -173.22
N VAL N 129 -27.71 10.54 -173.53
CA VAL N 129 -27.68 11.75 -174.32
C VAL N 129 -28.21 11.38 -175.71
N PRO N 130 -29.10 12.16 -176.35
CA PRO N 130 -29.62 11.87 -177.66
C PRO N 130 -28.58 11.98 -178.76
N ALA N 131 -27.48 12.71 -178.50
CA ALA N 131 -26.45 12.85 -179.51
C ALA N 131 -25.08 13.26 -178.92
N MET N 132 -24.02 12.94 -179.66
CA MET N 132 -22.64 13.31 -179.28
C MET N 132 -21.73 13.85 -180.36
N TYR N 133 -20.81 14.69 -179.92
CA TYR N 133 -19.72 15.11 -180.78
C TYR N 133 -18.46 15.34 -179.96
N VAL N 134 -17.32 14.88 -180.48
CA VAL N 134 -16.04 15.16 -179.83
C VAL N 134 -15.22 16.15 -180.66
N ALA N 135 -14.92 17.30 -180.05
CA ALA N 135 -14.28 18.44 -180.69
C ALA N 135 -12.80 18.62 -180.36
N ILE N 136 -12.11 19.32 -181.25
CA ILE N 136 -10.72 19.67 -181.06
C ILE N 136 -10.60 20.90 -180.17
N GLN N 137 -9.91 20.80 -179.03
CA GLN N 137 -9.86 21.94 -178.10
C GLN N 137 -9.25 23.17 -178.75
N ALA N 138 -8.21 22.89 -179.51
CA ALA N 138 -7.46 23.89 -180.21
C ALA N 138 -8.21 24.59 -181.35
N VAL N 139 -9.25 24.00 -181.92
CA VAL N 139 -9.92 24.71 -183.01
C VAL N 139 -10.93 25.64 -182.36
N LEU N 140 -11.51 25.17 -181.26
CA LEU N 140 -12.54 25.91 -180.57
C LEU N 140 -11.96 27.23 -180.07
N SER N 141 -10.68 27.24 -179.73
CA SER N 141 -10.02 28.47 -179.29
C SER N 141 -10.15 29.59 -180.33
N LEU N 142 -10.04 29.24 -181.63
CA LEU N 142 -10.17 30.23 -182.70
C LEU N 142 -11.59 30.67 -182.86
N TYR N 143 -12.52 29.75 -182.68
CA TYR N 143 -13.90 30.14 -182.88
C TYR N 143 -14.25 31.17 -181.79
N ALA N 144 -13.81 30.90 -180.57
CA ALA N 144 -14.04 31.77 -179.41
C ALA N 144 -13.37 33.12 -179.57
N SER N 145 -12.22 33.11 -180.21
CA SER N 145 -11.39 34.29 -180.41
C SER N 145 -11.82 35.14 -181.60
N GLY N 146 -12.80 34.68 -182.41
CA GLY N 146 -13.17 35.44 -183.59
C GLY N 146 -12.19 35.28 -184.75
N ARG N 147 -11.55 34.11 -184.85
CA ARG N 147 -10.57 33.84 -185.89
C ARG N 147 -10.84 32.49 -186.56
N THR N 148 -10.41 32.35 -187.80
CA THR N 148 -10.52 31.04 -188.46
C THR N 148 -9.15 30.42 -188.72
N THR N 149 -8.10 31.23 -188.66
CA THR N 149 -6.77 30.73 -188.98
C THR N 149 -5.76 31.13 -187.91
N GLY N 150 -4.92 30.17 -187.54
CA GLY N 150 -3.84 30.44 -186.59
C GLY N 150 -3.23 29.19 -185.96
N ILE N 151 -2.20 29.40 -185.17
CA ILE N 151 -1.55 28.29 -184.47
C ILE N 151 -2.12 28.28 -183.12
N VAL N 152 -2.65 27.16 -182.68
CA VAL N 152 -3.21 27.25 -181.37
C VAL N 152 -2.52 26.41 -180.34
N LEU N 153 -2.05 27.12 -179.32
CA LEU N 153 -1.47 26.47 -178.18
C LEU N 153 -2.60 26.49 -177.18
N ASP N 154 -3.13 25.30 -176.88
CA ASP N 154 -4.28 25.14 -176.02
C ASP N 154 -3.87 24.93 -174.58
N SER N 155 -2.56 24.99 -174.33
CA SER N 155 -1.94 24.95 -173.02
C SER N 155 -2.77 24.27 -171.95
N GLY N 156 -2.93 22.96 -172.01
CA GLY N 156 -3.79 22.32 -171.05
C GLY N 156 -3.05 22.06 -169.75
N ASP N 157 -3.61 21.18 -168.95
CA ASP N 157 -3.04 20.83 -167.67
C ASP N 157 -2.06 19.68 -167.83
N GLY N 158 -2.33 18.80 -168.79
CA GLY N 158 -1.50 17.62 -169.00
C GLY N 158 -0.77 17.60 -170.35
N VAL N 159 -1.26 18.37 -171.32
CA VAL N 159 -0.69 18.40 -172.66
C VAL N 159 -0.85 19.75 -173.34
N THR N 160 0.14 20.15 -174.16
CA THR N 160 -0.04 21.30 -175.03
C THR N 160 -0.10 20.67 -176.43
N HIS N 161 -1.24 20.83 -177.10
CA HIS N 161 -1.49 20.22 -178.41
C HIS N 161 -0.79 20.82 -179.63
N ASN N 162 -0.73 22.15 -179.69
CA ASN N 162 -0.09 22.88 -180.80
C ASN N 162 -0.46 22.51 -182.24
N VAL N 163 -1.71 22.73 -182.62
CA VAL N 163 -2.10 22.39 -183.99
C VAL N 163 -2.44 23.63 -184.82
N PRO N 164 -1.87 23.78 -186.02
CA PRO N 164 -2.20 24.83 -186.95
C PRO N 164 -3.60 24.58 -187.50
N ILE N 165 -4.39 25.64 -187.58
CA ILE N 165 -5.74 25.62 -188.13
C ILE N 165 -5.87 26.59 -189.31
N TYR N 166 -6.46 26.16 -190.42
CA TYR N 166 -6.69 27.04 -191.57
C TYR N 166 -8.17 27.02 -191.98
N GLU N 167 -8.78 28.21 -192.07
CA GLU N 167 -10.20 28.38 -192.42
C GLU N 167 -11.13 27.55 -191.52
N GLY N 168 -10.78 27.44 -190.25
CA GLY N 168 -11.55 26.71 -189.26
C GLY N 168 -11.26 25.20 -189.20
N TYR N 169 -10.30 24.69 -190.01
CA TYR N 169 -9.98 23.25 -190.03
C TYR N 169 -8.54 22.95 -189.63
N ALA N 170 -8.33 21.82 -188.97
CA ALA N 170 -6.96 21.45 -188.59
C ALA N 170 -6.13 20.99 -189.77
N LEU N 171 -4.82 21.24 -189.67
CA LEU N 171 -3.85 20.73 -190.63
C LEU N 171 -3.05 19.62 -189.92
N PRO N 172 -3.51 18.34 -189.97
CA PRO N 172 -3.00 17.23 -189.17
C PRO N 172 -1.58 16.81 -189.46
N HIS N 173 -1.04 17.21 -190.62
CA HIS N 173 0.30 16.81 -190.99
C HIS N 173 1.35 17.68 -190.29
N ALA N 174 0.89 18.77 -189.65
CA ALA N 174 1.77 19.75 -189.04
C ALA N 174 1.54 19.91 -187.54
N ILE N 175 1.07 18.87 -186.86
CA ILE N 175 0.88 18.94 -185.42
C ILE N 175 2.18 18.70 -184.69
N MET N 176 2.55 19.59 -183.77
CA MET N 176 3.80 19.38 -183.05
C MET N 176 3.48 19.31 -181.55
N ARG N 177 2.90 18.19 -181.12
CA ARG N 177 2.50 18.01 -179.73
C ARG N 177 3.65 18.11 -178.75
N LEU N 178 3.40 18.77 -177.62
CA LEU N 178 4.45 18.90 -176.61
C LEU N 178 4.08 18.33 -175.24
N ASP N 179 4.99 17.51 -174.70
CA ASP N 179 4.82 16.93 -173.37
C ASP N 179 5.29 17.88 -172.27
N LEU N 180 4.56 18.98 -172.18
CA LEU N 180 4.70 20.05 -171.20
C LEU N 180 3.39 20.78 -171.01
N ALA N 181 2.93 20.79 -169.77
CA ALA N 181 1.67 21.43 -169.45
C ALA N 181 1.63 21.97 -168.01
N GLY N 182 0.50 22.56 -167.62
CA GLY N 182 0.39 23.20 -166.31
C GLY N 182 0.79 22.32 -165.12
N ARG N 183 0.53 21.01 -165.21
CA ARG N 183 0.87 20.04 -164.16
C ARG N 183 2.38 19.91 -163.97
N ASP N 184 3.15 20.07 -165.05
CA ASP N 184 4.59 19.89 -165.00
C ASP N 184 5.22 21.15 -164.50
N LEU N 185 4.58 22.29 -164.81
CA LEU N 185 5.12 23.54 -164.36
C LEU N 185 5.03 23.55 -162.83
N THR N 186 3.90 23.03 -162.30
CA THR N 186 3.68 22.94 -160.86
C THR N 186 4.73 22.03 -160.23
N ASP N 187 5.03 20.90 -160.87
CA ASP N 187 6.01 19.98 -160.33
C ASP N 187 7.40 20.62 -160.24
N TYR N 188 7.77 21.42 -161.26
CA TYR N 188 9.06 22.08 -161.22
C TYR N 188 9.09 23.03 -160.02
N LEU N 189 8.00 23.79 -159.83
CA LEU N 189 7.92 24.74 -158.74
C LEU N 189 8.06 24.03 -157.40
N MET N 190 7.43 22.86 -157.25
CA MET N 190 7.55 22.16 -155.98
C MET N 190 9.01 21.83 -155.64
N LYS N 191 9.81 21.45 -156.65
CA LYS N 191 11.22 21.13 -156.40
C LYS N 191 12.04 22.37 -156.04
N ILE N 192 11.79 23.48 -156.71
CA ILE N 192 12.56 24.68 -156.39
C ILE N 192 12.06 25.36 -155.07
N LEU N 193 10.80 25.12 -154.69
CA LEU N 193 10.34 25.63 -153.40
C LEU N 193 10.95 24.76 -152.29
N THR N 194 11.25 23.48 -152.63
CA THR N 194 11.93 22.57 -151.72
C THR N 194 13.34 23.12 -151.48
N GLU N 195 13.99 23.63 -152.55
CA GLU N 195 15.33 24.20 -152.42
C GLU N 195 15.32 25.37 -151.41
N ARG N 196 14.19 26.07 -151.31
CA ARG N 196 14.06 27.19 -150.39
C ARG N 196 13.74 26.83 -148.93
N GLY N 197 13.56 25.53 -148.64
CA GLY N 197 13.25 25.12 -147.27
C GLY N 197 11.80 24.74 -146.97
N TYR N 198 10.96 24.61 -147.98
CA TYR N 198 9.57 24.22 -147.79
C TYR N 198 9.33 22.82 -148.29
N SER N 199 8.25 22.18 -147.85
CA SER N 199 7.97 20.83 -148.34
C SER N 199 6.52 20.71 -148.76
N PHE N 200 6.30 20.35 -150.02
CA PHE N 200 4.96 20.18 -150.53
C PHE N 200 4.78 18.80 -151.15
N VAL N 201 4.34 17.82 -150.35
CA VAL N 201 4.25 16.43 -150.80
C VAL N 201 2.82 15.90 -150.99
N THR N 202 1.93 16.19 -150.03
CA THR N 202 0.56 15.65 -149.98
C THR N 202 -0.39 16.41 -150.88
N THR N 203 -1.61 15.91 -151.10
CA THR N 203 -2.51 16.65 -151.99
C THR N 203 -2.72 18.05 -151.53
N ALA N 204 -2.99 18.26 -150.25
CA ALA N 204 -3.25 19.63 -149.82
C ALA N 204 -2.08 20.53 -150.16
N GLU N 205 -0.89 20.01 -149.98
CA GLU N 205 0.31 20.77 -150.27
C GLU N 205 0.54 20.99 -151.78
N ARG N 206 0.23 19.99 -152.59
CA ARG N 206 0.39 20.07 -154.04
C ARG N 206 -0.60 21.10 -154.63
N GLU N 207 -1.82 21.15 -154.07
CA GLU N 207 -2.86 22.08 -154.52
C GLU N 207 -2.41 23.51 -154.19
N ILE N 208 -1.73 23.68 -153.06
CA ILE N 208 -1.21 24.99 -152.70
C ILE N 208 -0.18 25.46 -153.68
N VAL N 209 0.75 24.59 -154.08
CA VAL N 209 1.76 25.05 -155.00
C VAL N 209 1.13 25.48 -156.31
N ARG N 210 0.13 24.74 -156.79
CA ARG N 210 -0.55 25.19 -157.99
C ARG N 210 -1.17 26.58 -157.78
N ASP N 211 -1.78 26.82 -156.61
CA ASP N 211 -2.40 28.12 -156.33
C ASP N 211 -1.32 29.23 -156.24
N ILE N 212 -0.13 28.89 -155.72
CA ILE N 212 0.96 29.84 -155.64
C ILE N 212 1.35 30.25 -157.02
N LYS N 213 1.52 29.29 -157.90
CA LYS N 213 1.92 29.57 -159.26
C LYS N 213 0.96 30.52 -159.93
N GLU N 214 -0.34 30.25 -159.80
CA GLU N 214 -1.36 31.04 -160.47
C GLU N 214 -1.37 32.50 -160.05
N LYS N 215 -1.08 32.76 -158.76
CA LYS N 215 -1.09 34.12 -158.24
C LYS N 215 0.27 34.85 -158.27
N LEU N 216 1.39 34.13 -158.11
CA LEU N 216 2.70 34.79 -158.03
C LEU N 216 3.58 34.73 -159.28
N CYS N 217 3.40 33.73 -160.15
CA CYS N 217 4.33 33.52 -161.25
C CYS N 217 4.11 34.28 -162.56
N TYR N 218 5.23 34.41 -163.29
CA TYR N 218 5.31 35.05 -164.61
C TYR N 218 6.42 34.47 -165.47
N VAL N 219 6.41 34.72 -166.78
CA VAL N 219 7.50 34.16 -167.60
C VAL N 219 8.65 35.12 -167.79
N ALA N 220 8.33 36.41 -167.93
CA ALA N 220 9.30 37.48 -168.19
C ALA N 220 9.72 37.49 -169.65
N LEU N 221 10.01 38.70 -170.15
CA LEU N 221 10.50 38.88 -171.51
C LEU N 221 11.94 38.36 -171.68
N ASP N 222 12.76 38.51 -170.64
CA ASP N 222 14.16 38.10 -170.69
C ASP N 222 14.55 37.36 -169.40
N PHE N 223 14.57 36.04 -169.48
CA PHE N 223 14.79 35.17 -168.32
C PHE N 223 16.12 35.37 -167.64
N GLU N 224 17.19 35.42 -168.40
CA GLU N 224 18.50 35.51 -167.81
C GLU N 224 18.69 36.83 -167.09
N ASN N 225 18.17 37.92 -167.66
CA ASN N 225 18.32 39.19 -166.96
C ASN N 225 17.39 39.25 -165.76
N GLU N 226 16.21 38.63 -165.87
CA GLU N 226 15.25 38.66 -164.77
C GLU N 226 15.84 37.85 -163.61
N MET N 227 16.50 36.73 -163.93
CA MET N 227 17.17 35.87 -162.96
C MET N 227 18.36 36.57 -162.36
N ALA N 228 19.13 37.30 -163.16
CA ALA N 228 20.29 37.95 -162.59
C ALA N 228 19.89 38.89 -161.46
N THR N 229 18.76 39.59 -161.62
CA THR N 229 18.34 40.47 -160.54
C THR N 229 17.53 39.71 -159.47
N ALA N 230 16.67 38.77 -159.84
CA ALA N 230 15.84 38.06 -158.88
C ALA N 230 16.66 37.23 -157.92
N ALA N 231 17.78 36.71 -158.41
CA ALA N 231 18.67 35.91 -157.61
C ALA N 231 19.58 36.77 -156.73
N SER N 232 19.59 38.09 -156.97
CA SER N 232 20.47 39.01 -156.26
C SER N 232 19.73 39.88 -155.25
N SER N 233 18.42 40.04 -155.41
CA SER N 233 17.68 40.95 -154.53
C SER N 233 16.25 40.54 -154.15
N SER N 234 15.95 40.81 -152.88
CA SER N 234 14.66 40.57 -152.23
C SER N 234 13.55 41.43 -152.81
N SER N 235 13.92 42.44 -153.60
CA SER N 235 12.95 43.32 -154.22
C SER N 235 12.13 42.57 -155.29
N LEU N 236 12.59 41.38 -155.69
CA LEU N 236 11.86 40.59 -156.67
C LEU N 236 11.04 39.49 -155.99
N GLU N 237 11.05 39.44 -154.65
CA GLU N 237 10.34 38.41 -153.94
C GLU N 237 8.90 38.81 -153.58
N LYS N 238 8.03 37.82 -153.58
CA LYS N 238 6.64 38.01 -153.18
C LYS N 238 6.21 36.92 -152.21
N SER N 239 5.41 37.28 -151.22
CA SER N 239 4.96 36.28 -150.28
C SER N 239 3.54 35.79 -150.59
N TYR N 240 3.37 34.49 -150.37
CA TYR N 240 2.10 33.80 -150.50
C TYR N 240 1.63 33.30 -149.13
N GLU N 241 0.34 33.46 -148.86
CA GLU N 241 -0.22 33.00 -147.59
C GLU N 241 -0.73 31.56 -147.66
N LEU N 242 -0.19 30.71 -146.80
CA LEU N 242 -0.53 29.31 -146.74
C LEU N 242 -1.81 29.22 -145.87
N PRO N 243 -2.66 28.19 -146.02
CA PRO N 243 -3.91 27.99 -145.28
C PRO N 243 -3.85 28.06 -143.76
N ASP N 244 -2.72 27.72 -143.14
CA ASP N 244 -2.66 27.76 -141.69
C ASP N 244 -2.08 29.06 -141.12
N GLY N 245 -1.90 30.08 -141.96
CA GLY N 245 -1.37 31.35 -141.45
C GLY N 245 0.15 31.48 -141.64
N GLN N 246 0.80 30.41 -142.06
CA GLN N 246 2.23 30.49 -142.29
C GLN N 246 2.40 31.03 -143.68
N VAL N 247 3.58 31.56 -143.99
CA VAL N 247 3.77 32.08 -145.33
C VAL N 247 5.01 31.51 -145.99
N ILE N 248 5.03 31.61 -147.30
CA ILE N 248 6.17 31.25 -148.11
C ILE N 248 6.60 32.42 -148.98
N THR N 249 7.89 32.73 -148.95
CA THR N 249 8.41 33.83 -149.77
C THR N 249 9.12 33.22 -150.95
N ILE N 250 8.75 33.68 -152.14
CA ILE N 250 9.25 33.17 -153.40
C ILE N 250 9.99 34.23 -154.24
N GLY N 251 11.20 33.89 -154.72
CA GLY N 251 12.09 34.78 -155.46
C GLY N 251 12.16 34.48 -156.92
N ASN N 252 13.29 33.95 -157.41
CA ASN N 252 13.39 33.73 -158.84
C ASN N 252 12.62 32.49 -159.27
N GLU N 253 12.07 31.76 -158.30
CA GLU N 253 11.29 30.57 -158.54
C GLU N 253 9.97 30.97 -159.18
N ARG N 254 9.66 32.25 -158.97
CA ARG N 254 8.48 32.93 -159.43
C ARG N 254 8.44 32.91 -160.95
N PHE N 255 9.60 32.84 -161.58
CA PHE N 255 9.70 32.81 -163.03
C PHE N 255 10.39 31.55 -163.54
N ARG N 256 11.18 30.90 -162.70
CA ARG N 256 11.89 29.68 -163.12
C ARG N 256 10.87 28.58 -163.41
N CYS N 257 9.76 28.55 -162.66
CA CYS N 257 8.72 27.58 -162.97
C CYS N 257 8.12 27.79 -164.38
N PRO N 258 7.48 28.93 -164.70
CA PRO N 258 6.93 29.31 -166.00
C PRO N 258 7.92 29.23 -167.15
N GLU N 259 9.21 29.45 -166.85
CA GLU N 259 10.28 29.41 -167.84
C GLU N 259 10.39 28.07 -168.52
N THR N 260 9.89 27.02 -167.88
CA THR N 260 9.92 25.66 -168.43
C THR N 260 9.30 25.70 -169.83
N LEU N 261 8.32 26.60 -170.05
CA LEU N 261 7.64 26.73 -171.33
C LEU N 261 8.61 27.10 -172.42
N PHE N 262 9.64 27.86 -172.09
CA PHE N 262 10.62 28.25 -173.07
C PHE N 262 11.83 27.32 -172.97
N GLN N 263 12.00 26.72 -171.79
CA GLN N 263 13.08 25.77 -171.54
C GLN N 263 12.59 24.44 -170.89
N PRO N 264 11.94 23.52 -171.64
CA PRO N 264 11.33 22.26 -171.18
C PRO N 264 12.35 21.31 -170.56
N SER N 265 13.64 21.58 -170.78
CA SER N 265 14.74 20.80 -170.24
C SER N 265 14.70 20.87 -168.71
N PHE N 266 13.98 21.87 -168.17
CA PHE N 266 13.81 22.08 -166.75
C PHE N 266 13.08 20.89 -166.11
N ILE N 267 12.23 20.20 -166.89
CA ILE N 267 11.49 19.06 -166.38
C ILE N 267 11.94 17.79 -167.09
N GLY N 268 13.13 17.82 -167.71
CA GLY N 268 13.67 16.66 -168.37
C GLY N 268 13.10 16.41 -169.76
N MET N 269 12.40 17.39 -170.35
CA MET N 269 11.82 17.16 -171.66
C MET N 269 12.75 17.50 -172.80
N GLU N 270 12.77 16.64 -173.80
CA GLU N 270 13.59 16.85 -174.99
C GLU N 270 12.87 17.82 -175.94
N SER N 271 12.91 19.10 -175.59
CA SER N 271 12.25 20.14 -176.36
C SER N 271 12.90 21.51 -176.22
N ALA N 272 12.83 22.28 -177.30
CA ALA N 272 13.35 23.64 -177.34
C ALA N 272 12.35 24.69 -176.86
N GLY N 273 11.14 24.27 -176.48
CA GLY N 273 10.14 25.23 -175.97
C GLY N 273 8.97 25.49 -176.89
N ILE N 274 7.95 26.13 -176.31
CA ILE N 274 6.69 26.40 -176.98
C ILE N 274 6.82 27.29 -178.21
N HIS N 275 7.85 28.15 -178.27
CA HIS N 275 7.99 28.96 -179.45
C HIS N 275 8.59 28.20 -180.63
N GLU N 276 9.30 27.10 -180.37
CA GLU N 276 9.88 26.37 -181.47
C GLU N 276 8.84 25.42 -181.99
N THR N 277 8.02 24.88 -181.08
CA THR N 277 6.99 23.97 -181.53
C THR N 277 5.96 24.79 -182.33
N THR N 278 5.70 26.06 -181.92
CA THR N 278 4.80 26.94 -182.66
C THR N 278 5.36 27.17 -184.05
N TYR N 279 6.64 27.49 -184.10
CA TYR N 279 7.34 27.75 -185.35
C TYR N 279 7.29 26.56 -186.30
N ASN N 280 7.56 25.36 -185.79
CA ASN N 280 7.55 24.19 -186.65
C ASN N 280 6.16 23.90 -187.19
N SER N 281 5.10 24.16 -186.41
CA SER N 281 3.75 23.94 -186.91
C SER N 281 3.47 24.86 -188.08
N ILE N 282 3.96 26.09 -188.00
CA ILE N 282 3.78 27.07 -189.06
C ILE N 282 4.61 26.67 -190.29
N MET N 283 5.88 26.33 -190.07
CA MET N 283 6.81 26.01 -191.14
C MET N 283 6.45 24.74 -191.92
N LYS N 284 5.74 23.81 -191.29
CA LYS N 284 5.34 22.56 -191.94
C LYS N 284 4.06 22.73 -192.77
N CYS N 285 3.40 23.88 -192.67
CA CYS N 285 2.17 24.14 -193.39
C CYS N 285 2.43 24.71 -194.78
N ASP N 286 1.40 24.66 -195.63
CA ASP N 286 1.48 25.15 -197.00
C ASP N 286 1.93 26.60 -197.08
N ILE N 287 2.67 26.94 -198.12
CA ILE N 287 3.19 28.30 -198.26
C ILE N 287 2.11 29.38 -198.37
N ASP N 288 0.88 29.03 -198.81
CA ASP N 288 -0.18 30.03 -198.86
C ASP N 288 -1.02 30.05 -197.58
N ILE N 289 -0.67 29.18 -196.64
CA ILE N 289 -1.33 29.07 -195.33
C ILE N 289 -0.46 29.68 -194.22
N ARG N 290 0.83 29.37 -194.26
CA ARG N 290 1.73 29.76 -193.18
C ARG N 290 1.79 31.27 -192.96
N LYS N 291 1.55 32.08 -194.00
CA LYS N 291 1.60 33.52 -193.77
C LYS N 291 0.52 33.96 -192.78
N ASP N 292 -0.62 33.24 -192.78
CA ASP N 292 -1.73 33.60 -191.94
C ASP N 292 -1.52 32.98 -190.58
N LEU N 293 -0.81 31.85 -190.55
CA LEU N 293 -0.55 31.23 -189.27
C LEU N 293 0.48 32.08 -188.49
N TYR N 294 1.47 32.67 -189.18
CA TYR N 294 2.48 33.52 -188.52
C TYR N 294 1.83 34.74 -187.89
N ALA N 295 0.85 35.31 -188.59
CA ALA N 295 0.16 36.51 -188.14
C ALA N 295 -0.92 36.22 -187.10
N ASN N 296 -1.16 34.95 -186.79
CA ASN N 296 -2.18 34.54 -185.84
C ASN N 296 -1.69 33.43 -184.93
N ASN N 297 -0.72 33.75 -184.07
CA ASN N 297 -0.23 32.81 -183.08
C ASN N 297 -1.15 32.95 -181.87
N VAL N 298 -1.99 31.96 -181.62
CA VAL N 298 -3.03 32.07 -180.62
C VAL N 298 -2.67 31.49 -179.27
N MET N 299 -2.81 32.33 -178.25
CA MET N 299 -2.54 31.88 -176.91
C MET N 299 -3.88 31.54 -176.30
N SER N 300 -4.09 30.26 -176.01
CA SER N 300 -5.35 29.83 -175.44
C SER N 300 -5.08 28.91 -174.30
N GLY N 301 -6.13 28.46 -173.65
CA GLY N 301 -5.90 27.59 -172.52
C GLY N 301 -5.26 28.34 -171.37
N GLY N 302 -4.51 27.63 -170.52
CA GLY N 302 -3.90 28.19 -169.33
C GLY N 302 -2.52 28.72 -169.63
N THR N 303 -1.80 29.26 -168.63
CA THR N 303 -0.43 29.83 -168.78
C THR N 303 -0.37 31.13 -169.59
N THR N 304 -1.47 31.45 -170.28
CA THR N 304 -1.59 32.61 -171.14
C THR N 304 -1.78 33.84 -170.31
N MET N 305 -2.01 33.57 -169.03
CA MET N 305 -2.23 34.54 -168.01
C MET N 305 -0.94 34.84 -167.24
N TYR N 306 0.21 34.38 -167.77
CA TYR N 306 1.50 34.74 -167.20
C TYR N 306 1.97 36.08 -167.77
N PRO N 307 2.38 37.05 -166.97
CA PRO N 307 2.95 38.29 -167.44
C PRO N 307 4.19 38.02 -168.30
N GLY N 308 4.25 38.74 -169.42
CA GLY N 308 5.35 38.67 -170.37
C GLY N 308 5.21 37.57 -171.42
N ILE N 309 4.18 36.71 -171.34
CA ILE N 309 4.16 35.62 -172.31
C ILE N 309 3.76 36.02 -173.71
N ALA N 310 2.80 36.91 -173.88
CA ALA N 310 2.42 37.29 -175.25
C ALA N 310 3.55 38.08 -175.91
N ASP N 311 4.28 38.86 -175.12
CA ASP N 311 5.32 39.70 -175.69
C ASP N 311 6.55 38.88 -175.98
N ARG N 312 6.80 37.90 -175.11
CA ARG N 312 7.92 37.00 -175.26
C ARG N 312 7.70 36.07 -176.45
N MET N 313 6.48 35.56 -176.59
CA MET N 313 6.22 34.69 -177.72
C MET N 313 6.34 35.45 -179.04
N GLN N 314 5.89 36.72 -179.13
CA GLN N 314 6.08 37.36 -180.42
C GLN N 314 7.57 37.49 -180.72
N LYS N 315 8.39 37.85 -179.70
CA LYS N 315 9.83 37.97 -179.89
C LYS N 315 10.49 36.65 -180.31
N GLU N 316 10.11 35.56 -179.63
CA GLU N 316 10.67 34.24 -179.82
C GLU N 316 10.32 33.64 -181.18
N ILE N 317 9.13 33.92 -181.71
CA ILE N 317 8.78 33.36 -183.02
C ILE N 317 9.38 34.28 -184.07
N THR N 318 9.30 35.60 -183.89
CA THR N 318 9.86 36.56 -184.84
C THR N 318 11.32 36.22 -185.10
N ALA N 319 12.05 35.85 -184.05
CA ALA N 319 13.45 35.48 -184.09
C ALA N 319 13.75 34.25 -184.97
N LEU N 320 12.76 33.37 -185.15
CA LEU N 320 12.91 32.15 -185.94
C LEU N 320 12.32 32.33 -187.35
N ALA N 321 11.29 33.17 -187.43
CA ALA N 321 10.53 33.46 -188.63
C ALA N 321 11.38 34.17 -189.69
N PRO N 322 11.08 33.97 -190.98
CA PRO N 322 11.70 34.62 -192.11
C PRO N 322 11.24 36.07 -192.17
N SER N 323 11.94 36.86 -192.97
CA SER N 323 11.56 38.24 -193.23
C SER N 323 10.31 38.25 -194.08
N THR N 324 9.69 39.44 -194.24
CA THR N 324 8.44 39.65 -194.99
C THR N 324 7.22 39.22 -194.18
N MET N 325 7.28 38.03 -193.60
CA MET N 325 6.18 37.50 -192.80
C MET N 325 5.87 38.36 -191.59
N LYS N 326 4.57 38.49 -191.32
CA LYS N 326 4.04 39.21 -190.18
C LYS N 326 3.87 38.26 -189.01
N ILE N 327 4.48 38.57 -187.87
CA ILE N 327 4.36 37.68 -186.71
C ILE N 327 3.62 38.38 -185.59
N LYS N 328 2.46 37.84 -185.23
CA LYS N 328 1.60 38.45 -184.21
C LYS N 328 0.88 37.46 -183.31
N ILE N 329 0.58 37.91 -182.09
CA ILE N 329 -0.19 37.13 -181.13
C ILE N 329 -1.59 37.59 -180.80
N ILE N 330 -2.46 36.60 -180.83
CA ILE N 330 -3.86 36.73 -180.51
C ILE N 330 -4.00 36.24 -179.06
N ALA N 331 -4.42 37.12 -178.17
CA ALA N 331 -4.51 36.75 -176.74
C ALA N 331 -5.68 37.49 -176.09
N PRO N 332 -6.92 37.09 -176.40
CA PRO N 332 -8.17 37.74 -176.04
C PRO N 332 -8.49 37.54 -174.56
N PRO N 333 -9.42 38.32 -173.98
CA PRO N 333 -9.98 38.14 -172.63
C PRO N 333 -10.59 36.75 -172.43
N GLU N 334 -11.08 36.18 -173.52
CA GLU N 334 -11.67 34.85 -173.50
C GLU N 334 -10.55 33.83 -173.32
N ARG N 335 -9.49 34.25 -172.64
CA ARG N 335 -8.36 33.37 -172.36
C ARG N 335 -8.76 32.34 -171.32
N LYS N 336 -8.07 31.19 -171.35
CA LYS N 336 -8.32 30.07 -170.44
C LYS N 336 -9.75 29.52 -170.56
N TYR N 337 -10.71 30.38 -170.92
CA TYR N 337 -12.09 29.93 -171.12
C TYR N 337 -12.50 29.81 -172.60
N SER N 338 -11.55 30.04 -173.51
CA SER N 338 -11.80 30.07 -174.95
C SER N 338 -12.14 28.73 -175.55
N VAL N 339 -11.69 27.65 -174.96
CA VAL N 339 -12.02 26.37 -175.54
C VAL N 339 -13.50 26.09 -175.29
N TRP N 340 -13.97 26.34 -174.07
CA TRP N 340 -15.37 26.12 -173.77
C TRP N 340 -16.24 26.98 -174.68
N ILE N 341 -15.86 28.26 -174.82
CA ILE N 341 -16.65 29.19 -175.60
C ILE N 341 -16.73 28.74 -177.05
N GLY N 342 -15.62 28.30 -177.62
CA GLY N 342 -15.67 27.84 -178.99
C GLY N 342 -16.61 26.65 -179.11
N GLY N 343 -16.68 25.79 -178.09
CA GLY N 343 -17.56 24.63 -178.08
C GLY N 343 -19.02 25.06 -178.17
N SER N 344 -19.36 26.16 -177.48
CA SER N 344 -20.72 26.74 -177.48
C SER N 344 -21.07 27.21 -178.88
N ILE N 345 -20.09 27.88 -179.50
CA ILE N 345 -20.28 28.40 -180.83
C ILE N 345 -20.47 27.26 -181.80
N LEU N 346 -19.60 26.25 -181.75
CA LEU N 346 -19.68 25.16 -182.70
C LEU N 346 -20.92 24.31 -182.53
N ALA N 347 -21.26 23.95 -181.29
CA ALA N 347 -22.38 23.06 -181.02
C ALA N 347 -23.71 23.60 -181.55
N SER N 348 -23.85 24.93 -181.47
CA SER N 348 -25.03 25.65 -181.90
C SER N 348 -25.06 26.11 -183.37
N LEU N 349 -23.99 25.87 -184.16
CA LEU N 349 -24.04 26.36 -185.55
C LEU N 349 -24.97 25.50 -186.38
N SER N 350 -25.71 26.13 -187.30
CA SER N 350 -26.60 25.38 -188.19
C SER N 350 -25.80 24.50 -189.15
N THR N 351 -24.57 24.92 -189.43
CA THR N 351 -23.66 24.26 -190.35
C THR N 351 -22.90 23.13 -189.68
N PHE N 352 -23.19 22.90 -188.40
CA PHE N 352 -22.62 21.84 -187.62
C PHE N 352 -23.70 20.83 -187.20
N GLN N 353 -24.96 21.00 -187.61
CA GLN N 353 -25.93 20.08 -187.04
C GLN N 353 -25.78 18.65 -187.56
N GLN N 354 -25.27 18.53 -188.77
CA GLN N 354 -25.04 17.26 -189.44
C GLN N 354 -23.88 16.50 -188.79
N MET N 355 -23.11 17.16 -187.93
CA MET N 355 -21.96 16.51 -187.31
C MET N 355 -22.32 15.79 -186.01
N TRP N 356 -23.56 15.90 -185.57
CA TRP N 356 -23.94 15.22 -184.34
C TRP N 356 -24.22 13.73 -184.58
N ILE N 357 -23.67 12.87 -183.73
CA ILE N 357 -23.91 11.43 -183.81
C ILE N 357 -25.14 11.20 -183.01
N THR N 358 -26.16 10.58 -183.57
CA THR N 358 -27.37 10.42 -182.77
C THR N 358 -27.36 9.10 -182.00
N LYS N 359 -28.25 8.96 -181.00
CA LYS N 359 -28.32 7.68 -180.30
C LYS N 359 -29.23 6.74 -181.07
N GLN N 360 -28.75 6.41 -182.25
CA GLN N 360 -29.33 5.54 -183.24
C GLN N 360 -28.13 4.84 -183.81
N GLU N 361 -27.27 5.68 -184.42
CA GLU N 361 -26.02 5.31 -185.03
C GLU N 361 -25.11 4.74 -183.97
N TYR N 362 -25.17 5.33 -182.77
CA TYR N 362 -24.40 4.90 -181.63
C TYR N 362 -24.63 3.45 -181.27
N ASP N 363 -25.87 3.01 -181.20
CA ASP N 363 -26.08 1.65 -180.76
C ASP N 363 -25.83 0.68 -181.90
N GLU N 364 -26.08 1.10 -183.14
CA GLU N 364 -25.81 0.20 -184.25
C GLU N 364 -24.30 -0.08 -184.40
N ALA N 365 -23.46 0.96 -184.23
CA ALA N 365 -22.02 0.84 -184.37
C ALA N 365 -21.23 0.65 -183.06
N GLY N 366 -21.78 1.11 -181.94
CA GLY N 366 -21.09 1.10 -180.67
C GLY N 366 -20.31 2.42 -180.53
N PRO N 367 -19.71 2.70 -179.37
CA PRO N 367 -19.01 3.95 -179.02
C PRO N 367 -17.82 4.26 -179.89
N SER N 368 -17.25 3.26 -180.57
CA SER N 368 -16.10 3.48 -181.42
C SER N 368 -16.46 4.35 -182.62
N ILE N 369 -17.77 4.54 -182.86
CA ILE N 369 -18.31 5.36 -183.93
C ILE N 369 -17.80 6.78 -183.93
N VAL N 370 -17.49 7.31 -182.77
CA VAL N 370 -17.00 8.67 -182.75
C VAL N 370 -15.73 8.82 -183.56
N HIS N 371 -14.90 7.77 -183.62
CA HIS N 371 -13.66 7.75 -184.37
C HIS N 371 -13.92 7.83 -185.88
N ARG N 372 -15.12 7.42 -186.30
CA ARG N 372 -15.48 7.41 -187.70
C ARG N 372 -16.10 8.75 -188.10
N LYS N 373 -16.79 9.40 -187.15
CA LYS N 373 -17.53 10.62 -187.46
C LYS N 373 -17.04 11.99 -186.97
N CYS N 374 -16.37 12.10 -185.82
CA CYS N 374 -16.13 13.47 -185.33
C CYS N 374 -15.08 14.29 -186.11
N PHE N 375 -14.09 13.62 -186.68
CA PHE N 375 -13.02 14.23 -187.46
C PHE N 375 -12.02 13.18 -187.92
N ASP O 1 44.19 -1.30 -192.15
CA ASP O 1 44.62 -0.77 -193.45
C ASP O 1 44.62 -1.87 -194.51
N GLU O 2 44.44 -1.48 -195.77
CA GLU O 2 44.43 -2.42 -196.88
C GLU O 2 45.83 -2.65 -197.41
N ASP O 3 45.97 -3.60 -198.32
CA ASP O 3 47.27 -3.92 -198.92
C ASP O 3 47.44 -3.23 -200.27
N GLU O 4 46.48 -2.41 -200.64
CA GLU O 4 46.53 -1.69 -201.91
C GLU O 4 45.84 -0.36 -201.73
N THR O 5 46.18 0.64 -202.53
CA THR O 5 45.53 1.96 -202.42
C THR O 5 44.18 1.97 -203.09
N THR O 6 43.27 1.20 -202.52
CA THR O 6 41.91 1.05 -203.01
C THR O 6 41.12 2.17 -202.41
N ALA O 7 40.09 2.62 -203.11
CA ALA O 7 39.29 3.68 -202.55
C ALA O 7 38.48 3.22 -201.37
N LEU O 8 38.23 4.12 -200.46
CA LEU O 8 37.31 3.79 -199.38
C LEU O 8 35.96 4.22 -199.88
N VAL O 9 34.92 3.47 -199.55
CA VAL O 9 33.58 3.80 -200.04
C VAL O 9 32.53 3.99 -198.95
N CYS O 10 31.82 5.13 -198.98
CA CYS O 10 30.74 5.36 -198.03
C CYS O 10 29.47 5.90 -198.66
N ASP O 11 28.34 5.31 -198.27
CA ASP O 11 27.03 5.73 -198.75
C ASP O 11 26.38 6.68 -197.74
N ASN O 12 26.38 8.00 -197.97
CA ASN O 12 25.95 8.90 -196.91
C ASN O 12 24.46 9.17 -196.89
N GLY O 13 23.68 8.27 -196.28
CA GLY O 13 22.23 8.47 -196.30
C GLY O 13 21.76 9.38 -195.17
N SER O 14 20.48 9.74 -195.21
CA SER O 14 19.86 10.59 -194.19
C SER O 14 19.55 9.80 -192.92
N GLY O 15 19.63 8.50 -193.07
CA GLY O 15 19.41 7.53 -192.03
C GLY O 15 20.75 6.99 -191.57
N LEU O 16 21.25 5.98 -192.30
CA LEU O 16 22.50 5.25 -192.08
C LEU O 16 23.60 5.53 -193.12
N VAL O 17 24.84 5.34 -192.67
CA VAL O 17 26.01 5.41 -193.54
C VAL O 17 26.62 4.03 -193.70
N LYS O 18 26.64 3.53 -194.92
CA LYS O 18 27.24 2.21 -195.13
C LYS O 18 28.66 2.41 -195.54
N ALA O 19 29.60 1.67 -194.94
CA ALA O 19 30.99 1.88 -195.31
C ALA O 19 31.84 0.62 -195.39
N GLY O 20 32.82 0.64 -196.28
CA GLY O 20 33.77 -0.45 -196.47
C GLY O 20 34.81 -0.01 -197.47
N PHE O 21 35.58 -0.94 -198.02
CA PHE O 21 36.59 -0.53 -198.99
C PHE O 21 36.19 -0.98 -200.39
N ALA O 22 36.64 -0.26 -201.40
CA ALA O 22 36.34 -0.64 -202.76
C ALA O 22 36.97 -1.97 -203.07
N GLY O 23 36.19 -2.79 -203.75
CA GLY O 23 36.59 -4.12 -204.14
C GLY O 23 35.85 -5.14 -203.29
N ASP O 24 35.25 -4.73 -202.16
CA ASP O 24 34.51 -5.73 -201.42
C ASP O 24 33.10 -5.81 -202.01
N ASP O 25 32.29 -6.72 -201.49
CA ASP O 25 30.90 -6.90 -201.93
C ASP O 25 29.89 -6.52 -200.86
N ALA O 26 30.37 -5.88 -199.82
CA ALA O 26 29.56 -5.46 -198.70
C ALA O 26 30.30 -4.39 -197.94
N PRO O 27 29.62 -3.53 -197.18
CA PRO O 27 30.24 -2.59 -196.29
C PRO O 27 30.86 -3.41 -195.18
N ARG O 28 31.93 -2.91 -194.58
CA ARG O 28 32.58 -3.60 -193.47
C ARG O 28 31.87 -3.25 -192.18
N ALA O 29 31.31 -2.04 -192.15
CA ALA O 29 30.60 -1.55 -190.99
C ALA O 29 29.50 -0.61 -191.43
N VAL O 30 28.43 -0.56 -190.66
CA VAL O 30 27.36 0.37 -190.94
C VAL O 30 27.09 1.17 -189.68
N PHE O 31 27.03 2.49 -189.85
CA PHE O 31 26.84 3.40 -188.74
C PHE O 31 25.60 4.19 -189.03
N PRO O 32 24.82 4.63 -188.07
CA PRO O 32 23.75 5.57 -188.29
C PRO O 32 24.38 6.92 -188.57
N SER O 33 23.72 7.79 -189.34
CA SER O 33 24.22 9.15 -189.57
C SER O 33 23.83 10.02 -188.39
N ILE O 34 24.33 9.66 -187.22
CA ILE O 34 23.96 10.30 -185.97
C ILE O 34 25.08 10.80 -185.08
N VAL O 35 24.86 12.02 -184.60
CA VAL O 35 25.70 12.56 -183.55
C VAL O 35 24.76 12.87 -182.36
N GLY O 36 25.03 12.25 -181.23
CA GLY O 36 24.15 12.38 -180.07
C GLY O 36 24.69 13.30 -179.01
N ARG O 37 23.80 14.03 -178.35
CA ARG O 37 24.19 14.96 -177.30
C ARG O 37 23.68 14.50 -175.93
N PRO O 38 24.40 14.86 -174.86
CA PRO O 38 24.03 14.50 -173.48
C PRO O 38 22.75 15.18 -173.01
N ARG O 39 22.69 16.51 -173.16
CA ARG O 39 21.55 17.38 -172.77
C ARG O 39 21.23 17.60 -171.28
N HIS O 40 21.36 16.57 -170.44
CA HIS O 40 21.07 16.71 -169.01
C HIS O 40 22.34 17.06 -168.24
N GLN O 41 22.17 17.56 -167.02
CA GLN O 41 23.32 17.93 -166.21
C GLN O 41 23.90 16.70 -165.52
N GLY O 42 25.21 16.51 -165.67
CA GLY O 42 25.88 15.39 -165.04
C GLY O 42 25.85 15.57 -163.52
N VAL O 43 25.67 14.48 -162.80
CA VAL O 43 25.63 14.53 -161.36
C VAL O 43 26.84 13.84 -160.72
N MET O 44 27.24 12.70 -161.27
CA MET O 44 28.36 11.95 -160.70
C MET O 44 29.69 12.43 -161.33
N VAL O 45 30.75 12.45 -160.51
CA VAL O 45 32.09 12.85 -160.94
C VAL O 45 32.94 11.65 -161.39
N GLY O 46 33.70 11.83 -162.49
CA GLY O 46 34.57 10.75 -162.98
C GLY O 46 33.85 9.72 -163.84
N MET O 47 32.78 10.14 -164.48
CA MET O 47 31.94 9.29 -165.31
C MET O 47 32.32 9.26 -166.76
N GLY O 48 33.39 9.96 -167.12
CA GLY O 48 33.71 10.11 -168.53
C GLY O 48 32.55 10.92 -169.10
N GLN O 49 31.93 10.40 -170.14
CA GLN O 49 30.79 11.03 -170.84
C GLN O 49 31.25 12.10 -171.81
N LYS O 50 30.91 11.87 -173.06
CA LYS O 50 31.34 12.76 -174.14
C LYS O 50 30.39 13.92 -174.30
N ASP O 51 30.88 15.00 -174.93
CA ASP O 51 30.04 16.14 -175.25
C ASP O 51 29.13 15.80 -176.40
N SER O 52 29.61 14.87 -177.22
CA SER O 52 28.91 14.36 -178.37
C SER O 52 29.35 12.93 -178.63
N TYR O 53 28.41 12.11 -179.10
CA TYR O 53 28.64 10.71 -179.41
C TYR O 53 28.47 10.47 -180.87
N VAL O 54 29.28 9.60 -181.45
CA VAL O 54 29.15 9.37 -182.89
C VAL O 54 28.71 7.96 -183.31
N GLY O 55 27.77 7.91 -184.25
CA GLY O 55 27.34 6.66 -184.85
C GLY O 55 26.67 5.73 -183.86
N ASP O 56 27.23 4.54 -183.78
CA ASP O 56 26.73 3.50 -182.91
C ASP O 56 26.92 3.84 -181.45
N GLU O 57 27.83 4.77 -181.14
CA GLU O 57 27.99 5.18 -179.76
C GLU O 57 26.78 6.02 -179.38
N ALA O 58 26.30 6.81 -180.35
CA ALA O 58 25.17 7.67 -180.12
C ALA O 58 23.92 6.85 -179.89
N GLN O 59 23.77 5.75 -180.62
CA GLN O 59 22.61 4.93 -180.33
C GLN O 59 22.80 4.11 -179.04
N SER O 60 24.02 3.63 -178.75
CA SER O 60 24.26 2.79 -177.58
C SER O 60 24.00 3.52 -176.25
N LYS O 61 24.30 4.81 -176.22
CA LYS O 61 24.13 5.67 -175.05
C LYS O 61 22.89 6.57 -175.13
N ARG O 62 21.99 6.27 -176.08
CA ARG O 62 20.82 7.08 -176.41
C ARG O 62 19.83 7.34 -175.29
N GLY O 63 19.85 6.59 -174.20
CA GLY O 63 18.88 6.82 -173.14
C GLY O 63 18.89 8.29 -172.67
N ILE O 64 20.05 8.96 -172.70
CA ILE O 64 20.11 10.36 -172.30
C ILE O 64 20.57 11.27 -173.44
N LEU O 65 20.55 10.79 -174.68
CA LEU O 65 21.02 11.65 -175.75
C LEU O 65 19.91 12.07 -176.66
N THR O 66 20.00 13.29 -177.14
CA THR O 66 19.10 13.71 -178.21
C THR O 66 19.87 13.25 -179.44
N LEU O 67 19.21 12.60 -180.39
CA LEU O 67 19.97 12.15 -181.54
C LEU O 67 19.65 12.96 -182.79
N LYS O 68 20.69 13.62 -183.32
CA LYS O 68 20.55 14.47 -184.47
C LYS O 68 21.15 13.85 -185.71
N TYR O 69 20.55 14.15 -186.85
CA TYR O 69 21.02 13.69 -188.14
C TYR O 69 21.58 14.87 -188.96
N PRO O 70 22.91 14.91 -189.28
CA PRO O 70 23.63 15.94 -190.05
C PRO O 70 23.13 16.10 -191.48
N ILE O 71 22.40 15.08 -191.95
CA ILE O 71 21.85 15.01 -193.29
C ILE O 71 20.33 15.19 -193.28
N GLU O 72 19.89 16.18 -194.03
CA GLU O 72 18.50 16.58 -194.13
C GLU O 72 17.91 16.20 -195.47
N HIS O 73 17.16 15.10 -195.50
CA HIS O 73 16.56 14.63 -196.74
C HIS O 73 17.56 14.51 -197.88
N GLY O 74 18.72 13.98 -197.56
CA GLY O 74 19.80 13.74 -198.51
C GLY O 74 20.92 14.79 -198.54
N ILE O 75 20.75 15.98 -197.96
CA ILE O 75 21.86 16.96 -198.01
C ILE O 75 22.53 17.21 -196.67
N ILE O 76 23.85 17.20 -196.67
CA ILE O 76 24.59 17.46 -195.45
C ILE O 76 24.54 18.94 -195.18
N THR O 77 24.04 19.30 -193.99
CA THR O 77 23.99 20.69 -193.61
C THR O 77 24.93 20.90 -192.44
N ASN O 78 25.27 19.82 -191.74
CA ASN O 78 26.19 19.90 -190.62
C ASN O 78 27.46 19.13 -190.94
N TRP O 79 28.44 19.83 -191.53
CA TRP O 79 29.65 19.17 -191.99
C TRP O 79 30.49 18.71 -190.81
N ASP O 80 30.36 19.40 -189.65
CA ASP O 80 31.18 19.06 -188.50
C ASP O 80 30.79 17.70 -188.00
N ASP O 81 29.50 17.44 -187.97
CA ASP O 81 29.08 16.15 -187.50
C ASP O 81 29.43 15.08 -188.52
N MET O 82 29.35 15.39 -189.83
CA MET O 82 29.78 14.36 -190.78
C MET O 82 31.27 14.11 -190.72
N GLU O 83 32.09 15.12 -190.43
CA GLU O 83 33.53 14.89 -190.34
C GLU O 83 33.79 13.88 -189.22
N LYS O 84 33.06 13.99 -188.09
CA LYS O 84 33.23 13.04 -187.00
C LYS O 84 32.76 11.63 -187.40
N ILE O 85 31.66 11.56 -188.14
CA ILE O 85 31.15 10.27 -188.60
C ILE O 85 32.12 9.61 -189.54
N TRP O 86 32.67 10.37 -190.50
CA TRP O 86 33.65 9.85 -191.44
C TRP O 86 34.92 9.45 -190.70
N HIS O 87 35.39 10.24 -189.74
CA HIS O 87 36.59 9.86 -189.02
C HIS O 87 36.38 8.54 -188.33
N HIS O 88 35.27 8.42 -187.61
CA HIS O 88 34.95 7.20 -186.89
C HIS O 88 34.82 6.03 -187.85
N THR O 89 34.09 6.24 -188.94
CA THR O 89 33.88 5.20 -189.91
C THR O 89 35.17 4.65 -190.51
N PHE O 90 36.02 5.56 -190.97
CA PHE O 90 37.24 5.19 -191.65
C PHE O 90 38.31 4.70 -190.71
N TYR O 91 38.47 5.37 -189.55
CA TYR O 91 39.53 5.07 -188.63
C TYR O 91 39.25 3.98 -187.59
N ASN O 92 38.02 3.88 -187.05
CA ASN O 92 37.80 2.89 -186.00
C ASN O 92 37.34 1.51 -186.51
N GLU O 93 36.50 1.45 -187.55
CA GLU O 93 36.02 0.12 -187.99
C GLU O 93 36.66 -0.35 -189.30
N LEU O 94 36.80 0.56 -190.27
CA LEU O 94 37.45 0.17 -191.53
C LEU O 94 38.95 0.11 -191.28
N ARG O 95 39.38 0.93 -190.32
CA ARG O 95 40.74 1.11 -189.85
C ARG O 95 41.74 1.47 -190.94
N VAL O 96 41.30 2.36 -191.83
CA VAL O 96 42.13 2.86 -192.90
C VAL O 96 42.09 4.38 -192.92
N ALA O 97 43.24 5.02 -192.88
CA ALA O 97 43.26 6.48 -192.93
C ALA O 97 43.18 6.96 -194.39
N PRO O 98 42.19 7.81 -194.77
CA PRO O 98 41.96 8.34 -196.13
C PRO O 98 43.17 9.05 -196.70
N GLU O 99 44.09 9.49 -195.85
CA GLU O 99 45.28 10.18 -196.32
C GLU O 99 46.01 9.35 -197.40
N GLU O 100 46.03 8.02 -197.25
CA GLU O 100 46.73 7.18 -198.22
C GLU O 100 45.80 6.44 -199.20
N HIS O 101 44.50 6.77 -199.19
CA HIS O 101 43.50 6.10 -200.02
C HIS O 101 42.49 7.07 -200.64
N PRO O 102 42.09 6.92 -201.90
CA PRO O 102 41.10 7.75 -202.54
C PRO O 102 39.74 7.47 -201.89
N THR O 103 38.79 8.40 -201.91
CA THR O 103 37.48 8.12 -201.32
C THR O 103 36.29 8.41 -202.22
N LEU O 104 35.36 7.47 -202.25
CA LEU O 104 34.13 7.63 -202.99
C LEU O 104 32.99 7.81 -202.01
N LEU O 105 32.27 8.93 -202.16
CA LEU O 105 31.13 9.23 -201.32
C LEU O 105 29.91 9.34 -202.18
N THR O 106 28.80 8.76 -201.74
CA THR O 106 27.61 8.86 -202.57
C THR O 106 26.67 9.94 -202.06
N GLU O 107 25.79 10.36 -202.99
CA GLU O 107 24.68 11.28 -202.73
C GLU O 107 23.45 10.92 -203.58
N ALA O 108 22.30 11.39 -203.16
CA ALA O 108 21.09 11.13 -203.90
C ALA O 108 21.21 11.74 -205.33
N PRO O 109 20.64 11.12 -206.38
CA PRO O 109 20.70 11.55 -207.77
C PRO O 109 20.39 12.98 -208.19
N LEU O 110 19.44 13.66 -207.54
CA LEU O 110 19.15 15.03 -207.94
C LEU O 110 19.48 15.96 -206.77
N ASN O 111 20.38 15.50 -205.90
CA ASN O 111 20.83 16.22 -204.72
C ASN O 111 21.55 17.51 -205.18
N PRO O 112 21.25 18.70 -204.57
CA PRO O 112 21.85 19.98 -204.91
C PRO O 112 23.35 19.90 -204.85
N LYS O 113 24.01 20.64 -205.75
CA LYS O 113 25.47 20.63 -205.92
C LYS O 113 26.24 21.00 -204.67
N ALA O 114 25.58 21.68 -203.76
CA ALA O 114 26.21 22.08 -202.51
C ALA O 114 26.68 20.85 -201.73
N ASN O 115 25.97 19.72 -201.84
CA ASN O 115 26.33 18.55 -201.07
C ASN O 115 27.57 17.88 -201.59
N ARG O 116 27.66 17.73 -202.91
CA ARG O 116 28.82 17.08 -203.49
C ARG O 116 30.04 17.96 -203.32
N GLU O 117 29.83 19.28 -203.30
CA GLU O 117 30.90 20.23 -203.10
C GLU O 117 31.42 20.16 -201.68
N LYS O 118 30.52 20.09 -200.68
CA LYS O 118 30.99 20.02 -199.32
C LYS O 118 31.66 18.68 -199.03
N MET O 119 31.15 17.57 -199.59
CA MET O 119 31.79 16.29 -199.35
C MET O 119 33.20 16.29 -199.91
N THR O 120 33.37 16.90 -201.09
CA THR O 120 34.66 17.00 -201.75
C THR O 120 35.59 17.84 -200.88
N GLN O 121 35.10 18.97 -200.37
CA GLN O 121 35.94 19.83 -199.56
C GLN O 121 36.42 19.20 -198.28
N ILE O 122 35.53 18.51 -197.58
CA ILE O 122 35.97 17.96 -196.31
C ILE O 122 36.95 16.81 -196.53
N MET O 123 36.68 15.93 -197.50
CA MET O 123 37.63 14.86 -197.62
C MET O 123 39.01 15.37 -198.05
N PHE O 124 39.08 16.42 -198.88
CA PHE O 124 40.39 16.95 -199.25
C PHE O 124 41.04 17.83 -198.18
N GLU O 125 40.27 18.63 -197.45
CA GLU O 125 40.89 19.52 -196.47
C GLU O 125 41.00 19.02 -195.03
N THR O 126 40.12 18.11 -194.56
CA THR O 126 40.29 17.69 -193.17
C THR O 126 40.87 16.28 -193.12
N PHE O 127 40.65 15.50 -194.19
CA PHE O 127 41.18 14.13 -194.24
C PHE O 127 42.40 13.95 -195.14
N ASN O 128 42.70 14.96 -195.97
CA ASN O 128 43.80 14.95 -196.93
C ASN O 128 43.74 13.77 -197.88
N VAL O 129 42.54 13.42 -198.35
CA VAL O 129 42.38 12.28 -199.23
C VAL O 129 43.12 12.60 -200.54
N PRO O 130 43.91 11.70 -201.15
CA PRO O 130 44.60 11.93 -202.39
C PRO O 130 43.66 12.15 -203.58
N ALA O 131 42.43 11.65 -203.50
CA ALA O 131 41.47 11.84 -204.57
C ALA O 131 40.02 11.65 -204.13
N MET O 132 39.11 12.24 -204.91
CA MET O 132 37.66 12.11 -204.68
C MET O 132 36.77 11.81 -205.85
N TYR O 133 35.70 11.08 -205.56
CA TYR O 133 34.64 10.89 -206.52
C TYR O 133 33.30 10.94 -205.80
N VAL O 134 32.34 11.67 -206.38
CA VAL O 134 31.00 11.68 -205.84
C VAL O 134 30.09 10.93 -206.78
N ALA O 135 29.39 9.97 -206.23
CA ALA O 135 28.54 9.10 -207.03
C ALA O 135 27.06 9.31 -206.88
N ILE O 136 26.33 9.01 -207.96
CA ILE O 136 24.87 8.99 -207.98
C ILE O 136 24.41 7.65 -207.41
N GLN O 137 23.60 7.67 -206.36
CA GLN O 137 23.19 6.39 -205.76
C GLN O 137 22.47 5.47 -206.75
N ALA O 138 21.67 6.06 -207.62
CA ALA O 138 20.94 5.31 -208.61
C ALA O 138 21.85 4.59 -209.62
N VAL O 139 23.01 5.14 -209.98
CA VAL O 139 23.79 4.40 -210.96
C VAL O 139 24.43 3.27 -210.23
N LEU O 140 24.79 3.53 -208.97
CA LEU O 140 25.48 2.53 -208.21
C LEU O 140 24.57 1.32 -208.06
N SER O 141 23.28 1.57 -207.85
CA SER O 141 22.31 0.49 -207.72
C SER O 141 22.23 -0.38 -208.96
N LEU O 142 22.16 0.23 -210.15
CA LEU O 142 22.07 -0.66 -211.28
C LEU O 142 23.37 -1.45 -211.46
N TYR O 143 24.53 -0.82 -211.22
CA TYR O 143 25.77 -1.56 -211.43
C TYR O 143 25.83 -2.76 -210.49
N ALA O 144 25.39 -2.57 -209.24
CA ALA O 144 25.38 -3.63 -208.23
C ALA O 144 24.50 -4.81 -208.66
N SER O 145 23.42 -4.51 -209.40
CA SER O 145 22.46 -5.50 -209.89
C SER O 145 22.80 -6.04 -211.28
N GLY O 146 23.93 -5.60 -211.86
CA GLY O 146 24.34 -6.05 -213.18
C GLY O 146 23.61 -5.36 -214.34
N ARG O 147 23.11 -4.15 -214.10
CA ARG O 147 22.37 -3.43 -215.12
C ARG O 147 23.03 -2.13 -215.52
N THR O 148 22.78 -1.75 -216.75
CA THR O 148 23.21 -0.45 -217.24
C THR O 148 22.00 0.43 -217.54
N THR O 149 20.82 -0.21 -217.64
CA THR O 149 19.59 0.50 -217.95
C THR O 149 18.49 0.06 -216.98
N GLY O 150 17.69 1.02 -216.51
CA GLY O 150 16.55 0.76 -215.60
C GLY O 150 16.20 1.98 -214.75
N ILE O 151 14.95 2.03 -214.22
CA ILE O 151 14.66 3.11 -213.24
C ILE O 151 15.05 2.63 -211.88
N VAL O 152 15.88 3.36 -211.17
CA VAL O 152 16.17 2.90 -209.83
C VAL O 152 15.15 3.41 -208.84
N LEU O 153 14.64 2.47 -208.07
CA LEU O 153 13.63 2.73 -207.07
C LEU O 153 14.40 2.84 -205.76
N ASP O 154 14.72 4.06 -205.35
CA ASP O 154 15.62 4.29 -204.21
C ASP O 154 14.97 4.74 -202.90
N SER O 155 13.65 4.54 -202.77
CA SER O 155 12.74 4.77 -201.62
C SER O 155 13.31 4.74 -200.16
N GLY O 156 14.40 5.45 -199.89
CA GLY O 156 15.06 5.44 -198.59
C GLY O 156 14.46 6.41 -197.59
N ASP O 157 15.23 6.73 -196.52
CA ASP O 157 14.83 7.59 -195.38
C ASP O 157 14.64 9.07 -195.68
N GLY O 158 15.45 9.62 -196.57
CA GLY O 158 15.47 11.04 -196.86
C GLY O 158 14.51 11.50 -197.94
N VAL O 159 14.87 11.19 -199.17
CA VAL O 159 14.15 11.56 -200.36
C VAL O 159 14.09 10.40 -201.36
N THR O 160 12.98 10.27 -202.10
CA THR O 160 12.84 9.24 -203.13
C THR O 160 13.13 9.91 -204.49
N HIS O 161 13.99 9.33 -205.35
CA HIS O 161 14.27 10.00 -206.64
C HIS O 161 13.68 9.41 -207.91
N ASN O 162 13.45 8.09 -207.94
CA ASN O 162 12.91 7.38 -209.11
C ASN O 162 13.52 7.79 -210.47
N VAL O 163 14.85 7.88 -210.48
CA VAL O 163 15.69 8.28 -211.63
C VAL O 163 15.87 7.25 -212.77
N PRO O 164 15.89 7.71 -214.05
CA PRO O 164 16.11 6.87 -215.22
C PRO O 164 17.57 6.83 -215.66
N ILE O 165 18.12 5.63 -215.83
CA ILE O 165 19.50 5.43 -216.23
C ILE O 165 19.55 4.63 -217.53
N TYR O 166 20.40 5.06 -218.46
CA TYR O 166 20.59 4.37 -219.73
C TYR O 166 22.07 4.22 -220.04
N GLU O 167 22.49 3.01 -220.37
CA GLU O 167 23.90 2.70 -220.69
C GLU O 167 24.88 3.18 -219.61
N GLY O 168 24.50 3.03 -218.34
CA GLY O 168 25.37 3.36 -217.23
C GLY O 168 25.26 4.76 -216.63
N TYR O 169 24.53 5.69 -217.28
CA TYR O 169 24.41 7.07 -216.76
C TYR O 169 22.97 7.59 -216.69
N ALA O 170 22.72 8.49 -215.73
CA ALA O 170 21.40 9.07 -215.48
C ALA O 170 20.91 10.00 -216.58
N LEU O 171 19.58 10.11 -216.65
CA LEU O 171 18.84 10.98 -217.56
C LEU O 171 18.04 12.00 -216.70
N PRO O 172 18.67 13.10 -216.23
CA PRO O 172 18.16 14.04 -215.23
C PRO O 172 16.89 14.80 -215.60
N HIS O 173 16.57 14.90 -216.90
CA HIS O 173 15.38 15.64 -217.27
C HIS O 173 14.12 14.90 -216.85
N ALA O 174 14.26 13.61 -216.55
CA ALA O 174 13.14 12.78 -216.17
C ALA O 174 13.23 12.28 -214.74
N ILE O 175 14.01 12.92 -213.86
CA ILE O 175 14.00 12.42 -212.48
C ILE O 175 12.77 12.93 -211.75
N MET O 176 11.97 12.01 -211.22
CA MET O 176 10.74 12.40 -210.52
C MET O 176 10.96 12.45 -209.03
N ARG O 177 11.62 13.49 -208.56
CA ARG O 177 11.96 13.55 -207.15
C ARG O 177 10.71 13.72 -206.31
N LEU O 178 10.60 12.91 -205.27
CA LEU O 178 9.45 12.94 -204.38
C LEU O 178 9.79 13.23 -202.91
N ASP O 179 9.07 14.20 -202.35
CA ASP O 179 9.22 14.58 -200.94
C ASP O 179 8.39 13.70 -200.01
N LEU O 180 8.70 12.42 -200.06
CA LEU O 180 8.15 11.37 -199.21
C LEU O 180 9.22 10.31 -199.06
N ALA O 181 9.56 10.01 -197.81
CA ALA O 181 10.59 9.04 -197.53
C ALA O 181 10.41 8.34 -196.19
N GLY O 182 11.27 7.37 -195.91
CA GLY O 182 11.21 6.56 -194.70
C GLY O 182 11.15 7.35 -193.39
N ARG O 183 11.76 8.55 -193.35
CA ARG O 183 11.71 9.40 -192.17
C ARG O 183 10.27 9.86 -191.88
N ASP O 184 9.47 10.02 -192.94
CA ASP O 184 8.10 10.50 -192.82
C ASP O 184 7.25 9.33 -192.42
N LEU O 185 7.67 8.13 -192.86
CA LEU O 185 6.93 6.94 -192.51
C LEU O 185 7.11 6.72 -191.00
N THR O 186 8.31 6.98 -190.45
CA THR O 186 8.51 6.82 -189.01
C THR O 186 7.61 7.78 -188.26
N ASP O 187 7.55 9.05 -188.70
CA ASP O 187 6.71 10.04 -188.02
C ASP O 187 5.22 9.67 -188.07
N TYR O 188 4.77 9.16 -189.23
CA TYR O 188 3.39 8.76 -189.39
C TYR O 188 3.08 7.61 -188.46
N LEU O 189 3.98 6.62 -188.38
CA LEU O 189 3.76 5.47 -187.53
C LEU O 189 3.72 5.94 -186.06
N MET O 190 4.57 6.91 -185.65
CA MET O 190 4.50 7.38 -184.26
C MET O 190 3.09 7.91 -183.97
N LYS O 191 2.52 8.68 -184.90
CA LYS O 191 1.19 9.23 -184.68
C LYS O 191 0.05 8.20 -184.68
N ILE O 192 0.09 7.21 -185.59
CA ILE O 192 -1.01 6.23 -185.60
C ILE O 192 -0.85 5.22 -184.44
N LEU O 193 0.38 5.00 -183.97
CA LEU O 193 0.55 4.13 -182.81
C LEU O 193 0.08 4.87 -181.55
N THR O 194 0.15 6.20 -181.58
CA THR O 194 -0.37 7.02 -180.50
C THR O 194 -1.88 6.83 -180.44
N GLU O 195 -2.53 6.76 -181.62
CA GLU O 195 -3.99 6.55 -181.67
C GLU O 195 -4.36 5.22 -181.00
N ARG O 196 -3.48 4.23 -181.08
CA ARG O 196 -3.72 2.93 -180.46
C ARG O 196 -3.43 2.87 -178.95
N GLY O 197 -2.94 3.96 -178.38
CA GLY O 197 -2.63 4.01 -176.95
C GLY O 197 -1.16 3.92 -176.59
N TYR O 198 -0.26 4.03 -177.57
CA TYR O 198 1.16 3.97 -177.31
C TYR O 198 1.85 5.19 -177.86
N SER O 199 1.84 6.28 -177.11
CA SER O 199 2.43 7.52 -177.57
C SER O 199 3.94 7.43 -177.71
N PHE O 200 4.45 7.96 -178.82
CA PHE O 200 5.89 8.04 -179.09
C PHE O 200 6.22 9.47 -179.49
N VAL O 201 7.07 10.15 -178.72
CA VAL O 201 7.43 11.55 -178.95
C VAL O 201 8.94 11.86 -179.04
N THR O 202 9.69 11.39 -178.03
CA THR O 202 11.11 11.73 -177.82
C THR O 202 12.02 10.90 -178.72
N THR O 203 13.32 11.22 -178.78
CA THR O 203 14.25 10.42 -179.58
C THR O 203 14.24 8.96 -179.23
N ALA O 204 14.26 8.62 -177.96
CA ALA O 204 14.28 7.19 -177.65
C ALA O 204 13.02 6.53 -178.19
N GLU O 205 11.89 7.21 -178.06
CA GLU O 205 10.63 6.68 -178.54
C GLU O 205 10.59 6.60 -180.07
N ARG O 206 11.18 7.59 -180.74
CA ARG O 206 11.28 7.65 -182.19
C ARG O 206 12.11 6.50 -182.74
N GLU O 207 13.21 6.21 -182.05
CA GLU O 207 14.10 5.14 -182.43
C GLU O 207 13.34 3.83 -182.32
N ILE O 208 12.56 3.69 -181.25
CA ILE O 208 11.77 2.47 -181.08
C ILE O 208 10.78 2.33 -182.22
N VAL O 209 10.10 3.41 -182.60
CA VAL O 209 9.14 3.30 -183.70
C VAL O 209 9.80 2.91 -184.99
N ARG O 210 11.02 3.37 -185.23
CA ARG O 210 11.75 3.01 -186.43
C ARG O 210 12.09 1.53 -186.42
N ASP O 211 12.22 0.95 -185.23
CA ASP O 211 12.53 -0.46 -185.09
C ASP O 211 11.25 -1.27 -185.32
N ILE O 212 10.12 -0.73 -184.84
CA ILE O 212 8.84 -1.38 -185.05
C ILE O 212 8.57 -1.41 -186.54
N LYS O 213 8.77 -0.28 -187.20
CA LYS O 213 8.52 -0.19 -188.61
C LYS O 213 9.32 -1.21 -189.40
N GLU O 214 10.63 -1.27 -189.13
CA GLU O 214 11.56 -2.13 -189.84
C GLU O 214 11.28 -3.62 -189.68
N LYS O 215 10.79 -4.02 -188.49
CA LYS O 215 10.51 -5.43 -188.22
C LYS O 215 9.04 -5.87 -188.38
N LEU O 216 8.06 -4.99 -188.14
CA LEU O 216 6.65 -5.38 -188.20
C LEU O 216 5.85 -4.88 -189.40
N CYS O 217 6.28 -3.80 -190.06
CA CYS O 217 5.44 -3.24 -191.10
C CYS O 217 5.66 -3.85 -192.47
N TYR O 218 4.63 -3.75 -193.29
CA TYR O 218 4.66 -4.28 -194.66
C TYR O 218 3.75 -3.53 -195.59
N VAL O 219 3.89 -3.76 -196.89
CA VAL O 219 3.05 -3.09 -197.89
C VAL O 219 1.86 -3.93 -198.34
N ALA O 220 2.09 -5.20 -198.66
CA ALA O 220 1.08 -6.14 -199.21
C ALA O 220 0.72 -5.82 -200.65
N LEU O 221 0.33 -6.84 -201.42
CA LEU O 221 -0.06 -6.59 -202.81
C LEU O 221 -1.42 -5.89 -202.97
N ASP O 222 -2.43 -6.31 -202.21
CA ASP O 222 -3.75 -5.67 -202.30
C ASP O 222 -4.04 -4.90 -201.03
N PHE O 223 -3.79 -3.61 -201.03
CA PHE O 223 -3.90 -2.89 -199.77
C PHE O 223 -5.33 -2.79 -199.28
N GLU O 224 -6.31 -2.81 -200.18
CA GLU O 224 -7.70 -2.67 -199.74
C GLU O 224 -8.19 -3.89 -199.01
N ASN O 225 -7.72 -5.05 -199.45
CA ASN O 225 -8.14 -6.31 -198.87
C ASN O 225 -7.44 -6.53 -197.55
N GLU O 226 -6.17 -6.09 -197.51
CA GLU O 226 -5.34 -6.26 -196.33
C GLU O 226 -5.91 -5.35 -195.24
N MET O 227 -6.32 -4.13 -195.65
CA MET O 227 -6.91 -3.10 -194.80
C MET O 227 -8.21 -3.56 -194.22
N ALA O 228 -9.12 -4.03 -195.06
CA ALA O 228 -10.40 -4.45 -194.57
C ALA O 228 -10.25 -5.60 -193.59
N THR O 229 -9.30 -6.51 -193.85
CA THR O 229 -9.12 -7.63 -192.94
C THR O 229 -8.47 -7.21 -191.63
N ALA O 230 -7.37 -6.47 -191.69
CA ALA O 230 -6.64 -6.10 -190.48
C ALA O 230 -7.46 -5.21 -189.57
N ALA O 231 -8.32 -4.38 -190.15
CA ALA O 231 -9.14 -3.48 -189.39
C ALA O 231 -10.34 -4.21 -188.79
N SER O 232 -10.58 -5.46 -189.22
CA SER O 232 -11.73 -6.24 -188.79
C SER O 232 -11.34 -7.46 -187.95
N SER O 233 -10.08 -7.90 -188.03
CA SER O 233 -9.64 -9.13 -187.36
C SER O 233 -8.22 -9.17 -186.85
N SER O 234 -8.08 -9.81 -185.69
CA SER O 234 -6.82 -10.02 -184.98
C SER O 234 -5.85 -10.90 -185.76
N SER O 235 -6.32 -11.56 -186.81
CA SER O 235 -5.48 -12.45 -187.60
C SER O 235 -4.33 -11.72 -188.29
N LEU O 236 -4.43 -10.41 -188.50
CA LEU O 236 -3.30 -9.71 -189.11
C LEU O 236 -2.53 -8.85 -188.10
N GLU O 237 -2.79 -9.03 -186.81
CA GLU O 237 -2.06 -8.28 -185.79
C GLU O 237 -0.75 -8.93 -185.40
N LYS O 238 0.24 -8.11 -185.07
CA LYS O 238 1.53 -8.59 -184.60
C LYS O 238 2.07 -7.81 -183.41
N SER O 239 2.57 -8.54 -182.42
CA SER O 239 3.15 -7.96 -181.22
C SER O 239 4.65 -7.66 -181.36
N TYR O 240 5.06 -6.52 -180.80
CA TYR O 240 6.45 -6.06 -180.71
C TYR O 240 6.86 -5.77 -179.28
N GLU O 241 8.04 -6.25 -178.91
CA GLU O 241 8.55 -6.01 -177.56
C GLU O 241 9.39 -4.73 -177.54
N LEU O 242 9.08 -3.84 -176.60
CA LEU O 242 9.79 -2.59 -176.48
C LEU O 242 10.91 -2.78 -175.45
N PRO O 243 11.98 -1.97 -175.49
CA PRO O 243 13.09 -1.99 -174.55
C PRO O 243 12.71 -1.97 -173.07
N ASP O 244 11.60 -1.33 -172.70
CA ASP O 244 11.24 -1.27 -171.30
C ASP O 244 10.30 -2.38 -170.85
N GLY O 245 10.03 -3.35 -171.72
CA GLY O 245 9.14 -4.44 -171.38
C GLY O 245 7.70 -4.21 -171.86
N GLN O 246 7.40 -3.05 -172.42
CA GLN O 246 6.03 -2.89 -172.92
C GLN O 246 5.88 -3.71 -174.16
N VAL O 247 4.67 -4.18 -174.44
CA VAL O 247 4.41 -4.87 -175.68
C VAL O 247 3.31 -4.13 -176.40
N ILE O 248 3.57 -3.84 -177.68
CA ILE O 248 2.62 -3.15 -178.52
C ILE O 248 2.11 -4.09 -179.58
N THR O 249 0.79 -4.14 -179.77
CA THR O 249 0.25 -4.99 -180.81
C THR O 249 -0.35 -4.08 -181.83
N ILE O 250 0.07 -4.27 -183.09
CA ILE O 250 -0.30 -3.43 -184.22
C ILE O 250 -1.12 -4.18 -185.28
N GLY O 251 -2.24 -3.59 -185.71
CA GLY O 251 -3.17 -4.15 -186.70
C GLY O 251 -3.04 -3.48 -188.06
N ASN O 252 -4.09 -2.80 -188.53
CA ASN O 252 -4.02 -2.21 -189.86
C ASN O 252 -2.94 -1.14 -190.01
N GLU O 253 -2.55 -0.52 -188.89
CA GLU O 253 -1.52 0.50 -188.85
C GLU O 253 -0.17 -0.06 -189.34
N ARG O 254 -0.04 -1.39 -189.22
CA ARG O 254 1.13 -2.19 -189.57
C ARG O 254 1.45 -2.02 -191.05
N PHE O 255 0.42 -1.79 -191.85
CA PHE O 255 0.57 -1.63 -193.28
C PHE O 255 0.09 -0.26 -193.75
N ARG O 256 -0.72 0.42 -192.94
CA ARG O 256 -1.21 1.73 -193.35
C ARG O 256 -0.08 2.72 -193.41
N CYS O 257 0.88 2.61 -192.51
CA CYS O 257 2.00 3.52 -192.61
C CYS O 257 2.75 3.36 -193.96
N PRO O 258 3.29 2.17 -194.33
CA PRO O 258 3.93 1.86 -195.61
C PRO O 258 3.08 2.25 -196.82
N GLU O 259 1.76 2.23 -196.71
CA GLU O 259 0.88 2.61 -197.81
C GLU O 259 1.10 4.05 -198.22
N THR O 260 1.72 4.87 -197.37
CA THR O 260 1.99 6.30 -197.62
C THR O 260 2.92 6.43 -198.82
N LEU O 261 3.68 5.37 -199.12
CA LEU O 261 4.56 5.33 -200.26
C LEU O 261 3.74 5.37 -201.55
N PHE O 262 2.52 4.84 -201.49
CA PHE O 262 1.62 4.77 -202.62
C PHE O 262 0.55 5.84 -202.48
N GLN O 263 0.39 6.32 -201.25
CA GLN O 263 -0.56 7.39 -200.92
C GLN O 263 0.08 8.38 -199.93
N PRO O 264 0.90 9.31 -200.46
CA PRO O 264 1.67 10.35 -199.75
C PRO O 264 0.79 11.39 -199.07
N SER O 265 -0.48 11.42 -199.46
CA SER O 265 -1.45 12.34 -198.88
C SER O 265 -1.66 12.04 -197.40
N PHE O 266 -1.26 10.83 -196.96
CA PHE O 266 -1.42 10.43 -195.57
C PHE O 266 -0.56 11.28 -194.64
N ILE O 267 0.50 11.91 -195.18
CA ILE O 267 1.37 12.75 -194.38
C ILE O 267 1.34 14.20 -194.85
N GLY O 268 0.35 14.55 -195.68
CA GLY O 268 0.20 15.91 -196.21
C GLY O 268 0.94 16.22 -197.51
N MET O 269 1.38 15.21 -198.27
CA MET O 269 2.08 15.46 -199.52
C MET O 269 1.15 15.34 -200.72
N GLU O 270 1.27 16.25 -201.67
CA GLU O 270 0.49 16.16 -202.90
C GLU O 270 1.29 15.38 -203.94
N SER O 271 0.96 14.11 -204.08
CA SER O 271 1.67 13.18 -204.95
C SER O 271 0.85 11.98 -205.34
N ALA O 272 1.20 11.41 -206.47
CA ALA O 272 0.55 10.21 -206.98
C ALA O 272 1.12 8.89 -206.42
N GLY O 273 2.20 8.97 -205.65
CA GLY O 273 2.82 7.77 -205.10
C GLY O 273 4.02 7.28 -205.92
N ILE O 274 4.84 6.40 -205.30
CA ILE O 274 6.07 5.94 -205.93
C ILE O 274 5.90 5.13 -207.23
N HIS O 275 4.76 4.46 -207.40
CA HIS O 275 4.56 3.73 -208.64
C HIS O 275 4.28 4.66 -209.82
N GLU O 276 3.72 5.85 -209.56
CA GLU O 276 3.42 6.73 -210.66
C GLU O 276 4.64 7.53 -210.95
N THR O 277 5.39 7.90 -209.93
CA THR O 277 6.57 8.66 -210.21
C THR O 277 7.55 7.78 -211.00
N THR O 278 7.56 6.46 -210.76
CA THR O 278 8.41 5.56 -211.55
C THR O 278 7.92 5.58 -213.00
N TYR O 279 6.60 5.47 -213.17
CA TYR O 279 5.99 5.48 -214.49
C TYR O 279 6.29 6.77 -215.28
N ASN O 280 6.17 7.92 -214.62
CA ASN O 280 6.42 9.18 -215.29
C ASN O 280 7.90 9.36 -215.64
N SER O 281 8.83 8.85 -214.81
CA SER O 281 10.25 8.96 -215.15
C SER O 281 10.51 8.23 -216.44
N ILE O 282 9.86 7.09 -216.59
CA ILE O 282 10.01 6.27 -217.77
C ILE O 282 9.34 6.92 -218.98
N MET O 283 8.12 7.42 -218.79
CA MET O 283 7.32 8.06 -219.82
C MET O 283 8.02 9.25 -220.48
N LYS O 284 8.83 9.98 -219.72
CA LYS O 284 9.54 11.15 -220.27
C LYS O 284 10.82 10.79 -221.02
N CYS O 285 11.21 9.52 -220.99
CA CYS O 285 12.43 9.05 -221.64
C CYS O 285 12.16 8.58 -223.08
N ASP O 286 13.23 8.49 -223.87
CA ASP O 286 13.13 8.09 -225.28
C ASP O 286 12.39 6.77 -225.49
N ILE O 287 11.65 6.71 -226.59
CA ILE O 287 10.84 5.53 -226.92
C ILE O 287 11.67 4.24 -227.02
N ASP O 288 12.96 4.32 -227.39
CA ASP O 288 13.78 3.11 -227.48
C ASP O 288 14.56 2.83 -226.19
N ILE O 289 14.38 3.68 -225.19
CA ILE O 289 15.02 3.55 -223.88
C ILE O 289 14.00 3.02 -222.87
N ARG O 290 12.81 3.59 -222.92
CA ARG O 290 11.71 3.24 -222.01
C ARG O 290 11.35 1.77 -221.92
N LYS O 291 11.53 1.00 -222.99
CA LYS O 291 11.15 -0.41 -222.92
C LYS O 291 11.99 -1.15 -221.88
N ASP O 292 13.26 -0.69 -221.74
CA ASP O 292 14.25 -1.28 -220.86
C ASP O 292 14.15 -0.64 -219.49
N LEU O 293 13.73 0.63 -219.44
CA LEU O 293 13.62 1.24 -218.13
C LEU O 293 12.50 0.54 -217.36
N TYR O 294 11.39 0.22 -218.05
CA TYR O 294 10.25 -0.45 -217.41
C TYR O 294 10.61 -1.86 -216.96
N ALA O 295 11.42 -2.56 -217.76
CA ALA O 295 11.80 -3.95 -217.53
C ALA O 295 12.89 -4.16 -216.48
N ASN O 296 13.48 -3.07 -215.97
CA ASN O 296 14.57 -3.22 -215.02
C ASN O 296 14.42 -2.27 -213.87
N ASN O 297 13.30 -2.31 -213.18
CA ASN O 297 13.15 -1.35 -212.10
C ASN O 297 13.82 -1.90 -210.86
N VAL O 298 15.12 -1.65 -210.78
CA VAL O 298 16.01 -2.13 -209.74
C VAL O 298 15.88 -1.39 -208.42
N MET O 299 15.68 -2.14 -207.35
CA MET O 299 15.49 -1.56 -206.02
C MET O 299 16.79 -1.34 -205.23
N SER O 300 16.81 -0.22 -204.52
CA SER O 300 17.89 0.18 -203.66
C SER O 300 17.35 0.96 -202.49
N GLY O 301 18.18 1.11 -201.47
CA GLY O 301 17.79 1.91 -200.34
C GLY O 301 16.80 1.22 -199.41
N GLY O 302 16.24 2.01 -198.53
CA GLY O 302 15.31 1.55 -197.52
C GLY O 302 13.93 1.31 -198.05
N THR O 303 13.05 0.76 -197.20
CA THR O 303 11.65 0.42 -197.55
C THR O 303 11.53 -0.73 -198.59
N THR O 304 12.65 -1.09 -199.21
CA THR O 304 12.74 -2.15 -200.20
C THR O 304 12.60 -3.50 -199.54
N MET O 305 12.74 -3.46 -198.23
CA MET O 305 12.65 -4.61 -197.38
C MET O 305 11.27 -4.76 -196.73
N TYR O 306 10.25 -4.03 -197.23
CA TYR O 306 8.89 -4.26 -196.77
C TYR O 306 8.30 -5.44 -197.54
N PRO O 307 7.68 -6.44 -196.89
CA PRO O 307 7.01 -7.51 -197.58
C PRO O 307 5.91 -6.96 -198.48
N GLY O 308 5.86 -7.48 -199.71
CA GLY O 308 4.85 -7.07 -200.67
C GLY O 308 5.14 -5.78 -201.43
N ILE O 309 6.25 -5.09 -201.12
CA ILE O 309 6.46 -3.83 -201.84
C ILE O 309 6.88 -4.03 -203.27
N ALA O 310 7.72 -5.03 -203.55
CA ALA O 310 8.15 -5.24 -204.92
C ALA O 310 6.96 -5.59 -205.81
N ASP O 311 6.01 -6.33 -205.24
CA ASP O 311 4.88 -6.78 -206.00
C ASP O 311 3.83 -5.69 -206.11
N ARG O 312 3.70 -4.89 -205.06
CA ARG O 312 2.75 -3.79 -205.07
C ARG O 312 3.15 -2.75 -206.11
N MET O 313 4.45 -2.48 -206.21
CA MET O 313 4.95 -1.53 -207.17
C MET O 313 4.82 -2.07 -208.59
N GLN O 314 5.10 -3.37 -208.81
CA GLN O 314 5.03 -3.86 -210.17
C GLN O 314 3.60 -3.86 -210.65
N LYS O 315 2.64 -4.22 -209.79
CA LYS O 315 1.24 -4.24 -210.18
C LYS O 315 0.78 -2.84 -210.62
N GLU O 316 1.14 -1.82 -209.84
CA GLU O 316 0.71 -0.47 -210.17
C GLU O 316 1.42 0.07 -211.41
N ILE O 317 2.71 -0.24 -211.57
CA ILE O 317 3.44 0.26 -212.72
C ILE O 317 2.90 -0.41 -213.96
N THR O 318 2.66 -1.72 -213.90
CA THR O 318 2.15 -2.48 -215.02
C THR O 318 0.81 -1.91 -215.46
N ALA O 319 -0.06 -1.56 -214.48
CA ALA O 319 -1.35 -0.97 -214.79
C ALA O 319 -1.24 0.38 -215.51
N LEU O 320 -0.23 1.19 -215.18
CA LEU O 320 -0.05 2.49 -215.83
C LEU O 320 0.71 2.40 -217.16
N ALA O 321 1.63 1.46 -217.23
CA ALA O 321 2.52 1.25 -218.35
C ALA O 321 1.78 0.78 -219.62
N PRO O 322 2.26 1.16 -220.82
CA PRO O 322 1.78 0.74 -222.12
C PRO O 322 2.20 -0.69 -222.43
N SER O 323 1.52 -1.29 -223.39
CA SER O 323 1.85 -2.59 -223.96
C SER O 323 3.09 -2.42 -224.83
N THR O 324 3.68 -3.53 -225.33
CA THR O 324 4.94 -3.54 -226.13
C THR O 324 6.17 -3.44 -225.22
N MET O 325 6.14 -2.47 -224.33
CA MET O 325 7.18 -2.19 -223.34
C MET O 325 7.12 -3.32 -222.30
N LYS O 326 8.24 -3.64 -221.63
CA LYS O 326 8.13 -4.74 -220.65
C LYS O 326 8.30 -4.22 -219.26
N ILE O 327 7.46 -4.69 -218.33
CA ILE O 327 7.51 -4.19 -216.96
C ILE O 327 7.97 -5.24 -215.98
N LYS O 328 9.02 -4.94 -215.22
CA LYS O 328 9.49 -5.85 -214.19
C LYS O 328 10.28 -5.15 -213.07
N ILE O 329 10.03 -5.55 -211.83
CA ILE O 329 10.82 -5.06 -210.70
C ILE O 329 11.88 -6.03 -210.31
N ILE O 330 13.08 -5.51 -210.14
CA ILE O 330 14.19 -6.35 -209.81
C ILE O 330 14.45 -6.15 -208.33
N ALA O 331 14.32 -7.23 -207.55
CA ALA O 331 14.44 -7.16 -206.10
C ALA O 331 15.47 -8.17 -205.60
N PRO O 332 16.76 -7.94 -205.83
CA PRO O 332 17.85 -8.85 -205.54
C PRO O 332 18.10 -8.87 -204.04
N PRO O 333 18.80 -9.88 -203.50
CA PRO O 333 19.30 -9.95 -202.13
C PRO O 333 20.16 -8.75 -201.76
N GLU O 334 20.83 -8.19 -202.76
CA GLU O 334 21.68 -7.02 -202.60
C GLU O 334 20.79 -5.80 -202.43
N ARG O 335 19.59 -6.03 -201.90
CA ARG O 335 18.63 -4.96 -201.65
C ARG O 335 19.15 -4.11 -200.50
N LYS O 336 18.83 -2.82 -200.54
CA LYS O 336 19.27 -1.81 -199.55
C LYS O 336 20.80 -1.66 -199.50
N TYR O 337 21.54 -2.73 -199.78
CA TYR O 337 22.98 -2.63 -199.82
C TYR O 337 23.50 -2.42 -201.26
N SER O 338 22.58 -2.29 -202.22
CA SER O 338 22.92 -2.16 -203.64
C SER O 338 23.62 -0.84 -203.94
N VAL O 339 23.39 0.19 -203.14
CA VAL O 339 24.08 1.44 -203.37
C VAL O 339 25.54 1.32 -202.95
N TRP O 340 25.78 0.76 -201.77
CA TRP O 340 27.16 0.64 -201.32
C TRP O 340 27.96 -0.21 -202.30
N ILE O 341 27.37 -1.34 -202.71
CA ILE O 341 28.04 -2.26 -203.61
C ILE O 341 28.38 -1.57 -204.90
N GLY O 342 27.46 -0.80 -205.46
CA GLY O 342 27.80 -0.09 -206.65
C GLY O 342 28.96 0.88 -206.44
N GLY O 343 29.08 1.48 -205.23
CA GLY O 343 30.16 2.41 -204.93
C GLY O 343 31.51 1.71 -205.05
N SER O 344 31.54 0.47 -204.57
CA SER O 344 32.73 -0.38 -204.65
C SER O 344 33.09 -0.60 -206.11
N ILE O 345 32.06 -0.88 -206.91
CA ILE O 345 32.22 -1.11 -208.33
C ILE O 345 32.73 0.13 -209.06
N LEU O 346 32.13 1.31 -208.83
CA LEU O 346 32.59 2.50 -209.55
C LEU O 346 33.96 2.91 -209.18
N ALA O 347 34.33 2.76 -207.92
CA ALA O 347 35.67 3.15 -207.55
C ALA O 347 36.70 2.38 -208.36
N SER O 348 36.42 1.08 -208.61
CA SER O 348 37.29 0.18 -209.36
C SER O 348 37.04 0.08 -210.89
N LEU O 349 35.87 0.49 -211.39
CA LEU O 349 35.61 0.40 -212.85
C LEU O 349 36.57 1.24 -213.65
N SER O 350 37.05 0.67 -214.75
CA SER O 350 37.99 1.36 -215.64
C SER O 350 37.40 2.62 -216.26
N THR O 351 36.07 2.63 -216.46
CA THR O 351 35.41 3.76 -217.11
C THR O 351 35.27 4.95 -216.18
N PHE O 352 35.49 4.73 -214.88
CA PHE O 352 35.42 5.78 -213.88
C PHE O 352 36.81 6.17 -213.36
N GLN O 353 37.89 5.65 -213.95
CA GLN O 353 39.21 5.97 -213.37
C GLN O 353 39.64 7.39 -213.66
N GLN O 354 39.09 7.98 -214.72
CA GLN O 354 39.44 9.34 -215.08
C GLN O 354 38.50 10.32 -214.40
N MET O 355 37.54 9.81 -213.61
CA MET O 355 36.58 10.67 -212.93
C MET O 355 37.07 11.08 -211.54
N TRP O 356 38.22 10.56 -211.14
CA TRP O 356 38.73 10.88 -209.82
C TRP O 356 39.37 12.26 -209.82
N ILE O 357 39.00 13.07 -208.84
CA ILE O 357 39.54 14.41 -208.66
C ILE O 357 40.81 14.19 -207.91
N THR O 358 41.96 14.66 -208.37
CA THR O 358 43.15 14.41 -207.57
C THR O 358 43.36 15.53 -206.57
N LYS O 359 44.19 15.33 -205.53
CA LYS O 359 44.47 16.45 -204.63
C LYS O 359 45.61 17.29 -205.19
N GLN O 360 45.32 17.88 -206.31
CA GLN O 360 46.10 18.79 -207.10
C GLN O 360 45.05 19.59 -207.79
N GLU O 361 44.23 18.89 -208.57
CA GLU O 361 43.16 19.52 -209.33
C GLU O 361 42.23 20.23 -208.36
N TYR O 362 42.00 19.58 -207.22
CA TYR O 362 41.20 20.10 -206.14
C TYR O 362 41.67 21.44 -205.64
N ASP O 363 42.98 21.61 -205.42
CA ASP O 363 43.41 22.85 -204.81
C ASP O 363 43.48 23.95 -205.85
N GLU O 364 43.77 23.58 -207.09
CA GLU O 364 43.83 24.57 -208.15
C GLU O 364 42.43 25.16 -208.43
N ALA O 365 41.40 24.30 -208.42
CA ALA O 365 40.02 24.70 -208.70
C ALA O 365 39.11 24.94 -207.49
N GLY O 366 39.41 24.30 -206.36
CA GLY O 366 38.53 24.34 -205.20
C GLY O 366 37.50 23.20 -205.35
N PRO O 367 36.67 22.94 -204.32
CA PRO O 367 35.72 21.84 -204.24
C PRO O 367 34.62 21.86 -205.28
N SER O 368 34.37 23.00 -205.92
CA SER O 368 33.33 23.13 -206.93
C SER O 368 33.66 22.30 -208.15
N ILE O 369 34.92 21.86 -208.24
CA ILE O 369 35.47 21.03 -209.29
C ILE O 369 34.70 19.74 -209.47
N VAL O 370 34.07 19.27 -208.40
CA VAL O 370 33.30 18.05 -208.40
C VAL O 370 32.15 18.11 -209.40
N HIS O 371 31.65 19.33 -209.65
CA HIS O 371 30.54 19.59 -210.54
C HIS O 371 30.95 19.35 -211.99
N ARG O 372 32.25 19.43 -212.29
CA ARG O 372 32.73 19.23 -213.63
C ARG O 372 33.31 17.83 -213.81
N LYS O 373 33.91 17.30 -212.74
CA LYS O 373 34.59 16.00 -212.77
C LYS O 373 33.78 14.73 -212.54
N CYS O 374 32.69 14.75 -211.77
CA CYS O 374 32.08 13.44 -211.45
C CYS O 374 30.88 12.96 -212.28
N PHE O 375 30.05 13.87 -212.76
CA PHE O 375 28.83 13.54 -213.50
C PHE O 375 28.05 14.79 -213.92
N LEU P 1 -28.95 13.53 214.16
CA LEU P 1 -28.79 14.21 212.88
C LEU P 1 -27.38 14.49 212.46
N LYS P 2 -26.37 14.38 213.33
CA LYS P 2 -25.03 14.72 212.83
C LYS P 2 -24.65 13.91 211.61
N LEU P 3 -25.02 12.64 211.58
CA LEU P 3 -24.65 11.80 210.45
C LEU P 3 -25.36 12.25 209.18
N ASP P 4 -26.57 12.75 209.31
CA ASP P 4 -27.32 13.14 208.14
C ASP P 4 -26.82 14.47 207.69
N LYS P 5 -26.43 15.31 208.64
CA LYS P 5 -25.92 16.61 208.29
C LYS P 5 -24.60 16.45 207.62
N GLU P 6 -23.76 15.58 208.18
CA GLU P 6 -22.44 15.31 207.65
C GLU P 6 -22.53 14.71 206.26
N ASN P 7 -23.50 13.81 206.03
CA ASN P 7 -23.59 13.23 204.71
C ASN P 7 -24.14 14.28 203.76
N ALA P 8 -25.15 15.04 204.21
CA ALA P 8 -25.75 16.09 203.40
C ALA P 8 -24.76 17.17 203.11
N LEU P 9 -23.88 17.46 204.07
CA LEU P 9 -22.84 18.47 203.99
C LEU P 9 -21.70 18.05 203.12
N ASP P 10 -21.24 16.80 203.22
CA ASP P 10 -20.18 16.41 202.32
C ASP P 10 -20.72 16.53 200.93
N ARG P 11 -21.99 16.16 200.76
CA ARG P 11 -22.61 16.30 199.47
C ARG P 11 -22.87 17.76 199.17
N ALA P 12 -23.22 18.59 200.14
CA ALA P 12 -23.47 19.99 199.83
C ALA P 12 -22.25 20.67 199.33
N GLU P 13 -21.13 20.39 199.98
CA GLU P 13 -19.90 21.02 199.63
C GLU P 13 -19.31 20.40 198.40
N GLN P 14 -19.42 19.07 198.26
CA GLN P 14 -18.86 18.49 197.07
C GLN P 14 -19.71 18.86 195.89
N ALA P 15 -21.03 18.88 196.06
CA ALA P 15 -21.94 19.20 194.98
C ALA P 15 -21.75 20.63 194.58
N GLU P 16 -21.48 21.52 195.54
CA GLU P 16 -21.29 22.92 195.22
C GLU P 16 -19.94 23.04 194.51
N ALA P 17 -18.93 22.28 194.98
CA ALA P 17 -17.62 22.29 194.35
C ALA P 17 -17.72 21.73 192.94
N ASP P 18 -18.56 20.71 192.76
CA ASP P 18 -18.74 20.06 191.49
C ASP P 18 -19.62 20.89 190.59
N LYS P 19 -20.58 21.64 191.16
CA LYS P 19 -21.43 22.43 190.31
C LYS P 19 -20.61 23.58 189.86
N LYS P 20 -19.69 24.03 190.72
CA LYS P 20 -18.83 25.10 190.33
C LYS P 20 -17.93 24.56 189.26
N ALA P 21 -17.38 23.35 189.45
CA ALA P 21 -16.54 22.79 188.43
C ALA P 21 -17.33 22.60 187.15
N ALA P 22 -18.59 22.20 187.22
CA ALA P 22 -19.39 22.00 186.03
C ALA P 22 -19.66 23.33 185.35
N GLU P 23 -19.91 24.37 186.12
CA GLU P 23 -20.13 25.69 185.56
C GLU P 23 -18.84 26.24 184.98
N ASP P 24 -17.71 25.97 185.63
CA ASP P 24 -16.42 26.43 185.14
C ASP P 24 -15.99 25.61 183.95
N ARG P 25 -16.30 24.32 183.94
CA ARG P 25 -15.94 23.50 182.79
C ARG P 25 -16.83 23.86 181.64
N SER P 26 -18.13 24.06 181.90
CA SER P 26 -19.00 24.44 180.83
C SER P 26 -18.74 25.87 180.42
N LYS P 27 -18.28 26.72 181.32
CA LYS P 27 -17.95 28.06 180.92
C LYS P 27 -16.69 28.04 180.10
N GLN P 28 -15.68 27.29 180.53
CA GLN P 28 -14.45 27.29 179.78
C GLN P 28 -14.70 26.64 178.45
N LEU P 29 -15.51 25.58 178.41
CA LEU P 29 -15.80 24.96 177.14
C LEU P 29 -16.61 25.86 176.29
N GLU P 30 -17.56 26.61 176.85
CA GLU P 30 -18.32 27.53 176.03
C GLU P 30 -17.40 28.58 175.48
N ASP P 31 -16.46 29.08 176.28
CA ASP P 31 -15.56 30.09 175.76
C ASP P 31 -14.62 29.50 174.75
N GLU P 32 -14.18 28.25 174.96
CA GLU P 32 -13.31 27.58 174.03
C GLU P 32 -14.13 27.17 172.82
N LEU P 33 -15.40 26.85 173.01
CA LEU P 33 -16.28 26.45 171.93
C LEU P 33 -16.40 27.63 171.02
N VAL P 34 -16.58 28.82 171.61
CA VAL P 34 -16.65 30.04 170.87
C VAL P 34 -15.32 30.31 170.22
N SER P 35 -14.20 30.12 170.92
CA SER P 35 -12.92 30.32 170.27
C SER P 35 -12.78 29.37 169.10
N LEU P 36 -13.26 28.13 169.24
CA LEU P 36 -13.19 27.18 168.15
C LEU P 36 -14.17 27.58 167.05
N GLN P 37 -15.31 28.17 167.40
CA GLN P 37 -16.29 28.62 166.41
C GLN P 37 -15.75 29.78 165.62
N LYS P 38 -15.02 30.66 166.29
CA LYS P 38 -14.41 31.82 165.67
C LYS P 38 -13.23 31.39 164.84
N LYS P 39 -12.44 30.45 165.35
CA LYS P 39 -11.31 29.94 164.63
C LYS P 39 -11.81 29.14 163.44
N LEU P 40 -12.94 28.43 163.60
CA LEU P 40 -13.57 27.74 162.49
C LEU P 40 -14.08 28.75 161.52
N LYS P 41 -14.74 29.82 161.97
CA LYS P 41 -15.21 30.79 161.01
C LYS P 41 -14.00 31.32 160.26
N GLY P 42 -12.90 31.50 160.98
CA GLY P 42 -11.65 31.94 160.42
C GLY P 42 -11.21 30.96 159.34
N THR P 43 -11.13 29.66 159.64
CA THR P 43 -10.68 28.72 158.63
C THR P 43 -11.71 28.62 157.51
N GLU P 44 -13.01 28.77 157.76
CA GLU P 44 -13.99 28.73 156.70
C GLU P 44 -13.85 29.92 155.77
N ASP P 45 -13.58 31.10 156.33
CA ASP P 45 -13.40 32.28 155.51
C ASP P 45 -12.08 32.19 154.77
N GLU P 46 -11.05 31.68 155.43
CA GLU P 46 -9.76 31.55 154.78
C GLU P 46 -9.88 30.49 153.71
N LEU P 47 -10.70 29.47 153.96
CA LEU P 47 -10.94 28.38 153.03
C LEU P 47 -11.61 28.92 151.83
N ASP P 48 -12.65 29.74 152.01
CA ASP P 48 -13.27 30.29 150.85
C ASP P 48 -12.27 31.17 150.14
N LYS P 49 -11.46 31.93 150.87
CA LYS P 49 -10.48 32.74 150.17
C LYS P 49 -9.47 31.91 149.42
N TYR P 50 -9.01 30.79 149.96
CA TYR P 50 -8.04 29.95 149.26
C TYR P 50 -8.69 29.19 148.11
N SER P 51 -9.94 28.79 148.33
CA SER P 51 -10.74 28.06 147.35
C SER P 51 -11.05 28.97 146.19
N GLU P 52 -11.38 30.22 146.50
CA GLU P 52 -11.66 31.23 145.50
C GLU P 52 -10.36 31.69 144.87
N ALA P 53 -9.32 31.91 145.66
CA ALA P 53 -8.06 32.31 145.08
C ALA P 53 -7.62 31.22 144.15
N LEU P 54 -7.92 29.97 144.53
CA LEU P 54 -7.66 28.84 143.71
C LEU P 54 -8.56 28.79 142.53
N LYS P 55 -9.87 29.00 142.65
CA LYS P 55 -10.64 28.88 141.43
C LYS P 55 -10.16 29.92 140.46
N ASP P 56 -9.69 31.07 140.96
CA ASP P 56 -9.19 32.11 140.10
C ASP P 56 -7.80 31.80 139.61
N ALA P 57 -6.91 31.25 140.43
CA ALA P 57 -5.58 30.91 139.94
C ALA P 57 -5.72 29.79 138.94
N GLN P 58 -6.64 28.88 139.23
CA GLN P 58 -6.93 27.73 138.43
C GLN P 58 -7.64 28.15 137.16
N GLU P 59 -8.54 29.13 137.21
CA GLU P 59 -9.20 29.56 135.99
C GLU P 59 -8.21 30.34 135.16
N LYS P 60 -7.42 31.19 135.80
CA LYS P 60 -6.42 31.91 135.08
C LYS P 60 -5.46 30.90 134.49
N LEU P 61 -5.19 29.81 135.22
CA LEU P 61 -4.38 28.73 134.72
C LEU P 61 -5.04 28.02 133.57
N GLU P 62 -6.33 27.75 133.63
CA GLU P 62 -6.94 27.06 132.51
C GLU P 62 -6.89 27.98 131.31
N LEU P 63 -7.04 29.28 131.54
CA LEU P 63 -6.99 30.27 130.48
C LEU P 63 -5.57 30.47 129.99
N ALA P 64 -4.57 30.39 130.87
CA ALA P 64 -3.17 30.52 130.50
C ALA P 64 -2.71 29.27 129.82
N GLU P 65 -3.24 28.14 130.26
CA GLU P 65 -2.92 26.85 129.71
C GLU P 65 -3.60 26.79 128.38
N LYS P 66 -4.83 27.32 128.28
CA LYS P 66 -5.52 27.39 127.03
C LYS P 66 -4.76 28.31 126.12
N LYS P 67 -4.35 29.47 126.62
CA LYS P 67 -3.58 30.38 125.81
C LYS P 67 -2.36 29.65 125.33
N ALA P 68 -1.68 28.90 126.20
CA ALA P 68 -0.52 28.15 125.80
C ALA P 68 -0.89 27.06 124.83
N THR P 69 -2.03 26.42 125.00
CA THR P 69 -2.49 25.34 124.15
C THR P 69 -2.77 25.86 122.77
N ASP P 70 -3.44 26.99 122.71
CA ASP P 70 -3.79 27.63 121.47
C ASP P 70 -2.58 28.27 120.87
N ALA P 71 -1.72 28.87 121.71
CA ALA P 71 -0.53 29.50 121.21
C ALA P 71 0.35 28.43 120.67
N GLU P 72 0.39 27.27 121.34
CA GLU P 72 1.15 26.12 120.94
C GLU P 72 0.49 25.50 119.74
N ALA P 73 -0.84 25.50 119.70
CA ALA P 73 -1.52 24.98 118.53
C ALA P 73 -1.03 25.79 117.37
N ASP P 74 -0.85 27.10 117.59
CA ASP P 74 -0.30 27.94 116.59
C ASP P 74 1.21 27.84 116.50
N VAL P 75 1.95 27.51 117.55
CA VAL P 75 3.38 27.33 117.32
C VAL P 75 3.49 26.22 116.31
N ALA P 76 2.70 25.17 116.53
CA ALA P 76 2.65 24.05 115.63
C ALA P 76 2.05 24.39 114.27
N SER P 77 0.98 25.20 114.21
CA SER P 77 0.38 25.49 112.90
C SER P 77 1.32 26.38 112.14
N LEU P 78 2.07 27.19 112.86
CA LEU P 78 3.04 28.05 112.25
C LEU P 78 4.18 27.20 111.84
N ASN P 79 4.62 26.24 112.66
CA ASN P 79 5.71 25.42 112.21
C ASN P 79 5.30 24.59 111.02
N ARG P 80 4.03 24.20 110.95
CA ARG P 80 3.62 23.46 109.79
C ARG P 80 3.65 24.38 108.60
N ARG P 81 3.17 25.61 108.73
CA ARG P 81 3.20 26.51 107.60
C ARG P 81 4.62 26.91 107.26
N ILE P 82 5.48 27.02 108.26
CA ILE P 82 6.85 27.41 108.02
C ILE P 82 7.49 26.31 107.30
N GLN P 83 7.28 25.07 107.71
CA GLN P 83 7.90 24.00 107.00
C GLN P 83 7.26 23.78 105.66
N LEU P 84 5.97 24.04 105.51
CA LEU P 84 5.37 23.88 104.21
C LEU P 84 5.91 24.94 103.29
N VAL P 85 6.08 26.15 103.79
CA VAL P 85 6.57 27.24 102.99
C VAL P 85 8.08 27.10 102.79
N GLU P 86 8.84 26.72 103.83
CA GLU P 86 10.27 26.48 103.71
C GLU P 86 10.48 25.33 102.77
N GLU P 87 9.60 24.33 102.80
CA GLU P 87 9.74 23.23 101.89
C GLU P 87 9.38 23.72 100.51
N GLU P 88 8.34 24.53 100.35
CA GLU P 88 8.05 25.04 99.04
C GLU P 88 9.18 25.94 98.57
N LEU P 89 9.82 26.65 99.50
CA LEU P 89 10.94 27.51 99.21
C LEU P 89 12.13 26.70 98.82
N ASP P 90 12.42 25.63 99.56
CA ASP P 90 13.56 24.82 99.22
C ASP P 90 13.29 24.18 97.90
N ARG P 91 12.04 23.80 97.68
CA ARG P 91 11.65 23.21 96.43
C ARG P 91 11.67 24.27 95.37
N ALA P 92 11.31 25.50 95.69
CA ALA P 92 11.36 26.54 94.69
C ALA P 92 12.79 26.72 94.31
N GLN P 93 13.69 26.62 95.29
CA GLN P 93 15.12 26.74 95.10
C GLN P 93 15.71 25.51 94.41
N GLU P 94 15.14 24.33 94.64
CA GLU P 94 15.56 23.10 93.95
C GLU P 94 15.10 23.18 92.53
N ARG P 95 13.90 23.72 92.36
CA ARG P 95 13.28 23.85 91.07
C ARG P 95 13.90 25.01 90.38
N LEU P 96 14.41 25.98 91.14
CA LEU P 96 15.13 27.10 90.59
C LEU P 96 16.46 26.63 90.16
N ALA P 97 17.16 25.87 91.00
CA ALA P 97 18.44 25.37 90.61
C ALA P 97 18.26 24.50 89.39
N THR P 98 17.16 23.75 89.33
CA THR P 98 16.86 22.94 88.20
C THR P 98 16.53 23.82 87.04
N ALA P 99 15.70 24.85 87.22
CA ALA P 99 15.31 25.74 86.15
C ALA P 99 16.53 26.44 85.61
N LEU P 100 17.47 26.77 86.47
CA LEU P 100 18.69 27.43 86.11
C LEU P 100 19.58 26.44 85.40
N GLN P 101 19.59 25.19 85.84
CA GLN P 101 20.35 24.14 85.17
C GLN P 101 19.71 23.85 83.81
N LYS P 102 18.40 23.90 83.75
CA LYS P 102 17.65 23.64 82.54
C LYS P 102 17.74 24.89 81.68
N LEU P 103 17.93 26.05 82.30
CA LEU P 103 18.20 27.27 81.61
C LEU P 103 19.55 27.09 81.00
N GLU P 104 20.52 26.55 81.74
CA GLU P 104 21.81 26.30 81.14
C GLU P 104 21.61 25.35 79.98
N GLU P 105 20.73 24.35 80.09
CA GLU P 105 20.50 23.46 78.96
C GLU P 105 19.85 24.21 77.80
N ALA P 106 18.92 25.15 78.10
CA ALA P 106 18.24 25.95 77.08
C ALA P 106 19.16 26.96 76.42
N GLU P 107 20.05 27.56 77.20
CA GLU P 107 21.02 28.50 76.69
C GLU P 107 22.04 27.70 75.95
N LYS P 108 22.38 26.53 76.50
CA LYS P 108 23.29 25.64 75.83
C LYS P 108 22.64 25.24 74.55
N ALA P 109 21.34 24.94 74.56
CA ALA P 109 20.66 24.58 73.33
C ALA P 109 20.75 25.75 72.38
N ALA P 110 20.63 26.98 72.89
CA ALA P 110 20.76 28.15 72.05
C ALA P 110 22.16 28.22 71.50
N ASP P 111 23.15 27.82 72.29
CA ASP P 111 24.52 27.85 71.86
C ASP P 111 24.78 26.71 70.90
N GLU P 112 24.14 25.56 71.10
CA GLU P 112 24.30 24.42 70.22
C GLU P 112 23.69 24.74 68.90
N SER P 113 22.54 25.42 68.93
CA SER P 113 21.81 25.80 67.76
C SER P 113 22.52 26.94 67.07
N GLU P 114 23.12 27.86 67.84
CA GLU P 114 23.86 28.99 67.31
C GLU P 114 25.17 28.48 66.72
N ARG P 115 25.83 27.55 67.43
CA ARG P 115 27.06 26.93 66.93
C ARG P 115 26.68 26.09 65.77
N GLY P 116 25.49 25.49 65.83
CA GLY P 116 24.95 24.71 64.78
C GLY P 116 24.90 25.63 63.60
N MET P 117 24.30 26.82 63.75
CA MET P 117 24.27 27.73 62.65
C MET P 117 25.65 28.17 62.22
N LYS P 118 26.57 28.42 63.13
CA LYS P 118 27.88 28.85 62.66
C LYS P 118 28.55 27.78 61.82
N VAL P 119 28.46 26.53 62.25
CA VAL P 119 29.06 25.43 61.54
C VAL P 119 28.31 25.18 60.27
N ILE P 120 26.98 25.16 60.35
CA ILE P 120 26.08 24.93 59.25
C ILE P 120 26.06 26.07 58.29
N GLU P 121 26.10 27.30 58.76
CA GLU P 121 26.09 28.43 57.86
C GLU P 121 27.40 28.44 57.15
N SER P 122 28.49 28.17 57.87
CA SER P 122 29.77 28.13 57.24
C SER P 122 29.80 26.97 56.31
N ARG P 123 29.23 25.83 56.72
CA ARG P 123 29.15 24.65 55.91
C ARG P 123 28.23 24.88 54.75
N ALA P 124 27.11 25.56 54.97
CA ALA P 124 26.17 25.84 53.91
C ALA P 124 26.89 26.69 52.92
N GLN P 125 27.75 27.60 53.39
CA GLN P 125 28.54 28.40 52.49
C GLN P 125 29.59 27.53 51.81
N LYS P 126 30.19 26.58 52.53
CA LYS P 126 31.17 25.70 51.91
C LYS P 126 30.48 24.88 50.84
N ASP P 127 29.23 24.51 51.09
CA ASP P 127 28.44 23.76 50.16
C ASP P 127 28.03 24.66 49.04
N GLU P 128 27.74 25.92 49.31
CA GLU P 128 27.42 26.89 48.28
C GLU P 128 28.62 27.06 47.40
N GLU P 129 29.82 27.07 47.99
CA GLU P 129 31.06 27.20 47.27
C GLU P 129 31.36 25.95 46.50
N LYS P 130 31.17 24.77 47.08
CA LYS P 130 31.41 23.55 46.34
C LYS P 130 30.44 23.44 45.21
N MET P 131 29.20 23.88 45.45
CA MET P 131 28.14 23.92 44.49
C MET P 131 28.53 24.90 43.41
N GLU P 132 28.96 26.12 43.79
CA GLU P 132 29.39 27.10 42.82
C GLU P 132 30.54 26.56 42.01
N ILE P 133 31.44 25.85 42.66
CA ILE P 133 32.57 25.23 42.01
C ILE P 133 32.10 24.19 41.05
N GLN P 134 31.14 23.34 41.42
CA GLN P 134 30.61 22.37 40.49
C GLN P 134 29.89 23.09 39.37
N GLU P 135 29.24 24.23 39.64
CA GLU P 135 28.59 24.98 38.59
C GLU P 135 29.63 25.54 37.65
N ILE P 136 30.70 26.09 38.19
CA ILE P 136 31.73 26.65 37.37
C ILE P 136 32.38 25.56 36.57
N GLN P 137 32.70 24.45 37.21
CA GLN P 137 33.34 23.36 36.55
C GLN P 137 32.45 22.70 35.54
N LEU P 138 31.14 22.54 35.82
CA LEU P 138 30.30 21.89 34.83
C LEU P 138 30.13 22.87 33.73
N LYS P 139 30.12 24.18 34.02
CA LYS P 139 29.98 25.14 32.96
C LYS P 139 31.23 25.15 32.15
N GLU P 140 32.40 25.06 32.76
CA GLU P 140 33.60 25.03 31.96
C GLU P 140 33.59 23.79 31.13
N ALA P 141 33.21 22.65 31.72
CA ALA P 141 33.14 21.39 31.04
C ALA P 141 32.05 21.43 30.00
N LYS P 142 30.98 22.15 30.29
CA LYS P 142 29.88 22.30 29.38
C LYS P 142 30.31 23.15 28.25
N HIS P 143 31.13 24.15 28.51
CA HIS P 143 31.60 25.04 27.48
C HIS P 143 32.61 24.26 26.68
N ILE P 144 33.35 23.36 27.31
CA ILE P 144 34.25 22.53 26.57
C ILE P 144 33.37 21.70 25.69
N ALA P 145 32.29 21.15 26.24
CA ALA P 145 31.33 20.39 25.49
C ALA P 145 30.67 21.25 24.43
N GLU P 146 30.40 22.52 24.68
CA GLU P 146 29.80 23.34 23.64
C GLU P 146 30.79 23.47 22.51
N ASP P 147 32.07 23.61 22.83
CA ASP P 147 33.08 23.72 21.82
C ASP P 147 33.48 22.36 21.31
N ALA P 148 33.44 21.34 22.13
CA ALA P 148 33.81 20.01 21.67
C ALA P 148 32.74 19.54 20.72
N ASP P 149 31.49 19.90 21.03
CA ASP P 149 30.33 19.57 20.22
C ASP P 149 30.31 20.46 19.02
N ARG P 150 30.69 21.73 19.20
CA ARG P 150 30.74 22.67 18.09
C ARG P 150 31.82 22.20 17.11
N LYS P 151 32.98 21.84 17.66
CA LYS P 151 34.08 21.36 16.85
C LYS P 151 33.64 20.09 16.20
N TYR P 152 32.94 19.22 16.94
CA TYR P 152 32.39 18.01 16.39
C TYR P 152 31.52 18.36 15.23
N GLU P 153 30.61 19.31 15.40
CA GLU P 153 29.74 19.74 14.34
C GLU P 153 30.56 20.27 13.19
N GLU P 154 31.61 21.03 13.44
CA GLU P 154 32.38 21.52 12.31
C GLU P 154 33.01 20.37 11.54
N VAL P 155 33.55 19.37 12.24
CA VAL P 155 34.14 18.27 11.51
C VAL P 155 33.10 17.32 10.95
N ALA P 156 31.99 17.15 11.63
CA ALA P 156 30.91 16.32 11.20
C ALA P 156 30.24 16.95 10.00
N ARG P 157 30.13 18.27 10.00
CA ARG P 157 29.56 19.01 8.91
C ARG P 157 30.52 18.94 7.78
N LYS P 158 31.81 19.16 8.07
CA LYS P 158 32.82 19.06 7.06
C LYS P 158 32.87 17.65 6.59
N LEU P 159 32.62 16.68 7.45
CA LEU P 159 32.61 15.32 7.00
C LEU P 159 31.48 15.17 6.04
N VAL P 160 30.31 15.70 6.33
CA VAL P 160 29.23 15.59 5.38
C VAL P 160 29.59 16.26 4.08
N ILE P 161 30.23 17.42 4.15
CA ILE P 161 30.62 18.12 2.93
C ILE P 161 31.66 17.32 2.18
N ILE P 162 32.65 16.82 2.88
CA ILE P 162 33.73 16.02 2.38
C ILE P 162 33.23 14.67 1.92
N GLU P 163 32.27 14.07 2.64
CA GLU P 163 31.64 12.84 2.21
C GLU P 163 30.85 13.13 0.99
N SER P 164 30.17 14.27 0.94
CA SER P 164 29.40 14.59 -0.23
C SER P 164 30.37 14.80 -1.35
N ASP P 165 31.49 15.45 -1.09
CA ASP P 165 32.46 15.67 -2.11
C ASP P 165 33.05 14.35 -2.50
N LEU P 166 33.23 13.44 -1.55
CA LEU P 166 33.76 12.13 -1.84
C LEU P 166 32.80 11.39 -2.71
N GLU P 167 31.53 11.44 -2.38
CA GLU P 167 30.53 10.77 -3.14
C GLU P 167 30.47 11.31 -4.53
N ARG P 168 30.62 12.63 -4.70
CA ARG P 168 30.59 13.17 -6.03
C ARG P 168 31.91 13.00 -6.71
N ALA P 169 33.01 12.95 -5.98
CA ALA P 169 34.29 12.73 -6.59
C ALA P 169 34.35 11.30 -7.06
N GLU P 170 33.78 10.40 -6.28
CA GLU P 170 33.70 9.01 -6.64
C GLU P 170 32.70 8.92 -7.74
N GLU P 171 31.61 9.69 -7.67
CA GLU P 171 30.64 9.66 -8.74
C GLU P 171 31.34 10.08 -9.99
N ARG P 172 32.17 11.12 -9.94
CA ARG P 172 32.90 11.52 -11.12
C ARG P 172 33.82 10.42 -11.55
N ALA P 173 34.48 9.75 -10.61
CA ALA P 173 35.34 8.65 -11.01
C ALA P 173 34.52 7.56 -11.69
N GLU P 174 33.29 7.33 -11.22
CA GLU P 174 32.37 6.34 -11.76
C GLU P 174 31.77 6.78 -13.08
N LEU P 175 31.50 8.07 -13.23
CA LEU P 175 30.96 8.63 -14.45
C LEU P 175 32.03 8.59 -15.48
N SER P 176 33.25 8.90 -15.04
CA SER P 176 34.42 8.88 -15.87
C SER P 176 34.75 7.45 -16.16
N GLU P 177 34.56 6.55 -15.21
CA GLU P 177 34.77 5.13 -15.44
C GLU P 177 33.75 4.63 -16.44
N GLY P 178 32.52 5.10 -16.31
CA GLY P 178 31.45 4.75 -17.21
C GLY P 178 31.84 5.21 -18.60
N LYS P 179 32.20 6.48 -18.74
CA LYS P 179 32.61 7.04 -20.01
C LYS P 179 33.83 6.33 -20.51
N CYS P 180 34.74 6.01 -19.61
CA CYS P 180 35.96 5.34 -19.94
C CYS P 180 35.62 4.02 -20.55
N ALA P 181 34.75 3.26 -19.90
CA ALA P 181 34.36 1.97 -20.42
C ALA P 181 33.70 2.13 -21.75
N GLU P 182 32.87 3.17 -21.93
CA GLU P 182 32.22 3.35 -23.21
C GLU P 182 33.25 3.67 -24.27
N LEU P 183 34.22 4.51 -23.91
CA LEU P 183 35.28 4.92 -24.80
C LEU P 183 36.21 3.77 -25.10
N GLU P 184 36.41 2.90 -24.12
CA GLU P 184 37.27 1.74 -24.23
C GLU P 184 36.62 0.75 -25.17
N GLU P 185 35.30 0.58 -25.01
CA GLU P 185 34.51 -0.29 -25.86
C GLU P 185 34.45 0.27 -27.25
N GLU P 186 34.35 1.60 -27.36
CA GLU P 186 34.35 2.29 -28.63
C GLU P 186 35.73 2.25 -29.20
N LEU P 187 36.76 2.33 -28.37
CA LEU P 187 38.10 2.30 -28.91
C LEU P 187 38.32 0.96 -29.52
N LYS P 188 37.90 -0.10 -28.82
CA LYS P 188 38.05 -1.41 -29.39
C LYS P 188 37.14 -1.61 -30.57
N THR P 189 35.91 -1.13 -30.51
CA THR P 189 34.98 -1.31 -31.61
C THR P 189 35.45 -0.58 -32.83
N VAL P 190 35.89 0.65 -32.67
CA VAL P 190 36.36 1.46 -33.76
C VAL P 190 37.66 0.93 -34.26
N THR P 191 38.58 0.55 -33.37
CA THR P 191 39.85 0.00 -33.77
C THR P 191 39.58 -1.29 -34.51
N ASN P 192 38.66 -2.10 -34.02
CA ASN P 192 38.35 -3.36 -34.66
C ASN P 192 37.66 -3.12 -35.98
N ASN P 193 36.84 -2.07 -36.05
CA ASN P 193 36.21 -1.73 -37.30
C ASN P 193 37.26 -1.17 -38.23
N LEU P 194 38.27 -0.51 -37.66
CA LEU P 194 39.35 0.03 -38.45
C LEU P 194 40.08 -1.14 -39.03
N LYS P 195 40.39 -2.15 -38.21
CA LYS P 195 41.09 -3.34 -38.64
C LYS P 195 40.26 -4.06 -39.68
N SER P 196 38.94 -4.07 -39.50
CA SER P 196 38.06 -4.68 -40.47
C SER P 196 38.24 -3.90 -41.75
N LEU P 197 38.25 -2.57 -41.67
CA LEU P 197 38.45 -1.67 -42.79
C LEU P 197 39.87 -1.63 -43.30
N GLU P 198 40.85 -2.01 -42.50
CA GLU P 198 42.20 -2.07 -43.00
C GLU P 198 42.18 -3.25 -43.93
N ALA P 199 41.57 -4.32 -43.45
CA ALA P 199 41.44 -5.52 -44.23
C ALA P 199 40.50 -5.30 -45.38
N GLN P 200 39.42 -4.56 -45.20
CA GLN P 200 38.49 -4.35 -46.30
C GLN P 200 39.08 -3.42 -47.29
N ALA P 201 39.77 -2.37 -46.87
CA ALA P 201 40.35 -1.45 -47.78
C ALA P 201 41.33 -2.23 -48.62
N GLU P 202 42.05 -3.17 -47.99
CA GLU P 202 42.95 -4.02 -48.71
C GLU P 202 42.17 -4.97 -49.61
N LYS P 203 41.06 -5.54 -49.15
CA LYS P 203 40.30 -6.43 -50.00
C LYS P 203 39.75 -5.68 -51.19
N TYR P 204 39.36 -4.43 -50.99
CA TYR P 204 38.81 -3.61 -52.05
C TYR P 204 39.94 -3.21 -52.99
N SER P 205 41.14 -2.99 -52.44
CA SER P 205 42.34 -2.70 -53.22
C SER P 205 42.64 -3.91 -54.07
N GLN P 206 42.50 -5.08 -53.46
CA GLN P 206 42.71 -6.32 -54.14
C GLN P 206 41.64 -6.44 -55.19
N LYS P 207 40.41 -6.05 -54.90
CA LYS P 207 39.38 -6.08 -55.91
C LYS P 207 39.75 -5.11 -57.01
N GLU P 208 40.36 -3.99 -56.67
CA GLU P 208 40.80 -3.05 -57.70
C GLU P 208 41.79 -3.72 -58.66
N ASP P 209 42.67 -4.55 -58.09
CA ASP P 209 43.70 -5.29 -58.84
C ASP P 209 43.15 -6.54 -59.53
N ARG P 210 42.20 -7.20 -58.89
CA ARG P 210 41.56 -8.41 -59.39
C ARG P 210 40.67 -8.00 -60.50
N TYR P 211 40.08 -6.82 -60.32
CA TYR P 211 39.18 -6.25 -61.30
C TYR P 211 40.00 -5.73 -62.45
N GLU P 212 41.18 -5.20 -62.15
CA GLU P 212 42.02 -4.72 -63.21
C GLU P 212 42.46 -5.91 -63.99
N GLU P 213 42.69 -7.04 -63.31
CA GLU P 213 43.03 -8.22 -64.05
C GLU P 213 41.82 -8.70 -64.84
N GLU P 214 40.60 -8.65 -64.30
CA GLU P 214 39.46 -9.06 -65.11
C GLU P 214 39.29 -8.14 -66.30
N ILE P 215 39.59 -6.89 -66.12
CA ILE P 215 39.51 -5.92 -67.17
C ILE P 215 40.55 -6.27 -68.17
N LYS P 216 41.77 -6.59 -67.73
CA LYS P 216 42.84 -6.99 -68.61
C LYS P 216 42.49 -8.27 -69.36
N VAL P 217 41.83 -9.20 -68.69
CA VAL P 217 41.44 -10.44 -69.30
C VAL P 217 40.41 -10.19 -70.35
N LEU P 218 39.42 -9.37 -70.02
CA LEU P 218 38.38 -9.05 -70.94
C LEU P 218 38.93 -8.16 -72.02
N SER P 219 39.92 -7.32 -71.70
CA SER P 219 40.57 -6.44 -72.64
C SER P 219 41.33 -7.27 -73.61
N ASP P 220 42.03 -8.30 -73.15
CA ASP P 220 42.76 -9.13 -74.09
C ASP P 220 41.77 -9.93 -74.89
N LYS P 221 40.71 -10.44 -74.25
CA LYS P 221 39.68 -11.17 -74.94
C LYS P 221 38.99 -10.26 -75.93
N LEU P 222 38.82 -8.99 -75.56
CA LEU P 222 38.20 -8.00 -76.40
C LEU P 222 39.09 -7.69 -77.54
N LYS P 223 40.37 -7.47 -77.31
CA LYS P 223 41.25 -7.19 -78.39
C LYS P 223 41.25 -8.35 -79.33
N GLU P 224 41.19 -9.57 -78.80
CA GLU P 224 41.11 -10.74 -79.64
C GLU P 224 39.76 -10.81 -80.32
N ALA P 225 38.67 -10.48 -79.62
CA ALA P 225 37.33 -10.47 -80.20
C ALA P 225 37.20 -9.36 -81.21
N GLU P 226 37.86 -8.24 -80.95
CA GLU P 226 37.85 -7.14 -81.89
C GLU P 226 38.76 -7.51 -83.02
N THR P 227 39.83 -8.24 -82.73
CA THR P 227 40.67 -8.66 -83.81
C THR P 227 39.86 -9.58 -84.67
N ARG P 228 39.12 -10.51 -84.08
CA ARG P 228 38.30 -11.42 -84.85
C ARG P 228 37.19 -10.69 -85.56
N ALA P 229 36.54 -9.74 -84.88
CA ALA P 229 35.47 -9.01 -85.52
C ALA P 229 35.99 -8.15 -86.64
N GLU P 230 37.14 -7.50 -86.43
CA GLU P 230 37.74 -6.64 -87.43
C GLU P 230 38.46 -7.46 -88.45
N PHE P 231 39.04 -8.57 -88.06
CA PHE P 231 39.68 -9.45 -89.00
C PHE P 231 38.66 -9.92 -89.94
N ALA P 232 37.59 -10.41 -89.35
CA ALA P 232 36.51 -10.91 -90.11
C ALA P 232 35.83 -9.78 -90.85
N GLU P 233 35.79 -8.58 -90.30
CA GLU P 233 35.16 -7.50 -91.03
C GLU P 233 36.02 -7.13 -92.24
N ARG P 234 37.33 -7.13 -92.06
CA ARG P 234 38.21 -6.85 -93.16
C ARG P 234 38.12 -7.96 -94.18
N SER P 235 38.03 -9.20 -93.67
CA SER P 235 37.94 -10.35 -94.51
C SER P 235 36.60 -10.40 -95.17
N VAL P 236 35.54 -10.01 -94.47
CA VAL P 236 34.25 -10.10 -95.08
C VAL P 236 34.21 -9.03 -96.12
N THR P 237 34.86 -7.89 -95.87
CA THR P 237 34.89 -6.84 -96.87
C THR P 237 35.54 -7.39 -98.12
N LYS P 238 36.65 -8.10 -97.97
CA LYS P 238 37.30 -8.68 -99.11
C LYS P 238 36.41 -9.69 -99.80
N LEU P 239 35.67 -10.47 -99.02
CA LEU P 239 34.76 -11.45 -99.57
C LEU P 239 33.60 -10.79 -100.27
N GLU P 240 33.11 -9.69 -99.73
CA GLU P 240 32.04 -8.94 -100.35
C GLU P 240 32.53 -8.42 -101.67
N LYS P 241 33.79 -7.98 -101.70
CA LYS P 241 34.38 -7.54 -102.95
C LYS P 241 34.49 -8.74 -103.86
N SER P 242 34.86 -9.90 -103.32
CA SER P 242 34.95 -11.07 -104.16
C SER P 242 33.59 -11.35 -104.73
N ILE P 243 32.51 -11.18 -103.95
CA ILE P 243 31.19 -11.41 -104.50
C ILE P 243 30.90 -10.39 -105.54
N ASP P 244 31.17 -9.11 -105.30
CA ASP P 244 30.84 -8.15 -106.33
C ASP P 244 31.56 -8.47 -107.62
N ASP P 245 32.81 -8.91 -107.51
CA ASP P 245 33.59 -9.23 -108.68
C ASP P 245 33.07 -10.50 -109.29
N LEU P 246 32.69 -11.42 -108.44
CA LEU P 246 32.25 -12.73 -108.84
C LEU P 246 30.96 -12.59 -109.59
N GLU P 247 30.08 -11.73 -109.11
CA GLU P 247 28.82 -11.55 -109.77
C GLU P 247 29.08 -10.86 -111.08
N ASP P 248 29.99 -9.90 -111.13
CA ASP P 248 30.26 -9.30 -112.42
C ASP P 248 30.83 -10.34 -113.37
N GLU P 249 31.67 -11.25 -112.87
CA GLU P 249 32.19 -12.31 -113.71
C GLU P 249 31.07 -13.21 -114.14
N LEU P 250 30.11 -13.46 -113.25
CA LEU P 250 28.99 -14.34 -113.48
C LEU P 250 28.14 -13.76 -114.55
N TYR P 251 27.97 -12.46 -114.49
CA TYR P 251 27.17 -11.80 -115.44
C TYR P 251 27.92 -11.87 -116.71
N ALA P 252 29.22 -11.68 -116.70
CA ALA P 252 29.91 -11.82 -117.95
C ALA P 252 29.74 -13.23 -118.48
N GLN P 253 29.71 -14.24 -117.62
CA GLN P 253 29.62 -15.57 -118.19
C GLN P 253 28.24 -15.73 -118.78
N LYS P 254 27.22 -15.26 -118.07
CA LYS P 254 25.86 -15.40 -118.50
C LYS P 254 25.54 -14.58 -119.69
N LEU P 255 26.06 -13.37 -119.73
CA LEU P 255 25.83 -12.42 -120.79
C LEU P 255 26.56 -12.82 -122.02
N LYS P 256 27.77 -13.35 -121.86
CA LYS P 256 28.49 -13.77 -123.03
C LYS P 256 27.87 -15.05 -123.50
N TYR P 257 27.47 -15.92 -122.59
CA TYR P 257 26.85 -17.15 -122.97
C TYR P 257 25.57 -16.90 -123.67
N LYS P 258 24.75 -16.05 -123.07
CA LYS P 258 23.50 -15.67 -123.62
C LYS P 258 23.72 -15.06 -124.95
N ALA P 259 24.65 -14.12 -125.05
CA ALA P 259 24.88 -13.49 -126.31
C ALA P 259 25.34 -14.48 -127.35
N ILE P 260 26.16 -15.44 -126.98
CA ILE P 260 26.63 -16.39 -127.96
C ILE P 260 25.56 -17.39 -128.34
N SER P 261 24.85 -17.94 -127.37
CA SER P 261 23.84 -18.91 -127.69
C SER P 261 22.74 -18.26 -128.49
N GLU P 262 22.37 -17.04 -128.13
CA GLU P 262 21.33 -16.35 -128.84
C GLU P 262 21.82 -15.79 -130.15
N GLU P 263 23.06 -15.30 -130.23
CA GLU P 263 23.47 -14.76 -131.51
C GLU P 263 23.53 -15.91 -132.46
N LEU P 264 23.83 -17.12 -131.99
CA LEU P 264 23.78 -18.21 -132.92
C LEU P 264 22.40 -18.66 -133.20
N ASP P 265 21.49 -18.71 -132.22
CA ASP P 265 20.17 -19.17 -132.59
C ASP P 265 19.61 -18.24 -133.62
N HIS P 266 19.84 -16.95 -133.45
CA HIS P 266 19.30 -16.03 -134.40
C HIS P 266 20.13 -15.99 -135.66
N ALA P 267 21.46 -16.08 -135.57
CA ALA P 267 22.21 -16.04 -136.80
C ALA P 267 21.84 -17.21 -137.66
N LEU P 268 21.68 -18.39 -137.08
CA LEU P 268 21.31 -19.54 -137.86
C LEU P 268 19.85 -19.54 -138.28
N ASN P 269 18.96 -18.92 -137.49
CA ASN P 269 17.55 -18.87 -137.86
C ASN P 269 17.32 -17.89 -139.01
N ASP P 270 18.12 -16.82 -139.09
CA ASP P 270 17.98 -15.90 -140.21
C ASP P 270 18.89 -16.33 -141.35
N MET P 271 20.11 -16.75 -141.03
CA MET P 271 21.06 -17.18 -142.04
C MET P 271 20.83 -18.64 -142.33
N THR P 272 19.71 -18.95 -142.94
CA THR P 272 19.40 -20.34 -143.24
C THR P 272 19.69 -20.67 -144.67
N SER P 273 19.68 -19.68 -145.52
CA SER P 273 19.90 -19.92 -146.93
C SER P 273 21.37 -19.84 -147.28
N ILE P 274 22.16 -20.75 -146.70
CA ILE P 274 23.62 -20.93 -146.76
C ILE P 274 24.21 -20.81 -145.38
N LEU Q 1 -28.09 22.54 213.68
CA LEU Q 1 -28.15 21.16 213.20
C LEU Q 1 -29.53 20.72 212.72
N LYS Q 2 -30.60 21.11 213.43
CA LYS Q 2 -31.95 20.62 213.13
C LYS Q 2 -32.36 20.68 211.67
N LEU Q 3 -32.10 21.80 211.04
CA LEU Q 3 -32.45 21.97 209.65
C LEU Q 3 -31.22 21.99 208.80
N ASP Q 4 -30.07 21.62 209.35
CA ASP Q 4 -28.85 21.77 208.60
C ASP Q 4 -28.61 20.60 207.71
N LYS Q 5 -29.20 19.46 208.03
CA LYS Q 5 -29.02 18.38 207.09
C LYS Q 5 -29.89 18.73 205.93
N GLU Q 6 -31.01 19.43 206.20
CA GLU Q 6 -31.92 19.85 205.18
C GLU Q 6 -31.32 21.01 204.39
N ASN Q 7 -30.61 21.91 205.06
CA ASN Q 7 -30.05 23.03 204.34
C ASN Q 7 -28.92 22.53 203.48
N ALA Q 8 -28.12 21.62 204.03
CA ALA Q 8 -27.03 21.03 203.31
C ALA Q 8 -27.57 20.13 202.23
N LEU Q 9 -28.66 19.42 202.49
CA LEU Q 9 -29.18 18.54 201.48
C LEU Q 9 -29.79 19.33 200.38
N ASP Q 10 -30.50 20.41 200.70
CA ASP Q 10 -31.09 21.21 199.66
C ASP Q 10 -29.98 21.85 198.87
N ARG Q 11 -28.88 22.23 199.53
CA ARG Q 11 -27.77 22.80 198.82
C ARG Q 11 -27.16 21.73 197.96
N ALA Q 12 -27.03 20.50 198.47
CA ALA Q 12 -26.46 19.42 197.70
C ALA Q 12 -27.29 19.08 196.50
N GLU Q 13 -28.61 19.07 196.67
CA GLU Q 13 -29.52 18.72 195.61
C GLU Q 13 -29.63 19.85 194.62
N GLN Q 14 -29.60 21.09 195.09
CA GLN Q 14 -29.66 22.20 194.17
C GLN Q 14 -28.36 22.29 193.42
N ALA Q 15 -27.25 22.09 194.11
CA ALA Q 15 -25.97 22.12 193.49
C ALA Q 15 -25.86 20.95 192.54
N GLU Q 16 -26.41 19.78 192.88
CA GLU Q 16 -26.35 18.63 192.00
C GLU Q 16 -27.21 18.90 190.77
N ALA Q 17 -28.38 19.53 190.95
CA ALA Q 17 -29.23 19.86 189.82
C ALA Q 17 -28.56 20.84 188.87
N ASP Q 18 -27.84 21.82 189.44
CA ASP Q 18 -27.14 22.80 188.64
C ASP Q 18 -25.88 22.20 188.06
N LYS Q 19 -25.26 21.32 188.82
CA LYS Q 19 -24.06 20.64 188.38
C LYS Q 19 -24.42 19.87 187.18
N LYS Q 20 -25.52 19.13 187.25
CA LYS Q 20 -25.93 18.32 186.13
C LYS Q 20 -26.27 19.21 184.97
N ALA Q 21 -27.02 20.29 185.18
CA ALA Q 21 -27.32 21.11 184.02
C ALA Q 21 -26.03 21.61 183.38
N ALA Q 22 -25.06 21.98 184.22
CA ALA Q 22 -23.79 22.46 183.77
C ALA Q 22 -22.88 21.34 183.26
N GLU Q 23 -23.04 20.12 183.76
CA GLU Q 23 -22.23 18.99 183.34
C GLU Q 23 -22.75 18.54 182.00
N ASP Q 24 -24.06 18.62 181.81
CA ASP Q 24 -24.67 18.29 180.55
C ASP Q 24 -24.24 19.37 179.59
N ARG Q 25 -24.20 20.65 180.02
CA ARG Q 25 -23.71 21.67 179.12
C ARG Q 25 -22.26 21.40 178.83
N SER Q 26 -21.47 20.99 179.82
CA SER Q 26 -20.08 20.71 179.57
C SER Q 26 -19.96 19.63 178.52
N LYS Q 27 -20.75 18.56 178.62
CA LYS Q 27 -20.66 17.51 177.62
C LYS Q 27 -21.11 18.02 176.26
N GLN Q 28 -22.18 18.81 176.21
CA GLN Q 28 -22.69 19.32 174.95
C GLN Q 28 -21.70 20.25 174.29
N LEU Q 29 -21.07 21.09 175.10
CA LEU Q 29 -20.12 22.07 174.66
C LEU Q 29 -18.85 21.39 174.25
N GLU Q 30 -18.45 20.34 174.96
CA GLU Q 30 -17.26 19.60 174.61
C GLU Q 30 -17.50 18.84 173.34
N ASP Q 31 -18.68 18.23 173.19
CA ASP Q 31 -18.91 17.50 171.96
C ASP Q 31 -18.99 18.47 170.81
N GLU Q 32 -19.61 19.64 171.03
CA GLU Q 32 -19.64 20.61 169.97
C GLU Q 32 -18.25 21.13 169.72
N LEU Q 33 -17.44 21.31 170.76
CA LEU Q 33 -16.09 21.83 170.63
C LEU Q 33 -15.25 20.89 169.85
N VAL Q 34 -15.33 19.61 170.17
CA VAL Q 34 -14.54 18.62 169.47
C VAL Q 34 -15.00 18.50 168.05
N SER Q 35 -16.32 18.46 167.81
CA SER Q 35 -16.79 18.37 166.45
C SER Q 35 -16.43 19.63 165.70
N LEU Q 36 -16.50 20.77 166.37
CA LEU Q 36 -16.23 22.07 165.80
C LEU Q 36 -14.75 22.16 165.50
N GLN Q 37 -13.93 21.62 166.40
CA GLN Q 37 -12.51 21.57 166.24
C GLN Q 37 -12.17 20.64 165.10
N LYS Q 38 -12.92 19.55 164.96
CA LYS Q 38 -12.71 18.67 163.85
C LYS Q 38 -13.14 19.38 162.57
N LYS Q 39 -14.21 20.19 162.63
CA LYS Q 39 -14.62 20.98 161.48
C LYS Q 39 -13.54 21.98 161.18
N LEU Q 40 -12.93 22.54 162.24
CA LEU Q 40 -11.86 23.51 162.12
C LEU Q 40 -10.71 22.88 161.43
N LYS Q 41 -10.35 21.69 161.86
CA LYS Q 41 -9.24 20.97 161.28
C LYS Q 41 -9.63 20.47 159.92
N GLY Q 42 -10.88 20.18 159.71
CA GLY Q 42 -11.37 19.78 158.42
C GLY Q 42 -11.10 20.91 157.46
N THR Q 43 -11.53 22.12 157.84
CA THR Q 43 -11.34 23.28 157.01
C THR Q 43 -9.87 23.69 156.98
N GLU Q 44 -9.12 23.54 158.07
CA GLU Q 44 -7.71 23.89 158.11
C GLU Q 44 -6.95 22.98 157.16
N ASP Q 45 -7.33 21.70 157.13
CA ASP Q 45 -6.73 20.73 156.24
C ASP Q 45 -7.08 21.17 154.84
N GLU Q 46 -8.32 21.59 154.63
CA GLU Q 46 -8.70 22.10 153.34
C GLU Q 46 -7.98 23.41 153.03
N LEU Q 47 -7.68 24.25 154.03
CA LEU Q 47 -6.99 25.50 153.72
C LEU Q 47 -5.69 25.13 153.12
N ASP Q 48 -5.05 24.11 153.69
CA ASP Q 48 -3.78 23.70 153.14
C ASP Q 48 -3.97 23.06 151.79
N LYS Q 49 -5.02 22.29 151.58
CA LYS Q 49 -5.21 21.69 150.26
C LYS Q 49 -5.45 22.74 149.22
N TYR Q 50 -6.19 23.79 149.56
CA TYR Q 50 -6.48 24.85 148.64
C TYR Q 50 -5.28 25.75 148.49
N SER Q 51 -4.51 25.92 149.58
CA SER Q 51 -3.29 26.73 149.59
C SER Q 51 -2.27 26.07 148.71
N GLU Q 52 -2.18 24.74 148.81
CA GLU Q 52 -1.27 23.95 148.02
C GLU Q 52 -1.77 23.93 146.59
N ALA Q 53 -3.06 23.72 146.41
CA ALA Q 53 -3.60 23.74 145.08
C ALA Q 53 -3.42 25.11 144.49
N LEU Q 54 -3.52 26.15 145.32
CA LEU Q 54 -3.33 27.53 144.92
C LEU Q 54 -1.92 27.85 144.60
N LYS Q 55 -0.96 27.42 145.42
CA LYS Q 55 0.39 27.77 145.06
C LYS Q 55 0.72 27.03 143.80
N ASP Q 56 0.14 25.85 143.61
CA ASP Q 56 0.41 25.08 142.42
C ASP Q 56 -0.34 25.65 141.25
N ALA Q 57 -1.58 26.09 141.45
CA ALA Q 57 -2.33 26.66 140.34
C ALA Q 57 -1.69 27.96 139.94
N GLN Q 58 -1.24 28.73 140.92
CA GLN Q 58 -0.60 29.99 140.67
C GLN Q 58 0.77 29.79 140.08
N GLU Q 59 1.52 28.77 140.51
CA GLU Q 59 2.83 28.52 139.94
C GLU Q 59 2.65 27.99 138.55
N LYS Q 60 1.69 27.11 138.36
CA LYS Q 60 1.40 26.58 137.06
C LYS Q 60 0.92 27.72 136.22
N LEU Q 61 0.19 28.67 136.78
CA LEU Q 61 -0.23 29.85 136.06
C LEU Q 61 0.95 30.68 135.67
N GLU Q 62 1.91 30.87 136.55
CA GLU Q 62 3.04 31.66 136.14
C GLU Q 62 3.77 30.92 135.03
N LEU Q 63 3.83 29.59 135.14
CA LEU Q 63 4.50 28.76 134.15
C LEU Q 63 3.67 28.54 132.92
N ALA Q 64 2.35 28.52 133.04
CA ALA Q 64 1.45 28.33 131.91
C ALA Q 64 1.38 29.62 131.16
N GLU Q 65 1.44 30.72 131.90
CA GLU Q 65 1.43 32.02 131.29
C GLU Q 65 2.79 32.19 130.68
N LYS Q 66 3.85 31.72 131.34
CA LYS Q 66 5.16 31.80 130.76
C LYS Q 66 5.17 30.94 129.53
N LYS Q 67 4.67 29.72 129.63
CA LYS Q 67 4.62 28.81 128.50
C LYS Q 67 3.81 29.43 127.40
N ALA Q 68 2.71 30.10 127.76
CA ALA Q 68 1.87 30.77 126.79
C ALA Q 68 2.61 31.91 126.17
N THR Q 69 3.40 32.60 126.97
CA THR Q 69 4.20 33.73 126.53
C THR Q 69 5.27 33.24 125.62
N ASP Q 70 5.87 32.10 125.97
CA ASP Q 70 6.94 31.52 125.20
C ASP Q 70 6.36 30.93 123.95
N ALA Q 71 5.20 30.30 124.05
CA ALA Q 71 4.53 29.72 122.91
C ALA Q 71 4.06 30.82 122.01
N GLU Q 72 3.60 31.93 122.59
CA GLU Q 72 3.16 33.05 121.81
C GLU Q 72 4.37 33.74 121.24
N ALA Q 73 5.47 33.79 122.00
CA ALA Q 73 6.70 34.36 121.53
C ALA Q 73 7.20 33.53 120.39
N ASP Q 74 7.01 32.20 120.47
CA ASP Q 74 7.38 31.35 119.38
C ASP Q 74 6.44 31.62 118.27
N VAL Q 75 5.15 31.83 118.54
CA VAL Q 75 4.29 32.15 117.42
C VAL Q 75 4.78 33.43 116.78
N ALA Q 76 5.14 34.44 117.56
CA ALA Q 76 5.63 35.69 117.00
C ALA Q 76 6.93 35.50 116.22
N SER Q 77 7.85 34.67 116.73
CA SER Q 77 9.12 34.41 116.05
C SER Q 77 8.84 33.65 114.79
N LEU Q 78 7.86 32.79 114.88
CA LEU Q 78 7.43 31.97 113.82
C LEU Q 78 6.58 32.76 112.85
N ASN Q 79 5.90 33.83 113.31
CA ASN Q 79 5.12 34.67 112.41
C ASN Q 79 6.13 35.37 111.57
N ARG Q 80 7.26 35.73 112.19
CA ARG Q 80 8.34 36.34 111.46
C ARG Q 80 8.94 35.31 110.53
N ARG Q 81 9.12 34.06 110.99
CA ARG Q 81 9.66 33.07 110.09
C ARG Q 81 8.72 32.90 108.91
N ILE Q 82 7.39 32.93 109.13
CA ILE Q 82 6.45 32.88 108.02
C ILE Q 82 6.56 34.06 107.15
N GLN Q 83 6.59 35.25 107.69
CA GLN Q 83 6.60 36.34 106.75
C GLN Q 83 7.89 36.32 105.95
N LEU Q 84 8.98 35.95 106.59
CA LEU Q 84 10.25 35.93 105.91
C LEU Q 84 10.32 34.82 104.89
N VAL Q 85 9.82 33.63 105.23
CA VAL Q 85 9.89 32.51 104.31
C VAL Q 85 8.82 32.64 103.24
N GLU Q 86 7.70 33.25 103.62
CA GLU Q 86 6.59 33.46 102.70
C GLU Q 86 7.05 34.41 101.62
N GLU Q 87 7.70 35.50 102.03
CA GLU Q 87 8.21 36.43 101.06
C GLU Q 87 9.30 35.77 100.26
N GLU Q 88 10.17 34.97 100.91
CA GLU Q 88 11.20 34.31 100.14
C GLU Q 88 10.59 33.33 99.19
N LEU Q 89 9.50 32.68 99.55
CA LEU Q 89 8.85 31.79 98.62
C LEU Q 89 8.24 32.57 97.49
N ASP Q 90 7.57 33.69 97.74
CA ASP Q 90 7.00 34.43 96.63
C ASP Q 90 8.12 34.88 95.71
N ARG Q 91 9.25 35.23 96.30
CA ARG Q 91 10.41 35.67 95.56
C ARG Q 91 11.03 34.50 94.84
N ALA Q 92 11.07 33.32 95.46
CA ALA Q 92 11.62 32.12 94.87
C ALA Q 92 10.78 31.68 93.72
N GLN Q 93 9.46 31.85 93.84
CA GLN Q 93 8.54 31.51 92.79
C GLN Q 93 8.75 32.47 91.65
N GLU Q 94 9.04 33.73 91.97
CA GLU Q 94 9.34 34.71 90.94
C GLU Q 94 10.70 34.41 90.32
N ARG Q 95 11.69 33.97 91.13
CA ARG Q 95 13.01 33.61 90.64
C ARG Q 95 12.90 32.39 89.76
N LEU Q 96 12.05 31.47 90.16
CA LEU Q 96 11.80 30.26 89.44
C LEU Q 96 11.11 30.61 88.16
N ALA Q 97 10.09 31.47 88.23
CA ALA Q 97 9.41 31.89 87.04
C ALA Q 97 10.38 32.59 86.15
N THR Q 98 11.29 33.38 86.71
CA THR Q 98 12.26 34.11 85.94
C THR Q 98 13.19 33.15 85.25
N ALA Q 99 13.70 32.15 85.96
CA ALA Q 99 14.61 31.20 85.37
C ALA Q 99 13.91 30.44 84.26
N LEU Q 100 12.64 30.12 84.49
CA LEU Q 100 11.84 29.40 83.54
C LEU Q 100 11.48 30.28 82.35
N GLN Q 101 11.24 31.56 82.57
CA GLN Q 101 10.95 32.49 81.49
C GLN Q 101 12.20 32.69 80.69
N LYS Q 102 13.35 32.74 81.35
CA LYS Q 102 14.61 32.86 80.67
C LYS Q 102 14.82 31.59 79.90
N LEU Q 103 14.42 30.45 80.46
CA LEU Q 103 14.53 29.15 79.83
C LEU Q 103 13.67 29.20 78.61
N GLU Q 104 12.45 29.72 78.72
CA GLU Q 104 11.58 29.78 77.58
C GLU Q 104 12.18 30.65 76.52
N GLU Q 105 12.80 31.78 76.89
CA GLU Q 105 13.41 32.66 75.92
C GLU Q 105 14.67 32.06 75.34
N ALA Q 106 15.45 31.36 76.15
CA ALA Q 106 16.68 30.72 75.73
C ALA Q 106 16.37 29.54 74.86
N GLU Q 107 15.32 28.80 75.24
CA GLU Q 107 14.88 27.65 74.47
C GLU Q 107 14.29 28.19 73.18
N LYS Q 108 13.53 29.27 73.29
CA LYS Q 108 12.96 29.90 72.13
C LYS Q 108 14.08 30.37 71.26
N ALA Q 109 15.14 30.93 71.86
CA ALA Q 109 16.29 31.35 71.10
C ALA Q 109 16.89 30.13 70.45
N ALA Q 110 16.91 29.00 71.16
CA ALA Q 110 17.42 27.77 70.60
C ALA Q 110 16.57 27.33 69.45
N ASP Q 111 15.26 27.53 69.55
CA ASP Q 111 14.34 27.12 68.52
C ASP Q 111 14.46 28.04 67.35
N GLU Q 112 14.67 29.32 67.60
CA GLU Q 112 14.82 30.31 66.56
C GLU Q 112 16.14 30.06 65.90
N SER Q 113 17.12 29.70 66.70
CA SER Q 113 18.43 29.41 66.22
C SER Q 113 18.33 28.14 65.40
N GLU Q 114 17.52 27.15 65.84
CA GLU Q 114 17.34 25.97 65.01
C GLU Q 114 16.56 26.34 63.77
N ARG Q 115 15.57 27.22 63.85
CA ARG Q 115 14.84 27.59 62.65
C ARG Q 115 15.77 28.25 61.67
N GLY Q 116 16.68 29.10 62.16
CA GLY Q 116 17.65 29.74 61.31
C GLY Q 116 18.49 28.65 60.70
N MET Q 117 18.93 27.73 61.56
CA MET Q 117 19.77 26.59 61.25
C MET Q 117 19.10 25.68 60.26
N LYS Q 118 17.79 25.51 60.36
CA LYS Q 118 17.08 24.63 59.47
C LYS Q 118 16.94 25.31 58.14
N VAL Q 119 16.85 26.62 58.11
CA VAL Q 119 16.82 27.27 56.82
C VAL Q 119 18.20 27.11 56.19
N ILE Q 120 19.27 27.35 56.94
CA ILE Q 120 20.61 27.17 56.42
C ILE Q 120 21.05 25.72 56.31
N GLU Q 121 20.47 24.82 57.09
CA GLU Q 121 20.75 23.41 56.94
C GLU Q 121 20.05 22.99 55.70
N SER Q 122 18.83 23.50 55.49
CA SER Q 122 18.08 23.18 54.31
C SER Q 122 18.80 23.80 53.16
N ARG Q 123 19.40 24.98 53.35
CA ARG Q 123 20.15 25.62 52.30
C ARG Q 123 21.36 24.80 52.02
N ALA Q 124 22.04 24.30 53.05
CA ALA Q 124 23.18 23.48 52.80
C ALA Q 124 22.74 22.30 51.99
N GLN Q 125 21.58 21.72 52.33
CA GLN Q 125 21.05 20.58 51.62
C GLN Q 125 20.65 20.96 50.22
N LYS Q 126 20.08 22.13 50.01
CA LYS Q 126 19.72 22.53 48.67
C LYS Q 126 20.99 22.65 47.87
N ASP Q 127 22.04 23.18 48.49
CA ASP Q 127 23.32 23.32 47.83
C ASP Q 127 24.00 21.97 47.69
N GLU Q 128 23.78 21.04 48.62
CA GLU Q 128 24.35 19.70 48.51
C GLU Q 128 23.68 19.02 47.34
N GLU Q 129 22.37 19.21 47.22
CA GLU Q 129 21.61 18.61 46.15
C GLU Q 129 21.99 19.23 44.85
N LYS Q 130 22.15 20.55 44.83
CA LYS Q 130 22.54 21.21 43.62
C LYS Q 130 23.93 20.81 43.29
N MET Q 131 24.79 20.68 44.29
CA MET Q 131 26.16 20.27 44.07
C MET Q 131 26.18 18.91 43.45
N GLU Q 132 25.40 17.96 43.98
CA GLU Q 132 25.32 16.61 43.48
C GLU Q 132 24.73 16.56 42.08
N ILE Q 133 23.73 17.41 41.82
CA ILE Q 133 23.13 17.49 40.51
C ILE Q 133 24.15 18.04 39.57
N GLN Q 134 24.85 19.06 40.01
CA GLN Q 134 25.90 19.72 39.27
C GLN Q 134 27.11 18.84 39.12
N GLU Q 135 27.35 17.94 40.08
CA GLU Q 135 28.42 16.99 40.03
C GLU Q 135 28.11 16.00 38.93
N ILE Q 136 26.83 15.60 38.86
CA ILE Q 136 26.36 14.74 37.79
C ILE Q 136 26.45 15.50 36.50
N GLN Q 137 26.00 16.74 36.49
CA GLN Q 137 26.07 17.52 35.30
C GLN Q 137 27.51 17.74 34.92
N LEU Q 138 28.42 17.86 35.89
CA LEU Q 138 29.85 17.95 35.59
C LEU Q 138 30.37 16.69 35.03
N LYS Q 139 30.02 15.53 35.60
CA LYS Q 139 30.61 14.36 34.99
C LYS Q 139 30.02 14.23 33.62
N GLU Q 140 28.76 14.62 33.42
CA GLU Q 140 28.12 14.54 32.12
C GLU Q 140 28.55 15.65 31.19
N ALA Q 141 28.78 16.86 31.70
CA ALA Q 141 29.23 17.98 30.90
C ALA Q 141 30.63 17.69 30.47
N LYS Q 142 31.39 17.06 31.34
CA LYS Q 142 32.73 16.73 31.02
C LYS Q 142 32.71 15.45 30.23
N HIS Q 143 31.74 14.58 30.49
CA HIS Q 143 31.65 13.35 29.74
C HIS Q 143 31.46 13.76 28.33
N ILE Q 144 30.55 14.68 28.07
CA ILE Q 144 30.30 15.22 26.77
C ILE Q 144 31.49 15.99 26.30
N ALA Q 145 32.13 16.77 27.13
CA ALA Q 145 33.29 17.42 26.58
C ALA Q 145 34.23 16.39 25.99
N GLU Q 146 34.41 15.30 26.71
CA GLU Q 146 35.25 14.24 26.28
C GLU Q 146 34.63 13.43 25.17
N ASP Q 147 33.32 13.20 25.23
CA ASP Q 147 32.61 12.36 24.29
C ASP Q 147 32.47 13.08 23.00
N ALA Q 148 32.26 14.37 23.08
CA ALA Q 148 32.16 15.20 21.92
C ALA Q 148 33.53 15.21 21.29
N ASP Q 149 34.60 15.23 22.11
CA ASP Q 149 35.94 15.12 21.56
C ASP Q 149 36.21 13.70 21.06
N ARG Q 150 35.60 12.70 21.69
CA ARG Q 150 35.77 11.32 21.24
C ARG Q 150 35.10 11.19 19.87
N LYS Q 151 33.92 11.79 19.75
CA LYS Q 151 33.15 11.80 18.54
C LYS Q 151 33.83 12.71 17.56
N TYR Q 152 34.44 13.80 18.03
CA TYR Q 152 35.20 14.68 17.19
C TYR Q 152 36.21 13.85 16.53
N GLU Q 153 36.97 13.07 17.30
CA GLU Q 153 37.97 12.27 16.67
C GLU Q 153 37.36 11.20 15.81
N GLU Q 154 36.26 10.59 16.18
CA GLU Q 154 35.73 9.58 15.30
C GLU Q 154 35.32 10.18 13.96
N VAL Q 155 34.65 11.32 14.01
CA VAL Q 155 34.20 12.00 12.80
C VAL Q 155 35.34 12.73 12.10
N ALA Q 156 36.24 13.31 12.90
CA ALA Q 156 37.38 14.04 12.36
C ALA Q 156 38.30 13.07 11.70
N ARG Q 157 38.38 11.86 12.25
CA ARG Q 157 39.18 10.81 11.68
C ARG Q 157 38.53 10.43 10.40
N LYS Q 158 37.19 10.31 10.40
CA LYS Q 158 36.50 10.05 9.17
C LYS Q 158 36.70 11.24 8.26
N LEU Q 159 36.74 12.46 8.78
CA LEU Q 159 36.95 13.60 7.92
C LEU Q 159 38.27 13.43 7.22
N VAL Q 160 39.31 13.03 7.94
CA VAL Q 160 40.61 12.80 7.33
C VAL Q 160 40.59 11.61 6.37
N ILE Q 161 39.94 10.51 6.75
CA ILE Q 161 39.91 9.32 5.89
C ILE Q 161 39.12 9.61 4.65
N ILE Q 162 37.97 10.22 4.80
CA ILE Q 162 37.09 10.57 3.74
C ILE Q 162 37.75 11.65 2.90
N GLU Q 163 38.42 12.63 3.53
CA GLU Q 163 39.13 13.66 2.78
C GLU Q 163 40.28 13.02 2.01
N SER Q 164 40.97 12.05 2.60
CA SER Q 164 42.03 11.34 1.92
C SER Q 164 41.43 10.58 0.75
N ASP Q 165 40.28 9.94 1.00
CA ASP Q 165 39.54 9.20 0.00
C ASP Q 165 39.02 10.18 -1.03
N LEU Q 166 38.71 11.40 -0.62
CA LEU Q 166 38.25 12.45 -1.52
C LEU Q 166 39.36 12.87 -2.40
N GLU Q 167 40.54 13.11 -1.84
CA GLU Q 167 41.63 13.52 -2.69
C GLU Q 167 41.90 12.41 -3.67
N ARG Q 168 41.80 11.16 -3.20
CA ARG Q 168 41.99 10.02 -4.05
C ARG Q 168 40.84 9.90 -5.04
N ALA Q 169 39.61 10.18 -4.63
CA ALA Q 169 38.44 10.12 -5.50
C ALA Q 169 38.51 11.16 -6.56
N GLU Q 170 39.02 12.34 -6.21
CA GLU Q 170 39.18 13.41 -7.14
C GLU Q 170 40.30 13.01 -8.06
N GLU Q 171 41.36 12.41 -7.50
CA GLU Q 171 42.46 11.92 -8.28
C GLU Q 171 41.96 10.88 -9.24
N ARG Q 172 41.07 9.99 -8.78
CA ARG Q 172 40.52 8.97 -9.62
C ARG Q 172 39.60 9.58 -10.63
N ALA Q 173 38.87 10.63 -10.27
CA ALA Q 173 38.06 11.28 -11.26
C ALA Q 173 38.98 11.82 -12.34
N GLU Q 174 40.12 12.38 -11.94
CA GLU Q 174 41.12 12.91 -12.84
C GLU Q 174 41.83 11.83 -13.62
N LEU Q 175 42.11 10.69 -13.00
CA LEU Q 175 42.78 9.59 -13.67
C LEU Q 175 41.87 8.92 -14.66
N SER Q 176 40.59 8.77 -14.30
CA SER Q 176 39.61 8.17 -15.17
C SER Q 176 39.25 9.16 -16.26
N GLU Q 177 39.24 10.46 -15.92
CA GLU Q 177 38.97 11.52 -16.88
C GLU Q 177 40.16 11.64 -17.79
N GLY Q 178 41.34 11.48 -17.21
CA GLY Q 178 42.59 11.52 -17.91
C GLY Q 178 42.56 10.40 -18.91
N LYS Q 179 42.28 9.19 -18.43
CA LYS Q 179 42.18 8.05 -19.30
C LYS Q 179 41.08 8.28 -20.31
N CYS Q 180 39.97 8.91 -19.91
CA CYS Q 180 38.95 9.16 -20.91
C CYS Q 180 39.52 10.06 -21.96
N ALA Q 181 40.24 11.12 -21.58
CA ALA Q 181 40.81 12.01 -22.56
C ALA Q 181 41.81 11.28 -23.43
N GLU Q 182 42.57 10.36 -22.84
CA GLU Q 182 43.54 9.60 -23.61
C GLU Q 182 42.79 8.73 -24.60
N LEU Q 183 41.69 8.13 -24.15
CA LEU Q 183 40.86 7.31 -25.00
C LEU Q 183 40.20 8.16 -26.02
N GLU Q 184 39.81 9.38 -25.68
CA GLU Q 184 39.19 10.24 -26.65
C GLU Q 184 40.19 10.55 -27.73
N GLU Q 185 41.45 10.77 -27.35
CA GLU Q 185 42.43 11.03 -28.37
C GLU Q 185 42.74 9.77 -29.15
N GLU Q 186 42.80 8.63 -28.49
CA GLU Q 186 43.07 7.36 -29.15
C GLU Q 186 41.89 6.96 -29.99
N LEU Q 187 40.69 7.25 -29.50
CA LEU Q 187 39.46 6.95 -30.17
C LEU Q 187 39.35 7.83 -31.36
N LYS Q 188 39.62 9.12 -31.21
CA LYS Q 188 39.60 10.01 -32.33
C LYS Q 188 40.68 9.60 -33.28
N THR Q 189 41.83 9.15 -32.78
CA THR Q 189 42.87 8.72 -33.67
C THR Q 189 42.42 7.53 -34.48
N VAL Q 190 41.81 6.53 -33.85
CA VAL Q 190 41.36 5.40 -34.64
C VAL Q 190 40.12 5.74 -35.41
N THR Q 191 39.28 6.63 -34.91
CA THR Q 191 38.08 7.03 -35.59
C THR Q 191 38.45 7.80 -36.82
N ASN Q 192 39.44 8.67 -36.72
CA ASN Q 192 39.89 9.47 -37.82
C ASN Q 192 40.69 8.58 -38.76
N ASN Q 193 41.42 7.62 -38.21
CA ASN Q 193 42.14 6.71 -39.06
C ASN Q 193 41.13 5.78 -39.67
N LEU Q 194 40.04 5.52 -38.97
CA LEU Q 194 38.98 4.72 -39.51
C LEU Q 194 38.38 5.52 -40.61
N LYS Q 195 38.14 6.82 -40.42
CA LYS Q 195 37.60 7.63 -41.49
C LYS Q 195 38.53 7.54 -42.66
N SER Q 196 39.84 7.52 -42.41
CA SER Q 196 40.78 7.37 -43.50
C SER Q 196 40.61 6.01 -44.12
N LEU Q 197 40.52 4.94 -43.33
CA LEU Q 197 40.38 3.58 -43.85
C LEU Q 197 39.03 3.34 -44.45
N GLU Q 198 38.03 4.01 -43.92
CA GLU Q 198 36.68 3.93 -44.39
C GLU Q 198 36.65 4.65 -45.69
N ALA Q 199 37.28 5.83 -45.75
CA ALA Q 199 37.38 6.60 -46.96
C ALA Q 199 38.20 5.84 -47.93
N GLN Q 200 39.23 5.14 -47.48
CA GLN Q 200 40.02 4.37 -48.40
C GLN Q 200 39.18 3.25 -48.87
N ALA Q 201 38.45 2.62 -47.99
CA ALA Q 201 37.59 1.55 -48.37
C ALA Q 201 36.55 2.07 -49.32
N GLU Q 202 36.09 3.30 -49.10
CA GLU Q 202 35.11 3.93 -49.92
C GLU Q 202 35.68 4.20 -51.27
N LYS Q 203 36.89 4.74 -51.31
CA LYS Q 203 37.59 5.07 -52.54
C LYS Q 203 37.94 3.82 -53.26
N TYR Q 204 38.30 2.78 -52.52
CA TYR Q 204 38.65 1.53 -53.12
C TYR Q 204 37.39 0.91 -53.61
N SER Q 205 36.27 1.14 -52.92
CA SER Q 205 34.98 0.62 -53.35
C SER Q 205 34.49 1.44 -54.54
N GLN Q 206 34.80 2.74 -54.57
CA GLN Q 206 34.39 3.59 -55.69
C GLN Q 206 35.17 3.23 -56.90
N LYS Q 207 36.44 2.96 -56.71
CA LYS Q 207 37.29 2.55 -57.79
C LYS Q 207 36.91 1.15 -58.16
N GLU Q 208 36.65 0.32 -57.14
CA GLU Q 208 36.20 -1.05 -57.37
C GLU Q 208 34.94 -1.02 -58.23
N ASP Q 209 34.03 -0.09 -57.94
CA ASP Q 209 32.83 0.03 -58.71
C ASP Q 209 33.19 0.58 -60.06
N ARG Q 210 34.12 1.51 -60.13
CA ARG Q 210 34.51 2.01 -61.43
C ARG Q 210 35.11 0.88 -62.24
N TYR Q 211 35.82 -0.02 -61.58
CA TYR Q 211 36.43 -1.14 -62.23
C TYR Q 211 35.37 -2.15 -62.55
N GLU Q 212 34.33 -2.27 -61.74
CA GLU Q 212 33.25 -3.20 -62.02
C GLU Q 212 32.51 -2.68 -63.21
N GLU Q 213 32.38 -1.38 -63.27
CA GLU Q 213 31.74 -0.68 -64.34
C GLU Q 213 32.60 -0.84 -65.55
N GLU Q 214 33.92 -0.80 -65.37
CA GLU Q 214 34.85 -0.99 -66.47
C GLU Q 214 34.77 -2.43 -66.90
N ILE Q 215 34.59 -3.35 -65.98
CA ILE Q 215 34.41 -4.74 -66.33
C ILE Q 215 33.15 -4.80 -67.13
N LYS Q 216 32.10 -4.12 -66.67
CA LYS Q 216 30.86 -4.13 -67.41
C LYS Q 216 31.08 -3.53 -68.78
N VAL Q 217 31.89 -2.49 -68.89
CA VAL Q 217 32.14 -1.93 -70.20
C VAL Q 217 32.86 -2.92 -71.03
N LEU Q 218 33.89 -3.54 -70.49
CA LEU Q 218 34.66 -4.49 -71.21
C LEU Q 218 33.87 -5.74 -71.46
N SER Q 219 33.03 -6.10 -70.53
CA SER Q 219 32.20 -7.28 -70.65
C SER Q 219 31.23 -7.03 -71.75
N ASP Q 220 30.62 -5.85 -71.79
CA ASP Q 220 29.68 -5.52 -72.82
C ASP Q 220 30.39 -5.37 -74.13
N LYS Q 221 31.57 -4.78 -74.12
CA LYS Q 221 32.30 -4.61 -75.36
C LYS Q 221 32.74 -5.95 -75.85
N LEU Q 222 33.09 -6.85 -74.93
CA LEU Q 222 33.48 -8.19 -75.29
C LEU Q 222 32.29 -8.94 -75.78
N LYS Q 223 31.14 -8.79 -75.14
CA LYS Q 223 29.99 -9.50 -75.62
C LYS Q 223 29.63 -8.99 -76.99
N GLU Q 224 29.72 -7.68 -77.19
CA GLU Q 224 29.43 -7.11 -78.47
C GLU Q 224 30.48 -7.51 -79.47
N ALA Q 225 31.74 -7.53 -79.05
CA ALA Q 225 32.84 -7.88 -79.92
C ALA Q 225 32.84 -9.35 -80.18
N GLU Q 226 32.45 -10.14 -79.20
CA GLU Q 226 32.39 -11.57 -79.36
C GLU Q 226 31.21 -11.91 -80.22
N THR Q 227 30.11 -11.17 -80.03
CA THR Q 227 28.92 -11.35 -80.82
C THR Q 227 29.26 -10.94 -82.22
N ARG Q 228 29.95 -9.82 -82.37
CA ARG Q 228 30.41 -9.36 -83.65
C ARG Q 228 31.54 -10.23 -84.14
N ALA Q 229 32.36 -10.79 -83.27
CA ALA Q 229 33.38 -11.69 -83.76
C ALA Q 229 32.67 -12.85 -84.38
N GLU Q 230 31.59 -13.30 -83.74
CA GLU Q 230 30.83 -14.39 -84.30
C GLU Q 230 30.09 -13.95 -85.52
N PHE Q 231 29.50 -12.77 -85.52
CA PHE Q 231 28.71 -12.38 -86.66
C PHE Q 231 29.58 -12.05 -87.83
N ALA Q 232 30.72 -11.43 -87.56
CA ALA Q 232 31.63 -11.07 -88.61
C ALA Q 232 32.30 -12.32 -89.11
N GLU Q 233 32.69 -13.25 -88.21
CA GLU Q 233 33.30 -14.49 -88.65
C GLU Q 233 32.27 -15.34 -89.32
N ARG Q 234 31.03 -15.26 -88.84
CA ARG Q 234 29.93 -15.99 -89.42
C ARG Q 234 29.71 -15.42 -90.79
N SER Q 235 29.77 -14.09 -90.92
CA SER Q 235 29.59 -13.47 -92.20
C SER Q 235 30.76 -13.90 -93.07
N VAL Q 236 31.94 -14.02 -92.49
CA VAL Q 236 33.08 -14.49 -93.25
C VAL Q 236 32.90 -15.91 -93.68
N THR Q 237 32.45 -16.82 -92.82
CA THR Q 237 32.32 -18.18 -93.27
C THR Q 237 31.05 -18.36 -94.08
N LYS Q 238 30.07 -17.49 -93.89
CA LYS Q 238 28.84 -17.48 -94.65
C LYS Q 238 29.16 -17.00 -96.03
N LEU Q 239 30.00 -15.97 -96.14
CA LEU Q 239 30.38 -15.50 -97.44
C LEU Q 239 31.41 -16.41 -98.01
N GLU Q 240 32.33 -16.93 -97.24
CA GLU Q 240 33.25 -17.86 -97.87
C GLU Q 240 32.46 -18.98 -98.44
N LYS Q 241 31.43 -19.44 -97.72
CA LYS Q 241 30.62 -20.49 -98.24
C LYS Q 241 29.76 -20.02 -99.41
N SER Q 242 29.12 -18.84 -99.33
CA SER Q 242 28.25 -18.43 -100.42
C SER Q 242 29.10 -18.12 -101.63
N ILE Q 243 30.32 -17.71 -101.40
CA ILE Q 243 31.28 -17.44 -102.43
C ILE Q 243 31.73 -18.75 -102.98
N ASP Q 244 32.06 -19.72 -102.15
CA ASP Q 244 32.45 -20.98 -102.73
C ASP Q 244 31.29 -21.54 -103.54
N ASP Q 245 30.13 -21.54 -102.88
CA ASP Q 245 28.87 -22.00 -103.45
C ASP Q 245 28.49 -21.10 -104.60
N LEU Q 246 29.06 -19.90 -104.61
CA LEU Q 246 28.87 -18.95 -105.68
C LEU Q 246 29.87 -19.47 -106.70
N GLU Q 247 31.14 -19.07 -106.54
CA GLU Q 247 32.24 -19.47 -107.44
C GLU Q 247 32.23 -20.90 -108.02
N ASP Q 248 31.91 -21.89 -107.18
CA ASP Q 248 31.87 -23.29 -107.58
C ASP Q 248 30.77 -23.53 -108.58
N GLU Q 249 29.61 -22.96 -108.31
CA GLU Q 249 28.47 -23.02 -109.21
C GLU Q 249 28.80 -22.05 -110.34
N LEU Q 250 29.45 -20.95 -109.99
CA LEU Q 250 29.86 -19.94 -110.94
C LEU Q 250 30.91 -20.46 -111.92
N TYR Q 251 31.85 -21.31 -111.48
CA TYR Q 251 32.92 -21.87 -112.32
C TYR Q 251 32.29 -22.88 -113.19
N ALA Q 252 31.24 -23.49 -112.68
CA ALA Q 252 30.56 -24.41 -113.55
C ALA Q 252 30.07 -23.65 -114.77
N GLN Q 253 29.45 -22.50 -114.52
CA GLN Q 253 28.99 -21.65 -115.59
C GLN Q 253 30.27 -21.24 -116.29
N LYS Q 254 31.21 -20.67 -115.54
CA LYS Q 254 32.49 -20.22 -116.06
C LYS Q 254 33.22 -21.23 -116.96
N LEU Q 255 33.25 -22.49 -116.56
CA LEU Q 255 33.92 -23.53 -117.33
C LEU Q 255 33.06 -24.11 -118.46
N LYS Q 256 31.73 -24.08 -118.30
CA LYS Q 256 30.85 -24.63 -119.33
C LYS Q 256 30.27 -23.59 -120.31
N TYR Q 257 30.06 -22.37 -119.85
CA TYR Q 257 29.52 -21.34 -120.74
C TYR Q 257 30.60 -20.98 -121.74
N LYS Q 258 31.86 -20.89 -121.31
CA LYS Q 258 32.85 -20.58 -122.28
C LYS Q 258 33.16 -21.84 -123.05
N ALA Q 259 33.28 -23.02 -122.41
CA ALA Q 259 33.55 -24.21 -123.18
C ALA Q 259 32.42 -24.57 -124.15
N ILE Q 260 31.16 -24.35 -123.77
CA ILE Q 260 30.06 -24.66 -124.66
C ILE Q 260 30.07 -23.70 -125.81
N SER Q 261 30.21 -22.42 -125.51
CA SER Q 261 30.25 -21.40 -126.52
C SER Q 261 31.53 -21.49 -127.31
N GLU Q 262 32.60 -21.89 -126.65
CA GLU Q 262 33.91 -22.01 -127.29
C GLU Q 262 33.92 -23.19 -128.25
N GLU Q 263 33.33 -24.29 -127.83
CA GLU Q 263 33.27 -25.48 -128.64
C GLU Q 263 32.21 -25.25 -129.68
N LEU Q 264 31.21 -24.45 -129.37
CA LEU Q 264 30.25 -24.09 -130.38
C LEU Q 264 31.00 -23.31 -131.44
N ASP Q 265 31.86 -22.34 -131.06
CA ASP Q 265 32.60 -21.57 -132.05
C ASP Q 265 33.63 -22.42 -132.77
N HIS Q 266 34.20 -23.40 -132.07
CA HIS Q 266 35.15 -24.28 -132.69
C HIS Q 266 34.43 -25.02 -133.75
N ALA Q 267 33.29 -25.58 -133.32
CA ALA Q 267 32.47 -26.31 -134.19
C ALA Q 267 32.05 -25.42 -135.28
N LEU Q 268 31.78 -24.13 -135.04
CA LEU Q 268 31.36 -23.28 -136.15
C LEU Q 268 32.42 -23.17 -137.20
N ASN Q 269 33.68 -23.11 -136.83
CA ASN Q 269 34.62 -23.02 -137.92
C ASN Q 269 34.42 -24.25 -138.82
N ASP Q 270 34.25 -25.42 -138.19
CA ASP Q 270 34.02 -26.68 -138.91
C ASP Q 270 32.58 -26.85 -139.48
N MET Q 271 31.58 -26.29 -138.81
CA MET Q 271 30.17 -26.38 -139.18
C MET Q 271 29.94 -25.71 -140.48
N THR Q 272 30.71 -24.66 -140.68
CA THR Q 272 30.68 -23.79 -141.83
C THR Q 272 31.61 -24.29 -142.95
N SER Q 273 32.33 -25.41 -142.73
CA SER Q 273 33.20 -26.00 -143.73
C SER Q 273 32.32 -27.00 -144.46
N ILE Q 274 31.84 -26.59 -145.61
CA ILE Q 274 30.80 -27.31 -146.32
C ILE Q 274 31.12 -27.53 -147.80
N ALA R 1 30.47 -16.79 -131.38
CA ALA R 1 30.68 -16.30 -132.73
C ALA R 1 29.45 -16.41 -133.56
N SER R 2 28.91 -15.29 -133.98
CA SER R 2 27.77 -15.39 -134.85
C SER R 2 28.37 -16.01 -136.08
N MET R 3 27.55 -16.52 -136.96
CA MET R 3 28.11 -17.21 -138.10
C MET R 3 28.70 -16.27 -139.13
N ASP R 4 29.90 -15.76 -138.84
CA ASP R 4 30.62 -14.80 -139.66
C ASP R 4 31.05 -15.47 -140.94
N ALA R 5 31.43 -16.74 -140.81
CA ALA R 5 31.83 -17.54 -141.94
C ALA R 5 30.70 -17.64 -142.89
N ILE R 6 29.49 -17.77 -142.35
CA ILE R 6 28.34 -17.89 -143.18
C ILE R 6 27.96 -16.55 -143.69
N LYS R 7 27.96 -15.52 -142.88
CA LYS R 7 27.51 -14.27 -143.43
C LYS R 7 28.26 -13.97 -144.72
N LYS R 8 29.58 -14.15 -144.73
CA LYS R 8 30.28 -13.89 -145.97
C LYS R 8 30.13 -14.99 -147.01
N LYS R 9 30.12 -16.26 -146.62
CA LYS R 9 29.99 -17.32 -147.60
C LYS R 9 28.62 -17.24 -148.24
N MET R 10 27.64 -16.82 -147.47
CA MET R 10 26.28 -16.61 -147.90
C MET R 10 26.23 -15.55 -148.94
N GLN R 11 26.90 -14.45 -148.71
CA GLN R 11 26.89 -13.43 -149.71
C GLN R 11 27.62 -13.93 -150.95
N MET R 12 28.72 -14.65 -150.75
CA MET R 12 29.48 -15.15 -151.89
C MET R 12 28.67 -16.09 -152.73
N LEU R 13 27.99 -17.04 -152.11
CA LEU R 13 27.26 -18.00 -152.88
C LEU R 13 25.99 -17.44 -153.43
N LYS R 14 25.29 -16.58 -152.70
CA LYS R 14 24.08 -16.05 -153.29
C LYS R 14 24.46 -15.22 -154.49
N LEU R 15 25.51 -14.43 -154.37
CA LEU R 15 25.91 -13.62 -155.50
C LEU R 15 26.45 -14.45 -156.63
N ASP R 16 27.24 -15.47 -156.30
CA ASP R 16 27.82 -16.25 -157.36
C ASP R 16 26.77 -17.09 -158.06
N LYS R 17 25.78 -17.62 -157.33
CA LYS R 17 24.78 -18.43 -157.99
C LYS R 17 23.82 -17.54 -158.71
N GLU R 18 23.57 -16.34 -158.21
CA GLU R 18 22.64 -15.50 -158.88
C GLU R 18 23.28 -15.03 -160.15
N ASN R 19 24.58 -14.76 -160.11
CA ASN R 19 25.24 -14.32 -161.30
C ASN R 19 25.36 -15.46 -162.28
N ALA R 20 25.66 -16.67 -161.79
CA ALA R 20 25.75 -17.80 -162.66
C ALA R 20 24.42 -18.11 -163.28
N LEU R 21 23.35 -17.95 -162.50
CA LEU R 21 22.01 -18.20 -162.98
C LEU R 21 21.62 -17.15 -163.96
N ASP R 22 21.97 -15.89 -163.69
CA ASP R 22 21.64 -14.85 -164.61
C ASP R 22 22.36 -15.18 -165.93
N ARG R 23 23.60 -15.67 -165.84
CA ARG R 23 24.30 -16.06 -167.04
C ARG R 23 23.62 -17.25 -167.70
N ALA R 24 23.14 -18.25 -166.94
CA ALA R 24 22.49 -19.40 -167.53
C ALA R 24 21.24 -19.00 -168.28
N GLU R 25 20.50 -18.08 -167.69
CA GLU R 25 19.26 -17.65 -168.27
C GLU R 25 19.51 -16.82 -169.50
N GLN R 26 20.51 -15.94 -169.47
CA GLN R 26 20.84 -15.11 -170.61
C GLN R 26 21.44 -15.93 -171.72
N ALA R 27 22.27 -16.88 -171.35
CA ALA R 27 22.94 -17.66 -172.34
C ALA R 27 21.93 -18.36 -173.21
N GLU R 28 20.84 -18.85 -172.62
CA GLU R 28 19.82 -19.46 -173.45
C GLU R 28 18.89 -18.39 -174.04
N ALA R 29 18.47 -17.42 -173.22
CA ALA R 29 17.48 -16.41 -173.59
C ALA R 29 17.90 -15.54 -174.74
N ASP R 30 19.20 -15.34 -174.91
CA ASP R 30 19.69 -14.52 -176.01
C ASP R 30 19.33 -15.11 -177.38
N LYS R 31 19.10 -16.42 -177.43
CA LYS R 31 18.76 -17.16 -178.63
C LYS R 31 19.84 -17.01 -179.69
N ALA S 1 29.34 -30.84 -136.59
CA ALA S 1 28.02 -30.53 -136.05
C ALA S 1 27.35 -29.44 -136.85
N SER S 2 27.38 -29.53 -138.18
CA SER S 2 26.83 -28.45 -138.98
C SER S 2 25.38 -28.24 -138.72
N MET S 3 24.97 -27.00 -138.82
CA MET S 3 23.58 -26.73 -138.73
C MET S 3 23.06 -27.19 -140.06
N ASP S 4 21.95 -27.88 -140.08
CA ASP S 4 21.49 -28.36 -141.37
C ASP S 4 21.21 -27.25 -142.32
N ALA S 5 20.68 -26.15 -141.85
CA ALA S 5 20.35 -25.09 -142.77
C ALA S 5 21.58 -24.60 -143.51
N ILE S 6 22.70 -24.50 -142.81
CA ILE S 6 23.87 -23.96 -143.48
C ILE S 6 24.51 -25.02 -144.34
N LYS S 7 24.54 -26.27 -143.89
CA LYS S 7 25.19 -27.25 -144.71
C LYS S 7 24.40 -27.54 -145.95
N LYS S 8 23.11 -27.73 -145.78
CA LYS S 8 22.28 -28.09 -146.89
C LYS S 8 22.15 -26.96 -147.87
N LYS S 9 22.00 -25.73 -147.43
CA LYS S 9 21.86 -24.69 -148.41
C LYS S 9 23.19 -24.25 -148.92
N MET S 10 24.27 -24.32 -148.15
CA MET S 10 25.50 -23.89 -148.77
C MET S 10 25.78 -24.84 -149.92
N GLN S 11 25.55 -26.14 -149.73
CA GLN S 11 25.82 -27.02 -150.85
C GLN S 11 24.82 -26.80 -151.97
N MET S 12 23.54 -26.58 -151.67
CA MET S 12 22.58 -26.39 -152.75
C MET S 12 22.78 -25.10 -153.51
N LEU S 13 23.18 -24.04 -152.83
CA LEU S 13 23.36 -22.78 -153.50
C LEU S 13 24.66 -22.86 -154.29
N LYS S 14 25.65 -23.60 -153.76
CA LYS S 14 26.90 -23.84 -154.47
C LYS S 14 26.58 -24.59 -155.75
N LEU S 15 25.69 -25.59 -155.66
CA LEU S 15 25.27 -26.35 -156.82
C LEU S 15 24.46 -25.52 -157.77
N ASP S 16 23.59 -24.61 -157.28
CA ASP S 16 22.87 -23.80 -158.24
C ASP S 16 23.88 -23.01 -159.05
N LYS S 17 24.94 -22.53 -158.39
CA LYS S 17 25.98 -21.79 -159.08
C LYS S 17 26.71 -22.62 -160.09
N GLU S 18 27.13 -23.82 -159.69
CA GLU S 18 27.90 -24.68 -160.58
C GLU S 18 27.06 -25.16 -161.74
N ASN S 19 25.80 -25.43 -161.47
CA ASN S 19 24.94 -25.93 -162.50
C ASN S 19 24.60 -24.80 -163.44
N ALA S 20 24.37 -23.62 -162.89
CA ALA S 20 24.04 -22.47 -163.69
C ALA S 20 25.24 -22.05 -164.51
N LEU S 21 26.42 -22.18 -163.94
CA LEU S 21 27.62 -21.81 -164.65
C LEU S 21 27.76 -22.74 -165.84
N ASP S 22 27.57 -24.05 -165.63
CA ASP S 22 27.70 -24.98 -166.73
C ASP S 22 26.61 -24.75 -167.75
N ARG S 23 25.40 -24.41 -167.29
CA ARG S 23 24.30 -24.13 -168.19
C ARG S 23 24.59 -22.89 -168.99
N ALA S 24 25.24 -21.90 -168.39
CA ALA S 24 25.55 -20.72 -169.14
C ALA S 24 26.52 -21.04 -170.24
N GLU S 25 27.51 -21.85 -169.94
CA GLU S 25 28.50 -22.20 -170.93
C GLU S 25 27.88 -23.04 -172.04
N GLN S 26 27.02 -23.95 -171.64
CA GLN S 26 26.37 -24.84 -172.58
C GLN S 26 25.41 -24.09 -173.46
N ALA S 27 24.53 -23.31 -172.86
CA ALA S 27 23.55 -22.57 -173.61
C ALA S 27 24.23 -21.55 -174.47
N GLU S 28 25.32 -20.94 -173.98
CA GLU S 28 26.00 -19.94 -174.77
C GLU S 28 26.60 -20.61 -175.98
N ALA S 29 27.15 -21.82 -175.81
CA ALA S 29 27.70 -22.55 -176.93
C ALA S 29 26.62 -22.85 -177.97
N ASP S 30 25.39 -23.14 -177.51
CA ASP S 30 24.27 -23.40 -178.42
C ASP S 30 23.78 -22.12 -179.10
N LYS S 31 23.86 -21.00 -178.40
CA LYS S 31 23.36 -19.72 -178.85
C LYS S 31 24.50 -18.75 -179.18
N PHE T 1 37.73 0.45 -162.19
CA PHE T 1 36.60 0.39 -161.26
C PHE T 1 36.25 -1.00 -160.72
N ASP T 2 36.13 -2.00 -161.59
CA ASP T 2 35.74 -3.31 -161.11
C ASP T 2 36.86 -3.95 -160.30
N ASP T 3 38.05 -3.41 -160.44
CA ASP T 3 39.20 -3.86 -159.70
C ASP T 3 39.07 -3.40 -158.27
N ILE T 4 38.25 -2.38 -158.03
CA ILE T 4 38.07 -1.89 -156.69
C ILE T 4 37.26 -2.94 -156.02
N HIS T 5 36.24 -3.40 -156.73
CA HIS T 5 35.37 -4.40 -156.18
C HIS T 5 36.13 -5.68 -155.95
N ARG T 6 37.04 -6.03 -156.86
CA ARG T 6 37.81 -7.23 -156.63
C ARG T 6 38.72 -7.04 -155.42
N LYS T 7 39.33 -5.86 -155.27
CA LYS T 7 40.18 -5.61 -154.12
C LYS T 7 39.38 -5.67 -152.85
N ARG T 8 38.13 -5.20 -152.89
CA ARG T 8 37.31 -5.28 -151.71
C ARG T 8 37.06 -6.73 -151.37
N MET T 9 36.77 -7.57 -152.37
CA MET T 9 36.56 -8.96 -152.02
C MET T 9 37.85 -9.60 -151.55
N GLU T 10 38.99 -9.21 -152.11
CA GLU T 10 40.24 -9.80 -151.67
C GLU T 10 40.52 -9.46 -150.23
N LYS T 11 40.28 -8.21 -149.83
CA LYS T 11 40.59 -7.89 -148.46
C LYS T 11 39.54 -8.46 -147.55
N ASP T 12 38.29 -8.53 -147.99
CA ASP T 12 37.24 -9.01 -147.14
C ASP T 12 37.33 -10.50 -146.95
N LEU T 13 37.79 -11.23 -147.96
CA LEU T 13 37.91 -12.66 -147.81
C LEU T 13 39.20 -13.00 -147.12
N ASN T 14 40.24 -12.17 -147.28
CA ASN T 14 41.46 -12.46 -146.55
C ASN T 14 41.16 -12.17 -145.10
N GLU T 15 40.34 -11.13 -144.86
CA GLU T 15 39.90 -10.76 -143.55
C GLU T 15 38.94 -11.79 -143.04
N LEU T 16 38.07 -12.33 -143.88
CA LEU T 16 37.15 -13.32 -143.39
C LEU T 16 37.91 -14.48 -142.87
N GLN T 17 38.90 -14.96 -143.60
CA GLN T 17 39.55 -16.13 -143.06
C GLN T 17 40.36 -15.77 -141.84
N ALA T 18 40.99 -14.58 -141.86
CA ALA T 18 41.76 -14.13 -140.72
C ALA T 18 40.86 -13.98 -139.51
N LEU T 19 39.63 -13.53 -139.75
CA LEU T 19 38.61 -13.33 -138.76
C LEU T 19 37.96 -14.59 -138.30
N ILE T 20 37.68 -15.55 -139.16
CA ILE T 20 37.05 -16.75 -138.64
C ILE T 20 38.04 -17.29 -137.63
N GLU T 21 39.31 -17.32 -138.05
CA GLU T 21 40.36 -17.75 -137.18
C GLU T 21 40.54 -16.84 -135.98
N ALA T 22 40.63 -15.53 -136.16
CA ALA T 22 40.87 -14.65 -135.03
C ALA T 22 39.69 -14.59 -134.07
N HIS T 23 38.49 -14.67 -134.59
CA HIS T 23 37.31 -14.57 -133.80
C HIS T 23 37.29 -15.78 -132.89
N PHE T 24 37.37 -16.96 -133.51
CA PHE T 24 37.41 -18.17 -132.75
C PHE T 24 38.65 -18.34 -131.91
N GLU T 25 39.83 -18.17 -132.47
CA GLU T 25 41.03 -18.40 -131.72
C GLU T 25 41.24 -17.35 -130.66
N ASN T 26 40.86 -16.10 -130.89
CA ASN T 26 41.13 -15.18 -129.82
C ASN T 26 40.25 -15.56 -128.67
N ARG T 27 39.01 -16.00 -128.93
CA ARG T 27 38.22 -16.44 -127.81
C ARG T 27 38.72 -17.77 -127.27
N LYS T 28 39.11 -18.71 -128.09
CA LYS T 28 39.50 -19.95 -127.47
C LYS T 28 40.74 -19.75 -126.65
N LYS T 29 41.67 -18.95 -127.13
CA LYS T 29 42.83 -18.73 -126.32
C LYS T 29 42.45 -17.95 -125.07
N GLU T 30 41.79 -16.80 -125.20
CA GLU T 30 41.51 -16.05 -123.98
C GLU T 30 40.59 -16.75 -123.03
N GLU T 31 39.53 -17.31 -123.60
CA GLU T 31 38.48 -18.00 -122.86
C GLU T 31 38.94 -19.31 -122.23
N GLU T 32 39.72 -20.12 -122.94
CA GLU T 32 40.09 -21.36 -122.31
C GLU T 32 41.20 -21.06 -121.31
N GLU T 33 42.06 -20.07 -121.61
CA GLU T 33 43.08 -19.68 -120.66
C GLU T 33 42.41 -19.09 -119.44
N LEU T 34 41.34 -18.32 -119.64
CA LEU T 34 40.64 -17.71 -118.53
C LEU T 34 39.94 -18.71 -117.68
N VAL T 35 39.29 -19.72 -118.28
CA VAL T 35 38.61 -20.63 -117.39
C VAL T 35 39.68 -21.49 -116.76
N SER T 36 40.69 -21.93 -117.51
CA SER T 36 41.68 -22.78 -116.88
C SER T 36 42.29 -22.03 -115.71
N LEU T 37 42.65 -20.77 -115.92
CA LEU T 37 43.19 -19.96 -114.87
C LEU T 37 42.23 -19.78 -113.73
N LYS T 38 41.01 -19.43 -114.03
CA LYS T 38 40.08 -19.15 -112.99
C LYS T 38 39.40 -20.38 -112.44
N ASP T 39 39.58 -21.53 -113.09
CA ASP T 39 39.06 -22.77 -112.56
C ASP T 39 40.01 -23.02 -111.42
N ARG T 40 41.31 -22.78 -111.68
CA ARG T 40 42.29 -22.93 -110.64
C ARG T 40 42.10 -21.85 -109.59
N ILE T 41 41.81 -20.61 -109.97
CA ILE T 41 41.64 -19.62 -108.92
C ILE T 41 40.46 -20.00 -108.07
N GLU T 42 39.40 -20.48 -108.71
CA GLU T 42 38.19 -20.90 -108.00
C GLU T 42 38.50 -22.05 -107.04
N ARG T 43 39.33 -22.99 -107.47
CA ARG T 43 39.66 -24.10 -106.62
C ARG T 43 40.55 -23.66 -105.49
N ARG T 44 41.50 -22.77 -105.77
CA ARG T 44 42.41 -22.32 -104.75
C ARG T 44 41.66 -21.50 -103.72
N ARG T 45 40.70 -20.69 -104.18
CA ARG T 45 39.94 -19.91 -103.24
C ARG T 45 39.11 -20.82 -102.38
N ALA T 46 38.51 -21.87 -102.99
CA ALA T 46 37.70 -22.80 -102.24
C ALA T 46 38.55 -23.54 -101.21
N GLU T 47 39.78 -23.88 -101.59
CA GLU T 47 40.66 -24.55 -100.64
C GLU T 47 41.02 -23.62 -99.52
N ARG T 48 41.30 -22.37 -99.84
CA ARG T 48 41.65 -21.43 -98.80
C ARG T 48 40.47 -21.17 -97.91
N ALA T 49 39.27 -21.10 -98.49
CA ALA T 49 38.07 -20.87 -97.74
C ALA T 49 37.83 -22.01 -96.78
N GLU T 50 38.10 -23.24 -97.21
CA GLU T 50 37.91 -24.37 -96.32
C GLU T 50 38.94 -24.29 -95.22
N GLN T 51 40.16 -23.93 -95.57
CA GLN T 51 41.20 -23.86 -94.59
C GLN T 51 40.90 -22.78 -93.58
N GLN T 52 40.34 -21.64 -94.02
CA GLN T 52 40.00 -20.60 -93.07
C GLN T 52 38.85 -21.02 -92.19
N ARG T 53 37.88 -21.74 -92.74
CA ARG T 53 36.77 -22.23 -91.93
C ARG T 53 37.32 -23.14 -90.83
N ILE T 54 38.31 -23.96 -91.20
CA ILE T 54 38.94 -24.88 -90.24
C ILE T 54 39.71 -24.06 -89.21
N ARG T 55 40.42 -23.03 -89.68
CA ARG T 55 41.20 -22.17 -88.80
C ARG T 55 40.28 -21.46 -87.80
N ASN T 56 39.11 -21.05 -88.26
CA ASN T 56 38.18 -20.37 -87.40
C ASN T 56 37.65 -21.34 -86.35
N GLU T 57 37.38 -22.60 -86.75
CA GLU T 57 36.92 -23.58 -85.78
C GLU T 57 37.98 -23.86 -84.73
N ARG T 58 39.24 -23.92 -85.17
CA ARG T 58 40.34 -24.16 -84.25
C ARG T 58 40.50 -23.01 -83.27
N GLU T 59 40.33 -21.77 -83.74
CA GLU T 59 40.45 -20.64 -82.84
C GLU T 59 39.28 -20.65 -81.86
N LYS T 60 38.10 -21.01 -82.33
CA LYS T 60 36.96 -21.03 -81.44
C LYS T 60 37.22 -22.01 -80.30
N GLU T 61 37.86 -23.15 -80.59
CA GLU T 61 38.19 -24.08 -79.51
C GLU T 61 39.27 -23.50 -78.59
N ARG T 62 40.24 -22.79 -79.16
CA ARG T 62 41.30 -22.13 -78.39
C ARG T 62 40.73 -21.08 -77.44
N GLN T 63 39.62 -20.48 -77.82
CA GLN T 63 38.93 -19.45 -77.05
C GLN T 63 37.95 -19.98 -75.98
N ASN T 64 37.81 -21.29 -75.85
CA ASN T 64 36.87 -21.84 -74.86
C ASN T 64 37.46 -21.80 -73.45
N GLY T 113 9.11 -33.34 -9.31
CA GLY T 113 9.94 -33.48 -8.13
C GLY T 113 9.48 -34.62 -7.23
N LYS T 114 10.42 -35.45 -6.82
CA LYS T 114 10.15 -36.60 -5.95
C LYS T 114 9.05 -37.53 -6.45
N ARG T 115 8.45 -37.20 -7.59
CA ARG T 115 7.39 -38.02 -8.17
C ARG T 115 7.88 -38.94 -9.28
N GLN T 116 8.89 -38.50 -10.02
CA GLN T 116 9.38 -39.32 -11.12
C GLN T 116 10.15 -40.51 -10.52
N THR T 117 10.77 -40.30 -9.36
CA THR T 117 11.49 -41.34 -8.65
C THR T 117 10.47 -42.35 -8.14
N GLU T 118 9.33 -41.84 -7.65
CA GLU T 118 8.29 -42.72 -7.14
C GLU T 118 7.76 -43.61 -8.27
N ARG T 119 7.62 -43.08 -9.50
CA ARG T 119 7.19 -43.94 -10.60
C ARG T 119 8.22 -45.03 -10.89
N GLU T 120 9.52 -44.69 -10.81
CA GLU T 120 10.52 -45.72 -11.07
C GLU T 120 10.50 -46.79 -9.99
N LYS T 121 10.27 -46.38 -8.72
CA LYS T 121 10.19 -47.35 -7.64
C LYS T 121 8.99 -48.26 -7.82
N LYS T 122 7.84 -47.71 -8.25
CA LYS T 122 6.67 -48.55 -8.45
C LYS T 122 6.95 -49.58 -9.52
N LYS T 123 7.60 -49.18 -10.61
CA LYS T 123 7.91 -50.13 -11.67
C LYS T 123 8.83 -51.25 -11.17
N LYS T 124 9.83 -50.89 -10.34
CA LYS T 124 10.72 -51.91 -9.79
C LYS T 124 9.94 -52.91 -8.94
N ILE T 125 9.02 -52.41 -8.12
CA ILE T 125 8.23 -53.27 -7.25
C ILE T 125 7.38 -54.20 -8.09
N LEU T 126 6.75 -53.68 -9.12
CA LEU T 126 5.92 -54.50 -9.97
C LEU T 126 6.75 -55.53 -10.72
N ALA T 127 7.97 -55.16 -11.15
CA ALA T 127 8.80 -56.14 -11.82
C ALA T 127 9.11 -57.31 -10.87
N GLU T 128 9.31 -57.02 -9.58
CA GLU T 128 9.55 -58.03 -8.57
C GLU T 128 8.28 -58.87 -8.26
N ARG T 129 7.10 -58.22 -8.25
CA ARG T 129 5.85 -58.90 -7.96
C ARG T 129 5.25 -59.74 -9.10
N ARG T 130 5.41 -59.31 -10.35
CA ARG T 130 4.82 -60.04 -11.48
C ARG T 130 5.53 -61.37 -11.65
N LYS T 131 4.79 -62.40 -12.03
CA LYS T 131 5.42 -63.68 -12.28
C LYS T 131 5.77 -63.80 -13.76
N VAL T 132 6.83 -64.54 -14.06
CA VAL T 132 7.29 -64.69 -15.43
C VAL T 132 7.45 -66.17 -15.81
N LEU T 133 6.94 -66.55 -16.98
CA LEU T 133 7.05 -67.92 -17.44
C LEU T 133 8.16 -68.13 -18.44
N ALA T 134 8.71 -69.34 -18.41
CA ALA T 134 9.60 -69.78 -19.47
C ALA T 134 8.69 -69.99 -20.68
N ILE T 135 9.09 -69.54 -21.88
CA ILE T 135 8.20 -69.76 -23.03
C ILE T 135 8.85 -70.36 -24.29
N ASP T 136 9.86 -69.67 -24.83
CA ASP T 136 10.43 -69.96 -26.15
C ASP T 136 11.01 -71.35 -26.36
N HIS T 137 11.59 -71.94 -25.32
CA HIS T 137 12.20 -73.25 -25.40
C HIS T 137 11.37 -74.39 -24.82
N LEU T 138 10.11 -74.15 -24.48
CA LEU T 138 9.29 -75.20 -23.88
C LEU T 138 8.46 -75.97 -24.89
N ASN T 139 8.22 -77.26 -24.63
CA ASN T 139 7.38 -78.06 -25.51
C ASN T 139 5.91 -77.90 -25.13
N GLU T 140 5.01 -78.58 -25.84
CA GLU T 140 3.59 -78.42 -25.55
C GLU T 140 3.13 -78.78 -24.14
N ASP T 141 3.70 -79.82 -23.53
CA ASP T 141 3.20 -80.18 -22.22
C ASP T 141 3.65 -79.15 -21.20
N GLN T 142 4.87 -78.67 -21.38
CA GLN T 142 5.44 -77.67 -20.52
C GLN T 142 4.71 -76.34 -20.67
N LEU T 143 4.34 -75.98 -21.90
CA LEU T 143 3.63 -74.74 -22.13
C LEU T 143 2.22 -74.80 -21.54
N ARG T 144 1.54 -75.95 -21.63
CA ARG T 144 0.20 -76.01 -21.02
C ARG T 144 0.29 -75.78 -19.52
N GLU T 145 1.30 -76.37 -18.86
CA GLU T 145 1.43 -76.20 -17.42
C GLU T 145 1.85 -74.79 -17.05
N LYS T 146 2.72 -74.17 -17.84
CA LYS T 146 3.16 -72.83 -17.50
C LYS T 146 2.04 -71.83 -17.76
N ALA T 147 1.24 -72.03 -18.81
CA ALA T 147 0.15 -71.11 -19.02
C ALA T 147 -0.81 -71.23 -17.84
N LYS T 148 -1.03 -72.46 -17.35
CA LYS T 148 -1.91 -72.66 -16.21
C LYS T 148 -1.40 -71.95 -14.96
N GLU T 149 -0.07 -71.96 -14.72
CA GLU T 149 0.47 -71.30 -13.51
C GLU T 149 0.17 -69.81 -13.48
N LEU T 150 0.30 -69.10 -14.63
CA LEU T 150 -0.04 -67.68 -14.53
C LEU T 150 -1.52 -67.50 -14.52
N TRP T 151 -2.26 -68.36 -15.19
CA TRP T 151 -3.69 -68.10 -15.18
C TRP T 151 -4.20 -68.08 -13.75
N GLN T 152 -3.80 -69.07 -12.94
CA GLN T 152 -4.31 -69.10 -11.59
C GLN T 152 -3.79 -67.89 -10.79
N SER T 153 -2.54 -67.47 -11.04
CA SER T 153 -2.00 -66.31 -10.33
C SER T 153 -2.81 -65.07 -10.65
N ILE T 154 -3.14 -64.88 -11.93
CA ILE T 154 -3.90 -63.72 -12.38
C ILE T 154 -5.27 -63.75 -11.76
N TYR T 155 -5.91 -64.91 -11.78
CA TYR T 155 -7.23 -65.09 -11.22
C TYR T 155 -7.24 -64.68 -9.75
N ASN T 156 -6.25 -65.15 -8.99
CA ASN T 156 -6.19 -64.84 -7.58
C ASN T 156 -5.93 -63.35 -7.35
N LEU T 157 -5.10 -62.75 -8.22
CA LEU T 157 -4.78 -61.34 -8.14
C LEU T 157 -5.99 -60.47 -8.50
N GLU T 158 -6.82 -60.92 -9.45
CA GLU T 158 -8.03 -60.18 -9.81
C GLU T 158 -8.99 -60.24 -8.61
N ALA T 159 -9.01 -61.39 -7.90
CA ALA T 159 -9.85 -61.51 -6.71
C ALA T 159 -9.42 -60.51 -5.65
N GLU T 160 -8.09 -60.32 -5.50
CA GLU T 160 -7.64 -59.36 -4.51
C GLU T 160 -8.04 -57.96 -4.93
N LYS T 161 -7.96 -57.63 -6.22
CA LYS T 161 -8.35 -56.29 -6.66
C LYS T 161 -9.80 -56.03 -6.30
N PHE T 162 -10.65 -57.02 -6.53
CA PHE T 162 -12.08 -56.85 -6.23
C PHE T 162 -12.27 -56.53 -4.75
N ASP T 163 -11.63 -57.32 -3.88
CA ASP T 163 -11.79 -57.09 -2.45
C ASP T 163 -11.17 -55.78 -2.01
N LEU T 164 -10.04 -55.39 -2.60
CA LEU T 164 -9.44 -54.12 -2.23
C LEU T 164 -10.34 -52.96 -2.65
N GLN T 165 -11.02 -53.09 -3.81
CA GLN T 165 -11.91 -52.03 -4.27
C GLN T 165 -13.09 -51.89 -3.31
N GLU T 166 -13.60 -53.03 -2.81
CA GLU T 166 -14.69 -52.97 -1.86
C GLU T 166 -14.23 -52.36 -0.54
N LYS T 167 -12.99 -52.70 -0.11
CA LYS T 167 -12.45 -52.14 1.11
C LYS T 167 -12.28 -50.64 0.96
N PHE T 168 -11.84 -50.19 -0.22
CA PHE T 168 -11.66 -48.78 -0.47
C PHE T 168 -12.98 -48.04 -0.30
N LYS T 169 -14.05 -48.56 -0.91
CA LYS T 169 -15.35 -47.92 -0.79
C LYS T 169 -15.85 -47.87 0.67
N GLN T 170 -15.64 -48.95 1.44
CA GLN T 170 -16.06 -48.96 2.84
C GLN T 170 -15.25 -47.95 3.65
N GLN T 171 -13.95 -47.84 3.33
CA GLN T 171 -13.10 -46.90 4.02
C GLN T 171 -13.47 -45.46 3.60
N LYS T 172 -13.88 -45.23 2.33
CA LYS T 172 -14.30 -43.87 1.95
C LYS T 172 -15.52 -43.46 2.75
N TYR T 173 -16.42 -44.42 3.00
CA TYR T 173 -17.57 -44.13 3.82
C TYR T 173 -17.11 -43.65 5.19
N GLU T 174 -16.18 -44.37 5.81
CA GLU T 174 -15.70 -43.98 7.12
C GLU T 174 -15.05 -42.59 7.07
N ILE T 175 -14.33 -42.28 5.99
CA ILE T 175 -13.70 -40.98 5.85
C ILE T 175 -14.70 -39.84 5.87
N ASN T 176 -15.78 -39.94 5.12
CA ASN T 176 -16.70 -38.82 5.13
C ASN T 176 -17.46 -38.72 6.44
N VAL T 177 -17.69 -39.86 7.09
CA VAL T 177 -18.35 -39.83 8.39
C VAL T 177 -17.47 -39.09 9.39
N LEU T 178 -16.18 -39.42 9.39
CA LEU T 178 -15.21 -38.82 10.27
C LEU T 178 -15.03 -37.33 9.99
N ARG T 179 -15.02 -36.93 8.71
CA ARG T 179 -14.87 -35.52 8.40
C ARG T 179 -16.04 -34.75 9.06
N ASN T 180 -17.26 -35.31 9.00
CA ASN T 180 -18.39 -34.64 9.63
C ASN T 180 -18.28 -34.67 11.16
N ARG T 181 -17.79 -35.77 11.74
CA ARG T 181 -17.67 -35.84 13.20
C ARG T 181 -16.73 -34.76 13.73
N ILE T 182 -15.68 -34.43 12.96
CA ILE T 182 -14.77 -33.38 13.38
C ILE T 182 -15.51 -32.07 13.43
N ASN T 183 -16.28 -31.77 12.38
CA ASN T 183 -16.99 -30.51 12.39
C ASN T 183 -18.12 -30.47 13.44
N ASP T 184 -18.75 -31.62 13.70
CA ASP T 184 -19.86 -31.71 14.65
C ASP T 184 -19.42 -31.47 16.09
N ASN T 185 -18.17 -31.83 16.42
CA ASN T 185 -17.64 -31.63 17.77
C ASN T 185 -16.74 -30.38 17.88
N GLN T 186 -16.73 -29.51 16.87
CA GLN T 186 -15.83 -28.36 16.91
C GLN T 186 -16.56 -27.02 16.94
N ILE U 1 -41.82 -43.87 28.79
CA ILE U 1 -41.75 -45.16 28.10
C ILE U 1 -40.88 -46.16 28.82
N SER U 2 -41.42 -47.37 28.94
CA SER U 2 -40.74 -48.47 29.58
C SER U 2 -39.44 -48.82 28.88
N ALA U 3 -38.45 -49.19 29.67
CA ALA U 3 -37.12 -49.57 29.20
C ALA U 3 -37.18 -50.71 28.23
N SER U 4 -38.13 -51.62 28.41
CA SER U 4 -38.23 -52.76 27.53
C SER U 4 -38.66 -52.43 26.11
N ARG U 5 -39.39 -51.32 25.89
CA ARG U 5 -39.76 -51.03 24.52
C ARG U 5 -38.56 -50.42 23.83
N LYS U 6 -37.90 -49.53 24.56
CA LYS U 6 -36.76 -48.82 24.01
C LYS U 6 -35.61 -49.78 23.74
N LEU U 7 -35.34 -50.72 24.66
CA LEU U 7 -34.25 -51.64 24.44
C LEU U 7 -34.59 -52.60 23.33
N GLN U 8 -35.82 -53.12 23.29
CA GLN U 8 -36.09 -54.07 22.24
C GLN U 8 -36.06 -53.43 20.87
N LEU U 9 -36.50 -52.19 20.73
CA LEU U 9 -36.42 -51.64 19.39
C LEU U 9 -34.96 -51.35 19.01
N LYS U 10 -34.10 -50.85 19.91
CA LYS U 10 -32.73 -50.62 19.43
C LYS U 10 -32.05 -51.98 19.18
N THR U 11 -32.48 -53.03 19.91
CA THR U 11 -31.95 -54.37 19.71
C THR U 11 -32.36 -54.91 18.35
N LEU U 12 -33.63 -54.76 18.00
CA LEU U 12 -34.13 -55.23 16.73
C LEU U 12 -33.49 -54.48 15.58
N LEU U 13 -33.24 -53.19 15.80
CA LEU U 13 -32.62 -52.30 14.84
C LEU U 13 -31.20 -52.79 14.55
N LEU U 14 -30.44 -53.16 15.59
CA LEU U 14 -29.10 -53.66 15.31
C LEU U 14 -29.17 -55.04 14.63
N GLN U 15 -30.14 -55.88 15.00
CA GLN U 15 -30.26 -57.20 14.40
C GLN U 15 -30.57 -57.14 12.91
N ILE U 16 -31.40 -56.19 12.48
CA ILE U 16 -31.66 -56.04 11.05
C ILE U 16 -30.41 -55.56 10.33
N ALA U 17 -29.61 -54.69 10.94
CA ALA U 17 -28.38 -54.29 10.29
C ALA U 17 -27.46 -55.48 10.14
N LYS U 18 -27.46 -56.40 11.11
CA LYS U 18 -26.60 -57.56 11.01
C LYS U 18 -27.05 -58.42 9.84
N GLN U 19 -28.35 -58.57 9.64
CA GLN U 19 -28.81 -59.37 8.51
C GLN U 19 -28.42 -58.68 7.19
N GLU U 20 -28.52 -57.35 7.14
CA GLU U 20 -28.16 -56.59 5.95
C GLU U 20 -26.65 -56.65 5.70
N LEU U 21 -25.84 -56.67 6.76
CA LEU U 21 -24.40 -56.75 6.63
C LEU U 21 -24.02 -58.14 6.11
N GLU U 22 -24.70 -59.19 6.59
CA GLU U 22 -24.44 -60.53 6.09
C GLU U 22 -24.75 -60.56 4.59
N ARG U 23 -25.84 -59.85 4.19
CA ARG U 23 -26.16 -59.77 2.77
C ARG U 23 -25.06 -59.00 2.04
N GLU U 24 -24.53 -57.90 2.62
CA GLU U 24 -23.48 -57.17 1.90
C GLU U 24 -22.34 -58.12 1.59
N ALA U 25 -21.95 -58.95 2.56
CA ALA U 25 -20.87 -59.89 2.32
C ALA U 25 -21.19 -60.92 1.24
N GLU U 26 -22.43 -61.41 1.22
CA GLU U 26 -22.81 -62.39 0.19
C GLU U 26 -22.85 -61.72 -1.17
N GLU U 27 -23.32 -60.49 -1.24
CA GLU U 27 -23.38 -59.76 -2.50
C GLU U 27 -21.97 -59.54 -3.03
N ARG U 28 -21.02 -59.22 -2.12
CA ARG U 28 -19.64 -59.02 -2.54
C ARG U 28 -19.05 -60.32 -3.07
N ARG U 29 -19.37 -61.46 -2.44
CA ARG U 29 -18.89 -62.75 -2.92
C ARG U 29 -19.47 -63.09 -4.30
N GLY U 30 -20.75 -62.79 -4.49
CA GLY U 30 -21.43 -63.03 -5.76
C GLY U 30 -20.80 -62.19 -6.86
N GLU U 31 -20.63 -60.89 -6.60
CA GLU U 31 -20.03 -60.00 -7.56
C GLU U 31 -18.57 -60.35 -7.81
N LYS U 32 -17.81 -60.79 -6.79
CA LYS U 32 -16.42 -61.12 -7.02
C LYS U 32 -16.34 -62.29 -7.98
N GLY U 33 -17.22 -63.29 -7.81
CA GLY U 33 -17.19 -64.44 -8.69
C GLY U 33 -17.46 -64.04 -10.14
N ARG U 34 -18.46 -63.17 -10.34
CA ARG U 34 -18.76 -62.71 -11.68
C ARG U 34 -17.63 -61.85 -12.24
N ALA U 35 -17.04 -61.02 -11.38
CA ALA U 35 -15.94 -60.16 -11.78
C ALA U 35 -14.76 -61.01 -12.21
N LEU U 36 -14.51 -62.10 -11.51
CA LEU U 36 -13.43 -62.99 -11.88
C LEU U 36 -13.66 -63.68 -13.20
N SER U 37 -14.90 -64.09 -13.46
CA SER U 37 -15.16 -64.76 -14.72
C SER U 37 -14.84 -63.87 -15.91
N THR U 38 -15.22 -62.58 -15.82
CA THR U 38 -14.95 -61.65 -16.93
C THR U 38 -13.53 -61.02 -16.89
N ARG U 39 -12.96 -60.85 -15.71
CA ARG U 39 -11.65 -60.22 -15.58
C ARG U 39 -10.54 -61.18 -15.90
N CYS U 40 -10.71 -62.43 -15.47
CA CYS U 40 -9.72 -63.44 -15.73
C CYS U 40 -10.38 -64.62 -16.40
N GLN U 41 -10.53 -64.51 -17.70
CA GLN U 41 -11.20 -65.50 -18.50
C GLN U 41 -10.27 -66.71 -18.60
N PRO U 42 -10.80 -67.94 -18.73
CA PRO U 42 -10.09 -69.22 -18.83
C PRO U 42 -9.28 -69.38 -20.09
N LEU U 43 -8.26 -70.23 -20.01
CA LEU U 43 -7.39 -70.54 -21.14
C LEU U 43 -7.86 -71.67 -22.01
N GLU U 44 -7.92 -71.40 -23.29
CA GLU U 44 -8.26 -72.43 -24.26
C GLU U 44 -6.97 -73.13 -24.65
N LEU U 45 -6.37 -73.85 -23.69
CA LEU U 45 -5.10 -74.54 -23.93
C LEU U 45 -5.27 -75.95 -24.51
N ALA U 46 -6.40 -76.57 -24.24
CA ALA U 46 -6.58 -77.92 -24.73
C ALA U 46 -6.72 -77.88 -26.24
N GLY U 47 -6.07 -78.82 -26.92
CA GLY U 47 -6.17 -78.91 -28.37
C GLY U 47 -5.16 -78.02 -29.10
N LEU U 48 -4.32 -77.30 -28.37
CA LEU U 48 -3.35 -76.39 -29.00
C LEU U 48 -1.96 -76.99 -29.07
N GLY U 49 -1.18 -76.57 -30.09
CA GLY U 49 0.21 -77.00 -30.25
C GLY U 49 1.19 -75.98 -29.68
N PHE U 50 2.48 -76.18 -29.95
CA PHE U 50 3.53 -75.31 -29.43
C PHE U 50 3.36 -73.81 -29.67
N ALA U 51 3.19 -73.38 -30.91
CA ALA U 51 3.13 -71.94 -31.13
C ALA U 51 1.90 -71.31 -30.48
N GLU U 52 0.79 -72.03 -30.52
CA GLU U 52 -0.46 -71.55 -29.97
C GLU U 52 -0.41 -71.44 -28.45
N LEU U 53 0.23 -72.41 -27.80
CA LEU U 53 0.38 -72.39 -26.36
C LEU U 53 1.36 -71.30 -25.94
N GLN U 54 2.37 -71.03 -26.77
CA GLN U 54 3.28 -69.95 -26.44
C GLN U 54 2.54 -68.63 -26.48
N ASP U 55 1.62 -68.45 -27.45
CA ASP U 55 0.89 -67.21 -27.47
C ASP U 55 0.06 -67.05 -26.20
N LEU U 56 -0.53 -68.15 -25.69
CA LEU U 56 -1.29 -68.00 -24.45
C LEU U 56 -0.35 -67.60 -23.31
N CYS U 57 0.85 -68.18 -23.29
CA CYS U 57 1.79 -67.89 -22.22
C CYS U 57 2.22 -66.42 -22.26
N ARG U 58 2.49 -65.89 -23.46
CA ARG U 58 2.90 -64.49 -23.59
C ARG U 58 1.78 -63.54 -23.18
N GLN U 59 0.52 -63.90 -23.52
CA GLN U 59 -0.62 -63.08 -23.15
C GLN U 59 -0.77 -63.04 -21.64
N LEU U 60 -0.54 -64.19 -20.99
CA LEU U 60 -0.62 -64.28 -19.54
C LEU U 60 0.46 -63.47 -18.88
N HIS U 61 1.66 -63.45 -19.46
CA HIS U 61 2.72 -62.65 -18.89
C HIS U 61 2.26 -61.18 -18.88
N ALA U 62 1.72 -60.71 -20.01
CA ALA U 62 1.25 -59.34 -20.03
C ALA U 62 0.11 -59.11 -19.02
N ARG U 63 -0.79 -60.10 -18.88
CA ARG U 63 -1.93 -60.00 -17.98
C ARG U 63 -1.52 -60.01 -16.51
N VAL U 64 -0.52 -60.81 -16.13
CA VAL U 64 -0.11 -60.85 -14.73
C VAL U 64 0.59 -59.55 -14.39
N ASP U 65 1.31 -58.98 -15.34
CA ASP U 65 1.97 -57.72 -15.04
C ASP U 65 0.90 -56.64 -14.84
N LYS U 66 -0.12 -56.60 -15.72
CA LYS U 66 -1.19 -55.63 -15.62
C LYS U 66 -2.03 -55.78 -14.35
N VAL U 67 -2.31 -57.02 -13.92
CA VAL U 67 -3.13 -57.19 -12.72
C VAL U 67 -2.36 -56.71 -11.50
N ASP U 68 -1.03 -56.87 -11.47
CA ASP U 68 -0.31 -56.33 -10.33
C ASP U 68 -0.18 -54.82 -10.42
N GLU U 69 -0.05 -54.24 -11.61
CA GLU U 69 0.03 -52.78 -11.66
C GLU U 69 -1.24 -52.17 -11.10
N GLU U 70 -2.40 -52.70 -11.50
CA GLU U 70 -3.65 -52.16 -11.00
C GLU U 70 -3.86 -52.50 -9.53
N ARG U 71 -3.49 -53.71 -9.12
CA ARG U 71 -3.63 -54.12 -7.73
C ARG U 71 -2.84 -53.19 -6.81
N TYR U 72 -1.64 -52.85 -7.22
CA TYR U 72 -0.77 -51.96 -6.46
C TYR U 72 -1.44 -50.60 -6.28
N ASP U 73 -1.97 -50.03 -7.37
CA ASP U 73 -2.61 -48.71 -7.23
C ASP U 73 -3.84 -48.77 -6.33
N ILE U 74 -4.61 -49.87 -6.42
CA ILE U 74 -5.80 -50.00 -5.60
C ILE U 74 -5.38 -50.13 -4.13
N GLU U 75 -4.35 -50.96 -3.87
CA GLU U 75 -3.80 -51.18 -2.55
C GLU U 75 -3.36 -49.86 -1.93
N ALA U 76 -2.70 -49.00 -2.76
CA ALA U 76 -2.28 -47.70 -2.30
C ALA U 76 -3.49 -46.84 -1.92
N LYS U 77 -4.58 -46.91 -2.71
CA LYS U 77 -5.79 -46.15 -2.40
C LYS U 77 -6.44 -46.60 -1.09
N VAL U 78 -6.45 -47.91 -0.83
CA VAL U 78 -7.02 -48.43 0.41
C VAL U 78 -6.17 -47.89 1.57
N THR U 79 -4.84 -47.94 1.40
CA THR U 79 -3.89 -47.48 2.39
C THR U 79 -4.08 -46.00 2.70
N LYS U 80 -4.29 -45.18 1.65
CA LYS U 80 -4.49 -43.74 1.85
C LYS U 80 -5.70 -43.47 2.72
N ASN U 81 -6.81 -44.19 2.51
CA ASN U 81 -7.96 -43.94 3.37
C ASN U 81 -7.69 -44.37 4.79
N ILE U 82 -6.94 -45.45 4.98
CA ILE U 82 -6.66 -45.89 6.34
C ILE U 82 -5.86 -44.84 7.09
N THR U 83 -4.86 -44.26 6.43
CA THR U 83 -4.05 -43.22 7.06
C THR U 83 -4.91 -42.00 7.40
N GLU U 84 -5.76 -41.54 6.45
CA GLU U 84 -6.60 -40.40 6.76
C GLU U 84 -7.56 -40.73 7.91
N ILE U 85 -8.09 -41.96 7.97
CA ILE U 85 -8.98 -42.33 9.06
C ILE U 85 -8.28 -42.23 10.39
N ALA U 86 -7.06 -42.72 10.49
CA ALA U 86 -6.35 -42.64 11.75
C ALA U 86 -6.18 -41.17 12.20
N ASP U 87 -5.91 -40.28 11.23
CA ASP U 87 -5.73 -38.87 11.54
C ASP U 87 -7.05 -38.18 11.91
N LEU U 88 -8.12 -38.49 11.18
CA LEU U 88 -9.40 -37.86 11.47
C LEU U 88 -9.90 -38.33 12.82
N THR U 89 -9.66 -39.61 13.13
CA THR U 89 -10.11 -40.21 14.36
C THR U 89 -9.45 -39.51 15.54
N GLN U 90 -8.14 -39.24 15.46
CA GLN U 90 -7.49 -38.55 16.56
C GLN U 90 -8.01 -37.14 16.75
N LYS U 91 -8.34 -36.43 15.65
CA LYS U 91 -8.86 -35.08 15.82
C LYS U 91 -10.20 -35.12 16.57
N ILE U 92 -11.02 -36.12 16.26
CA ILE U 92 -12.32 -36.30 16.90
C ILE U 92 -12.12 -36.58 18.39
N PHE U 93 -11.16 -37.47 18.71
CA PHE U 93 -10.91 -37.83 20.10
C PHE U 93 -10.54 -36.61 20.93
N ASP U 94 -9.71 -35.73 20.39
CA ASP U 94 -9.33 -34.54 21.15
C ASP U 94 -10.47 -33.55 21.29
N LEU U 95 -11.30 -33.39 20.24
CA LEU U 95 -12.43 -32.47 20.36
C LEU U 95 -13.40 -32.96 21.41
N ARG U 96 -13.62 -34.27 21.45
CA ARG U 96 -14.52 -34.85 22.43
C ARG U 96 -13.90 -34.89 23.82
N GLY U 97 -12.59 -35.12 23.92
CA GLY U 97 -11.94 -35.18 25.21
C GLY U 97 -12.16 -33.86 25.94
N LYS U 98 -12.18 -32.75 25.22
CA LYS U 98 -12.41 -31.46 25.85
C LYS U 98 -13.76 -31.34 26.56
N PHE U 99 -14.75 -32.14 26.17
CA PHE U 99 -16.07 -32.07 26.75
C PHE U 99 -16.15 -32.84 28.09
N LYS U 100 -15.56 -34.05 28.13
CA LYS U 100 -15.65 -34.88 29.35
C LYS U 100 -14.34 -35.14 30.12
N ARG U 101 -13.22 -35.13 29.39
CA ARG U 101 -11.90 -35.40 29.96
C ARG U 101 -11.58 -34.78 31.32
N PRO U 102 -11.69 -33.44 31.41
CA PRO U 102 -11.38 -32.72 32.63
C PRO U 102 -12.41 -32.86 33.77
N THR U 103 -13.65 -33.34 33.54
CA THR U 103 -14.61 -33.36 34.64
C THR U 103 -15.19 -34.72 35.07
N LEU U 104 -15.04 -35.79 34.26
CA LEU U 104 -15.67 -37.07 34.61
C LEU U 104 -14.80 -38.06 35.41
N ARG U 105 -15.26 -38.41 36.63
CA ARG U 105 -14.57 -39.37 37.54
C ARG U 105 -15.40 -39.88 38.74
N ARG U 106 -14.89 -40.90 39.45
CA ARG U 106 -15.56 -41.44 40.69
C ARG U 106 -14.79 -40.97 41.94
N VAL U 107 -15.19 -39.79 42.45
CA VAL U 107 -14.54 -38.95 43.45
C VAL U 107 -15.32 -38.51 44.67
N ARG U 108 -14.63 -37.83 45.58
CA ARG U 108 -15.24 -37.26 46.79
C ARG U 108 -16.09 -38.21 47.62
N ILE U 109 -15.56 -39.40 47.86
CA ILE U 109 -16.22 -40.39 48.69
C ILE U 109 -15.58 -40.43 50.09
N SER U 110 -14.24 -40.38 50.13
CA SER U 110 -13.48 -40.39 51.37
C SER U 110 -13.72 -39.08 52.11
N ALA U 111 -14.23 -38.11 51.36
CA ALA U 111 -14.57 -36.80 51.86
C ALA U 111 -15.60 -36.93 52.98
N ASP U 112 -16.53 -37.88 52.86
CA ASP U 112 -17.53 -38.07 53.91
C ASP U 112 -17.04 -39.11 54.90
N ALA U 113 -16.31 -40.12 54.41
CA ALA U 113 -15.86 -41.21 55.28
C ALA U 113 -14.96 -40.71 56.42
N MET U 114 -14.16 -39.68 56.13
CA MET U 114 -13.22 -39.11 57.09
C MET U 114 -13.84 -38.04 57.99
N MET U 115 -15.15 -37.76 57.82
CA MET U 115 -15.81 -36.68 58.55
C MET U 115 -15.79 -36.85 60.06
N GLN U 116 -15.79 -38.09 60.54
CA GLN U 116 -15.81 -38.34 61.97
C GLN U 116 -14.42 -38.55 62.57
N ALA U 117 -13.37 -38.51 61.76
CA ALA U 117 -12.04 -38.87 62.25
C ALA U 117 -11.57 -38.04 63.44
N LEU U 118 -11.89 -36.76 63.44
CA LEU U 118 -11.42 -35.93 64.53
C LEU U 118 -12.40 -35.86 65.67
N LEU U 119 -13.58 -36.45 65.51
CA LEU U 119 -14.53 -36.41 66.59
C LEU U 119 -14.08 -37.47 67.55
N GLY U 120 -13.60 -38.57 66.95
CA GLY U 120 -13.04 -39.68 67.70
C GLY U 120 -11.81 -39.18 68.43
N ALA U 121 -10.90 -38.53 67.68
CA ALA U 121 -9.68 -38.01 68.27
C ALA U 121 -9.94 -37.01 69.39
N ARG U 122 -10.93 -36.12 69.26
CA ARG U 122 -11.17 -35.18 70.34
C ARG U 122 -11.69 -35.86 71.61
N ALA U 123 -12.59 -36.85 71.47
CA ALA U 123 -13.08 -37.50 72.69
C ALA U 123 -11.92 -38.18 73.40
N LYS U 124 -11.03 -38.80 72.60
CA LYS U 124 -9.89 -39.52 73.12
C LYS U 124 -8.87 -38.58 73.77
N GLU U 125 -8.56 -37.45 73.14
CA GLU U 125 -7.56 -36.56 73.72
C GLU U 125 -7.93 -36.13 75.12
N SER U 126 -9.20 -35.76 75.34
CA SER U 126 -9.59 -35.30 76.66
C SER U 126 -9.50 -36.42 77.69
N LEU U 127 -9.92 -37.63 77.31
CA LEU U 127 -9.88 -38.72 78.27
C LEU U 127 -8.48 -39.25 78.52
N ASP U 128 -7.61 -39.25 77.50
CA ASP U 128 -6.24 -39.73 77.72
C ASP U 128 -5.51 -38.81 78.66
N LEU U 129 -5.75 -37.50 78.55
CA LEU U 129 -5.08 -36.60 79.45
C LEU U 129 -5.56 -36.81 80.87
N ARG U 130 -6.87 -36.98 81.07
CA ARG U 130 -7.32 -37.20 82.44
C ARG U 130 -6.73 -38.49 83.02
N ALA U 131 -6.66 -39.55 82.20
CA ALA U 131 -6.10 -40.83 82.65
C ALA U 131 -4.64 -40.67 83.04
N HIS U 132 -3.90 -39.88 82.25
CA HIS U 132 -2.49 -39.62 82.50
C HIS U 132 -2.30 -38.93 83.82
N LEU U 133 -3.05 -37.88 84.04
CA LEU U 133 -2.90 -37.10 85.24
C LEU U 133 -3.30 -37.89 86.48
N LYS U 134 -4.34 -38.71 86.37
CA LYS U 134 -4.71 -39.49 87.54
C LYS U 134 -3.60 -40.48 87.84
N GLN U 135 -2.99 -41.10 86.80
CA GLN U 135 -1.90 -42.05 86.98
C GLN U 135 -0.69 -41.39 87.64
N VAL U 136 -0.48 -40.10 87.33
CA VAL U 136 0.62 -39.34 87.91
C VAL U 136 0.52 -39.33 89.44
N LYS U 137 -0.69 -39.18 90.01
CA LYS U 137 -0.78 -39.21 91.47
C LYS U 137 -1.10 -40.62 92.02
N LYS U 138 -1.74 -41.45 91.20
CA LYS U 138 -2.17 -42.79 91.59
C LYS U 138 -1.00 -43.73 91.84
N GLU U 139 0.04 -43.69 90.99
CA GLU U 139 1.14 -44.62 91.18
C GLU U 139 1.77 -44.51 92.57
N ASP U 140 1.95 -43.28 93.05
CA ASP U 140 2.57 -43.07 94.35
C ASP U 140 1.59 -43.47 95.47
N THR U 141 0.29 -43.21 95.25
CA THR U 141 -0.75 -43.58 96.20
C THR U 141 -0.79 -45.09 96.40
N GLU U 142 -0.71 -45.84 95.30
CA GLU U 142 -0.74 -47.28 95.38
C GLU U 142 0.52 -47.91 95.98
N LYS U 143 1.71 -47.38 95.67
CA LYS U 143 2.91 -48.01 96.18
C LYS U 143 3.15 -47.94 97.69
N GLU U 144 2.89 -46.80 98.35
CA GLU U 144 3.18 -46.76 99.80
C GLU U 144 2.08 -46.05 100.58
N ASN U 145 1.70 -46.60 101.75
CA ASN U 145 0.66 -45.95 102.57
C ASN U 145 0.66 -46.20 104.10
N ARG U 146 1.76 -46.68 104.72
CA ARG U 146 1.72 -46.94 106.17
C ARG U 146 2.56 -45.96 106.96
N GLU U 147 3.58 -45.44 106.30
CA GLU U 147 4.62 -44.56 106.81
C GLU U 147 4.07 -43.20 107.22
N VAL U 148 2.88 -42.92 106.70
CA VAL U 148 2.12 -41.69 106.90
C VAL U 148 0.91 -41.92 107.80
N GLY U 149 0.92 -43.03 108.55
CA GLY U 149 -0.11 -43.39 109.52
C GLY U 149 0.38 -42.98 110.92
N ASP U 150 0.00 -43.72 111.96
CA ASP U 150 0.38 -43.31 113.32
C ASP U 150 0.83 -44.48 114.22
N TRP U 151 1.18 -44.12 115.46
CA TRP U 151 1.68 -44.95 116.56
C TRP U 151 0.57 -45.50 117.48
N ARG U 152 0.86 -46.60 118.18
CA ARG U 152 -0.10 -47.21 119.12
C ARG U 152 -0.63 -46.30 120.24
N LYS U 153 0.19 -45.42 120.80
CA LYS U 153 -0.27 -44.51 121.87
C LYS U 153 -0.92 -45.21 123.09
N ASN U 154 -0.23 -46.18 123.69
CA ASN U 154 -0.74 -46.91 124.86
C ASN U 154 -0.46 -46.13 126.17
N ILE U 155 -0.88 -46.68 127.31
CA ILE U 155 -0.74 -46.04 128.63
C ILE U 155 0.07 -46.85 129.65
N ASP U 156 0.46 -46.19 130.77
CA ASP U 156 1.22 -46.81 131.85
C ASP U 156 0.38 -47.56 132.90
N ALA U 157 -0.61 -46.89 133.48
CA ALA U 157 -1.54 -47.37 134.53
C ALA U 157 -0.90 -47.63 135.91
N LEU U 158 0.31 -48.19 135.95
CA LEU U 158 1.02 -48.61 137.17
C LEU U 158 0.32 -49.78 137.83
N SER U 159 -0.36 -50.59 137.02
CA SER U 159 -1.09 -51.77 137.45
C SER U 159 -0.16 -52.85 138.03
N GLY U 160 1.12 -52.77 137.66
CA GLY U 160 2.13 -53.71 138.11
C GLY U 160 2.84 -53.27 139.40
N MET U 161 2.45 -52.13 139.98
CA MET U 161 3.11 -51.70 141.20
C MET U 161 2.57 -52.47 142.40
N GLU U 162 3.47 -52.85 143.30
CA GLU U 162 3.11 -53.53 144.55
C GLU U 162 3.51 -52.67 145.75
N GLY U 163 3.70 -51.39 145.50
CA GLY U 163 4.16 -50.46 146.52
C GLY U 163 4.39 -49.08 145.93
N ARG U 164 5.08 -48.25 146.70
CA ARG U 164 5.39 -46.88 146.31
C ARG U 164 6.54 -46.85 145.33
N LYS U 165 6.60 -45.78 144.55
CA LYS U 165 7.73 -45.53 143.67
C LYS U 165 8.91 -45.15 144.56
N LYS U 166 10.12 -45.49 144.15
CA LYS U 166 11.34 -45.17 144.92
C LYS U 166 11.71 -43.68 144.98
N LYS U 167 11.17 -42.90 144.06
CA LYS U 167 11.44 -41.47 143.92
C LYS U 167 10.81 -40.62 145.00
N PHE U 168 11.35 -39.40 145.17
CA PHE U 168 10.86 -38.41 146.16
C PHE U 168 9.43 -37.97 145.89
N GLU U 169 8.95 -38.30 144.71
CA GLU U 169 7.64 -38.01 144.21
C GLU U 169 6.52 -38.71 144.99
N SER U 170 6.86 -39.81 145.67
CA SER U 170 5.86 -40.57 146.42
C SER U 170 6.42 -41.22 147.69
N ASP V 1 -41.23 -58.16 31.94
CA ASP V 1 -41.35 -58.50 30.54
C ASP V 1 -39.98 -58.60 29.83
N ASP V 2 -39.80 -57.85 28.73
CA ASP V 2 -38.61 -58.00 27.90
C ASP V 2 -37.34 -57.34 28.43
N ILE V 3 -37.45 -56.35 29.33
CA ILE V 3 -36.22 -55.75 29.86
C ILE V 3 -35.56 -56.76 30.78
N TYR V 4 -36.40 -57.53 31.48
CA TYR V 4 -35.92 -58.50 32.42
C TYR V 4 -35.31 -59.67 31.68
N LYS V 5 -35.93 -60.08 30.57
CA LYS V 5 -35.35 -61.15 29.79
C LYS V 5 -34.01 -60.71 29.21
N ALA V 6 -33.94 -59.47 28.71
CA ALA V 6 -32.74 -58.96 28.09
C ALA V 6 -31.57 -58.87 29.05
N ALA V 7 -31.81 -58.45 30.29
CA ALA V 7 -30.70 -58.38 31.24
C ALA V 7 -30.13 -59.76 31.48
N VAL V 8 -30.98 -60.79 31.46
CA VAL V 8 -30.49 -62.14 31.64
C VAL V 8 -29.63 -62.54 30.44
N GLU V 9 -30.11 -62.24 29.23
CA GLU V 9 -29.43 -62.56 27.98
C GLU V 9 -28.06 -61.89 27.88
N GLN V 10 -27.96 -60.68 28.43
CA GLN V 10 -26.72 -59.93 28.39
C GLN V 10 -25.70 -60.21 29.48
N LEU V 11 -26.00 -61.07 30.44
CA LEU V 11 -24.98 -61.26 31.46
C LEU V 11 -24.28 -62.58 31.12
N THR V 12 -22.95 -62.68 31.26
CA THR V 12 -22.27 -63.92 30.89
C THR V 12 -22.32 -64.96 32.01
N GLU V 13 -21.98 -66.22 31.72
CA GLU V 13 -22.08 -67.27 32.73
C GLU V 13 -21.20 -67.06 33.96
N GLU V 14 -19.98 -66.56 33.77
CA GLU V 14 -19.09 -66.31 34.89
C GLU V 14 -19.54 -65.13 35.76
N GLN V 15 -20.52 -64.36 35.27
CA GLN V 15 -21.05 -63.23 36.00
C GLN V 15 -22.39 -63.55 36.64
N LYS V 16 -23.30 -64.19 35.89
CA LYS V 16 -24.64 -64.47 36.42
C LYS V 16 -24.57 -65.46 37.57
N ASN V 17 -23.55 -66.32 37.58
CA ASN V 17 -23.41 -67.24 38.67
C ASN V 17 -23.03 -66.51 39.97
N GLU V 18 -22.30 -65.40 39.85
CA GLU V 18 -21.90 -64.62 41.02
C GLU V 18 -23.08 -63.79 41.46
N PHE V 19 -23.87 -63.32 40.48
CA PHE V 19 -25.00 -62.47 40.81
C PHE V 19 -26.00 -63.27 41.60
N LYS V 20 -26.30 -64.51 41.17
CA LYS V 20 -27.30 -65.23 41.93
C LYS V 20 -26.72 -65.72 43.27
N ALA V 21 -25.42 -66.07 43.30
CA ALA V 21 -24.85 -66.55 44.55
C ALA V 21 -24.82 -65.45 45.60
N ALA V 22 -24.51 -64.22 45.18
CA ALA V 22 -24.43 -63.10 46.09
C ALA V 22 -25.83 -62.60 46.45
N PHE V 23 -26.74 -62.57 45.47
CA PHE V 23 -28.11 -62.11 45.63
C PHE V 23 -28.91 -63.00 46.57
N ASP V 24 -28.55 -64.28 46.65
CA ASP V 24 -29.24 -65.19 47.54
C ASP V 24 -29.01 -64.79 49.02
N ILE V 25 -28.09 -63.85 49.31
CA ILE V 25 -27.88 -63.35 50.67
C ILE V 25 -29.16 -62.64 51.17
N PHE V 26 -30.06 -62.31 50.25
CA PHE V 26 -31.33 -61.63 50.49
C PHE V 26 -32.36 -62.46 51.25
N VAL V 27 -32.15 -63.77 51.35
CA VAL V 27 -33.02 -64.68 52.10
C VAL V 27 -32.20 -65.26 53.25
N LEU V 28 -32.76 -65.28 54.46
CA LEU V 28 -31.99 -65.73 55.61
C LEU V 28 -31.94 -67.24 55.81
N GLY V 29 -32.89 -67.93 55.20
CA GLY V 29 -32.99 -69.38 55.35
C GLY V 29 -34.19 -69.73 56.22
N ALA V 30 -34.90 -70.80 55.85
CA ALA V 30 -36.09 -71.25 56.57
C ALA V 30 -37.15 -70.15 56.68
N GLU V 31 -37.31 -69.38 55.61
CA GLU V 31 -38.31 -68.32 55.55
C GLU V 31 -39.33 -68.70 54.46
N ASP V 32 -39.50 -67.81 53.48
CA ASP V 32 -40.42 -68.02 52.37
C ASP V 32 -39.80 -67.74 51.01
N GLY V 33 -38.51 -67.46 51.01
CA GLY V 33 -37.76 -67.16 49.78
C GLY V 33 -38.08 -65.78 49.26
N CYS V 34 -38.58 -64.88 50.12
CA CYS V 34 -38.98 -63.53 49.71
C CYS V 34 -37.97 -62.77 48.86
N ILE V 35 -36.72 -62.70 49.32
CA ILE V 35 -35.61 -61.94 48.71
C ILE V 35 -35.92 -60.43 48.82
N SER V 36 -35.54 -59.81 49.94
CA SER V 36 -35.97 -58.42 50.23
C SER V 36 -35.20 -57.31 49.48
N THR V 37 -35.77 -56.10 49.39
CA THR V 37 -35.06 -54.98 48.72
C THR V 37 -33.99 -54.26 49.54
N LYS V 38 -34.02 -54.37 50.86
CA LYS V 38 -33.05 -53.62 51.68
C LYS V 38 -31.61 -54.12 51.54
N GLU V 39 -31.46 -55.32 51.01
CA GLU V 39 -30.17 -56.00 50.83
C GLU V 39 -29.48 -55.65 49.51
N LEU V 40 -30.12 -54.79 48.69
CA LEU V 40 -29.53 -54.40 47.41
C LEU V 40 -28.22 -53.66 47.56
N GLY V 41 -28.09 -52.82 48.56
CA GLY V 41 -26.85 -52.09 48.67
C GLY V 41 -25.65 -53.03 48.92
N LYS V 42 -25.91 -54.07 49.73
CA LYS V 42 -24.86 -54.98 50.10
C LYS V 42 -24.39 -55.80 48.92
N VAL V 43 -25.33 -56.24 48.09
CA VAL V 43 -24.96 -57.03 46.94
C VAL V 43 -24.24 -56.20 45.86
N MET V 44 -24.59 -54.92 45.71
CA MET V 44 -23.86 -54.10 44.73
C MET V 44 -22.38 -54.19 45.05
N ARG V 45 -22.05 -54.02 46.34
CA ARG V 45 -20.66 -54.09 46.77
C ARG V 45 -20.07 -55.52 46.69
N MET V 46 -20.86 -56.56 47.00
CA MET V 46 -20.38 -57.95 46.95
C MET V 46 -19.94 -58.35 45.55
N LEU V 47 -20.61 -57.80 44.54
CA LEU V 47 -20.33 -58.10 43.16
C LEU V 47 -19.26 -57.24 42.49
N GLY V 48 -18.65 -56.31 43.23
CA GLY V 48 -17.60 -55.47 42.66
C GLY V 48 -17.97 -54.02 42.30
N GLN V 49 -19.17 -53.57 42.63
CA GLN V 49 -19.50 -52.18 42.34
C GLN V 49 -19.02 -51.43 43.57
N ASN V 50 -18.69 -50.15 43.45
CA ASN V 50 -18.26 -49.42 44.63
C ASN V 50 -19.06 -48.11 44.87
N PRO V 51 -20.38 -48.23 45.16
CA PRO V 51 -21.35 -47.16 45.40
C PRO V 51 -21.22 -46.51 46.78
N THR V 52 -21.68 -45.26 46.85
CA THR V 52 -21.80 -44.50 48.10
C THR V 52 -23.16 -44.84 48.71
N PRO V 53 -23.44 -44.51 49.99
CA PRO V 53 -24.75 -44.70 50.61
C PRO V 53 -25.92 -44.12 49.81
N GLU V 54 -25.70 -43.01 49.10
CA GLU V 54 -26.81 -42.45 48.33
C GLU V 54 -27.14 -43.39 47.18
N GLU V 55 -26.10 -43.89 46.53
CA GLU V 55 -26.24 -44.82 45.41
C GLU V 55 -26.86 -46.13 45.89
N LEU V 56 -26.55 -46.57 47.12
CA LEU V 56 -27.11 -47.81 47.59
C LEU V 56 -28.63 -47.62 47.71
N GLN V 57 -29.04 -46.45 48.23
CA GLN V 57 -30.46 -46.17 48.37
C GLN V 57 -31.14 -45.99 47.03
N GLU V 58 -30.45 -45.40 46.05
CA GLU V 58 -31.08 -45.23 44.76
C GLU V 58 -31.41 -46.59 44.14
N MET V 59 -30.52 -47.58 44.30
CA MET V 59 -30.83 -48.89 43.74
C MET V 59 -32.12 -49.43 44.37
N ILE V 60 -32.31 -49.18 45.67
CA ILE V 60 -33.51 -49.62 46.38
C ILE V 60 -34.74 -48.84 45.88
N ASP V 61 -34.61 -47.53 45.72
CA ASP V 61 -35.72 -46.69 45.27
C ASP V 61 -36.23 -47.06 43.86
N GLU V 62 -35.35 -47.60 43.01
CA GLU V 62 -35.70 -47.98 41.64
C GLU V 62 -36.29 -49.39 41.45
N VAL V 63 -36.50 -50.14 42.54
CA VAL V 63 -37.09 -51.50 42.47
C VAL V 63 -38.41 -51.51 43.21
N ASP V 64 -39.07 -52.67 43.25
CA ASP V 64 -40.35 -52.85 43.95
C ASP V 64 -41.54 -52.11 43.33
N GLU V 65 -41.74 -52.29 42.01
CA GLU V 65 -42.84 -51.62 41.32
C GLU V 65 -44.23 -51.98 41.86
N ASP V 66 -44.39 -53.19 42.40
CA ASP V 66 -45.69 -53.62 42.89
C ASP V 66 -45.90 -53.43 44.38
N GLY V 67 -44.93 -52.85 45.08
CA GLY V 67 -45.04 -52.64 46.51
C GLY V 67 -44.88 -53.92 47.35
N SER V 68 -44.35 -55.00 46.74
CA SER V 68 -44.17 -56.28 47.44
C SER V 68 -43.05 -56.31 48.47
N GLY V 69 -42.07 -55.44 48.32
CA GLY V 69 -40.93 -55.35 49.22
C GLY V 69 -39.79 -56.28 48.86
N THR V 70 -39.88 -56.95 47.70
CA THR V 70 -38.88 -57.91 47.24
C THR V 70 -38.28 -57.60 45.86
N VAL V 71 -37.20 -58.31 45.56
CA VAL V 71 -36.50 -58.22 44.27
C VAL V 71 -36.37 -59.63 43.67
N ASP V 72 -36.77 -59.86 42.44
CA ASP V 72 -36.57 -61.21 41.89
C ASP V 72 -35.15 -61.30 41.31
N PHE V 73 -34.78 -62.46 40.79
CA PHE V 73 -33.45 -62.66 40.23
C PHE V 73 -33.29 -61.96 38.89
N ASP V 74 -34.32 -62.01 38.04
CA ASP V 74 -34.23 -61.36 36.74
C ASP V 74 -34.33 -59.85 36.95
N GLU V 75 -35.08 -59.47 37.99
CA GLU V 75 -35.26 -58.07 38.34
C GLU V 75 -33.95 -57.49 38.83
N PHE V 76 -33.21 -58.31 39.57
CA PHE V 76 -31.91 -57.92 40.04
C PHE V 76 -30.99 -57.68 38.88
N LEU V 77 -30.97 -58.58 37.89
CA LEU V 77 -30.06 -58.35 36.79
C LEU V 77 -30.37 -57.04 36.05
N VAL V 78 -31.65 -56.70 35.92
CA VAL V 78 -32.06 -55.47 35.28
C VAL V 78 -31.58 -54.26 36.07
N MET V 79 -31.73 -54.32 37.39
CA MET V 79 -31.31 -53.25 38.26
C MET V 79 -29.79 -53.12 38.27
N MET V 80 -29.07 -54.25 38.23
CA MET V 80 -27.62 -54.20 38.16
C MET V 80 -27.12 -53.60 36.86
N VAL V 81 -27.69 -53.95 35.70
CA VAL V 81 -27.12 -53.36 34.48
C VAL V 81 -27.32 -51.84 34.44
N ARG V 82 -28.35 -51.33 35.13
CA ARG V 82 -28.59 -49.90 35.24
C ARG V 82 -27.69 -49.21 36.29
N CYS V 83 -26.91 -49.99 37.04
CA CYS V 83 -26.01 -49.52 38.08
C CYS V 83 -24.54 -49.80 37.67
N MET V 84 -24.26 -51.07 37.41
CA MET V 84 -23.00 -51.64 36.97
C MET V 84 -23.26 -52.32 35.62
N LYS V 85 -22.83 -51.70 34.51
CA LYS V 85 -23.20 -52.16 33.17
C LYS V 85 -22.44 -53.38 32.64
N ASP V 86 -22.71 -54.51 33.29
CA ASP V 86 -22.11 -55.79 32.92
C ASP V 86 -22.87 -56.46 31.80
N ASP V 87 -22.64 -55.97 30.58
CA ASP V 87 -23.32 -56.52 29.40
C ASP V 87 -22.49 -57.71 28.90
N SER V 88 -22.94 -58.38 27.84
CA SER V 88 -22.14 -59.49 27.32
C SER V 88 -21.29 -58.99 26.17
N LYS V 89 -19.99 -58.84 26.42
CA LYS V 89 -19.00 -58.28 25.48
C LYS V 89 -19.25 -56.78 25.17
N GLY V 90 -20.43 -56.48 24.62
CA GLY V 90 -20.86 -55.12 24.29
C GLY V 90 -20.44 -54.65 22.90
N LYS V 91 -19.86 -55.58 22.14
CA LYS V 91 -19.30 -55.49 20.80
C LYS V 91 -18.13 -54.52 20.66
N SER V 92 -18.11 -53.73 19.59
CA SER V 92 -16.99 -52.85 19.30
C SER V 92 -17.38 -51.79 18.31
N GLU V 93 -16.52 -50.79 18.16
CA GLU V 93 -16.73 -49.74 17.19
C GLU V 93 -16.67 -50.26 15.76
N GLU V 94 -15.78 -51.22 15.48
CA GLU V 94 -15.68 -51.73 14.12
C GLU V 94 -16.95 -52.49 13.73
N GLU V 95 -17.49 -53.27 14.66
CA GLU V 95 -18.69 -54.03 14.35
C GLU V 95 -19.86 -53.09 14.16
N LEU V 96 -19.96 -52.06 15.01
CA LEU V 96 -21.08 -51.16 14.86
C LEU V 96 -20.92 -50.23 13.68
N SER V 97 -19.68 -49.96 13.25
CA SER V 97 -19.45 -49.11 12.09
C SER V 97 -19.99 -49.78 10.83
N ASP V 98 -19.70 -51.08 10.68
CA ASP V 98 -20.19 -51.82 9.52
C ASP V 98 -21.71 -51.98 9.55
N LEU V 99 -22.28 -52.07 10.74
CA LEU V 99 -23.71 -52.18 10.87
C LEU V 99 -24.36 -50.79 10.68
N PHE V 100 -23.70 -49.73 11.12
CA PHE V 100 -24.18 -48.35 10.99
C PHE V 100 -24.44 -48.05 9.53
N ARG V 101 -23.47 -48.43 8.70
CA ARG V 101 -23.51 -48.25 7.25
C ARG V 101 -24.74 -48.89 6.60
N MET V 102 -25.33 -49.91 7.24
CA MET V 102 -26.48 -50.60 6.66
C MET V 102 -27.76 -49.80 6.84
N PHE V 103 -27.82 -49.04 7.93
CA PHE V 103 -29.01 -48.22 8.21
C PHE V 103 -28.89 -46.93 7.43
N ASP V 104 -27.66 -46.54 7.14
CA ASP V 104 -27.37 -45.34 6.39
C ASP V 104 -27.35 -45.66 4.90
N LYS V 105 -28.54 -45.91 4.38
CA LYS V 105 -28.76 -46.33 3.01
C LYS V 105 -28.31 -45.28 2.01
N ASN V 106 -28.41 -44.00 2.38
CA ASN V 106 -28.04 -42.91 1.50
C ASN V 106 -26.60 -42.42 1.76
N ALA V 107 -25.88 -43.11 2.65
CA ALA V 107 -24.52 -42.75 3.02
C ALA V 107 -24.38 -41.28 3.46
N ASP V 108 -25.30 -40.81 4.34
CA ASP V 108 -25.28 -39.43 4.83
C ASP V 108 -24.48 -39.25 6.14
N GLY V 109 -24.08 -40.34 6.78
CA GLY V 109 -23.31 -40.31 8.03
C GLY V 109 -24.17 -40.29 9.29
N TYR V 110 -25.48 -40.45 9.10
CA TYR V 110 -26.46 -40.48 10.17
C TYR V 110 -27.70 -41.27 9.82
N ILE V 111 -28.41 -41.71 10.86
CA ILE V 111 -29.65 -42.41 10.67
C ILE V 111 -30.83 -41.48 11.01
N ASP V 112 -31.61 -41.16 9.99
CA ASP V 112 -32.76 -40.29 10.17
C ASP V 112 -33.96 -41.15 10.53
N LEU V 113 -35.12 -40.53 10.73
CA LEU V 113 -36.31 -41.25 11.13
C LEU V 113 -36.81 -42.23 10.08
N ASP V 114 -36.64 -41.94 8.79
CA ASP V 114 -37.18 -42.86 7.79
C ASP V 114 -36.39 -44.15 7.73
N GLU V 115 -35.07 -44.06 7.82
CA GLU V 115 -34.21 -45.22 7.81
C GLU V 115 -34.40 -46.04 9.06
N LEU V 116 -34.60 -45.35 10.19
CA LEU V 116 -34.78 -45.98 11.47
C LEU V 116 -36.07 -46.82 11.43
N LYS V 117 -37.14 -46.26 10.83
CA LYS V 117 -38.42 -46.97 10.69
C LYS V 117 -38.37 -48.11 9.70
N ILE V 118 -37.70 -47.94 8.56
CA ILE V 118 -37.66 -49.01 7.58
C ILE V 118 -36.92 -50.20 8.14
N MET V 119 -35.76 -49.96 8.74
CA MET V 119 -34.97 -51.03 9.29
C MET V 119 -35.75 -51.77 10.36
N LEU V 120 -36.43 -51.07 11.27
CA LEU V 120 -37.24 -51.78 12.24
C LEU V 120 -38.49 -52.47 11.73
N GLN V 121 -39.24 -51.86 10.81
CA GLN V 121 -40.45 -52.53 10.36
C GLN V 121 -40.08 -53.81 9.62
N ALA V 122 -38.92 -53.79 8.96
CA ALA V 122 -38.36 -54.92 8.20
C ALA V 122 -38.10 -56.15 9.06
N THR V 123 -38.07 -56.00 10.39
CA THR V 123 -37.82 -57.12 11.29
C THR V 123 -39.09 -57.92 11.54
N GLY V 124 -40.24 -57.36 11.16
CA GLY V 124 -41.53 -57.97 11.42
C GLY V 124 -42.21 -57.37 12.65
N GLU V 125 -41.46 -56.59 13.43
CA GLU V 125 -42.03 -55.95 14.61
C GLU V 125 -42.87 -54.75 14.20
N THR V 126 -44.11 -54.68 14.67
CA THR V 126 -44.98 -53.58 14.32
C THR V 126 -44.48 -52.28 14.90
N ILE V 127 -44.39 -51.27 14.04
CA ILE V 127 -43.97 -49.95 14.45
C ILE V 127 -45.16 -49.00 14.44
N THR V 128 -45.39 -48.34 15.58
CA THR V 128 -46.52 -47.43 15.77
C THR V 128 -46.08 -45.98 15.59
N GLU V 129 -47.03 -45.05 15.61
CA GLU V 129 -46.75 -43.64 15.35
C GLU V 129 -45.71 -42.99 16.27
N ASP V 130 -45.65 -43.40 17.54
CA ASP V 130 -44.68 -42.79 18.47
C ASP V 130 -43.35 -43.55 18.54
N ASP V 131 -43.24 -44.65 17.81
CA ASP V 131 -42.02 -45.41 17.90
C ASP V 131 -41.09 -44.69 16.99
N ILE V 132 -39.86 -45.16 16.88
CA ILE V 132 -38.84 -44.56 16.03
C ILE V 132 -38.42 -43.21 16.61
N GLU V 133 -39.34 -42.23 16.74
CA GLU V 133 -39.02 -40.95 17.35
C GLU V 133 -38.49 -41.19 18.76
N GLU V 134 -39.09 -42.13 19.51
CA GLU V 134 -38.60 -42.45 20.85
C GLU V 134 -37.14 -42.93 20.84
N LEU V 135 -36.68 -43.63 19.78
CA LEU V 135 -35.29 -44.04 19.75
C LEU V 135 -34.43 -42.89 19.28
N MET V 136 -34.93 -42.13 18.31
CA MET V 136 -34.13 -41.04 17.75
C MET V 136 -33.77 -40.06 18.85
N LYS V 137 -34.71 -39.78 19.74
CA LYS V 137 -34.51 -38.83 20.81
C LYS V 137 -33.60 -39.39 21.92
N ASP V 138 -33.31 -40.70 21.88
CA ASP V 138 -32.48 -41.37 22.87
C ASP V 138 -31.03 -41.33 22.39
N GLY V 139 -30.84 -41.62 21.10
CA GLY V 139 -29.51 -41.60 20.51
C GLY V 139 -29.03 -40.17 20.25
N ASP V 140 -29.96 -39.27 19.92
CA ASP V 140 -29.66 -37.88 19.55
C ASP V 140 -29.38 -37.00 20.75
N LYS V 141 -28.19 -37.21 21.32
CA LYS V 141 -27.76 -36.51 22.52
C LYS V 141 -27.61 -35.02 22.30
N ASN V 142 -27.27 -34.61 21.06
CA ASN V 142 -27.10 -33.19 20.79
C ASN V 142 -28.36 -32.50 20.29
N ASN V 143 -29.49 -33.22 20.27
CA ASN V 143 -30.76 -32.70 19.79
C ASN V 143 -30.69 -32.12 18.35
N ASP V 144 -30.03 -32.82 17.43
CA ASP V 144 -29.91 -32.41 16.03
C ASP V 144 -30.94 -33.08 15.09
N GLY V 145 -31.85 -33.88 15.64
CA GLY V 145 -32.93 -34.54 14.88
C GLY V 145 -32.58 -35.88 14.24
N ARG V 146 -31.42 -36.43 14.55
CA ARG V 146 -30.98 -37.69 13.96
C ARG V 146 -29.94 -38.40 14.82
N ILE V 147 -29.71 -39.70 14.59
CA ILE V 147 -28.65 -40.37 15.35
C ILE V 147 -27.41 -40.51 14.47
N ASP V 148 -26.33 -39.80 14.79
CA ASP V 148 -25.19 -39.91 13.89
C ASP V 148 -24.27 -41.06 14.27
N TYR V 149 -23.20 -41.24 13.53
CA TYR V 149 -22.25 -42.31 13.83
C TYR V 149 -21.80 -42.38 15.28
N ASP V 150 -21.46 -41.24 15.90
CA ASP V 150 -20.92 -41.25 17.24
C ASP V 150 -22.03 -41.56 18.22
N GLU V 151 -23.18 -40.96 17.95
CA GLU V 151 -24.34 -41.13 18.77
C GLU V 151 -24.84 -42.57 18.71
N PHE V 152 -24.71 -43.19 17.54
CA PHE V 152 -25.07 -44.57 17.30
C PHE V 152 -24.24 -45.48 18.17
N LEU V 153 -22.92 -45.24 18.19
CA LEU V 153 -22.05 -46.08 19.01
C LEU V 153 -22.40 -45.97 20.49
N GLU V 154 -22.72 -44.76 20.97
CA GLU V 154 -23.10 -44.67 22.39
C GLU V 154 -24.45 -45.36 22.63
N PHE V 155 -25.41 -45.10 21.74
CA PHE V 155 -26.78 -45.59 21.77
C PHE V 155 -26.85 -47.10 21.86
N MET V 156 -26.10 -47.79 21.02
CA MET V 156 -26.12 -49.24 21.01
C MET V 156 -25.02 -49.98 21.77
N LYS V 157 -24.30 -49.31 22.67
CA LYS V 157 -23.29 -50.08 23.39
C LYS V 157 -24.05 -51.10 24.26
N GLY V 158 -23.66 -52.39 24.18
CA GLY V 158 -24.38 -53.41 24.97
C GLY V 158 -25.62 -54.02 24.26
N VAL V 159 -25.84 -53.68 23.00
CA VAL V 159 -26.97 -54.19 22.25
C VAL V 159 -26.65 -55.41 21.38
N GLU V 160 -27.51 -56.44 21.43
CA GLU V 160 -27.34 -57.66 20.63
C GLU V 160 -28.56 -58.00 19.79
N LEU W 1 12.67 -42.30 238.90
CA LEU W 1 12.77 -42.78 237.52
C LEU W 1 11.50 -43.30 236.90
N LYS W 2 10.44 -43.56 237.68
CA LYS W 2 9.27 -44.10 236.99
C LYS W 2 8.78 -43.20 235.86
N LEU W 3 8.84 -41.89 236.05
CA LEU W 3 8.37 -40.98 235.02
C LEU W 3 9.26 -41.05 233.79
N ASP W 4 10.54 -41.28 233.97
CA ASP W 4 11.45 -41.29 232.85
C ASP W 4 11.32 -42.61 232.17
N LYS W 5 11.07 -43.66 232.94
CA LYS W 5 10.90 -44.96 232.35
C LYS W 5 9.63 -45.00 231.57
N GLU W 6 8.58 -44.44 232.15
CA GLU W 6 7.27 -44.38 231.52
C GLU W 6 7.32 -43.55 230.25
N ASN W 7 8.06 -42.44 230.26
CA ASN W 7 8.11 -41.65 229.06
C ASN W 7 8.96 -42.38 228.02
N ALA W 8 10.08 -42.96 228.46
CA ALA W 8 10.97 -43.69 227.60
C ALA W 8 10.29 -44.91 227.04
N LEU W 9 9.43 -45.53 227.85
CA LEU W 9 8.67 -46.73 227.52
C LEU W 9 7.53 -46.43 226.59
N ASP W 10 6.78 -45.36 226.82
CA ASP W 10 5.72 -45.07 225.88
C ASP W 10 6.38 -44.82 224.55
N ARG W 11 7.54 -44.17 224.58
CA ARG W 11 8.26 -43.95 223.36
C ARG W 11 8.88 -45.25 222.88
N ALA W 12 9.35 -46.13 223.75
CA ALA W 12 9.94 -47.36 223.27
C ALA W 12 8.95 -48.21 222.55
N GLU W 13 7.76 -48.29 223.11
CA GLU W 13 6.74 -49.12 222.53
C GLU W 13 6.12 -48.44 221.35
N GLN W 14 5.91 -47.12 221.41
CA GLN W 14 5.32 -46.49 220.27
C GLN W 14 6.32 -46.46 219.14
N ALA W 15 7.60 -46.21 219.45
CA ALA W 15 8.62 -46.14 218.44
C ALA W 15 8.82 -47.49 217.82
N GLU W 16 8.70 -48.56 218.60
CA GLU W 16 8.86 -49.90 218.07
C GLU W 16 7.63 -50.20 217.22
N ALA W 17 6.45 -49.77 217.68
CA ALA W 17 5.23 -49.96 216.91
C ALA W 17 5.29 -49.17 215.61
N ASP W 18 5.87 -47.98 215.67
CA ASP W 18 6.00 -47.10 214.54
C ASP W 18 7.11 -47.55 213.64
N LYS W 19 8.18 -48.15 214.19
CA LYS W 19 9.25 -48.59 213.32
C LYS W 19 8.75 -49.81 212.64
N LYS W 20 7.91 -50.59 213.32
CA LYS W 20 7.35 -51.74 212.68
C LYS W 20 6.43 -51.23 211.61
N ALA W 21 5.60 -50.24 211.92
CA ALA W 21 4.73 -49.71 210.89
C ALA W 21 5.54 -49.14 209.75
N ALA W 22 6.67 -48.49 210.02
CA ALA W 22 7.48 -47.93 208.96
C ALA W 22 8.11 -49.02 208.13
N GLU W 23 8.54 -50.11 208.77
CA GLU W 23 9.11 -51.23 208.05
C GLU W 23 8.03 -51.95 207.26
N ASP W 24 6.82 -52.05 207.81
CA ASP W 24 5.71 -52.69 207.13
C ASP W 24 5.19 -51.80 206.03
N ARG W 25 5.19 -50.49 206.23
CA ARG W 25 4.73 -49.59 205.19
C ARG W 25 5.77 -49.55 204.11
N SER W 26 7.05 -49.50 204.47
CA SER W 26 8.07 -49.50 203.45
C SER W 26 8.17 -50.86 202.82
N LYS W 27 7.87 -51.93 203.54
CA LYS W 27 7.90 -53.23 202.91
C LYS W 27 6.73 -53.35 201.97
N GLN W 28 5.53 -52.91 202.39
CA GLN W 28 4.40 -53.07 201.51
C GLN W 28 4.59 -52.17 200.33
N LEU W 29 5.13 -50.97 200.52
CA LEU W 29 5.35 -50.09 199.40
C LEU W 29 6.42 -50.64 198.52
N GLU W 30 7.47 -51.24 199.07
CA GLU W 30 8.48 -51.82 198.23
C GLU W 30 7.89 -52.95 197.41
N ASP W 31 7.03 -53.77 198.03
CA ASP W 31 6.43 -54.86 197.29
C ASP W 31 5.46 -54.32 196.26
N GLU W 32 4.72 -53.26 196.60
CA GLU W 32 3.80 -52.64 195.68
C GLU W 32 4.57 -51.88 194.65
N LEU W 33 5.72 -51.31 195.03
CA LEU W 33 6.56 -50.56 194.12
C LEU W 33 7.02 -51.52 193.06
N VAL W 34 7.43 -52.71 193.50
CA VAL W 34 7.84 -53.76 192.60
C VAL W 34 6.66 -54.20 191.77
N SER W 35 5.48 -54.38 192.37
CA SER W 35 4.33 -54.75 191.56
C SER W 35 4.07 -53.68 190.53
N LEU W 36 4.22 -52.40 190.89
CA LEU W 36 4.02 -51.32 189.95
C LEU W 36 5.14 -51.31 188.92
N GLN W 37 6.36 -51.69 189.31
CA GLN W 37 7.49 -51.73 188.38
C GLN W 37 7.30 -52.83 187.38
N LYS W 38 6.75 -53.97 187.83
CA LYS W 38 6.47 -55.10 186.98
C LYS W 38 5.29 -54.82 186.09
N LYS W 39 4.26 -54.18 186.64
CA LYS W 39 3.10 -53.81 185.89
C LYS W 39 3.50 -52.74 184.88
N LEU W 40 4.41 -51.83 185.27
CA LEU W 40 4.93 -50.84 184.35
C LEU W 40 5.73 -51.55 183.30
N LYS W 41 6.60 -52.50 183.67
CA LYS W 41 7.35 -53.17 182.64
C LYS W 41 6.36 -53.82 181.69
N GLY W 42 5.28 -54.36 182.26
CA GLY W 42 4.21 -54.96 181.49
C GLY W 42 3.64 -53.95 180.53
N THR W 43 3.22 -52.76 181.01
CA THR W 43 2.65 -51.79 180.09
C THR W 43 3.71 -51.29 179.11
N GLU W 44 4.98 -51.18 179.50
CA GLU W 44 6.01 -50.74 178.55
C GLU W 44 6.21 -51.77 177.45
N ASP W 45 6.19 -53.07 177.81
CA ASP W 45 6.35 -54.10 176.81
C ASP W 45 5.11 -54.18 175.96
N GLU W 46 3.93 -54.02 176.56
CA GLU W 46 2.71 -54.08 175.80
C GLU W 46 2.66 -52.86 174.91
N LEU W 47 3.18 -51.73 175.39
CA LEU W 47 3.23 -50.48 174.66
C LEU W 47 4.10 -50.67 173.48
N ASP W 48 5.28 -51.25 173.65
CA ASP W 48 6.11 -51.45 172.50
C ASP W 48 5.40 -52.39 171.57
N LYS W 49 4.73 -53.42 172.09
CA LYS W 49 4.03 -54.30 171.17
C LYS W 49 2.91 -53.61 170.43
N TYR W 50 2.16 -52.72 171.08
CA TYR W 50 1.08 -52.02 170.41
C TYR W 50 1.62 -50.95 169.45
N SER W 51 2.71 -50.32 169.86
CA SER W 51 3.37 -49.29 169.10
C SER W 51 3.99 -49.90 167.86
N GLU W 52 4.58 -51.08 168.02
CA GLU W 52 5.16 -51.82 166.93
C GLU W 52 4.05 -52.44 166.09
N ALA W 53 3.05 -53.02 166.73
CA ALA W 53 1.95 -53.59 165.97
C ALA W 53 1.34 -52.47 165.16
N LEU W 54 1.31 -51.27 165.74
CA LEU W 54 0.85 -50.10 165.07
C LEU W 54 1.80 -49.67 164.00
N LYS W 55 3.10 -49.61 164.24
CA LYS W 55 3.92 -49.12 163.16
C LYS W 55 3.77 -50.06 161.99
N ASP W 56 3.54 -51.35 162.27
CA ASP W 56 3.38 -52.32 161.22
C ASP W 56 1.98 -52.26 160.62
N ALA W 57 0.93 -52.05 161.42
CA ALA W 57 -0.40 -51.95 160.84
C ALA W 57 -0.46 -50.67 160.03
N GLN W 58 0.20 -49.64 160.55
CA GLN W 58 0.28 -48.34 159.95
C GLN W 58 1.15 -48.37 158.71
N GLU W 59 2.26 -49.12 158.73
CA GLU W 59 3.09 -49.19 157.54
C GLU W 59 2.37 -50.02 156.50
N LYS W 60 1.77 -51.12 156.93
CA LYS W 60 1.01 -51.92 156.01
C LYS W 60 -0.11 -51.07 155.46
N LEU W 61 -0.69 -50.20 156.31
CA LEU W 61 -1.69 -49.26 155.88
C LEU W 61 -1.13 -48.24 154.92
N GLU W 62 0.05 -47.69 155.17
CA GLU W 62 0.56 -46.72 154.23
C GLU W 62 0.82 -47.41 152.91
N LEU W 63 1.26 -48.66 152.96
CA LEU W 63 1.51 -49.45 151.78
C LEU W 63 0.22 -49.88 151.11
N ALA W 64 -0.83 -50.18 151.87
CA ALA W 64 -2.13 -50.56 151.34
C ALA W 64 -2.82 -49.34 150.80
N GLU W 65 -2.60 -48.20 151.46
CA GLU W 65 -3.17 -46.95 151.07
C GLU W 65 -2.43 -46.51 149.83
N LYS W 66 -1.12 -46.74 149.80
CA LYS W 66 -0.33 -46.45 148.63
C LYS W 66 -0.78 -47.35 147.52
N LYS W 67 -0.95 -48.63 147.81
CA LYS W 67 -1.41 -49.54 146.80
C LYS W 67 -2.73 -49.04 146.28
N ALA W 68 -3.64 -48.61 147.18
CA ALA W 68 -4.90 -48.08 146.76
C ALA W 68 -4.73 -46.79 146.01
N THR W 69 -3.79 -45.95 146.39
CA THR W 69 -3.55 -44.67 145.76
C THR W 69 -3.04 -44.88 144.37
N ASP W 70 -2.12 -45.81 144.21
CA ASP W 70 -1.54 -46.13 142.94
C ASP W 70 -2.51 -46.93 142.12
N ALA W 71 -3.27 -47.83 142.77
CA ALA W 71 -4.25 -48.62 142.06
C ALA W 71 -5.31 -47.69 141.58
N GLU W 72 -5.66 -46.70 142.41
CA GLU W 72 -6.64 -45.69 142.09
C GLU W 72 -6.06 -44.75 141.07
N ALA W 73 -4.76 -44.46 141.19
CA ALA W 73 -4.16 -43.62 140.18
C ALA W 73 -4.35 -44.31 138.88
N ASP W 74 -4.22 -45.64 138.88
CA ASP W 74 -4.48 -46.41 137.71
C ASP W 74 -5.97 -46.63 137.48
N VAL W 75 -6.84 -46.65 138.47
CA VAL W 75 -8.25 -46.76 138.11
C VAL W 75 -8.55 -45.54 137.27
N ALA W 76 -8.04 -44.39 137.71
CA ALA W 76 -8.21 -43.16 137.00
C ALA W 76 -7.44 -43.13 135.69
N SER W 77 -6.20 -43.66 135.63
CA SER W 77 -5.45 -43.61 134.37
C SER W 77 -6.10 -44.53 133.38
N LEU W 78 -6.69 -45.60 133.89
CA LEU W 78 -7.38 -46.53 133.06
C LEU W 78 -8.66 -45.91 132.66
N ASN W 79 -9.37 -45.22 133.55
CA ASN W 79 -10.59 -44.59 133.10
C ASN W 79 -10.30 -43.51 132.11
N ARG W 80 -9.16 -42.84 132.23
CA ARG W 80 -8.84 -41.85 131.24
C ARG W 80 -8.57 -42.54 129.93
N ARG W 81 -7.82 -43.63 129.94
CA ARG W 81 -7.56 -44.33 128.70
C ARG W 81 -8.81 -44.97 128.15
N ILE W 82 -9.69 -45.43 129.02
CA ILE W 82 -10.91 -46.07 128.58
C ILE W 82 -11.74 -45.03 127.95
N GLN W 83 -11.85 -43.87 128.56
CA GLN W 83 -12.65 -42.85 127.95
C GLN W 83 -11.98 -42.29 126.73
N LEU W 84 -10.67 -42.22 126.69
CA LEU W 84 -10.04 -41.73 125.50
C LEU W 84 -10.23 -42.70 124.37
N VAL W 85 -10.15 -43.99 124.68
CA VAL W 85 -10.30 -45.01 123.67
C VAL W 85 -11.78 -45.18 123.34
N GLU W 86 -12.69 -45.15 124.34
CA GLU W 86 -14.13 -45.22 124.10
C GLU W 86 -14.52 -44.01 123.32
N GLU W 87 -13.91 -42.85 123.58
CA GLU W 87 -14.24 -41.68 122.83
C GLU W 87 -13.68 -41.83 121.44
N GLU W 88 -12.47 -42.36 121.28
CA GLU W 88 -11.96 -42.58 119.94
C GLU W 88 -12.81 -43.61 119.24
N LEU W 89 -13.33 -44.60 119.98
CA LEU W 89 -14.20 -45.61 119.44
C LEU W 89 -15.51 -45.04 119.06
N ASP W 90 -16.11 -44.19 119.89
CA ASP W 90 -17.38 -43.61 119.56
C ASP W 90 -17.16 -42.73 118.38
N ARG W 91 -16.03 -42.04 118.35
CA ARG W 91 -15.69 -41.18 117.26
C ARG W 91 -15.38 -42.02 116.05
N ALA W 92 -14.77 -43.18 116.23
CA ALA W 92 -14.49 -44.03 115.09
C ALA W 92 -15.82 -44.46 114.53
N GLN W 93 -16.79 -44.71 115.42
CA GLN W 93 -18.13 -45.12 115.05
C GLN W 93 -18.94 -43.96 114.49
N GLU W 94 -18.68 -42.73 114.95
CA GLU W 94 -19.33 -41.54 114.40
C GLU W 94 -18.76 -41.27 113.04
N ARG W 95 -17.45 -41.49 112.93
CA ARG W 95 -16.73 -41.27 111.71
C ARG W 95 -17.01 -42.41 110.79
N LEU W 96 -17.34 -43.58 111.35
CA LEU W 96 -17.72 -44.73 110.57
C LEU W 96 -19.09 -44.50 110.07
N ALA W 97 -20.00 -44.06 110.93
CA ALA W 97 -21.34 -43.80 110.47
C ALA W 97 -21.28 -42.73 109.41
N THR W 98 -20.38 -41.75 109.59
CA THR W 98 -20.20 -40.71 108.62
C THR W 98 -19.58 -41.30 107.39
N ALA W 99 -18.55 -42.13 107.52
CA ALA W 99 -17.89 -42.74 106.38
C ALA W 99 -18.86 -43.58 105.61
N LEU W 100 -19.76 -44.25 106.31
CA LEU W 100 -20.76 -45.09 105.72
C LEU W 100 -21.81 -44.22 105.08
N GLN W 101 -22.15 -43.09 105.69
CA GLN W 101 -23.07 -42.15 105.09
C GLN W 101 -22.43 -41.49 103.87
N LYS W 102 -21.13 -41.25 103.94
CA LYS W 102 -20.38 -40.64 102.88
C LYS W 102 -20.10 -41.71 101.83
N LEU W 103 -20.07 -42.97 102.27
CA LEU W 103 -19.99 -44.09 101.38
C LEU W 103 -21.29 -44.12 100.64
N GLU W 104 -22.41 -43.93 101.36
CA GLU W 104 -23.68 -43.87 100.66
C GLU W 104 -23.63 -42.73 99.68
N GLU W 105 -23.02 -41.59 100.03
CA GLU W 105 -22.92 -40.50 99.07
C GLU W 105 -22.03 -40.89 97.89
N ALA W 106 -20.93 -41.63 98.14
CA ALA W 106 -20.00 -42.08 97.10
C ALA W 106 -20.61 -43.14 96.21
N GLU W 107 -21.38 -44.05 96.78
CA GLU W 107 -22.06 -45.08 96.05
C GLU W 107 -23.19 -44.41 95.34
N LYS W 108 -23.84 -43.46 95.99
CA LYS W 108 -24.88 -42.69 95.38
C LYS W 108 -24.25 -41.95 94.23
N ALA W 109 -23.06 -41.39 94.42
CA ALA W 109 -22.40 -40.69 93.34
C ALA W 109 -22.14 -41.67 92.24
N ALA W 110 -21.77 -42.91 92.57
CA ALA W 110 -21.56 -43.92 91.57
C ALA W 110 -22.85 -44.21 90.86
N ASP W 111 -23.97 -44.18 91.59
CA ASP W 111 -25.26 -44.43 91.01
C ASP W 111 -25.71 -43.24 90.21
N GLU W 112 -25.38 -42.04 90.63
CA GLU W 112 -25.74 -40.83 89.91
C GLU W 112 -24.97 -40.78 88.63
N SER W 113 -23.69 -41.18 88.69
CA SER W 113 -22.81 -41.19 87.57
C SER W 113 -23.19 -42.34 86.65
N GLU W 114 -23.60 -43.48 87.21
CA GLU W 114 -24.01 -44.63 86.44
C GLU W 114 -25.36 -44.34 85.80
N ARG W 115 -26.28 -43.71 86.54
CA ARG W 115 -27.57 -43.30 86.02
C ARG W 115 -27.32 -42.21 85.03
N GLY W 116 -26.31 -41.39 85.31
CA GLY W 116 -25.89 -40.34 84.45
C GLY W 116 -25.54 -41.02 83.17
N MET W 117 -24.69 -42.05 83.21
CA MET W 117 -24.37 -42.75 81.99
C MET W 117 -25.57 -43.41 81.35
N LYS W 118 -26.47 -44.00 82.11
CA LYS W 118 -27.60 -44.62 81.45
C LYS W 118 -28.45 -43.61 80.70
N VAL W 119 -28.68 -42.46 81.32
CA VAL W 119 -29.46 -41.42 80.70
C VAL W 119 -28.70 -40.80 79.57
N ILE W 120 -27.44 -40.50 79.80
CA ILE W 120 -26.53 -39.89 78.86
C ILE W 120 -26.18 -40.82 77.75
N GLU W 121 -25.95 -42.09 78.03
CA GLU W 121 -25.62 -43.03 76.99
C GLU W 121 -26.82 -43.21 76.14
N SER W 122 -28.00 -43.31 76.77
CA SER W 122 -29.20 -43.46 76.01
C SER W 122 -29.43 -42.19 75.26
N ARG W 123 -29.19 -41.05 75.89
CA ARG W 123 -29.33 -39.76 75.27
C ARG W 123 -28.29 -39.59 74.20
N ALA W 124 -27.06 -40.02 74.45
CA ALA W 124 -26.01 -39.91 73.47
C ALA W 124 -26.43 -40.72 72.29
N GLN W 125 -27.08 -41.87 72.52
CA GLN W 125 -27.59 -42.66 71.44
C GLN W 125 -28.76 -41.94 70.79
N LYS W 126 -29.63 -41.29 71.56
CA LYS W 126 -30.73 -40.55 70.97
C LYS W 126 -30.18 -39.44 70.10
N ASP W 127 -29.08 -38.85 70.54
CA ASP W 127 -28.43 -37.78 69.82
C ASP W 127 -27.73 -38.38 68.63
N GLU W 128 -27.17 -39.58 68.75
CA GLU W 128 -26.56 -40.27 67.64
C GLU W 128 -27.61 -40.55 66.61
N GLU W 129 -28.82 -40.92 67.06
CA GLU W 129 -29.94 -41.21 66.19
C GLU W 129 -30.46 -39.94 65.58
N LYS W 130 -30.59 -38.86 66.34
CA LYS W 130 -31.07 -37.62 65.77
C LYS W 130 -30.07 -37.11 64.78
N MET W 131 -28.79 -37.30 65.09
CA MET W 131 -27.67 -36.94 64.26
C MET W 131 -27.74 -37.80 63.00
N GLU W 132 -27.90 -39.12 63.16
CA GLU W 132 -28.01 -40.01 62.02
C GLU W 132 -29.20 -39.61 61.18
N ILE W 133 -30.28 -39.23 61.82
CA ILE W 133 -31.48 -38.78 61.14
C ILE W 133 -31.19 -37.51 60.40
N GLN W 134 -30.49 -36.56 61.00
CA GLN W 134 -30.13 -35.34 60.27
C GLN W 134 -29.19 -35.69 59.13
N GLU W 135 -28.31 -36.68 59.32
CA GLU W 135 -27.42 -37.10 58.26
C GLU W 135 -28.23 -37.70 57.13
N ILE W 136 -29.18 -38.55 57.47
CA ILE W 136 -29.99 -39.19 56.47
C ILE W 136 -30.80 -38.16 55.77
N GLN W 137 -31.43 -37.27 56.53
CA GLN W 137 -32.26 -36.24 55.95
C GLN W 137 -31.48 -35.25 55.15
N LEU W 138 -30.26 -34.86 55.60
CA LEU W 138 -29.53 -33.89 54.81
C LEU W 138 -29.05 -34.60 53.61
N LYS W 139 -28.77 -35.91 53.70
CA LYS W 139 -28.32 -36.63 52.54
C LYS W 139 -29.47 -36.77 51.60
N GLU W 140 -30.67 -37.05 52.09
CA GLU W 140 -31.78 -37.16 51.18
C GLU W 140 -32.00 -35.82 50.53
N ALA W 141 -31.94 -34.75 51.33
CA ALA W 141 -32.11 -33.40 50.85
C ALA W 141 -30.99 -33.03 49.93
N LYS W 142 -29.80 -33.53 50.23
CA LYS W 142 -28.63 -33.27 49.44
C LYS W 142 -28.75 -34.00 48.16
N HIS W 143 -29.33 -35.20 48.18
CA HIS W 143 -29.50 -35.99 46.99
C HIS W 143 -30.60 -35.33 46.20
N ILE W 144 -31.59 -34.73 46.88
CA ILE W 144 -32.60 -34.00 46.15
C ILE W 144 -31.88 -32.88 45.50
N ALA W 145 -31.01 -32.19 46.25
CA ALA W 145 -30.19 -31.12 45.72
C ALA W 145 -29.27 -31.63 44.63
N GLU W 146 -28.73 -32.84 44.73
CA GLU W 146 -27.89 -33.33 43.65
C GLU W 146 -28.73 -33.47 42.41
N ASP W 147 -29.96 -33.96 42.56
CA ASP W 147 -30.84 -34.11 41.43
C ASP W 147 -31.50 -32.81 41.08
N ALA W 148 -31.76 -31.95 42.05
CA ALA W 148 -32.40 -30.69 41.75
C ALA W 148 -31.40 -29.84 41.00
N ASP W 149 -30.12 -29.96 41.39
CA ASP W 149 -29.02 -29.25 40.78
C ASP W 149 -28.71 -29.91 39.46
N ARG W 150 -28.80 -31.23 39.42
CA ARG W 150 -28.54 -31.97 38.19
C ARG W 150 -29.62 -31.60 37.18
N LYS W 151 -30.87 -31.60 37.63
CA LYS W 151 -31.99 -31.24 36.78
C LYS W 151 -31.82 -29.81 36.38
N TYR W 152 -31.40 -28.95 37.31
CA TYR W 152 -31.11 -27.57 36.99
C TYR W 152 -30.10 -27.52 35.90
N GLU W 153 -29.00 -28.26 36.04
CA GLU W 153 -27.98 -28.32 35.03
C GLU W 153 -28.55 -28.81 33.72
N GLU W 154 -29.42 -29.81 33.74
CA GLU W 154 -29.97 -30.27 32.48
C GLU W 154 -30.79 -29.18 31.83
N VAL W 155 -31.60 -28.45 32.59
CA VAL W 155 -32.38 -27.40 31.97
C VAL W 155 -31.57 -26.18 31.66
N ALA W 156 -30.58 -25.88 32.49
CA ALA W 156 -29.68 -24.77 32.30
C ALA W 156 -28.80 -25.03 31.09
N ARG W 157 -28.38 -26.27 30.93
CA ARG W 157 -27.58 -26.67 29.80
C ARG W 157 -28.45 -26.64 28.60
N LYS W 158 -29.66 -27.18 28.71
CA LYS W 158 -30.58 -27.14 27.62
C LYS W 158 -30.93 -25.72 27.36
N LEU W 159 -30.98 -24.86 28.37
CA LEU W 159 -31.26 -23.48 28.13
C LEU W 159 -30.13 -22.94 27.32
N VAL W 160 -28.90 -23.22 27.66
CA VAL W 160 -27.80 -22.74 26.86
C VAL W 160 -27.90 -23.25 25.44
N ILE W 161 -28.25 -24.51 25.27
CA ILE W 161 -28.37 -25.07 23.94
C ILE W 161 -29.51 -24.41 23.21
N ILE W 162 -30.64 -24.27 23.85
CA ILE W 162 -31.85 -23.64 23.36
C ILE W 162 -31.64 -22.16 23.15
N GLU W 163 -30.91 -21.50 24.06
CA GLU W 163 -30.56 -20.10 23.88
C GLU W 163 -29.63 -20.00 22.72
N SER W 164 -28.70 -20.95 22.59
CA SER W 164 -27.79 -20.88 21.47
C SER W 164 -28.60 -21.12 20.23
N ASP W 165 -29.55 -22.03 20.28
CA ASP W 165 -30.36 -22.29 19.13
C ASP W 165 -31.23 -21.09 18.87
N LEU W 166 -31.67 -20.40 19.93
CA LEU W 166 -32.47 -19.21 19.76
C LEU W 166 -31.66 -18.16 19.11
N GLU W 167 -30.43 -17.98 19.57
CA GLU W 167 -29.57 -16.97 19.04
C GLU W 167 -29.28 -17.26 17.59
N ARG W 168 -29.11 -18.53 17.23
CA ARG W 168 -28.85 -18.84 15.84
C ARG W 168 -30.12 -18.85 15.04
N ALA W 169 -31.25 -19.16 15.67
CA ALA W 169 -32.50 -19.13 14.95
C ALA W 169 -32.86 -17.70 14.68
N GLU W 170 -32.58 -16.83 15.65
CA GLU W 170 -32.80 -15.42 15.49
C GLU W 170 -31.77 -14.93 14.53
N GLU W 171 -30.54 -15.43 14.61
CA GLU W 171 -29.53 -15.02 13.67
C GLU W 171 -30.01 -15.37 12.30
N ARG W 172 -30.58 -16.57 12.12
CA ARG W 172 -31.10 -16.91 10.82
C ARG W 172 -32.22 -15.99 10.45
N ALA W 173 -33.10 -15.65 11.39
CA ALA W 173 -34.15 -14.71 11.07
C ALA W 173 -33.57 -13.37 10.65
N GLU W 174 -32.46 -12.96 11.27
CA GLU W 174 -31.76 -11.72 10.99
C GLU W 174 -30.98 -11.79 9.69
N LEU W 175 -30.41 -12.94 9.39
CA LEU W 175 -29.66 -13.15 8.17
C LEU W 175 -30.63 -13.18 7.04
N SER W 176 -31.77 -13.82 7.30
CA SER W 176 -32.84 -13.93 6.35
C SER W 176 -33.48 -12.59 6.23
N GLU W 177 -33.58 -11.82 7.33
CA GLU W 177 -34.10 -10.47 7.28
C GLU W 177 -33.17 -9.60 6.49
N GLY W 178 -31.87 -9.81 6.67
CA GLY W 178 -30.84 -9.09 5.96
C GLY W 178 -31.01 -9.38 4.48
N LYS W 179 -31.04 -10.66 4.12
CA LYS W 179 -31.21 -11.07 2.74
C LYS W 179 -32.53 -10.57 2.23
N CYS W 180 -33.56 -10.62 3.06
CA CYS W 180 -34.88 -10.19 2.69
C CYS W 180 -34.81 -8.75 2.32
N ALA W 181 -34.20 -7.93 3.17
CA ALA W 181 -34.08 -6.52 2.88
C ALA W 181 -33.30 -6.31 1.62
N GLU W 182 -32.24 -7.09 1.38
CA GLU W 182 -31.49 -6.92 0.17
C GLU W 182 -32.33 -7.28 -1.03
N LEU W 183 -33.09 -8.36 -0.91
CA LEU W 183 -33.95 -8.84 -1.96
C LEU W 183 -35.10 -7.90 -2.18
N GLU W 184 -35.58 -7.26 -1.12
CA GLU W 184 -36.68 -6.32 -1.15
C GLU W 184 -36.20 -5.06 -1.87
N GLU W 185 -34.98 -4.64 -1.55
CA GLU W 185 -34.35 -3.49 -2.16
C GLU W 185 -34.07 -3.78 -3.61
N GLU W 186 -33.64 -5.02 -3.90
CA GLU W 186 -33.39 -5.47 -5.25
C GLU W 186 -34.70 -5.65 -5.96
N LEU W 187 -35.74 -6.09 -5.27
CA LEU W 187 -37.00 -6.26 -5.93
C LEU W 187 -37.48 -4.92 -6.36
N LYS W 188 -37.38 -3.93 -5.48
CA LYS W 188 -37.79 -2.61 -5.86
C LYS W 188 -36.87 -2.02 -6.90
N THR W 189 -35.56 -2.22 -6.77
CA THR W 189 -34.63 -1.67 -7.72
C THR W 189 -34.82 -2.26 -9.09
N VAL W 190 -34.97 -3.57 -9.15
CA VAL W 190 -35.16 -4.28 -10.39
C VAL W 190 -36.50 -3.97 -10.95
N THR W 191 -37.55 -3.96 -10.12
CA THR W 191 -38.87 -3.65 -10.58
C THR W 191 -38.87 -2.22 -11.09
N ASN W 192 -38.19 -1.31 -10.38
CA ASN W 192 -38.16 0.07 -10.81
C ASN W 192 -37.33 0.20 -12.06
N ASN W 193 -36.28 -0.61 -12.19
CA ASN W 193 -35.50 -0.59 -13.40
C ASN W 193 -36.32 -1.21 -14.50
N LEU W 194 -37.18 -2.17 -14.15
CA LEU W 194 -38.04 -2.79 -15.13
C LEU W 194 -38.98 -1.73 -15.60
N LYS W 195 -39.59 -0.97 -14.68
CA LYS W 195 -40.50 0.10 -15.03
C LYS W 195 -39.80 1.14 -15.86
N SER W 196 -38.53 1.41 -15.52
CA SER W 196 -37.75 2.35 -16.30
C SER W 196 -37.64 1.78 -17.68
N LEU W 197 -37.35 0.48 -17.79
CA LEU W 197 -37.25 -0.23 -19.05
C LEU W 197 -38.58 -0.51 -19.70
N GLU W 198 -39.68 -0.50 -18.98
CA GLU W 198 -40.96 -0.65 -19.61
C GLU W 198 -41.15 0.64 -20.36
N ALA W 199 -40.85 1.73 -19.66
CA ALA W 199 -40.95 3.04 -20.24
C ALA W 199 -39.91 3.22 -21.31
N GLN W 200 -38.68 2.72 -21.12
CA GLN W 200 -37.67 2.91 -22.12
C GLN W 200 -37.94 2.05 -23.30
N ALA W 201 -38.38 0.81 -23.10
CA ALA W 201 -38.67 -0.06 -24.21
C ALA W 201 -39.75 0.61 -25.02
N GLU W 202 -40.70 1.26 -24.34
CA GLU W 202 -41.72 2.01 -25.03
C GLU W 202 -41.13 3.24 -25.68
N LYS W 203 -40.22 3.95 -25.04
CA LYS W 203 -39.62 5.11 -25.66
C LYS W 203 -38.84 4.71 -26.88
N TYR W 204 -38.18 3.55 -26.83
CA TYR W 204 -37.37 3.07 -27.92
C TYR W 204 -38.30 2.58 -29.03
N SER W 205 -39.46 2.02 -28.65
CA SER W 205 -40.50 1.60 -29.59
C SER W 205 -41.01 2.84 -30.28
N GLN W 206 -41.18 3.90 -29.49
CA GLN W 206 -41.63 5.16 -30.01
C GLN W 206 -40.55 5.69 -30.91
N LYS W 207 -39.29 5.53 -30.55
CA LYS W 207 -38.23 5.96 -31.42
C LYS W 207 -38.27 5.12 -32.68
N GLU W 208 -38.63 3.85 -32.58
CA GLU W 208 -38.75 3.02 -33.77
C GLU W 208 -39.81 3.61 -34.72
N ASP W 209 -40.89 4.12 -34.14
CA ASP W 209 -42.00 4.73 -34.89
C ASP W 209 -41.71 6.16 -35.33
N ARG W 210 -41.00 6.91 -34.49
CA ARG W 210 -40.63 8.28 -34.75
C ARG W 210 -39.58 8.27 -35.81
N TYR W 211 -38.75 7.24 -35.74
CA TYR W 211 -37.66 7.05 -36.68
C TYR W 211 -38.26 6.56 -37.98
N GLU W 212 -39.30 5.73 -37.88
CA GLU W 212 -39.91 5.26 -39.09
C GLU W 212 -40.57 6.45 -39.74
N GLU W 213 -41.11 7.37 -38.94
CA GLU W 213 -41.66 8.56 -39.53
C GLU W 213 -40.55 9.41 -40.10
N GLU W 214 -39.39 9.54 -39.44
CA GLU W 214 -38.32 10.32 -40.05
C GLU W 214 -37.85 9.68 -41.33
N ILE W 215 -37.85 8.37 -41.37
CA ILE W 215 -37.48 7.62 -42.54
C ILE W 215 -38.50 7.90 -43.59
N LYS W 216 -39.79 7.87 -43.24
CA LYS W 216 -40.86 8.16 -44.17
C LYS W 216 -40.75 9.59 -44.67
N VAL W 217 -40.39 10.52 -43.81
CA VAL W 217 -40.26 11.90 -44.20
C VAL W 217 -39.12 12.06 -45.15
N LEU W 218 -38.00 11.43 -44.83
CA LEU W 218 -36.85 11.51 -45.68
C LEU W 218 -37.08 10.71 -46.92
N SER W 219 -37.87 9.64 -46.83
CA SER W 219 -38.22 8.79 -47.95
C SER W 219 -39.08 9.58 -48.88
N ASP W 220 -40.04 10.34 -48.36
CA ASP W 220 -40.87 11.13 -49.24
C ASP W 220 -40.04 12.25 -49.81
N LYS W 221 -39.18 12.87 -48.98
CA LYS W 221 -38.31 13.92 -49.45
C LYS W 221 -37.35 13.37 -50.46
N LEU W 222 -36.92 12.12 -50.28
CA LEU W 222 -36.02 11.44 -51.17
C LEU W 222 -36.73 11.13 -52.44
N LYS W 223 -37.93 10.60 -52.37
CA LYS W 223 -38.63 10.31 -53.59
C LYS W 223 -38.84 11.59 -54.34
N GLU W 224 -39.10 12.69 -53.63
CA GLU W 224 -39.25 13.96 -54.29
C GLU W 224 -37.90 14.44 -54.80
N ALA W 225 -36.82 14.25 -54.04
CA ALA W 225 -35.48 14.64 -54.46
C ALA W 225 -35.01 13.76 -55.59
N GLU W 226 -35.41 12.50 -55.58
CA GLU W 226 -35.08 11.59 -56.65
C GLU W 226 -35.95 11.94 -57.81
N THR W 227 -37.19 12.35 -57.55
CA THR W 227 -38.02 12.75 -58.65
C THR W 227 -37.39 13.96 -59.27
N ARG W 228 -36.93 14.92 -58.47
CA ARG W 228 -36.30 16.10 -59.01
C ARG W 228 -34.99 15.75 -59.68
N ALA W 229 -34.19 14.88 -59.09
CA ALA W 229 -32.94 14.52 -59.69
C ALA W 229 -33.16 13.76 -60.98
N GLU W 230 -34.13 12.85 -60.99
CA GLU W 230 -34.44 12.05 -62.16
C GLU W 230 -35.26 12.86 -63.13
N PHE W 231 -36.11 13.73 -62.64
CA PHE W 231 -36.86 14.59 -63.52
C PHE W 231 -35.91 15.41 -64.26
N ALA W 232 -35.04 16.03 -63.50
CA ALA W 232 -34.06 16.87 -64.06
C ALA W 232 -33.08 16.05 -64.88
N GLU W 233 -32.80 14.81 -64.50
CA GLU W 233 -31.88 14.04 -65.30
C GLU W 233 -32.53 13.70 -66.64
N ARG W 234 -33.81 13.37 -66.61
CA ARG W 234 -34.52 13.09 -67.83
C ARG W 234 -34.62 14.35 -68.65
N SER W 235 -34.86 15.48 -67.97
CA SER W 235 -34.99 16.74 -68.62
C SER W 235 -33.65 17.20 -69.11
N VAL W 236 -32.59 16.94 -68.37
CA VAL W 236 -31.30 17.41 -68.81
C VAL W 236 -30.94 16.57 -69.98
N THR W 237 -31.31 15.28 -69.98
CA THR W 237 -31.03 14.43 -71.11
C THR W 237 -31.68 15.03 -72.33
N LYS W 238 -32.95 15.43 -72.19
CA LYS W 238 -33.64 16.04 -73.32
C LYS W 238 -32.95 17.32 -73.75
N LEU W 239 -32.48 18.11 -72.79
CA LEU W 239 -31.79 19.34 -73.08
C LEU W 239 -30.47 19.07 -73.75
N GLU W 240 -29.77 18.03 -73.33
CA GLU W 240 -28.50 17.65 -73.92
C GLU W 240 -28.76 17.26 -75.35
N LYS W 241 -29.87 16.57 -75.59
CA LYS W 241 -30.25 16.22 -76.93
C LYS W 241 -30.56 17.50 -77.67
N SER W 242 -31.24 18.45 -77.01
CA SER W 242 -31.54 19.69 -77.68
C SER W 242 -30.25 20.35 -78.04
N ILE W 243 -29.23 20.30 -77.20
CA ILE W 243 -27.96 20.90 -77.55
C ILE W 243 -27.35 20.15 -78.68
N ASP W 244 -27.34 18.83 -78.66
CA ASP W 244 -26.71 18.14 -79.78
C ASP W 244 -27.39 18.51 -81.08
N ASP W 245 -28.71 18.63 -81.06
CA ASP W 245 -29.45 18.96 -82.24
C ASP W 245 -29.22 20.40 -82.60
N LEU W 246 -29.12 21.23 -81.59
CA LEU W 246 -28.97 22.64 -81.76
C LEU W 246 -27.63 22.92 -82.37
N GLU W 247 -26.62 22.21 -81.93
CA GLU W 247 -25.31 22.43 -82.46
C GLU W 247 -25.30 21.92 -83.88
N ASP W 248 -25.95 20.81 -84.15
CA ASP W 248 -25.97 20.39 -85.55
C ASP W 248 -26.70 21.41 -86.40
N GLU W 249 -27.76 22.02 -85.86
CA GLU W 249 -28.45 23.06 -86.58
C GLU W 249 -27.54 24.25 -86.76
N LEU W 250 -26.74 24.56 -85.74
CA LEU W 250 -25.85 25.68 -85.73
C LEU W 250 -24.82 25.49 -86.76
N TYR W 251 -24.34 24.28 -86.87
CA TYR W 251 -23.34 23.96 -87.82
C TYR W 251 -23.99 24.08 -89.14
N ALA W 252 -25.20 23.61 -89.30
CA ALA W 252 -25.82 23.80 -90.58
C ALA W 252 -25.94 25.27 -90.89
N GLN W 253 -26.22 26.11 -89.90
CA GLN W 253 -26.39 27.50 -90.25
C GLN W 253 -25.06 28.07 -90.65
N LYS W 254 -24.01 27.72 -89.90
CA LYS W 254 -22.69 28.22 -90.16
C LYS W 254 -22.10 27.69 -91.42
N LEU W 255 -22.32 26.44 -91.69
CA LEU W 255 -21.80 25.74 -92.84
C LEU W 255 -22.50 26.17 -94.07
N LYS W 256 -23.81 26.38 -93.97
CA LYS W 256 -24.52 26.83 -95.13
C LYS W 256 -24.19 28.27 -95.36
N TYR W 257 -24.08 29.03 -94.28
CA TYR W 257 -23.75 30.43 -94.42
C TYR W 257 -22.39 30.57 -95.00
N LYS W 258 -21.45 29.85 -94.44
CA LYS W 258 -20.09 29.86 -94.89
C LYS W 258 -20.06 29.43 -96.33
N ALA W 259 -20.74 28.34 -96.65
CA ALA W 259 -20.73 27.89 -98.01
C ALA W 259 -21.31 28.91 -98.93
N ILE W 260 -22.37 29.59 -98.54
CA ILE W 260 -22.98 30.57 -99.41
C ILE W 260 -22.15 31.83 -99.52
N SER W 261 -21.67 32.35 -98.42
CA SER W 261 -20.88 33.56 -98.48
C SER W 261 -19.62 33.32 -99.24
N GLU W 262 -18.99 32.16 -99.02
CA GLU W 262 -17.76 31.84 -99.70
C GLU W 262 -18.01 31.42 -101.12
N GLU W 263 -19.10 30.67 -101.41
CA GLU W 263 -19.26 30.28 -102.79
C GLU W 263 -19.53 31.53 -103.56
N LEU W 264 -20.13 32.56 -102.96
CA LEU W 264 -20.28 33.76 -103.72
C LEU W 264 -19.02 34.55 -103.77
N ASP W 265 -18.23 34.63 -102.70
CA ASP W 265 -17.03 35.42 -102.85
C ASP W 265 -16.19 34.82 -103.93
N HIS W 266 -16.11 33.51 -103.98
CA HIS W 266 -15.32 32.90 -104.99
C HIS W 266 -16.02 32.90 -106.33
N ALA W 267 -17.33 32.67 -106.38
CA ALA W 267 -17.96 32.66 -107.67
C ALA W 267 -17.82 34.01 -108.31
N LEU W 268 -17.97 35.08 -107.55
CA LEU W 268 -17.83 36.41 -108.11
C LEU W 268 -16.39 36.79 -108.36
N ASN W 269 -15.44 36.26 -107.58
CA ASN W 269 -14.03 36.58 -107.79
C ASN W 269 -13.50 35.88 -109.04
N ASP W 270 -14.01 34.69 -109.35
CA ASP W 270 -13.57 34.04 -110.58
C ASP W 270 -14.47 34.43 -111.74
N MET W 271 -15.78 34.52 -111.50
CA MET W 271 -16.73 34.88 -112.54
C MET W 271 -16.83 36.38 -112.57
N THR W 272 -15.77 37.02 -113.03
CA THR W 272 -15.78 38.47 -113.07
C THR W 272 -16.03 38.97 -114.47
N SER W 273 -15.72 38.15 -115.45
CA SER W 273 -15.89 38.57 -116.82
C SER W 273 -17.26 38.23 -117.34
N ILE W 274 -18.29 38.84 -116.72
CA ILE W 274 -19.74 38.69 -116.92
C ILE W 274 -20.38 38.22 -115.64
N LEU X 1 14.00 -51.08 237.03
CA LEU X 1 13.77 -49.66 236.77
C LEU X 1 15.04 -48.85 236.52
N LYS X 2 16.12 -49.10 237.26
CA LYS X 2 17.33 -48.28 237.20
C LYS X 2 17.84 -48.01 235.80
N LEU X 3 17.91 -49.04 234.98
CA LEU X 3 18.39 -48.90 233.62
C LEU X 3 17.26 -49.06 232.65
N ASP X 4 16.02 -49.04 233.12
CA ASP X 4 14.93 -49.33 232.23
C ASP X 4 14.48 -48.12 231.50
N LYS X 5 14.76 -46.94 232.04
CA LYS X 5 14.41 -45.79 231.26
C LYS X 5 15.43 -45.74 230.16
N GLU X 6 16.64 -46.21 230.45
CA GLU X 6 17.70 -46.24 229.47
C GLU X 6 17.45 -47.35 228.47
N ASN X 7 16.93 -48.50 228.92
CA ASN X 7 16.70 -49.58 227.99
C ASN X 7 15.55 -49.20 227.09
N ALA X 8 14.52 -48.59 227.68
CA ALA X 8 13.38 -48.15 226.94
C ALA X 8 13.77 -46.98 226.06
N LEU X 9 14.64 -46.11 226.54
CA LEU X 9 15.01 -44.98 225.74
C LEU X 9 15.88 -45.42 224.60
N ASP X 10 16.79 -46.35 224.83
CA ASP X 10 17.63 -46.81 223.76
C ASP X 10 16.77 -47.55 222.78
N ARG X 11 15.74 -48.27 223.26
CA ARG X 11 14.84 -48.94 222.34
C ARG X 11 14.06 -47.91 221.58
N ALA X 12 13.62 -46.85 222.24
CA ALA X 12 12.87 -45.81 221.59
C ALA X 12 13.67 -45.10 220.54
N GLU X 13 14.93 -44.82 220.85
CA GLU X 13 15.81 -44.12 219.97
C GLU X 13 16.26 -45.01 218.84
N GLN X 14 16.50 -46.29 219.12
CA GLN X 14 16.88 -47.19 218.07
C GLN X 14 15.70 -47.44 217.17
N ALA X 15 14.52 -47.59 217.77
CA ALA X 15 13.34 -47.80 217.01
C ALA X 15 13.02 -46.55 216.23
N GLU X 16 13.26 -45.37 216.80
CA GLU X 16 12.99 -44.13 216.09
C GLU X 16 13.98 -43.99 214.94
N ALA X 17 15.25 -44.38 215.14
CA ALA X 17 16.23 -44.32 214.08
C ALA X 17 15.87 -45.25 212.93
N ASP X 18 15.37 -46.44 213.26
CA ASP X 18 14.98 -47.40 212.27
C ASP X 18 13.68 -47.02 211.65
N LYS X 19 12.80 -46.42 212.45
CA LYS X 19 11.52 -45.98 211.98
C LYS X 19 11.77 -44.95 210.96
N LYS X 20 12.66 -44.00 211.24
CA LYS X 20 12.95 -42.96 210.30
C LYS X 20 13.57 -43.55 209.08
N ALA X 21 14.54 -44.46 209.20
CA ALA X 21 15.10 -44.98 207.99
C ALA X 21 14.02 -45.64 207.14
N ALA X 22 13.12 -46.35 207.80
CA ALA X 22 12.02 -47.03 207.15
C ALA X 22 10.92 -46.06 206.72
N GLU X 23 10.75 -44.93 207.39
CA GLU X 23 9.73 -43.96 207.06
C GLU X 23 10.21 -43.19 205.85
N ASP X 24 11.52 -42.95 205.81
CA ASP X 24 12.13 -42.29 204.68
C ASP X 24 12.04 -43.26 203.53
N ARG X 25 12.27 -44.57 203.78
CA ARG X 25 12.09 -45.51 202.69
C ARG X 25 10.65 -45.52 202.28
N SER X 26 9.72 -45.47 203.23
CA SER X 26 8.32 -45.47 202.87
C SER X 26 8.03 -44.29 201.98
N LYS X 27 8.53 -43.10 202.32
CA LYS X 27 8.27 -41.95 201.47
C LYS X 27 8.93 -42.11 200.11
N GLN X 28 10.17 -42.63 200.07
CA GLN X 28 10.86 -42.79 198.80
C GLN X 28 10.17 -43.80 197.92
N LEU X 29 9.70 -44.88 198.52
CA LEU X 29 9.05 -45.95 197.84
C LEU X 29 7.68 -45.51 197.40
N GLU X 30 7.00 -44.71 198.21
CA GLU X 30 5.69 -44.21 197.84
C GLU X 30 5.85 -43.21 196.73
N ASP X 31 6.85 -42.34 196.79
CA ASP X 31 6.99 -41.38 195.71
C ASP X 31 7.39 -42.11 194.46
N GLU X 32 8.24 -43.13 194.57
CA GLU X 32 8.57 -43.89 193.39
C GLU X 32 7.38 -44.65 192.91
N LEU X 33 6.56 -45.17 193.83
CA LEU X 33 5.38 -45.95 193.47
C LEU X 33 4.41 -45.10 192.74
N VAL X 34 4.16 -43.90 193.25
CA VAL X 34 3.21 -43.02 192.63
C VAL X 34 3.73 -42.57 191.30
N SER X 35 5.01 -42.20 191.21
CA SER X 35 5.55 -41.78 189.95
C SER X 35 5.56 -42.95 188.98
N LEU X 36 5.85 -44.14 189.48
CA LEU X 36 5.92 -45.36 188.71
C LEU X 36 4.54 -45.72 188.24
N GLN X 37 3.56 -45.53 189.11
CA GLN X 37 2.17 -45.77 188.79
C GLN X 37 1.71 -44.76 187.78
N LYS X 38 2.19 -43.54 187.89
CA LYS X 38 1.86 -42.54 186.89
C LYS X 38 2.55 -42.91 185.58
N LYS X 39 3.76 -43.47 185.64
CA LYS X 39 4.44 -43.96 184.43
C LYS X 39 3.64 -45.10 183.89
N LEU X 40 3.11 -45.95 184.77
CA LEU X 40 2.30 -47.11 184.40
C LEU X 40 1.11 -46.64 183.68
N LYS X 41 0.43 -45.64 184.24
CA LYS X 41 -0.77 -45.09 183.65
C LYS X 41 -0.42 -44.31 182.42
N GLY X 42 0.76 -43.71 182.40
CA GLY X 42 1.23 -43.00 181.24
C GLY X 42 1.30 -44.00 180.10
N THR X 43 1.97 -45.13 180.36
CA THR X 43 2.12 -46.16 179.35
C THR X 43 0.81 -46.86 179.10
N GLU X 44 -0.03 -47.07 180.11
CA GLU X 44 -1.33 -47.72 179.95
C GLU X 44 -2.21 -46.86 179.06
N ASP X 45 -2.14 -45.53 179.25
CA ASP X 45 -2.89 -44.60 178.45
C ASP X 45 -2.34 -44.70 177.05
N GLU X 46 -1.02 -44.81 176.91
CA GLU X 46 -0.45 -45.00 175.61
C GLU X 46 -0.81 -46.36 175.05
N LEU X 47 -0.97 -47.41 175.87
CA LEU X 47 -1.31 -48.70 175.32
C LEU X 47 -2.62 -48.54 174.64
N ASP X 48 -3.54 -47.79 175.27
CA ASP X 48 -4.82 -47.59 174.65
C ASP X 48 -4.68 -46.71 173.44
N LYS X 49 -3.82 -45.70 173.46
CA LYS X 49 -3.69 -44.86 172.28
C LYS X 49 -3.13 -45.65 171.11
N TYR X 50 -2.19 -46.55 171.39
CA TYR X 50 -1.59 -47.36 170.35
C TYR X 50 -2.53 -48.46 169.96
N SER X 51 -3.32 -48.98 170.91
CA SER X 51 -4.30 -50.03 170.67
C SER X 51 -5.40 -49.47 169.79
N GLU X 52 -5.80 -48.23 170.07
CA GLU X 52 -6.81 -47.54 169.31
C GLU X 52 -6.22 -47.17 167.97
N ALA X 53 -5.00 -46.65 167.95
CA ALA X 53 -4.39 -46.33 166.70
C ALA X 53 -4.20 -47.60 165.91
N LEU X 54 -3.92 -48.72 166.58
CA LEU X 54 -3.74 -50.02 165.97
C LEU X 54 -5.01 -50.58 165.46
N LYS X 55 -6.10 -50.51 166.22
CA LYS X 55 -7.30 -51.09 165.68
C LYS X 55 -7.71 -50.25 164.49
N ASP X 56 -7.42 -48.95 164.54
CA ASP X 56 -7.77 -48.07 163.45
C ASP X 56 -6.81 -48.25 162.30
N ALA X 57 -5.52 -48.45 162.57
CA ALA X 57 -4.59 -48.64 161.48
C ALA X 57 -4.86 -49.96 160.83
N GLN X 58 -5.19 -50.96 161.64
CA GLN X 58 -5.49 -52.28 161.14
C GLN X 58 -6.83 -52.29 160.43
N GLU X 59 -7.82 -51.55 160.92
CA GLU X 59 -9.11 -51.51 160.26
C GLU X 59 -8.97 -50.73 158.98
N LYS X 60 -8.21 -49.63 159.03
CA LYS X 60 -7.98 -48.86 157.85
C LYS X 60 -7.18 -49.71 156.91
N LEU X 61 -6.27 -50.54 157.42
CA LEU X 61 -5.54 -51.46 156.59
C LEU X 61 -6.47 -52.45 155.96
N GLU X 62 -7.42 -53.00 156.69
CA GLU X 62 -8.29 -53.95 156.04
C GLU X 62 -9.08 -53.21 154.97
N LEU X 63 -9.48 -51.96 155.27
CA LEU X 63 -10.25 -51.16 154.34
C LEU X 63 -9.41 -50.55 153.26
N ALA X 64 -8.14 -50.26 153.52
CA ALA X 64 -7.23 -49.70 152.53
C ALA X 64 -6.80 -50.80 151.62
N GLU X 65 -6.65 -51.99 152.18
CA GLU X 65 -6.30 -53.13 151.39
C GLU X 65 -7.52 -53.50 150.62
N LYS X 66 -8.71 -53.39 151.23
CA LYS X 66 -9.92 -53.67 150.50
C LYS X 66 -10.04 -52.63 149.41
N LYS X 67 -9.84 -51.36 149.73
CA LYS X 67 -9.93 -50.30 148.77
C LYS X 67 -8.92 -50.53 147.69
N ALA X 68 -7.72 -50.98 148.06
CA ALA X 68 -6.68 -51.29 147.11
C ALA X 68 -7.08 -52.45 146.25
N THR X 69 -7.75 -53.42 146.84
CA THR X 69 -8.22 -54.60 146.17
C THR X 69 -9.31 -54.21 145.22
N ASP X 70 -10.18 -53.32 145.65
CA ASP X 70 -11.30 -52.87 144.87
C ASP X 70 -10.78 -51.96 143.79
N ALA X 71 -9.81 -51.12 144.11
CA ALA X 71 -9.21 -50.23 143.15
C ALA X 71 -8.44 -51.04 142.16
N GLU X 72 -7.77 -52.09 142.62
CA GLU X 72 -7.02 -52.95 141.74
C GLU X 72 -7.99 -53.78 140.94
N ALA X 73 -9.10 -54.19 141.57
CA ALA X 73 -10.12 -54.94 140.89
C ALA X 73 -10.72 -54.07 139.83
N ASP X 74 -10.85 -52.77 140.12
CA ASP X 74 -11.34 -51.85 139.13
C ASP X 74 -10.27 -51.71 138.11
N VAL X 75 -9.00 -51.67 138.47
CA VAL X 75 -8.02 -51.61 137.42
C VAL X 75 -8.14 -52.84 136.56
N ALA X 76 -8.30 -54.02 137.14
CA ALA X 76 -8.44 -55.23 136.36
C ALA X 76 -9.69 -55.22 135.48
N SER X 77 -10.81 -54.70 135.99
CA SER X 77 -12.05 -54.62 135.21
C SER X 77 -11.86 -53.62 134.13
N LEU X 78 -11.12 -52.59 134.44
CA LEU X 78 -10.83 -51.53 133.56
C LEU X 78 -9.74 -51.95 132.59
N ASN X 79 -8.87 -52.90 132.97
CA ASN X 79 -7.86 -53.38 132.05
C ASN X 79 -8.60 -54.15 131.00
N ARG X 80 -9.66 -54.84 131.43
CA ARG X 80 -10.50 -55.55 130.51
C ARG X 80 -11.26 -54.54 129.69
N ARG X 81 -11.76 -53.46 130.29
CA ARG X 81 -12.45 -52.46 129.49
C ARG X 81 -11.49 -51.91 128.46
N ILE X 82 -10.22 -51.67 128.81
CA ILE X 82 -9.24 -51.23 127.84
C ILE X 82 -9.00 -52.25 126.79
N GLN X 83 -8.79 -53.50 127.15
CA GLN X 83 -8.47 -54.38 126.07
C GLN X 83 -9.66 -54.51 125.15
N LEU X 84 -10.86 -54.51 125.71
CA LEU X 84 -12.04 -54.66 124.91
C LEU X 84 -12.31 -53.44 124.06
N VAL X 85 -12.12 -52.24 124.61
CA VAL X 85 -12.39 -51.04 123.86
C VAL X 85 -11.23 -50.75 122.91
N GLU X 86 -10.03 -51.15 123.32
CA GLU X 86 -8.84 -50.95 122.51
C GLU X 86 -8.99 -51.79 121.26
N GLU X 87 -9.39 -53.04 121.43
CA GLU X 87 -9.58 -53.89 120.29
C GLU X 87 -10.74 -53.36 119.48
N GLU X 88 -11.82 -52.90 120.12
CA GLU X 88 -12.92 -52.36 119.36
C GLU X 88 -12.49 -51.12 118.63
N LEU X 89 -11.61 -50.31 119.20
CA LEU X 89 -11.12 -49.16 118.50
C LEU X 89 -10.26 -49.59 117.32
N ASP X 90 -9.37 -50.57 117.49
CA ASP X 90 -8.56 -50.97 116.35
C ASP X 90 -9.47 -51.49 115.26
N ARG X 91 -10.53 -52.18 115.67
CA ARG X 91 -11.49 -52.74 114.75
C ARG X 91 -12.32 -51.64 114.14
N ALA X 92 -12.68 -50.61 114.92
CA ALA X 92 -13.45 -49.48 114.43
C ALA X 92 -12.65 -48.68 113.47
N GLN X 93 -11.35 -48.57 113.71
CA GLN X 93 -10.45 -47.87 112.82
C GLN X 93 -10.35 -48.65 111.55
N GLU X 94 -10.36 -49.98 111.64
CA GLU X 94 -10.34 -50.81 110.46
C GLU X 94 -11.69 -50.72 109.75
N ARG X 95 -12.80 -50.66 110.50
CA ARG X 95 -14.13 -50.52 109.92
C ARG X 95 -14.25 -49.19 109.24
N LEU X 96 -13.68 -48.17 109.86
CA LEU X 96 -13.66 -46.83 109.35
C LEU X 96 -12.81 -46.82 108.11
N ALA X 97 -11.63 -47.42 108.18
CA ALA X 97 -10.79 -47.48 107.02
C ALA X 97 -11.50 -48.23 105.93
N THR X 98 -12.23 -49.27 106.28
CA THR X 98 -12.94 -50.06 105.31
C THR X 98 -14.03 -49.23 104.65
N ALA X 99 -14.80 -48.50 105.45
CA ALA X 99 -15.87 -47.68 104.89
C ALA X 99 -15.28 -46.62 104.00
N LEU X 100 -14.14 -46.07 104.41
CA LEU X 100 -13.47 -45.05 103.66
C LEU X 100 -12.82 -45.62 102.42
N GLN X 101 -12.31 -46.83 102.47
CA GLN X 101 -11.73 -47.49 101.31
C GLN X 101 -12.83 -47.82 100.34
N LYS X 102 -13.99 -48.23 100.87
CA LYS X 102 -15.13 -48.51 100.04
C LYS X 102 -15.58 -47.21 99.44
N LEU X 103 -15.49 -46.12 100.21
CA LEU X 103 -15.87 -44.80 99.76
C LEU X 103 -14.93 -44.45 98.65
N GLU X 104 -13.63 -44.69 98.81
CA GLU X 104 -12.68 -44.37 97.78
C GLU X 104 -12.99 -45.17 96.53
N GLU X 105 -13.34 -46.45 96.68
CA GLU X 105 -13.65 -47.27 95.54
C GLU X 105 -14.99 -46.88 94.90
N ALA X 106 -15.96 -46.51 95.72
CA ALA X 106 -17.26 -46.10 95.26
C ALA X 106 -17.18 -44.75 94.62
N GLU X 107 -16.38 -43.88 95.20
CA GLU X 107 -16.16 -42.55 94.67
C GLU X 107 -15.37 -42.71 93.38
N LYS X 108 -14.39 -43.61 93.42
CA LYS X 108 -13.59 -43.89 92.25
C LYS X 108 -14.50 -44.45 91.20
N ALA X 109 -15.45 -45.32 91.60
CA ALA X 109 -16.41 -45.85 90.67
C ALA X 109 -17.22 -44.71 90.13
N ALA X 110 -17.56 -43.75 90.99
CA ALA X 110 -18.30 -42.59 90.56
C ALA X 110 -17.50 -41.78 89.59
N ASP X 111 -16.19 -41.70 89.79
CA ASP X 111 -15.32 -40.94 88.94
C ASP X 111 -15.14 -41.65 87.65
N GLU X 112 -15.05 -42.97 87.69
CA GLU X 112 -14.89 -43.78 86.51
C GLU X 112 -16.18 -43.73 85.74
N SER X 113 -17.28 -43.72 86.48
CA SER X 113 -18.58 -43.66 85.91
C SER X 113 -18.72 -42.28 85.30
N GLU X 114 -18.19 -41.21 85.96
CA GLU X 114 -18.23 -39.92 85.33
C GLU X 114 -17.30 -39.90 84.14
N ARG X 115 -16.15 -40.53 84.20
CA ARG X 115 -15.26 -40.53 83.06
C ARG X 115 -15.94 -41.21 81.89
N GLY X 116 -16.65 -42.30 82.15
CA GLY X 116 -17.38 -43.00 81.11
C GLY X 116 -18.40 -42.03 80.58
N MET X 117 -19.12 -41.38 81.51
CA MET X 117 -20.17 -40.43 81.26
C MET X 117 -19.66 -39.24 80.50
N LYS X 118 -18.44 -38.81 80.77
CA LYS X 118 -17.89 -37.66 80.09
C LYS X 118 -17.51 -38.04 78.71
N VAL X 119 -17.10 -39.29 78.50
CA VAL X 119 -16.83 -39.68 77.15
C VAL X 119 -18.15 -39.74 76.40
N ILE X 120 -19.19 -40.34 76.98
CA ILE X 120 -20.49 -40.38 76.34
C ILE X 120 -21.26 -39.05 76.40
N GLU X 121 -20.96 -38.20 77.36
CA GLU X 121 -21.55 -36.87 77.39
C GLU X 121 -20.88 -36.10 76.29
N SER X 122 -19.56 -36.29 76.16
CA SER X 122 -18.82 -35.63 75.13
C SER X 122 -19.29 -36.19 73.83
N ARG X 123 -19.60 -37.50 73.78
CA ARG X 123 -20.10 -38.10 72.58
C ARG X 123 -21.46 -37.53 72.28
N ALA X 124 -22.31 -37.37 73.30
CA ALA X 124 -23.59 -36.80 73.03
C ALA X 124 -23.37 -35.43 72.46
N GLN X 125 -22.41 -34.68 73.00
CA GLN X 125 -22.11 -33.35 72.53
C GLN X 125 -21.54 -33.39 71.14
N LYS X 126 -20.69 -34.35 70.82
CA LYS X 126 -20.15 -34.44 69.49
C LYS X 126 -21.30 -34.70 68.55
N ASP X 127 -22.24 -35.54 68.97
CA ASP X 127 -23.38 -35.85 68.16
C ASP X 127 -24.36 -34.69 68.14
N GLU X 128 -24.43 -33.90 69.22
CA GLU X 128 -25.29 -32.72 69.22
C GLU X 128 -24.71 -31.73 68.25
N GLU X 129 -23.39 -31.58 68.25
CA GLU X 129 -22.72 -30.67 67.36
C GLU X 129 -22.85 -31.14 65.97
N LYS X 130 -22.68 -32.43 65.74
CA LYS X 130 -22.82 -32.96 64.41
C LYS X 130 -24.24 -32.82 63.99
N MET X 131 -25.18 -33.05 64.89
CA MET X 131 -26.57 -32.93 64.59
C MET X 131 -26.87 -31.52 64.17
N GLU X 132 -26.38 -30.53 64.91
CA GLU X 132 -26.59 -29.13 64.62
C GLU X 132 -25.92 -28.73 63.31
N ILE X 133 -24.74 -29.27 63.05
CA ILE X 133 -24.04 -29.01 61.81
C ILE X 133 -24.83 -29.59 60.69
N GLN X 134 -25.30 -30.81 60.90
CA GLN X 134 -26.11 -31.56 59.98
C GLN X 134 -27.48 -30.96 59.82
N GLU X 135 -27.98 -30.31 60.86
CA GLU X 135 -29.25 -29.61 60.83
C GLU X 135 -29.08 -28.41 59.93
N ILE X 136 -27.95 -27.73 60.05
CA ILE X 136 -27.62 -26.63 59.18
C ILE X 136 -27.43 -27.16 57.79
N GLN X 137 -26.70 -28.24 57.65
CA GLN X 137 -26.49 -28.83 56.35
C GLN X 137 -27.82 -29.29 55.79
N LEU X 138 -28.75 -29.76 56.63
CA LEU X 138 -30.07 -30.13 56.17
C LEU X 138 -30.84 -28.92 55.74
N LYS X 139 -30.82 -27.84 56.51
CA LYS X 139 -31.61 -26.75 56.01
C LYS X 139 -30.98 -26.25 54.75
N GLU X 140 -29.65 -26.32 54.63
CA GLU X 140 -28.94 -25.89 53.44
C GLU X 140 -29.03 -26.90 52.32
N ALA X 141 -29.01 -28.19 52.62
CA ALA X 141 -29.13 -29.24 51.62
C ALA X 141 -30.51 -29.20 51.08
N LYS X 142 -31.47 -28.90 51.95
CA LYS X 142 -32.83 -28.84 51.53
C LYS X 142 -33.05 -27.47 50.94
N HIS X 143 -32.32 -26.46 51.43
CA HIS X 143 -32.47 -25.14 50.88
C HIS X 143 -32.09 -25.25 49.45
N ILE X 144 -30.97 -25.89 49.17
CA ILE X 144 -30.51 -26.14 47.83
C ILE X 144 -31.44 -27.06 47.14
N ALA X 145 -31.94 -28.10 47.77
CA ALA X 145 -32.88 -28.89 47.01
C ALA X 145 -33.98 -28.01 46.47
N GLU X 146 -34.47 -27.12 47.32
CA GLU X 146 -35.50 -26.21 46.95
C GLU X 146 -35.00 -25.11 46.04
N ASP X 147 -33.80 -24.61 46.29
CA ASP X 147 -33.24 -23.49 45.55
C ASP X 147 -32.84 -23.94 44.20
N ALA X 148 -32.34 -25.16 44.11
CA ALA X 148 -31.96 -25.74 42.86
C ALA X 148 -33.23 -25.95 42.09
N ASP X 149 -34.32 -26.34 42.77
CA ASP X 149 -35.61 -26.43 42.11
C ASP X 149 -36.17 -25.05 41.78
N ARG X 150 -35.87 -24.05 42.61
CA ARG X 150 -36.32 -22.70 42.36
C ARG X 150 -35.61 -22.20 41.10
N LYS X 151 -34.31 -22.49 41.03
CA LYS X 151 -33.46 -22.14 39.92
C LYS X 151 -33.84 -22.99 38.75
N TYR X 152 -34.21 -24.25 38.99
CA TYR X 152 -34.67 -25.14 37.96
C TYR X 152 -35.81 -24.44 37.31
N GLU X 153 -36.77 -23.99 38.09
CA GLU X 153 -37.90 -23.34 37.49
C GLU X 153 -37.49 -22.03 36.86
N GLU X 154 -36.59 -21.27 37.43
CA GLU X 154 -36.25 -20.04 36.77
C GLU X 154 -35.62 -20.29 35.42
N VAL X 155 -34.70 -21.26 35.37
CA VAL X 155 -34.02 -21.60 34.13
C VAL X 155 -34.90 -22.45 33.22
N ALA X 156 -35.69 -23.33 33.82
CA ALA X 156 -36.58 -24.21 33.06
C ALA X 156 -37.65 -23.36 32.44
N ARG X 157 -38.06 -22.31 33.16
CA ARG X 157 -39.03 -21.38 32.66
C ARG X 157 -38.40 -20.67 31.52
N LYS X 158 -37.14 -20.24 31.69
CA LYS X 158 -36.43 -19.64 30.59
C LYS X 158 -36.27 -20.68 29.50
N LEU X 159 -36.07 -21.94 29.83
CA LEU X 159 -35.94 -22.94 28.79
C LEU X 159 -37.21 -22.96 27.99
N VAL X 160 -38.36 -22.92 28.64
CA VAL X 160 -39.63 -22.89 27.94
C VAL X 160 -39.83 -21.58 27.16
N ILE X 161 -39.48 -20.45 27.77
CA ILE X 161 -39.67 -19.16 27.10
C ILE X 161 -38.74 -19.06 25.92
N ILE X 162 -37.50 -19.42 26.10
CA ILE X 162 -36.49 -19.39 25.10
C ILE X 162 -36.80 -20.42 24.05
N GLU X 163 -37.26 -21.61 24.45
CA GLU X 163 -37.66 -22.64 23.50
C GLU X 163 -38.86 -22.15 22.70
N SER X 164 -39.80 -21.47 23.35
CA SER X 164 -40.95 -20.92 22.66
C SER X 164 -40.46 -19.86 21.68
N ASP X 165 -39.51 -19.02 22.15
CA ASP X 165 -38.90 -17.99 21.35
C ASP X 165 -38.10 -18.63 20.25
N LEU X 166 -37.53 -19.81 20.51
CA LEU X 166 -36.78 -20.58 19.54
C LEU X 166 -37.69 -21.08 18.49
N GLU X 167 -38.81 -21.66 18.86
CA GLU X 167 -39.71 -22.16 17.86
C GLU X 167 -40.16 -20.99 17.03
N ARG X 168 -40.39 -19.84 17.68
CA ARG X 168 -40.79 -18.64 17.00
C ARG X 168 -39.63 -18.12 16.16
N ALA X 169 -38.39 -18.18 16.65
CA ALA X 169 -37.21 -17.72 15.94
C ALA X 169 -36.96 -18.56 14.74
N GLU X 170 -37.21 -19.87 14.86
CA GLU X 170 -37.04 -20.77 13.76
C GLU X 170 -38.15 -20.49 12.80
N GLU X 171 -39.35 -20.24 13.32
CA GLU X 171 -40.49 -19.89 12.50
C GLU X 171 -40.17 -18.62 11.76
N ARG X 172 -39.55 -17.64 12.44
CA ARG X 172 -39.19 -16.39 11.82
C ARG X 172 -38.09 -16.62 10.84
N ALA X 173 -37.16 -17.52 11.12
CA ALA X 173 -36.15 -17.81 10.15
C ALA X 173 -36.83 -18.34 8.90
N GLU X 174 -37.83 -19.20 9.09
CA GLU X 174 -38.61 -19.79 8.02
C GLU X 174 -39.50 -18.78 7.32
N LEU X 175 -40.08 -17.84 8.07
CA LEU X 175 -40.94 -16.82 7.49
C LEU X 175 -40.14 -15.82 6.72
N SER X 176 -38.97 -15.44 7.24
CA SER X 176 -38.10 -14.51 6.58
C SER X 176 -37.44 -15.21 5.40
N GLU X 177 -37.14 -16.51 5.54
CA GLU X 177 -36.55 -17.31 4.48
C GLU X 177 -37.61 -17.53 3.44
N GLY X 178 -38.84 -17.73 3.91
CA GLY X 178 -40.00 -17.94 3.08
C GLY X 178 -40.15 -16.70 2.26
N LYS X 179 -40.20 -15.54 2.92
CA LYS X 179 -40.31 -14.28 2.24
C LYS X 179 -39.11 -14.10 1.34
N CYS X 180 -37.91 -14.51 1.77
CA CYS X 180 -36.80 -14.37 0.86
C CYS X 180 -37.07 -15.18 -0.37
N ALA X 181 -37.53 -16.43 -0.23
CA ALA X 181 -37.81 -17.25 -1.37
C ALA X 181 -38.89 -16.62 -2.24
N GLU X 182 -39.88 -16.01 -1.61
CA GLU X 182 -40.94 -15.37 -2.36
C GLU X 182 -40.35 -14.20 -3.12
N LEU X 183 -39.46 -13.46 -2.48
CA LEU X 183 -38.79 -12.34 -3.10
C LEU X 183 -37.86 -12.85 -4.16
N GLU X 184 -37.22 -13.98 -3.96
CA GLU X 184 -36.35 -14.51 -4.97
C GLU X 184 -37.17 -14.85 -6.17
N GLU X 185 -38.37 -15.40 -5.98
CA GLU X 185 -39.17 -15.71 -7.13
C GLU X 185 -39.73 -14.44 -7.76
N GLU X 186 -40.09 -13.46 -6.94
CA GLU X 186 -40.61 -12.19 -7.43
C GLU X 186 -39.49 -11.41 -8.08
N LEU X 187 -38.30 -11.51 -7.51
CA LEU X 187 -37.13 -10.82 -7.99
C LEU X 187 -36.73 -11.45 -9.27
N LYS X 188 -36.70 -12.78 -9.34
CA LYS X 188 -36.38 -13.44 -10.57
C LYS X 188 -37.46 -13.13 -11.56
N THR X 189 -38.71 -13.05 -11.13
CA THR X 189 -39.75 -12.71 -12.06
C THR X 189 -39.54 -11.34 -12.64
N VAL X 190 -39.23 -10.34 -11.81
CA VAL X 190 -39.01 -9.03 -12.38
C VAL X 190 -37.67 -8.95 -13.04
N THR X 191 -36.68 -9.71 -12.58
CA THR X 191 -35.36 -9.71 -13.18
C THR X 191 -35.46 -10.32 -14.54
N ASN X 192 -36.22 -11.40 -14.67
CA ASN X 192 -36.39 -12.08 -15.92
C ASN X 192 -37.30 -11.26 -16.80
N ASN X 193 -38.28 -10.59 -16.21
CA ASN X 193 -39.13 -9.73 -17.00
C ASN X 193 -38.33 -8.50 -17.35
N LEU X 194 -37.38 -8.14 -16.50
CA LEU X 194 -36.49 -7.05 -16.79
C LEU X 194 -35.65 -7.50 -17.94
N LYS X 195 -35.12 -8.72 -17.90
CA LYS X 195 -34.32 -9.21 -19.01
C LYS X 195 -35.16 -9.14 -20.26
N SER X 196 -36.45 -9.45 -20.15
CA SER X 196 -37.33 -9.33 -21.30
C SER X 196 -37.43 -7.88 -21.70
N LEU X 197 -37.65 -6.96 -20.75
CA LEU X 197 -37.81 -5.55 -21.06
C LEU X 197 -36.51 -4.92 -21.47
N GLU X 198 -35.43 -5.42 -20.93
CA GLU X 198 -34.10 -4.97 -21.23
C GLU X 198 -33.80 -5.44 -22.61
N ALA X 199 -34.13 -6.70 -22.91
CA ALA X 199 -33.95 -7.27 -24.22
C ALA X 199 -34.86 -6.56 -25.17
N GLN X 200 -36.05 -6.19 -24.72
CA GLN X 200 -36.93 -5.48 -25.60
C GLN X 200 -36.35 -4.14 -25.82
N ALA X 201 -35.85 -3.51 -24.77
CA ALA X 201 -35.25 -2.22 -24.90
C ALA X 201 -34.04 -2.34 -25.80
N GLU X 202 -33.33 -3.46 -25.71
CA GLU X 202 -32.16 -3.71 -26.51
C GLU X 202 -32.56 -3.87 -27.93
N LYS X 203 -33.60 -4.66 -28.18
CA LYS X 203 -34.11 -4.93 -29.51
C LYS X 203 -34.69 -3.68 -30.08
N TYR X 204 -35.34 -2.89 -29.24
CA TYR X 204 -35.93 -1.66 -29.69
C TYR X 204 -34.81 -0.71 -29.94
N SER X 205 -33.72 -0.79 -29.18
CA SER X 205 -32.57 0.06 -29.39
C SER X 205 -31.81 -0.42 -30.62
N GLN X 206 -31.80 -1.73 -30.88
CA GLN X 206 -31.12 -2.28 -32.04
C GLN X 206 -31.88 -1.90 -33.28
N LYS X 207 -33.19 -1.96 -33.19
CA LYS X 207 -34.03 -1.57 -34.28
C LYS X 207 -33.96 -0.07 -34.39
N GLU X 208 -33.98 0.61 -33.26
CA GLU X 208 -33.86 2.06 -33.24
C GLU X 208 -32.55 2.46 -33.95
N ASP X 209 -31.48 1.72 -33.69
CA ASP X 209 -30.23 1.99 -34.35
C ASP X 209 -30.35 1.61 -35.78
N ARG X 210 -31.02 0.51 -36.09
CA ARG X 210 -31.19 0.16 -37.47
C ARG X 210 -31.97 1.26 -38.18
N TYR X 211 -32.93 1.85 -37.48
CA TYR X 211 -33.74 2.90 -38.03
C TYR X 211 -32.92 4.16 -38.09
N GLU X 212 -32.01 4.37 -37.16
CA GLU X 212 -31.16 5.55 -37.18
C GLU X 212 -30.23 5.41 -38.35
N GLU X 213 -29.78 4.20 -38.57
CA GLU X 213 -28.91 3.85 -39.66
C GLU X 213 -29.70 4.00 -40.92
N GLU X 214 -30.99 3.64 -40.89
CA GLU X 214 -31.86 3.80 -42.04
C GLU X 214 -32.08 5.28 -42.25
N ILE X 215 -32.19 6.06 -41.19
CA ILE X 215 -32.32 7.48 -41.33
C ILE X 215 -31.05 7.95 -41.95
N LYS X 216 -29.91 7.46 -41.50
CA LYS X 216 -28.66 7.86 -42.07
C LYS X 216 -28.63 7.46 -43.53
N VAL X 217 -29.16 6.29 -43.89
CA VAL X 217 -29.17 5.92 -45.28
C VAL X 217 -30.05 6.85 -46.04
N LEU X 218 -31.22 7.13 -45.52
CA LEU X 218 -32.14 8.00 -46.18
C LEU X 218 -31.66 9.41 -46.16
N SER X 219 -30.99 9.80 -45.10
CA SER X 219 -30.46 11.12 -44.96
C SER X 219 -29.38 11.28 -45.98
N ASP X 220 -28.51 10.28 -46.11
CA ASP X 220 -27.44 10.35 -47.08
C ASP X 220 -27.99 10.26 -48.46
N LYS X 221 -29.01 9.44 -48.67
CA LYS X 221 -29.58 9.31 -49.98
C LYS X 221 -30.28 10.57 -50.33
N LEU X 222 -30.90 11.22 -49.34
CA LEU X 222 -31.57 12.48 -49.54
C LEU X 222 -30.55 13.54 -49.78
N LYS X 223 -29.46 13.56 -49.04
CA LYS X 223 -28.47 14.56 -49.29
C LYS X 223 -27.90 14.38 -50.67
N GLU X 224 -27.67 13.14 -51.07
CA GLU X 224 -27.15 12.87 -52.37
C GLU X 224 -28.19 13.17 -53.41
N ALA X 225 -29.45 12.85 -53.14
CA ALA X 225 -30.53 13.10 -54.06
C ALA X 225 -30.87 14.54 -54.11
N GLU X 226 -30.74 15.23 -52.99
CA GLU X 226 -31.01 16.65 -52.94
C GLU X 226 -29.88 17.37 -53.61
N THR X 227 -28.65 16.88 -53.40
CA THR X 227 -27.48 17.44 -54.03
C THR X 227 -27.62 17.20 -55.49
N ARG X 228 -28.02 16.00 -55.88
CA ARG X 228 -28.26 15.66 -57.25
C ARG X 228 -29.52 16.34 -57.74
N ALA X 229 -30.51 16.56 -56.88
CA ALA X 229 -31.67 17.27 -57.35
C ALA X 229 -31.21 18.64 -57.71
N GLU X 230 -30.32 19.21 -56.91
CA GLU X 230 -29.80 20.51 -57.22
C GLU X 230 -28.88 20.46 -58.39
N PHE X 231 -28.04 19.46 -58.51
CA PHE X 231 -27.10 19.44 -59.60
C PHE X 231 -27.78 19.12 -60.89
N ALA X 232 -28.75 18.23 -60.84
CA ALA X 232 -29.48 17.86 -62.02
C ALA X 232 -30.38 18.99 -62.40
N GLU X 233 -31.04 19.65 -61.43
CA GLU X 233 -31.89 20.77 -61.76
C GLU X 233 -31.05 21.94 -62.17
N ARG X 234 -29.86 22.06 -61.59
CA ARG X 234 -28.92 23.09 -61.92
C ARG X 234 -28.47 22.82 -63.32
N SER X 235 -28.21 21.56 -63.66
CA SER X 235 -27.80 21.21 -64.99
C SER X 235 -28.97 21.50 -65.90
N VAL X 236 -30.19 21.26 -65.45
CA VAL X 236 -31.34 21.60 -66.25
C VAL X 236 -31.47 23.07 -66.45
N THR X 237 -31.31 23.90 -65.43
CA THR X 237 -31.48 25.31 -65.66
C THR X 237 -30.23 25.90 -66.30
N LYS X 238 -29.09 25.24 -66.13
CA LYS X 238 -27.84 25.63 -66.74
C LYS X 238 -27.93 25.33 -68.20
N LEU X 239 -28.49 24.17 -68.55
CA LEU X 239 -28.66 23.84 -69.93
C LEU X 239 -29.82 24.59 -70.48
N GLU X 240 -30.91 24.77 -69.74
CA GLU X 240 -31.96 25.55 -70.34
C GLU X 240 -31.42 26.90 -70.64
N LYS X 241 -30.58 27.44 -69.77
CA LYS X 241 -30.00 28.72 -70.04
C LYS X 241 -28.97 28.66 -71.15
N SER X 242 -28.08 27.65 -71.18
CA SER X 242 -27.06 27.62 -72.21
C SER X 242 -27.72 27.35 -73.53
N ILE X 243 -28.82 26.63 -73.50
CA ILE X 243 -29.62 26.34 -74.67
C ILE X 243 -30.31 27.58 -75.07
N ASP X 244 -30.93 28.31 -74.14
CA ASP X 244 -31.56 29.53 -74.58
C ASP X 244 -30.51 30.45 -75.16
N ASP X 245 -29.43 30.61 -74.39
CA ASP X 245 -28.28 31.42 -74.74
C ASP X 245 -27.61 30.82 -75.97
N LEU X 246 -27.88 29.55 -76.20
CA LEU X 246 -27.40 28.85 -77.38
C LEU X 246 -28.41 29.29 -78.41
N GLU X 247 -29.56 28.62 -78.46
CA GLU X 247 -30.65 28.90 -79.39
C GLU X 247 -30.93 30.37 -79.76
N ASP X 248 -30.92 31.25 -78.77
CA ASP X 248 -31.19 32.68 -78.95
C ASP X 248 -30.10 33.32 -79.78
N GLU X 249 -28.86 32.98 -79.46
CA GLU X 249 -27.71 33.44 -80.23
C GLU X 249 -27.70 32.62 -81.51
N LEU X 250 -28.11 31.35 -81.39
CA LEU X 250 -28.20 30.45 -82.51
C LEU X 250 -29.27 30.89 -83.53
N TYR X 251 -30.41 31.43 -83.07
CA TYR X 251 -31.52 31.86 -83.93
C TYR X 251 -31.09 33.11 -84.57
N ALA X 252 -30.24 33.85 -83.87
CA ALA X 252 -29.74 35.03 -84.51
C ALA X 252 -28.99 34.60 -85.77
N GLN X 253 -28.14 33.59 -85.62
CA GLN X 253 -27.42 33.05 -86.76
C GLN X 253 -28.51 32.50 -87.64
N LYS X 254 -29.33 31.61 -87.08
CA LYS X 254 -30.44 30.98 -87.80
C LYS X 254 -31.32 31.94 -88.63
N LEU X 255 -31.68 33.08 -88.04
CA LEU X 255 -32.51 34.06 -88.73
C LEU X 255 -31.72 35.00 -89.67
N LYS X 256 -30.45 35.23 -89.37
CA LYS X 256 -29.65 36.13 -90.21
C LYS X 256 -28.77 35.42 -91.25
N TYR X 257 -28.31 34.21 -90.96
CA TYR X 257 -27.49 33.48 -91.92
C TYR X 257 -28.36 33.07 -93.08
N LYS X 258 -29.60 32.64 -92.79
CA LYS X 258 -30.42 32.28 -93.90
C LYS X 258 -30.96 33.56 -94.51
N ALA X 259 -31.38 34.55 -93.74
CA ALA X 259 -31.88 35.77 -94.35
C ALA X 259 -30.80 36.52 -95.12
N ILE X 260 -29.55 36.52 -94.64
CA ILE X 260 -28.49 37.22 -95.36
C ILE X 260 -28.20 36.48 -96.63
N SER X 261 -28.05 35.16 -96.53
CA SER X 261 -27.77 34.33 -97.67
C SER X 261 -28.98 34.27 -98.59
N GLU X 262 -30.16 34.33 -97.99
CA GLU X 262 -31.40 34.25 -98.75
C GLU X 262 -31.62 35.53 -99.53
N GLU X 263 -31.35 36.66 -98.88
CA GLU X 263 -31.51 37.94 -99.50
C GLU X 263 -30.35 38.13 -100.44
N LEU X 264 -29.21 37.52 -100.14
CA LEU X 264 -28.13 37.55 -101.09
C LEU X 264 -28.59 36.82 -102.32
N ASP X 265 -29.22 35.64 -102.18
CA ASP X 265 -29.68 34.91 -103.35
C ASP X 265 -30.83 35.61 -104.04
N HIS X 266 -31.66 36.30 -103.28
CA HIS X 266 -32.74 37.04 -103.87
C HIS X 266 -32.14 38.10 -104.72
N ALA X 267 -31.21 38.81 -104.10
CA ALA X 267 -30.52 39.84 -104.76
C ALA X 267 -29.81 39.24 -105.92
N LEU X 268 -29.27 38.04 -105.84
CA LEU X 268 -28.58 37.49 -107.00
C LEU X 268 -29.50 37.34 -108.16
N ASN X 269 -30.73 36.92 -107.95
CA ASN X 269 -31.55 36.82 -109.14
C ASN X 269 -31.58 38.19 -109.81
N ASP X 270 -31.74 39.24 -109.01
CA ASP X 270 -31.75 40.62 -109.52
C ASP X 270 -30.36 41.19 -109.89
N MET X 271 -29.31 40.77 -109.20
CA MET X 271 -27.93 41.24 -109.41
C MET X 271 -27.46 40.86 -110.75
N THR X 272 -27.95 39.70 -111.19
CA THR X 272 -27.62 39.07 -112.44
C THR X 272 -28.56 39.53 -113.57
N SER X 273 -29.54 40.41 -113.27
CA SER X 273 -30.45 40.94 -114.27
C SER X 273 -29.77 42.23 -114.74
N ILE X 274 -29.12 42.13 -115.88
CA ILE X 274 -28.23 43.16 -116.36
C ILE X 274 -28.49 43.54 -117.82
N ALA Y 1 -26.53 30.66 -103.15
CA ALA Y 1 -26.53 30.36 -104.56
C ALA Y 1 -25.30 30.88 -105.22
N SER Y 2 -24.49 30.00 -105.74
CA SER Y 2 -23.34 30.48 -106.46
C SER Y 2 -23.97 31.15 -107.64
N MET Y 3 -23.23 31.98 -108.34
CA MET Y 3 -23.86 32.70 -109.43
C MET Y 3 -24.13 31.83 -110.64
N ASP Y 4 -25.19 31.04 -110.56
CA ASP Y 4 -25.60 30.09 -111.58
C ASP Y 4 -26.09 30.84 -112.80
N ALA Y 5 -26.75 31.95 -112.53
CA ALA Y 5 -27.26 32.82 -113.56
C ALA Y 5 -26.10 33.32 -114.36
N ILE Y 6 -25.02 33.63 -113.68
CA ILE Y 6 -23.86 34.13 -114.35
C ILE Y 6 -23.15 33.03 -115.00
N LYS Y 7 -22.96 31.90 -114.36
CA LYS Y 7 -22.20 30.89 -115.03
C LYS Y 7 -22.75 30.64 -116.42
N LYS Y 8 -24.06 30.53 -116.56
CA LYS Y 8 -24.58 30.33 -117.89
C LYS Y 8 -24.63 31.58 -118.73
N LYS Y 9 -24.95 32.74 -118.16
CA LYS Y 9 -25.00 33.95 -118.96
C LYS Y 9 -23.61 34.29 -119.46
N MET Y 10 -22.61 33.97 -118.65
CA MET Y 10 -21.22 34.14 -118.96
C MET Y 10 -20.84 33.31 -120.12
N GLN Y 11 -21.24 32.07 -120.12
CA GLN Y 11 -20.92 31.24 -121.26
C GLN Y 11 -21.65 31.77 -122.48
N MET Y 12 -22.91 32.18 -122.32
CA MET Y 12 -23.67 32.68 -123.44
C MET Y 12 -23.05 33.90 -124.04
N LEU Y 13 -22.67 34.87 -123.21
CA LEU Y 13 -22.12 36.08 -123.76
C LEU Y 13 -20.72 35.91 -124.23
N LYS Y 14 -19.89 35.12 -123.56
CA LYS Y 14 -18.56 34.98 -124.09
C LYS Y 14 -18.64 34.30 -125.43
N LEU Y 15 -19.48 33.28 -125.56
CA LEU Y 15 -19.59 32.59 -126.81
C LEU Y 15 -20.23 33.46 -127.86
N ASP Y 16 -21.26 34.23 -127.49
CA ASP Y 16 -21.93 35.01 -128.48
C ASP Y 16 -21.05 36.16 -128.94
N LYS Y 17 -20.28 36.78 -128.02
CA LYS Y 17 -19.44 37.88 -128.45
C LYS Y 17 -18.26 37.36 -129.19
N GLU Y 18 -17.77 36.18 -128.84
CA GLU Y 18 -16.62 35.69 -129.52
C GLU Y 18 -17.03 35.30 -130.90
N ASN Y 19 -18.23 34.76 -131.04
CA ASN Y 19 -18.68 34.37 -132.35
C ASN Y 19 -18.99 35.61 -133.15
N ALA Y 20 -19.60 36.62 -132.53
CA ALA Y 20 -19.90 37.84 -133.25
C ALA Y 20 -18.63 38.53 -133.66
N LEU Y 21 -17.61 38.49 -132.80
CA LEU Y 21 -16.34 39.10 -133.09
C LEU Y 21 -15.64 38.33 -134.16
N ASP Y 22 -15.70 37.01 -134.11
CA ASP Y 22 -15.08 36.23 -135.14
C ASP Y 22 -15.75 36.60 -136.45
N ARG Y 23 -17.08 36.78 -136.44
CA ARG Y 23 -17.76 37.22 -137.64
C ARG Y 23 -17.32 38.62 -138.04
N ALA Y 24 -17.16 39.55 -137.10
CA ALA Y 24 -16.75 40.90 -137.45
C ALA Y 24 -15.39 40.91 -138.10
N GLU Y 25 -14.50 40.09 -137.57
CA GLU Y 25 -13.17 40.05 -138.06
C GLU Y 25 -13.11 39.40 -139.42
N GLN Y 26 -13.88 38.33 -139.63
CA GLN Y 26 -13.90 37.65 -140.92
C GLN Y 26 -14.61 38.49 -141.95
N ALA Y 27 -15.67 39.16 -141.53
CA ALA Y 27 -16.43 39.92 -142.47
C ALA Y 27 -15.55 40.97 -143.12
N GLU Y 28 -14.65 41.57 -142.35
CA GLU Y 28 -13.75 42.51 -142.96
C GLU Y 28 -12.54 41.80 -143.60
N ALA Y 29 -11.97 40.82 -142.88
CA ALA Y 29 -10.75 40.13 -143.28
C ALA Y 29 -10.87 39.39 -144.59
N ASP Y 30 -12.06 38.93 -144.93
CA ASP Y 30 -12.27 38.22 -146.17
C ASP Y 30 -11.95 39.09 -147.39
N LYS Y 31 -12.03 40.41 -147.23
CA LYS Y 31 -11.78 41.40 -148.27
C LYS Y 31 -12.72 41.20 -149.45
N ALA Z 1 -28.38 45.27 -106.12
CA ALA Z 1 -27.06 45.18 -105.49
C ALA Z 1 -26.09 44.42 -106.37
N SER Z 2 -26.05 44.71 -107.66
CA SER Z 2 -25.20 43.92 -108.54
C SER Z 2 -23.76 44.00 -108.16
N MET Z 3 -23.07 42.92 -108.38
CA MET Z 3 -21.66 42.95 -108.18
C MET Z 3 -21.17 43.73 -109.36
N ASP Z 4 -20.24 44.65 -109.17
CA ASP Z 4 -19.83 45.42 -110.32
C ASP Z 4 -19.23 44.57 -111.39
N ALA Z 5 -18.49 43.55 -111.01
CA ALA Z 5 -17.86 42.76 -112.05
C ALA Z 5 -18.88 42.15 -112.97
N ILE Z 6 -19.99 41.68 -112.43
CA ILE Z 6 -20.93 41.01 -113.29
C ILE Z 6 -21.74 42.02 -114.05
N LYS Z 7 -22.10 43.15 -113.43
CA LYS Z 7 -22.91 44.08 -114.16
C LYS Z 7 -22.12 44.73 -115.26
N LYS Z 8 -20.92 45.18 -114.92
CA LYS Z 8 -20.12 45.89 -115.87
C LYS Z 8 -19.66 45.00 -117.00
N LYS Z 9 -19.25 43.77 -116.70
CA LYS Z 9 -18.80 42.97 -117.80
C LYS Z 9 -19.96 42.33 -118.52
N MET Z 10 -21.07 42.04 -117.86
CA MET Z 10 -22.11 41.46 -118.68
C MET Z 10 -22.52 42.49 -119.70
N GLN Z 11 -22.63 43.77 -119.30
CA GLN Z 11 -23.01 44.73 -120.31
C GLN Z 11 -21.89 44.92 -121.34
N MET Z 12 -20.62 44.96 -120.93
CA MET Z 12 -19.58 45.16 -121.92
C MET Z 12 -19.41 44.01 -122.87
N LEU Z 13 -19.60 42.78 -122.40
CA LEU Z 13 -19.43 41.64 -123.26
C LEU Z 13 -20.64 41.56 -124.16
N LYS Z 14 -21.82 41.97 -123.64
CA LYS Z 14 -23.03 42.03 -124.44
C LYS Z 14 -22.80 43.03 -125.56
N LEU Z 15 -22.19 44.17 -125.23
CA LEU Z 15 -21.88 45.20 -126.21
C LEU Z 15 -20.83 44.72 -127.18
N ASP Z 16 -19.81 43.97 -126.74
CA ASP Z 16 -18.84 43.51 -127.71
C ASP Z 16 -19.58 42.66 -128.73
N LYS Z 17 -20.53 41.86 -128.28
CA LYS Z 17 -21.32 41.02 -129.18
C LYS Z 17 -22.15 41.83 -130.13
N GLU Z 18 -22.87 42.83 -129.61
CA GLU Z 18 -23.76 43.63 -130.44
C GLU Z 18 -22.98 44.46 -131.42
N ASN Z 19 -21.83 44.96 -130.98
CA ASN Z 19 -21.04 45.80 -131.82
C ASN Z 19 -20.38 44.96 -132.87
N ALA Z 20 -19.91 43.77 -132.48
CA ALA Z 20 -19.27 42.87 -133.40
C ALA Z 20 -20.26 42.34 -134.39
N LEU Z 21 -21.48 42.11 -133.95
CA LEU Z 21 -22.50 41.61 -134.82
C LEU Z 21 -22.77 42.66 -135.88
N ASP Z 22 -22.92 43.92 -135.46
CA ASP Z 22 -23.18 44.97 -136.43
C ASP Z 22 -21.99 45.16 -137.35
N ARG Z 23 -20.77 45.03 -136.80
CA ARG Z 23 -19.57 45.15 -137.61
C ARG Z 23 -19.50 44.02 -138.61
N ALA Z 24 -19.94 42.83 -138.24
CA ALA Z 24 -19.91 41.75 -139.18
C ALA Z 24 -20.84 42.01 -140.32
N GLU Z 25 -22.02 42.54 -140.01
CA GLU Z 25 -22.99 42.82 -141.06
C GLU Z 25 -22.51 43.94 -141.94
N GLN Z 26 -21.90 44.95 -141.33
CA GLN Z 26 -21.42 46.10 -142.05
C GLN Z 26 -20.25 45.74 -142.93
N ALA Z 27 -19.25 45.08 -142.35
CA ALA Z 27 -18.09 44.71 -143.09
C ALA Z 27 -18.43 43.71 -144.16
N GLU Z 28 -19.37 42.81 -143.88
CA GLU Z 28 -19.75 41.84 -144.86
C GLU Z 28 -20.40 42.54 -146.03
N ALA Z 29 -21.22 43.55 -145.75
CA ALA Z 29 -21.85 44.33 -146.82
C ALA Z 29 -20.80 45.02 -147.68
N ASP Z 30 -19.71 45.50 -147.04
CA ASP Z 30 -18.62 46.14 -147.78
C ASP Z 30 -17.79 45.14 -148.57
N LYS Z 31 -17.66 43.92 -148.05
CA LYS Z 31 -16.84 42.88 -148.63
C LYS Z 31 -17.69 41.75 -149.22
N PHE AA 1 -27.24 17.56 -136.71
CA PHE AA 1 -26.23 17.71 -135.67
C PHE AA 1 -26.25 19.04 -134.90
N ASP AA 2 -26.31 20.17 -135.59
CA ASP AA 2 -26.27 21.45 -134.89
C ASP AA 2 -27.56 21.68 -134.13
N ASP AA 3 -28.59 20.92 -134.47
CA ASP AA 3 -29.86 20.98 -133.81
C ASP AA 3 -29.74 20.32 -132.46
N ILE AA 4 -28.71 19.48 -132.27
CA ILE AA 4 -28.52 18.84 -131.00
C ILE AA 4 -28.04 19.92 -130.11
N HIS AA 5 -27.10 20.68 -130.63
CA HIS AA 5 -26.54 21.76 -129.85
C HIS AA 5 -27.59 22.79 -129.52
N ARG AA 6 -28.49 23.07 -130.46
CA ARG AA 6 -29.54 24.01 -130.16
C ARG AA 6 -30.45 23.44 -129.09
N LYS AA 7 -30.79 22.14 -129.18
CA LYS AA 7 -31.64 21.52 -128.18
C LYS AA 7 -30.98 21.55 -126.83
N ARG AA 8 -29.65 21.37 -126.80
CA ARG AA 8 -28.95 21.43 -125.54
C ARG AA 8 -29.08 22.83 -124.97
N MET AA 9 -28.92 23.87 -125.80
CA MET AA 9 -29.08 25.19 -125.22
C MET AA 9 -30.51 25.44 -124.81
N GLU AA 10 -31.48 24.91 -125.55
CA GLU AA 10 -32.86 25.13 -125.17
C GLU AA 10 -33.15 24.51 -123.84
N LYS AA 11 -32.66 23.29 -123.59
CA LYS AA 11 -32.99 22.68 -122.33
C LYS AA 11 -32.17 23.31 -121.22
N ASP AA 12 -30.94 23.73 -121.52
CA ASP AA 12 -30.10 24.29 -120.49
C ASP AA 12 -30.56 25.67 -120.10
N LEU AA 13 -31.09 26.43 -121.04
CA LEU AA 13 -31.56 27.75 -120.70
C LEU AA 13 -32.95 27.68 -120.12
N ASN AA 14 -33.74 26.68 -120.51
CA ASN AA 14 -35.04 26.57 -119.89
C ASN AA 14 -34.79 26.12 -118.46
N GLU AA 15 -33.77 25.26 -118.30
CA GLU AA 15 -33.36 24.79 -117.01
C GLU AA 15 -32.70 25.91 -116.25
N LEU AA 16 -31.93 26.76 -116.92
CA LEU AA 16 -31.32 27.83 -116.19
C LEU AA 16 -32.36 28.69 -115.58
N GLN AA 17 -33.37 29.05 -116.34
CA GLN AA 17 -34.32 29.95 -115.71
C GLN AA 17 -35.11 29.22 -114.65
N ALA AA 18 -35.44 27.94 -114.92
CA ALA AA 18 -36.16 27.15 -113.95
C ALA AA 18 -35.34 27.00 -112.68
N LEU AA 19 -34.03 26.88 -112.85
CA LEU AA 19 -33.07 26.74 -111.79
C LEU AA 19 -32.77 28.03 -111.08
N ILE AA 20 -32.65 29.16 -111.76
CA ILE AA 20 -32.37 30.36 -111.01
C ILE AA 20 -33.53 30.51 -110.06
N GLU AA 21 -34.74 30.32 -110.60
CA GLU AA 21 -35.92 30.35 -109.79
C GLU AA 21 -35.97 29.24 -108.76
N ALA AA 22 -35.74 28.00 -109.14
CA ALA AA 22 -35.84 26.90 -108.17
C ALA AA 22 -34.76 26.95 -107.12
N HIS AA 23 -33.58 27.38 -107.49
CA HIS AA 23 -32.47 27.41 -106.58
C HIS AA 23 -32.80 28.43 -105.52
N PHE AA 24 -33.11 29.65 -105.97
CA PHE AA 24 -33.49 30.68 -105.05
C PHE AA 24 -34.79 30.44 -104.34
N GLU AA 25 -35.85 30.09 -105.04
CA GLU AA 25 -37.13 29.92 -104.41
C GLU AA 25 -37.15 28.71 -103.54
N ASN AA 26 -36.48 27.62 -103.90
CA ASN AA 26 -36.59 26.50 -103.01
C ASN AA 26 -35.93 26.87 -101.72
N ARG AA 27 -34.81 27.61 -101.78
CA ARG AA 27 -34.24 28.03 -100.53
C ARG AA 27 -35.07 29.10 -99.86
N LYS AA 28 -35.61 30.06 -100.59
CA LYS AA 28 -36.32 31.06 -99.83
C LYS AA 28 -37.54 30.45 -99.19
N LYS AA 29 -38.21 29.55 -99.88
CA LYS AA 29 -39.34 28.95 -99.24
C LYS AA 29 -38.89 28.09 -98.08
N GLU AA 30 -37.96 27.15 -98.29
CA GLU AA 30 -37.61 26.29 -97.19
C GLU AA 30 -36.95 27.01 -96.05
N GLU AA 31 -36.00 27.88 -96.41
CA GLU AA 31 -35.23 28.66 -95.46
C GLU AA 31 -36.02 29.70 -94.71
N GLU AA 32 -36.91 30.42 -95.37
CA GLU AA 32 -37.61 31.43 -94.62
C GLU AA 32 -38.68 30.74 -93.80
N GLU AA 33 -39.27 29.64 -94.34
CA GLU AA 33 -40.24 28.89 -93.56
C GLU AA 33 -39.54 28.27 -92.37
N LEU AA 34 -38.31 27.79 -92.56
CA LEU AA 34 -37.56 27.17 -91.49
C LEU AA 34 -37.18 28.16 -90.43
N VAL AA 35 -36.74 29.36 -90.81
CA VAL AA 35 -36.37 30.24 -89.72
C VAL AA 35 -37.65 30.74 -89.11
N SER AA 36 -38.68 31.04 -89.88
CA SER AA 36 -39.88 31.54 -89.26
C SER AA 36 -40.39 30.50 -88.28
N LEU AA 37 -40.42 29.25 -88.70
CA LEU AA 37 -40.83 28.17 -87.84
C LEU AA 37 -39.95 28.02 -86.65
N LYS AA 38 -38.65 28.02 -86.85
CA LYS AA 38 -37.77 27.78 -85.77
C LYS AA 38 -37.45 29.02 -84.99
N ASP AA 39 -37.85 30.19 -85.47
CA ASP AA 39 -37.66 31.40 -84.71
C ASP AA 39 -38.73 31.26 -83.67
N ARG AA 40 -39.90 30.78 -84.09
CA ARG AA 40 -40.97 30.52 -83.16
C ARG AA 40 -40.61 29.36 -82.26
N ILE AA 41 -40.01 28.29 -82.78
CA ILE AA 41 -39.69 27.21 -81.87
C ILE AA 41 -38.71 27.69 -80.85
N GLU AA 42 -37.73 28.49 -81.28
CA GLU AA 42 -36.73 29.04 -80.40
C GLU AA 42 -37.35 29.93 -79.32
N ARG AA 43 -38.36 30.72 -79.70
CA ARG AA 43 -38.99 31.59 -78.74
C ARG AA 43 -39.84 30.77 -77.79
N ARG AA 44 -40.53 29.75 -78.31
CA ARG AA 44 -41.39 28.95 -77.46
C ARG AA 44 -40.54 28.16 -76.50
N ARG AA 45 -39.38 27.65 -76.96
CA ARG AA 45 -38.53 26.92 -76.06
C ARG AA 45 -38.00 27.85 -74.99
N ALA AA 46 -37.63 29.08 -75.37
CA ALA AA 46 -37.12 30.04 -74.41
C ALA AA 46 -38.19 30.39 -73.39
N GLU AA 47 -39.43 30.51 -73.83
CA GLU AA 47 -40.51 30.80 -72.91
C GLU AA 47 -40.72 29.65 -71.98
N ARG AA 48 -40.68 28.43 -72.50
CA ARG AA 48 -40.87 27.28 -71.65
C ARG AA 48 -39.73 27.14 -70.68
N ALA AA 49 -38.52 27.43 -71.13
CA ALA AA 49 -37.35 27.36 -70.30
C ALA AA 49 -37.46 28.35 -69.17
N GLU AA 50 -37.97 29.54 -69.45
CA GLU AA 50 -38.12 30.52 -68.39
C GLU AA 50 -39.18 30.04 -67.43
N GLN AA 51 -40.25 29.48 -67.96
CA GLN AA 51 -41.33 29.01 -67.12
C GLN AA 51 -40.84 27.88 -66.25
N GLN AA 52 -40.00 26.99 -66.78
CA GLN AA 52 -39.51 25.90 -65.96
C GLN AA 52 -38.56 26.41 -64.91
N ARG AA 53 -37.74 27.42 -65.24
CA ARG AA 53 -36.84 27.99 -64.25
C ARG AA 53 -37.67 28.57 -63.10
N ILE AA 54 -38.80 29.20 -63.45
CA ILE AA 54 -39.69 29.77 -62.45
C ILE AA 54 -40.33 28.66 -61.64
N ARG AA 55 -40.74 27.59 -62.32
CA ARG AA 55 -41.35 26.44 -61.66
C ARG AA 55 -40.37 25.79 -60.69
N ASN AA 56 -39.10 25.74 -61.07
CA ASN AA 56 -38.09 25.15 -60.22
C ASN AA 56 -37.89 26.03 -58.99
N GLU AA 57 -37.91 27.35 -59.16
CA GLU AA 57 -37.76 28.24 -58.02
C GLU AA 57 -38.93 28.11 -57.07
N ARG AA 58 -40.13 27.95 -57.62
CA ARG AA 58 -41.32 27.79 -56.81
C ARG AA 58 -41.28 26.49 -56.02
N GLU AA 59 -40.79 25.41 -56.65
CA GLU AA 59 -40.70 24.15 -55.94
C GLU AA 59 -39.65 24.25 -54.85
N LYS AA 60 -38.54 24.94 -55.14
CA LYS AA 60 -37.51 25.08 -54.12
C LYS AA 60 -38.09 25.76 -52.89
N GLU AA 61 -38.96 26.77 -53.08
CA GLU AA 61 -39.57 27.40 -51.92
C GLU AA 61 -40.56 26.46 -51.22
N ARG AA 62 -41.28 25.65 -51.99
CA ARG AA 62 -42.20 24.67 -51.44
C ARG AA 62 -41.48 23.62 -50.60
N GLN AA 63 -40.22 23.35 -50.94
CA GLN AA 63 -39.38 22.39 -50.25
C GLN AA 63 -38.63 22.93 -49.02
N ASN AA 64 -38.81 24.21 -48.67
CA ASN AA 64 -38.11 24.79 -47.53
C ASN AA 64 -38.77 24.37 -46.21
N GLY AA 113 -2.64 38.91 -30.78
CA GLY AA 113 -1.31 38.34 -30.60
C GLY AA 113 -0.49 39.18 -29.64
N LYS AA 114 0.41 38.54 -28.89
CA LYS AA 114 1.22 39.26 -27.90
C LYS AA 114 2.08 40.35 -28.58
N ARG AA 115 2.48 40.06 -29.82
CA ARG AA 115 3.26 40.98 -30.63
C ARG AA 115 2.42 42.15 -31.10
N GLN AA 116 1.10 41.96 -31.29
CA GLN AA 116 0.27 43.06 -31.75
C GLN AA 116 0.16 44.04 -30.62
N THR AA 117 0.08 43.52 -29.41
CA THR AA 117 -0.01 44.37 -28.24
C THR AA 117 1.27 45.20 -28.10
N GLU AA 118 2.44 44.56 -28.25
CA GLU AA 118 3.69 45.31 -28.14
C GLU AA 118 3.88 46.29 -29.30
N ARG AA 119 3.43 45.89 -30.50
CA ARG AA 119 3.52 46.74 -31.67
C ARG AA 119 2.71 48.01 -31.44
N GLU AA 120 1.50 47.85 -30.89
CA GLU AA 120 0.68 49.00 -30.59
C GLU AA 120 1.28 49.83 -29.48
N LYS AA 121 1.86 49.21 -28.45
CA LYS AA 121 2.43 50.05 -27.40
C LYS AA 121 3.53 50.93 -27.94
N LYS AA 122 4.43 50.40 -28.76
CA LYS AA 122 5.52 51.26 -29.18
C LYS AA 122 5.02 52.33 -30.15
N LYS AA 123 4.04 52.01 -31.00
CA LYS AA 123 3.56 53.00 -31.94
C LYS AA 123 2.70 54.07 -31.27
N LYS AA 124 1.87 53.69 -30.29
CA LYS AA 124 1.04 54.67 -29.61
C LYS AA 124 1.91 55.59 -28.76
N ILE AA 125 2.93 55.04 -28.11
CA ILE AA 125 3.83 55.84 -27.30
C ILE AA 125 4.59 56.81 -28.15
N LEU AA 126 5.14 56.37 -29.29
CA LEU AA 126 5.86 57.34 -30.08
C LEU AA 126 4.92 58.31 -30.74
N ALA AA 127 3.69 57.89 -31.08
CA ALA AA 127 2.80 58.81 -31.75
C ALA AA 127 2.56 60.05 -30.90
N GLU AA 128 2.47 59.87 -29.58
CA GLU AA 128 2.28 61.00 -28.67
C GLU AA 128 3.58 61.62 -28.15
N ARG AA 129 4.65 60.84 -28.04
CA ARG AA 129 5.94 61.33 -27.52
C ARG AA 129 6.75 62.12 -28.54
N ARG AA 130 6.61 61.77 -29.82
CA ARG AA 130 7.35 62.40 -30.91
C ARG AA 130 6.80 63.79 -31.15
N LYS AA 131 7.62 64.64 -31.72
CA LYS AA 131 7.15 65.95 -32.08
C LYS AA 131 7.12 66.08 -33.59
N VAL AA 132 6.27 66.98 -34.08
CA VAL AA 132 6.13 67.27 -35.49
C VAL AA 132 6.32 68.75 -35.72
N LEU AA 133 7.00 69.08 -36.79
CA LEU AA 133 7.24 70.46 -37.13
C LEU AA 133 6.32 70.95 -38.21
N ALA AA 134 6.05 72.24 -38.18
CA ALA AA 134 5.40 72.88 -39.31
C ALA AA 134 6.49 72.89 -40.38
N ILE AA 135 6.20 72.48 -41.62
CA ILE AA 135 7.28 72.50 -42.62
C ILE AA 135 7.01 73.18 -43.96
N ASP AA 136 6.04 72.67 -44.71
CA ASP AA 136 5.85 73.03 -46.12
C ASP AA 136 5.59 74.51 -46.42
N HIS AA 137 4.91 75.20 -45.52
CA HIS AA 137 4.59 76.62 -45.67
C HIS AA 137 5.56 77.62 -45.02
N LEU AA 138 6.58 77.14 -44.31
CA LEU AA 138 7.48 78.05 -43.56
C LEU AA 138 8.62 78.64 -44.38
N ASN AA 139 9.07 79.85 -44.01
CA ASN AA 139 10.20 80.48 -44.71
C ASN AA 139 11.53 79.98 -44.14
N GLU AA 140 12.66 80.46 -44.67
CA GLU AA 140 13.95 79.99 -44.22
C GLU AA 140 14.29 80.19 -42.75
N ASP AA 141 13.91 81.30 -42.15
CA ASP AA 141 14.29 81.50 -40.76
C ASP AA 141 13.47 80.59 -39.86
N GLN AA 142 12.19 80.45 -40.22
CA GLN AA 142 11.28 79.61 -39.47
C GLN AA 142 11.69 78.15 -39.57
N LEU AA 143 12.14 77.73 -40.76
CA LEU AA 143 12.56 76.37 -40.97
C LEU AA 143 13.84 76.05 -40.21
N ARG AA 144 14.80 76.98 -40.15
CA ARG AA 144 15.99 76.64 -39.41
C ARG AA 144 15.67 76.42 -37.93
N GLU AA 145 14.80 77.28 -37.36
CA GLU AA 145 14.52 77.11 -35.95
C GLU AA 145 13.71 75.86 -35.67
N LYS AA 146 12.80 75.50 -36.57
CA LYS AA 146 12.03 74.28 -36.36
C LYS AA 146 12.91 73.05 -36.51
N ALA AA 147 13.87 73.09 -37.44
CA ALA AA 147 14.74 71.95 -37.56
C ALA AA 147 15.54 71.78 -36.26
N LYS AA 148 15.95 72.89 -35.65
CA LYS AA 148 16.70 72.82 -34.40
C LYS AA 148 15.86 72.17 -33.29
N GLU AA 149 14.55 72.46 -33.25
CA GLU AA 149 13.69 71.90 -32.18
C GLU AA 149 13.67 70.37 -32.21
N LEU AA 150 13.57 69.77 -33.41
CA LEU AA 150 13.60 68.30 -33.39
C LEU AA 150 14.99 67.78 -33.23
N TRP AA 151 15.99 68.48 -33.71
CA TRP AA 151 17.31 67.92 -33.55
C TRP AA 151 17.59 67.68 -32.08
N GLN AA 152 17.27 68.67 -31.23
CA GLN AA 152 17.57 68.47 -29.82
C GLN AA 152 16.71 67.35 -29.24
N SER AA 153 15.44 67.24 -29.68
CA SER AA 153 14.58 66.17 -29.17
C SER AA 153 15.15 64.80 -29.51
N ILE AA 154 15.63 64.64 -30.74
CA ILE AA 154 16.18 63.38 -31.21
C ILE AA 154 17.44 63.08 -30.45
N TYR AA 155 18.30 64.08 -30.28
CA TYR AA 155 19.53 63.93 -29.55
C TYR AA 155 19.22 63.41 -28.15
N ASN AA 156 18.23 64.04 -27.49
CA ASN AA 156 17.88 63.64 -26.14
C ASN AA 156 17.32 62.22 -26.11
N LEU AA 157 16.57 61.82 -27.14
CA LEU AA 157 16.05 60.46 -27.18
C LEU AA 157 17.17 59.45 -27.36
N GLU AA 158 18.18 59.80 -28.19
CA GLU AA 158 19.32 58.93 -28.40
C GLU AA 158 20.08 58.83 -27.08
N ALA AA 159 20.14 59.93 -26.32
CA ALA AA 159 20.81 59.92 -25.03
C ALA AA 159 20.14 58.94 -24.09
N GLU AA 160 18.79 58.89 -24.11
CA GLU AA 160 18.11 57.94 -23.24
C GLU AA 160 18.44 56.53 -23.67
N LYS AA 161 18.49 56.26 -24.99
CA LYS AA 161 18.83 54.93 -25.47
C LYS AA 161 20.23 54.53 -25.03
N PHE AA 162 21.19 55.45 -25.10
CA PHE AA 162 22.56 55.15 -24.74
C PHE AA 162 22.63 54.72 -23.28
N ASP AA 163 22.01 55.49 -22.39
CA ASP AA 163 22.07 55.14 -20.97
C ASP AA 163 21.31 53.87 -20.68
N LEU AA 164 20.22 53.63 -21.38
CA LEU AA 164 19.48 52.39 -21.20
C LEU AA 164 20.31 51.20 -21.65
N GLN AA 165 21.06 51.34 -22.74
CA GLN AA 165 21.90 50.25 -23.22
C GLN AA 165 22.99 49.94 -22.20
N GLU AA 166 23.55 50.97 -21.56
CA GLU AA 166 24.56 50.72 -20.55
C GLU AA 166 23.93 50.02 -19.33
N LYS AA 167 22.69 50.40 -18.96
CA LYS AA 167 22.00 49.75 -17.86
C LYS AA 167 21.72 48.30 -18.19
N PHE AA 168 21.34 48.02 -19.44
CA PHE AA 168 21.06 46.67 -19.90
C PHE AA 168 22.29 45.81 -19.68
N LYS AA 169 23.45 46.30 -20.14
CA LYS AA 169 24.69 45.54 -20.01
C LYS AA 169 25.10 45.29 -18.56
N GLN AA 170 24.91 46.27 -17.67
CA GLN AA 170 25.30 46.04 -16.28
C GLN AA 170 24.32 45.06 -15.59
N GLN AA 171 23.04 45.10 -15.98
CA GLN AA 171 22.08 44.15 -15.44
C GLN AA 171 22.42 42.75 -15.97
N LYS AA 172 22.90 42.67 -17.23
CA LYS AA 172 23.32 41.41 -17.83
C LYS AA 172 24.49 40.82 -17.04
N TYR AA 173 25.37 41.70 -16.58
CA TYR AA 173 26.51 41.30 -15.78
C TYR AA 173 25.99 40.63 -14.51
N GLU AA 174 25.00 41.25 -13.88
CA GLU AA 174 24.42 40.69 -12.68
C GLU AA 174 23.61 39.43 -12.96
N ILE AA 175 22.97 39.32 -14.12
CA ILE AA 175 22.22 38.09 -14.36
C ILE AA 175 23.15 36.89 -14.35
N ASN AA 176 24.32 36.97 -15.01
CA ASN AA 176 25.19 35.79 -14.95
C ASN AA 176 25.70 35.55 -13.54
N VAL AA 177 25.94 36.62 -12.79
CA VAL AA 177 26.42 36.50 -11.43
C VAL AA 177 25.41 35.84 -10.52
N LEU AA 178 24.15 36.27 -10.61
CA LEU AA 178 23.10 35.73 -9.78
C LEU AA 178 22.76 34.32 -10.19
N ARG AA 179 22.84 34.00 -11.48
CA ARG AA 179 22.56 32.63 -11.88
C ARG AA 179 23.57 31.69 -11.21
N ASN AA 180 24.84 32.12 -11.13
CA ASN AA 180 25.82 31.29 -10.47
C ASN AA 180 25.58 31.24 -8.95
N ARG AA 181 25.11 32.35 -8.35
CA ARG AA 181 24.82 32.32 -6.90
C ARG AA 181 23.74 31.29 -6.60
N ILE AA 182 22.72 31.20 -7.47
CA ILE AA 182 21.64 30.24 -7.30
C ILE AA 182 22.13 28.81 -7.37
N ASN AA 183 22.96 28.50 -8.36
CA ASN AA 183 23.43 27.13 -8.45
C ASN AA 183 24.43 26.78 -7.35
N ASP AA 184 25.31 27.71 -6.96
CA ASP AA 184 26.31 27.39 -5.95
C ASP AA 184 25.68 27.13 -4.59
N ASN AA 185 24.57 27.82 -4.30
CA ASN AA 185 23.86 27.67 -3.04
C ASN AA 185 22.57 26.87 -3.16
N GLN AA 186 22.40 26.09 -4.24
CA GLN AA 186 21.18 25.33 -4.45
C GLN AA 186 20.85 24.38 -3.30
N ILE BA 1 47.71 36.02 11.64
CA ILE BA 1 48.13 37.32 11.17
C ILE BA 1 47.26 38.43 11.75
N SER BA 2 47.91 39.46 12.26
CA SER BA 2 47.18 40.57 12.84
C SER BA 2 46.14 41.15 11.90
N ALA BA 3 45.00 41.50 12.50
CA ALA BA 3 43.84 42.05 11.82
C ALA BA 3 44.19 43.37 11.16
N SER BA 4 45.26 44.00 11.61
CA SER BA 4 45.74 45.24 11.07
C SER BA 4 46.22 45.08 9.63
N ARG BA 5 46.81 43.90 9.29
CA ARG BA 5 47.28 43.70 7.92
C ARG BA 5 46.08 43.39 7.07
N LYS BA 6 45.14 42.62 7.62
CA LYS BA 6 43.97 42.28 6.84
C LYS BA 6 43.17 43.54 6.53
N LEU BA 7 43.03 44.45 7.51
CA LEU BA 7 42.32 45.68 7.25
C LEU BA 7 43.05 46.53 6.24
N GLN BA 8 44.39 46.67 6.35
CA GLN BA 8 45.03 47.54 5.39
C GLN BA 8 44.94 46.96 3.99
N LEU BA 9 45.04 45.64 3.82
CA LEU BA 9 44.95 45.09 2.48
C LEU BA 9 43.55 45.32 1.92
N LYS BA 10 42.53 45.15 2.76
CA LYS BA 10 41.17 45.35 2.32
C LYS BA 10 40.95 46.81 1.94
N THR BA 11 41.55 47.70 2.73
CA THR BA 11 41.48 49.13 2.51
C THR BA 11 42.15 49.50 1.20
N LEU BA 12 43.33 48.92 0.92
CA LEU BA 12 44.03 49.21 -0.31
C LEU BA 12 43.19 48.75 -1.48
N LEU BA 13 42.55 47.57 -1.32
CA LEU BA 13 41.76 46.97 -2.36
C LEU BA 13 40.55 47.83 -2.69
N LEU BA 14 39.87 48.36 -1.67
CA LEU BA 14 38.74 49.22 -1.94
C LEU BA 14 39.14 50.49 -2.65
N GLN BA 15 40.21 51.12 -2.20
CA GLN BA 15 40.61 52.39 -2.76
C GLN BA 15 41.01 52.26 -4.23
N ILE BA 16 41.69 51.18 -4.58
CA ILE BA 16 42.10 50.96 -5.96
C ILE BA 16 40.93 50.50 -6.81
N ALA BA 17 40.05 49.65 -6.26
CA ALA BA 17 38.92 49.17 -7.02
C ALA BA 17 38.06 50.37 -7.38
N LYS BA 18 37.96 51.35 -6.46
CA LYS BA 18 37.21 52.56 -6.72
C LYS BA 18 37.86 53.38 -7.82
N GLN BA 19 39.20 53.48 -7.83
CA GLN BA 19 39.84 54.23 -8.91
C GLN BA 19 39.53 53.58 -10.27
N GLU BA 20 39.52 52.24 -10.32
CA GLU BA 20 39.22 51.55 -11.56
C GLU BA 20 37.75 51.76 -11.95
N LEU BA 21 36.86 51.82 -10.96
CA LEU BA 21 35.45 52.06 -11.22
C LEU BA 21 35.26 53.48 -11.78
N GLU BA 22 35.99 54.46 -11.21
CA GLU BA 22 35.90 55.82 -11.70
C GLU BA 22 36.37 55.88 -13.15
N ARG BA 23 37.42 55.12 -13.46
CA ARG BA 23 37.96 55.07 -14.80
C ARG BA 23 36.93 54.53 -15.78
N GLU BA 24 36.23 53.45 -15.42
CA GLU BA 24 35.23 52.89 -16.31
C GLU BA 24 34.09 53.88 -16.53
N ALA BA 25 33.67 54.56 -15.45
CA ALA BA 25 32.59 55.53 -15.56
C ALA BA 25 32.95 56.69 -16.48
N GLU BA 26 34.20 57.14 -16.43
CA GLU BA 26 34.64 58.22 -17.30
C GLU BA 26 34.65 57.74 -18.74
N GLU BA 27 35.06 56.49 -18.96
CA GLU BA 27 35.08 55.95 -20.31
C GLU BA 27 33.65 55.87 -20.86
N ARG BA 28 32.67 55.49 -20.01
CA ARG BA 28 31.27 55.45 -20.45
C ARG BA 28 30.78 56.86 -20.81
N ARG BA 29 31.17 57.86 -20.02
CA ARG BA 29 30.78 59.24 -20.31
C ARG BA 29 31.40 59.72 -21.63
N GLY BA 30 32.67 59.34 -21.88
CA GLY BA 30 33.34 59.70 -23.11
C GLY BA 30 32.64 59.08 -24.31
N GLU BA 31 32.21 57.81 -24.14
CA GLU BA 31 31.51 57.10 -25.20
C GLU BA 31 30.14 57.68 -25.40
N LYS BA 32 29.44 58.10 -24.34
CA LYS BA 32 28.14 58.71 -24.56
C LYS BA 32 28.31 59.91 -25.49
N GLY BA 33 29.33 60.72 -25.26
CA GLY BA 33 29.57 61.86 -26.13
C GLY BA 33 29.77 61.43 -27.59
N ARG BA 34 30.68 60.48 -27.80
CA ARG BA 34 30.98 60.01 -29.15
C ARG BA 34 29.80 59.33 -29.84
N ALA BA 35 29.08 58.51 -29.08
CA ALA BA 35 27.95 57.73 -29.54
C ALA BA 35 26.80 58.62 -29.91
N LEU BA 36 26.56 59.69 -29.17
CA LEU BA 36 25.43 60.52 -29.49
C LEU BA 36 25.77 61.48 -30.59
N SER BA 37 27.02 61.89 -30.69
CA SER BA 37 27.41 62.77 -31.78
C SER BA 37 27.21 61.99 -33.08
N THR BA 38 27.58 60.70 -33.07
CA THR BA 38 27.47 59.80 -34.21
C THR BA 38 26.02 59.41 -34.54
N ARG BA 39 25.22 59.08 -33.50
CA ARG BA 39 23.82 58.66 -33.68
C ARG BA 39 22.89 59.81 -34.09
N CYS BA 40 23.13 61.01 -33.55
CA CYS BA 40 22.33 62.16 -33.90
C CYS BA 40 23.25 63.28 -34.34
N GLN BA 41 23.63 63.23 -35.60
CA GLN BA 41 24.59 64.17 -36.12
C GLN BA 41 23.92 65.52 -36.26
N PRO BA 42 24.67 66.65 -36.14
CA PRO BA 42 24.24 68.04 -36.32
C PRO BA 42 23.66 68.30 -37.70
N LEU BA 43 22.70 69.21 -37.74
CA LEU BA 43 22.02 69.61 -38.97
C LEU BA 43 22.81 70.51 -39.88
N GLU BA 44 22.73 70.22 -41.17
CA GLU BA 44 23.34 71.05 -42.17
C GLU BA 44 22.38 72.15 -42.57
N LEU BA 45 22.19 73.14 -41.70
CA LEU BA 45 21.21 74.20 -41.99
C LEU BA 45 21.85 75.43 -42.60
N ALA BA 46 23.11 75.67 -42.30
CA ALA BA 46 23.76 76.86 -42.79
C ALA BA 46 23.96 76.75 -44.27
N GLY BA 47 23.68 77.83 -44.99
CA GLY BA 47 23.88 77.86 -46.42
C GLY BA 47 22.70 77.29 -47.22
N LEU BA 48 21.64 76.87 -46.53
CA LEU BA 48 20.48 76.28 -47.21
C LEU BA 48 19.33 77.26 -47.35
N GLY BA 49 18.56 77.10 -48.43
CA GLY BA 49 17.36 77.91 -48.68
C GLY BA 49 16.08 77.18 -48.28
N PHE BA 50 14.93 77.73 -48.67
CA PHE BA 50 13.62 77.16 -48.33
C PHE BA 50 13.41 75.69 -48.62
N ALA BA 51 13.60 75.24 -49.85
CA ALA BA 51 13.29 73.84 -50.12
C ALA BA 51 14.24 72.90 -49.39
N GLU BA 52 15.49 73.30 -49.31
CA GLU BA 52 16.53 72.50 -48.68
C GLU BA 52 16.31 72.38 -47.17
N LEU BA 53 15.89 73.48 -46.53
CA LEU BA 53 15.63 73.46 -45.12
C LEU BA 53 14.40 72.61 -44.82
N GLN BA 54 13.42 72.61 -45.74
CA GLN BA 54 12.24 71.78 -45.54
C GLN BA 54 12.63 70.32 -45.58
N ASP BA 55 13.57 69.95 -46.45
CA ASP BA 55 13.99 68.56 -46.49
C ASP BA 55 14.67 68.17 -45.17
N LEU BA 56 15.46 69.09 -44.59
CA LEU BA 56 16.14 68.79 -43.32
C LEU BA 56 15.10 68.65 -42.19
N CYS BA 57 14.07 69.50 -42.21
CA CYS BA 57 13.01 69.45 -41.20
C CYS BA 57 12.23 68.13 -41.30
N ARG BA 58 11.95 67.72 -42.53
CA ARG BA 58 11.20 66.51 -42.81
C ARG BA 58 12.00 65.27 -42.39
N GLN BA 59 13.32 65.30 -42.62
CA GLN BA 59 14.19 64.19 -42.20
C GLN BA 59 14.17 64.06 -40.70
N LEU BA 60 14.15 65.19 -39.98
CA LEU BA 60 14.09 65.14 -38.53
C LEU BA 60 12.79 64.52 -38.03
N HIS BA 61 11.67 64.84 -38.68
CA HIS BA 61 10.44 64.20 -38.23
C HIS BA 61 10.56 62.68 -38.41
N ALA BA 62 11.07 62.24 -39.56
CA ALA BA 62 11.23 60.81 -39.75
C ALA BA 62 12.17 60.20 -38.70
N ARG BA 63 13.23 60.94 -38.33
CA ARG BA 63 14.22 60.49 -37.35
C ARG BA 63 13.64 60.42 -35.93
N VAL BA 64 12.83 61.40 -35.52
CA VAL BA 64 12.29 61.36 -34.17
C VAL BA 64 11.29 60.22 -34.06
N ASP BA 65 10.53 59.96 -35.13
CA ASP BA 65 9.53 58.90 -35.12
C ASP BA 65 10.25 57.56 -34.96
N LYS BA 66 11.34 57.36 -35.72
CA LYS BA 66 12.13 56.14 -35.66
C LYS BA 66 12.84 55.96 -34.33
N VAL BA 67 13.40 57.03 -33.79
CA VAL BA 67 14.14 56.91 -32.55
C VAL BA 67 13.22 56.53 -31.40
N ASP BA 68 11.99 57.07 -31.33
CA ASP BA 68 11.14 56.64 -30.23
C ASP BA 68 10.69 55.19 -30.42
N GLU BA 69 10.51 54.72 -31.67
CA GLU BA 69 10.15 53.30 -31.82
C GLU BA 69 11.27 52.43 -31.25
N GLU BA 70 12.52 52.79 -31.59
CA GLU BA 70 13.66 52.04 -31.12
C GLU BA 70 13.86 52.17 -29.61
N ARG BA 71 13.62 53.39 -29.11
CA ARG BA 71 13.75 53.69 -27.70
C ARG BA 71 12.84 52.80 -26.85
N TYR BA 72 11.59 52.62 -27.30
CA TYR BA 72 10.68 51.76 -26.58
C TYR BA 72 11.26 50.37 -26.44
N ASP BA 73 11.78 49.80 -27.54
CA ASP BA 73 12.35 48.48 -27.44
C ASP BA 73 13.58 48.44 -26.54
N ILE BA 74 14.42 49.48 -26.56
CA ILE BA 74 15.59 49.47 -25.69
C ILE BA 74 15.17 49.51 -24.22
N GLU BA 75 14.20 50.36 -23.88
CA GLU BA 75 13.72 50.46 -22.51
C GLU BA 75 13.11 49.15 -22.08
N ALA BA 76 12.37 48.49 -22.98
CA ALA BA 76 11.77 47.21 -22.68
C ALA BA 76 12.86 46.18 -22.38
N LYS BA 77 13.97 46.20 -23.13
CA LYS BA 77 15.07 45.26 -22.91
C LYS BA 77 15.71 45.47 -21.53
N VAL BA 78 15.85 46.74 -21.12
CA VAL BA 78 16.42 47.03 -19.80
C VAL BA 78 15.48 46.50 -18.73
N THR BA 79 14.18 46.74 -18.94
CA THR BA 79 13.14 46.31 -18.01
C THR BA 79 13.19 44.79 -17.85
N LYS BA 80 13.35 44.07 -18.96
CA LYS BA 80 13.43 42.61 -18.89
C LYS BA 80 14.63 42.16 -18.07
N ASN BA 81 15.80 42.80 -18.23
CA ASN BA 81 16.92 42.35 -17.41
C ASN BA 81 16.74 42.70 -15.93
N ILE BA 82 16.07 43.82 -15.64
CA ILE BA 82 15.82 44.20 -14.25
C ILE BA 82 14.90 43.18 -13.63
N THR BA 83 13.87 42.78 -14.37
CA THR BA 83 12.90 41.80 -13.94
C THR BA 83 13.61 40.49 -13.62
N GLU BA 84 14.56 40.07 -14.48
CA GLU BA 84 15.29 38.83 -14.20
C GLU BA 84 16.10 38.97 -12.94
N ILE BA 85 16.70 40.13 -12.68
CA ILE BA 85 17.45 40.26 -11.44
C ILE BA 85 16.53 40.17 -10.24
N ALA BA 86 15.37 40.82 -10.29
CA ALA BA 86 14.46 40.75 -9.16
C ALA BA 86 14.02 39.31 -8.87
N ASP BA 87 13.79 38.52 -9.93
CA ASP BA 87 13.37 37.14 -9.78
C ASP BA 87 14.52 36.26 -9.27
N LEU BA 88 15.72 36.48 -9.80
CA LEU BA 88 16.87 35.70 -9.39
C LEU BA 88 17.21 36.03 -7.95
N THR BA 89 17.06 37.29 -7.57
CA THR BA 89 17.39 37.74 -6.24
C THR BA 89 16.50 37.02 -5.23
N GLN BA 90 15.19 36.93 -5.50
CA GLN BA 90 14.35 36.23 -4.54
C GLN BA 90 14.69 34.75 -4.48
N LYS BA 91 15.04 34.11 -5.60
CA LYS BA 91 15.40 32.70 -5.53
C LYS BA 91 16.62 32.51 -4.63
N ILE BA 92 17.57 33.45 -4.71
CA ILE BA 92 18.75 33.40 -3.89
C ILE BA 92 18.37 33.57 -2.42
N PHE BA 93 17.46 34.52 -2.13
CA PHE BA 93 17.02 34.75 -0.75
C PHE BA 93 16.33 33.51 -0.19
N ASP BA 94 15.54 32.81 -1.01
CA ASP BA 94 14.88 31.61 -0.50
C ASP BA 94 15.94 30.54 -0.19
N LEU BA 95 16.98 30.44 -1.03
CA LEU BA 95 18.06 29.51 -0.79
C LEU BA 95 18.87 29.94 0.42
N ARG BA 96 19.03 31.22 0.62
CA ARG BA 96 19.75 31.66 1.80
C ARG BA 96 19.01 31.18 3.06
N GLY BA 97 17.67 31.36 3.09
CA GLY BA 97 16.84 30.96 4.23
C GLY BA 97 16.97 29.46 4.49
N LYS BA 98 17.08 28.69 3.41
CA LYS BA 98 17.25 27.24 3.45
C LYS BA 98 18.39 26.80 4.37
N PHE BA 99 19.49 27.58 4.41
CA PHE BA 99 20.61 27.15 5.23
C PHE BA 99 20.75 27.97 6.52
N LYS BA 100 20.21 29.19 6.54
CA LYS BA 100 20.33 30.04 7.74
C LYS BA 100 19.27 29.71 8.79
N ARG BA 101 18.08 29.33 8.33
CA ARG BA 101 16.93 29.06 9.19
C ARG BA 101 17.18 28.25 10.46
N PRO BA 102 17.91 27.10 10.45
CA PRO BA 102 18.12 26.23 11.60
C PRO BA 102 18.76 26.91 12.81
N THR BA 103 19.43 28.06 12.62
CA THR BA 103 20.07 28.74 13.74
C THR BA 103 19.50 30.14 14.05
N LEU BA 104 18.37 30.53 13.42
CA LEU BA 104 17.88 31.90 13.65
C LEU BA 104 17.01 32.02 14.89
N ARG BA 105 17.65 31.84 16.05
CA ARG BA 105 16.99 31.87 17.36
C ARG BA 105 17.86 32.54 18.45
N ARG BA 106 17.22 33.01 19.51
CA ARG BA 106 17.97 33.52 20.67
C ARG BA 106 18.06 32.35 21.61
N VAL BA 107 19.23 31.74 21.70
CA VAL BA 107 19.31 30.47 22.39
C VAL BA 107 20.24 30.34 23.57
N ARG BA 108 19.95 29.33 24.39
CA ARG BA 108 20.75 28.90 25.53
C ARG BA 108 21.11 29.98 26.54
N ILE BA 109 20.17 30.84 26.87
CA ILE BA 109 20.42 31.88 27.86
C ILE BA 109 19.76 31.49 29.19
N SER BA 110 18.44 31.23 29.10
CA SER BA 110 17.59 30.93 30.23
C SER BA 110 17.92 29.56 30.83
N ALA BA 111 18.61 28.76 30.04
CA ALA BA 111 19.01 27.43 30.44
C ALA BA 111 19.84 27.47 31.71
N ASP BA 112 20.72 28.48 31.86
CA ASP BA 112 21.50 28.58 33.08
C ASP BA 112 20.86 29.58 34.02
N ALA BA 113 20.22 30.62 33.48
CA ALA BA 113 19.66 31.67 34.35
C ALA BA 113 18.63 31.12 35.33
N MET BA 114 17.86 30.13 34.90
CA MET BA 114 16.80 29.54 35.71
C MET BA 114 17.26 28.33 36.52
N MET BA 115 18.55 27.99 36.50
CA MET BA 115 19.00 26.74 37.12
C MET BA 115 18.78 26.63 38.63
N GLN BA 116 18.76 27.76 39.34
CA GLN BA 116 18.55 27.75 40.79
C GLN BA 116 17.12 28.09 41.18
N ALA BA 117 16.26 28.35 40.19
CA ALA BA 117 14.92 28.86 40.49
C ALA BA 117 14.12 27.93 41.39
N LEU BA 118 14.29 26.64 41.21
CA LEU BA 118 13.55 25.69 41.98
C LEU BA 118 14.11 25.47 43.36
N LEU BA 119 15.42 25.67 43.59
CA LEU BA 119 15.88 25.39 44.93
C LEU BA 119 15.42 26.51 45.82
N GLY BA 120 15.36 27.71 45.24
CA GLY BA 120 14.91 28.87 45.96
C GLY BA 120 13.46 28.64 46.36
N ALA BA 121 12.63 28.30 45.36
CA ALA BA 121 11.22 28.08 45.58
C ALA BA 121 10.93 26.94 46.55
N ARG BA 122 11.72 25.85 46.50
CA ARG BA 122 11.49 24.73 47.39
C ARG BA 122 11.93 25.02 48.82
N ALA BA 123 13.06 25.72 49.00
CA ALA BA 123 13.49 26.04 50.35
C ALA BA 123 12.45 26.99 50.96
N LYS BA 124 11.91 27.90 50.13
CA LYS BA 124 10.91 28.83 50.60
C LYS BA 124 9.62 28.10 50.96
N GLU BA 125 9.16 27.16 50.13
CA GLU BA 125 7.91 26.47 50.48
C GLU BA 125 8.03 25.82 51.84
N SER BA 126 9.18 25.19 52.12
CA SER BA 126 9.38 24.55 53.41
C SER BA 126 9.33 25.58 54.53
N LEU BA 127 10.00 26.73 54.32
CA LEU BA 127 10.00 27.75 55.35
C LEU BA 127 8.61 28.35 55.56
N ASP BA 128 7.84 28.57 54.49
CA ASP BA 128 6.53 29.17 54.63
C ASP BA 128 5.60 28.24 55.40
N LEU BA 129 5.69 26.93 55.15
CA LEU BA 129 4.85 26.00 55.90
C LEU BA 129 5.27 25.93 57.34
N ARG BA 130 6.58 25.85 57.60
CA ARG BA 130 7.04 25.76 58.97
C ARG BA 130 6.70 27.04 59.73
N ALA BA 131 6.85 28.20 59.08
CA ALA BA 131 6.52 29.47 59.69
C ALA BA 131 5.03 29.54 59.99
N HIS BA 132 4.18 29.01 59.09
CA HIS BA 132 2.73 29.00 59.29
C HIS BA 132 2.37 28.18 60.51
N LEU BA 133 2.92 26.98 60.59
CA LEU BA 133 2.56 26.09 61.67
C LEU BA 133 3.04 26.62 63.00
N LYS BA 134 4.22 27.21 63.02
CA LYS BA 134 4.71 27.76 64.26
C LYS BA 134 3.94 29.02 64.63
N GLN BA 135 3.57 29.83 63.64
CA GLN BA 135 2.83 31.05 63.91
C GLN BA 135 1.47 30.72 64.49
N VAL BA 136 0.84 29.64 64.05
CA VAL BA 136 -0.45 29.31 64.63
C VAL BA 136 -0.32 28.96 66.11
N LYS BA 137 0.64 28.11 66.49
CA LYS BA 137 0.71 27.78 67.90
C LYS BA 137 1.26 28.96 68.74
N LYS BA 138 2.09 29.81 68.12
CA LYS BA 138 2.63 30.97 68.83
C LYS BA 138 1.55 32.01 69.06
N GLU BA 139 0.63 32.21 68.10
CA GLU BA 139 -0.42 33.20 68.30
C GLU BA 139 -1.28 32.84 69.50
N ASP BA 140 -1.57 31.55 69.73
CA ASP BA 140 -2.37 31.26 70.92
C ASP BA 140 -1.50 31.34 72.17
N THR BA 141 -0.22 30.96 72.05
CA THR BA 141 0.68 31.01 73.19
C THR BA 141 0.78 32.43 73.72
N GLU BA 142 0.91 33.39 72.80
CA GLU BA 142 1.02 34.79 73.18
C GLU BA 142 -0.31 35.50 73.46
N LYS BA 143 -1.40 35.13 72.77
CA LYS BA 143 -2.67 35.82 72.95
C LYS BA 143 -3.26 35.65 74.36
N GLU BA 144 -3.26 34.43 74.90
CA GLU BA 144 -3.81 34.22 76.25
C GLU BA 144 -2.78 33.43 77.06
N ASN BA 145 -2.50 33.90 78.27
CA ASN BA 145 -1.51 33.24 79.09
C ASN BA 145 -1.81 33.21 80.59
N ARG BA 146 -3.05 32.97 81.01
CA ARG BA 146 -3.27 33.01 82.45
C ARG BA 146 -3.19 31.62 83.06
N GLU BA 147 -3.71 30.62 82.34
CA GLU BA 147 -3.80 29.25 82.84
C GLU BA 147 -2.43 28.59 82.87
N VAL BA 148 -1.52 29.19 82.13
CA VAL BA 148 -0.14 28.74 82.00
C VAL BA 148 0.75 29.35 83.11
N GLY BA 149 0.16 30.22 83.95
CA GLY BA 149 0.86 30.89 85.04
C GLY BA 149 0.62 30.18 86.37
N ASP BA 150 0.57 30.95 87.48
CA ASP BA 150 0.41 30.33 88.79
C ASP BA 150 -0.48 31.21 89.71
N TRP BA 151 -0.72 30.73 90.95
CA TRP BA 151 -1.61 31.37 91.93
C TRP BA 151 -0.99 31.47 93.33
N ARG BA 152 -1.42 32.44 94.15
CA ARG BA 152 -0.84 32.59 95.48
C ARG BA 152 -0.92 31.38 96.42
N LYS BA 153 -2.03 30.63 96.44
CA LYS BA 153 -2.12 29.46 97.33
C LYS BA 153 -1.76 29.81 98.79
N ASN BA 154 -2.54 30.72 99.39
CA ASN BA 154 -2.20 31.25 100.72
C ASN BA 154 -2.59 30.29 101.86
N ILE BA 155 -2.31 30.71 103.10
CA ILE BA 155 -2.52 29.92 104.31
C ILE BA 155 -3.42 30.58 105.35
N ASP BA 156 -3.87 29.80 106.34
CA ASP BA 156 -4.72 30.28 107.42
C ASP BA 156 -4.00 30.86 108.64
N ALA BA 157 -3.07 30.10 109.23
CA ALA BA 157 -2.27 30.46 110.44
C ALA BA 157 -3.09 30.53 111.76
N LEU BA 158 -4.25 31.19 111.71
CA LEU BA 158 -5.14 31.42 112.85
C LEU BA 158 -4.53 32.29 113.94
N SER BA 159 -3.81 33.34 113.56
CA SER BA 159 -3.17 34.25 114.52
C SER BA 159 -4.17 34.99 115.42
N GLY BA 160 -5.44 35.03 115.03
CA GLY BA 160 -6.52 35.68 115.80
C GLY BA 160 -7.19 34.72 116.79
N MET BA 161 -6.68 33.50 116.89
CA MET BA 161 -7.25 32.48 117.76
C MET BA 161 -6.79 32.70 119.20
N GLU BA 162 -7.45 33.66 119.85
CA GLU BA 162 -7.13 34.08 121.22
C GLU BA 162 -7.79 33.23 122.32
N GLY BA 163 -8.62 32.28 121.91
CA GLY BA 163 -9.34 31.44 122.86
C GLY BA 163 -10.12 30.34 122.16
N ARG BA 164 -10.95 29.64 122.94
CA ARG BA 164 -11.74 28.52 122.44
C ARG BA 164 -12.96 28.98 121.65
N LYS BA 165 -13.49 28.08 120.83
CA LYS BA 165 -14.65 28.33 120.00
C LYS BA 165 -15.96 27.97 120.71
N LYS BA 166 -17.07 28.41 120.12
CA LYS BA 166 -18.42 28.17 120.64
C LYS BA 166 -18.90 26.72 120.59
N LYS BA 167 -18.24 25.88 119.80
CA LYS BA 167 -18.63 24.49 119.62
C LYS BA 167 -18.36 23.66 120.88
N PHE BA 168 -19.17 22.62 121.08
CA PHE BA 168 -19.01 21.75 122.25
C PHE BA 168 -17.68 20.99 122.17
N GLU BA 169 -17.18 20.87 120.94
CA GLU BA 169 -15.96 20.15 120.56
C GLU BA 169 -14.67 20.95 120.80
N SER BA 170 -14.79 22.22 121.17
CA SER BA 170 -13.61 23.05 121.36
C SER BA 170 -13.24 23.15 122.84
N ASP CA 1 48.98 47.35 14.07
CA ASP CA 1 48.02 47.99 14.97
C ASP CA 1 47.19 49.05 14.25
N ASP CA 2 46.50 48.63 13.19
CA ASP CA 2 45.68 49.56 12.41
C ASP CA 2 44.21 49.16 12.44
N ILE CA 3 43.95 47.92 12.84
CA ILE CA 3 42.56 47.40 12.92
C ILE CA 3 41.58 48.28 13.72
N TYR CA 4 42.09 48.97 14.73
CA TYR CA 4 41.27 49.85 15.54
C TYR CA 4 40.63 50.93 14.67
N LYS CA 5 41.24 51.23 13.51
CA LYS CA 5 40.72 52.25 12.63
C LYS CA 5 39.36 51.85 12.12
N ALA CA 6 39.13 50.57 11.80
CA ALA CA 6 37.80 50.25 11.31
C ALA CA 6 36.81 50.47 12.44
N ALA CA 7 37.28 50.07 13.62
CA ALA CA 7 36.50 50.13 14.83
C ALA CA 7 36.09 51.54 15.23
N VAL CA 8 36.93 52.56 14.94
CA VAL CA 8 36.58 53.95 15.29
C VAL CA 8 36.18 54.83 14.09
N GLU CA 9 36.85 54.69 12.95
CA GLU CA 9 36.62 55.55 11.79
C GLU CA 9 35.29 55.29 11.15
N GLN CA 10 34.73 54.09 11.33
CA GLN CA 10 33.45 53.81 10.75
C GLN CA 10 32.29 54.20 11.64
N LEU CA 11 32.52 54.78 12.82
CA LEU CA 11 31.42 55.13 13.72
C LEU CA 11 31.09 56.62 13.69
N THR CA 12 29.83 56.97 13.92
CA THR CA 12 29.48 58.38 14.08
C THR CA 12 29.80 58.71 15.53
N GLU CA 13 29.83 59.98 15.89
CA GLU CA 13 30.19 60.32 17.25
C GLU CA 13 29.27 59.72 18.31
N GLU CA 14 27.96 59.68 18.08
CA GLU CA 14 27.07 59.10 19.07
C GLU CA 14 27.21 57.57 19.18
N GLN CA 15 27.72 56.90 18.14
CA GLN CA 15 27.86 55.45 18.16
C GLN CA 15 29.09 55.13 18.99
N LYS CA 16 30.14 55.93 18.81
CA LYS CA 16 31.34 55.73 19.57
C LYS CA 16 31.05 56.03 21.03
N ASN CA 17 30.27 57.09 21.29
CA ASN CA 17 29.94 57.49 22.64
C ASN CA 17 29.10 56.45 23.37
N GLU CA 18 28.17 55.76 22.68
CA GLU CA 18 27.38 54.73 23.34
C GLU CA 18 28.27 53.55 23.70
N PHE CA 19 29.18 53.19 22.78
CA PHE CA 19 30.08 52.08 23.04
C PHE CA 19 31.02 52.41 24.18
N LYS CA 20 31.56 53.64 24.22
CA LYS CA 20 32.46 54.05 25.27
C LYS CA 20 31.76 54.19 26.60
N ALA CA 21 30.58 54.80 26.63
CA ALA CA 21 29.91 55.00 27.90
C ALA CA 21 29.63 53.67 28.57
N ALA CA 22 29.28 52.66 27.77
CA ALA CA 22 29.04 51.34 28.30
C ALA CA 22 30.37 50.67 28.72
N PHE CA 23 31.44 50.92 27.97
CA PHE CA 23 32.78 50.36 28.22
C PHE CA 23 33.37 50.88 29.52
N ASP CA 24 33.13 52.15 29.81
CA ASP CA 24 33.66 52.78 31.01
C ASP CA 24 33.11 52.13 32.30
N ILE CA 25 32.07 51.29 32.21
CA ILE CA 25 31.55 50.62 33.40
C ILE CA 25 32.58 49.64 33.99
N PHE CA 26 33.60 49.29 33.17
CA PHE CA 26 34.66 48.35 33.52
C PHE CA 26 35.59 48.89 34.62
N VAL CA 27 35.50 50.19 34.90
CA VAL CA 27 36.30 50.75 35.96
C VAL CA 27 35.32 51.35 36.97
N LEU CA 28 35.51 51.06 38.26
CA LEU CA 28 34.60 51.56 39.28
C LEU CA 28 34.59 53.07 39.41
N GLY CA 29 35.75 53.66 39.20
CA GLY CA 29 35.92 55.10 39.30
C GLY CA 29 36.89 55.44 40.43
N ALA CA 30 37.56 56.58 40.29
CA ALA CA 30 38.56 57.05 41.26
C ALA CA 30 39.69 56.04 41.48
N GLU CA 31 40.10 55.37 40.41
CA GLU CA 31 41.20 54.42 40.45
C GLU CA 31 42.28 54.86 39.45
N ASP CA 32 42.50 54.05 38.41
CA ASP CA 32 43.47 54.32 37.38
C ASP CA 32 42.97 54.16 35.94
N GLY CA 33 41.67 53.92 35.76
CA GLY CA 33 41.13 53.72 34.42
C GLY CA 33 41.49 52.33 33.89
N CYS CA 34 41.76 51.36 34.79
CA CYS CA 34 42.15 50.02 34.40
C CYS CA 34 41.33 49.36 33.30
N ILE CA 35 40.00 49.34 33.44
CA ILE CA 35 39.04 48.71 32.54
C ILE CA 35 39.20 47.16 32.56
N SER CA 36 38.65 46.51 33.59
CA SER CA 36 38.84 45.06 33.74
C SER CA 36 37.99 44.18 32.79
N THR CA 37 38.45 42.94 32.55
CA THR CA 37 37.73 41.96 31.71
C THR CA 37 36.46 41.44 32.34
N LYS CA 38 36.33 41.62 33.63
CA LYS CA 38 35.18 41.12 34.39
C LYS CA 38 33.85 41.68 33.90
N GLU CA 39 33.82 42.91 33.37
CA GLU CA 39 32.58 43.52 32.92
C GLU CA 39 32.34 43.38 31.42
N LEU CA 40 33.20 42.63 30.72
CA LEU CA 40 33.06 42.52 29.29
C LEU CA 40 31.84 41.74 28.82
N GLY CA 41 31.53 40.63 29.47
CA GLY CA 41 30.38 39.88 29.01
C GLY CA 41 29.10 40.71 29.21
N LYS CA 42 29.08 41.44 30.33
CA LYS CA 42 27.94 42.25 30.71
C LYS CA 42 27.73 43.42 29.76
N VAL CA 43 28.82 44.07 29.32
CA VAL CA 43 28.67 45.20 28.44
C VAL CA 43 28.19 44.77 27.08
N MET CA 44 28.62 43.60 26.59
CA MET CA 44 28.12 43.19 25.30
C MET CA 44 26.60 43.09 25.38
N ARG CA 45 26.08 42.58 26.53
CA ARG CA 45 24.63 42.53 26.72
C ARG CA 45 24.02 43.95 26.89
N MET CA 46 24.71 44.87 27.60
CA MET CA 46 24.21 46.25 27.80
C MET CA 46 23.96 46.96 26.48
N LEU CA 47 24.84 46.68 25.53
CA LEU CA 47 24.82 47.26 24.20
C LEU CA 47 23.93 46.56 23.16
N GLY CA 48 23.22 45.48 23.55
CA GLY CA 48 22.33 44.79 22.61
C GLY CA 48 22.76 43.43 22.05
N GLN CA 49 23.84 42.84 22.54
CA GLN CA 49 24.24 41.52 22.06
C GLN CA 49 23.52 40.53 22.99
N ASN CA 50 23.28 39.30 22.54
CA ASN CA 50 22.67 38.31 23.42
C ASN CA 50 23.45 37.00 23.45
N PRO CA 51 24.71 37.01 23.96
CA PRO CA 51 25.62 35.90 24.05
C PRO CA 51 25.23 34.94 25.16
N THR CA 52 25.58 33.67 24.96
CA THR CA 52 25.44 32.59 25.93
C THR CA 52 26.67 32.67 26.83
N PRO CA 53 26.73 31.98 27.98
CA PRO CA 53 27.92 31.90 28.83
C PRO CA 53 29.18 31.51 28.06
N GLU CA 54 29.07 30.65 27.04
CA GLU CA 54 30.26 30.28 26.30
C GLU CA 54 30.74 31.49 25.52
N GLU CA 55 29.81 32.20 24.92
CA GLU CA 55 30.10 33.39 24.15
C GLU CA 55 30.61 34.52 25.06
N LEU CA 56 30.12 34.59 26.31
CA LEU CA 56 30.62 35.62 27.23
C LEU CA 56 32.11 35.33 27.46
N GLN CA 57 32.46 34.04 27.61
CA GLN CA 57 33.86 33.67 27.78
C GLN CA 57 34.67 33.93 26.52
N GLU CA 58 34.09 33.72 25.32
CA GLU CA 58 34.86 33.99 24.11
C GLU CA 58 35.23 35.48 24.04
N MET CA 59 34.31 36.36 24.43
CA MET CA 59 34.63 37.78 24.43
C MET CA 59 35.83 38.04 25.32
N ILE CA 60 35.90 37.35 26.46
CA ILE CA 60 37.05 37.49 27.36
C ILE CA 60 38.31 36.87 26.73
N ASP CA 61 38.21 35.71 26.11
CA ASP CA 61 39.37 35.06 25.50
C ASP CA 61 40.00 35.89 24.36
N GLU CA 62 39.18 36.70 23.67
CA GLU CA 62 39.62 37.54 22.55
C GLU CA 62 40.17 38.93 22.95
N VAL CA 63 40.24 39.23 24.25
CA VAL CA 63 40.72 40.51 24.77
C VAL CA 63 41.86 40.23 25.74
N ASP CA 64 42.45 41.28 26.34
CA ASP CA 64 43.55 41.05 27.28
C ASP CA 64 44.71 40.34 26.60
N GLU CA 65 45.06 40.82 25.42
CA GLU CA 65 46.13 40.21 24.66
C GLU CA 65 47.50 40.36 25.30
N ASP CA 66 47.71 41.38 26.12
CA ASP CA 66 48.99 41.58 26.77
C ASP CA 66 49.10 40.92 28.14
N GLY CA 67 48.06 40.22 28.58
CA GLY CA 67 48.07 39.55 29.89
C GLY CA 67 47.86 40.49 31.09
N SER CA 68 47.43 41.73 30.86
CA SER CA 68 47.24 42.73 31.91
C SER CA 68 46.00 42.54 32.79
N GLY CA 69 45.00 41.83 32.30
CA GLY CA 69 43.74 41.59 33.00
C GLY CA 69 42.67 42.61 32.63
N THR CA 70 43.02 43.50 31.70
CA THR CA 70 42.14 44.56 31.24
C THR CA 70 41.80 44.45 29.75
N VAL CA 71 40.82 45.24 29.33
CA VAL CA 71 40.38 45.29 27.95
C VAL CA 71 40.71 46.64 27.38
N ASP CA 72 41.42 46.71 26.27
CA ASP CA 72 41.72 48.06 25.78
C ASP CA 72 40.60 48.56 24.88
N PHE CA 73 40.71 49.79 24.37
CA PHE CA 73 39.62 50.33 23.57
C PHE CA 73 39.54 49.70 22.20
N ASP CA 74 40.67 49.25 21.65
CA ASP CA 74 40.63 48.69 20.32
C ASP CA 74 40.10 47.30 20.43
N GLU CA 75 40.56 46.57 21.41
CA GLU CA 75 40.10 45.21 21.54
C GLU CA 75 38.58 45.19 21.65
N PHE CA 76 38.01 46.12 22.42
CA PHE CA 76 36.58 46.17 22.58
C PHE CA 76 35.82 46.64 21.34
N LEU CA 77 36.28 47.74 20.72
CA LEU CA 77 35.54 48.28 19.60
C LEU CA 77 35.73 47.40 18.36
N VAL CA 78 36.89 46.72 18.25
CA VAL CA 78 37.19 45.84 17.14
C VAL CA 78 36.30 44.60 17.20
N MET CA 79 36.10 44.02 18.39
CA MET CA 79 35.16 42.91 18.39
C MET CA 79 33.77 43.42 18.02
N MET CA 80 33.35 44.58 18.56
CA MET CA 80 31.99 45.03 18.29
C MET CA 80 31.72 45.42 16.85
N VAL CA 81 32.71 45.97 16.15
CA VAL CA 81 32.51 46.35 14.74
C VAL CA 81 32.30 45.09 13.88
N ARG CA 82 32.56 43.90 14.44
CA ARG CA 82 32.38 42.63 13.77
C ARG CA 82 31.18 41.84 14.36
N CYS CA 83 30.46 42.44 15.33
CA CYS CA 83 29.34 41.80 16.03
C CYS CA 83 28.06 42.64 15.94
N MET CA 84 28.17 43.90 16.33
CA MET CA 84 27.08 44.85 16.38
C MET CA 84 27.48 46.03 15.52
N LYS CA 85 27.15 45.97 14.24
CA LYS CA 85 27.66 46.96 13.29
C LYS CA 85 26.87 48.26 13.32
N ASP CA 86 26.97 48.95 14.44
CA ASP CA 86 26.31 50.23 14.63
C ASP CA 86 27.28 51.25 14.06
N ASP CA 87 27.40 51.23 12.75
CA ASP CA 87 28.35 52.10 12.04
C ASP CA 87 27.69 53.31 11.40
N SER CA 88 28.51 54.16 10.79
CA SER CA 88 28.09 55.32 10.03
C SER CA 88 27.77 54.83 8.62
N LYS CA 89 26.73 54.02 8.53
CA LYS CA 89 26.26 53.34 7.31
C LYS CA 89 27.23 52.24 6.83
N GLY CA 90 28.51 52.59 6.63
CA GLY CA 90 29.52 51.65 6.17
C GLY CA 90 29.38 51.42 4.67
N LYS CA 91 28.92 52.47 3.98
CA LYS CA 91 28.60 52.55 2.55
C LYS CA 91 27.39 51.68 2.21
N SER CA 92 27.43 50.92 1.12
CA SER CA 92 26.24 50.19 0.72
C SER CA 92 26.51 49.05 -0.23
N GLU CA 93 25.50 48.19 -0.39
CA GLU CA 93 25.53 47.14 -1.36
C GLU CA 93 25.59 47.65 -2.79
N GLU CA 94 24.91 48.76 -3.10
CA GLU CA 94 24.93 49.25 -4.47
C GLU CA 94 26.33 49.69 -4.85
N GLU CA 95 27.02 50.38 -3.95
CA GLU CA 95 28.37 50.88 -4.24
C GLU CA 95 29.33 49.71 -4.41
N LEU CA 96 29.16 48.70 -3.58
CA LEU CA 96 30.06 47.59 -3.68
C LEU CA 96 29.70 46.68 -4.86
N SER CA 97 28.43 46.67 -5.32
CA SER CA 97 28.09 45.83 -6.46
C SER CA 97 28.74 46.40 -7.71
N ASP CA 98 28.94 47.73 -7.73
CA ASP CA 98 29.56 48.36 -8.87
C ASP CA 98 31.03 47.98 -8.90
N LEU CA 99 31.66 47.94 -7.72
CA LEU CA 99 33.06 47.54 -7.68
C LEU CA 99 33.17 46.08 -8.06
N PHE CA 100 32.22 45.26 -7.61
CA PHE CA 100 32.28 43.84 -7.88
C PHE CA 100 32.39 43.59 -9.36
N ARG CA 101 31.53 44.27 -10.14
CA ARG CA 101 31.50 44.14 -11.60
C ARG CA 101 32.80 44.65 -12.23
N MET CA 102 33.45 45.65 -11.61
CA MET CA 102 34.72 46.16 -12.10
C MET CA 102 35.80 45.08 -12.02
N PHE CA 103 35.73 44.25 -10.97
CA PHE CA 103 36.68 43.14 -10.83
C PHE CA 103 36.25 42.00 -11.74
N ASP CA 104 34.97 41.65 -11.66
CA ASP CA 104 34.40 40.53 -12.39
C ASP CA 104 34.02 40.96 -13.80
N LYS CA 105 35.05 41.23 -14.59
CA LYS CA 105 34.90 41.74 -15.95
C LYS CA 105 34.27 40.74 -16.89
N ASN CA 106 34.36 39.47 -16.54
CA ASN CA 106 33.82 38.37 -17.34
C ASN CA 106 32.44 37.94 -16.90
N ALA CA 107 31.89 38.56 -15.86
CA ALA CA 107 30.62 38.12 -15.28
C ALA CA 107 30.69 36.63 -14.90
N ASP CA 108 31.77 36.22 -14.20
CA ASP CA 108 31.97 34.84 -13.77
C ASP CA 108 31.21 34.53 -12.46
N GLY CA 109 30.77 35.57 -11.75
CA GLY CA 109 30.03 35.37 -10.51
C GLY CA 109 30.88 35.55 -9.26
N TYR CA 110 32.18 35.64 -9.47
CA TYR CA 110 33.13 35.80 -8.39
C TYR CA 110 34.44 36.46 -8.74
N ILE CA 111 35.11 36.89 -7.68
CA ILE CA 111 36.45 37.43 -7.74
C ILE CA 111 37.42 36.38 -7.22
N ASP CA 112 38.32 35.96 -8.10
CA ASP CA 112 39.27 34.93 -7.74
C ASP CA 112 40.50 35.62 -7.18
N LEU CA 113 41.50 34.84 -6.79
CA LEU CA 113 42.69 35.44 -6.23
C LEU CA 113 43.48 36.26 -7.26
N ASP CA 114 43.33 36.02 -8.58
CA ASP CA 114 44.13 36.78 -9.53
C ASP CA 114 43.63 38.21 -9.68
N GLU CA 115 42.31 38.41 -9.71
CA GLU CA 115 41.73 39.73 -9.82
C GLU CA 115 42.03 40.53 -8.56
N LEU CA 116 42.02 39.81 -7.43
CA LEU CA 116 42.29 40.38 -6.12
C LEU CA 116 43.76 40.85 -6.09
N LYS CA 117 44.68 39.99 -6.60
CA LYS CA 117 46.10 40.29 -6.65
C LYS CA 117 46.40 41.48 -7.54
N ILE CA 118 45.74 41.55 -8.71
CA ILE CA 118 46.00 42.64 -9.62
C ILE CA 118 45.60 43.96 -9.02
N MET CA 119 44.43 44.04 -8.41
CA MET CA 119 44.06 45.32 -7.83
C MET CA 119 45.05 45.73 -6.72
N LEU CA 120 45.47 44.79 -5.90
CA LEU CA 120 46.40 45.18 -4.85
C LEU CA 120 47.79 45.56 -5.41
N GLN CA 121 48.30 44.85 -6.44
CA GLN CA 121 49.64 45.20 -6.95
C GLN CA 121 49.57 46.56 -7.67
N ALA CA 122 48.40 46.85 -8.25
CA ALA CA 122 48.14 48.07 -9.00
C ALA CA 122 48.04 49.28 -8.07
N THR CA 123 48.02 49.04 -6.77
CA THR CA 123 47.88 50.07 -5.77
C THR CA 123 49.26 50.66 -5.43
N GLY CA 124 50.35 49.96 -5.81
CA GLY CA 124 51.70 50.43 -5.54
C GLY CA 124 52.43 49.74 -4.37
N GLU CA 125 51.67 49.05 -3.54
CA GLU CA 125 52.23 48.31 -2.42
C GLU CA 125 52.71 46.97 -2.93
N THR CA 126 53.66 46.35 -2.23
CA THR CA 126 54.10 45.02 -2.64
C THR CA 126 53.20 43.99 -1.99
N ILE CA 127 52.58 43.17 -2.81
CA ILE CA 127 51.62 42.19 -2.30
C ILE CA 127 52.12 40.77 -2.53
N THR CA 128 52.04 39.97 -1.47
CA THR CA 128 52.45 38.57 -1.53
C THR CA 128 51.29 37.63 -1.80
N GLU CA 129 51.60 36.37 -2.08
CA GLU CA 129 50.60 35.34 -2.29
C GLU CA 129 49.75 35.11 -1.04
N ASP CA 130 50.36 35.23 0.14
CA ASP CA 130 49.57 35.04 1.36
C ASP CA 130 48.64 36.24 1.53
N ASP CA 131 49.10 37.44 1.19
CA ASP CA 131 48.22 38.61 1.36
C ASP CA 131 46.93 38.46 0.54
N ILE CA 132 47.04 37.91 -0.67
CA ILE CA 132 45.82 37.76 -1.48
C ILE CA 132 45.00 36.58 -0.96
N GLU CA 133 45.64 35.48 -0.52
CA GLU CA 133 44.88 34.37 0.01
C GLU CA 133 44.10 34.79 1.25
N GLU CA 134 44.73 35.59 2.12
CA GLU CA 134 44.08 36.01 3.36
C GLU CA 134 42.83 36.83 3.08
N LEU CA 135 42.88 37.75 2.10
CA LEU CA 135 41.63 38.46 1.84
C LEU CA 135 40.60 37.54 1.21
N MET CA 136 41.04 36.64 0.33
CA MET CA 136 40.09 35.74 -0.32
C MET CA 136 39.40 34.86 0.71
N LYS CA 137 40.17 34.36 1.68
CA LYS CA 137 39.64 33.49 2.70
C LYS CA 137 38.80 34.25 3.72
N ASP CA 138 39.02 35.58 3.85
CA ASP CA 138 38.20 36.39 4.74
C ASP CA 138 36.83 36.62 4.12
N GLY CA 139 36.82 36.87 2.79
CA GLY CA 139 35.58 37.07 2.05
C GLY CA 139 34.84 35.76 1.81
N ASP CA 140 35.58 34.66 1.61
CA ASP CA 140 35.02 33.35 1.26
C ASP CA 140 34.44 32.61 2.46
N LYS CA 141 33.30 33.09 2.92
CA LYS CA 141 32.62 32.56 4.09
C LYS CA 141 32.18 31.12 3.91
N ASN CA 142 31.85 30.75 2.67
CA ASN CA 142 31.38 29.39 2.43
C ASN CA 142 32.49 28.41 2.02
N ASN CA 143 33.75 28.85 2.07
CA ASN CA 143 34.88 28.01 1.69
C ASN CA 143 34.79 27.39 0.28
N ASP CA 144 34.45 28.20 -0.72
CA ASP CA 144 34.37 27.75 -2.09
C ASP CA 144 35.61 28.17 -2.94
N GLY CA 145 36.62 28.78 -2.29
CA GLY CA 145 37.85 29.19 -2.95
C GLY CA 145 37.80 30.51 -3.73
N ARG CA 146 36.82 31.36 -3.45
CA ARG CA 146 36.67 32.61 -4.17
C ARG CA 146 35.78 33.59 -3.40
N ILE CA 147 35.81 34.88 -3.75
CA ILE CA 147 34.88 35.80 -3.09
C ILE CA 147 33.72 36.05 -4.05
N ASP CA 148 32.50 35.60 -3.73
CA ASP CA 148 31.48 35.82 -4.75
C ASP CA 148 30.79 37.15 -4.55
N TYR CA 149 29.84 37.45 -5.40
CA TYR CA 149 29.12 38.71 -5.30
C TYR CA 149 28.57 39.03 -3.92
N ASP CA 150 27.93 38.07 -3.25
CA ASP CA 150 27.28 38.36 -1.97
C ASP CA 150 28.35 38.51 -0.92
N GLU CA 151 29.36 37.65 -1.03
CA GLU CA 151 30.47 37.64 -0.11
C GLU CA 151 31.27 38.92 -0.23
N PHE CA 152 31.39 39.45 -1.43
CA PHE CA 152 32.09 40.69 -1.74
C PHE CA 152 31.40 41.86 -1.09
N LEU CA 153 30.07 41.91 -1.22
CA LEU CA 153 29.34 43.03 -0.65
C LEU CA 153 29.53 43.04 0.87
N GLU CA 154 29.56 41.86 1.50
CA GLU CA 154 29.81 41.81 2.94
C GLU CA 154 31.30 42.11 3.26
N PHE CA 155 32.18 41.51 2.47
CA PHE CA 155 33.62 41.67 2.64
C PHE CA 155 34.09 43.11 2.74
N MET CA 156 33.73 43.95 1.78
CA MET CA 156 34.17 45.35 1.80
C MET CA 156 33.28 46.33 2.56
N LYS CA 157 32.30 45.84 3.33
CA LYS CA 157 31.45 46.78 4.07
C LYS CA 157 32.24 47.35 5.23
N GLY CA 158 32.06 48.64 5.53
CA GLY CA 158 32.77 49.24 6.66
C GLY CA 158 34.26 49.52 6.37
N VAL CA 159 34.57 49.81 5.11
CA VAL CA 159 35.93 50.07 4.66
C VAL CA 159 35.96 51.45 3.95
N GLU CA 160 37.04 52.23 4.17
CA GLU CA 160 37.16 53.56 3.57
C GLU CA 160 38.42 53.70 2.68
#